data_7SPI
#
_entry.id   7SPI
#
loop_
_entity.id
_entity.type
_entity.pdbx_description
1 polymer TraV
2 polymer TraK
3 polymer TraB
#
loop_
_entity_poly.entity_id
_entity_poly.type
_entity_poly.pdbx_seq_one_letter_code
_entity_poly.pdbx_strand_id
1 'polypeptide(L)'
;MKKITLLLAGSALLLSGCAGVKSSFDCDATTSDTCMTMTKANQLARDKAAKQAGKPAAGGLPSLVNLPATSAVEVPSASR
SAVTPPSGTRTVSTTPPVSAGTSAGVNTNTTTSTLTPRPVAGTPVTTTPSSVAYRPVVSVVTPTPSCQNVRCDNPGTVHP
QRSRDQIATVWIAPWVDSDNAFHQPGRVSFVVSPADWVLPARVN
;
A1,A2,A3,A4,A5,A6,A7,A8,A9,A10,A11,A12,A13,B1,B2,B3,B4,B5,B6,B7,B8,B9,B10,B11,B12,B13
2 'polypeptide(L)'
;MKNNLPAFLFGTAMMVVMPPAAQAQSPATISLPQGGQFRLSISNTDPNMIFIPGDKVTAITAPGGMLADKRLTRAGGVLF
TSVATRTFTIFVETARGQTFSVVATPVKGEGRVYRLMSAEPPSRPETRKWETAQAYEKLLISLNRAVLTGDIPDGYGEVK
PLSDGIRLPGGFSVTPLKAWAGDQLRADRYELRNANTWGVALREQDFWKPGVRAVMFDNNAQTLMGGGRMTVTVIRGNGE
GEDGQR
;
C1,C2,C3,C4,C5,C6,C7,C8,C9,C10,C11,C12,C13,D1,D2,D3,D4,D5,D6,D7,D8,D9,D10,D11,D12,D13
3 'polypeptide(L)'
;MANVNKVVRRRQVALLIALVLGIGAGGAGTWMVSEMNLKKAPPAKAPKGEPAPDMTGVVNQSFDNKVQRSAIAEAQRLNK
ETQTEIKKLRTEMGLVSRDLKGSQDRIRELEDQNQLLQTQLEAGKNFDSLSAEPLPGALASQGKPAPAGNVPPPTSFWPA
GGGQAPAAPVMTPIQRPGMMDSQEFSLPDTGPKKPRFPWISSGSFVEAIVVEGADANASVTGDKNTAPMQLRLTGKVQMP
NDEEFDLTGCFVTLEAWGDVSSERAIVRSRSISCKLGDDDIDQKIAGHVSFMGKNGIKGEVVMRNGQILLYAGGAGFLDG
IGKGIEKASSTTVGVGATASMSAADIGQAGLGGGVSSAAKTLSDYYIKRAEQYHPVIPIGAGNEVTLVFQDGFQLETLEE
ARAKAAARKKQNQPSASSTPAAMPGNTPDMLKQLQDFRVGDTVDPATGQVVTQ
;
E1,E2,E3,E4,E5,E6,E7,E8,E9,E10,E11,E12,E13,F1,F2,F3,F4,F5,F6,F7,F8,F9,F10,F11,F12,F13
#
# COMPACT_ATOMS: atom_id res chain seq x y z
N VAL A 150 52.27 -89.33 77.53
CA VAL A 150 52.62 -87.99 77.98
C VAL A 150 52.26 -86.96 76.91
N ARG A 151 52.07 -87.42 75.68
CA ARG A 151 51.73 -86.51 74.57
C ARG A 151 50.28 -86.01 74.62
N CYS A 152 50.10 -84.69 74.70
CA CYS A 152 48.76 -84.11 74.73
C CYS A 152 48.59 -83.15 73.56
N ASP A 153 47.51 -83.28 72.79
CA ASP A 153 47.34 -82.45 71.60
C ASP A 153 45.99 -81.71 71.47
N ASN A 154 45.89 -80.54 72.08
CA ASN A 154 44.67 -79.73 71.96
C ASN A 154 44.95 -78.24 72.10
N PRO A 155 44.11 -77.38 71.48
CA PRO A 155 44.32 -75.95 71.70
C PRO A 155 43.95 -75.64 73.15
N GLY A 156 44.58 -74.66 73.76
CA GLY A 156 44.33 -74.40 75.17
C GLY A 156 42.98 -73.84 75.57
N THR A 157 42.79 -73.57 76.85
CA THR A 157 41.55 -72.96 77.34
C THR A 157 41.90 -71.87 78.34
N VAL A 158 41.16 -70.76 78.31
CA VAL A 158 41.39 -69.71 79.29
C VAL A 158 40.04 -69.40 79.89
N HIS A 159 40.00 -68.64 80.97
CA HIS A 159 38.71 -68.25 81.54
C HIS A 159 38.49 -66.79 81.25
N PRO A 160 37.40 -66.48 80.56
CA PRO A 160 37.23 -65.05 80.35
C PRO A 160 37.05 -64.35 81.69
N GLN A 161 37.80 -63.27 81.91
CA GLN A 161 37.69 -62.54 83.16
C GLN A 161 37.31 -61.15 82.83
N ARG A 162 36.28 -60.64 83.49
CA ARG A 162 35.82 -59.31 83.22
C ARG A 162 36.20 -58.52 84.45
N SER A 163 36.82 -57.37 84.25
CA SER A 163 37.27 -56.53 85.39
C SER A 163 36.06 -55.82 85.99
N ARG A 164 36.11 -55.44 87.26
CA ARG A 164 35.01 -54.69 87.89
C ARG A 164 34.98 -53.25 87.44
N ASP A 165 33.80 -52.64 87.42
CA ASP A 165 33.69 -51.22 87.09
C ASP A 165 34.28 -50.39 88.19
N GLN A 166 34.87 -49.25 87.87
CA GLN A 166 35.36 -48.38 88.92
C GLN A 166 34.40 -47.22 89.04
N ILE A 167 33.95 -46.93 90.25
CA ILE A 167 32.96 -45.89 90.43
C ILE A 167 33.51 -44.68 91.15
N ALA A 168 32.82 -43.56 91.03
CA ALA A 168 33.24 -42.36 91.74
C ALA A 168 32.02 -41.63 92.28
N THR A 169 32.05 -41.29 93.55
CA THR A 169 30.96 -40.59 94.22
C THR A 169 31.44 -39.22 94.67
N VAL A 170 30.63 -38.20 94.35
CA VAL A 170 30.95 -36.82 94.72
C VAL A 170 29.87 -36.26 95.65
N TRP A 171 30.25 -35.82 96.84
CA TRP A 171 29.28 -35.19 97.74
C TRP A 171 28.92 -33.79 97.28
N ILE A 172 27.63 -33.46 97.32
CA ILE A 172 27.18 -32.14 96.91
C ILE A 172 26.75 -31.36 98.13
N ALA A 173 27.16 -30.09 98.23
CA ALA A 173 26.74 -29.25 99.34
C ALA A 173 25.35 -28.65 99.16
N PRO A 174 24.68 -28.21 100.28
CA PRO A 174 23.37 -27.61 100.06
C PRO A 174 23.29 -26.46 99.07
N TRP A 175 22.22 -26.42 98.27
CA TRP A 175 22.09 -25.39 97.25
C TRP A 175 20.67 -24.99 96.89
N VAL A 176 20.52 -23.75 96.42
CA VAL A 176 19.23 -23.25 95.98
C VAL A 176 19.28 -23.10 94.47
N ASP A 177 18.25 -23.59 93.79
CA ASP A 177 18.16 -23.53 92.34
C ASP A 177 17.41 -22.26 91.91
N SER A 178 17.09 -22.19 90.61
CA SER A 178 16.38 -21.04 90.06
C SER A 178 14.96 -20.92 90.58
N ASP A 179 14.39 -22.02 91.08
CA ASP A 179 13.01 -22.03 91.54
C ASP A 179 12.93 -21.93 93.04
N ASN A 180 14.02 -21.49 93.67
CA ASN A 180 14.04 -21.31 95.13
C ASN A 180 13.61 -22.50 95.96
N ALA A 181 14.10 -23.70 95.66
CA ALA A 181 13.83 -24.83 96.51
C ALA A 181 15.17 -25.23 97.07
N PHE A 182 15.25 -25.33 98.40
CA PHE A 182 16.51 -25.70 99.06
C PHE A 182 16.85 -27.16 98.80
N HIS A 183 18.11 -27.44 98.50
CA HIS A 183 18.53 -28.82 98.28
C HIS A 183 19.58 -29.23 99.29
N GLN A 184 19.20 -30.00 100.30
CA GLN A 184 20.11 -30.44 101.36
C GLN A 184 21.23 -31.31 100.80
N PRO A 185 22.35 -31.44 101.57
CA PRO A 185 23.46 -32.20 100.96
C PRO A 185 23.17 -33.61 100.53
N GLY A 186 23.60 -33.96 99.32
CA GLY A 186 23.43 -35.29 98.80
C GLY A 186 24.67 -35.78 98.08
N ARG A 187 24.52 -36.79 97.22
CA ARG A 187 25.64 -37.34 96.48
C ARG A 187 25.15 -37.95 95.18
N VAL A 188 26.03 -38.00 94.19
CA VAL A 188 25.71 -38.60 92.89
C VAL A 188 26.89 -39.47 92.43
N SER A 189 26.61 -40.69 91.97
CA SER A 189 27.70 -41.59 91.57
C SER A 189 27.79 -41.78 90.07
N PHE A 190 29.00 -41.83 89.53
CA PHE A 190 29.17 -42.09 88.11
C PHE A 190 30.27 -43.10 87.91
N VAL A 191 30.27 -43.77 86.76
CA VAL A 191 31.29 -44.77 86.48
C VAL A 191 32.40 -44.17 85.65
N VAL A 192 33.63 -44.23 86.17
CA VAL A 192 34.76 -43.64 85.47
C VAL A 192 35.34 -44.62 84.46
N SER A 193 35.62 -45.85 84.87
CA SER A 193 36.14 -46.88 83.98
C SER A 193 35.21 -48.09 84.00
N PRO A 194 34.63 -48.45 82.87
CA PRO A 194 33.67 -49.56 82.83
C PRO A 194 34.39 -50.91 82.82
N ALA A 195 33.57 -51.96 82.96
CA ALA A 195 34.09 -53.32 82.93
C ALA A 195 34.52 -53.71 81.52
N ASP A 196 35.51 -54.59 81.44
CA ASP A 196 35.98 -55.09 80.15
C ASP A 196 36.67 -56.43 80.36
N TRP A 197 36.85 -57.15 79.25
CA TRP A 197 37.61 -58.39 79.28
C TRP A 197 39.07 -58.11 79.54
N VAL A 198 39.63 -58.94 80.41
CA VAL A 198 41.09 -58.83 80.70
C VAL A 198 41.78 -59.94 79.92
N LEU A 199 42.37 -59.62 78.77
CA LEU A 199 42.98 -60.67 77.92
C LEU A 199 43.99 -61.45 78.76
N PRO A 200 44.18 -62.78 78.48
CA PRO A 200 45.02 -63.58 79.40
C PRO A 200 46.50 -63.37 79.49
N ALA A 201 47.03 -63.34 80.70
CA ALA A 201 48.46 -63.27 80.87
C ALA A 201 49.08 -64.55 80.35
N ARG A 202 48.45 -65.69 80.65
CA ARG A 202 48.93 -66.98 80.13
C ARG A 202 47.86 -67.82 79.45
N VAL A 203 48.06 -68.14 78.17
CA VAL A 203 47.12 -69.03 77.45
C VAL A 203 47.16 -70.45 78.00
N ASN A 204 48.35 -70.95 78.29
CA ASN A 204 48.48 -72.30 78.80
C ASN A 204 48.76 -72.31 80.30
N VAL B 150 32.20 -46.30 116.37
CA VAL B 150 32.38 -44.86 116.32
C VAL B 150 32.29 -44.37 114.88
N ARG B 151 32.44 -45.27 113.92
CA ARG B 151 32.38 -44.89 112.51
C ARG B 151 30.96 -44.60 112.01
N CYS B 152 30.73 -43.39 111.51
CA CYS B 152 29.42 -43.02 110.99
C CYS B 152 29.54 -42.59 109.53
N ASP B 153 28.70 -43.14 108.66
CA ASP B 153 28.83 -42.84 107.23
C ASP B 153 27.55 -42.38 106.52
N ASN B 154 27.25 -41.09 106.57
CA ASN B 154 26.09 -40.55 105.85
C ASN B 154 26.29 -39.09 105.45
N PRO B 155 25.63 -38.65 104.37
CA PRO B 155 25.72 -37.22 104.04
C PRO B 155 24.98 -36.44 105.12
N GLY B 156 25.40 -35.22 105.44
CA GLY B 156 24.78 -34.48 106.52
C GLY B 156 23.36 -34.00 106.34
N THR B 157 22.83 -33.29 107.34
CA THR B 157 21.49 -32.72 107.24
C THR B 157 21.54 -31.29 107.77
N VAL B 158 20.80 -30.38 107.14
CA VAL B 158 20.73 -29.02 107.64
C VAL B 158 19.27 -28.68 107.75
N HIS B 159 18.92 -27.58 108.39
CA HIS B 159 17.53 -27.17 108.44
C HIS B 159 17.35 -25.97 107.56
N PRO B 160 16.47 -26.08 106.56
CA PRO B 160 16.33 -24.86 105.78
C PRO B 160 15.78 -23.75 106.65
N GLN B 161 16.41 -22.58 106.60
CA GLN B 161 15.97 -21.46 107.40
C GLN B 161 15.64 -20.35 106.45
N ARG B 162 14.46 -19.77 106.60
CA ARG B 162 14.06 -18.70 105.73
C ARG B 162 14.08 -17.47 106.60
N SER B 163 14.70 -16.40 106.11
CA SER B 163 14.81 -15.14 106.90
C SER B 163 13.46 -14.42 106.87
N ARG B 164 13.17 -13.60 107.86
CA ARG B 164 11.93 -12.81 107.86
C ARG B 164 11.98 -11.66 106.89
N ASP B 165 10.82 -11.26 106.35
CA ASP B 165 10.78 -10.09 105.47
C ASP B 165 11.04 -8.85 106.27
N GLN B 166 11.66 -7.84 105.66
CA GLN B 166 11.83 -6.58 106.37
C GLN B 166 10.84 -5.59 105.79
N ILE B 167 10.08 -4.93 106.66
CA ILE B 167 9.05 -4.04 106.17
C ILE B 167 9.36 -2.59 106.45
N ALA B 168 8.70 -1.69 105.75
CA ALA B 168 8.89 -0.28 106.01
C ALA B 168 7.55 0.44 105.90
N THR B 169 7.23 1.24 106.92
CA THR B 169 5.98 2.00 106.98
C THR B 169 6.30 3.48 106.95
N VAL B 170 5.58 4.20 106.07
CA VAL B 170 5.75 5.64 105.93
C VAL B 170 4.45 6.36 106.28
N TRP B 171 4.49 7.26 107.26
CA TRP B 171 3.30 8.06 107.58
C TRP B 171 3.04 9.13 106.53
N ILE B 172 1.77 9.28 106.14
CA ILE B 172 1.41 10.29 105.14
C ILE B 172 0.66 11.40 105.83
N ALA B 173 1.00 12.65 105.51
CA ALA B 173 0.27 13.79 106.06
C ALA B 173 -1.04 14.10 105.33
N PRO B 174 -1.98 14.83 106.00
CA PRO B 174 -3.21 15.14 105.27
C PRO B 174 -3.05 15.81 103.91
N TRP B 175 -3.88 15.42 102.94
CA TRP B 175 -3.76 15.97 101.59
C TRP B 175 -5.05 16.01 100.78
N VAL B 176 -5.09 16.95 99.85
CA VAL B 176 -6.24 17.08 98.96
C VAL B 176 -5.80 16.67 97.56
N ASP B 177 -6.59 15.83 96.92
CA ASP B 177 -6.30 15.33 95.57
C ASP B 177 -6.94 16.23 94.53
N SER B 178 -6.90 15.77 93.28
CA SER B 178 -7.47 16.53 92.16
C SER B 178 -8.98 16.65 92.24
N ASP B 179 -9.63 15.75 92.99
CA ASP B 179 -11.09 15.74 93.07
C ASP B 179 -11.56 16.39 94.36
N ASN B 180 -10.69 17.18 94.99
CA ASN B 180 -11.06 17.88 96.21
C ASN B 180 -11.67 17.05 97.34
N ALA B 181 -11.08 15.90 97.65
CA ALA B 181 -11.55 15.14 98.79
C ALA B 181 -10.39 15.16 99.76
N PHE B 182 -10.65 15.58 101.00
CA PHE B 182 -9.61 15.65 102.03
C PHE B 182 -9.18 14.25 102.44
N HIS B 183 -7.87 14.04 102.59
CA HIS B 183 -7.38 12.74 103.04
C HIS B 183 -6.61 12.88 104.34
N GLN B 184 -7.24 12.50 105.45
CA GLN B 184 -6.62 12.61 106.78
C GLN B 184 -5.38 11.75 106.89
N PRO B 185 -4.48 12.05 107.88
CA PRO B 185 -3.24 11.28 107.90
C PRO B 185 -3.38 9.78 108.01
N GLY B 186 -2.64 9.07 107.17
CA GLY B 186 -2.62 7.61 107.20
C GLY B 186 -1.22 7.06 107.03
N ARG B 187 -1.12 5.79 106.64
CA ARG B 187 0.17 5.16 106.47
C ARG B 187 0.06 4.04 105.43
N VAL B 188 1.18 3.73 104.78
CA VAL B 188 1.22 2.65 103.78
C VAL B 188 2.50 1.84 103.99
N SER B 189 2.39 0.51 104.00
CA SER B 189 3.57 -0.33 104.26
C SER B 189 4.05 -1.05 103.01
N PHE B 190 5.37 -1.15 102.84
CA PHE B 190 5.91 -1.90 101.71
C PHE B 190 7.05 -2.77 102.20
N VAL B 191 7.38 -3.81 101.44
CA VAL B 191 8.46 -4.71 101.84
C VAL B 191 9.73 -4.32 101.11
N VAL B 192 10.78 -4.02 101.88
CA VAL B 192 12.04 -3.60 101.29
C VAL B 192 12.90 -4.81 100.92
N SER B 193 13.08 -5.75 101.84
CA SER B 193 13.85 -6.97 101.57
C SER B 193 12.98 -8.18 101.85
N PRO B 194 12.72 -9.01 100.84
CA PRO B 194 11.84 -10.17 101.03
C PRO B 194 12.56 -11.32 101.72
N ALA B 195 11.77 -12.34 102.08
CA ALA B 195 12.32 -13.53 102.71
C ALA B 195 13.11 -14.36 101.70
N ASP B 196 14.11 -15.07 102.21
CA ASP B 196 14.92 -15.95 101.37
C ASP B 196 15.57 -17.02 102.24
N TRP B 197 16.04 -18.07 101.59
CA TRP B 197 16.80 -19.11 102.28
C TRP B 197 18.14 -18.57 102.75
N VAL B 198 18.47 -18.92 103.98
CA VAL B 198 19.79 -18.53 104.52
C VAL B 198 20.69 -19.76 104.43
N LEU B 199 21.56 -19.82 103.43
CA LEU B 199 22.40 -21.03 103.23
C LEU B 199 23.18 -21.30 104.52
N PRO B 200 23.46 -22.60 104.84
CA PRO B 200 24.05 -22.89 106.16
C PRO B 200 25.45 -22.47 106.51
N ALA B 201 25.63 -21.92 107.69
CA ALA B 201 26.98 -21.61 108.16
C ALA B 201 27.74 -22.91 108.33
N ARG B 202 27.08 -23.92 108.91
CA ARG B 202 27.71 -25.24 109.08
C ARG B 202 26.89 -26.40 108.55
N VAL B 203 27.42 -27.15 107.59
CA VAL B 203 26.73 -28.34 107.08
C VAL B 203 26.66 -29.44 108.13
N ASN B 204 27.74 -29.64 108.87
CA ASN B 204 27.77 -30.68 109.89
C ASN B 204 27.64 -30.08 111.29
N VAL C 150 1.47 5.22 129.21
CA VAL C 150 1.61 6.55 128.63
C VAL C 150 1.90 6.45 127.14
N ARG C 151 2.33 5.28 126.68
CA ARG C 151 2.64 5.09 125.26
C ARG C 151 1.39 4.99 124.37
N CYS C 152 1.27 5.89 123.40
CA CYS C 152 0.12 5.86 122.48
C CYS C 152 0.62 5.71 121.04
N ASP C 153 0.05 4.79 120.28
CA ASP C 153 0.55 4.54 118.92
C ASP C 153 -0.51 4.53 117.81
N ASN C 154 -0.84 5.70 117.29
CA ASN C 154 -1.79 5.78 116.16
C ASN C 154 -1.53 6.99 115.28
N PRO C 155 -1.89 6.90 113.98
CA PRO C 155 -1.75 8.11 113.15
C PRO C 155 -2.77 9.14 113.63
N GLY C 156 -2.48 10.42 113.52
CA GLY C 156 -3.38 11.42 114.06
C GLY C 156 -4.72 11.63 113.37
N THR C 157 -5.51 12.58 113.86
CA THR C 157 -6.78 12.90 113.22
C THR C 157 -6.92 14.41 113.14
N VAL C 158 -7.49 14.93 112.05
CA VAL C 158 -7.72 16.35 111.95
C VAL C 158 -9.17 16.51 111.57
N HIS C 159 -9.70 17.73 111.63
CA HIS C 159 -11.07 17.94 111.18
C HIS C 159 -11.04 18.69 109.88
N PRO C 160 -11.62 18.11 108.84
CA PRO C 160 -11.58 18.90 107.62
C PRO C 160 -12.37 20.19 107.83
N GLN C 161 -11.77 21.32 107.46
CA GLN C 161 -12.44 22.59 107.63
C GLN C 161 -12.54 23.23 106.28
N ARG C 162 -13.73 23.66 105.90
CA ARG C 162 -13.91 24.26 104.62
C ARG C 162 -14.16 25.72 104.91
N SER C 163 -13.45 26.59 104.19
CA SER C 163 -13.59 28.06 104.42
C SER C 163 -14.90 28.54 103.80
N ARG C 164 -15.47 29.63 104.28
CA ARG C 164 -16.69 30.20 103.69
C ARG C 164 -16.41 30.89 102.38
N ASP C 165 -17.39 30.92 101.47
CA ASP C 165 -17.23 31.65 100.22
C ASP C 165 -17.23 33.13 100.50
N GLN C 166 -16.49 33.90 99.71
CA GLN C 166 -16.55 35.35 99.87
C GLN C 166 -17.37 35.91 98.74
N ILE C 167 -18.35 36.74 99.07
CA ILE C 167 -19.24 37.25 98.05
C ILE C 167 -19.05 38.73 97.80
N ALA C 168 -19.52 39.21 96.66
CA ALA C 168 -19.45 40.63 96.37
C ALA C 168 -20.73 41.08 95.69
N THR C 169 -21.33 42.15 96.20
CA THR C 169 -22.56 42.70 95.67
C THR C 169 -22.29 44.10 95.12
N VAL C 170 -22.77 44.33 93.89
CA VAL C 170 -22.61 45.63 93.23
C VAL C 170 -23.97 46.26 92.96
N TRP C 171 -24.22 47.46 93.48
CA TRP C 171 -25.47 48.16 93.18
C TRP C 171 -25.47 48.71 91.76
N ILE C 172 -26.58 48.54 91.06
CA ILE C 172 -26.69 49.04 89.70
C ILE C 172 -27.64 50.23 89.68
N ALA C 173 -27.26 51.30 88.98
CA ALA C 173 -28.13 52.47 88.85
C ALA C 173 -29.20 52.30 87.78
N PRO C 174 -30.32 53.12 87.86
CA PRO C 174 -31.31 52.97 86.80
C PRO C 174 -30.82 53.09 85.37
N TRP C 175 -31.35 52.26 84.47
CA TRP C 175 -30.89 52.27 83.09
C TRP C 175 -31.91 51.84 82.05
N VAL C 176 -31.74 52.35 80.83
CA VAL C 176 -32.61 52.00 79.72
C VAL C 176 -31.81 51.15 78.76
N ASP C 177 -32.38 50.03 78.32
CA ASP C 177 -31.73 49.12 77.40
C ASP C 177 -32.10 49.47 75.96
N SER C 178 -31.72 48.58 75.04
CA SER C 178 -31.99 48.78 73.62
C SER C 178 -33.47 48.73 73.29
N ASP C 179 -34.27 48.10 74.15
CA ASP C 179 -35.70 47.94 73.89
C ASP C 179 -36.52 48.96 74.67
N ASN C 180 -35.86 50.03 75.12
CA ASN C 180 -36.56 51.09 75.84
C ASN C 180 -37.42 50.67 77.03
N ALA C 181 -36.91 49.81 77.90
CA ALA C 181 -37.64 49.48 79.10
C ALA C 181 -36.77 50.00 80.23
N PHE C 182 -37.37 50.81 81.10
CA PHE C 182 -36.64 51.40 82.23
C PHE C 182 -36.30 50.32 83.25
N HIS C 183 -35.06 50.35 83.77
CA HIS C 183 -34.68 49.39 84.80
C HIS C 183 -34.29 50.11 86.08
N GLN C 184 -35.17 50.09 87.08
CA GLN C 184 -34.94 50.77 88.35
C GLN C 184 -33.74 50.17 89.08
N PRO C 185 -33.15 50.95 90.04
CA PRO C 185 -31.94 50.40 90.67
C PRO C 185 -32.05 49.04 91.32
N GLY C 186 -31.10 48.17 91.03
CA GLY C 186 -31.06 46.85 91.63
C GLY C 186 -29.65 46.46 92.03
N ARG C 187 -29.41 45.15 92.21
CA ARG C 187 -28.11 44.68 92.60
C ARG C 187 -27.92 43.25 92.10
N VAL C 188 -26.66 42.86 91.89
CA VAL C 188 -26.33 41.50 91.45
C VAL C 188 -25.13 41.00 92.26
N SER C 189 -25.19 39.76 92.77
CA SER C 189 -24.11 39.24 93.60
C SER C 189 -23.30 38.18 92.90
N PHE C 190 -21.98 38.19 93.09
CA PHE C 190 -21.14 37.15 92.51
C PHE C 190 -20.15 36.68 93.55
N VAL C 191 -19.60 35.48 93.36
CA VAL C 191 -18.64 34.94 94.32
C VAL C 191 -17.23 35.18 93.83
N VAL C 192 -16.44 35.88 94.62
CA VAL C 192 -15.07 36.20 94.23
C VAL C 192 -14.12 35.06 94.58
N SER C 193 -14.16 34.57 95.81
CA SER C 193 -13.32 33.45 96.22
C SER C 193 -14.20 32.32 96.76
N PRO C 194 -14.16 31.16 96.13
CA PRO C 194 -15.03 30.05 96.55
C PRO C 194 -14.49 29.35 97.79
N ALA C 195 -15.32 28.44 98.32
CA ALA C 195 -14.93 27.65 99.48
C ALA C 195 -13.88 26.62 99.09
N ASP C 196 -13.02 26.27 100.07
CA ASP C 196 -12.00 25.26 99.86
C ASP C 196 -11.58 24.69 101.20
N TRP C 197 -10.92 23.53 101.15
CA TRP C 197 -10.35 22.94 102.34
C TRP C 197 -9.20 23.78 102.86
N VAL C 198 -9.19 23.95 104.17
CA VAL C 198 -8.07 24.70 104.81
C VAL C 198 -7.15 23.65 105.42
N LEU C 199 -6.05 23.32 104.76
CA LEU C 199 -5.16 22.25 105.26
C LEU C 199 -4.74 22.58 106.69
N PRO C 200 -4.51 21.55 107.56
CA PRO C 200 -4.30 21.85 108.98
C PRO C 200 -3.04 22.54 109.45
N ALA C 201 -3.20 23.52 110.33
CA ALA C 201 -2.03 24.14 110.93
C ALA C 201 -1.31 23.12 111.78
N ARG C 202 -2.07 22.32 112.54
CA ARG C 202 -1.47 21.25 113.35
C ARG C 202 -2.10 19.88 113.15
N VAL C 203 -1.31 18.90 112.71
CA VAL C 203 -1.81 17.52 112.58
C VAL C 203 -2.13 16.89 113.93
N ASN C 204 -1.28 17.14 114.91
CA ASN C 204 -1.49 16.57 116.24
C ASN C 204 -2.00 17.62 117.22
N VAL D 150 -32.88 53.43 113.09
CA VAL D 150 -32.61 54.44 112.09
C VAL D 150 -31.94 53.83 110.87
N ARG D 151 -31.38 52.63 111.02
CA ARG D 151 -30.70 51.97 109.90
C ARG D 151 -31.66 51.38 108.87
N CYS D 152 -31.55 51.83 107.61
CA CYS D 152 -32.41 51.32 106.54
C CYS D 152 -31.55 50.72 105.44
N ASP D 153 -31.86 49.50 105.01
CA ASP D 153 -31.03 48.83 104.00
C ASP D 153 -31.75 48.27 102.78
N ASN D 154 -31.96 49.10 101.77
CA ASN D 154 -32.58 48.63 100.52
C ASN D 154 -32.13 49.45 99.31
N PRO D 155 -32.13 48.84 98.11
CA PRO D 155 -31.81 49.66 96.93
C PRO D 155 -32.94 50.64 96.71
N GLY D 156 -32.67 51.82 96.18
CA GLY D 156 -33.71 52.83 96.05
C GLY D 156 -34.82 52.59 95.04
N THR D 157 -35.73 53.54 94.91
CA THR D 157 -36.80 53.43 93.92
C THR D 157 -36.95 54.78 93.23
N VAL D 158 -37.23 54.77 91.92
CA VAL D 158 -37.46 56.00 91.21
C VAL D 158 -38.75 55.82 90.46
N HIS D 159 -39.31 56.89 89.92
CA HIS D 159 -40.53 56.75 89.12
C HIS D 159 -40.17 56.95 87.68
N PRO D 160 -40.44 55.95 86.85
CA PRO D 160 -40.10 56.24 85.46
C PRO D 160 -40.95 57.40 84.96
N GLN D 161 -40.31 58.37 84.32
CA GLN D 161 -41.03 59.52 83.81
C GLN D 161 -40.78 59.57 82.34
N ARG D 162 -41.84 59.69 81.55
CA ARG D 162 -41.69 59.73 80.13
C ARG D 162 -42.04 61.15 79.75
N SER D 163 -41.19 61.77 78.94
CA SER D 163 -41.43 63.18 78.53
C SER D 163 -42.53 63.23 77.48
N ARG D 164 -43.24 64.34 77.34
CA ARG D 164 -44.28 64.48 76.31
C ARG D 164 -43.68 64.67 74.93
N ASP D 165 -44.38 64.23 73.90
CA ASP D 165 -43.92 64.44 72.53
C ASP D 165 -44.03 65.91 72.19
N GLN D 166 -43.13 66.42 71.36
CA GLN D 166 -43.26 67.79 70.92
C GLN D 166 -43.77 67.78 69.49
N ILE D 167 -44.82 68.55 69.24
CA ILE D 167 -45.42 68.51 67.91
C ILE D 167 -45.21 69.81 67.16
N ALA D 168 -45.38 69.76 65.84
CA ALA D 168 -45.27 70.96 65.04
C ALA D 168 -46.34 70.96 63.96
N THR D 169 -47.07 72.06 63.86
CA THR D 169 -48.14 72.21 62.87
C THR D 169 -47.77 73.33 61.90
N VAL D 170 -47.91 73.01 60.60
CA VAL D 170 -47.61 73.98 59.54
C VAL D 170 -48.87 74.28 58.73
N TRP D 171 -49.28 75.54 58.67
CA TRP D 171 -50.42 75.91 57.83
C TRP D 171 -50.06 75.89 56.35
N ILE D 172 -50.95 75.33 55.54
CA ILE D 172 -50.71 75.26 54.09
C ILE D 172 -51.64 76.24 53.40
N ALA D 173 -51.12 77.00 52.43
CA ALA D 173 -51.96 77.91 51.67
C ALA D 173 -52.71 77.23 50.52
N PRO D 174 -53.82 77.86 50.02
CA PRO D 174 -54.50 77.20 48.90
C PRO D 174 -53.65 76.84 47.70
N TRP D 175 -53.90 75.67 47.10
CA TRP D 175 -53.09 75.22 45.98
C TRP D 175 -53.79 74.30 44.98
N VAL D 176 -53.32 74.35 43.74
CA VAL D 176 -53.85 73.49 42.70
C VAL D 176 -52.80 72.44 42.36
N ASP D 177 -53.21 71.19 42.28
CA ASP D 177 -52.32 70.08 41.97
C ASP D 177 -52.29 69.81 40.46
N SER D 178 -51.66 68.70 40.09
CA SER D 178 -51.56 68.33 38.68
C SER D 178 -52.90 67.97 38.07
N ASP D 179 -53.88 67.62 38.89
CA ASP D 179 -55.19 67.19 38.39
C ASP D 179 -56.20 68.31 38.49
N ASN D 180 -55.72 69.54 38.63
CA ASN D 180 -56.61 70.70 38.68
C ASN D 180 -57.74 70.64 39.70
N ALA D 181 -57.45 70.25 40.94
CA ALA D 181 -58.47 70.31 41.97
C ALA D 181 -57.95 71.32 42.96
N PHE D 182 -58.77 72.32 43.28
CA PHE D 182 -58.38 73.36 44.22
C PHE D 182 -58.30 72.81 45.63
N HIS D 183 -57.25 73.19 46.36
CA HIS D 183 -57.12 72.73 47.75
C HIS D 183 -57.10 73.92 48.69
N GLN D 184 -58.22 74.17 49.38
CA GLN D 184 -58.34 75.30 50.29
C GLN D 184 -57.36 75.17 51.46
N PRO D 185 -57.08 76.33 52.15
CA PRO D 185 -56.05 76.21 53.20
C PRO D 185 -56.31 75.19 54.29
N GLY D 186 -55.29 74.41 54.61
CA GLY D 186 -55.37 73.42 55.66
C GLY D 186 -54.11 73.39 56.50
N ARG D 187 -53.90 72.29 57.23
CA ARG D 187 -52.73 72.16 58.07
C ARG D 187 -52.37 70.69 58.25
N VAL D 188 -51.09 70.42 58.51
CA VAL D 188 -50.62 69.05 58.72
C VAL D 188 -49.67 69.04 59.93
N SER D 189 -49.84 68.09 60.85
CA SER D 189 -49.00 68.06 62.04
C SER D 189 -48.00 66.92 62.03
N PHE D 190 -46.78 67.17 62.50
CA PHE D 190 -45.79 66.10 62.60
C PHE D 190 -45.10 66.19 63.93
N VAL D 191 -44.49 65.09 64.37
CA VAL D 191 -43.80 65.07 65.65
C VAL D 191 -42.32 65.29 65.45
N VAL D 192 -41.78 66.33 66.08
CA VAL D 192 -40.37 66.66 65.92
C VAL D 192 -39.52 65.86 66.89
N SER D 193 -39.87 65.86 68.18
CA SER D 193 -39.14 65.10 69.18
C SER D 193 -40.10 64.16 69.90
N PRO D 194 -39.87 62.85 69.81
CA PRO D 194 -40.78 61.88 70.42
C PRO D 194 -40.57 61.77 71.92
N ALA D 195 -41.49 61.03 72.55
CA ALA D 195 -41.40 60.79 73.99
C ALA D 195 -40.26 59.83 74.30
N ASP D 196 -39.68 59.98 75.50
CA ASP D 196 -38.62 59.10 75.95
C ASP D 196 -38.55 59.13 77.47
N TRP D 197 -37.87 58.15 78.03
CA TRP D 197 -37.62 58.12 79.47
C TRP D 197 -36.67 59.24 79.86
N VAL D 198 -37.02 59.89 80.96
CA VAL D 198 -36.12 60.94 81.49
C VAL D 198 -35.37 60.33 82.67
N LEU D 199 -34.13 59.93 82.46
CA LEU D 199 -33.37 59.24 83.53
C LEU D 199 -33.35 60.13 84.77
N PRO D 200 -33.34 59.54 86.01
CA PRO D 200 -33.51 60.38 87.20
C PRO D 200 -32.45 61.35 87.63
N ALA D 201 -32.85 62.55 88.00
CA ALA D 201 -31.91 63.51 88.56
C ALA D 201 -31.40 62.97 89.89
N ARG D 202 -32.32 62.43 90.70
CA ARG D 202 -31.93 61.82 91.98
C ARG D 202 -32.44 60.42 92.20
N VAL D 203 -31.54 59.45 92.38
CA VAL D 203 -31.96 58.08 92.69
C VAL D 203 -32.60 57.96 94.06
N ASN D 204 -32.05 58.66 95.04
CA ASN D 204 -32.60 58.61 96.39
C ASN D 204 -33.37 59.87 96.73
N VAL E 150 -62.96 87.27 71.71
CA VAL E 150 -62.47 87.87 70.48
C VAL E 150 -61.49 86.93 69.80
N ARG E 151 -60.95 85.96 70.54
CA ARG E 151 -59.99 85.02 69.97
C ARG E 151 -60.63 83.97 69.05
N CYS E 152 -60.20 83.93 67.79
CA CYS E 152 -60.73 82.95 66.84
C CYS E 152 -59.59 82.09 66.30
N ASP E 153 -59.75 80.77 66.31
CA ASP E 153 -58.67 79.89 65.89
C ASP E 153 -59.02 78.81 64.85
N ASN E 154 -58.98 79.17 63.57
CA ASN E 154 -59.23 78.20 62.51
C ASN E 154 -58.50 78.56 61.22
N PRO E 155 -58.17 77.54 60.39
CA PRO E 155 -57.56 77.89 59.09
C PRO E 155 -58.63 78.56 58.25
N GLY E 156 -58.25 79.48 57.37
CA GLY E 156 -59.24 80.23 56.61
C GLY E 156 -60.05 79.49 55.56
N THR E 157 -60.92 80.20 54.84
CA THR E 157 -61.68 79.60 53.76
C THR E 157 -61.68 80.55 52.58
N VAL E 158 -61.59 80.01 51.36
CA VAL E 158 -61.66 80.86 50.19
C VAL E 158 -62.72 80.25 49.30
N HIS E 159 -63.13 80.95 48.25
CA HIS E 159 -64.09 80.36 47.32
C HIS E 159 -63.37 80.06 46.04
N PRO E 160 -63.38 78.79 45.64
CA PRO E 160 -62.70 78.59 44.36
C PRO E 160 -63.41 79.34 43.26
N GLN E 161 -62.65 80.09 42.46
CA GLN E 161 -63.24 80.85 41.39
C GLN E 161 -62.61 80.38 40.11
N ARG E 162 -63.43 80.06 39.13
CA ARG E 162 -62.91 79.59 37.88
C ARG E 162 -63.19 80.70 36.90
N SER E 163 -62.18 81.08 36.13
CA SER E 163 -62.32 82.19 35.16
C SER E 163 -63.12 81.70 33.95
N ARG E 164 -63.79 82.57 33.22
CA ARG E 164 -64.51 82.18 32.00
C ARG E 164 -63.58 81.92 30.85
N ASP E 165 -63.98 81.03 29.94
CA ASP E 165 -63.17 80.78 28.74
C ASP E 165 -63.22 81.99 27.84
N GLN E 166 -62.15 82.25 27.11
CA GLN E 166 -62.20 83.34 26.14
C GLN E 166 -62.31 82.73 24.77
N ILE E 167 -63.28 83.20 23.98
CA ILE E 167 -63.50 82.59 22.68
C ILE E 167 -63.14 83.53 21.55
N ALA E 168 -62.95 82.97 20.37
CA ALA E 168 -62.67 83.79 19.20
C ALA E 168 -63.40 83.24 18.00
N THR E 169 -64.11 84.11 17.30
CA THR E 169 -64.88 83.75 16.12
C THR E 169 -64.30 84.46 14.90
N VAL E 170 -64.09 83.67 13.84
CA VAL E 170 -63.55 84.20 12.57
C VAL E 170 -64.55 84.01 11.44
N TRP E 171 -64.96 85.09 10.79
CA TRP E 171 -65.85 84.98 9.64
C TRP E 171 -65.11 84.44 8.42
N ILE E 172 -65.74 83.51 7.70
CA ILE E 172 -65.12 82.94 6.51
C ILE E 172 -65.86 83.45 5.28
N ALA E 173 -65.12 83.86 4.26
CA ALA E 173 -65.75 84.30 3.01
C ALA E 173 -66.16 83.16 2.09
N PRO E 174 -67.11 83.40 1.13
CA PRO E 174 -67.45 82.28 0.25
C PRO E 174 -66.30 81.61 -0.48
N TRP E 175 -66.37 80.29 -0.60
CA TRP E 175 -65.27 79.55 -1.24
C TRP E 175 -65.66 78.25 -1.93
N VAL E 176 -64.87 77.88 -2.94
CA VAL E 176 -65.09 76.63 -3.66
C VAL E 176 -63.96 75.68 -3.30
N ASP E 177 -64.30 74.44 -2.97
CA ASP E 177 -63.33 73.43 -2.59
C ASP E 177 -62.91 72.63 -3.82
N SER E 178 -62.17 71.54 -3.57
CA SER E 178 -61.69 70.68 -4.65
C SER E 178 -62.81 69.95 -5.37
N ASP E 179 -63.96 69.81 -4.71
CA ASP E 179 -65.08 69.07 -5.30
C ASP E 179 -66.12 70.00 -5.88
N ASN E 180 -65.71 71.24 -6.14
CA ASN E 180 -66.62 72.22 -6.76
C ASN E 180 -67.98 72.40 -6.10
N ALA E 181 -68.02 72.54 -4.77
CA ALA E 181 -69.27 72.85 -4.11
C ALA E 181 -69.06 74.23 -3.51
N PHE E 182 -69.96 75.15 -3.82
CA PHE E 182 -69.86 76.51 -3.31
C PHE E 182 -70.14 76.54 -1.81
N HIS E 183 -69.33 77.30 -1.07
CA HIS E 183 -69.56 77.43 0.38
C HIS E 183 -69.82 78.87 0.75
N GLN E 184 -71.09 79.22 1.00
CA GLN E 184 -71.47 80.57 1.34
C GLN E 184 -70.84 81.02 2.65
N PRO E 185 -70.78 82.38 2.88
CA PRO E 185 -70.07 82.79 4.09
C PRO E 185 -70.57 82.24 5.41
N GLY E 186 -69.65 81.76 6.23
CA GLY E 186 -69.99 81.24 7.54
C GLY E 186 -69.00 81.70 8.60
N ARG E 187 -68.95 80.98 9.72
CA ARG E 187 -68.04 81.33 10.80
C ARG E 187 -67.71 80.09 11.61
N VAL E 188 -66.54 80.10 12.25
CA VAL E 188 -66.10 78.98 13.10
C VAL E 188 -65.50 79.55 14.39
N SER E 189 -65.88 79.00 15.54
CA SER E 189 -65.39 79.53 16.81
C SER E 189 -64.39 78.60 17.49
N PHE E 190 -63.34 79.16 18.09
CA PHE E 190 -62.39 78.34 18.82
C PHE E 190 -62.08 79.01 20.14
N VAL E 191 -61.59 78.24 21.10
CA VAL E 191 -61.26 78.79 22.42
C VAL E 191 -59.78 79.11 22.50
N VAL E 192 -59.46 80.37 22.76
CA VAL E 192 -58.06 80.78 22.81
C VAL E 192 -57.47 80.52 24.20
N SER E 193 -58.15 80.96 25.26
CA SER E 193 -57.69 80.73 26.63
C SER E 193 -58.79 80.01 27.41
N PRO E 194 -58.51 78.82 27.90
CA PRO E 194 -59.53 78.03 28.61
C PRO E 194 -59.71 78.52 30.04
N ALA E 195 -60.75 77.97 30.68
CA ALA E 195 -61.04 78.30 32.07
C ALA E 195 -59.99 77.68 32.99
N ASP E 196 -59.76 78.34 34.13
CA ASP E 196 -58.83 77.84 35.13
C ASP E 196 -59.17 78.44 36.48
N TRP E 197 -58.64 77.83 37.54
CA TRP E 197 -58.77 78.37 38.87
C TRP E 197 -57.99 79.67 39.01
N VAL E 198 -58.63 80.63 39.64
CA VAL E 198 -57.94 81.92 39.90
C VAL E 198 -57.51 81.89 41.37
N LEU E 199 -56.24 81.60 41.64
CA LEU E 199 -55.78 81.47 43.04
C LEU E 199 -56.11 82.75 43.79
N PRO E 200 -56.40 82.67 45.12
CA PRO E 200 -56.91 83.88 45.82
C PRO E 200 -56.02 85.06 46.06
N ALA E 201 -56.54 86.26 45.82
CA ALA E 201 -55.80 87.46 46.16
C ALA E 201 -55.66 87.53 47.66
N ARG E 202 -56.74 87.22 48.39
CA ARG E 202 -56.69 87.20 49.86
C ARG E 202 -57.21 85.92 50.49
N VAL E 203 -56.36 85.21 51.24
CA VAL E 203 -56.81 84.01 51.96
C VAL E 203 -57.79 84.34 53.08
N ASN E 204 -57.53 85.42 53.80
CA ASN E 204 -58.41 85.81 54.89
C ASN E 204 -59.28 87.00 54.52
N VAL F 150 -81.91 99.02 14.56
CA VAL F 150 -81.12 99.17 13.35
C VAL F 150 -79.96 98.17 13.34
N ARG F 151 -79.62 97.62 14.50
CA ARG F 151 -78.51 96.67 14.60
C ARG F 151 -78.86 95.28 14.04
N CYS F 152 -78.11 94.82 13.05
CA CYS F 152 -78.35 93.49 12.46
C CYS F 152 -77.09 92.65 12.59
N ASP F 153 -77.21 91.42 13.08
CA ASP F 153 -76.03 90.60 13.31
C ASP F 153 -76.07 89.18 12.73
N ASN F 154 -75.70 89.03 11.46
CA ASN F 154 -75.64 87.70 10.84
C ASN F 154 -74.60 87.64 9.72
N PRO F 155 -74.04 86.44 9.46
CA PRO F 155 -73.12 86.35 8.32
C PRO F 155 -73.94 86.52 7.04
N GLY F 156 -73.37 87.08 5.99
CA GLY F 156 -74.14 87.35 4.79
C GLY F 156 -74.62 86.18 3.97
N THR F 157 -75.29 86.46 2.85
CA THR F 157 -75.73 85.40 1.94
C THR F 157 -75.43 85.83 0.51
N VAL F 158 -75.02 84.89 -0.33
CA VAL F 158 -74.79 85.22 -1.73
C VAL F 158 -75.55 84.19 -2.52
N HIS F 159 -75.70 84.39 -3.83
CA HIS F 159 -76.36 83.38 -4.65
C HIS F 159 -75.32 82.71 -5.50
N PRO F 160 -75.19 81.39 -5.36
CA PRO F 160 -74.20 80.81 -6.24
C PRO F 160 -74.61 81.00 -7.70
N GLN F 161 -73.68 81.48 -8.52
CA GLN F 161 -73.99 81.71 -9.91
C GLN F 161 -73.03 80.89 -10.71
N ARG F 162 -73.55 80.11 -11.65
CA ARG F 162 -72.71 79.28 -12.46
C ARG F 162 -72.75 79.90 -13.82
N SER F 163 -71.58 80.09 -14.42
CA SER F 163 -71.49 80.72 -15.77
C SER F 163 -71.92 79.72 -16.83
N ARG F 164 -72.40 80.16 -17.99
CA ARG F 164 -72.78 79.26 -19.07
C ARG F 164 -71.56 78.69 -19.78
N ASP F 165 -71.67 77.49 -20.32
CA ASP F 165 -70.57 76.91 -21.11
C ASP F 165 -70.42 77.68 -22.40
N GLN F 166 -69.20 77.78 -22.90
CA GLN F 166 -69.02 78.41 -24.21
C GLN F 166 -68.75 77.32 -25.21
N ILE F 167 -69.49 77.34 -26.31
CA ILE F 167 -69.34 76.26 -27.28
C ILE F 167 -68.72 76.74 -28.57
N ALA F 168 -68.21 75.80 -29.36
CA ALA F 168 -67.64 76.16 -30.66
C ALA F 168 -68.03 75.11 -31.68
N THR F 169 -68.54 75.56 -32.82
CA THR F 169 -68.97 74.69 -33.90
C THR F 169 -68.10 74.95 -35.12
N VAL F 170 -67.60 73.86 -35.71
CA VAL F 170 -66.75 73.94 -36.90
C VAL F 170 -67.43 73.22 -38.07
N TRP F 171 -67.67 73.92 -39.18
CA TRP F 171 -68.22 73.26 -40.37
C TRP F 171 -67.17 72.41 -41.07
N ILE F 172 -67.56 71.21 -41.48
CA ILE F 172 -66.64 70.31 -42.17
C ILE F 172 -67.04 70.23 -43.63
N ALA F 173 -66.07 70.31 -44.53
CA ALA F 173 -66.36 70.17 -45.96
C ALA F 173 -66.48 68.72 -46.42
N PRO F 174 -67.14 68.46 -47.59
CA PRO F 174 -67.21 67.07 -48.01
C PRO F 174 -65.89 66.32 -48.13
N TRP F 175 -65.88 65.05 -47.73
CA TRP F 175 -64.64 64.28 -47.75
C TRP F 175 -64.81 62.78 -47.94
N VAL F 176 -63.77 62.15 -48.51
CA VAL F 176 -63.76 60.72 -48.70
C VAL F 176 -62.74 60.12 -47.74
N ASP F 177 -63.12 59.06 -47.04
CA ASP F 177 -62.26 58.39 -46.08
C ASP F 177 -61.51 57.25 -46.75
N SER F 178 -60.84 56.44 -45.93
CA SER F 178 -60.06 55.31 -46.44
C SER F 178 -60.93 54.23 -47.05
N ASP F 179 -62.21 54.20 -46.68
CA ASP F 179 -63.12 53.15 -47.16
C ASP F 179 -63.98 53.65 -48.30
N ASN F 180 -63.56 54.75 -48.92
CA ASN F 180 -64.30 55.30 -50.07
C ASN F 180 -65.79 55.55 -49.87
N ALA F 181 -66.18 56.17 -48.76
CA ALA F 181 -67.57 56.53 -48.59
C ALA F 181 -67.56 58.05 -48.55
N PHE F 182 -68.37 58.67 -49.40
CA PHE F 182 -68.45 60.13 -49.46
C PHE F 182 -69.11 60.69 -48.20
N HIS F 183 -68.55 61.76 -47.65
CA HIS F 183 -69.15 62.38 -46.47
C HIS F 183 -69.55 63.82 -46.77
N GLN F 184 -70.84 64.07 -46.98
CA GLN F 184 -71.34 65.40 -47.31
C GLN F 184 -71.08 66.38 -46.17
N PRO F 185 -71.11 67.72 -46.49
CA PRO F 185 -70.76 68.64 -45.40
C PRO F 185 -71.58 68.56 -44.14
N GLY F 186 -70.90 68.55 -43.01
CA GLY F 186 -71.56 68.52 -41.72
C GLY F 186 -70.89 69.45 -40.72
N ARG F 187 -71.13 69.24 -39.43
CA ARG F 187 -70.55 70.07 -38.40
C ARG F 187 -70.40 69.27 -37.11
N VAL F 188 -69.45 69.68 -36.27
CA VAL F 188 -69.22 69.02 -34.98
C VAL F 188 -68.99 70.09 -33.91
N SER F 189 -69.66 69.98 -32.76
CA SER F 189 -69.54 71.01 -31.72
C SER F 189 -68.72 70.53 -30.52
N PHE F 190 -67.89 71.41 -29.97
CA PHE F 190 -67.14 71.06 -28.76
C PHE F 190 -67.21 72.21 -27.79
N VAL F 191 -66.96 71.91 -26.52
CA VAL F 191 -67.01 72.96 -25.49
C VAL F 191 -65.61 73.46 -25.21
N VAL F 192 -65.41 74.76 -25.39
CA VAL F 192 -64.09 75.35 -25.18
C VAL F 192 -63.88 75.70 -23.70
N SER F 193 -64.82 76.42 -23.11
CA SER F 193 -64.74 76.77 -21.69
C SER F 193 -65.97 76.26 -20.96
N PRO F 194 -65.80 75.38 -19.98
CA PRO F 194 -66.96 74.81 -19.29
C PRO F 194 -67.53 75.77 -18.25
N ALA F 195 -68.68 75.36 -17.71
CA ALA F 195 -69.34 76.15 -16.67
C ALA F 195 -68.56 76.06 -15.36
N ASP F 196 -68.65 77.12 -14.56
CA ASP F 196 -68.00 77.16 -13.25
C ASP F 196 -68.71 78.18 -12.37
N TRP F 197 -68.45 78.08 -11.07
CA TRP F 197 -68.95 79.06 -10.13
C TRP F 197 -68.26 80.40 -10.33
N VAL F 198 -69.07 81.44 -10.30
CA VAL F 198 -68.51 82.81 -10.42
C VAL F 198 -68.48 83.39 -9.00
N LEU F 199 -67.32 83.38 -8.36
CA LEU F 199 -67.24 83.84 -6.95
C LEU F 199 -67.80 85.27 -6.87
N PRO F 200 -68.44 85.66 -5.72
CA PRO F 200 -69.13 86.95 -5.69
C PRO F 200 -68.38 88.25 -5.74
N ALA F 201 -68.84 89.19 -6.54
CA ALA F 201 -68.25 90.51 -6.56
C ALA F 201 -68.51 91.16 -5.20
N ARG F 202 -69.73 91.01 -4.69
CA ARG F 202 -70.07 91.54 -3.37
C ARG F 202 -70.71 90.54 -2.41
N VAL F 203 -70.07 90.28 -1.28
CA VAL F 203 -70.66 89.40 -0.26
C VAL F 203 -71.91 89.99 0.37
N ASN F 204 -71.88 91.29 0.64
CA ASN F 204 -73.03 91.94 1.26
C ASN F 204 -73.80 92.78 0.25
N VAL G 150 -85.36 85.95 -45.28
CA VAL G 150 -84.29 85.74 -46.23
C VAL G 150 -83.14 84.97 -45.58
N ARG G 151 -83.10 84.95 -44.25
CA ARG G 151 -82.03 84.24 -43.53
C ARG G 151 -82.19 82.71 -43.55
N CYS G 152 -81.19 82.02 -44.09
CA CYS G 152 -81.23 80.55 -44.13
C CYS G 152 -80.03 79.98 -43.39
N ASP G 153 -80.25 79.03 -42.50
CA ASP G 153 -79.14 78.50 -41.69
C ASP G 153 -79.00 76.97 -41.66
N ASN G 154 -78.30 76.41 -42.65
CA ASN G 154 -78.04 74.97 -42.65
C ASN G 154 -76.75 74.62 -43.38
N PRO G 155 -76.10 73.50 -43.01
CA PRO G 155 -74.91 73.10 -43.77
C PRO G 155 -75.37 72.68 -45.17
N GLY G 156 -74.56 72.88 -46.19
CA GLY G 156 -75.00 72.58 -47.54
C GLY G 156 -75.20 71.12 -47.92
N THR G 157 -75.56 70.88 -49.18
CA THR G 157 -75.72 69.51 -49.67
C THR G 157 -75.07 69.40 -51.04
N VAL G 158 -74.42 68.28 -51.32
CA VAL G 158 -73.84 68.08 -52.65
C VAL G 158 -74.34 66.74 -53.12
N HIS G 159 -74.14 66.42 -54.39
CA HIS G 159 -74.53 65.10 -54.87
C HIS G 159 -73.29 64.30 -55.12
N PRO G 160 -73.17 63.16 -54.45
CA PRO G 160 -71.96 62.42 -54.77
C PRO G 160 -71.98 62.00 -56.23
N GLN G 161 -70.88 62.26 -56.94
CA GLN G 161 -70.81 61.90 -58.34
C GLN G 161 -69.66 60.96 -58.50
N ARG G 162 -69.89 59.83 -59.16
CA ARG G 162 -68.85 58.87 -59.34
C ARG G 162 -68.54 58.93 -60.81
N SER G 163 -67.25 59.02 -61.15
CA SER G 163 -66.83 59.11 -62.57
C SER G 163 -66.94 57.73 -63.21
N ARG G 164 -67.11 57.65 -64.53
CA ARG G 164 -67.16 56.37 -65.23
C ARG G 164 -65.78 55.74 -65.35
N ASP G 165 -65.72 54.41 -65.38
CA ASP G 165 -64.44 53.73 -65.59
C ASP G 165 -63.97 53.96 -67.00
N GLN G 166 -62.66 54.03 -67.21
CA GLN G 166 -62.16 54.14 -68.58
C GLN G 166 -61.61 52.80 -68.98
N ILE G 167 -62.02 52.31 -70.13
CA ILE G 167 -61.60 50.97 -70.54
C ILE G 167 -60.67 51.01 -71.73
N ALA G 168 -59.94 49.92 -71.94
CA ALA G 168 -59.07 49.83 -73.10
C ALA G 168 -59.14 48.44 -73.68
N THR G 169 -59.35 48.35 -74.99
CA THR G 169 -59.45 47.10 -75.71
C THR G 169 -58.30 46.99 -76.70
N VAL G 170 -57.63 45.83 -76.67
CA VAL G 170 -56.50 45.56 -77.57
C VAL G 170 -56.82 44.38 -78.47
N TRP G 171 -56.78 44.57 -79.79
CA TRP G 171 -56.98 43.45 -80.72
C TRP G 171 -55.76 42.54 -80.75
N ILE G 172 -56.00 41.23 -80.74
CA ILE G 172 -54.90 40.27 -80.78
C ILE G 172 -54.91 39.59 -82.15
N ALA G 173 -53.73 39.46 -82.76
CA ALA G 173 -53.63 38.75 -84.04
C ALA G 173 -53.58 37.24 -83.89
N PRO G 174 -53.91 36.47 -84.99
CA PRO G 174 -53.83 35.03 -84.83
C PRO G 174 -52.51 34.47 -84.33
N TRP G 175 -52.57 33.44 -83.47
CA TRP G 175 -51.35 32.89 -82.90
C TRP G 175 -51.42 31.42 -82.50
N VAL G 176 -50.26 30.77 -82.52
CA VAL G 176 -50.16 29.37 -82.12
C VAL G 176 -49.42 29.32 -80.80
N ASP G 177 -49.94 28.56 -79.84
CA ASP G 177 -49.35 28.42 -78.53
C ASP G 177 -48.42 27.21 -78.50
N SER G 178 -47.96 26.86 -77.30
CA SER G 178 -47.05 25.74 -77.11
C SER G 178 -47.70 24.40 -77.43
N ASP G 179 -49.03 24.34 -77.40
CA ASP G 179 -49.75 23.08 -77.63
C ASP G 179 -50.30 23.02 -79.03
N ASN G 180 -49.76 23.84 -79.92
CA ASN G 180 -50.18 23.82 -81.33
C ASN G 180 -51.67 23.94 -81.61
N ALA G 181 -52.35 24.86 -80.94
CA ALA G 181 -53.75 25.09 -81.26
C ALA G 181 -53.79 26.50 -81.82
N PHE G 182 -54.36 26.65 -83.01
CA PHE G 182 -54.46 27.96 -83.65
C PHE G 182 -55.45 28.85 -82.92
N HIS G 183 -55.08 30.12 -82.72
CA HIS G 183 -55.99 31.06 -82.06
C HIS G 183 -56.32 32.21 -82.98
N GLN G 184 -57.52 32.20 -83.57
CA GLN G 184 -57.95 33.23 -84.51
C GLN G 184 -58.03 34.59 -83.83
N PRO G 185 -58.01 35.69 -84.64
CA PRO G 185 -57.98 37.00 -83.96
C PRO G 185 -59.11 37.30 -82.99
N GLY G 186 -58.75 37.79 -81.83
CA GLY G 186 -59.72 38.17 -80.82
C GLY G 186 -59.36 39.49 -80.15
N ARG G 187 -59.93 39.74 -78.97
CA ARG G 187 -59.66 40.96 -78.25
C ARG G 187 -59.85 40.74 -76.76
N VAL G 188 -59.15 41.54 -75.94
CA VAL G 188 -59.27 41.45 -74.49
C VAL G 188 -59.36 42.87 -73.92
N SER G 189 -60.29 43.11 -73.00
CA SER G 189 -60.47 44.45 -72.45
C SER G 189 -60.00 44.57 -71.01
N PHE G 190 -59.37 45.70 -70.67
CA PHE G 190 -58.96 45.92 -69.29
C PHE G 190 -59.31 47.33 -68.89
N VAL G 191 -59.40 47.57 -67.58
CA VAL G 191 -59.74 48.91 -67.10
C VAL G 191 -58.49 49.66 -66.72
N VAL G 192 -58.26 50.80 -67.35
CA VAL G 192 -57.06 51.59 -67.08
C VAL G 192 -57.27 52.50 -65.87
N SER G 193 -58.35 53.25 -65.84
CA SER G 193 -58.65 54.13 -64.70
C SER G 193 -60.03 53.77 -64.14
N PRO G 194 -60.10 53.35 -62.88
CA PRO G 194 -61.38 52.93 -62.30
C PRO G 194 -62.23 54.13 -61.90
N ALA G 195 -63.47 53.82 -61.52
CA ALA G 195 -64.40 54.85 -61.06
C ALA G 195 -63.99 55.36 -59.68
N ASP G 196 -64.32 56.62 -59.42
CA ASP G 196 -64.04 57.23 -58.12
C ASP G 196 -64.98 58.40 -57.90
N TRP G 197 -65.08 58.83 -56.64
CA TRP G 197 -65.83 60.03 -56.31
C TRP G 197 -65.15 61.26 -56.87
N VAL G 198 -65.97 62.13 -57.43
CA VAL G 198 -65.42 63.42 -57.94
C VAL G 198 -65.79 64.48 -56.91
N LEU G 199 -64.84 64.86 -56.07
CA LEU G 199 -65.15 65.83 -54.98
C LEU G 199 -65.74 67.09 -55.60
N PRO G 200 -66.67 67.79 -54.88
CA PRO G 200 -67.38 68.91 -55.53
C PRO G 200 -66.67 70.18 -55.90
N ALA G 201 -66.93 70.68 -57.11
CA ALA G 201 -66.39 71.97 -57.49
C ALA G 201 -67.02 73.04 -56.61
N ARG G 202 -68.33 72.94 -56.38
CA ARG G 202 -69.02 73.88 -55.50
C ARG G 202 -69.85 73.23 -54.40
N VAL G 203 -69.54 73.50 -53.14
CA VAL G 203 -70.35 73.00 -52.02
C VAL G 203 -71.74 73.62 -51.99
N ASN G 204 -71.82 74.92 -52.26
CA ASN G 204 -73.10 75.60 -52.24
C ASN G 204 -73.60 75.89 -53.65
N VAL H 150 -72.54 51.09 -94.09
CA VAL H 150 -71.24 50.66 -94.60
C VAL H 150 -70.29 50.35 -93.46
N ARG H 151 -70.61 50.83 -92.25
CA ARG H 151 -69.75 50.59 -91.09
C ARG H 151 -69.85 49.16 -90.54
N CYS H 152 -68.73 48.45 -90.51
CA CYS H 152 -68.72 47.08 -89.98
C CYS H 152 -67.74 46.98 -88.82
N ASP H 153 -68.17 46.42 -87.70
CA ASP H 153 -67.30 46.38 -86.52
C ASP H 153 -67.13 45.01 -85.85
N ASN H 154 -66.18 44.21 -86.34
CA ASN H 154 -65.89 42.92 -85.71
C ASN H 154 -64.44 42.49 -85.92
N PRO H 155 -63.89 41.68 -85.00
CA PRO H 155 -62.53 41.18 -85.25
C PRO H 155 -62.60 40.21 -86.42
N GLY H 156 -61.54 40.11 -87.22
CA GLY H 156 -61.60 39.27 -88.40
C GLY H 156 -61.67 37.77 -88.22
N THR H 157 -61.67 37.02 -89.31
CA THR H 157 -61.65 35.56 -89.25
C THR H 157 -60.66 35.04 -90.27
N VAL H 158 -59.93 33.98 -89.93
CA VAL H 158 -59.02 33.38 -90.89
C VAL H 158 -59.35 31.91 -90.90
N HIS H 159 -58.81 31.16 -91.86
CA HIS H 159 -59.03 29.72 -91.86
C HIS H 159 -57.74 29.04 -91.47
N PRO H 160 -57.77 28.27 -90.39
CA PRO H 160 -56.50 27.62 -90.10
C PRO H 160 -56.12 26.69 -91.25
N GLN H 161 -54.88 26.79 -91.71
CA GLN H 161 -54.44 25.95 -92.81
C GLN H 161 -53.26 25.17 -92.31
N ARG H 162 -53.29 23.87 -92.50
CA ARG H 162 -52.20 23.04 -92.04
C ARG H 162 -51.52 22.59 -93.29
N SER H 163 -50.19 22.71 -93.33
CA SER H 163 -49.41 22.31 -94.53
C SER H 163 -49.31 20.79 -94.59
N ARG H 164 -49.13 20.20 -95.76
CA ARG H 164 -48.95 18.75 -95.88
C ARG H 164 -47.58 18.31 -95.42
N ASP H 165 -47.47 17.08 -94.92
CA ASP H 165 -46.17 16.54 -94.53
C ASP H 165 -45.34 16.29 -95.77
N GLN H 166 -44.04 16.44 -95.68
CA GLN H 166 -43.19 16.09 -96.82
C GLN H 166 -42.52 14.78 -96.52
N ILE H 167 -42.60 13.84 -97.44
CA ILE H 167 -42.06 12.52 -97.18
C ILE H 167 -40.84 12.23 -98.03
N ALA H 168 -40.06 11.24 -97.62
CA ALA H 168 -38.91 10.84 -98.41
C ALA H 168 -38.79 9.33 -98.40
N THR H 169 -38.64 8.73 -99.58
CA THR H 169 -38.51 7.29 -99.74
C THR H 169 -37.14 6.97 -100.31
N VAL H 170 -36.47 6.01 -99.67
CA VAL H 170 -35.13 5.56 -100.10
C VAL H 170 -35.17 4.09 -100.51
N TRP H 171 -34.80 3.78 -101.74
CA TRP H 171 -34.72 2.39 -102.17
C TRP H 171 -33.50 1.69 -101.57
N ILE H 172 -33.70 0.47 -101.08
CA ILE H 172 -32.61 -0.30 -100.49
C ILE H 172 -32.24 -1.43 -101.43
N ALA H 173 -30.94 -1.64 -101.64
CA ALA H 173 -30.48 -2.75 -102.48
C ALA H 173 -30.44 -4.08 -101.75
N PRO H 174 -30.45 -5.23 -102.50
CA PRO H 174 -30.37 -6.49 -101.77
C PRO H 174 -29.22 -6.65 -100.79
N TRP H 175 -29.48 -7.28 -99.64
CA TRP H 175 -28.44 -7.42 -98.62
C TRP H 175 -28.57 -8.63 -97.71
N VAL H 176 -27.43 -9.09 -97.21
CA VAL H 176 -27.40 -10.20 -96.28
C VAL H 176 -27.03 -9.66 -94.90
N ASP H 177 -27.77 -10.07 -93.88
CA ASP H 177 -27.54 -9.63 -92.51
C ASP H 177 -26.62 -10.61 -91.79
N SER H 178 -26.50 -10.42 -90.47
CA SER H 178 -25.64 -11.28 -89.66
C SER H 178 -26.14 -12.70 -89.56
N ASP H 179 -27.44 -12.91 -89.82
CA ASP H 179 -28.04 -14.24 -89.69
C ASP H 179 -28.20 -14.90 -91.04
N ASN H 180 -27.45 -14.41 -92.04
CA ASN H 180 -27.49 -15.01 -93.37
C ASN H 180 -28.86 -15.19 -94.00
N ALA H 181 -29.72 -14.18 -93.95
CA ALA H 181 -30.98 -14.27 -94.65
C ALA H 181 -30.91 -13.19 -95.71
N PHE H 182 -31.15 -13.58 -96.97
CA PHE H 182 -31.11 -12.63 -98.07
C PHE H 182 -32.28 -11.65 -98.00
N HIS H 183 -32.01 -10.37 -98.24
CA HIS H 183 -33.08 -9.38 -98.24
C HIS H 183 -33.19 -8.71 -99.60
N GLN H 184 -34.19 -9.10 -100.39
CA GLN H 184 -34.38 -8.55 -101.73
C GLN H 184 -34.68 -7.05 -101.67
N PRO H 185 -34.47 -6.34 -102.83
CA PRO H 185 -34.66 -4.89 -102.73
C PRO H 185 -36.00 -4.39 -102.26
N GLY H 186 -35.98 -3.45 -101.34
CA GLY H 186 -37.20 -2.85 -100.82
C GLY H 186 -37.06 -1.35 -100.66
N ARG H 187 -37.92 -0.75 -99.84
CA ARG H 187 -37.89 0.68 -99.62
C ARG H 187 -38.46 1.01 -98.25
N VAL H 188 -38.02 2.14 -97.69
CA VAL H 188 -38.51 2.59 -96.37
C VAL H 188 -38.79 4.10 -96.45
N SER H 189 -39.94 4.54 -95.95
CA SER H 189 -40.29 5.95 -96.04
C SER H 189 -40.22 6.66 -94.70
N PHE H 190 -39.72 7.90 -94.69
CA PHE H 190 -39.70 8.67 -93.45
C PHE H 190 -40.18 10.08 -93.74
N VAL H 191 -40.62 10.78 -92.69
CA VAL H 191 -41.12 12.15 -92.87
C VAL H 191 -40.02 13.13 -92.54
N VAL H 192 -39.68 13.98 -93.50
CA VAL H 192 -38.61 14.96 -93.29
C VAL H 192 -39.15 16.22 -92.62
N SER H 193 -40.22 16.79 -93.14
CA SER H 193 -40.83 17.97 -92.55
C SER H 193 -42.30 17.68 -92.23
N PRO H 194 -42.69 17.76 -90.96
CA PRO H 194 -44.07 17.44 -90.58
C PRO H 194 -45.02 18.58 -90.89
N ALA H 195 -46.31 18.27 -90.72
CA ALA H 195 -47.35 19.28 -90.94
C ALA H 195 -47.34 20.31 -89.82
N ASP H 196 -47.76 21.53 -90.16
CA ASP H 196 -47.85 22.60 -89.17
C ASP H 196 -48.84 23.65 -89.67
N TRP H 197 -49.28 24.50 -88.74
CA TRP H 197 -50.13 25.63 -89.11
C TRP H 197 -49.35 26.64 -89.92
N VAL H 198 -50.01 27.12 -90.96
CA VAL H 198 -49.38 28.17 -91.80
C VAL H 198 -50.03 29.49 -91.38
N LEU H 199 -49.36 30.29 -90.56
CA LEU H 199 -49.97 31.54 -90.05
C LEU H 199 -50.41 32.40 -91.23
N PRO H 200 -51.51 33.20 -91.09
CA PRO H 200 -52.05 33.88 -92.28
C PRO H 200 -51.31 35.00 -92.95
N ALA H 201 -51.25 34.97 -94.27
CA ALA H 201 -50.66 36.08 -95.00
C ALA H 201 -51.52 37.31 -94.79
N ARG H 202 -52.85 37.14 -94.85
CA ARG H 202 -53.77 38.25 -94.59
C ARG H 202 -54.85 37.95 -93.56
N VAL H 203 -54.88 38.72 -92.48
CA VAL H 203 -55.95 38.57 -91.47
C VAL H 203 -57.31 38.98 -92.01
N ASN H 204 -57.35 40.06 -92.77
CA ASN H 204 -58.62 40.54 -93.33
C ASN H 204 -58.72 40.21 -94.81
N VAL I 150 -46.37 2.40 -120.70
CA VAL I 150 -44.98 1.98 -120.68
C VAL I 150 -44.36 2.25 -119.32
N ARG I 151 -44.99 3.10 -118.52
CA ARG I 151 -44.47 3.42 -117.19
C ARG I 151 -44.67 2.31 -116.16
N CYS I 152 -43.58 1.80 -115.59
CA CYS I 152 -43.68 0.75 -114.57
C CYS I 152 -43.04 1.22 -113.27
N ASP I 153 -43.73 1.06 -112.16
CA ASP I 153 -43.20 1.58 -110.88
C ASP I 153 -43.18 0.60 -109.71
N ASN I 154 -42.11 -0.20 -109.61
CA ASN I 154 -41.97 -1.12 -108.48
C ASN I 154 -40.51 -1.40 -108.15
N PRO I 155 -40.20 -1.73 -106.88
CA PRO I 155 -38.81 -2.11 -106.59
C PRO I 155 -38.54 -3.44 -107.27
N GLY I 156 -37.31 -3.71 -107.68
CA GLY I 156 -37.03 -4.92 -108.42
C GLY I 156 -37.10 -6.24 -107.68
N THR I 157 -36.79 -7.34 -108.36
CA THR I 157 -36.76 -8.66 -107.73
C THR I 157 -35.52 -9.39 -108.20
N VAL I 158 -34.88 -10.14 -107.30
CA VAL I 158 -33.74 -10.94 -107.71
C VAL I 158 -34.01 -12.33 -107.21
N HIS I 159 -33.22 -13.31 -107.64
CA HIS I 159 -33.39 -14.67 -107.12
C HIS I 159 -32.24 -14.97 -106.21
N PRO I 160 -32.53 -15.29 -104.95
CA PRO I 160 -31.36 -15.61 -104.15
C PRO I 160 -30.67 -16.85 -104.70
N GLN I 161 -29.36 -16.78 -104.88
CA GLN I 161 -28.61 -17.90 -105.41
C GLN I 161 -27.59 -18.27 -104.39
N ARG I 162 -27.53 -19.55 -104.04
CA ARG I 162 -26.59 -19.99 -103.06
C ARG I 162 -25.58 -20.80 -103.83
N SER I 163 -24.30 -20.53 -103.60
CA SER I 163 -23.22 -21.25 -104.33
C SER I 163 -23.07 -22.65 -103.76
N ARG I 164 -22.57 -23.61 -104.53
CA ARG I 164 -22.33 -24.96 -104.02
C ARG I 164 -21.12 -25.02 -103.12
N ASP I 165 -21.11 -25.95 -102.15
CA ASP I 165 -19.95 -26.13 -101.30
C ASP I 165 -18.82 -26.73 -102.11
N GLN I 166 -17.58 -26.39 -101.78
CA GLN I 166 -16.46 -27.02 -102.45
C GLN I 166 -15.86 -28.03 -101.51
N ILE I 167 -15.66 -29.25 -101.98
CA ILE I 167 -15.18 -30.29 -101.10
C ILE I 167 -13.77 -30.73 -101.46
N ALA I 168 -13.11 -31.38 -100.52
CA ALA I 168 -11.78 -31.90 -100.80
C ALA I 168 -11.62 -33.27 -100.16
N THR I 169 -11.15 -34.24 -100.94
CA THR I 169 -10.95 -35.61 -100.48
C THR I 169 -9.47 -35.94 -100.55
N VAL I 170 -8.97 -36.50 -99.44
CA VAL I 170 -7.56 -36.89 -99.34
C VAL I 170 -7.45 -38.40 -99.13
N TRP I 171 -6.75 -39.11 -100.01
CA TRP I 171 -6.52 -40.54 -99.83
C TRP I 171 -5.50 -40.79 -98.72
N ILE I 172 -5.78 -41.77 -97.86
CA ILE I 172 -4.87 -42.11 -96.77
C ILE I 172 -4.23 -43.45 -97.08
N ALA I 173 -2.91 -43.56 -96.89
CA ALA I 173 -2.23 -44.82 -97.08
C ALA I 173 -2.35 -45.77 -95.89
N PRO I 174 -2.12 -47.12 -96.11
CA PRO I 174 -2.21 -47.98 -94.94
C PRO I 174 -1.35 -47.62 -93.74
N TRP I 175 -1.90 -47.79 -92.53
CA TRP I 175 -1.15 -47.41 -91.33
C TRP I 175 -1.49 -48.20 -90.07
N VAL I 176 -0.51 -48.28 -89.18
CA VAL I 176 -0.71 -48.95 -87.90
C VAL I 176 -0.72 -47.90 -86.81
N ASP I 177 -1.70 -47.98 -85.91
CA ASP I 177 -1.85 -47.04 -84.82
C ASP I 177 -1.13 -47.55 -83.58
N SER I 178 -1.36 -46.87 -82.45
CA SER I 178 -0.72 -47.24 -81.19
C SER I 178 -1.20 -48.58 -80.66
N ASP I 179 -2.38 -49.02 -81.11
CA ASP I 179 -2.96 -50.27 -80.61
C ASP I 179 -2.73 -51.41 -81.59
N ASN I 180 -1.77 -51.24 -82.49
CA ASN I 180 -1.43 -52.29 -83.45
C ASN I 180 -2.58 -52.87 -84.25
N ALA I 181 -3.45 -52.03 -84.81
CA ALA I 181 -4.48 -52.53 -85.69
C ALA I 181 -4.16 -51.93 -87.04
N PHE I 182 -4.05 -52.79 -88.05
CA PHE I 182 -3.74 -52.32 -89.41
C PHE I 182 -4.91 -51.56 -90.00
N HIS I 183 -4.62 -50.43 -90.65
CA HIS I 183 -5.68 -49.65 -91.29
C HIS I 183 -5.45 -49.57 -92.79
N GLN I 184 -6.19 -50.34 -93.58
CA GLN I 184 -6.04 -50.37 -95.03
C GLN I 184 -6.37 -49.01 -95.65
N PRO I 185 -5.89 -48.77 -96.90
CA PRO I 185 -6.13 -47.42 -97.43
C PRO I 185 -7.56 -46.96 -97.52
N GLY I 186 -7.81 -45.74 -97.07
CA GLY I 186 -9.13 -45.16 -97.12
C GLY I 186 -9.08 -43.70 -97.55
N ARG I 187 -10.15 -42.95 -97.26
CA ARG I 187 -10.21 -41.55 -97.62
C ARG I 187 -11.13 -40.81 -96.66
N VAL I 188 -10.89 -39.50 -96.51
CA VAL I 188 -11.72 -38.66 -95.64
C VAL I 188 -12.00 -37.34 -96.36
N SER I 189 -13.26 -36.90 -96.36
CA SER I 189 -13.61 -35.67 -97.09
C SER I 189 -13.91 -34.50 -96.15
N PHE I 190 -13.47 -33.30 -96.51
CA PHE I 190 -13.79 -32.13 -95.72
C PHE I 190 -14.22 -31.00 -96.64
N VAL I 191 -14.94 -30.02 -96.10
CA VAL I 191 -15.40 -28.90 -96.91
C VAL I 191 -14.46 -27.73 -96.75
N VAL I 192 -13.90 -27.26 -97.86
CA VAL I 192 -12.95 -26.16 -97.80
C VAL I 192 -13.67 -24.82 -97.82
N SER I 193 -14.59 -24.62 -98.78
CA SER I 193 -15.36 -23.40 -98.85
C SER I 193 -16.85 -23.72 -98.80
N PRO I 194 -17.56 -23.23 -97.80
CA PRO I 194 -18.99 -23.56 -97.65
C PRO I 194 -19.86 -22.75 -98.60
N ALA I 195 -21.14 -23.12 -98.63
CA ALA I 195 -22.11 -22.43 -99.46
C ALA I 195 -22.42 -21.05 -98.87
N ASP I 196 -22.77 -20.11 -99.75
CA ASP I 196 -23.14 -18.77 -99.32
C ASP I 196 -23.99 -18.12 -100.41
N TRP I 197 -24.68 -17.05 -100.03
CA TRP I 197 -25.43 -16.25 -100.98
C TRP I 197 -24.49 -15.53 -101.92
N VAL I 198 -24.86 -15.57 -103.20
CA VAL I 198 -24.07 -14.83 -104.21
C VAL I 198 -24.84 -13.55 -104.51
N LEU I 199 -24.42 -12.43 -103.94
CA LEU I 199 -25.18 -11.17 -104.12
C LEU I 199 -25.31 -10.87 -105.62
N PRO I 200 -26.43 -10.23 -106.06
CA PRO I 200 -26.66 -10.12 -107.51
C PRO I 200 -25.80 -9.24 -108.38
N ALA I 201 -25.39 -9.76 -109.53
CA ALA I 201 -24.66 -8.94 -110.48
C ALA I 201 -25.58 -7.83 -110.98
N ARG I 202 -26.83 -8.19 -111.27
CA ARG I 202 -27.82 -7.19 -111.69
C ARG I 202 -29.12 -7.21 -110.91
N VAL I 203 -29.46 -6.10 -110.26
CA VAL I 203 -30.75 -6.01 -109.56
C VAL I 203 -31.93 -6.01 -110.52
N ASN I 204 -31.80 -5.30 -111.63
CA ASN I 204 -32.88 -5.23 -112.60
C ASN I 204 -32.59 -6.10 -113.82
N VAL J 150 -12.86 -48.95 -119.00
CA VAL J 150 -11.51 -49.15 -118.50
C VAL J 150 -11.28 -48.32 -117.25
N ARG J 151 -12.13 -47.31 -117.03
CA ARG J 151 -11.98 -46.46 -115.85
C ARG J 151 -12.42 -47.12 -114.54
N CYS J 152 -11.51 -47.23 -113.58
CA CYS J 152 -11.84 -47.83 -112.28
C CYS J 152 -11.58 -46.83 -111.16
N ASP J 153 -12.54 -46.64 -110.27
CA ASP J 153 -12.38 -45.62 -109.22
C ASP J 153 -12.64 -46.09 -107.79
N ASN J 154 -11.62 -46.64 -107.13
CA ASN J 154 -11.76 -47.05 -105.73
C ASN J 154 -10.43 -46.99 -104.99
N PRO J 155 -10.45 -46.79 -103.66
CA PRO J 155 -9.18 -46.84 -102.93
C PRO J 155 -8.71 -48.29 -102.93
N GLY J 156 -7.41 -48.53 -102.92
CA GLY J 156 -6.91 -49.89 -103.03
C GLY J 156 -7.14 -50.83 -101.86
N THR J 157 -6.64 -52.06 -101.96
CA THR J 157 -6.74 -53.02 -100.87
C THR J 157 -5.40 -53.72 -100.71
N VAL J 158 -5.00 -53.99 -99.47
CA VAL J 158 -3.77 -54.72 -99.25
C VAL J 158 -4.12 -55.85 -98.31
N HIS J 159 -3.22 -56.82 -98.13
CA HIS J 159 -3.50 -57.88 -97.18
C HIS J 159 -2.62 -57.67 -95.97
N PRO J 160 -3.22 -57.53 -94.80
CA PRO J 160 -2.30 -57.38 -93.68
C PRO J 160 -1.46 -58.63 -93.53
N GLN J 161 -0.15 -58.46 -93.41
CA GLN J 161 0.74 -59.60 -93.26
C GLN J 161 1.46 -59.43 -91.96
N ARG J 162 1.46 -60.46 -91.14
CA ARG J 162 2.12 -60.38 -89.87
C ARG J 162 3.32 -61.29 -90.00
N SER J 163 4.49 -60.79 -89.61
CA SER J 163 5.74 -61.58 -89.72
C SER J 163 5.77 -62.64 -88.62
N ARG J 164 6.48 -63.74 -88.81
CA ARG J 164 6.61 -64.76 -87.77
C ARG J 164 7.54 -64.33 -86.66
N ASP J 165 7.31 -64.82 -85.44
CA ASP J 165 8.22 -64.52 -84.33
C ASP J 165 9.54 -65.22 -84.55
N GLN J 166 10.63 -64.62 -84.11
CA GLN J 166 11.90 -65.32 -84.20
C GLN J 166 12.27 -65.82 -82.82
N ILE J 167 12.61 -67.09 -82.71
CA ILE J 167 12.87 -67.66 -81.40
C ILE J 167 14.33 -68.01 -81.22
N ALA J 168 14.75 -68.18 -79.97
CA ALA J 168 16.12 -68.59 -79.70
C ALA J 168 16.13 -69.58 -78.56
N THR J 169 16.81 -70.71 -78.77
CA THR J 169 16.92 -71.77 -77.77
C THR J 169 18.38 -71.90 -77.34
N VAL J 170 18.58 -71.94 -76.02
CA VAL J 170 19.92 -72.09 -75.45
C VAL J 170 20.01 -73.38 -74.64
N TRP J 171 20.94 -74.27 -74.99
CA TRP J 171 21.14 -75.48 -74.20
C TRP J 171 21.85 -75.17 -72.88
N ILE J 172 21.37 -75.78 -71.80
CA ILE J 172 21.97 -75.57 -70.49
C ILE J 172 22.70 -76.83 -70.08
N ALA J 173 23.92 -76.69 -69.56
CA ALA J 173 24.67 -77.85 -69.07
C ALA J 173 24.26 -78.28 -67.67
N PRO J 174 24.57 -79.56 -67.27
CA PRO J 174 24.20 -79.94 -65.92
C PRO J 174 24.70 -79.05 -64.79
N TRP J 175 23.86 -78.82 -63.78
CA TRP J 175 24.25 -77.92 -62.69
C TRP J 175 23.61 -78.21 -61.34
N VAL J 176 24.32 -77.83 -60.28
CA VAL J 176 23.81 -78.00 -58.93
C VAL J 176 23.48 -76.62 -58.38
N ASP J 177 22.30 -76.49 -57.78
CA ASP J 177 21.84 -75.22 -57.21
C ASP J 177 22.23 -75.14 -55.73
N SER J 178 21.69 -74.12 -55.06
CA SER J 178 21.98 -73.91 -53.64
C SER J 178 21.41 -75.00 -52.76
N ASP J 179 20.41 -75.73 -53.25
CA ASP J 179 19.75 -76.76 -52.45
C ASP J 179 20.25 -78.14 -52.82
N ASN J 180 21.42 -78.19 -53.46
CA ASN J 180 22.02 -79.48 -53.81
C ASN J 180 21.14 -80.47 -54.57
N ALA J 181 20.43 -80.01 -55.60
CA ALA J 181 19.68 -80.94 -56.43
C ALA J 181 20.33 -80.86 -57.79
N PHE J 182 20.73 -82.01 -58.33
CA PHE J 182 21.37 -82.05 -59.64
C PHE J 182 20.38 -81.71 -60.75
N HIS J 183 20.81 -80.89 -61.70
CA HIS J 183 19.93 -80.55 -62.83
C HIS J 183 20.55 -81.00 -64.14
N GLN J 184 20.06 -82.10 -64.71
CA GLN J 184 20.60 -82.65 -65.95
C GLN J 184 20.40 -81.67 -67.10
N PRO J 185 21.20 -81.86 -68.21
CA PRO J 185 21.07 -80.86 -69.27
C PRO J 185 19.70 -80.65 -69.86
N GLY J 186 19.30 -79.39 -70.00
CA GLY J 186 18.03 -79.05 -70.59
C GLY J 186 18.15 -77.85 -71.53
N ARG J 187 17.03 -77.20 -71.82
CA ARG J 187 17.03 -76.05 -72.70
C ARG J 187 15.87 -75.13 -72.36
N VAL J 188 16.03 -73.84 -72.68
CA VAL J 188 14.98 -72.85 -72.44
C VAL J 188 14.86 -71.94 -73.67
N SER J 189 13.64 -71.69 -74.13
CA SER J 189 13.46 -70.89 -75.34
C SER J 189 12.89 -69.51 -75.05
N PHE J 190 13.38 -68.48 -75.74
CA PHE J 190 12.83 -67.14 -75.58
C PHE J 190 12.64 -66.51 -76.93
N VAL J 191 11.77 -65.50 -77.01
CA VAL J 191 11.51 -64.84 -78.28
C VAL J 191 12.34 -63.57 -78.38
N VAL J 192 13.17 -63.49 -79.42
CA VAL J 192 14.05 -62.34 -79.59
C VAL J 192 13.32 -61.21 -80.31
N SER J 193 12.68 -61.50 -81.44
CA SER J 193 11.92 -60.50 -82.17
C SER J 193 10.48 -60.98 -82.35
N PRO J 194 9.52 -60.24 -81.82
CA PRO J 194 8.12 -60.67 -81.88
C PRO J 194 7.50 -60.38 -83.25
N ALA J 195 6.29 -60.91 -83.43
CA ALA J 195 5.55 -60.70 -84.68
C ALA J 195 5.07 -59.26 -84.76
N ASP J 196 4.94 -58.77 -85.99
CA ASP J 196 4.43 -57.42 -86.24
C ASP J 196 3.88 -57.34 -87.65
N TRP J 197 3.09 -56.30 -87.90
CA TRP J 197 2.59 -56.02 -89.23
C TRP J 197 3.73 -55.60 -90.14
N VAL J 198 3.71 -56.16 -91.35
CA VAL J 198 4.72 -55.76 -92.35
C VAL J 198 4.03 -54.79 -93.30
N LEU J 199 4.25 -53.49 -93.14
CA LEU J 199 3.54 -52.50 -93.99
C LEU J 199 3.79 -52.81 -95.45
N PRO J 200 2.82 -52.53 -96.36
CA PRO J 200 2.98 -53.00 -97.75
C PRO J 200 4.02 -52.41 -98.66
N ALA J 201 4.73 -53.26 -99.39
CA ALA J 201 5.66 -52.77 -100.38
C ALA J 201 4.88 -52.06 -101.48
N ARG J 202 3.75 -52.65 -101.89
CA ARG J 202 2.90 -52.02 -102.89
C ARG J 202 1.43 -51.91 -102.49
N VAL J 203 0.90 -50.70 -102.43
CA VAL J 203 -0.53 -50.50 -102.14
C VAL J 203 -1.42 -51.01 -103.27
N ASN J 204 -1.01 -50.78 -104.51
CA ASN J 204 -1.80 -51.21 -105.65
C ASN J 204 -1.17 -52.43 -106.32
N VAL K 150 20.32 -91.21 -89.39
CA VAL K 150 21.49 -91.03 -88.56
C VAL K 150 21.36 -89.77 -87.72
N ARG K 151 20.46 -88.87 -88.12
CA ARG K 151 20.27 -87.62 -87.37
C ARG K 151 19.52 -87.80 -86.05
N CYS K 152 20.14 -87.42 -84.94
CA CYS K 152 19.50 -87.53 -83.63
C CYS K 152 19.43 -86.16 -82.98
N ASP K 153 18.26 -85.76 -82.48
CA ASP K 153 18.11 -84.42 -81.92
C ASP K 153 17.49 -84.34 -80.51
N ASN K 154 18.31 -84.48 -79.48
CA ASN K 154 17.82 -84.34 -78.10
C ASN K 154 18.91 -83.84 -77.15
N PRO K 155 18.52 -83.15 -76.06
CA PRO K 155 19.56 -82.78 -75.09
C PRO K 155 20.06 -84.05 -74.41
N GLY K 156 21.31 -84.09 -74.01
CA GLY K 156 21.85 -85.31 -73.44
C GLY K 156 21.35 -85.78 -72.10
N THR K 157 21.89 -86.88 -71.58
CA THR K 157 21.53 -87.36 -70.26
C THR K 157 22.80 -87.78 -69.52
N VAL K 158 22.86 -87.51 -68.22
CA VAL K 158 24.01 -87.94 -67.45
C VAL K 158 23.45 -88.68 -66.25
N HIS K 159 24.29 -89.37 -65.50
CA HIS K 159 23.81 -90.03 -64.29
C HIS K 159 24.34 -89.28 -63.10
N PRO K 160 23.43 -88.78 -62.25
CA PRO K 160 24.02 -88.11 -61.11
C PRO K 160 24.83 -89.10 -60.28
N GLN K 161 26.05 -88.73 -59.93
CA GLN K 161 26.89 -89.60 -59.15
C GLN K 161 27.25 -88.87 -57.89
N ARG K 162 27.06 -89.51 -56.75
CA ARG K 162 27.36 -88.88 -55.50
C ARG K 162 28.57 -89.60 -54.99
N SER K 163 29.58 -88.85 -54.55
CA SER K 163 30.83 -89.46 -54.05
C SER K 163 30.60 -90.01 -52.65
N ARG K 164 31.36 -91.00 -52.22
CA ARG K 164 31.24 -91.53 -50.86
C ARG K 164 31.83 -90.60 -49.82
N ASP K 165 31.30 -90.62 -48.61
CA ASP K 165 31.88 -89.81 -47.52
C ASP K 165 33.22 -90.38 -47.14
N GLN K 166 34.15 -89.53 -46.72
CA GLN K 166 35.42 -90.03 -46.22
C GLN K 166 35.41 -89.92 -44.72
N ILE K 167 35.75 -91.02 -44.04
CA ILE K 167 35.67 -91.01 -42.59
C ILE K 167 37.04 -91.08 -41.95
N ALA K 168 37.11 -90.71 -40.68
CA ALA K 168 38.37 -90.81 -39.96
C ALA K 168 38.11 -91.30 -38.55
N THR K 169 38.85 -92.32 -38.13
CA THR K 169 38.72 -92.91 -36.81
C THR K 169 40.01 -92.68 -36.03
N VAL K 170 39.86 -92.20 -34.79
CA VAL K 170 41.00 -91.95 -33.92
C VAL K 170 40.91 -92.82 -32.66
N TRP K 171 41.92 -93.65 -32.41
CA TRP K 171 41.94 -94.44 -31.17
C TRP K 171 42.26 -93.58 -29.97
N ILE K 172 41.53 -93.78 -28.87
CA ILE K 172 41.76 -93.03 -27.65
C ILE K 172 42.39 -93.94 -26.62
N ALA K 173 43.42 -93.46 -25.93
CA ALA K 173 44.05 -94.25 -24.86
C ALA K 173 43.29 -94.16 -23.54
N PRO K 174 43.52 -95.16 -22.62
CA PRO K 174 42.81 -95.04 -21.34
C PRO K 174 42.98 -93.74 -20.58
N TRP K 175 41.89 -93.25 -19.96
CA TRP K 175 41.95 -91.98 -19.26
C TRP K 175 40.99 -91.82 -18.10
N VAL K 176 41.38 -90.97 -17.14
CA VAL K 176 40.54 -90.69 -15.99
C VAL K 176 40.04 -89.26 -16.12
N ASP K 177 38.74 -89.06 -15.92
CA ASP K 177 38.12 -87.75 -16.02
C ASP K 177 38.09 -87.07 -14.65
N SER K 178 37.37 -85.94 -14.58
CA SER K 178 37.27 -85.18 -13.34
C SER K 178 36.52 -85.93 -12.25
N ASP K 179 35.70 -86.91 -12.64
CA ASP K 179 34.88 -87.64 -11.67
C ASP K 179 35.50 -88.98 -11.33
N ASN K 180 36.79 -89.12 -11.62
CA ASN K 180 37.50 -90.36 -11.28
C ASN K 180 36.88 -91.66 -11.77
N ALA K 181 36.45 -91.72 -13.03
CA ALA K 181 35.97 -92.98 -13.57
C ALA K 181 36.96 -93.33 -14.67
N PHE K 182 37.51 -94.53 -14.60
CA PHE K 182 38.48 -94.98 -15.59
C PHE K 182 37.81 -95.21 -16.93
N HIS K 183 38.45 -94.76 -18.01
CA HIS K 183 37.90 -94.99 -19.35
C HIS K 183 38.85 -95.81 -20.19
N GLN K 184 38.55 -97.09 -20.37
CA GLN K 184 39.41 -98.00 -21.14
C GLN K 184 39.51 -97.57 -22.60
N PRO K 185 40.57 -98.05 -23.32
CA PRO K 185 40.70 -97.53 -24.69
C PRO K 185 39.53 -97.74 -25.62
N GLY K 186 39.16 -96.70 -26.33
CA GLY K 186 38.08 -96.75 -27.29
C GLY K 186 38.41 -96.01 -28.56
N ARG K 187 37.39 -95.65 -29.34
CA ARG K 187 37.60 -94.93 -30.58
C ARG K 187 36.37 -94.10 -30.91
N VAL K 188 36.57 -93.02 -31.67
CA VAL K 188 35.46 -92.15 -32.09
C VAL K 188 35.65 -91.79 -33.57
N SER K 189 34.59 -91.90 -34.37
CA SER K 189 34.72 -91.63 -35.80
C SER K 189 34.06 -90.33 -36.21
N PHE K 190 34.69 -89.58 -37.12
CA PHE K 190 34.07 -88.36 -37.63
C PHE K 190 34.23 -88.31 -39.13
N VAL K 191 33.39 -87.52 -39.80
CA VAL K 191 33.46 -87.42 -41.25
C VAL K 191 34.25 -86.19 -41.65
N VAL K 192 35.33 -86.40 -42.40
CA VAL K 192 36.18 -85.30 -42.81
C VAL K 192 35.64 -84.63 -44.07
N SER K 193 35.33 -85.39 -45.10
CA SER K 193 34.77 -84.85 -46.34
C SER K 193 33.44 -85.53 -46.63
N PRO K 194 32.35 -84.78 -46.68
CA PRO K 194 31.03 -85.38 -46.90
C PRO K 194 30.80 -85.71 -48.36
N ALA K 195 29.68 -86.41 -48.60
CA ALA K 195 29.30 -86.78 -49.95
C ALA K 195 28.81 -85.55 -50.72
N ASP K 196 29.00 -85.58 -52.04
CA ASP K 196 28.54 -84.49 -52.90
C ASP K 196 28.38 -85.02 -54.32
N TRP K 197 27.66 -84.26 -55.13
CA TRP K 197 27.53 -84.58 -56.55
C TRP K 197 28.86 -84.38 -57.26
N VAL K 198 29.17 -85.34 -58.11
CA VAL K 198 30.40 -85.22 -58.93
C VAL K 198 29.96 -84.78 -60.32
N LEU K 199 30.09 -83.50 -60.64
CA LEU K 199 29.60 -82.99 -61.94
C LEU K 199 30.25 -83.80 -63.06
N PRO K 200 29.54 -84.00 -64.21
CA PRO K 200 30.07 -84.93 -65.23
C PRO K 200 31.31 -84.61 -66.02
N ALA K 201 32.20 -85.57 -66.17
CA ALA K 201 33.35 -85.38 -67.02
C ALA K 201 32.87 -85.23 -68.46
N ARG K 202 31.91 -86.08 -68.85
CA ARG K 202 31.33 -85.98 -70.20
C ARG K 202 29.81 -85.92 -70.23
N VAL K 203 29.25 -84.85 -70.78
CA VAL K 203 27.79 -84.74 -70.93
C VAL K 203 27.24 -85.74 -71.94
N ASN K 204 27.96 -85.93 -73.04
CA ASN K 204 27.52 -86.87 -74.06
C ASN K 204 28.33 -88.15 -74.03
N VAL L 150 45.57 -114.69 -38.66
CA VAL L 150 46.47 -114.06 -37.71
C VAL L 150 46.09 -112.60 -37.50
N ARG L 151 45.30 -112.04 -38.41
CA ARG L 151 44.89 -110.64 -38.29
C ARG L 151 43.82 -110.41 -37.22
N CYS L 152 44.12 -109.56 -36.25
CA CYS L 152 43.15 -109.25 -35.18
C CYS L 152 42.88 -107.76 -35.16
N ASP L 153 41.62 -107.36 -35.14
CA ASP L 153 41.28 -105.93 -35.20
C ASP L 153 40.31 -105.41 -34.14
N ASN L 154 40.84 -105.04 -32.97
CA ASN L 154 40.00 -104.46 -31.92
C ASN L 154 40.78 -103.51 -31.02
N PRO L 155 40.11 -102.52 -30.41
CA PRO L 155 40.83 -101.67 -29.46
C PRO L 155 41.16 -102.52 -28.24
N GLY L 156 42.28 -102.26 -27.56
CA GLY L 156 42.68 -103.10 -26.45
C GLY L 156 41.84 -103.08 -25.18
N THR L 157 42.26 -103.83 -24.17
CA THR L 157 41.58 -103.83 -22.89
C THR L 157 42.61 -103.77 -21.78
N VAL L 158 42.33 -103.03 -20.71
CA VAL L 158 43.24 -102.99 -19.58
C VAL L 158 42.41 -103.29 -18.36
N HIS L 159 43.03 -103.53 -17.22
CA HIS L 159 42.26 -103.75 -16.01
C HIS L 159 42.44 -102.54 -15.12
N PRO L 160 41.33 -101.89 -14.77
CA PRO L 160 41.58 -100.76 -13.88
C PRO L 160 42.16 -101.25 -12.57
N GLN L 161 43.24 -100.62 -12.12
CA GLN L 161 43.87 -101.03 -10.88
C GLN L 161 43.86 -99.84 -9.98
N ARG L 162 43.39 -100.02 -8.75
CA ARG L 162 43.32 -98.93 -7.82
C ARG L 162 44.38 -99.25 -6.79
N SER L 163 45.22 -98.27 -6.47
CA SER L 163 46.32 -98.49 -5.49
C SER L 163 45.73 -98.50 -4.09
N ARG L 164 46.38 -99.15 -3.13
CA ARG L 164 45.92 -99.15 -1.74
C ARG L 164 46.19 -97.83 -1.05
N ASP L 165 45.36 -97.46 -0.08
CA ASP L 165 45.61 -96.24 0.69
C ASP L 165 46.82 -96.44 1.57
N GLN L 166 47.57 -95.38 1.82
CA GLN L 166 48.68 -95.50 2.75
C GLN L 166 48.28 -94.84 4.04
N ILE L 167 48.45 -95.54 5.16
CA ILE L 167 47.99 -95.00 6.43
C ILE L 167 49.14 -94.66 7.35
N ALA L 168 48.86 -93.83 8.34
CA ALA L 168 49.89 -93.49 9.31
C ALA L 168 49.27 -93.43 10.70
N THR L 169 49.91 -94.12 11.66
CA THR L 169 49.44 -94.18 13.03
C THR L 169 50.48 -93.53 13.93
N VAL L 170 50.00 -92.64 14.81
CA VAL L 170 50.86 -91.93 15.76
C VAL L 170 50.46 -92.27 17.19
N TRP L 171 51.39 -92.81 17.97
CA TRP L 171 51.10 -93.07 19.39
C TRP L 171 51.07 -91.79 20.20
N ILE L 172 50.08 -91.66 21.08
CA ILE L 172 49.97 -90.48 21.92
C ILE L 172 50.32 -90.85 23.35
N ALA L 173 51.12 -90.01 24.01
CA ALA L 173 51.46 -90.25 25.41
C ALA L 173 50.38 -89.78 26.39
N PRO L 174 50.38 -90.32 27.65
CA PRO L 174 49.35 -89.82 28.57
C PRO L 174 49.28 -88.32 28.77
N TRP L 175 48.06 -87.79 28.87
CA TRP L 175 47.90 -86.34 29.00
C TRP L 175 46.66 -85.88 29.75
N VAL L 176 46.76 -84.70 30.37
CA VAL L 176 45.64 -84.11 31.08
C VAL L 176 45.16 -82.91 30.27
N ASP L 177 43.85 -82.82 30.07
CA ASP L 177 43.24 -81.73 29.32
C ASP L 177 42.84 -80.60 30.26
N SER L 178 42.09 -79.63 29.71
CA SER L 178 41.65 -78.48 30.49
C SER L 178 40.65 -78.85 31.57
N ASP L 179 39.99 -80.00 31.43
CA ASP L 179 38.96 -80.41 32.39
C ASP L 179 39.51 -81.44 33.36
N ASN L 180 40.84 -81.51 33.48
CA ASN L 180 41.46 -82.43 34.43
C ASN L 180 41.03 -83.89 34.35
N ALA L 181 40.94 -84.47 33.17
CA ALA L 181 40.66 -85.88 33.06
C ALA L 181 41.90 -86.49 32.46
N PHE L 182 42.45 -87.51 33.13
CA PHE L 182 43.66 -88.17 32.64
C PHE L 182 43.38 -88.97 31.38
N HIS L 183 44.27 -88.88 30.40
CA HIS L 183 44.09 -89.66 29.17
C HIS L 183 45.26 -90.60 28.97
N GLN L 184 45.06 -91.89 29.25
CA GLN L 184 46.11 -92.90 29.13
C GLN L 184 46.57 -93.03 27.68
N PRO L 185 47.80 -93.61 27.48
CA PRO L 185 48.28 -93.64 26.09
C PRO L 185 47.40 -94.33 25.07
N GLY L 186 47.19 -93.67 23.94
CA GLY L 186 46.41 -94.23 22.86
C GLY L 186 47.05 -93.98 21.51
N ARG L 187 46.26 -94.07 20.43
CA ARG L 187 46.77 -93.85 19.10
C ARG L 187 45.65 -93.37 18.20
N VAL L 188 46.01 -92.63 17.14
CA VAL L 188 45.04 -92.13 16.16
C VAL L 188 45.61 -92.34 14.76
N SER L 189 44.80 -92.87 13.83
CA SER L 189 45.29 -93.14 12.49
C SER L 189 44.73 -92.19 11.45
N PHE L 190 45.56 -91.76 10.49
CA PHE L 190 45.07 -90.91 9.42
C PHE L 190 45.62 -91.41 8.10
N VAL L 191 44.96 -91.04 7.00
CA VAL L 191 45.41 -91.48 5.69
C VAL L 191 46.25 -90.40 5.04
N VAL L 192 47.48 -90.74 4.70
CA VAL L 192 48.40 -89.77 4.10
C VAL L 192 48.19 -89.69 2.58
N SER L 193 48.18 -90.83 1.90
CA SER L 193 47.95 -90.86 0.46
C SER L 193 46.77 -91.77 0.15
N PRO L 194 45.71 -91.23 -0.43
CA PRO L 194 44.51 -92.03 -0.70
C PRO L 194 44.68 -92.91 -1.92
N ALA L 195 43.69 -93.79 -2.12
CA ALA L 195 43.68 -94.68 -3.27
C ALA L 195 43.39 -93.91 -4.55
N ASP L 196 43.92 -94.40 -5.67
CA ASP L 196 43.67 -93.79 -6.97
C ASP L 196 43.92 -94.83 -8.06
N TRP L 197 43.41 -94.53 -9.24
CA TRP L 197 43.67 -95.36 -10.41
C TRP L 197 45.13 -95.28 -10.81
N VAL L 198 45.67 -96.44 -11.12
CA VAL L 198 47.08 -96.49 -11.61
C VAL L 198 47.01 -96.65 -13.11
N LEU L 199 47.19 -95.58 -13.87
CA LEU L 199 47.05 -95.66 -15.34
C LEU L 199 47.99 -96.75 -15.87
N PRO L 200 47.61 -97.46 -16.98
CA PRO L 200 48.42 -98.62 -17.38
C PRO L 200 49.81 -98.46 -17.94
N ALA L 201 50.73 -99.28 -17.48
CA ALA L 201 52.07 -99.28 -18.05
C ALA L 201 51.97 -99.74 -19.49
N ARG L 202 51.18 -100.79 -19.73
CA ARG L 202 50.97 -101.29 -21.10
C ARG L 202 49.51 -101.43 -21.50
N VAL L 203 49.09 -100.72 -22.54
CA VAL L 203 47.72 -100.87 -23.06
C VAL L 203 47.49 -102.24 -23.69
N ASN L 204 48.47 -102.73 -24.42
CA ASN L 204 48.34 -104.03 -25.07
C ASN L 204 49.15 -105.10 -24.34
N VAL M 150 57.10 -114.01 21.59
CA VAL M 150 57.70 -112.96 22.39
C VAL M 150 57.24 -111.59 21.91
N ARG M 151 56.72 -111.52 20.70
CA ARG M 151 56.25 -110.23 20.16
C ARG M 151 54.93 -109.76 20.76
N CYS M 152 54.93 -108.57 21.37
CA CYS M 152 53.72 -108.02 21.97
C CYS M 152 53.41 -106.67 21.33
N ASP M 153 52.17 -106.46 20.90
CA ASP M 153 51.83 -105.22 20.19
C ASP M 153 50.60 -104.46 20.72
N ASN M 154 50.79 -103.62 21.72
CA ASN M 154 49.68 -102.80 22.24
C ASN M 154 50.18 -101.49 22.84
N PRO M 155 49.34 -100.44 22.83
CA PRO M 155 49.76 -99.20 23.52
C PRO M 155 49.79 -99.49 25.01
N GLY M 156 50.67 -98.85 25.77
CA GLY M 156 50.79 -99.16 27.18
C GLY M 156 49.65 -98.77 28.11
N THR M 157 49.80 -99.02 29.40
CA THR M 157 48.80 -98.63 30.37
C THR M 157 49.50 -98.02 31.58
N VAL M 158 48.93 -96.98 32.17
CA VAL M 158 49.51 -96.41 33.37
C VAL M 158 48.39 -96.33 34.38
N HIS M 159 48.70 -96.05 35.63
CA HIS M 159 47.64 -95.89 36.63
C HIS M 159 47.55 -94.43 36.98
N PRO M 160 46.37 -93.84 36.77
CA PRO M 160 46.34 -92.44 37.17
C PRO M 160 46.57 -92.33 38.67
N GLN M 161 47.48 -91.44 39.07
CA GLN M 161 47.76 -91.26 40.47
C GLN M 161 47.49 -89.84 40.81
N ARG M 162 46.72 -89.61 41.86
CA ARG M 162 46.38 -88.26 42.24
C ARG M 162 47.14 -88.04 43.52
N SER M 163 47.84 -86.92 43.62
CA SER M 163 48.64 -86.61 44.83
C SER M 163 47.70 -86.16 45.95
N ARG M 164 48.09 -86.32 47.21
CA ARG M 164 47.28 -85.85 48.33
C ARG M 164 47.33 -84.35 48.49
N ASP M 165 46.26 -83.75 49.01
CA ASP M 165 46.26 -82.30 49.27
C ASP M 165 47.20 -82.00 50.41
N GLN M 166 47.83 -80.84 50.39
CA GLN M 166 48.66 -80.47 51.53
C GLN M 166 47.92 -79.43 52.32
N ILE M 167 47.80 -79.63 53.62
CA ILE M 167 47.01 -78.72 54.44
C ILE M 167 47.87 -77.90 55.38
N ALA M 168 47.32 -76.81 55.88
CA ALA M 168 48.04 -76.01 56.85
C ALA M 168 47.08 -75.52 57.91
N THR M 169 47.45 -75.70 59.18
CA THR M 169 46.65 -75.30 60.32
C THR M 169 47.39 -74.23 61.11
N VAL M 170 46.67 -73.15 61.41
CA VAL M 170 47.23 -72.03 62.18
C VAL M 170 46.48 -71.86 63.50
N TRP M 171 47.18 -71.94 64.63
CA TRP M 171 46.54 -71.69 65.92
C TRP M 171 46.26 -70.20 66.12
N ILE M 172 45.07 -69.89 66.62
CA ILE M 172 44.70 -68.50 66.87
C ILE M 172 44.68 -68.26 68.37
N ALA M 173 45.25 -67.14 68.82
CA ALA M 173 45.21 -66.80 70.24
C ALA M 173 43.90 -66.14 70.66
N PRO M 174 43.58 -66.16 72.00
CA PRO M 174 42.34 -65.49 72.38
C PRO M 174 42.18 -64.05 71.94
N TRP M 175 40.96 -63.67 71.54
CA TRP M 175 40.74 -62.31 71.05
C TRP M 175 39.33 -61.77 71.25
N VAL M 176 39.24 -60.44 71.35
CA VAL M 176 37.96 -59.78 71.49
C VAL M 176 37.67 -59.04 70.19
N ASP M 177 36.45 -59.19 69.67
CA ASP M 177 36.04 -58.55 68.43
C ASP M 177 35.37 -57.21 68.72
N SER M 178 34.78 -56.62 67.68
CA SER M 178 34.11 -55.33 67.80
C SER M 178 32.87 -55.39 68.68
N ASP M 179 32.30 -56.58 68.86
CA ASP M 179 31.07 -56.73 69.63
C ASP M 179 31.37 -57.25 71.03
N ASN M 180 32.61 -57.10 71.47
CA ASN M 180 32.99 -57.51 72.82
C ASN M 180 32.62 -58.93 73.24
N ALA M 181 32.88 -59.92 72.39
CA ALA M 181 32.66 -61.29 72.80
C ALA M 181 34.04 -61.91 72.79
N PHE M 182 34.42 -62.52 73.90
CA PHE M 182 35.73 -63.16 74.02
C PHE M 182 35.81 -64.41 73.15
N HIS M 183 36.93 -64.58 72.44
CA HIS M 183 37.10 -65.78 71.62
C HIS M 183 38.31 -66.58 72.09
N GLN M 184 38.07 -67.68 72.79
CA GLN M 184 39.14 -68.51 73.34
C GLN M 184 39.97 -69.12 72.21
N PRO M 185 41.22 -69.57 72.54
CA PRO M 185 42.05 -70.06 71.43
C PRO M 185 41.49 -71.19 70.60
N GLY M 186 41.58 -71.04 69.29
CA GLY M 186 41.12 -72.05 68.36
C GLY M 186 42.09 -72.24 67.21
N ARG M 187 41.62 -72.83 66.11
CA ARG M 187 42.45 -73.07 64.95
C ARG M 187 41.60 -73.11 63.69
N VAL M 188 42.22 -72.78 62.56
CA VAL M 188 41.52 -72.81 61.26
C VAL M 188 42.44 -73.46 60.23
N SER M 189 41.92 -74.38 59.43
CA SER M 189 42.76 -75.09 58.45
C SER M 189 42.46 -74.66 57.02
N PHE M 190 43.51 -74.53 56.20
CA PHE M 190 43.30 -74.21 54.80
C PHE M 190 44.18 -75.10 53.95
N VAL M 191 43.84 -75.25 52.68
CA VAL M 191 44.63 -76.09 51.78
C VAL M 191 45.58 -75.24 50.98
N VAL M 192 46.87 -75.52 51.09
CA VAL M 192 47.88 -74.74 50.40
C VAL M 192 48.08 -75.25 48.97
N SER M 193 48.29 -76.56 48.81
CA SER M 193 48.44 -77.16 47.49
C SER M 193 47.40 -78.26 47.30
N PRO M 194 46.53 -78.12 46.31
CA PRO M 194 45.46 -79.11 46.12
C PRO M 194 45.97 -80.36 45.41
N ALA M 195 45.09 -81.36 45.36
CA ALA M 195 45.41 -82.61 44.69
C ALA M 195 45.45 -82.41 43.18
N ASP M 196 46.27 -83.22 42.50
CA ASP M 196 46.36 -83.18 41.05
C ASP M 196 46.90 -84.50 40.54
N TRP M 197 46.72 -84.74 39.25
CA TRP M 197 47.30 -85.91 38.61
C TRP M 197 48.81 -85.80 38.56
N VAL M 198 49.45 -86.91 38.87
CA VAL M 198 50.94 -86.96 38.79
C VAL M 198 51.27 -87.69 37.50
N LEU M 199 51.62 -86.96 36.44
CA LEU M 199 51.87 -87.61 35.13
C LEU M 199 52.95 -88.68 35.31
N PRO M 200 52.90 -89.79 34.52
CA PRO M 200 53.81 -90.91 34.81
C PRO M 200 55.29 -90.79 34.58
N ALA M 201 56.09 -91.26 35.53
CA ALA M 201 57.52 -91.30 35.33
C ALA M 201 57.83 -92.29 34.21
N ARG M 202 57.15 -93.44 34.22
CA ARG M 202 57.32 -94.43 33.15
C ARG M 202 56.03 -94.91 32.50
N VAL M 203 55.87 -94.69 31.20
CA VAL M 203 54.70 -95.20 30.48
C VAL M 203 54.68 -96.72 30.42
N ASN M 204 55.83 -97.33 30.19
CA ASN M 204 55.90 -98.78 30.10
C ASN M 204 56.52 -99.38 31.36
N THR N 91 -11.19 -6.55 92.32
CA THR N 91 -10.99 -5.48 93.27
C THR N 91 -9.75 -5.75 94.09
N VAL N 92 -9.48 -4.88 95.05
CA VAL N 92 -8.30 -5.00 95.86
C VAL N 92 -8.41 -6.15 96.86
N SER N 93 -7.30 -6.56 97.44
CA SER N 93 -7.30 -7.69 98.34
C SER N 93 -8.15 -7.55 99.59
N THR N 94 -8.14 -6.38 100.21
CA THR N 94 -8.89 -6.16 101.46
C THR N 94 -8.44 -7.19 102.45
N THR N 95 -7.14 -7.42 102.50
CA THR N 95 -6.64 -8.50 103.34
C THR N 95 -6.85 -8.47 104.83
N PRO N 96 -6.59 -7.33 105.47
CA PRO N 96 -6.70 -7.42 106.93
C PRO N 96 -8.13 -7.61 107.53
N PRO N 97 -8.32 -8.52 108.53
CA PRO N 97 -9.65 -8.74 109.08
C PRO N 97 -9.81 -7.83 110.27
N VAL N 98 -8.95 -6.81 110.39
CA VAL N 98 -8.94 -5.89 111.55
C VAL N 98 -8.57 -6.57 112.87
N SER N 99 -7.80 -5.87 113.70
CA SER N 99 -7.40 -6.45 114.96
C SER N 99 -8.65 -6.72 115.78
N ALA N 100 -8.71 -7.90 116.39
CA ALA N 100 -9.89 -8.26 117.18
C ALA N 100 -9.82 -7.64 118.57
N GLY N 101 -10.88 -7.81 119.36
CA GLY N 101 -10.91 -7.20 120.67
C GLY N 101 -12.29 -6.76 121.07
N VAL N 150 -4.41 11.09 120.28
CA VAL N 150 -3.74 10.72 121.52
C VAL N 150 -4.56 9.69 122.28
N ARG N 151 -3.96 8.56 122.60
CA ARG N 151 -4.68 7.49 123.31
C ARG N 151 -5.96 7.12 122.60
N CYS N 152 -5.93 7.07 121.28
CA CYS N 152 -7.13 6.78 120.52
C CYS N 152 -7.04 5.35 120.02
N ASP N 153 -7.84 4.46 120.59
CA ASP N 153 -7.72 3.05 120.25
C ASP N 153 -8.62 2.55 119.12
N ASN N 154 -8.51 3.14 117.94
CA ASN N 154 -9.26 2.61 116.80
C ASN N 154 -8.72 1.23 116.48
N PRO N 155 -9.59 0.26 116.19
CA PRO N 155 -9.14 -1.12 115.98
C PRO N 155 -8.18 -1.27 114.81
N GLY N 156 -8.43 -0.57 113.71
CA GLY N 156 -7.57 -0.63 112.55
C GLY N 156 -6.36 0.26 112.68
N THR N 157 -5.52 0.33 111.65
CA THR N 157 -4.33 1.19 111.63
C THR N 157 -3.25 0.88 112.66
N VAL N 158 -3.08 -0.37 113.04
CA VAL N 158 -2.00 -0.75 113.94
C VAL N 158 -0.79 -0.87 113.02
N HIS N 159 0.43 -0.87 113.57
CA HIS N 159 1.60 -1.07 112.73
C HIS N 159 1.49 -2.44 112.10
N PRO N 160 1.76 -2.54 110.79
CA PRO N 160 1.54 -3.84 110.14
C PRO N 160 2.67 -4.84 110.33
N GLN N 161 2.36 -6.13 110.19
CA GLN N 161 3.37 -7.17 110.30
C GLN N 161 3.13 -8.14 109.17
N ARG N 162 4.16 -8.89 108.79
CA ARG N 162 3.99 -9.89 107.74
C ARG N 162 4.08 -11.30 108.31
N SER N 163 3.27 -12.23 107.79
CA SER N 163 3.30 -13.61 108.25
C SER N 163 4.56 -14.39 107.88
N ARG N 164 4.69 -15.66 108.28
CA ARG N 164 5.85 -16.43 107.84
C ARG N 164 5.40 -17.41 106.75
N ASP N 165 6.13 -17.42 105.63
CA ASP N 165 5.78 -18.30 104.51
C ASP N 165 5.73 -19.75 104.96
N GLN N 166 4.82 -20.55 104.40
CA GLN N 166 4.80 -21.95 104.75
C GLN N 166 5.73 -22.76 103.86
N ILE N 167 6.50 -23.66 104.45
CA ILE N 167 7.48 -24.45 103.73
C ILE N 167 7.18 -25.93 103.94
N ALA N 168 7.37 -26.73 102.89
CA ALA N 168 7.15 -28.16 102.95
C ALA N 168 8.35 -28.89 102.37
N THR N 169 8.67 -30.04 102.95
CA THR N 169 9.81 -30.85 102.55
C THR N 169 9.34 -32.13 101.89
N VAL N 170 9.98 -32.51 100.80
CA VAL N 170 9.65 -33.75 100.09
C VAL N 170 10.93 -34.59 100.05
N TRP N 171 10.80 -35.91 100.10
CA TRP N 171 11.96 -36.80 100.01
C TRP N 171 11.92 -37.52 98.68
N ILE N 172 13.03 -37.46 97.94
CA ILE N 172 13.09 -38.11 96.65
C ILE N 172 13.85 -39.43 96.76
N ALA N 173 13.22 -40.52 96.33
CA ALA N 173 13.87 -41.82 96.36
C ALA N 173 15.02 -41.86 95.35
N PRO N 174 16.04 -42.69 95.57
CA PRO N 174 17.17 -42.74 94.63
C PRO N 174 16.72 -43.20 93.26
N TRP N 175 17.42 -42.71 92.24
CA TRP N 175 17.06 -43.02 90.87
C TRP N 175 18.28 -43.02 89.98
N VAL N 176 18.15 -43.55 88.78
CA VAL N 176 19.29 -43.61 87.86
C VAL N 176 19.04 -42.73 86.65
N ASP N 177 20.00 -41.89 86.33
CA ASP N 177 19.87 -40.97 85.20
C ASP N 177 20.02 -41.67 83.87
N SER N 178 19.68 -40.96 82.80
CA SER N 178 19.81 -41.52 81.45
C SER N 178 21.25 -41.87 81.16
N ASP N 179 22.18 -41.07 81.67
CA ASP N 179 23.59 -41.29 81.43
C ASP N 179 24.18 -42.29 82.41
N ASN N 180 23.32 -43.00 83.15
CA ASN N 180 23.77 -43.99 84.13
C ASN N 180 24.51 -43.35 85.28
N ALA N 181 24.02 -42.20 85.73
CA ALA N 181 24.62 -41.55 86.88
C ALA N 181 23.64 -41.79 87.98
N PHE N 182 24.11 -42.26 89.12
CA PHE N 182 23.18 -42.61 90.15
C PHE N 182 22.98 -41.49 91.13
N HIS N 183 21.75 -41.06 91.29
CA HIS N 183 21.46 -39.98 92.20
C HIS N 183 20.87 -40.49 93.48
N GLN N 184 21.41 -40.04 94.59
CA GLN N 184 20.90 -40.40 95.89
C GLN N 184 20.70 -39.03 96.46
N PRO N 185 19.60 -38.33 96.09
CA PRO N 185 19.52 -36.94 96.57
C PRO N 185 19.06 -36.72 98.00
N GLY N 186 18.68 -35.49 98.32
CA GLY N 186 18.28 -35.16 99.68
C GLY N 186 16.97 -34.39 99.70
N ARG N 187 16.34 -34.33 100.87
CA ARG N 187 15.06 -33.64 101.00
C ARG N 187 15.14 -32.20 100.57
N VAL N 188 14.16 -31.76 99.80
CA VAL N 188 14.15 -30.38 99.34
C VAL N 188 13.09 -29.59 100.09
N SER N 189 13.48 -28.49 100.71
CA SER N 189 12.53 -27.67 101.42
C SER N 189 12.25 -26.44 100.59
N PHE N 190 10.99 -26.22 100.26
CA PHE N 190 10.63 -25.09 99.40
C PHE N 190 9.41 -24.38 99.93
N VAL N 191 9.32 -23.09 99.66
CA VAL N 191 8.13 -22.34 100.08
C VAL N 191 6.91 -22.86 99.34
N VAL N 192 5.81 -23.07 100.05
CA VAL N 192 4.58 -23.50 99.43
C VAL N 192 3.62 -22.34 99.53
N SER N 193 3.29 -21.94 100.76
CA SER N 193 2.43 -20.77 100.92
C SER N 193 3.28 -19.52 101.19
N PRO N 194 3.01 -18.37 100.52
CA PRO N 194 3.83 -17.21 100.87
C PRO N 194 3.30 -16.45 102.09
N ALA N 195 3.93 -15.32 102.42
CA ALA N 195 3.49 -14.51 103.55
C ALA N 195 2.52 -13.42 103.08
N ASP N 196 1.82 -12.83 104.04
CA ASP N 196 0.87 -11.77 103.76
C ASP N 196 0.84 -10.81 104.94
N TRP N 197 0.23 -9.64 104.70
CA TRP N 197 0.15 -8.59 105.71
C TRP N 197 -0.92 -8.93 106.75
N VAL N 198 -0.67 -8.51 107.99
CA VAL N 198 -1.60 -8.73 109.09
C VAL N 198 -1.35 -7.68 110.16
N LEU N 199 -2.46 -7.30 110.81
CA LEU N 199 -2.41 -6.31 111.87
C LEU N 199 -2.40 -7.04 113.23
N PRO N 200 -1.28 -6.96 114.01
CA PRO N 200 -1.21 -7.71 115.27
C PRO N 200 -2.24 -7.25 116.29
N ALA N 201 -2.76 -8.17 117.08
CA ALA N 201 -3.71 -7.80 118.13
C ALA N 201 -2.99 -6.98 119.19
N ARG N 202 -3.55 -5.83 119.54
CA ARG N 202 -2.92 -4.97 120.54
C ARG N 202 -2.86 -5.65 121.90
N VAL N 203 -1.77 -5.43 122.62
CA VAL N 203 -1.63 -6.03 123.94
C VAL N 203 -2.32 -5.19 125.00
N THR O 91 -35.02 27.18 82.02
CA THR O 91 -35.11 28.54 82.48
C THR O 91 -34.12 28.76 83.60
N VAL O 92 -34.14 29.95 84.17
CA VAL O 92 -33.21 30.29 85.22
C VAL O 92 -33.56 29.60 86.53
N SER O 93 -32.62 29.59 87.47
CA SER O 93 -32.84 28.88 88.71
C SER O 93 -33.98 29.37 89.58
N THR O 94 -34.17 30.68 89.66
CA THR O 94 -35.24 31.26 90.52
C THR O 94 -35.03 30.73 91.90
N THR O 95 -33.79 30.70 92.35
CA THR O 95 -33.50 30.09 93.63
C THR O 95 -34.10 30.66 94.90
N PRO O 96 -34.04 31.98 95.08
CA PRO O 96 -34.53 32.42 96.38
C PRO O 96 -36.07 32.29 96.65
N PRO O 97 -36.49 31.81 97.86
CA PRO O 97 -37.91 31.65 98.13
C PRO O 97 -38.41 32.91 98.79
N VAL O 98 -37.64 34.00 98.69
CA VAL O 98 -37.96 35.28 99.37
C VAL O 98 -37.93 35.20 100.89
N SER O 99 -37.43 36.25 101.53
CA SER O 99 -37.35 36.24 102.97
C SER O 99 -38.77 36.13 103.52
N ALA O 100 -38.96 35.28 104.52
CA ALA O 100 -40.29 35.08 105.08
C ALA O 100 -40.61 36.19 106.08
N GLY O 101 -41.84 36.20 106.60
CA GLY O 101 -42.23 37.25 107.52
C GLY O 101 -43.69 37.63 107.39
N VAL O 150 -36.32 54.71 101.46
CA VAL O 150 -36.01 54.94 102.87
C VAL O 150 -36.97 54.17 103.75
N ARG O 151 -36.45 53.32 104.63
CA ARG O 151 -37.30 52.52 105.51
C ARG O 151 -38.34 51.75 104.74
N CYS O 152 -37.96 51.22 103.58
CA CYS O 152 -38.91 50.50 102.75
C CYS O 152 -38.65 49.02 102.89
N ASP O 153 -39.56 48.32 103.56
CA ASP O 153 -39.31 46.89 103.84
C ASP O 153 -39.86 45.91 102.83
N ASN O 154 -39.46 46.01 101.57
CA ASN O 154 -39.87 45.02 100.60
C ASN O 154 -39.23 43.69 100.99
N PRO O 155 -39.97 42.59 100.90
CA PRO O 155 -39.44 41.30 101.36
C PRO O 155 -38.20 40.84 100.60
N GLY O 156 -38.17 41.05 99.30
CA GLY O 156 -37.03 40.66 98.50
C GLY O 156 -35.92 41.69 98.54
N THR O 157 -34.84 41.46 97.78
CA THR O 157 -33.71 42.40 97.71
C THR O 157 -32.93 42.63 99.00
N VAL O 158 -32.84 41.65 99.88
CA VAL O 158 -32.03 41.78 101.07
C VAL O 158 -30.61 41.48 100.58
N HIS O 159 -29.59 41.84 101.36
CA HIS O 159 -28.23 41.49 100.95
C HIS O 159 -28.14 39.98 100.91
N PRO O 160 -27.52 39.43 99.86
CA PRO O 160 -27.53 37.98 99.74
C PRO O 160 -26.47 37.26 100.57
N GLN O 161 -26.70 36.00 100.88
CA GLN O 161 -25.73 35.21 101.63
C GLN O 161 -25.63 33.85 100.95
N ARG O 162 -24.52 33.15 101.15
CA ARG O 162 -24.38 31.83 100.57
C ARG O 162 -24.40 30.76 101.65
N SER O 163 -25.02 29.60 101.36
CA SER O 163 -25.09 28.51 102.34
C SER O 163 -23.76 27.82 102.61
N ARG O 164 -23.69 26.82 103.49
CA ARG O 164 -22.45 26.08 103.67
C ARG O 164 -22.57 24.73 102.99
N ASP O 165 -21.57 24.39 102.17
CA ASP O 165 -21.58 23.11 101.44
C ASP O 165 -21.71 21.94 102.40
N GLN O 166 -22.43 20.89 102.01
CA GLN O 166 -22.49 19.72 102.87
C GLN O 166 -21.35 18.77 102.62
N ILE O 167 -20.74 18.27 103.68
CA ILE O 167 -19.58 17.39 103.57
C ILE O 167 -19.89 16.08 104.28
N ALA O 168 -19.40 14.97 103.71
CA ALA O 168 -19.60 13.65 104.27
C ALA O 168 -18.26 12.91 104.32
N THR O 169 -18.09 12.12 105.38
CA THR O 169 -16.86 11.38 105.59
C THR O 169 -17.11 9.89 105.41
N VAL O 170 -16.18 9.20 104.75
CA VAL O 170 -16.28 7.76 104.53
C VAL O 170 -15.03 7.14 105.13
N TRP O 171 -15.13 5.93 105.65
CA TRP O 171 -13.96 5.22 106.19
C TRP O 171 -13.63 4.07 105.28
N ILE O 172 -12.36 3.99 104.86
CA ILE O 172 -11.95 2.91 103.99
C ILE O 172 -11.22 1.84 104.78
N ALA O 173 -11.68 0.60 104.69
CA ALA O 173 -11.02 -0.51 105.38
C ALA O 173 -9.65 -0.78 104.76
N PRO O 174 -8.71 -1.32 105.53
CA PRO O 174 -7.37 -1.58 104.98
C PRO O 174 -7.43 -2.57 103.83
N TRP O 175 -6.49 -2.42 102.90
CA TRP O 175 -6.47 -3.26 101.72
C TRP O 175 -5.06 -3.44 101.21
N VAL O 176 -4.85 -4.40 100.32
CA VAL O 176 -3.51 -4.64 99.80
C VAL O 176 -3.46 -4.32 98.33
N ASP O 177 -2.47 -3.55 97.92
CA ASP O 177 -2.32 -3.14 96.53
C ASP O 177 -1.81 -4.26 95.65
N SER O 178 -1.86 -4.07 94.34
CA SER O 178 -1.36 -5.06 93.40
C SER O 178 0.11 -5.31 93.61
N ASP O 179 0.85 -4.27 93.97
CA ASP O 179 2.28 -4.37 94.17
C ASP O 179 2.62 -4.85 95.57
N ASN O 180 1.61 -5.34 96.30
CA ASN O 180 1.81 -5.82 97.67
C ASN O 180 2.20 -4.71 98.62
N ALA O 181 1.58 -3.55 98.45
CA ALA O 181 1.83 -2.44 99.36
C ALA O 181 0.61 -2.38 100.20
N PHE O 182 0.77 -2.32 101.50
CA PHE O 182 -0.39 -2.38 102.34
C PHE O 182 -0.86 -1.00 102.73
N HIS O 183 -2.11 -0.71 102.41
CA HIS O 183 -2.66 0.59 102.72
C HIS O 183 -3.55 0.53 103.93
N GLN O 184 -3.34 1.43 104.87
CA GLN O 184 -4.16 1.52 106.05
C GLN O 184 -4.53 2.96 105.96
N PRO O 185 -5.52 3.33 105.09
CA PRO O 185 -5.76 4.77 104.95
C PRO O 185 -6.59 5.46 106.03
N GLY O 186 -7.07 6.66 105.74
CA GLY O 186 -7.83 7.42 106.72
C GLY O 186 -9.11 7.97 106.14
N ARG O 187 -10.03 8.37 107.00
CA ARG O 187 -11.31 8.89 106.54
C ARG O 187 -11.16 10.07 105.61
N VAL O 188 -11.91 10.06 104.53
CA VAL O 188 -11.83 11.16 103.57
C VAL O 188 -13.08 12.02 103.68
N SER O 189 -12.89 13.31 103.88
CA SER O 189 -14.02 14.22 103.97
C SER O 189 -14.10 14.99 102.68
N PHE O 190 -15.24 14.91 102.01
CA PHE O 190 -15.38 15.58 100.72
C PHE O 190 -16.72 16.28 100.62
N VAL O 191 -16.77 17.35 99.84
CA VAL O 191 -18.04 18.04 99.65
C VAL O 191 -19.01 17.14 98.91
N VAL O 192 -20.26 17.07 99.37
CA VAL O 192 -21.27 16.28 98.69
C VAL O 192 -22.25 17.27 98.11
N SER O 193 -22.90 18.05 98.96
CA SER O 193 -23.80 19.08 98.45
C SER O 193 -23.08 20.43 98.40
N PRO O 194 -23.19 21.20 97.27
CA PRO O 194 -22.53 22.51 97.32
C PRO O 194 -23.38 23.60 97.98
N ALA O 195 -22.89 24.83 97.98
CA ALA O 195 -23.64 25.94 98.56
C ALA O 195 -24.47 26.64 97.48
N ASP O 196 -25.42 27.46 97.95
CA ASP O 196 -26.29 28.20 97.05
C ASP O 196 -26.65 29.53 97.70
N TRP O 197 -27.20 30.43 96.90
CA TRP O 197 -27.58 31.76 97.35
C TRP O 197 -28.87 31.70 98.17
N VAL O 198 -28.97 32.59 99.16
CA VAL O 198 -30.15 32.67 100.01
C VAL O 198 -30.22 34.08 100.60
N LEU O 199 -31.47 34.53 100.76
CA LEU O 199 -31.74 35.84 101.34
C LEU O 199 -32.07 35.69 102.84
N PRO O 200 -31.19 36.19 103.75
CA PRO O 200 -31.44 35.99 105.19
C PRO O 200 -32.72 36.66 105.67
N ALA O 201 -33.40 36.04 106.63
CA ALA O 201 -34.60 36.66 107.19
C ALA O 201 -34.21 37.90 107.97
N ARG O 202 -34.88 39.02 107.70
CA ARG O 202 -34.55 40.26 108.38
C ARG O 202 -34.84 40.16 109.87
N VAL O 203 -33.99 40.76 110.69
CA VAL O 203 -34.18 40.72 112.14
C VAL O 203 -35.15 41.82 112.58
N THR P 91 -56.15 51.25 53.98
CA THR P 91 -56.39 52.66 53.82
C THR P 91 -55.74 53.41 54.97
N VAL P 92 -55.94 54.72 55.00
CA VAL P 92 -55.33 55.55 56.01
C VAL P 92 -55.99 55.35 57.37
N SER P 93 -55.34 55.82 58.42
CA SER P 93 -55.85 55.61 59.77
C SER P 93 -57.20 56.23 60.07
N THR P 94 -57.44 57.45 59.59
CA THR P 94 -58.70 58.16 59.86
C THR P 94 -58.86 58.22 61.35
N THR P 95 -57.78 58.52 62.04
CA THR P 95 -57.82 58.47 63.51
C THR P 95 -58.75 59.40 64.27
N PRO P 96 -58.77 60.67 63.92
CA PRO P 96 -59.60 61.51 64.78
C PRO P 96 -61.15 61.30 64.72
N PRO P 97 -61.86 61.26 65.88
CA PRO P 97 -63.30 61.03 65.86
C PRO P 97 -63.99 62.37 65.82
N VAL P 98 -63.25 63.43 65.49
CA VAL P 98 -63.77 64.82 65.51
C VAL P 98 -64.14 65.33 66.90
N SER P 99 -63.85 66.58 67.17
CA SER P 99 -64.16 67.13 68.47
C SER P 99 -65.67 67.06 68.67
N ALA P 100 -66.10 66.62 69.85
CA ALA P 100 -67.53 66.49 70.12
C ALA P 100 -68.13 67.83 70.49
N GLY P 101 -69.45 67.88 70.67
CA GLY P 101 -70.10 69.15 70.99
C GLY P 101 -71.47 69.26 70.37
N VAL P 150 -63.25 83.66 60.07
CA VAL P 150 -63.32 84.43 61.31
C VAL P 150 -64.46 83.93 62.17
N ARG P 151 -64.17 83.56 63.41
CA ARG P 151 -65.20 83.04 64.31
C ARG P 151 -65.98 81.91 63.68
N CYS P 152 -65.30 81.03 62.96
CA CYS P 152 -65.97 79.94 62.27
C CYS P 152 -65.72 78.67 63.04
N ASP P 153 -66.75 78.16 63.71
CA ASP P 153 -66.55 76.99 64.57
C ASP P 153 -66.80 75.64 63.94
N ASN P 154 -66.08 75.32 62.87
CA ASN P 154 -66.19 73.98 62.30
C ASN P 154 -65.64 72.99 63.32
N PRO P 155 -66.30 71.85 63.51
CA PRO P 155 -65.88 70.90 64.56
C PRO P 155 -64.47 70.36 64.36
N GLY P 156 -64.11 70.07 63.11
CA GLY P 156 -62.78 69.55 62.82
C GLY P 156 -61.75 70.65 62.71
N THR P 157 -60.51 70.30 62.38
CA THR P 157 -59.42 71.28 62.22
C THR P 157 -59.02 72.08 63.45
N VAL P 158 -59.14 71.51 64.64
CA VAL P 158 -58.67 72.18 65.83
C VAL P 158 -57.17 71.91 65.85
N HIS P 159 -56.39 72.65 66.63
CA HIS P 159 -54.97 72.36 66.73
C HIS P 159 -54.83 70.97 67.31
N PRO P 160 -53.94 70.15 66.74
CA PRO P 160 -53.88 68.76 67.21
C PRO P 160 -53.06 68.56 68.47
N GLN P 161 -53.33 67.48 69.20
CA GLN P 161 -52.57 67.15 70.40
C GLN P 161 -52.26 65.67 70.35
N ARG P 162 -51.23 65.25 71.06
CA ARG P 162 -50.91 63.83 71.10
C ARG P 162 -51.19 63.25 72.49
N SER P 163 -51.68 62.01 72.54
CA SER P 163 -51.97 61.36 73.82
C SER P 163 -50.74 61.00 74.64
N ARG P 164 -50.89 60.42 75.84
CA ARG P 164 -49.72 59.97 76.58
C ARG P 164 -49.61 58.45 76.47
N ASP P 165 -48.43 57.96 76.13
CA ASP P 165 -48.22 56.52 75.97
C ASP P 165 -48.57 55.78 77.27
N GLN P 166 -49.12 54.57 77.16
CA GLN P 166 -49.39 53.83 78.37
C GLN P 166 -48.19 52.99 78.78
N ILE P 167 -47.87 53.01 80.07
CA ILE P 167 -46.70 52.31 80.59
C ILE P 167 -47.15 51.34 81.67
N ALA P 168 -46.50 50.16 81.72
CA ALA P 168 -46.81 49.14 82.69
C ALA P 168 -45.52 48.65 83.33
N THR P 169 -45.60 48.34 84.62
CA THR P 169 -44.46 47.89 85.40
C THR P 169 -44.61 46.43 85.77
N VAL P 170 -43.53 45.67 85.67
CA VAL P 170 -43.53 44.25 86.02
C VAL P 170 -42.46 44.06 87.09
N TRP P 171 -42.66 43.12 88.01
CA TRP P 171 -41.67 42.84 89.04
C TRP P 171 -41.08 41.48 88.77
N ILE P 172 -39.74 41.40 88.71
CA ILE P 172 -39.09 40.14 88.46
C ILE P 172 -38.56 39.56 89.76
N ALA P 173 -38.95 38.31 90.07
CA ALA P 173 -38.47 37.64 91.26
C ALA P 173 -36.98 37.34 91.14
N PRO P 174 -36.26 37.24 92.26
CA PRO P 174 -34.82 36.97 92.19
C PRO P 174 -34.54 35.62 91.54
N TRP P 175 -33.40 35.53 90.87
CA TRP P 175 -33.04 34.31 90.16
C TRP P 175 -31.54 34.15 90.12
N VAL P 176 -31.08 32.96 89.75
CA VAL P 176 -29.65 32.71 89.69
C VAL P 176 -29.21 32.45 88.27
N ASP P 177 -28.17 33.14 87.84
CA ASP P 177 -27.67 33.01 86.48
C ASP P 177 -26.92 31.72 86.26
N SER P 178 -26.62 31.40 85.00
CA SER P 178 -25.88 30.20 84.67
C SER P 178 -24.50 30.23 85.31
N ASP P 179 -23.92 31.42 85.38
CA ASP P 179 -22.58 31.58 85.93
C ASP P 179 -22.62 31.71 87.45
N ASN P 180 -23.76 31.41 88.06
CA ASN P 180 -23.92 31.51 89.51
C ASN P 180 -23.83 32.93 90.00
N ALA P 181 -24.41 33.85 89.24
CA ALA P 181 -24.43 35.24 89.68
C ALA P 181 -25.84 35.46 90.11
N PHE P 182 -26.03 36.03 91.29
CA PHE P 182 -27.37 36.14 91.79
C PHE P 182 -27.96 37.49 91.48
N HIS P 183 -29.09 37.48 90.79
CA HIS P 183 -29.73 38.72 90.42
C HIS P 183 -30.90 39.00 91.31
N GLN P 184 -30.98 40.21 91.84
CA GLN P 184 -32.08 40.62 92.65
C GLN P 184 -32.46 41.87 91.93
N PRO P 185 -33.19 41.75 90.77
CA PRO P 185 -33.41 42.99 90.03
C PRO P 185 -34.52 43.93 90.52
N GLY P 186 -34.94 44.86 89.68
CA GLY P 186 -35.95 45.83 90.07
C GLY P 186 -37.04 45.95 89.04
N ARG P 187 -38.17 46.54 89.43
CA ARG P 187 -39.30 46.67 88.52
C ARG P 187 -38.94 47.42 87.26
N VAL P 188 -39.38 46.91 86.12
CA VAL P 188 -39.07 47.57 84.87
C VAL P 188 -40.33 48.24 84.32
N SER P 189 -40.23 49.54 84.05
CA SER P 189 -41.37 50.26 83.50
C SER P 189 -41.13 50.47 82.03
N PHE P 190 -42.04 50.01 81.19
CA PHE P 190 -41.85 50.12 79.76
C PHE P 190 -43.14 50.55 79.08
N VAL P 191 -43.01 51.23 77.95
CA VAL P 191 -44.20 51.63 77.21
C VAL P 191 -44.92 50.40 76.68
N VAL P 192 -46.23 50.35 76.83
CA VAL P 192 -47.01 49.25 76.31
C VAL P 192 -47.83 49.81 75.16
N SER P 193 -48.70 50.77 75.47
CA SER P 193 -49.46 51.40 74.40
C SER P 193 -48.78 52.71 73.98
N PRO P 194 -48.62 52.99 72.65
CA PRO P 194 -48.03 54.29 72.33
C PRO P 194 -49.05 55.43 72.28
N ALA P 195 -48.61 56.63 71.91
CA ALA P 195 -49.51 57.77 71.82
C ALA P 195 -50.05 57.90 70.39
N ASP P 196 -51.10 58.70 70.25
CA ASP P 196 -51.73 58.94 68.96
C ASP P 196 -52.29 60.36 68.94
N TRP P 197 -52.62 60.81 67.74
CA TRP P 197 -53.14 62.16 67.52
C TRP P 197 -54.60 62.24 67.97
N VAL P 198 -54.98 63.41 68.47
CA VAL P 198 -56.34 63.66 68.92
C VAL P 198 -56.61 65.16 68.88
N LEU P 199 -57.87 65.48 68.56
CA LEU P 199 -58.30 66.86 68.48
C LEU P 199 -59.02 67.25 69.81
N PRO P 200 -58.43 68.16 70.62
CA PRO P 200 -59.04 68.48 71.91
C PRO P 200 -60.42 69.12 71.79
N ALA P 201 -61.31 68.82 72.72
CA ALA P 201 -62.64 69.44 72.69
C ALA P 201 -62.50 70.93 72.99
N ARG P 202 -63.10 71.77 72.15
CA ARG P 202 -63.00 73.21 72.34
C ARG P 202 -63.66 73.63 73.64
N VAL P 203 -63.07 74.61 74.33
CA VAL P 203 -63.64 75.09 75.58
C VAL P 203 -64.72 76.14 75.32
N THR Q 91 -69.72 60.15 14.61
CA THR Q 91 -69.95 61.36 13.87
C THR Q 91 -69.64 62.56 14.74
N VAL Q 92 -69.88 63.75 14.21
CA VAL Q 92 -69.58 64.97 14.93
C VAL Q 92 -70.56 65.21 16.06
N SER Q 93 -70.23 66.11 16.96
CA SER Q 93 -71.07 66.35 18.11
C SER Q 93 -72.47 66.88 17.83
N THR Q 94 -72.61 67.78 16.86
CA THR Q 94 -73.91 68.37 16.53
C THR Q 94 -74.46 68.97 17.79
N THR Q 95 -73.60 69.64 18.54
CA THR Q 95 -74.03 70.14 19.84
C THR Q 95 -75.15 71.16 19.94
N PRO Q 96 -75.12 72.20 19.11
CA PRO Q 96 -76.17 73.19 19.36
C PRO Q 96 -77.64 72.77 19.03
N PRO Q 97 -78.63 73.08 19.91
CA PRO Q 97 -80.01 72.67 19.64
C PRO Q 97 -80.70 73.80 18.93
N VAL Q 98 -79.92 74.75 18.38
CA VAL Q 98 -80.46 75.96 17.74
C VAL Q 98 -81.21 76.91 18.69
N SER Q 99 -81.03 78.20 18.49
CA SER Q 99 -81.69 79.15 19.36
C SER Q 99 -83.19 78.97 19.21
N ALA Q 100 -83.90 78.95 20.34
CA ALA Q 100 -85.35 78.75 20.29
C ALA Q 100 -86.06 80.05 19.96
N GLY Q 101 -87.38 79.99 19.78
CA GLY Q 101 -88.12 81.19 19.41
C GLY Q 101 -89.29 80.89 18.50
N VAL Q 150 -79.01 91.30 5.58
CA VAL Q 150 -79.42 92.45 6.35
C VAL Q 150 -80.75 92.18 7.05
N ARG Q 151 -80.77 92.33 8.38
CA ARG Q 151 -81.99 92.06 9.14
C ARG Q 151 -82.56 90.69 8.84
N CYS Q 152 -81.68 89.70 8.69
CA CYS Q 152 -82.12 88.36 8.38
C CYS Q 152 -82.05 87.52 9.61
N ASP Q 153 -83.21 87.16 10.17
CA ASP Q 153 -83.22 86.44 11.44
C ASP Q 153 -83.24 84.92 11.36
N ASN Q 154 -82.26 84.32 10.70
CA ASN Q 154 -82.19 82.87 10.70
C ASN Q 154 -81.90 82.41 12.12
N PRO Q 155 -82.56 81.35 12.58
CA PRO Q 155 -82.40 80.93 13.99
C PRO Q 155 -80.98 80.53 14.35
N GLY Q 156 -80.29 79.84 13.46
CA GLY Q 156 -78.92 79.43 13.71
C GLY Q 156 -77.93 80.52 13.41
N THR Q 157 -76.63 80.24 13.55
CA THR Q 157 -75.56 81.21 13.27
C THR Q 157 -75.52 82.46 14.14
N VAL Q 158 -75.94 82.37 15.39
CA VAL Q 158 -75.82 83.50 16.30
C VAL Q 158 -74.37 83.44 16.78
N HIS Q 159 -73.85 84.52 17.35
CA HIS Q 159 -72.50 84.47 17.89
C HIS Q 159 -72.48 83.43 18.99
N PRO Q 160 -71.45 82.57 19.01
CA PRO Q 160 -71.48 81.48 19.98
C PRO Q 160 -71.02 81.87 21.38
N GLN Q 161 -71.45 81.12 22.39
CA GLN Q 161 -71.02 81.37 23.76
C GLN Q 161 -70.67 80.03 24.38
N ARG Q 162 -69.85 80.03 25.42
CA ARG Q 162 -69.52 78.78 26.09
C ARG Q 162 -70.14 78.74 27.48
N SER Q 163 -70.59 77.56 27.91
CA SER Q 163 -71.20 77.41 29.23
C SER Q 163 -70.22 77.53 30.39
N ARG Q 164 -70.66 77.43 31.65
CA ARG Q 164 -69.72 77.45 32.76
C ARG Q 164 -69.55 76.03 33.30
N ASP Q 165 -68.30 75.60 33.46
CA ASP Q 165 -68.03 74.24 33.94
C ASP Q 165 -68.68 74.01 35.29
N GLN Q 166 -69.16 72.79 35.54
CA GLN Q 166 -69.71 72.52 36.86
C GLN Q 166 -68.65 72.07 37.83
N ILE Q 167 -68.68 72.60 39.05
CA ILE Q 167 -67.68 72.31 40.06
C ILE Q 167 -68.36 71.75 41.29
N ALA Q 168 -67.73 70.78 41.95
CA ALA Q 168 -68.25 70.16 43.15
C ALA Q 168 -67.16 70.12 44.22
N THR Q 169 -67.58 70.31 45.47
CA THR Q 169 -66.67 70.34 46.60
C THR Q 169 -66.88 69.11 47.46
N VAL Q 170 -65.78 68.51 47.93
CA VAL Q 170 -65.84 67.34 48.80
C VAL Q 170 -65.09 67.70 50.07
N TRP Q 171 -65.50 67.17 51.22
CA TRP Q 171 -64.81 67.41 52.47
C TRP Q 171 -64.13 66.14 52.91
N ILE Q 172 -62.83 66.23 53.21
CA ILE Q 172 -62.10 65.05 53.63
C ILE Q 172 -61.92 65.06 55.15
N ALA Q 173 -62.35 63.99 55.82
CA ALA Q 173 -62.18 63.88 57.25
C ALA Q 173 -60.70 63.75 57.61
N PRO Q 174 -60.30 64.18 58.81
CA PRO Q 174 -58.89 64.08 59.19
C PRO Q 174 -58.41 62.63 59.22
N TRP Q 175 -57.14 62.45 58.92
CA TRP Q 175 -56.57 61.11 58.85
C TRP Q 175 -55.11 61.13 59.23
N VAL Q 176 -54.54 59.96 59.48
CA VAL Q 176 -53.14 59.90 59.86
C VAL Q 176 -52.33 59.18 58.80
N ASP Q 177 -51.23 59.78 58.39
CA ASP Q 177 -50.38 59.21 57.35
C ASP Q 177 -49.56 58.04 57.84
N SER Q 178 -48.94 57.32 56.92
CA SER Q 178 -48.11 56.18 57.27
C SER Q 178 -46.95 56.63 58.14
N ASP Q 179 -46.44 57.82 57.87
CA ASP Q 179 -45.30 58.35 58.62
C ASP Q 179 -45.74 59.03 59.90
N ASN Q 180 -47.00 58.83 60.29
CA ASN Q 180 -47.54 59.45 61.51
C ASN Q 180 -47.61 60.95 61.40
N ALA Q 181 -48.00 61.45 60.23
CA ALA Q 181 -48.17 62.88 60.06
C ALA Q 181 -49.65 63.07 60.04
N PHE Q 182 -50.15 63.99 60.81
CA PHE Q 182 -51.58 64.11 60.89
C PHE Q 182 -52.10 65.16 59.95
N HIS Q 183 -53.01 64.76 59.07
CA HIS Q 183 -53.56 65.67 58.12
C HIS Q 183 -54.93 66.11 58.52
N GLN Q 184 -55.17 67.41 58.50
CA GLN Q 184 -56.47 67.96 58.81
C GLN Q 184 -56.67 68.78 57.57
N PRO Q 185 -57.07 68.15 56.43
CA PRO Q 185 -57.12 68.99 55.21
C PRO Q 185 -58.33 69.87 55.03
N GLY Q 186 -58.55 70.37 53.81
CA GLY Q 186 -59.65 71.28 53.55
C GLY Q 186 -60.43 70.87 52.32
N ARG Q 187 -61.64 71.40 52.18
CA ARG Q 187 -62.49 71.04 51.05
C ARG Q 187 -61.83 71.31 49.72
N VAL Q 188 -61.93 70.35 48.81
CA VAL Q 188 -61.33 70.53 47.50
C VAL Q 188 -62.41 70.79 46.46
N SER Q 189 -62.28 71.88 45.72
CA SER Q 189 -63.25 72.19 44.70
C SER Q 189 -62.63 71.87 43.36
N PHE Q 190 -63.28 71.01 42.58
CA PHE Q 190 -62.73 70.60 41.31
C PHE Q 190 -63.79 70.58 40.24
N VAL Q 191 -63.39 70.80 38.99
CA VAL Q 191 -64.35 70.74 37.90
C VAL Q 191 -64.87 69.31 37.76
N VAL Q 192 -66.18 69.16 37.59
CA VAL Q 192 -66.76 67.85 37.38
C VAL Q 192 -67.27 67.84 35.96
N SER Q 193 -68.21 68.71 35.64
CA SER Q 193 -68.68 68.81 34.27
C SER Q 193 -67.95 69.94 33.53
N PRO Q 194 -67.44 69.71 32.29
CA PRO Q 194 -66.82 70.86 31.62
C PRO Q 194 -67.83 71.76 30.90
N ALA Q 195 -67.33 72.78 30.20
CA ALA Q 195 -68.20 73.66 29.45
C ALA Q 195 -68.35 73.19 28.00
N ASP Q 196 -69.35 73.75 27.32
CA ASP Q 196 -69.62 73.40 25.94
C ASP Q 196 -70.18 74.61 25.22
N TRP Q 197 -70.21 74.54 23.89
CA TRP Q 197 -70.68 75.63 23.05
C TRP Q 197 -72.20 75.69 23.08
N VAL Q 198 -72.74 76.91 22.97
CA VAL Q 198 -74.18 77.13 22.96
C VAL Q 198 -74.46 78.46 22.26
N LEU Q 199 -75.60 78.47 21.55
CA LEU Q 199 -76.03 79.66 20.84
C LEU Q 199 -77.08 80.42 21.70
N PRO Q 200 -76.75 81.63 22.20
CA PRO Q 200 -77.69 82.33 23.07
C PRO Q 200 -79.00 82.68 22.39
N ALA Q 201 -80.10 82.66 23.13
CA ALA Q 201 -81.39 83.05 22.56
C ALA Q 201 -81.37 84.54 22.26
N ARG Q 202 -81.75 84.92 21.04
CA ARG Q 202 -81.75 86.33 20.67
C ARG Q 202 -82.74 87.12 21.50
N VAL Q 203 -82.37 88.34 21.86
CA VAL Q 203 -83.27 89.19 22.66
C VAL Q 203 -84.26 89.91 21.76
N THR R 91 -72.62 51.84 -27.03
CA THR R 91 -72.68 52.65 -28.22
C THR R 91 -72.64 54.10 -27.85
N VAL R 92 -72.76 54.97 -28.85
CA VAL R 92 -72.70 56.40 -28.62
C VAL R 92 -73.95 56.92 -27.95
N SER R 93 -73.89 58.13 -27.42
CA SER R 93 -75.02 58.68 -26.69
C SER R 93 -76.30 58.87 -27.48
N THR R 94 -76.20 59.32 -28.73
CA THR R 94 -77.39 59.57 -29.56
C THR R 94 -78.26 60.53 -28.80
N THR R 95 -77.66 61.53 -28.19
CA THR R 95 -78.42 62.42 -27.34
C THR R 95 -79.56 63.26 -27.91
N PRO R 96 -79.33 63.90 -29.06
CA PRO R 96 -80.43 64.77 -29.47
C PRO R 96 -81.75 64.07 -29.94
N PRO R 97 -82.95 64.56 -29.51
CA PRO R 97 -84.19 63.91 -29.91
C PRO R 97 -84.70 64.59 -31.16
N VAL R 98 -83.83 65.36 -31.84
CA VAL R 98 -84.21 66.16 -33.01
C VAL R 98 -85.21 67.29 -32.71
N SER R 99 -85.02 68.43 -33.36
CA SER R 99 -85.90 69.54 -33.11
C SER R 99 -87.31 69.12 -33.52
N ALA R 100 -88.29 69.44 -32.69
CA ALA R 100 -89.67 69.05 -32.99
C ALA R 100 -90.31 70.04 -33.96
N GLY R 101 -91.53 69.75 -34.39
CA GLY R 101 -92.17 70.61 -35.37
C GLY R 101 -93.06 69.85 -36.33
N VAL R 150 -79.99 75.86 -49.54
CA VAL R 150 -80.63 77.17 -49.40
C VAL R 150 -82.08 77.01 -48.98
N ARG R 151 -82.46 77.64 -47.87
CA ARG R 151 -83.83 77.53 -47.36
C ARG R 151 -84.26 76.08 -47.22
N CYS R 152 -83.35 75.24 -46.75
CA CYS R 152 -83.65 73.82 -46.62
C CYS R 152 -83.90 73.52 -45.16
N ASP R 153 -85.15 73.26 -44.80
CA ASP R 153 -85.48 73.08 -43.39
C ASP R 153 -85.44 71.65 -42.87
N ASN R 154 -84.30 70.97 -42.98
CA ASN R 154 -84.19 69.64 -42.39
C ASN R 154 -84.29 69.80 -40.88
N PRO R 155 -85.01 68.91 -40.21
CA PRO R 155 -85.23 69.07 -38.75
C PRO R 155 -83.93 69.02 -37.93
N GLY R 156 -83.02 68.14 -38.30
CA GLY R 156 -81.75 68.03 -37.60
C GLY R 156 -80.74 69.05 -38.07
N THR R 157 -79.52 69.01 -37.54
CA THR R 157 -78.45 69.93 -37.92
C THR R 157 -78.67 71.41 -37.62
N VAL R 158 -79.40 71.74 -36.57
CA VAL R 158 -79.55 73.13 -36.18
C VAL R 158 -78.28 73.44 -35.40
N HIS R 159 -77.96 74.72 -35.19
CA HIS R 159 -76.79 75.04 -34.38
C HIS R 159 -77.04 74.50 -32.98
N PRO R 160 -76.03 73.85 -32.40
CA PRO R 160 -76.29 73.22 -31.10
C PRO R 160 -76.23 74.16 -29.91
N GLN R 161 -76.88 73.79 -28.81
CA GLN R 161 -76.84 74.58 -27.59
C GLN R 161 -76.64 73.64 -26.43
N ARG R 162 -76.12 74.13 -25.32
CA ARG R 162 -75.94 73.28 -24.15
C ARG R 162 -76.91 73.68 -23.04
N SER R 163 -77.43 72.70 -22.29
CA SER R 163 -78.36 72.98 -21.20
C SER R 163 -77.73 73.66 -20.00
N ARG R 164 -78.49 73.98 -18.95
CA ARG R 164 -77.86 74.53 -17.74
C ARG R 164 -77.81 73.45 -16.67
N ASP R 165 -76.63 73.27 -16.07
CA ASP R 165 -76.46 72.24 -15.03
C ASP R 165 -77.44 72.44 -13.90
N GLN R 166 -77.95 71.37 -13.30
CA GLN R 166 -78.82 71.54 -12.15
C GLN R 166 -78.04 71.63 -10.86
N ILE R 167 -78.40 72.56 -10.00
CA ILE R 167 -77.69 72.80 -8.75
C ILE R 167 -78.67 72.67 -7.59
N ALA R 168 -78.21 72.11 -6.49
CA ALA R 168 -79.01 71.92 -5.29
C ALA R 168 -78.24 72.42 -4.08
N THR R 169 -78.98 73.01 -3.14
CA THR R 169 -78.41 73.58 -1.93
C THR R 169 -78.80 72.74 -0.72
N VAL R 170 -77.85 72.51 0.18
CA VAL R 170 -78.11 71.76 1.41
C VAL R 170 -77.73 72.66 2.57
N TRP R 171 -78.42 72.54 3.70
CA TRP R 171 -78.09 73.33 4.88
C TRP R 171 -77.52 72.41 5.93
N ILE R 172 -76.35 72.76 6.46
CA ILE R 172 -75.72 71.94 7.48
C ILE R 172 -75.94 72.54 8.86
N ALA R 173 -76.51 71.75 9.78
CA ALA R 173 -76.73 72.21 11.14
C ALA R 173 -75.39 72.42 11.85
N PRO R 174 -75.33 73.31 12.84
CA PRO R 174 -74.07 73.54 13.55
C PRO R 174 -73.58 72.28 14.26
N TRP R 175 -72.26 72.16 14.35
CA TRP R 175 -71.67 70.98 14.96
C TRP R 175 -70.36 71.32 15.62
N VAL R 176 -69.84 70.42 16.45
CA VAL R 176 -68.59 70.68 17.14
C VAL R 176 -67.51 69.72 16.67
N ASP R 177 -66.36 70.26 16.32
CA ASP R 177 -65.26 69.46 15.82
C ASP R 177 -64.57 68.67 16.90
N SER R 178 -63.71 67.74 16.51
CA SER R 178 -62.96 66.94 17.47
C SER R 178 -62.09 67.82 18.34
N ASP R 179 -61.55 68.88 17.76
CA ASP R 179 -60.67 69.79 18.48
C ASP R 179 -61.45 70.84 19.24
N ASN R 180 -62.76 70.65 19.37
CA ASN R 180 -63.62 71.60 20.08
C ASN R 180 -63.70 72.93 19.38
N ALA R 181 -63.77 72.89 18.06
CA ALA R 181 -63.93 74.12 17.30
C ALA R 181 -65.35 74.10 16.85
N PHE R 182 -66.07 75.18 17.06
CA PHE R 182 -67.47 75.14 16.75
C PHE R 182 -67.76 75.68 15.38
N HIS R 183 -68.38 74.86 14.55
CA HIS R 183 -68.68 75.27 13.21
C HIS R 183 -70.13 75.66 13.07
N GLN R 184 -70.39 76.81 12.48
CA GLN R 184 -71.73 77.26 12.23
C GLN R 184 -71.62 77.53 10.77
N PRO R 185 -71.69 76.47 9.90
CA PRO R 185 -71.44 76.78 8.49
C PRO R 185 -72.59 77.37 7.69
N GLY R 186 -72.48 77.34 6.37
CA GLY R 186 -73.49 77.94 5.52
C GLY R 186 -73.91 77.00 4.40
N ARG R 187 -75.06 77.29 3.79
CA ARG R 187 -75.57 76.42 2.73
C ARG R 187 -74.58 76.25 1.60
N VAL R 188 -74.42 75.02 1.13
CA VAL R 188 -73.50 74.77 0.05
C VAL R 188 -74.27 74.48 -1.22
N SER R 189 -73.97 75.22 -2.28
CA SER R 189 -74.65 75.00 -3.55
C SER R 189 -73.69 74.28 -4.47
N PHE R 190 -74.09 73.12 -4.96
CA PHE R 190 -73.20 72.33 -5.81
C PHE R 190 -73.95 71.77 -7.00
N VAL R 191 -73.24 71.56 -8.10
CA VAL R 191 -73.88 70.98 -9.27
C VAL R 191 -74.30 69.55 -8.96
N VAL R 192 -75.52 69.18 -9.35
CA VAL R 192 -75.99 67.82 -9.15
C VAL R 192 -76.10 67.21 -10.53
N SER R 193 -76.95 67.77 -11.38
CA SER R 193 -77.03 67.28 -12.74
C SER R 193 -76.17 68.14 -13.68
N PRO R 194 -75.35 67.53 -14.58
CA PRO R 194 -74.60 68.42 -15.48
C PRO R 194 -75.40 68.84 -16.71
N ALA R 195 -74.76 69.58 -17.62
CA ALA R 195 -75.43 70.00 -18.84
C ALA R 195 -75.18 69.01 -19.97
N ASP R 196 -75.97 69.13 -21.02
CA ASP R 196 -75.85 68.25 -22.18
C ASP R 196 -76.25 69.04 -23.43
N TRP R 197 -75.92 68.47 -24.59
CA TRP R 197 -76.18 69.10 -25.88
C TRP R 197 -77.66 68.96 -26.24
N VAL R 198 -78.18 69.98 -26.93
CA VAL R 198 -79.56 69.99 -27.37
C VAL R 198 -79.69 70.92 -28.58
N LEU R 199 -80.60 70.51 -29.47
CA LEU R 199 -80.86 71.28 -30.68
C LEU R 199 -82.12 72.17 -30.46
N PRO R 200 -81.96 73.51 -30.42
CA PRO R 200 -83.12 74.37 -30.14
C PRO R 200 -84.21 74.27 -31.19
N ALA R 201 -85.46 74.37 -30.79
CA ALA R 201 -86.56 74.36 -31.75
C ALA R 201 -86.51 75.62 -32.60
N ARG R 202 -86.56 75.46 -33.91
CA ARG R 202 -86.49 76.62 -34.80
C ARG R 202 -87.69 77.53 -34.60
N VAL R 203 -87.47 78.84 -34.68
CA VAL R 203 -88.56 79.79 -34.52
C VAL R 203 -89.30 80.00 -35.83
N THR S 91 -64.20 28.22 -61.42
CA THR S 91 -63.96 28.50 -62.82
C THR S 91 -64.07 29.99 -63.06
N VAL S 92 -63.93 30.40 -64.31
CA VAL S 92 -63.97 31.80 -64.66
C VAL S 92 -65.37 32.38 -64.56
N SER S 93 -65.48 33.69 -64.56
CA SER S 93 -66.78 34.32 -64.39
C SER S 93 -67.81 34.04 -65.47
N THR S 94 -67.39 34.00 -66.73
CA THR S 94 -68.33 33.77 -67.84
C THR S 94 -69.40 34.82 -67.75
N THR S 95 -69.00 36.05 -67.47
CA THR S 95 -69.98 37.09 -67.23
C THR S 95 -70.95 37.49 -68.34
N PRO S 96 -70.44 37.68 -69.55
CA PRO S 96 -71.42 38.19 -70.53
C PRO S 96 -72.55 37.20 -70.98
N PRO S 97 -73.83 37.66 -71.07
CA PRO S 97 -74.91 36.76 -71.45
C PRO S 97 -75.08 36.85 -72.94
N VAL S 98 -74.09 37.41 -73.66
CA VAL S 98 -74.16 37.66 -75.10
C VAL S 98 -75.23 38.67 -75.52
N SER S 99 -74.91 39.51 -76.50
CA SER S 99 -75.86 40.51 -76.92
C SER S 99 -77.09 39.79 -77.45
N ALA S 100 -78.26 40.26 -77.06
CA ALA S 100 -79.51 39.63 -77.49
C ALA S 100 -79.89 40.09 -78.90
N GLY S 101 -80.94 39.50 -79.45
CA GLY S 101 -81.33 39.84 -80.81
C GLY S 101 -81.90 38.67 -81.57
N VAL S 150 -65.98 40.91 -92.63
CA VAL S 150 -66.65 42.08 -93.18
C VAL S 150 -68.16 41.90 -93.08
N ARG S 151 -68.84 42.85 -92.44
CA ARG S 151 -70.29 42.76 -92.26
C ARG S 151 -70.70 41.43 -91.66
N CYS S 152 -69.93 40.94 -90.70
CA CYS S 152 -70.22 39.66 -90.09
C CYS S 152 -70.83 39.90 -88.73
N ASP S 153 -72.13 39.63 -88.60
CA ASP S 153 -72.81 39.95 -87.34
C ASP S 153 -72.88 38.84 -86.32
N ASN S 154 -71.74 38.33 -85.89
CA ASN S 154 -71.75 37.34 -84.81
C ASN S 154 -72.24 38.03 -83.55
N PRO S 155 -73.10 37.38 -82.76
CA PRO S 155 -73.69 38.04 -81.59
C PRO S 155 -72.66 38.47 -80.55
N GLY S 156 -71.66 37.64 -80.31
CA GLY S 156 -70.62 37.96 -79.35
C GLY S 156 -69.56 38.86 -79.93
N THR S 157 -68.52 39.17 -79.15
CA THR S 157 -67.41 40.02 -79.61
C THR S 157 -67.73 41.45 -79.99
N VAL S 158 -68.72 42.05 -79.34
CA VAL S 158 -69.01 43.46 -79.59
C VAL S 158 -68.00 44.20 -78.72
N HIS S 159 -67.77 45.49 -78.97
CA HIS S 159 -66.88 46.24 -78.10
C HIS S 159 -67.46 46.23 -76.70
N PRO S 160 -66.63 45.99 -75.69
CA PRO S 160 -67.22 45.86 -74.35
C PRO S 160 -67.49 47.17 -73.64
N GLN S 161 -68.40 47.17 -72.67
CA GLN S 161 -68.70 48.36 -71.90
C GLN S 161 -68.79 47.95 -70.45
N ARG S 162 -68.60 48.89 -69.53
CA ARG S 162 -68.72 48.57 -68.12
C ARG S 162 -69.95 49.23 -67.52
N SER S 163 -70.62 48.53 -66.59
CA SER S 163 -71.82 49.09 -65.94
C SER S 163 -71.54 50.24 -64.99
N ARG S 164 -72.56 50.84 -64.36
CA ARG S 164 -72.30 51.88 -63.36
C ARG S 164 -72.50 51.29 -61.97
N ASP S 165 -71.52 51.50 -61.09
CA ASP S 165 -71.60 50.96 -59.73
C ASP S 165 -72.86 51.46 -59.02
N GLN S 166 -73.46 50.62 -58.18
CA GLN S 166 -74.62 51.10 -57.45
C GLN S 166 -74.21 51.77 -56.14
N ILE S 167 -74.81 52.91 -55.84
CA ILE S 167 -74.46 53.68 -54.66
C ILE S 167 -75.70 53.86 -53.80
N ALA S 168 -75.53 53.82 -52.49
CA ALA S 168 -76.62 54.00 -51.53
C ALA S 168 -76.22 55.01 -50.48
N THR S 169 -77.19 55.81 -50.05
CA THR S 169 -76.97 56.86 -49.06
C THR S 169 -77.65 56.50 -47.76
N VAL S 170 -76.97 56.74 -46.64
CA VAL S 170 -77.53 56.48 -45.31
C VAL S 170 -77.48 57.79 -44.54
N TRP S 171 -78.44 58.02 -43.65
CA TRP S 171 -78.46 59.22 -42.84
C TRP S 171 -78.16 58.85 -41.41
N ILE S 172 -77.18 59.52 -40.80
CA ILE S 172 -76.83 59.22 -39.43
C ILE S 172 -77.42 60.26 -38.50
N ALA S 173 -78.19 59.82 -37.50
CA ALA S 173 -78.77 60.72 -36.52
C ALA S 173 -77.68 61.34 -35.66
N PRO S 174 -77.91 62.54 -35.12
CA PRO S 174 -76.87 63.18 -34.28
C PRO S 174 -76.57 62.35 -33.04
N TRP S 175 -75.32 62.45 -32.60
CA TRP S 175 -74.88 61.67 -31.45
C TRP S 175 -73.80 62.40 -30.69
N VAL S 176 -73.49 61.94 -29.49
CA VAL S 176 -72.47 62.59 -28.69
C VAL S 176 -71.29 61.68 -28.48
N ASP S 177 -70.10 62.19 -28.73
CA ASP S 177 -68.88 61.40 -28.61
C ASP S 177 -68.49 61.18 -27.16
N SER S 178 -67.53 60.29 -26.94
CA SER S 178 -67.04 60.01 -25.60
C SER S 178 -66.46 61.25 -24.97
N ASP S 179 -65.81 62.07 -25.79
CA ASP S 179 -65.17 63.29 -25.30
C ASP S 179 -66.15 64.45 -25.22
N ASN S 180 -67.45 64.15 -25.33
CA ASN S 180 -68.48 65.18 -25.27
C ASN S 180 -68.41 66.12 -26.45
N ALA S 181 -68.13 65.59 -27.62
CA ALA S 181 -68.12 66.41 -28.82
C ALA S 181 -69.37 66.05 -29.53
N PHE S 182 -70.14 67.02 -29.95
CA PHE S 182 -71.41 66.69 -30.54
C PHE S 182 -71.33 66.63 -32.04
N HIS S 183 -71.70 65.50 -32.59
CA HIS S 183 -71.65 65.33 -34.02
C HIS S 183 -73.01 65.44 -34.63
N GLN S 184 -73.14 66.25 -35.67
CA GLN S 184 -74.38 66.40 -36.38
C GLN S 184 -73.89 66.11 -37.76
N PRO S 185 -73.70 64.82 -38.12
CA PRO S 185 -73.09 64.59 -39.44
C PRO S 185 -74.00 64.69 -40.66
N GLY S 186 -73.55 64.18 -41.80
CA GLY S 186 -74.32 64.28 -43.03
C GLY S 186 -74.40 62.95 -43.74
N ARG S 187 -75.35 62.84 -44.67
CA ARG S 187 -75.54 61.58 -45.39
C ARG S 187 -74.29 61.13 -46.10
N VAL S 188 -73.98 59.84 -45.98
CA VAL S 188 -72.79 59.32 -46.63
C VAL S 188 -73.20 58.48 -47.83
N SER S 189 -72.65 58.79 -49.00
CA SER S 189 -72.96 58.03 -50.19
C SER S 189 -71.77 57.14 -50.50
N PHE S 190 -72.00 55.85 -50.57
CA PHE S 190 -70.90 54.92 -50.80
C PHE S 190 -71.29 53.87 -51.82
N VAL S 191 -70.31 53.36 -52.55
CA VAL S 191 -70.60 52.30 -53.50
C VAL S 191 -71.05 51.04 -52.77
N VAL S 192 -72.11 50.40 -53.25
CA VAL S 192 -72.58 49.17 -52.64
C VAL S 192 -72.31 48.08 -53.65
N SER S 193 -72.92 48.18 -54.83
CA SER S 193 -72.63 47.20 -55.87
C SER S 193 -71.57 47.75 -56.83
N PRO S 194 -70.52 46.95 -57.20
CA PRO S 194 -69.59 47.52 -58.18
C PRO S 194 -70.05 47.35 -59.63
N ALA S 195 -69.21 47.77 -60.58
CA ALA S 195 -69.54 47.62 -61.99
C ALA S 195 -68.97 46.31 -62.54
N ASP S 196 -69.46 45.92 -63.71
CA ASP S 196 -69.02 44.71 -64.37
C ASP S 196 -69.09 44.90 -65.87
N TRP S 197 -68.45 43.99 -66.60
CA TRP S 197 -68.38 44.05 -68.05
C TRP S 197 -69.71 43.60 -68.66
N VAL S 198 -70.05 44.21 -69.80
CA VAL S 198 -71.27 43.88 -70.52
C VAL S 198 -71.09 44.26 -71.98
N LEU S 199 -71.72 43.44 -72.84
CA LEU S 199 -71.68 43.66 -74.28
C LEU S 199 -72.97 44.39 -74.72
N PRO S 200 -72.87 45.67 -75.18
CA PRO S 200 -74.08 46.41 -75.54
C PRO S 200 -74.85 45.78 -76.69
N ALA S 201 -76.17 45.87 -76.66
CA ALA S 201 -76.97 45.36 -77.77
C ALA S 201 -76.73 46.21 -79.01
N ARG S 202 -76.42 45.56 -80.13
CA ARG S 202 -76.16 46.30 -81.35
C ARG S 202 -77.39 47.05 -81.83
N VAL S 203 -77.19 48.26 -82.36
CA VAL S 203 -78.31 49.05 -82.85
C VAL S 203 -78.68 48.66 -84.27
N THR T 91 -46.38 -5.29 -80.70
CA THR T 91 -45.79 -5.52 -81.99
C THR T 91 -45.87 -4.25 -82.82
N VAL T 92 -45.42 -4.34 -84.06
CA VAL T 92 -45.40 -3.18 -84.93
C VAL T 92 -46.79 -2.80 -85.39
N SER T 93 -46.93 -1.60 -85.94
CA SER T 93 -48.24 -1.12 -86.34
C SER T 93 -48.94 -1.92 -87.42
N THR T 94 -48.21 -2.38 -88.43
CA THR T 94 -48.80 -3.12 -89.55
C THR T 94 -49.89 -2.26 -90.13
N THR T 95 -49.61 -0.98 -90.28
CA THR T 95 -50.65 -0.07 -90.71
C THR T 95 -51.30 -0.22 -92.08
N PRO T 96 -50.50 -0.44 -93.11
CA PRO T 96 -51.20 -0.47 -94.41
C PRO T 96 -52.14 -1.69 -94.68
N PRO T 97 -53.36 -1.46 -95.24
CA PRO T 97 -54.27 -2.58 -95.48
C PRO T 97 -54.05 -3.07 -96.88
N VAL T 98 -52.92 -2.69 -97.50
CA VAL T 98 -52.61 -3.02 -98.90
C VAL T 98 -53.56 -2.38 -99.92
N SER T 99 -53.01 -1.95 -101.04
CA SER T 99 -53.83 -1.31 -102.04
C SER T 99 -54.88 -2.31 -102.52
N ALA T 100 -56.11 -1.89 -102.63
CA ALA T 100 -57.18 -2.79 -103.05
C ALA T 100 -57.19 -2.95 -104.57
N GLY T 101 -58.05 -3.83 -105.08
CA GLY T 101 -58.07 -4.06 -106.50
C GLY T 101 -58.39 -5.50 -106.85
N VAL T 150 -40.17 -5.56 -113.86
CA VAL T 150 -40.71 -4.78 -114.96
C VAL T 150 -42.19 -5.10 -115.15
N ARG T 151 -43.03 -4.08 -115.12
CA ARG T 151 -44.48 -4.28 -115.27
C ARG T 151 -45.00 -5.33 -114.30
N CYS T 152 -44.50 -5.31 -113.08
CA CYS T 152 -44.90 -6.30 -112.09
C CYS T 152 -45.86 -5.65 -111.12
N ASP T 153 -47.14 -6.01 -111.20
CA ASP T 153 -48.14 -5.33 -110.37
C ASP T 153 -48.44 -5.98 -109.03
N ASN T 154 -47.44 -6.14 -108.18
CA ASN T 154 -47.72 -6.65 -106.84
C ASN T 154 -48.54 -5.59 -106.11
N PRO T 155 -49.56 -6.01 -105.36
CA PRO T 155 -50.46 -5.04 -104.71
C PRO T 155 -49.75 -4.12 -103.71
N GLY T 156 -48.82 -4.67 -102.94
CA GLY T 156 -48.09 -3.89 -101.96
C GLY T 156 -46.93 -3.14 -102.59
N THR T 157 -46.14 -2.43 -101.79
CA THR T 157 -44.97 -1.69 -102.26
C THR T 157 -45.22 -0.55 -103.24
N VAL T 158 -46.36 0.12 -103.14
CA VAL T 158 -46.61 1.28 -103.98
C VAL T 158 -45.88 2.41 -103.26
N HIS T 159 -45.64 3.54 -103.94
CA HIS T 159 -45.02 4.67 -103.26
C HIS T 159 -45.96 5.11 -102.15
N PRO T 160 -45.42 5.37 -100.95
CA PRO T 160 -46.33 5.68 -99.85
C PRO T 160 -46.81 7.12 -99.81
N GLN T 161 -47.95 7.36 -99.16
CA GLN T 161 -48.48 8.71 -99.02
C GLN T 161 -48.93 8.86 -97.58
N ARG T 162 -49.01 10.09 -97.09
CA ARG T 162 -49.49 10.31 -95.74
C ARG T 162 -50.86 10.99 -95.74
N SER T 163 -51.74 10.62 -94.81
CA SER T 163 -53.07 11.21 -94.73
C SER T 163 -53.08 12.66 -94.27
N ARG T 164 -54.25 13.31 -94.19
CA ARG T 164 -54.29 14.67 -93.66
C ARG T 164 -54.84 14.64 -92.23
N ASP T 165 -54.13 15.28 -91.30
CA ASP T 165 -54.55 15.29 -89.90
C ASP T 165 -55.96 15.85 -89.76
N GLN T 166 -56.75 15.32 -88.82
CA GLN T 166 -58.06 15.89 -88.62
C GLN T 166 -58.03 17.04 -87.64
N ILE T 167 -58.72 18.12 -87.96
CA ILE T 167 -58.72 19.32 -87.13
C ILE T 167 -60.14 19.65 -86.74
N ALA T 168 -60.33 20.13 -85.50
CA ALA T 168 -61.63 20.51 -84.99
C ALA T 168 -61.55 21.89 -84.35
N THR T 169 -62.62 22.66 -84.52
CA THR T 169 -62.70 24.02 -84.00
C THR T 169 -63.69 24.09 -82.86
N VAL T 170 -63.33 24.81 -81.80
CA VAL T 170 -64.21 25.00 -80.64
C VAL T 170 -64.41 26.50 -80.47
N TRP T 171 -65.58 26.92 -80.00
CA TRP T 171 -65.84 28.34 -79.76
C TRP T 171 -65.92 28.57 -78.27
N ILE T 172 -65.16 29.53 -77.77
CA ILE T 172 -65.17 29.82 -76.34
C ILE T 172 -66.02 31.05 -76.07
N ALA T 173 -67.00 30.91 -75.18
CA ALA T 173 -67.85 32.04 -74.81
C ALA T 173 -67.04 33.07 -74.03
N PRO T 174 -67.44 34.35 -74.08
CA PRO T 174 -66.68 35.38 -73.34
C PRO T 174 -66.68 35.12 -71.84
N TRP T 175 -65.60 35.53 -71.20
CA TRP T 175 -65.46 35.30 -69.78
C TRP T 175 -64.64 36.40 -69.13
N VAL T 176 -64.65 36.46 -67.81
CA VAL T 176 -63.90 37.49 -67.12
C VAL T 176 -62.79 36.88 -66.30
N ASP T 177 -61.59 37.41 -66.44
CA ASP T 177 -60.42 36.89 -65.73
C ASP T 177 -60.42 37.28 -64.27
N SER T 178 -59.53 36.66 -63.50
CA SER T 178 -59.41 36.97 -62.08
C SER T 178 -59.04 38.42 -61.89
N ASP T 179 -58.22 38.95 -62.78
CA ASP T 179 -57.76 40.33 -62.68
C ASP T 179 -58.76 41.30 -63.29
N ASN T 180 -59.98 40.83 -63.57
CA ASN T 180 -61.01 41.65 -64.18
C ASN T 180 -60.66 42.10 -65.58
N ALA T 181 -60.06 41.19 -66.35
CA ALA T 181 -59.76 41.51 -67.73
C ALA T 181 -60.77 40.74 -68.50
N PHE T 182 -61.43 41.38 -69.44
CA PHE T 182 -62.49 40.70 -70.13
C PHE T 182 -62.02 40.10 -71.42
N HIS T 183 -62.19 38.80 -71.55
CA HIS T 183 -61.76 38.11 -72.74
C HIS T 183 -62.92 37.81 -73.65
N GLN T 184 -62.78 38.15 -74.91
CA GLN T 184 -63.80 37.87 -75.90
C GLN T 184 -62.95 37.14 -76.90
N PRO T 185 -62.64 35.84 -76.67
CA PRO T 185 -61.70 35.21 -77.61
C PRO T 185 -62.26 34.74 -78.94
N GLY T 186 -61.51 33.90 -79.65
CA GLY T 186 -61.93 33.44 -80.96
C GLY T 186 -61.79 31.93 -81.08
N ARG T 187 -62.45 31.36 -82.08
CA ARG T 187 -62.41 29.91 -82.27
C ARG T 187 -61.01 29.39 -82.44
N VAL T 188 -60.71 28.30 -81.75
CA VAL T 188 -59.37 27.72 -81.84
C VAL T 188 -59.43 26.44 -82.66
N SER T 189 -58.60 26.37 -83.70
CA SER T 189 -58.56 25.18 -84.53
C SER T 189 -57.32 24.41 -84.18
N PHE T 190 -57.48 23.15 -83.79
CA PHE T 190 -56.34 22.36 -83.37
C PHE T 190 -56.42 20.96 -83.95
N VAL T 191 -55.26 20.34 -84.16
CA VAL T 191 -55.26 18.97 -84.66
C VAL T 191 -55.87 18.04 -83.62
N VAL T 192 -56.74 17.14 -84.04
CA VAL T 192 -57.33 16.18 -83.13
C VAL T 192 -56.77 14.83 -83.53
N SER T 193 -57.05 14.40 -84.75
CA SER T 193 -56.47 13.15 -85.22
C SER T 193 -55.20 13.43 -86.05
N PRO T 194 -54.08 12.69 -85.82
CA PRO T 194 -52.94 12.97 -86.69
C PRO T 194 -52.99 12.21 -88.01
N ALA T 195 -51.94 12.34 -88.83
CA ALA T 195 -51.88 11.63 -90.10
C ALA T 195 -51.15 10.30 -89.93
N ASP T 196 -51.31 9.45 -90.95
CA ASP T 196 -50.68 8.13 -90.95
C ASP T 196 -50.35 7.74 -92.38
N TRP T 197 -49.52 6.71 -92.51
CA TRP T 197 -49.07 6.23 -93.81
C TRP T 197 -50.18 5.42 -94.49
N VAL T 198 -50.22 5.51 -95.82
CA VAL T 198 -51.19 4.77 -96.61
C VAL T 198 -50.65 4.60 -98.02
N LEU T 199 -51.01 3.45 -98.60
CA LEU T 199 -50.60 3.12 -99.96
C LEU T 199 -51.74 3.46 -100.95
N PRO T 200 -51.55 4.47 -101.83
CA PRO T 200 -52.65 4.86 -102.72
C PRO T 200 -53.06 3.76 -103.68
N ALA T 201 -54.35 3.68 -104.00
CA ALA T 201 -54.81 2.69 -104.97
C ALA T 201 -54.28 3.04 -106.34
N ARG T 202 -53.67 2.07 -107.01
CA ARG T 202 -53.10 2.31 -108.33
C ARG T 202 -54.19 2.68 -109.34
N VAL T 203 -53.88 3.61 -110.24
CA VAL T 203 -54.85 4.01 -111.25
C VAL T 203 -54.83 3.07 -112.44
N THR U 91 -23.25 -41.02 -80.43
CA THR U 91 -22.33 -41.64 -81.35
C THR U 91 -22.22 -40.80 -82.59
N VAL U 92 -21.46 -41.28 -83.57
CA VAL U 92 -21.23 -40.55 -84.79
C VAL U 92 -22.46 -40.55 -85.68
N SER U 93 -22.49 -39.67 -86.67
CA SER U 93 -23.65 -39.55 -87.51
C SER U 93 -24.02 -40.78 -88.34
N THR U 94 -23.04 -41.48 -88.87
CA THR U 94 -23.30 -42.66 -89.72
C THR U 94 -24.21 -42.22 -90.82
N THR U 95 -23.94 -41.06 -91.39
CA THR U 95 -24.85 -40.52 -92.38
C THR U 95 -25.11 -41.26 -93.68
N PRO U 96 -24.06 -41.74 -94.34
CA PRO U 96 -24.39 -42.34 -95.63
C PRO U 96 -25.20 -43.69 -95.62
N PRO U 97 -26.23 -43.85 -96.48
CA PRO U 97 -27.02 -45.07 -96.47
C PRO U 97 -26.42 -46.03 -97.47
N VAL U 98 -25.17 -45.77 -97.91
CA VAL U 98 -24.50 -46.55 -98.96
C VAL U 98 -25.16 -46.46 -100.33
N SER U 99 -24.35 -46.41 -101.37
CA SER U 99 -24.90 -46.31 -102.70
C SER U 99 -25.74 -47.55 -102.97
N ALA U 100 -26.92 -47.35 -103.53
CA ALA U 100 -27.82 -48.48 -103.79
C ALA U 100 -27.42 -49.19 -105.08
N GLY U 101 -28.09 -50.30 -105.39
CA GLY U 101 -27.73 -51.06 -106.57
C GLY U 101 -27.91 -52.55 -106.38
N VAL U 150 -8.48 -52.92 -108.34
CA VAL U 150 -8.74 -52.68 -109.75
C VAL U 150 -10.10 -53.23 -110.13
N ARG U 151 -10.95 -52.39 -110.71
CA ARG U 151 -12.30 -52.81 -111.09
C ARG U 151 -13.03 -53.47 -109.94
N CYS U 152 -12.87 -52.94 -108.75
CA CYS U 152 -13.50 -53.53 -107.57
C CYS U 152 -14.69 -52.69 -107.20
N ASP U 153 -15.89 -53.21 -107.42
CA ASP U 153 -17.09 -52.41 -107.19
C ASP U 153 -17.73 -52.54 -105.81
N ASN U 154 -16.98 -52.24 -104.76
CA ASN U 154 -17.59 -52.24 -103.43
C ASN U 154 -18.60 -51.10 -103.39
N PRO U 155 -19.78 -51.33 -102.79
CA PRO U 155 -20.84 -50.31 -102.81
C PRO U 155 -20.44 -49.01 -102.12
N GLY U 156 -19.74 -49.10 -101.00
CA GLY U 156 -19.31 -47.92 -100.28
C GLY U 156 -18.05 -47.32 -100.85
N THR U 157 -17.52 -46.27 -100.23
CA THR U 157 -16.28 -45.61 -100.68
C THR U 157 -16.30 -44.97 -102.06
N VAL U 158 -17.43 -44.46 -102.51
CA VAL U 158 -17.48 -43.74 -103.76
C VAL U 158 -17.00 -42.34 -103.41
N HIS U 159 -16.61 -41.53 -104.39
CA HIS U 159 -16.23 -40.16 -104.09
C HIS U 159 -17.44 -39.46 -103.50
N PRO U 160 -17.24 -38.70 -102.42
CA PRO U 160 -18.41 -38.12 -101.77
C PRO U 160 -18.93 -36.85 -102.40
N GLN U 161 -20.20 -36.53 -102.19
CA GLN U 161 -20.79 -35.30 -102.72
C GLN U 161 -21.61 -34.68 -101.61
N ARG U 162 -21.85 -33.38 -101.68
CA ARG U 162 -22.67 -32.73 -100.68
C ARG U 162 -24.01 -32.28 -101.28
N SER U 163 -25.09 -32.39 -100.50
CA SER U 163 -26.41 -31.98 -100.97
C SER U 163 -26.58 -30.48 -101.14
N ARG U 164 -27.75 -29.99 -101.59
CA ARG U 164 -27.96 -28.55 -101.67
C ARG U 164 -28.86 -28.12 -100.51
N ASP U 165 -28.44 -27.09 -99.78
CA ASP U 165 -29.22 -26.61 -98.63
C ASP U 165 -30.63 -26.22 -99.06
N GLN U 166 -31.62 -26.46 -98.20
CA GLN U 166 -32.96 -26.03 -98.56
C GLN U 166 -33.22 -24.60 -98.14
N ILE U 167 -33.83 -23.81 -99.01
CA ILE U 167 -34.07 -22.40 -98.74
C ILE U 167 -35.56 -22.13 -98.85
N ALA U 168 -36.08 -21.26 -97.99
CA ALA U 168 -37.48 -20.88 -97.99
C ALA U 168 -37.60 -19.36 -97.95
N THR U 169 -38.62 -18.85 -98.65
CA THR U 169 -38.86 -17.42 -98.75
C THR U 169 -40.12 -17.05 -97.99
N VAL U 170 -40.07 -15.95 -97.25
CA VAL U 170 -41.23 -15.46 -96.50
C VAL U 170 -41.51 -14.04 -96.99
N TRP U 171 -42.77 -13.62 -97.01
CA TRP U 171 -43.12 -12.27 -97.41
C TRP U 171 -43.60 -11.51 -96.19
N ILE U 172 -43.02 -10.33 -95.96
CA ILE U 172 -43.42 -9.53 -94.81
C ILE U 172 -44.33 -8.41 -95.24
N ALA U 173 -45.52 -8.33 -94.63
CA ALA U 173 -46.46 -7.27 -94.94
C ALA U 173 -45.91 -5.92 -94.47
N PRO U 174 -46.32 -4.82 -95.11
CA PRO U 174 -45.80 -3.50 -94.69
C PRO U 174 -46.20 -3.18 -93.26
N TRP U 175 -45.34 -2.42 -92.59
CA TRP U 175 -45.57 -2.08 -91.20
C TRP U 175 -44.97 -0.74 -90.87
N VAL U 176 -45.34 -0.17 -89.73
CA VAL U 176 -44.82 1.13 -89.35
C VAL U 176 -43.96 1.02 -88.12
N ASP U 177 -42.78 1.60 -88.18
CA ASP U 177 -41.83 1.54 -87.07
C ASP U 177 -42.21 2.44 -85.92
N SER U 178 -41.55 2.28 -84.79
CA SER U 178 -41.81 3.11 -83.62
C SER U 178 -41.55 4.56 -83.93
N ASP U 179 -40.54 4.82 -84.75
CA ASP U 179 -40.16 6.18 -85.10
C ASP U 179 -40.98 6.71 -86.25
N ASN U 180 -42.07 6.02 -86.60
CA ASN U 180 -42.93 6.42 -87.70
C ASN U 180 -42.23 6.35 -89.04
N ALA U 181 -41.43 5.31 -89.23
CA ALA U 181 -40.77 5.11 -90.52
C ALA U 181 -41.52 3.99 -91.13
N PHE U 182 -41.93 4.14 -92.38
CA PHE U 182 -42.76 3.13 -92.96
C PHE U 182 -41.94 2.15 -93.76
N HIS U 183 -42.04 0.88 -93.41
CA HIS U 183 -41.30 -0.13 -94.10
C HIS U 183 -42.16 -0.89 -95.05
N GLN U 184 -41.71 -1.05 -96.28
CA GLN U 184 -42.42 -1.80 -97.27
C GLN U 184 -41.31 -2.74 -97.68
N PRO U 185 -41.04 -3.81 -96.88
CA PRO U 185 -39.88 -4.61 -97.26
C PRO U 185 -40.05 -5.62 -98.38
N GLY U 186 -39.12 -6.56 -98.50
CA GLY U 186 -39.16 -7.54 -99.58
C GLY U 186 -38.96 -8.94 -99.06
N ARG U 187 -39.31 -9.93 -99.88
CA ARG U 187 -39.19 -11.32 -99.47
C ARG U 187 -37.78 -11.69 -99.08
N VAL U 188 -37.64 -12.40 -97.97
CA VAL U 188 -36.32 -12.80 -97.51
C VAL U 188 -36.12 -14.28 -97.75
N SER U 189 -35.04 -14.63 -98.45
CA SER U 189 -34.76 -16.03 -98.71
C SER U 189 -33.63 -16.45 -97.80
N PHE U 190 -33.86 -17.47 -97.00
CA PHE U 190 -32.85 -17.89 -96.05
C PHE U 190 -32.74 -19.40 -96.03
N VAL U 191 -31.55 -19.91 -95.70
CA VAL U 191 -31.38 -21.36 -95.60
C VAL U 191 -32.22 -21.89 -94.45
N VAL U 192 -32.93 -22.99 -94.67
CA VAL U 192 -33.71 -23.61 -93.62
C VAL U 192 -33.03 -24.93 -93.31
N SER U 193 -32.97 -25.81 -94.29
CA SER U 193 -32.25 -27.06 -94.09
C SER U 193 -30.82 -26.97 -94.63
N PRO U 194 -29.78 -27.41 -93.87
CA PRO U 194 -28.45 -27.33 -94.50
C PRO U 194 -28.13 -28.53 -95.39
N ALA U 195 -26.91 -28.59 -95.91
CA ALA U 195 -26.50 -29.71 -96.75
C ALA U 195 -25.81 -30.78 -95.91
N ASP U 196 -25.67 -31.96 -96.51
CA ASP U 196 -25.03 -33.09 -95.84
C ASP U 196 -24.32 -33.94 -96.88
N TRP U 197 -23.46 -34.83 -96.40
CA TRP U 197 -22.67 -35.70 -97.25
C TRP U 197 -23.54 -36.83 -97.80
N VAL U 198 -23.22 -37.26 -99.02
CA VAL U 198 -23.94 -38.35 -99.67
C VAL U 198 -23.04 -38.98 -100.72
N LEU U 199 -23.20 -40.30 -100.87
CA LEU U 199 -22.43 -41.06 -101.84
C LEU U 199 -23.28 -41.26 -103.12
N PRO U 200 -22.90 -40.64 -104.26
CA PRO U 200 -23.72 -40.76 -105.48
C PRO U 200 -23.85 -42.18 -105.98
N ALA U 201 -25.00 -42.53 -106.53
CA ALA U 201 -25.17 -43.87 -107.11
C ALA U 201 -24.29 -43.99 -108.35
N ARG U 202 -23.51 -45.06 -108.42
CA ARG U 202 -22.62 -45.25 -109.56
C ARG U 202 -23.41 -45.44 -110.84
N VAL U 203 -22.90 -44.88 -111.94
CA VAL U 203 -23.58 -45.01 -113.22
C VAL U 203 -23.22 -46.32 -113.91
N THR V 91 -0.10 -70.78 -60.68
CA THR V 91 1.04 -71.58 -61.04
C THR V 91 1.46 -71.26 -62.46
N VAL V 92 2.46 -71.97 -62.94
CA VAL V 92 2.99 -71.73 -64.26
C VAL V 92 2.04 -72.22 -65.34
N SER V 93 2.25 -71.78 -66.57
CA SER V 93 1.34 -72.13 -67.65
C SER V 93 1.24 -73.62 -67.98
N THR V 94 2.35 -74.34 -67.96
CA THR V 94 2.35 -75.77 -68.30
C THR V 94 1.76 -75.91 -69.67
N THR V 95 2.14 -75.03 -70.56
CA THR V 95 1.51 -75.01 -71.87
C THR V 95 1.62 -76.22 -72.79
N PRO V 96 2.82 -76.76 -72.94
CA PRO V 96 2.86 -77.84 -73.93
C PRO V 96 2.11 -79.17 -73.57
N PRO V 97 1.34 -79.77 -74.52
CA PRO V 97 0.62 -81.00 -74.21
C PRO V 97 1.48 -82.17 -74.59
N VAL V 98 2.79 -81.94 -74.77
CA VAL V 98 3.74 -82.97 -75.24
C VAL V 98 3.46 -83.49 -76.65
N SER V 99 4.52 -83.73 -77.41
CA SER V 99 4.34 -84.20 -78.77
C SER V 99 3.63 -85.55 -78.71
N ALA V 100 2.63 -85.72 -79.56
CA ALA V 100 1.86 -86.97 -79.56
C ALA V 100 2.61 -88.06 -80.33
N GLY V 101 2.07 -89.28 -80.31
CA GLY V 101 2.76 -90.38 -80.98
C GLY V 101 2.57 -91.69 -80.26
N VAL V 150 21.82 -90.29 -77.33
CA VAL V 150 21.94 -90.64 -78.74
C VAL V 150 20.75 -91.46 -79.19
N ARG V 151 20.05 -91.00 -80.23
CA ARG V 151 18.87 -91.71 -80.71
C ARG V 151 17.88 -91.98 -79.60
N CYS V 152 17.70 -91.02 -78.71
CA CYS V 152 16.80 -91.21 -77.59
C CYS V 152 15.53 -90.45 -77.85
N ASP V 153 14.44 -91.16 -78.13
CA ASP V 153 13.20 -90.49 -78.52
C ASP V 153 12.23 -90.17 -77.40
N ASN V 154 12.66 -89.41 -76.40
CA ASN V 154 11.72 -88.98 -75.36
C ASN V 154 10.71 -88.06 -76.01
N PRO V 155 9.43 -88.19 -75.66
CA PRO V 155 8.38 -87.40 -76.33
C PRO V 155 8.55 -85.89 -76.14
N GLY V 156 8.94 -85.47 -74.95
CA GLY V 156 9.13 -84.06 -74.67
C GLY V 156 10.48 -83.56 -75.12
N THR V 157 10.80 -82.30 -74.86
CA THR V 157 12.09 -81.71 -75.23
C THR V 157 12.43 -81.64 -76.72
N VAL V 158 11.43 -81.48 -77.57
CA VAL V 158 11.70 -81.30 -78.99
C VAL V 158 12.03 -79.82 -79.12
N HIS V 159 12.65 -79.39 -80.22
CA HIS V 159 12.90 -77.97 -80.41
C HIS V 159 11.57 -77.26 -80.44
N PRO V 160 11.45 -76.13 -79.73
CA PRO V 160 10.13 -75.50 -79.65
C PRO V 160 9.77 -74.64 -80.85
N GLN V 161 8.48 -74.43 -81.07
CA GLN V 161 8.02 -73.57 -82.17
C GLN V 161 6.92 -72.69 -81.62
N ARG V 162 6.68 -71.56 -82.26
CA ARG V 162 5.60 -70.68 -81.81
C ARG V 162 4.46 -70.67 -82.82
N SER V 163 3.21 -70.61 -82.34
CA SER V 163 2.05 -70.59 -83.23
C SER V 163 1.90 -69.30 -84.03
N ARG V 164 0.88 -69.16 -84.88
CA ARG V 164 0.66 -67.90 -85.57
C ARG V 164 -0.53 -67.18 -84.93
N ASP V 165 -0.34 -65.91 -84.59
CA ASP V 165 -1.41 -65.14 -83.94
C ASP V 165 -2.67 -65.12 -84.80
N GLN V 166 -3.84 -65.15 -84.18
CA GLN V 166 -5.05 -65.05 -84.98
C GLN V 166 -5.45 -63.61 -85.22
N ILE V 167 -5.83 -63.29 -86.45
CA ILE V 167 -6.17 -61.93 -86.83
C ILE V 167 -7.59 -61.92 -87.39
N ALA V 168 -8.33 -60.85 -87.08
CA ALA V 168 -9.69 -60.68 -87.55
C ALA V 168 -9.87 -59.29 -88.15
N THR V 169 -10.67 -59.21 -89.20
CA THR V 169 -10.92 -57.97 -89.92
C THR V 169 -12.34 -57.50 -89.68
N VAL V 170 -12.52 -56.21 -89.46
CA VAL V 170 -13.84 -55.63 -89.25
C VAL V 170 -14.02 -54.54 -90.31
N TRP V 171 -15.24 -54.33 -90.79
CA TRP V 171 -15.50 -53.28 -91.76
C TRP V 171 -16.31 -52.18 -91.09
N ILE V 172 -15.84 -50.94 -91.21
CA ILE V 172 -16.54 -49.84 -90.59
C ILE V 172 -17.35 -49.08 -91.64
N ALA V 173 -18.66 -48.93 -91.40
CA ALA V 173 -19.51 -48.19 -92.32
C ALA V 173 -19.14 -46.70 -92.30
N PRO V 174 -19.39 -45.98 -93.41
CA PRO V 174 -19.03 -44.55 -93.43
C PRO V 174 -19.81 -43.77 -92.38
N TRP V 175 -19.17 -42.71 -91.89
CA TRP V 175 -19.77 -41.90 -90.84
C TRP V 175 -19.32 -40.47 -90.94
N VAL V 176 -19.99 -39.57 -90.23
CA VAL V 176 -19.63 -38.17 -90.29
C VAL V 176 -19.11 -37.69 -88.95
N ASP V 177 -17.97 -37.03 -88.95
CA ASP V 177 -17.35 -36.56 -87.72
C ASP V 177 -18.05 -35.35 -87.15
N SER V 178 -17.70 -34.99 -85.92
CA SER V 178 -18.29 -33.82 -85.28
C SER V 178 -17.98 -32.57 -86.07
N ASP V 179 -16.80 -32.51 -86.66
CA ASP V 179 -16.38 -31.34 -87.41
C ASP V 179 -16.88 -31.40 -88.84
N ASN V 180 -17.82 -32.30 -89.13
CA ASN V 180 -18.37 -32.45 -90.47
C ASN V 180 -17.34 -32.94 -91.47
N ALA V 181 -16.49 -33.86 -91.04
CA ALA V 181 -15.51 -34.43 -91.96
C ALA V 181 -16.04 -35.79 -92.24
N PHE V 182 -16.11 -36.17 -93.49
CA PHE V 182 -16.72 -37.43 -93.80
C PHE V 182 -15.71 -38.52 -93.93
N HIS V 183 -15.86 -39.56 -93.14
CA HIS V 183 -14.93 -40.66 -93.18
C HIS V 183 -15.50 -41.83 -93.93
N GLN V 184 -14.74 -42.36 -94.86
CA GLN V 184 -15.13 -43.53 -95.61
C GLN V 184 -13.94 -44.40 -95.35
N PRO V 185 -13.86 -45.05 -94.15
CA PRO V 185 -12.61 -45.78 -93.89
C PRO V 185 -12.46 -47.14 -94.54
N GLY V 186 -11.50 -47.94 -94.05
CA GLY V 186 -11.24 -49.24 -94.63
C GLY V 186 -11.14 -50.31 -93.57
N ARG V 187 -11.25 -51.57 -93.99
CA ARG V 187 -11.20 -52.68 -93.04
C ARG V 187 -9.93 -52.69 -92.23
N VAL V 188 -10.07 -52.91 -90.93
CA VAL V 188 -8.91 -52.93 -90.06
C VAL V 188 -8.61 -54.36 -89.64
N SER V 189 -7.38 -54.81 -89.87
CA SER V 189 -7.01 -56.15 -89.48
C SER V 189 -6.15 -56.05 -88.25
N PHE V 190 -6.55 -56.72 -87.18
CA PHE V 190 -5.82 -56.63 -85.93
C PHE V 190 -5.68 -57.99 -85.29
N VAL V 191 -4.61 -58.18 -84.52
CA VAL V 191 -4.44 -59.45 -83.83
C VAL V 191 -5.53 -59.62 -82.78
N VAL V 192 -6.13 -60.81 -82.72
CA VAL V 192 -7.14 -61.07 -81.71
C VAL V 192 -6.53 -62.08 -80.76
N SER V 193 -6.19 -63.25 -81.27
CA SER V 193 -5.53 -64.23 -80.42
C SER V 193 -4.00 -64.16 -80.61
N PRO V 194 -3.19 -64.16 -79.53
CA PRO V 194 -1.74 -64.15 -79.79
C PRO V 194 -1.17 -65.54 -80.04
N ALA V 195 0.14 -65.63 -80.20
CA ALA V 195 0.79 -66.93 -80.40
C ALA V 195 1.26 -67.51 -79.07
N ASP V 196 1.59 -68.80 -79.10
CA ASP V 196 2.06 -69.50 -77.91
C ASP V 196 3.04 -70.59 -78.34
N TRP V 197 3.77 -71.11 -77.36
CA TRP V 197 4.77 -72.13 -77.60
C TRP V 197 4.11 -73.49 -77.83
N VAL V 198 4.75 -74.31 -78.68
CA VAL V 198 4.25 -75.64 -78.99
C VAL V 198 5.42 -76.48 -79.47
N LEU V 199 5.33 -77.78 -79.11
CA LEU V 199 6.35 -78.74 -79.50
C LEU V 199 5.88 -79.51 -80.75
N PRO V 200 6.53 -79.33 -81.93
CA PRO V 200 6.06 -79.99 -83.14
C PRO V 200 6.11 -81.51 -83.06
N ALA V 201 5.16 -82.18 -83.68
CA ALA V 201 5.18 -83.64 -83.71
C ALA V 201 6.35 -84.11 -84.55
N ARG V 202 7.16 -85.02 -84.01
CA ARG V 202 8.32 -85.51 -84.74
C ARG V 202 7.90 -86.26 -86.00
N VAL V 203 8.67 -86.10 -87.07
CA VAL V 203 8.35 -86.78 -88.32
C VAL V 203 8.92 -88.20 -88.32
N THR W 91 17.77 -87.76 -25.97
CA THR W 91 18.98 -88.48 -25.71
C THR W 91 19.75 -88.66 -26.99
N VAL W 92 20.86 -89.37 -26.92
CA VAL W 92 21.71 -89.58 -28.06
C VAL W 92 21.10 -90.56 -29.06
N SER W 93 21.61 -90.59 -30.27
CA SER W 93 21.04 -91.44 -31.30
C SER W 93 21.05 -92.93 -31.03
N THR W 94 22.14 -93.45 -30.46
CA THR W 94 22.27 -94.89 -30.19
C THR W 94 22.06 -95.60 -31.50
N THR W 95 22.65 -95.08 -32.56
CA THR W 95 22.38 -95.64 -33.87
C THR W 95 22.76 -97.07 -34.19
N PRO W 96 23.97 -97.48 -33.81
CA PRO W 96 24.29 -98.83 -34.27
C PRO W 96 23.52 -100.02 -33.60
N PRO W 97 23.05 -101.02 -34.39
CA PRO W 97 22.29 -102.13 -33.80
C PRO W 97 23.26 -103.23 -33.46
N VAL W 98 24.56 -102.92 -33.42
CA VAL W 98 25.62 -103.92 -33.20
C VAL W 98 25.75 -104.96 -34.32
N SER W 99 26.97 -105.33 -34.65
CA SER W 99 27.17 -106.30 -35.71
C SER W 99 26.50 -107.60 -35.29
N ALA W 100 25.77 -108.21 -36.20
CA ALA W 100 25.06 -109.45 -35.89
C ALA W 100 26.01 -110.65 -35.98
N GLY W 101 25.52 -111.83 -35.61
CA GLY W 101 26.38 -112.99 -35.61
C GLY W 101 26.05 -113.97 -34.49
N VAL W 150 43.80 -109.13 -27.96
CA VAL W 150 44.30 -109.96 -29.04
C VAL W 150 43.29 -111.03 -29.38
N ARG W 151 42.88 -111.09 -30.65
CA ARG W 151 41.88 -112.07 -31.09
C ARG W 151 40.64 -112.04 -30.22
N CYS W 152 40.21 -110.84 -29.85
CA CYS W 152 39.05 -110.71 -28.98
C CYS W 152 37.88 -110.27 -29.82
N ASP W 153 36.92 -111.17 -30.04
CA ASP W 153 35.81 -110.85 -30.94
C ASP W 153 34.57 -110.27 -30.29
N ASN W 154 34.70 -109.13 -29.60
CA ASN W 154 33.51 -108.48 -29.07
C ASN W 154 32.68 -108.00 -30.26
N PRO W 155 31.36 -108.16 -30.19
CA PRO W 155 30.51 -107.81 -31.35
C PRO W 155 30.58 -106.34 -31.73
N GLY W 156 30.62 -105.45 -30.74
CA GLY W 156 30.70 -104.03 -31.01
C GLY W 156 32.11 -103.57 -31.29
N THR W 157 32.32 -102.27 -31.49
CA THR W 157 33.65 -101.69 -31.74
C THR W 157 34.36 -102.15 -33.02
N VAL W 158 33.62 -102.45 -34.07
CA VAL W 158 34.25 -102.79 -35.34
C VAL W 158 34.57 -101.43 -35.96
N HIS W 159 35.44 -101.37 -36.96
CA HIS W 159 35.69 -100.10 -37.63
C HIS W 159 34.40 -99.63 -38.25
N PRO W 160 34.07 -98.35 -38.10
CA PRO W 160 32.76 -97.91 -38.58
C PRO W 160 32.71 -97.61 -40.07
N GLN W 161 31.52 -97.67 -40.66
CA GLN W 161 31.35 -97.35 -42.07
C GLN W 161 30.12 -96.48 -42.19
N ARG W 162 30.02 -95.69 -43.26
CA ARG W 162 28.84 -94.87 -43.46
C ARG W 162 28.01 -95.38 -44.63
N SER W 163 26.68 -95.31 -44.52
CA SER W 163 25.80 -95.77 -45.59
C SER W 163 25.82 -94.90 -46.84
N ARG W 164 25.07 -95.23 -47.90
CA ARG W 164 25.00 -94.34 -49.05
C ARG W 164 23.67 -93.61 -49.05
N ASP W 165 23.72 -92.28 -49.20
CA ASP W 165 22.50 -91.47 -49.18
C ASP W 165 21.52 -91.93 -50.24
N GLN W 166 20.22 -91.87 -49.95
CA GLN W 166 19.26 -92.24 -50.98
C GLN W 166 18.91 -91.06 -51.86
N ILE W 167 18.86 -91.28 -53.17
CA ILE W 167 18.59 -90.21 -54.12
C ILE W 167 17.38 -90.58 -54.95
N ALA W 168 16.55 -89.59 -55.28
CA ALA W 168 15.36 -89.79 -56.08
C ALA W 168 15.32 -88.75 -57.20
N THR W 169 14.82 -89.18 -58.35
CA THR W 169 14.74 -88.33 -59.54
C THR W 169 13.29 -88.00 -59.84
N VAL W 170 13.03 -86.75 -60.20
CA VAL W 170 11.68 -86.31 -60.55
C VAL W 170 11.76 -85.73 -61.96
N TRP W 171 10.71 -85.87 -62.75
CA TRP W 171 10.67 -85.30 -64.10
C TRP W 171 9.70 -84.15 -64.12
N ILE W 172 10.15 -82.99 -64.60
CA ILE W 172 9.28 -81.84 -64.66
C ILE W 172 8.76 -81.64 -66.08
N ALA W 173 7.44 -81.58 -66.24
CA ALA W 173 6.84 -81.35 -67.54
C ALA W 173 7.15 -79.93 -68.03
N PRO W 174 7.18 -79.71 -69.35
CA PRO W 174 7.49 -78.37 -69.85
C PRO W 174 6.45 -77.35 -69.41
N TRP W 175 6.90 -76.11 -69.25
CA TRP W 175 6.03 -75.06 -68.77
C TRP W 175 6.46 -73.72 -69.32
N VAL W 176 5.60 -72.72 -69.20
CA VAL W 176 5.93 -71.40 -69.72
C VAL W 176 6.06 -70.40 -68.60
N ASP W 177 7.14 -69.65 -68.60
CA ASP W 177 7.41 -68.67 -67.55
C ASP W 177 6.55 -67.44 -67.68
N SER W 178 6.55 -66.60 -66.65
CA SER W 178 5.78 -65.36 -66.68
C SER W 178 6.25 -64.47 -67.79
N ASP W 179 7.55 -64.49 -68.07
CA ASP W 179 8.12 -63.64 -69.11
C ASP W 179 8.01 -64.29 -70.48
N ASN W 180 7.21 -65.34 -70.59
CA ASN W 180 7.04 -66.06 -71.86
C ASN W 180 8.31 -66.74 -72.31
N ALA W 181 9.04 -67.32 -71.36
CA ALA W 181 10.24 -68.07 -71.72
C ALA W 181 9.84 -69.50 -71.55
N PHE W 182 10.11 -70.32 -72.54
CA PHE W 182 9.64 -71.67 -72.46
C PHE W 182 10.68 -72.59 -71.91
N HIS W 183 10.35 -73.27 -70.82
CA HIS W 183 11.28 -74.17 -70.21
C HIS W 183 10.96 -75.60 -70.55
N GLN W 184 11.96 -76.35 -70.99
CA GLN W 184 11.81 -77.75 -71.28
C GLN W 184 12.91 -78.30 -70.43
N PRO W 185 12.68 -78.43 -69.08
CA PRO W 185 13.83 -78.84 -68.28
C PRO W 185 14.19 -80.33 -68.27
N GLY W 186 15.00 -80.74 -67.31
CA GLY W 186 15.45 -82.13 -67.24
C GLY W 186 15.29 -82.71 -65.86
N ARG W 187 15.33 -84.03 -65.76
CA ARG W 187 15.16 -84.69 -64.48
C ARG W 187 16.16 -84.23 -63.44
N VAL W 188 15.69 -83.96 -62.23
CA VAL W 188 16.58 -83.51 -61.18
C VAL W 188 16.79 -84.63 -60.18
N SER W 189 18.05 -84.97 -59.92
CA SER W 189 18.35 -86.01 -58.95
C SER W 189 18.84 -85.34 -57.69
N PHE W 190 18.19 -85.61 -56.58
CA PHE W 190 18.56 -84.96 -55.33
C PHE W 190 18.56 -85.96 -54.19
N VAL W 191 19.40 -85.71 -53.19
CA VAL W 191 19.41 -86.58 -52.03
C VAL W 191 18.08 -86.49 -51.29
N VAL W 192 17.52 -87.63 -50.90
CA VAL W 192 16.28 -87.63 -50.14
C VAL W 192 16.64 -88.12 -48.76
N SER W 193 17.14 -89.35 -48.66
CA SER W 193 17.59 -89.84 -47.36
C SER W 193 19.10 -89.66 -47.21
N PRO W 194 19.60 -89.13 -46.05
CA PRO W 194 21.06 -89.05 -45.96
C PRO W 194 21.71 -90.34 -45.49
N ALA W 195 23.03 -90.33 -45.29
CA ALA W 195 23.74 -91.50 -44.82
C ALA W 195 23.86 -91.48 -43.29
N ASP W 196 24.21 -92.63 -42.74
CA ASP W 196 24.37 -92.77 -41.29
C ASP W 196 25.45 -93.80 -41.01
N TRP W 197 25.91 -93.83 -39.77
CA TRP W 197 26.97 -94.72 -39.34
C TRP W 197 26.43 -96.15 -39.16
N VAL W 198 27.28 -97.12 -39.44
CA VAL W 198 26.93 -98.53 -39.31
C VAL W 198 28.20 -99.34 -39.13
N LEU W 199 28.06 -100.41 -38.32
CA LEU W 199 29.16 -101.30 -38.04
C LEU W 199 29.06 -102.54 -38.96
N PRO W 200 30.00 -102.73 -39.93
CA PRO W 200 29.87 -103.86 -40.87
C PRO W 200 29.94 -105.21 -40.18
N ALA W 201 29.20 -106.18 -40.69
CA ALA W 201 29.27 -107.53 -40.12
C ALA W 201 30.64 -108.13 -40.41
N ARG W 202 31.29 -108.66 -39.39
CA ARG W 202 32.62 -109.24 -39.57
C ARG W 202 32.56 -110.44 -40.49
N VAL W 203 33.59 -110.61 -41.33
CA VAL W 203 33.63 -111.74 -42.23
C VAL W 203 34.21 -112.97 -41.54
N THR X 91 26.25 -88.06 15.74
CA THR X 91 27.38 -88.47 16.54
C THR X 91 28.46 -89.03 15.66
N VAL X 92 29.53 -89.51 16.26
CA VAL X 92 30.65 -90.02 15.51
C VAL X 92 30.35 -91.36 14.88
N SER X 93 31.17 -91.79 13.94
CA SER X 93 30.91 -93.02 13.23
C SER X 93 30.89 -94.29 14.06
N THR X 94 31.80 -94.41 15.02
CA THR X 94 31.89 -95.62 15.85
C THR X 94 32.05 -96.79 14.93
N THR X 95 32.88 -96.63 13.92
CA THR X 95 32.99 -97.67 12.91
C THR X 95 33.48 -99.06 13.28
N PRO X 96 34.56 -99.14 14.05
CA PRO X 96 35.03 -100.52 14.27
C PRO X 96 34.12 -101.44 15.15
N PRO X 97 33.91 -102.73 14.74
CA PRO X 97 33.05 -103.61 15.53
C PRO X 97 33.92 -104.38 16.48
N VAL X 98 35.16 -103.92 16.70
CA VAL X 98 36.15 -104.62 17.53
C VAL X 98 36.59 -105.97 16.98
N SER X 99 37.87 -106.28 17.13
CA SER X 99 38.36 -107.54 16.60
C SER X 99 37.64 -108.66 17.34
N ALA X 100 37.20 -109.66 16.59
CA ALA X 100 36.47 -110.78 17.20
C ALA X 100 37.43 -111.77 17.82
N GLY X 101 36.89 -112.79 18.50
CA GLY X 101 37.76 -113.76 19.16
C GLY X 101 37.16 -114.27 20.46
N VAL X 150 52.42 -105.11 28.50
CA VAL X 150 53.21 -106.21 27.97
C VAL X 150 52.36 -107.47 27.85
N ARG X 151 52.30 -108.05 26.65
CA ARG X 151 51.48 -109.24 26.42
C ARG X 151 50.05 -109.04 26.89
N CYS X 152 49.50 -107.85 26.64
CA CYS X 152 48.16 -107.56 27.09
C CYS X 152 47.24 -107.62 25.90
N ASP X 153 46.39 -108.64 25.85
CA ASP X 153 45.55 -108.83 24.66
C ASP X 153 44.17 -108.21 24.71
N ASN X 154 44.09 -106.90 24.90
CA ASN X 154 42.78 -106.24 24.85
C ASN X 154 42.28 -106.35 23.41
N PRO X 155 40.99 -106.64 23.22
CA PRO X 155 40.47 -106.86 21.87
C PRO X 155 40.60 -105.64 20.96
N GLY X 156 40.36 -104.46 21.48
CA GLY X 156 40.47 -103.24 20.71
C GLY X 156 41.89 -102.74 20.61
N THR X 157 42.11 -101.60 19.96
CA THR X 157 43.44 -101.00 19.82
C THR X 157 44.48 -101.80 19.03
N VAL X 158 44.06 -102.57 18.05
CA VAL X 158 45.01 -103.27 17.20
C VAL X 158 45.44 -102.22 16.18
N HIS X 159 46.55 -102.43 15.48
CA HIS X 159 46.93 -101.48 14.43
C HIS X 159 45.84 -101.45 13.40
N PRO X 160 45.45 -100.25 12.96
CA PRO X 160 44.30 -100.20 12.04
C PRO X 160 44.64 -100.49 10.59
N GLN X 161 43.65 -100.92 9.82
CA GLN X 161 43.85 -101.18 8.39
C GLN X 161 42.67 -100.57 7.65
N ARG X 162 42.84 -100.27 6.37
CA ARG X 162 41.73 -99.74 5.59
C ARG X 162 41.26 -100.76 4.56
N SER X 163 39.94 -100.81 4.32
CA SER X 163 39.39 -101.75 3.34
C SER X 163 39.72 -101.42 1.90
N ARG X 164 39.28 -102.21 0.91
CA ARG X 164 39.50 -101.85 -0.49
C ARG X 164 38.19 -101.33 -1.08
N ASP X 165 38.25 -100.16 -1.72
CA ASP X 165 37.04 -99.56 -2.31
C ASP X 165 36.39 -100.51 -3.30
N GLN X 166 35.06 -100.52 -3.37
CA GLN X 166 34.42 -101.36 -4.37
C GLN X 166 34.27 -100.65 -5.69
N ILE X 167 34.58 -101.35 -6.78
CA ILE X 167 34.55 -100.76 -8.11
C ILE X 167 33.61 -101.57 -8.98
N ALA X 168 32.87 -100.89 -9.86
CA ALA X 168 31.94 -101.52 -10.77
C ALA X 168 32.17 -100.99 -12.19
N THR X 169 32.01 -101.89 -13.16
CA THR X 169 32.22 -101.56 -14.57
C THR X 169 30.89 -101.55 -15.30
N VAL X 170 30.70 -100.57 -16.18
CA VAL X 170 29.49 -100.47 -16.99
C VAL X 170 29.92 -100.46 -18.44
N TRP X 171 29.12 -101.01 -19.34
CA TRP X 171 29.43 -101.00 -20.76
C TRP X 171 28.46 -100.08 -21.47
N ILE X 172 29.00 -99.14 -22.25
CA ILE X 172 28.14 -98.21 -22.96
C ILE X 172 28.01 -98.63 -24.42
N ALA X 173 26.78 -98.80 -24.89
CA ALA X 173 26.53 -99.15 -26.28
C ALA X 173 26.94 -98.00 -27.20
N PRO X 174 27.31 -98.28 -28.45
CA PRO X 174 27.71 -97.20 -29.36
C PRO X 174 26.56 -96.23 -29.61
N TRP X 175 26.92 -94.97 -29.85
CA TRP X 175 25.92 -93.94 -30.04
C TRP X 175 26.44 -92.86 -30.96
N VAL X 176 25.56 -92.00 -31.45
CA VAL X 176 25.98 -90.95 -32.35
C VAL X 176 25.78 -89.59 -31.72
N ASP X 177 26.81 -88.77 -31.77
CA ASP X 177 26.76 -87.44 -31.16
C ASP X 177 25.93 -86.46 -31.97
N SER X 178 25.64 -85.31 -31.38
CA SER X 178 24.88 -84.28 -32.07
C SER X 178 25.61 -83.83 -33.31
N ASP X 179 26.93 -83.78 -33.24
CA ASP X 179 27.74 -83.32 -34.37
C ASP X 179 28.01 -84.44 -35.35
N ASN X 180 27.29 -85.55 -35.22
CA ASN X 180 27.48 -86.70 -36.10
C ASN X 180 28.84 -87.34 -35.94
N ALA X 181 29.31 -87.43 -34.71
CA ALA X 181 30.57 -88.09 -34.44
C ALA X 181 30.18 -89.39 -33.83
N PHE X 182 30.73 -90.48 -34.31
CA PHE X 182 30.29 -91.75 -33.82
C PHE X 182 31.17 -92.26 -32.73
N HIS X 183 30.58 -92.53 -31.57
CA HIS X 183 31.34 -93.01 -30.45
C HIS X 183 31.16 -94.48 -30.26
N GLN X 184 32.26 -95.20 -30.11
CA GLN X 184 32.22 -96.61 -29.86
C GLN X 184 33.07 -96.66 -28.64
N PRO X 185 32.50 -96.30 -27.44
CA PRO X 185 33.42 -96.24 -26.29
C PRO X 185 33.79 -97.56 -25.62
N GLY X 186 34.33 -97.47 -24.41
CA GLY X 186 34.78 -98.66 -23.71
C GLY X 186 34.28 -98.69 -22.28
N ARG X 187 34.33 -99.87 -21.66
CA ARG X 187 33.83 -100.01 -20.29
C ARG X 187 34.52 -99.07 -19.33
N VAL X 188 33.73 -98.44 -18.47
CA VAL X 188 34.31 -97.51 -17.50
C VAL X 188 34.27 -98.14 -16.12
N SER X 189 35.42 -98.19 -15.47
CA SER X 189 35.49 -98.75 -14.13
C SER X 189 35.61 -97.60 -13.16
N PHE X 190 34.69 -97.51 -12.22
CA PHE X 190 34.71 -96.40 -11.27
C PHE X 190 34.43 -96.88 -9.87
N VAL X 191 34.96 -96.18 -8.88
CA VAL X 191 34.69 -96.55 -7.49
C VAL X 191 33.21 -96.35 -7.18
N VAL X 192 32.60 -97.32 -6.52
CA VAL X 192 31.20 -97.19 -6.14
C VAL X 192 31.20 -97.08 -4.62
N SER X 193 31.69 -98.11 -3.94
CA SER X 193 31.78 -98.02 -2.49
C SER X 193 33.20 -97.60 -2.07
N PRO X 194 33.36 -96.62 -1.13
CA PRO X 194 34.75 -96.33 -0.74
C PRO X 194 35.28 -97.25 0.34
N ALA X 195 36.50 -97.00 0.81
CA ALA X 195 37.09 -97.81 1.86
C ALA X 195 36.80 -97.20 3.24
N ASP X 196 37.02 -98.00 4.28
CA ASP X 196 36.80 -97.57 5.65
C ASP X 196 37.79 -98.27 6.55
N TRP X 197 37.90 -97.77 7.78
CA TRP X 197 38.83 -98.29 8.76
C TRP X 197 38.30 -99.60 9.35
N VAL X 198 39.23 -100.51 9.69
CA VAL X 198 38.88 -101.79 10.28
C VAL X 198 40.08 -102.30 11.06
N LEU X 199 39.76 -103.00 12.17
CA LEU X 199 40.78 -103.58 13.02
C LEU X 199 40.95 -105.08 12.66
N PRO X 200 42.12 -105.49 12.11
CA PRO X 200 42.28 -106.89 11.69
C PRO X 200 42.20 -107.87 12.84
N ALA X 201 41.64 -109.04 12.61
CA ALA X 201 41.59 -110.06 13.66
C ALA X 201 43.00 -110.55 13.96
N ARG X 202 43.38 -110.56 15.23
CA ARG X 202 44.72 -110.99 15.60
C ARG X 202 44.94 -112.45 15.26
N VAL X 203 46.15 -112.78 14.81
CA VAL X 203 46.46 -114.16 14.46
C VAL X 203 46.88 -114.96 15.70
N THR Y 91 23.41 -71.62 54.90
CA THR Y 91 24.29 -71.55 56.04
C THR Y 91 25.59 -72.26 55.72
N VAL Y 92 26.47 -72.33 56.69
CA VAL Y 92 27.77 -72.94 56.50
C VAL Y 92 27.67 -74.45 56.39
N SER Y 93 28.73 -75.09 55.92
CA SER Y 93 28.69 -76.53 55.70
C SER Y 93 28.49 -77.38 56.95
N THR Y 94 29.11 -77.01 58.06
CA THR Y 94 29.01 -77.80 59.30
C THR Y 94 29.44 -79.20 58.98
N THR Y 95 30.51 -79.32 58.22
CA THR Y 95 30.91 -80.65 57.75
C THR Y 95 31.31 -81.72 58.75
N PRO Y 96 32.15 -81.37 59.72
CA PRO Y 96 32.58 -82.49 60.56
C PRO Y 96 31.50 -83.13 61.50
N PRO Y 97 31.43 -84.49 61.58
CA PRO Y 97 30.42 -85.11 62.43
C PRO Y 97 31.03 -85.35 63.79
N VAL Y 98 32.16 -84.69 64.09
CA VAL Y 98 32.91 -84.89 65.35
C VAL Y 98 33.52 -86.29 65.49
N SER Y 99 34.71 -86.35 66.03
CA SER Y 99 35.36 -87.64 66.20
C SER Y 99 34.50 -88.49 67.12
N ALA Y 100 34.30 -89.74 66.75
CA ALA Y 100 33.46 -90.63 67.55
C ALA Y 100 34.25 -91.19 68.72
N GLY Y 101 33.58 -91.94 69.61
CA GLY Y 101 34.26 -92.47 70.77
C GLY Y 101 33.36 -92.53 71.99
N VAL Y 150 45.71 -79.16 79.07
CA VAL Y 150 46.64 -80.28 79.23
C VAL Y 150 45.88 -81.58 79.41
N ARG Y 151 46.15 -82.57 78.57
CA ARG Y 151 45.45 -83.85 78.64
C ARG Y 151 43.95 -83.67 78.64
N CYS Y 152 43.46 -82.75 77.83
CA CYS Y 152 42.03 -82.48 77.79
C CYS Y 152 41.46 -83.10 76.55
N ASP Y 153 40.69 -84.17 76.71
CA ASP Y 153 40.19 -84.89 75.53
C ASP Y 153 38.83 -84.47 75.01
N ASN Y 154 38.67 -83.21 74.64
CA ASN Y 154 37.41 -82.80 74.03
C ASN Y 154 37.31 -83.50 72.68
N PRO Y 155 36.12 -84.00 72.33
CA PRO Y 155 35.98 -84.78 71.08
C PRO Y 155 36.31 -83.98 69.82
N GLY Y 156 35.92 -82.73 69.77
CA GLY Y 156 36.20 -81.89 68.62
C GLY Y 156 37.58 -81.29 68.67
N THR Y 157 37.93 -80.45 67.70
CA THR Y 157 39.24 -79.78 67.65
C THR Y 157 40.47 -80.68 67.51
N VAL Y 158 40.34 -81.81 66.83
CA VAL Y 158 41.50 -82.66 66.57
C VAL Y 158 42.15 -82.01 65.36
N HIS Y 159 43.42 -82.33 65.07
CA HIS Y 159 44.04 -81.80 63.86
C HIS Y 159 43.26 -82.30 62.68
N PRO Y 160 42.97 -81.42 61.71
CA PRO Y 160 42.11 -81.86 60.62
C PRO Y 160 42.82 -82.63 59.52
N GLN Y 161 42.08 -83.43 58.77
CA GLN Y 161 42.66 -84.18 57.65
C GLN Y 161 41.70 -84.05 56.48
N ARG Y 162 42.19 -84.24 55.27
CA ARG Y 162 41.32 -84.18 54.10
C ARG Y 162 41.16 -85.56 53.47
N SER Y 163 39.96 -85.87 52.98
CA SER Y 163 39.70 -87.16 52.36
C SER Y 163 40.40 -87.36 51.01
N ARG Y 164 40.25 -88.52 50.36
CA ARG Y 164 40.82 -88.67 49.01
C ARG Y 164 39.71 -88.59 47.99
N ASP Y 165 39.91 -87.75 46.97
CA ASP Y 165 38.89 -87.58 45.92
C ASP Y 165 38.54 -88.91 45.27
N GLN Y 166 37.28 -89.11 44.89
CA GLN Y 166 36.95 -90.34 44.20
C GLN Y 166 37.14 -90.19 42.70
N ILE Y 167 37.74 -91.21 42.08
CA ILE Y 167 38.05 -91.16 40.66
C ILE Y 167 37.39 -92.36 39.99
N ALA Y 168 36.90 -92.15 38.76
CA ALA Y 168 36.25 -93.20 37.98
C ALA Y 168 36.83 -93.21 36.58
N THR Y 169 36.95 -94.41 36.02
CA THR Y 169 37.52 -94.62 34.70
C THR Y 169 36.44 -95.06 33.73
N VAL Y 170 36.46 -94.50 32.52
CA VAL Y 170 35.50 -94.87 31.47
C VAL Y 170 36.31 -95.35 30.28
N TRP Y 171 35.78 -96.30 29.52
CA TRP Y 171 36.46 -96.79 28.32
C TRP Y 171 35.69 -96.32 27.11
N ILE Y 172 36.39 -95.69 26.16
CA ILE Y 172 35.73 -95.21 24.96
C ILE Y 172 36.00 -96.16 23.80
N ALA Y 173 34.93 -96.64 23.16
CA ALA Y 173 35.08 -97.52 22.01
C ALA Y 173 35.68 -96.75 20.83
N PRO Y 174 36.37 -97.44 19.92
CA PRO Y 174 36.97 -96.73 18.78
C PRO Y 174 35.90 -96.08 17.91
N TRP Y 175 36.28 -94.98 17.28
CA TRP Y 175 35.35 -94.23 16.46
C TRP Y 175 36.07 -93.52 15.34
N VAL Y 176 35.33 -93.02 14.37
CA VAL Y 176 35.94 -92.34 13.24
C VAL Y 176 35.55 -90.88 13.23
N ASP Y 177 36.53 -90.00 13.10
CA ASP Y 177 36.29 -88.57 13.10
C ASP Y 177 35.68 -88.08 11.81
N SER Y 178 35.21 -86.84 11.81
CA SER Y 178 34.63 -86.25 10.60
C SER Y 178 35.64 -86.20 9.49
N ASP Y 179 36.90 -85.97 9.84
CA ASP Y 179 37.96 -85.86 8.84
C ASP Y 179 38.52 -87.22 8.48
N ASN Y 180 37.83 -88.29 8.87
CA ASN Y 180 38.27 -89.66 8.59
C ASN Y 180 39.55 -90.01 9.30
N ALA Y 181 39.68 -89.57 10.54
CA ALA Y 181 40.85 -89.92 11.33
C ALA Y 181 40.34 -90.93 12.30
N PHE Y 182 41.02 -92.04 12.42
CA PHE Y 182 40.50 -93.08 13.26
C PHE Y 182 41.08 -93.03 14.64
N HIS Y 183 40.21 -92.91 15.64
CA HIS Y 183 40.66 -92.83 17.00
C HIS Y 183 40.47 -94.14 17.70
N GLN Y 184 41.51 -94.60 18.37
CA GLN Y 184 41.44 -95.81 19.15
C GLN Y 184 41.94 -95.28 20.46
N PRO Y 185 41.07 -94.59 21.25
CA PRO Y 185 41.64 -93.98 22.45
C PRO Y 185 41.86 -94.89 23.66
N GLY Y 186 42.06 -94.29 24.83
CA GLY Y 186 42.33 -95.05 26.03
C GLY Y 186 41.47 -94.61 27.19
N ARG Y 187 41.39 -95.45 28.22
CA ARG Y 187 40.55 -95.14 29.37
C ARG Y 187 40.93 -93.83 30.02
N VAL Y 188 39.93 -93.02 30.34
CA VAL Y 188 40.21 -91.73 30.97
C VAL Y 188 39.82 -91.80 32.44
N SER Y 189 40.77 -91.45 33.31
CA SER Y 189 40.48 -91.45 34.74
C SER Y 189 40.32 -90.02 35.18
N PHE Y 190 39.18 -89.70 35.77
CA PHE Y 190 38.92 -88.33 36.16
C PHE Y 190 38.29 -88.28 37.54
N VAL Y 191 38.53 -87.19 38.27
CA VAL Y 191 37.91 -87.05 39.58
C VAL Y 191 36.40 -86.94 39.42
N VAL Y 192 35.65 -87.66 40.25
CA VAL Y 192 34.21 -87.58 40.23
C VAL Y 192 33.80 -86.91 41.52
N SER Y 193 34.11 -87.53 42.64
CA SER Y 193 33.82 -86.89 43.93
C SER Y 193 35.07 -86.17 44.45
N PRO Y 194 34.95 -84.90 44.95
CA PRO Y 194 36.17 -84.31 45.50
C PRO Y 194 36.43 -84.69 46.96
N ALA Y 195 37.47 -84.12 47.56
CA ALA Y 195 37.78 -84.39 48.95
C ALA Y 195 37.12 -83.36 49.86
N ASP Y 196 37.08 -83.67 51.15
CA ASP Y 196 36.49 -82.79 52.14
C ASP Y 196 37.23 -82.97 53.46
N TRP Y 197 37.00 -82.03 54.38
CA TRP Y 197 37.65 -82.03 55.68
C TRP Y 197 37.01 -83.08 56.59
N VAL Y 198 37.84 -83.66 57.46
CA VAL Y 198 37.39 -84.66 58.42
C VAL Y 198 38.35 -84.70 59.59
N LEU Y 199 37.77 -84.96 60.77
CA LEU Y 199 38.53 -85.04 62.00
C LEU Y 199 38.83 -86.52 62.32
N PRO Y 200 40.12 -86.96 62.25
CA PRO Y 200 40.41 -88.38 62.48
C PRO Y 200 40.06 -88.86 63.87
N ALA Y 201 39.62 -90.10 64.00
CA ALA Y 201 39.32 -90.65 65.32
C ALA Y 201 40.61 -90.80 66.11
N ARG Y 202 40.63 -90.30 67.33
CA ARG Y 202 41.84 -90.38 68.15
C ARG Y 202 42.18 -91.82 68.47
N VAL Y 203 43.47 -92.13 68.48
CA VAL Y 203 43.91 -93.50 68.79
C VAL Y 203 44.00 -93.71 70.29
N THR Z 91 9.90 -42.20 82.54
CA THR Z 91 10.45 -41.60 83.73
C THR Z 91 11.80 -42.20 84.03
N VAL Z 92 12.39 -41.79 85.13
CA VAL Z 92 13.71 -42.26 85.50
C VAL Z 92 13.68 -43.70 85.98
N SER Z 93 14.84 -44.33 86.06
CA SER Z 93 14.90 -45.73 86.42
C SER Z 93 14.40 -46.08 87.82
N THR Z 94 14.70 -45.25 88.81
CA THR Z 94 14.29 -45.51 90.20
C THR Z 94 14.83 -46.86 90.57
N THR Z 95 16.07 -47.14 90.18
CA THR Z 95 16.61 -48.47 90.39
C THR Z 95 16.76 -49.03 91.79
N PRO Z 96 17.30 -48.23 92.71
CA PRO Z 96 17.52 -48.89 94.00
C PRO Z 96 16.25 -49.27 94.83
N PRO Z 97 16.20 -50.49 95.44
CA PRO Z 97 15.02 -50.87 96.20
C PRO Z 97 15.24 -50.51 97.64
N VAL Z 98 16.24 -49.64 97.91
CA VAL Z 98 16.64 -49.26 99.27
C VAL Z 98 17.22 -50.41 100.10
N SER Z 99 18.23 -50.11 100.88
CA SER Z 99 18.85 -51.15 101.69
C SER Z 99 17.80 -51.71 102.64
N ALA Z 100 17.73 -53.02 102.77
CA ALA Z 100 16.73 -53.64 103.63
C ALA Z 100 17.20 -53.61 105.09
N GLY Z 101 16.34 -54.05 106.01
CA GLY Z 101 16.70 -54.02 107.41
C GLY Z 101 15.51 -53.73 108.30
N VAL Z 150 25.20 -37.23 112.20
CA VAL Z 150 26.09 -38.07 112.99
C VAL Z 150 25.33 -39.29 113.49
N ARG Z 151 25.85 -40.48 113.20
CA ARG Z 151 25.19 -41.72 113.61
C ARG Z 151 23.74 -41.76 113.18
N CYS Z 152 23.45 -41.27 111.98
CA CYS Z 152 22.08 -41.22 111.51
C CYS Z 152 21.88 -42.33 110.52
N ASP Z 153 21.11 -43.35 110.90
CA ASP Z 153 20.97 -44.52 110.02
C ASP Z 153 19.78 -44.51 109.08
N ASN Z 154 19.69 -43.50 108.21
CA ASN Z 154 18.63 -43.52 107.21
C ASN Z 154 18.90 -44.67 106.27
N PRO Z 155 17.87 -45.42 105.87
CA PRO Z 155 18.08 -46.62 105.05
C PRO Z 155 18.72 -46.32 103.70
N GLY Z 156 18.31 -45.23 103.06
CA GLY Z 156 18.86 -44.85 101.77
C GLY Z 156 20.17 -44.11 101.90
N THR Z 157 20.74 -43.66 100.78
CA THR Z 157 22.01 -42.91 100.78
C THR Z 157 23.25 -43.62 101.30
N VAL Z 158 23.33 -44.93 101.11
CA VAL Z 158 24.54 -45.66 101.48
C VAL Z 158 25.47 -45.44 100.30
N HIS Z 159 26.78 -45.68 100.48
CA HIS Z 159 27.68 -45.56 99.34
C HIS Z 159 27.25 -46.57 98.29
N PRO Z 160 27.20 -46.15 97.02
CA PRO Z 160 26.67 -47.08 96.02
C PRO Z 160 27.67 -48.11 95.52
N GLN Z 161 27.18 -49.22 95.00
CA GLN Z 161 28.04 -50.25 94.43
C GLN Z 161 27.43 -50.70 93.12
N ARG Z 162 28.23 -51.26 92.23
CA ARG Z 162 27.70 -51.75 90.97
C ARG Z 162 27.74 -53.28 90.92
N SER Z 163 26.72 -53.90 90.32
CA SER Z 163 26.68 -55.36 90.22
C SER Z 163 27.71 -55.95 89.26
N ARG Z 164 27.77 -57.28 89.10
CA ARG Z 164 28.68 -57.85 88.11
C ARG Z 164 27.87 -58.30 86.90
N ASP Z 165 28.32 -57.89 85.70
CA ASP Z 165 27.60 -58.25 84.48
C ASP Z 165 27.48 -59.76 84.34
N GLN Z 166 26.36 -60.24 83.79
CA GLN Z 166 26.26 -61.68 83.58
C GLN Z 166 26.84 -62.09 82.24
N ILE Z 167 27.60 -63.17 82.23
CA ILE Z 167 28.28 -63.63 81.03
C ILE Z 167 27.85 -65.06 80.74
N ALA Z 168 27.69 -65.39 79.46
CA ALA Z 168 27.31 -66.72 79.03
C ALA Z 168 28.24 -67.19 77.92
N THR Z 169 28.53 -68.49 77.93
CA THR Z 169 29.43 -69.10 76.96
C THR Z 169 28.66 -70.00 76.02
N VAL Z 170 28.98 -69.94 74.74
CA VAL Z 170 28.34 -70.80 73.73
C VAL Z 170 29.45 -71.58 73.05
N TRP Z 171 29.17 -72.81 72.62
CA TRP Z 171 30.15 -73.62 71.90
C TRP Z 171 29.72 -73.75 70.46
N ILE Z 172 30.62 -73.43 69.54
CA ILE Z 172 30.29 -73.52 68.13
C ILE Z 172 30.89 -74.79 67.54
N ALA Z 173 30.04 -75.62 66.91
CA ALA Z 173 30.51 -76.83 66.28
C ALA Z 173 31.38 -76.49 65.06
N PRO Z 174 32.30 -77.37 64.68
CA PRO Z 174 33.17 -77.09 63.53
C PRO Z 174 32.35 -76.95 62.25
N TRP Z 175 32.86 -76.11 61.34
CA TRP Z 175 32.15 -75.85 60.10
C TRP Z 175 33.12 -75.53 58.99
N VAL Z 176 32.65 -75.54 57.76
CA VAL Z 176 33.52 -75.25 56.63
C VAL Z 176 33.11 -73.97 55.94
N ASP Z 177 34.07 -73.09 55.71
CA ASP Z 177 33.80 -71.79 55.09
C ASP Z 177 33.54 -71.91 53.61
N SER Z 178 33.06 -70.83 53.01
CA SER Z 178 32.80 -70.81 51.57
C SER Z 178 34.07 -71.06 50.80
N ASP Z 179 35.19 -70.55 51.31
CA ASP Z 179 36.47 -70.70 50.63
C ASP Z 179 37.14 -72.01 50.98
N ASN Z 180 36.39 -72.93 51.59
CA ASN Z 180 36.93 -74.24 51.97
C ASN Z 180 37.99 -74.13 53.05
N ALA Z 181 37.77 -73.24 54.00
CA ALA Z 181 38.70 -73.12 55.12
C ALA Z 181 37.98 -73.75 56.26
N PHE Z 182 38.63 -74.63 56.97
CA PHE Z 182 37.93 -75.34 58.00
C PHE Z 182 38.12 -74.70 59.35
N HIS Z 183 37.02 -74.33 59.97
CA HIS Z 183 37.09 -73.69 61.26
C HIS Z 183 36.76 -74.65 62.36
N GLN Z 184 37.60 -74.70 63.38
CA GLN Z 184 37.36 -75.53 64.54
C GLN Z 184 37.48 -74.48 65.60
N PRO Z 185 36.41 -73.66 65.83
CA PRO Z 185 36.63 -72.58 66.79
C PRO Z 185 36.54 -72.93 68.27
N GLY Z 186 36.41 -71.92 69.12
CA GLY Z 186 36.38 -72.14 70.56
C GLY Z 186 35.23 -71.41 71.21
N ARG Z 187 34.89 -71.80 72.44
CA ARG Z 187 33.78 -71.18 73.14
C ARG Z 187 33.94 -69.70 73.29
N VAL Z 188 32.87 -68.96 73.03
CA VAL Z 188 32.94 -67.51 73.14
C VAL Z 188 32.18 -67.06 74.37
N SER Z 189 32.85 -66.30 75.24
CA SER Z 189 32.20 -65.80 76.44
C SER Z 189 31.89 -64.34 76.23
N PHE Z 190 30.62 -63.97 76.36
CA PHE Z 190 30.23 -62.60 76.10
C PHE Z 190 29.26 -62.12 77.16
N VAL Z 191 29.27 -60.81 77.43
CA VAL Z 191 28.32 -60.27 78.40
C VAL Z 191 26.91 -60.42 77.87
N VAL Z 192 25.98 -60.86 78.72
CA VAL Z 192 24.59 -60.98 78.32
C VAL Z 192 23.84 -59.93 79.12
N SER Z 193 23.87 -60.05 80.44
CA SER Z 193 23.23 -59.02 81.24
C SER Z 193 24.27 -58.00 81.73
N PRO Z 194 23.99 -56.66 81.63
CA PRO Z 194 25.01 -55.75 82.18
C PRO Z 194 24.89 -55.53 83.68
N ALA Z 195 25.71 -54.64 84.23
CA ALA Z 195 25.65 -54.33 85.64
C ALA Z 195 24.75 -53.13 85.89
N ASP Z 196 24.38 -52.94 87.16
CA ASP Z 196 23.52 -51.83 87.55
C ASP Z 196 23.89 -51.40 88.97
N TRP Z 197 23.40 -50.23 89.35
CA TRP Z 197 23.69 -49.66 90.67
C TRP Z 197 22.86 -50.36 91.74
N VAL Z 198 23.44 -50.46 92.93
CA VAL Z 198 22.78 -51.08 94.08
C VAL Z 198 23.40 -50.55 95.35
N LEU Z 199 22.53 -50.42 96.37
CA LEU Z 199 22.95 -49.94 97.67
C LEU Z 199 23.19 -51.14 98.62
N PRO Z 200 24.46 -51.41 99.02
CA PRO Z 200 24.72 -52.59 99.86
C PRO Z 200 24.02 -52.55 101.20
N ALA Z 201 23.59 -53.69 101.70
CA ALA Z 201 22.97 -53.74 103.02
C ALA Z 201 24.01 -53.43 104.08
N ARG Z 202 23.70 -52.50 104.97
CA ARG Z 202 24.64 -52.11 106.01
C ARG Z 202 24.93 -53.28 106.95
N VAL Z 203 26.18 -53.40 107.38
CA VAL Z 203 26.55 -54.47 108.30
C VAL Z 203 26.25 -54.10 109.75
N GLN AA 25 65.34 -28.07 82.45
CA GLN AA 25 64.58 -27.19 83.32
C GLN AA 25 63.09 -27.25 83.00
N SER AA 26 62.26 -26.80 83.92
CA SER AA 26 60.82 -26.76 83.70
C SER AA 26 60.57 -25.29 83.73
N PRO AA 27 59.58 -24.81 82.98
CA PRO AA 27 59.47 -23.36 83.00
C PRO AA 27 59.18 -22.87 84.40
N ALA AA 28 59.80 -21.77 84.82
CA ALA AA 28 59.55 -21.20 86.16
C ALA AA 28 58.19 -20.58 86.23
N THR AA 29 57.54 -20.65 87.38
CA THR AA 29 56.17 -20.15 87.51
C THR AA 29 56.05 -18.86 88.32
N ILE AA 30 55.55 -17.82 87.69
CA ILE AA 30 55.48 -16.54 88.35
C ILE AA 30 54.28 -16.39 89.30
N SER AA 31 53.07 -16.74 88.88
CA SER AA 31 51.83 -16.58 89.71
C SER AA 31 51.62 -15.20 90.31
N LEU AA 32 51.01 -14.30 89.56
CA LEU AA 32 50.86 -12.92 90.01
C LEU AA 32 49.43 -12.52 89.92
N PRO AA 33 48.93 -11.67 90.84
CA PRO AA 33 47.57 -11.16 90.71
C PRO AA 33 47.53 -10.24 89.52
N GLN AA 34 46.42 -9.63 89.21
CA GLN AA 34 46.35 -8.82 87.99
C GLN AA 34 46.83 -7.39 88.23
N GLY AA 35 47.94 -7.24 88.95
CA GLY AA 35 48.67 -6.00 89.07
C GLY AA 35 50.13 -6.31 89.30
N GLY AA 36 50.49 -7.59 89.13
CA GLY AA 36 51.71 -8.10 89.71
C GLY AA 36 52.96 -7.38 89.26
N GLN AA 37 53.96 -7.37 90.13
CA GLN AA 37 55.23 -6.75 89.78
C GLN AA 37 56.29 -7.75 90.18
N PHE AA 38 56.76 -8.52 89.22
CA PHE AA 38 57.76 -9.54 89.54
C PHE AA 38 59.08 -9.19 88.91
N ARG AA 39 60.14 -9.21 89.70
CA ARG AA 39 61.46 -8.95 89.14
C ARG AA 39 62.05 -10.25 88.66
N LEU AA 40 62.28 -10.36 87.36
CA LEU AA 40 62.80 -11.60 86.80
C LEU AA 40 63.99 -11.37 85.89
N SER AA 41 64.93 -12.31 85.87
CA SER AA 41 66.08 -12.19 84.98
C SER AA 41 65.69 -12.39 83.54
N ILE AA 42 66.34 -11.66 82.64
CA ILE AA 42 66.06 -11.80 81.23
C ILE AA 42 67.44 -11.86 80.57
N SER AA 43 67.54 -12.47 79.40
CA SER AA 43 68.84 -12.61 78.75
C SER AA 43 69.04 -11.63 77.62
N ASN AA 44 70.14 -10.88 77.64
CA ASN AA 44 70.43 -9.99 76.52
C ASN AA 44 70.72 -10.68 75.20
N THR AA 45 71.41 -11.82 75.24
CA THR AA 45 71.79 -12.53 74.03
C THR AA 45 70.74 -13.35 73.30
N ASP AA 46 70.02 -14.22 74.00
CA ASP AA 46 69.10 -15.16 73.34
C ASP AA 46 67.65 -14.93 73.63
N PRO AA 47 66.75 -15.38 72.75
CA PRO AA 47 65.34 -15.05 72.96
C PRO AA 47 64.72 -15.58 74.24
N ASN AA 48 63.79 -14.83 74.83
CA ASN AA 48 63.17 -15.20 76.09
C ASN AA 48 61.68 -15.41 75.84
N MET AA 49 61.03 -16.28 76.59
CA MET AA 49 59.60 -16.55 76.38
C MET AA 49 58.69 -16.44 77.59
N ILE AA 50 57.49 -15.89 77.42
CA ILE AA 50 56.51 -15.79 78.48
C ILE AA 50 55.20 -16.38 77.94
N PHE AA 51 54.59 -17.33 78.65
CA PHE AA 51 53.32 -17.88 78.19
C PHE AA 51 52.20 -17.84 79.24
N ILE AA 52 50.94 -17.72 78.79
CA ILE AA 52 49.88 -17.78 79.79
C ILE AA 52 49.20 -19.13 79.67
N PRO AA 53 49.19 -19.95 80.72
CA PRO AA 53 48.45 -21.22 80.66
C PRO AA 53 46.95 -21.01 80.69
N GLY AA 54 46.36 -20.63 79.56
CA GLY AA 54 44.92 -20.45 79.50
C GLY AA 54 44.51 -19.18 78.78
N ASP AA 55 45.49 -18.36 78.41
CA ASP AA 55 45.21 -17.08 77.75
C ASP AA 55 46.24 -16.84 76.65
N LYS AA 56 45.87 -15.98 75.71
CA LYS AA 56 46.70 -15.64 74.57
C LYS AA 56 47.23 -14.23 74.73
N VAL AA 57 48.55 -14.06 74.80
CA VAL AA 57 49.15 -12.74 74.91
C VAL AA 57 48.80 -11.95 73.69
N THR AA 58 48.33 -10.73 73.88
CA THR AA 58 47.99 -9.88 72.75
C THR AA 58 48.94 -8.73 72.55
N ALA AA 59 49.72 -8.39 73.57
CA ALA AA 59 50.63 -7.26 73.48
C ALA AA 59 51.66 -7.21 74.56
N ILE AA 60 52.87 -6.79 74.22
CA ILE AA 60 53.89 -6.61 75.24
C ILE AA 60 54.34 -5.18 75.03
N THR AA 61 54.49 -4.43 76.11
CA THR AA 61 54.91 -3.04 76.00
C THR AA 61 56.07 -2.77 76.89
N ALA AA 62 57.12 -2.22 76.32
CA ALA AA 62 58.25 -1.85 77.11
C ALA AA 62 58.68 -0.42 76.75
N PRO AA 63 59.66 0.18 77.46
CA PRO AA 63 60.18 1.51 77.11
C PRO AA 63 60.77 1.51 75.71
N GLY AA 64 60.61 2.63 75.01
CA GLY AA 64 61.10 2.70 73.64
C GLY AA 64 62.60 2.45 73.56
N GLY AA 65 62.99 1.63 72.60
CA GLY AA 65 64.39 1.28 72.43
C GLY AA 65 64.93 0.34 73.48
N MET AA 66 64.08 -0.45 74.12
CA MET AA 66 64.49 -1.40 75.14
C MET AA 66 64.38 -2.84 74.68
N LEU AA 67 63.23 -3.26 74.17
CA LEU AA 67 63.02 -4.61 73.63
C LEU AA 67 63.27 -4.67 72.14
N ALA AA 68 64.40 -5.27 71.73
CA ALA AA 68 64.79 -5.35 70.33
C ALA AA 68 63.88 -6.11 69.38
N ASP AA 69 63.33 -7.24 69.80
CA ASP AA 69 62.35 -7.94 68.98
C ASP AA 69 61.22 -8.51 69.79
N LYS AA 70 60.05 -8.64 69.17
CA LYS AA 70 58.86 -9.14 69.85
C LYS AA 70 57.92 -9.83 68.89
N ARG AA 71 57.82 -11.13 68.99
CA ARG AA 71 56.94 -11.91 68.11
C ARG AA 71 55.99 -12.80 68.90
N LEU AA 72 54.76 -12.95 68.43
CA LEU AA 72 53.77 -13.74 69.13
C LEU AA 72 53.72 -15.19 68.72
N THR AA 73 53.94 -16.09 69.66
CA THR AA 73 53.88 -17.52 69.38
C THR AA 73 52.47 -17.98 69.08
N ARG AA 74 52.32 -19.02 68.29
CA ARG AA 74 51.01 -19.53 67.90
C ARG AA 74 50.19 -20.07 69.06
N ALA AA 75 50.84 -20.75 69.99
CA ALA AA 75 50.14 -21.31 71.12
C ALA AA 75 49.49 -20.19 71.89
N GLY AA 76 50.18 -19.05 72.01
CA GLY AA 76 49.62 -17.92 72.68
C GLY AA 76 50.68 -17.29 73.51
N GLY AA 77 51.94 -17.63 73.25
CA GLY AA 77 52.99 -16.96 73.98
C GLY AA 77 53.59 -15.82 73.18
N VAL AA 78 54.67 -15.26 73.74
CA VAL AA 78 55.40 -14.16 73.12
C VAL AA 78 56.89 -14.41 73.32
N LEU AA 79 57.67 -14.24 72.24
CA LEU AA 79 59.12 -14.39 72.30
C LEU AA 79 59.73 -13.03 72.10
N PHE AA 80 60.70 -12.69 72.94
CA PHE AA 80 61.30 -11.37 72.87
C PHE AA 80 62.79 -11.32 73.13
N THR AA 81 63.47 -10.34 72.55
CA THR AA 81 64.90 -10.18 72.74
C THR AA 81 65.18 -8.79 73.23
N SER AA 82 66.06 -8.65 74.21
CA SER AA 82 66.42 -7.36 74.73
C SER AA 82 67.88 -7.16 74.54
N VAL AA 83 68.27 -6.01 74.02
CA VAL AA 83 69.68 -5.79 73.73
C VAL AA 83 70.29 -4.91 74.80
N ALA AA 84 69.48 -4.00 75.36
CA ALA AA 84 69.97 -3.07 76.36
C ALA AA 84 70.41 -3.82 77.62
N THR AA 85 70.93 -3.05 78.57
CA THR AA 85 71.46 -3.63 79.81
C THR AA 85 70.82 -3.14 81.10
N ARG AA 86 70.10 -2.03 81.07
CA ARG AA 86 69.42 -1.53 82.27
C ARG AA 86 68.18 -2.28 82.68
N THR AA 87 67.89 -2.32 83.97
CA THR AA 87 66.67 -2.94 84.44
C THR AA 87 65.47 -2.15 83.93
N PHE AA 88 64.45 -2.83 83.44
CA PHE AA 88 63.29 -2.16 82.90
C PHE AA 88 61.98 -2.81 83.24
N THR AA 89 60.87 -2.09 83.15
CA THR AA 89 59.58 -2.73 83.36
C THR AA 89 58.86 -3.03 82.07
N ILE AA 90 58.34 -4.25 81.92
CA ILE AA 90 57.55 -4.61 80.74
C ILE AA 90 56.14 -4.99 81.13
N PHE AA 91 55.15 -4.67 80.31
CA PHE AA 91 53.76 -4.96 80.61
C PHE AA 91 53.13 -5.88 79.62
N VAL AA 92 52.51 -6.96 80.09
CA VAL AA 92 51.84 -7.90 79.20
C VAL AA 92 50.35 -7.90 79.33
N GLU AA 93 49.66 -7.79 78.20
CA GLU AA 93 48.21 -7.77 78.22
C GLU AA 93 47.67 -8.98 77.47
N THR AA 94 46.96 -9.85 78.16
CA THR AA 94 46.34 -10.98 77.50
C THR AA 94 44.99 -10.65 76.89
N ALA AA 95 44.54 -11.45 75.96
CA ALA AA 95 43.28 -11.21 75.27
C ALA AA 95 42.01 -11.25 76.08
N ARG AA 96 41.88 -12.20 76.99
CA ARG AA 96 40.66 -12.35 77.76
C ARG AA 96 40.69 -11.34 78.86
N GLY AA 97 41.50 -10.31 78.72
CA GLY AA 97 41.44 -9.28 79.74
C GLY AA 97 42.31 -9.62 80.92
N GLN AA 98 43.52 -9.05 80.94
CA GLN AA 98 44.53 -9.34 81.94
C GLN AA 98 45.72 -8.42 81.70
N THR AA 99 46.45 -8.11 82.77
CA THR AA 99 47.64 -7.28 82.65
C THR AA 99 48.61 -7.67 83.77
N PHE AA 100 49.84 -8.00 83.39
CA PHE AA 100 50.87 -8.35 84.36
C PHE AA 100 52.13 -7.55 84.05
N SER AA 101 52.81 -7.07 85.08
CA SER AA 101 54.03 -6.29 84.93
C SER AA 101 55.21 -7.04 85.51
N VAL AA 102 56.29 -7.10 84.75
CA VAL AA 102 57.50 -7.72 85.23
C VAL AA 102 58.62 -6.73 85.05
N VAL AA 103 59.53 -6.69 85.99
CA VAL AA 103 60.68 -5.83 85.85
C VAL AA 103 61.79 -6.75 85.44
N ALA AA 104 62.33 -6.54 84.25
CA ALA AA 104 63.32 -7.43 83.70
C ALA AA 104 64.70 -6.85 83.67
N THR AA 105 65.64 -7.47 84.37
CA THR AA 105 67.02 -7.02 84.34
C THR AA 105 67.90 -7.89 83.45
N PRO AA 106 68.48 -7.31 82.37
CA PRO AA 106 69.22 -8.22 81.47
C PRO AA 106 70.55 -8.77 81.96
N VAL AA 107 70.72 -10.10 81.95
CA VAL AA 107 71.95 -10.73 82.36
C VAL AA 107 72.47 -11.66 81.28
N LYS AA 108 73.76 -11.93 81.29
CA LYS AA 108 74.36 -12.81 80.28
C LYS AA 108 73.98 -14.25 80.54
N GLY AA 109 73.48 -14.92 79.49
CA GLY AA 109 73.12 -16.33 79.62
C GLY AA 109 72.10 -16.86 78.62
N GLU AA 110 71.52 -18.01 78.92
CA GLU AA 110 70.52 -18.62 78.06
C GLU AA 110 69.15 -17.96 78.14
N GLY AA 111 68.32 -18.16 77.14
CA GLY AA 111 66.98 -17.61 77.15
C GLY AA 111 66.15 -18.22 78.24
N ARG AA 112 65.29 -17.44 78.89
CA ARG AA 112 64.50 -17.92 80.00
C ARG AA 112 63.03 -18.02 79.69
N VAL AA 113 62.35 -19.05 80.20
CA VAL AA 113 60.95 -19.23 79.90
C VAL AA 113 60.22 -19.15 81.21
N TYR AA 114 59.16 -18.35 81.24
CA TYR AA 114 58.40 -18.20 82.45
C TYR AA 114 56.95 -18.49 82.19
N ARG AA 115 56.32 -19.19 83.12
CA ARG AA 115 54.91 -19.54 83.00
C ARG AA 115 54.13 -18.63 83.91
N LEU AA 116 53.14 -17.93 83.39
CA LEU AA 116 52.44 -16.96 84.22
C LEU AA 116 51.10 -17.43 84.70
N MET AA 117 50.98 -17.77 85.97
CA MET AA 117 49.70 -18.18 86.51
C MET AA 117 48.91 -16.98 86.99
N SER AA 118 47.61 -16.94 86.73
CA SER AA 118 46.81 -15.78 87.06
C SER AA 118 46.61 -15.36 88.49
N ALA AA 119 46.56 -16.29 89.43
CA ALA AA 119 46.27 -15.98 90.84
C ALA AA 119 44.87 -15.44 91.06
N GLU AA 120 44.37 -14.61 90.15
CA GLU AA 120 42.99 -14.17 90.22
C GLU AA 120 42.41 -14.58 88.91
N PRO AA 121 41.46 -15.50 88.91
CA PRO AA 121 40.93 -16.03 87.65
C PRO AA 121 40.25 -15.00 86.77
N PRO AA 122 40.42 -15.09 85.46
CA PRO AA 122 39.81 -14.16 84.52
C PRO AA 122 38.35 -14.37 84.24
N SER AA 123 37.63 -13.31 83.90
CA SER AA 123 36.25 -13.47 83.52
C SER AA 123 36.14 -14.11 82.17
N ARG AA 124 35.36 -15.16 82.05
CA ARG AA 124 35.27 -15.85 80.79
C ARG AA 124 33.81 -15.86 80.41
N PRO AA 125 33.37 -14.84 79.68
CA PRO AA 125 31.96 -14.73 79.29
C PRO AA 125 31.47 -15.85 78.40
N GLU AA 126 32.30 -16.31 77.48
CA GLU AA 126 31.88 -17.35 76.54
C GLU AA 126 31.72 -18.68 77.24
N THR AA 127 32.25 -18.84 78.45
CA THR AA 127 32.11 -20.11 79.23
C THR AA 127 30.83 -20.19 80.06
N ARG AA 128 30.30 -19.07 80.48
CA ARG AA 128 29.07 -19.03 81.24
C ARG AA 128 27.94 -19.61 80.42
N LYS AA 129 27.96 -19.37 79.13
CA LYS AA 129 26.90 -19.86 78.28
C LYS AA 129 26.86 -21.37 78.29
N TRP AA 130 28.00 -22.03 78.27
CA TRP AA 130 28.02 -23.48 78.35
C TRP AA 130 27.73 -23.89 79.76
N GLU AA 131 28.19 -23.10 80.69
CA GLU AA 131 28.03 -23.48 82.10
C GLU AA 131 26.57 -23.53 82.51
N THR AA 132 25.79 -22.52 82.09
CA THR AA 132 24.40 -22.41 82.52
C THR AA 132 23.42 -23.15 81.62
N ALA AA 133 23.85 -23.60 80.44
CA ALA AA 133 22.93 -24.25 79.51
C ALA AA 133 22.45 -25.58 80.05
N GLN AA 134 23.30 -26.24 80.84
CA GLN AA 134 22.98 -27.53 81.44
C GLN AA 134 22.57 -27.49 82.90
N ALA AA 135 22.13 -28.63 83.44
CA ALA AA 135 21.72 -28.71 84.85
C ALA AA 135 22.87 -28.68 85.79
N TYR AA 136 22.62 -28.30 87.02
CA TYR AA 136 23.67 -28.17 87.99
C TYR AA 136 24.30 -29.50 88.28
N GLU AA 137 23.55 -30.53 88.60
CA GLU AA 137 24.18 -31.79 89.00
C GLU AA 137 24.93 -32.39 87.85
N LYS AA 138 24.46 -32.19 86.64
CA LYS AA 138 25.19 -32.65 85.47
C LYS AA 138 26.53 -31.97 85.30
N LEU AA 139 26.58 -30.65 85.49
CA LEU AA 139 27.82 -29.88 85.40
C LEU AA 139 28.83 -30.30 86.42
N LEU AA 140 28.39 -30.52 87.65
CA LEU AA 140 29.28 -30.96 88.70
C LEU AA 140 29.93 -32.28 88.31
N ILE AA 141 29.12 -33.23 87.85
CA ILE AA 141 29.65 -34.53 87.46
C ILE AA 141 30.64 -34.39 86.34
N SER AA 142 30.33 -33.54 85.37
CA SER AA 142 31.22 -33.28 84.26
C SER AA 142 32.56 -32.68 84.62
N LEU AA 143 32.60 -31.70 85.50
CA LEU AA 143 33.85 -31.14 85.93
C LEU AA 143 34.65 -32.12 86.69
N ASN AA 144 33.99 -32.87 87.56
CA ASN AA 144 34.66 -33.87 88.35
C ASN AA 144 35.21 -35.02 87.50
N ARG AA 145 34.49 -35.43 86.47
CA ARG AA 145 35.02 -36.44 85.59
C ARG AA 145 36.21 -35.94 84.87
N ALA AA 146 36.16 -34.71 84.36
CA ALA AA 146 37.24 -34.17 83.58
C ALA AA 146 38.50 -34.04 84.35
N VAL AA 147 38.44 -33.59 85.57
CA VAL AA 147 39.62 -33.49 86.39
C VAL AA 147 40.16 -34.86 86.65
N LEU AA 148 39.29 -35.83 86.86
CA LEU AA 148 39.72 -37.16 87.20
C LEU AA 148 40.28 -37.81 85.99
N THR AA 149 39.62 -37.68 84.84
CA THR AA 149 40.08 -38.34 83.62
C THR AA 149 41.19 -37.58 82.91
N GLY AA 150 41.56 -36.41 83.41
CA GLY AA 150 42.67 -35.66 82.84
C GLY AA 150 42.43 -34.82 81.60
N ASP AA 151 41.18 -34.70 81.15
CA ASP AA 151 40.89 -33.85 80.00
C ASP AA 151 40.15 -32.62 80.48
N ILE AA 152 40.60 -31.44 80.11
CA ILE AA 152 39.99 -30.23 80.64
C ILE AA 152 38.96 -29.57 79.68
N PRO AA 153 37.78 -29.11 80.19
CA PRO AA 153 36.86 -28.49 79.23
C PRO AA 153 37.51 -27.30 78.53
N ASP AA 154 36.99 -27.00 77.33
CA ASP AA 154 37.60 -25.98 76.49
C ASP AA 154 37.53 -24.61 77.15
N GLY AA 155 36.42 -24.29 77.80
CA GLY AA 155 36.24 -22.96 78.38
C GLY AA 155 37.06 -22.71 79.63
N TYR AA 156 37.53 -23.77 80.29
CA TYR AA 156 38.26 -23.60 81.53
C TYR AA 156 39.74 -23.37 81.28
N GLY AA 157 40.38 -22.71 82.23
CA GLY AA 157 41.80 -22.41 82.14
C GLY AA 157 42.49 -22.66 83.46
N GLU AA 158 43.82 -22.70 83.40
CA GLU AA 158 44.61 -23.05 84.57
C GLU AA 158 44.84 -21.82 85.43
N VAL AA 159 44.67 -21.97 86.75
CA VAL AA 159 44.85 -20.88 87.70
C VAL AA 159 45.65 -21.39 88.89
N LYS AA 160 46.12 -20.45 89.69
CA LYS AA 160 46.86 -20.79 90.90
C LYS AA 160 45.91 -21.37 91.94
N PRO AA 161 46.24 -22.52 92.54
CA PRO AA 161 45.34 -23.11 93.53
C PRO AA 161 45.21 -22.25 94.79
N LEU AA 162 44.04 -22.32 95.40
CA LEU AA 162 43.79 -21.57 96.63
C LEU AA 162 44.61 -22.13 97.78
N SER AA 163 45.16 -21.23 98.60
CA SER AA 163 45.98 -21.67 99.73
C SER AA 163 45.14 -22.44 100.74
N ASP AA 164 43.94 -21.96 101.06
CA ASP AA 164 43.06 -22.60 102.03
C ASP AA 164 41.64 -22.55 101.47
N GLY AA 165 41.19 -23.66 100.91
CA GLY AA 165 39.84 -23.73 100.36
C GLY AA 165 38.98 -24.80 101.01
N ILE AA 166 39.58 -25.61 101.87
CA ILE AA 166 38.88 -26.72 102.53
C ILE AA 166 39.25 -26.73 104.00
N ARG AA 167 38.28 -27.12 104.83
CA ARG AA 167 38.53 -27.29 106.26
C ARG AA 167 39.44 -28.48 106.50
N LEU AA 168 40.34 -28.35 107.47
CA LEU AA 168 41.33 -29.38 107.76
C LEU AA 168 41.03 -30.02 109.11
N PRO AA 169 40.41 -31.20 109.15
CA PRO AA 169 40.14 -31.86 110.42
C PRO AA 169 41.20 -32.86 110.82
N GLY AA 170 41.32 -33.06 112.13
CA GLY AA 170 42.20 -34.10 112.67
C GLY AA 170 43.67 -33.88 112.38
N GLY AA 171 44.14 -32.64 112.46
CA GLY AA 171 45.56 -32.36 112.30
C GLY AA 171 46.14 -32.76 110.96
N PHE AA 172 45.43 -32.47 109.87
CA PHE AA 172 45.92 -32.81 108.55
C PHE AA 172 46.71 -31.66 107.96
N SER AA 173 47.54 -31.99 106.96
CA SER AA 173 48.24 -31.01 106.15
C SER AA 173 47.90 -31.27 104.68
N VAL AA 174 47.73 -30.20 103.92
CA VAL AA 174 47.26 -30.29 102.54
C VAL AA 174 48.23 -29.55 101.64
N THR AA 175 48.64 -30.20 100.55
CA THR AA 175 49.49 -29.59 99.53
C THR AA 175 48.71 -29.46 98.24
N PRO AA 176 48.41 -28.24 97.78
CA PRO AA 176 47.70 -28.09 96.50
C PRO AA 176 48.53 -28.60 95.34
N LEU AA 177 47.83 -29.05 94.30
CA LEU AA 177 48.48 -29.57 93.13
C LEU AA 177 48.08 -28.74 91.93
N LYS AA 178 46.84 -28.87 91.48
CA LYS AA 178 46.38 -28.13 90.32
C LYS AA 178 45.03 -27.49 90.51
N ALA AA 179 44.74 -26.39 89.81
CA ALA AA 179 43.46 -25.75 89.87
C ALA AA 179 43.07 -25.24 88.54
N TRP AA 180 41.77 -25.16 88.31
CA TRP AA 180 41.25 -24.69 87.05
C TRP AA 180 40.11 -23.88 87.45
N ALA AA 181 39.66 -23.01 86.59
CA ALA AA 181 38.57 -22.10 86.90
C ALA AA 181 37.85 -21.68 85.62
N GLY AA 182 36.54 -21.55 85.71
CA GLY AA 182 35.74 -21.06 84.61
C GLY AA 182 35.18 -19.69 84.89
N ASP AA 183 33.85 -19.56 84.83
CA ASP AA 183 33.20 -18.27 85.07
C ASP AA 183 32.48 -18.22 86.41
N GLN AA 184 31.62 -19.20 86.70
CA GLN AA 184 30.93 -19.26 87.98
C GLN AA 184 31.40 -20.42 88.85
N LEU AA 185 32.26 -21.29 88.34
CA LEU AA 185 32.72 -22.45 89.09
C LEU AA 185 34.24 -22.55 89.03
N ARG AA 186 34.87 -23.14 90.03
CA ARG AA 186 36.32 -23.27 90.09
C ARG AA 186 36.81 -24.56 90.75
N ALA AA 187 37.45 -25.46 90.01
CA ALA AA 187 37.96 -26.73 90.52
C ALA AA 187 39.40 -26.77 90.99
N ASP AA 188 39.70 -27.43 92.09
CA ASP AA 188 41.04 -27.57 92.57
C ASP AA 188 41.30 -28.98 93.08
N ARG AA 189 42.55 -29.45 93.10
CA ARG AA 189 42.89 -30.76 93.67
C ARG AA 189 43.84 -30.61 94.83
N TYR AA 190 43.55 -31.27 95.94
CA TYR AA 190 44.34 -31.15 97.16
C TYR AA 190 44.84 -32.52 97.58
N GLU AA 191 46.13 -32.61 97.90
CA GLU AA 191 46.76 -33.83 98.38
C GLU AA 191 46.70 -33.82 99.90
N LEU AA 192 46.17 -34.87 100.48
CA LEU AA 192 45.95 -34.89 101.92
C LEU AA 192 46.86 -35.87 102.53
N ARG AA 193 47.52 -35.48 103.61
CA ARG AA 193 48.36 -36.41 104.30
C ARG AA 193 47.88 -36.62 105.70
N ASN AA 194 47.71 -37.87 106.09
CA ASN AA 194 47.32 -38.16 107.45
C ASN AA 194 48.63 -38.17 108.22
N ALA AA 195 48.70 -37.36 109.27
CA ALA AA 195 49.92 -37.30 110.07
C ALA AA 195 49.82 -37.99 111.41
N ASN AA 196 48.62 -38.30 111.87
CA ASN AA 196 48.48 -38.87 113.21
C ASN AA 196 48.64 -40.37 113.28
N THR AA 197 48.84 -41.01 112.13
CA THR AA 197 49.02 -42.46 112.10
C THR AA 197 48.18 -43.29 113.08
N TRP AA 198 46.87 -43.08 113.06
CA TRP AA 198 46.01 -43.84 113.94
C TRP AA 198 44.68 -44.27 113.30
N GLY AA 199 44.51 -44.01 112.01
CA GLY AA 199 43.28 -44.40 111.34
C GLY AA 199 42.20 -43.34 111.48
N VAL AA 200 41.82 -42.70 110.38
CA VAL AA 200 40.82 -41.64 110.41
C VAL AA 200 39.76 -41.86 109.35
N ALA AA 201 38.50 -41.97 109.77
CA ALA AA 201 37.41 -42.13 108.81
C ALA AA 201 37.24 -40.87 107.97
N LEU AA 202 36.90 -41.04 106.69
CA LEU AA 202 36.80 -39.88 105.82
C LEU AA 202 35.40 -39.54 105.38
N ARG AA 203 34.98 -38.30 105.61
CA ARG AA 203 33.66 -37.85 105.17
C ARG AA 203 33.81 -36.54 104.40
N GLU AA 204 33.23 -36.48 103.21
CA GLU AA 204 33.32 -35.27 102.38
C GLU AA 204 32.75 -34.09 103.14
N GLN AA 205 31.77 -34.30 104.00
CA GLN AA 205 31.12 -33.24 104.74
C GLN AA 205 32.00 -32.59 105.75
N ASP AA 206 33.05 -33.24 106.15
CA ASP AA 206 33.96 -32.68 107.11
C ASP AA 206 35.00 -31.78 106.54
N PHE AA 207 34.99 -31.56 105.24
CA PHE AA 207 35.93 -30.70 104.58
C PHE AA 207 35.18 -29.52 104.04
N TRP AA 208 33.89 -29.44 104.30
CA TRP AA 208 33.07 -28.33 103.76
C TRP AA 208 33.40 -26.95 104.30
N LYS AA 209 33.43 -25.96 103.42
CA LYS AA 209 33.66 -24.58 103.84
C LYS AA 209 32.66 -23.71 103.08
N PRO AA 210 32.31 -22.54 103.62
CA PRO AA 210 31.41 -21.64 102.88
C PRO AA 210 31.95 -21.36 101.48
N GLY AA 211 31.32 -21.90 100.44
CA GLY AA 211 31.82 -21.73 99.08
C GLY AA 211 32.21 -23.01 98.43
N VAL AA 212 32.46 -24.08 99.20
CA VAL AA 212 32.81 -25.38 98.66
C VAL AA 212 31.53 -25.94 98.19
N ARG AA 213 31.43 -26.15 96.90
CA ARG AA 213 30.17 -26.59 96.30
C ARG AA 213 30.06 -28.10 96.20
N ALA AA 214 31.17 -28.81 96.02
CA ALA AA 214 31.14 -30.26 95.91
C ALA AA 214 32.52 -30.81 96.25
N VAL AA 215 32.52 -32.03 96.80
CA VAL AA 215 33.75 -32.72 97.19
C VAL AA 215 33.67 -34.17 96.71
N MET AA 216 34.75 -34.65 96.09
CA MET AA 216 34.82 -36.04 95.66
C MET AA 216 36.18 -36.61 96.05
N PHE AA 217 36.18 -37.85 96.53
CA PHE AA 217 37.39 -38.60 96.78
C PHE AA 217 37.70 -39.46 95.56
N ASP AA 218 38.91 -39.30 95.02
CA ASP AA 218 39.28 -40.05 93.81
C ASP AA 218 39.29 -41.54 94.07
N ASN AA 219 39.82 -41.97 95.21
CA ASN AA 219 39.74 -43.38 95.55
C ASN AA 219 38.48 -43.44 96.38
N ASN AA 220 37.73 -44.54 96.34
CA ASN AA 220 36.47 -44.56 97.06
C ASN AA 220 36.75 -44.34 98.52
N ALA AA 221 37.83 -44.92 99.03
CA ALA AA 221 38.23 -44.63 100.41
C ALA AA 221 37.24 -44.95 101.51
N GLN AA 222 36.76 -43.96 102.26
CA GLN AA 222 35.90 -44.17 103.44
C GLN AA 222 36.79 -44.32 104.65
N THR AA 223 38.10 -44.52 104.44
CA THR AA 223 39.04 -44.69 105.54
C THR AA 223 40.33 -44.08 105.05
N LEU AA 224 41.20 -43.67 105.97
CA LEU AA 224 42.50 -43.17 105.56
C LEU AA 224 43.53 -43.85 106.43
N MET AA 225 44.45 -44.57 105.80
CA MET AA 225 45.48 -45.28 106.56
C MET AA 225 46.41 -44.30 107.26
N GLY AA 226 47.24 -44.77 108.18
CA GLY AA 226 48.06 -43.86 108.96
C GLY AA 226 48.97 -42.99 108.14
N GLY AA 227 49.60 -43.53 107.11
CA GLY AA 227 50.39 -42.68 106.22
C GLY AA 227 49.61 -42.58 104.94
N GLY AA 228 48.98 -41.44 104.68
CA GLY AA 228 48.14 -41.31 103.49
C GLY AA 228 48.52 -40.18 102.56
N ARG AA 229 48.77 -40.49 101.29
CA ARG AA 229 49.12 -39.46 100.31
C ARG AA 229 47.97 -39.13 99.37
N MET AA 230 46.76 -39.55 99.71
CA MET AA 230 45.60 -39.37 98.82
C MET AA 230 45.24 -37.97 98.32
N THR AA 231 44.24 -37.88 97.46
CA THR AA 231 43.84 -36.62 96.85
C THR AA 231 42.34 -36.37 96.92
N VAL AA 232 41.95 -35.11 96.79
CA VAL AA 232 40.53 -34.76 96.82
C VAL AA 232 40.29 -33.63 95.83
N THR AA 233 39.20 -33.68 95.09
CA THR AA 233 38.88 -32.61 94.16
C THR AA 233 37.70 -31.82 94.70
N VAL AA 234 37.88 -30.51 94.84
CA VAL AA 234 36.78 -29.67 95.31
C VAL AA 234 36.34 -28.62 94.29
N ILE AA 235 35.04 -28.51 94.09
CA ILE AA 235 34.52 -27.49 93.19
C ILE AA 235 34.00 -26.42 94.10
N ARG AA 236 34.19 -25.16 93.73
CA ARG AA 236 33.77 -24.08 94.55
C ARG AA 236 33.14 -23.13 93.62
N GLY AA 237 32.95 -21.91 94.06
CA GLY AA 237 32.42 -20.88 93.21
C GLY AA 237 33.45 -19.84 92.90
N ASN AA 238 33.46 -19.31 91.70
CA ASN AA 238 34.39 -18.23 91.40
C ASN AA 238 33.88 -16.93 91.99
N GLY AA 239 34.70 -16.26 92.78
CA GLY AA 239 34.30 -15.02 93.41
C GLY AA 239 33.71 -15.13 94.80
N GLU AA 240 33.64 -16.33 95.36
CA GLU AA 240 33.17 -16.47 96.72
C GLU AA 240 34.15 -15.73 97.62
N GLY AA 241 33.64 -14.96 98.59
CA GLY AA 241 34.50 -14.21 99.48
C GLY AA 241 34.59 -12.74 99.12
N GLN BA 25 41.92 13.46 99.60
CA GLN BA 25 40.93 14.49 99.83
C GLN BA 25 39.59 14.12 99.22
N SER BA 26 38.52 14.79 99.67
CA SER BA 26 37.20 14.55 99.12
C SER BA 26 36.91 15.88 98.52
N PRO BA 27 36.14 15.92 97.42
CA PRO BA 27 36.00 17.24 96.84
C PRO BA 27 35.33 18.17 97.82
N ALA BA 28 35.79 19.42 97.91
CA ALA BA 28 35.18 20.41 98.82
C ALA BA 28 33.83 20.83 98.31
N THR BA 29 32.90 21.13 99.22
CA THR BA 29 31.53 21.46 98.82
C THR BA 29 31.17 22.94 99.00
N ILE BA 30 30.84 23.59 97.91
CA ILE BA 30 30.55 25.00 97.98
C ILE BA 30 29.14 25.34 98.48
N SER BA 31 28.10 24.71 97.97
CA SER BA 31 26.68 25.01 98.35
C SER BA 31 26.28 26.48 98.29
N LEU BA 32 25.87 26.95 97.12
CA LEU BA 32 25.57 28.35 96.94
C LEU BA 32 24.20 28.51 96.37
N PRO BA 33 23.46 29.57 96.73
CA PRO BA 33 22.17 29.82 96.10
C PRO BA 33 22.43 30.21 94.67
N GLN BA 34 21.42 30.51 93.89
CA GLN BA 34 21.65 30.80 92.47
C GLN BA 34 22.01 32.25 92.23
N GLY BA 35 22.88 32.80 93.07
CA GLY BA 35 23.53 34.08 92.87
C GLY BA 35 24.89 34.07 93.53
N GLY BA 36 25.31 32.88 93.97
CA GLY BA 36 26.34 32.78 94.97
C GLY BA 36 27.65 33.43 94.57
N GLN BA 37 28.38 33.90 95.57
CA GLN BA 37 29.68 34.50 95.32
C GLN BA 37 30.63 33.87 96.31
N PHE BA 38 31.36 32.85 95.88
CA PHE BA 38 32.26 32.16 96.79
C PHE BA 38 33.69 32.42 96.40
N ARG BA 39 34.51 32.83 97.36
CA ARG BA 39 35.91 33.03 97.06
C ARG BA 39 36.65 31.73 97.30
N LEU BA 40 37.22 31.17 96.23
CA LEU BA 40 37.90 29.89 96.35
C LEU BA 40 39.28 29.91 95.72
N SER BA 41 40.22 29.16 96.31
CA SER BA 41 41.56 29.08 95.74
C SER BA 41 41.57 28.31 94.44
N ILE BA 42 42.41 28.72 93.50
CA ILE BA 42 42.52 28.03 92.23
C ILE BA 42 44.03 27.90 92.00
N SER BA 43 44.45 26.92 91.22
CA SER BA 43 45.88 26.71 91.00
C SER BA 43 46.34 27.21 89.66
N ASN BA 44 47.37 28.05 89.64
CA ASN BA 44 47.93 28.48 88.35
C ASN BA 44 48.58 27.39 87.53
N THR BA 45 49.26 26.45 88.17
CA THR BA 45 49.96 25.39 87.47
C THR BA 45 49.17 24.22 86.91
N ASP BA 46 48.30 23.60 87.69
CA ASP BA 46 47.62 22.37 87.26
C ASP BA 46 46.14 22.51 87.09
N PRO BA 47 45.52 21.65 86.29
CA PRO BA 47 44.09 21.85 86.00
C PRO BA 47 43.17 21.77 87.21
N ASN BA 48 42.10 22.56 87.22
CA ASN BA 48 41.18 22.61 88.34
C ASN BA 48 39.82 22.14 87.85
N MET BA 49 39.01 21.54 88.72
CA MET BA 49 37.69 21.03 88.30
C MET BA 49 36.50 21.46 89.12
N ILE BA 50 35.37 21.75 88.47
CA ILE BA 50 34.14 22.12 89.14
C ILE BA 50 33.03 21.21 88.59
N PHE BA 51 32.28 20.53 89.45
CA PHE BA 51 31.19 19.69 88.97
C PHE BA 51 29.84 19.97 89.62
N ILE BA 52 28.74 19.76 88.89
CA ILE BA 52 27.45 19.94 89.55
C ILE BA 52 26.86 18.57 89.82
N PRO BA 53 26.59 18.21 91.08
CA PRO BA 53 25.94 16.92 91.35
C PRO BA 53 24.47 16.94 90.95
N GLY BA 54 24.19 16.79 89.66
CA GLY BA 54 22.82 16.75 89.18
C GLY BA 54 22.58 17.59 87.95
N ASP BA 55 23.60 18.33 87.52
CA ASP BA 55 23.48 19.22 86.37
C ASP BA 55 24.75 19.16 85.55
N LYS BA 56 24.61 19.56 84.28
CA LYS BA 56 25.71 19.54 83.31
C LYS BA 56 26.15 20.97 83.04
N VAL BA 57 27.40 21.31 83.34
CA VAL BA 57 27.90 22.65 83.06
C VAL BA 57 27.88 22.87 81.57
N THR BA 58 27.33 24.00 81.14
CA THR BA 58 27.29 24.31 79.73
C THR BA 58 28.23 25.42 79.32
N ALA BA 59 28.71 26.21 80.28
CA ALA BA 59 29.57 27.33 79.96
C ALA BA 59 30.28 27.90 81.14
N ILE BA 60 31.52 28.32 80.96
CA ILE BA 60 32.24 28.99 82.02
C ILE BA 60 32.69 30.29 81.38
N THR BA 61 32.53 31.40 82.08
CA THR BA 61 32.93 32.69 81.54
C THR BA 61 33.80 33.42 82.48
N ALA BA 62 34.96 33.84 82.01
CA ALA BA 62 35.82 34.62 82.83
C ALA BA 62 36.30 35.86 82.05
N PRO BA 63 37.04 36.80 82.66
CA PRO BA 63 37.59 37.96 81.94
C PRO BA 63 38.54 37.50 80.84
N GLY BA 64 38.54 38.25 79.74
CA GLY BA 64 39.37 37.87 78.61
C GLY BA 64 40.84 37.80 78.99
N GLY BA 65 41.50 36.74 78.54
CA GLY BA 65 42.89 36.53 78.86
C GLY BA 65 43.17 36.13 80.29
N MET BA 66 42.19 35.53 80.97
CA MET BA 66 42.35 35.10 82.36
C MET BA 66 42.40 33.59 82.49
N LEU BA 67 41.43 32.87 81.92
CA LEU BA 67 41.41 31.39 81.94
C LEU BA 67 42.05 30.81 80.69
N ALA BA 68 43.25 30.26 80.83
CA ALA BA 68 44.01 29.70 79.72
C ALA BA 68 43.40 28.54 78.96
N ASP BA 69 42.79 27.59 79.65
CA ASP BA 69 42.09 26.50 78.96
C ASP BA 69 40.79 26.14 79.63
N LYS BA 70 39.83 25.64 78.86
CA LYS BA 70 38.52 25.29 79.40
C LYS BA 70 37.88 24.17 78.60
N ARG BA 71 37.79 23.00 79.17
CA ARG BA 71 37.19 21.85 78.50
C ARG BA 71 36.10 21.20 79.33
N LEU BA 72 35.04 20.74 78.69
CA LEU BA 72 33.92 20.15 79.39
C LEU BA 72 34.02 18.65 79.59
N THR BA 73 34.00 18.21 80.83
CA THR BA 73 34.05 16.79 81.13
C THR BA 73 32.78 16.07 80.73
N ARG BA 74 32.88 14.79 80.39
CA ARG BA 74 31.74 14.02 79.95
C ARG BA 74 30.65 13.85 80.99
N ALA BA 75 31.05 13.66 82.24
CA ALA BA 75 30.08 13.49 83.30
C ALA BA 75 29.22 14.73 83.39
N GLY BA 76 29.84 15.89 83.22
CA GLY BA 76 29.09 17.11 83.23
C GLY BA 76 29.88 18.13 83.97
N GLY BA 77 31.16 17.89 84.17
CA GLY BA 77 31.96 18.91 84.79
C GLY BA 77 32.72 19.74 83.77
N VAL BA 78 33.61 20.59 84.30
CA VAL BA 78 34.45 21.46 83.48
C VAL BA 78 35.83 21.51 84.10
N LEU BA 79 36.86 21.36 83.26
CA LEU BA 79 38.24 21.43 83.71
C LEU BA 79 38.86 22.67 83.15
N PHE BA 80 39.57 23.42 83.97
CA PHE BA 80 40.12 24.69 83.53
C PHE BA 80 41.50 25.02 84.09
N THR BA 81 42.27 25.79 83.34
CA THR BA 81 43.60 26.18 83.78
C THR BA 81 43.71 27.69 83.74
N SER BA 82 44.29 28.29 84.76
CA SER BA 82 44.46 29.72 84.79
C SER BA 82 45.92 30.02 84.89
N VAL BA 83 46.41 30.92 84.06
CA VAL BA 83 47.84 31.20 84.04
C VAL BA 83 48.12 32.49 84.78
N ALA BA 84 47.16 33.42 84.74
CA ALA BA 84 47.35 34.72 85.37
C ALA BA 84 47.47 34.55 86.88
N THR BA 85 47.70 35.69 87.56
CA THR BA 85 47.89 35.68 89.01
C THR BA 85 46.92 36.54 89.83
N ARG BA 86 46.20 37.46 89.18
CA ARG BA 86 45.22 38.29 89.89
C ARG BA 86 43.93 37.58 90.26
N THR BA 87 43.32 37.99 91.36
CA THR BA 87 42.03 37.45 91.73
C THR BA 87 40.99 37.83 90.69
N PHE BA 88 40.15 36.88 90.29
CA PHE BA 88 39.16 37.15 89.26
C PHE BA 88 37.82 36.53 89.52
N THR BA 89 36.76 37.00 88.90
CA THR BA 89 35.47 36.33 89.03
C THR BA 89 35.13 35.48 87.84
N ILE BA 90 34.70 34.24 88.07
CA ILE BA 90 34.26 33.37 86.99
C ILE BA 90 32.80 32.99 87.15
N PHE BA 91 32.07 32.84 86.06
CA PHE BA 91 30.65 32.51 86.11
C PHE BA 91 30.33 31.22 85.45
N VAL BA 92 29.63 30.32 86.15
CA VAL BA 92 29.25 29.04 85.58
C VAL BA 92 27.77 28.90 85.35
N GLU BA 93 27.40 28.48 84.14
CA GLU BA 93 26.00 28.33 83.81
C GLU BA 93 25.70 26.88 83.50
N THR BA 94 24.86 26.24 84.29
CA THR BA 94 24.46 24.88 84.00
C THR BA 94 23.32 24.78 83.02
N ALA BA 95 23.15 23.63 82.40
CA ALA BA 95 22.12 23.43 81.40
C ALA BA 95 20.67 23.54 81.84
N ARG BA 96 20.34 23.00 82.99
CA ARG BA 96 18.96 22.99 83.45
C ARG BA 96 18.67 24.33 84.04
N GLY BA 97 19.46 25.34 83.69
CA GLY BA 97 19.11 26.65 84.17
C GLY BA 97 19.65 26.89 85.57
N GLN BA 98 20.79 27.57 85.64
CA GLN BA 98 21.52 27.81 86.89
C GLN BA 98 22.70 28.71 86.57
N THR BA 99 23.11 29.50 87.57
CA THR BA 99 24.27 30.36 87.42
C THR BA 99 24.91 30.55 88.79
N PHE BA 100 26.21 30.27 88.88
CA PHE BA 100 26.96 30.44 90.11
C PHE BA 100 28.24 31.21 89.82
N SER BA 101 28.61 32.13 90.71
CA SER BA 101 29.80 32.94 90.54
C SER BA 101 30.80 32.63 91.64
N VAL BA 102 32.05 32.42 91.23
CA VAL BA 102 33.11 32.18 92.18
C VAL BA 102 34.21 33.17 91.90
N VAL BA 103 34.83 33.68 92.92
CA VAL BA 103 35.96 34.57 92.75
C VAL BA 103 37.16 33.70 92.98
N ALA BA 104 37.99 33.52 91.97
CA ALA BA 104 39.11 32.62 92.07
C ALA BA 104 40.44 33.31 92.13
N THR BA 105 41.17 33.13 93.22
CA THR BA 105 42.50 33.71 93.33
C THR BA 105 43.60 32.69 93.09
N PRO BA 106 44.44 32.88 92.04
CA PRO BA 106 45.41 31.81 91.78
C PRO BA 106 46.58 31.65 92.74
N VAL BA 107 46.77 30.46 93.28
CA VAL BA 107 47.88 30.18 94.19
C VAL BA 107 48.67 28.99 93.72
N LYS BA 108 49.93 28.91 94.14
CA LYS BA 108 50.79 27.81 93.73
C LYS BA 108 50.40 26.53 94.43
N GLY BA 109 50.21 25.46 93.66
CA GLY BA 109 49.87 24.16 94.24
C GLY BA 109 49.17 23.18 93.33
N GLU BA 110 48.55 22.16 93.92
CA GLU BA 110 47.83 21.14 93.16
C GLU BA 110 46.47 21.61 92.65
N GLY BA 111 45.94 20.94 91.65
CA GLY BA 111 44.63 21.28 91.12
C GLY BA 111 43.56 21.03 92.15
N ARG BA 112 42.54 21.88 92.21
CA ARG BA 112 41.49 21.75 93.21
C ARG BA 112 40.16 21.36 92.62
N VAL BA 113 39.40 20.52 93.33
CA VAL BA 113 38.13 20.06 92.80
C VAL BA 113 37.08 20.53 93.76
N TYR BA 114 36.03 21.14 93.23
CA TYR BA 114 34.97 21.63 94.07
C TYR BA 114 33.65 21.09 93.62
N ARG BA 115 32.82 20.71 94.57
CA ARG BA 115 31.50 20.17 94.27
C ARG BA 115 30.49 21.24 94.55
N LEU BA 116 29.65 21.56 93.58
CA LEU BA 116 28.73 22.68 93.76
C LEU BA 116 27.32 22.26 94.06
N MET BA 117 26.88 22.40 95.29
CA MET BA 117 25.51 22.08 95.65
C MET BA 117 24.59 23.25 95.41
N SER BA 118 23.40 23.02 94.86
CA SER BA 118 22.52 24.11 94.50
C SER BA 118 21.95 25.01 95.56
N ALA BA 119 21.67 24.49 96.75
CA ALA BA 119 21.00 25.28 97.81
C ALA BA 119 19.59 25.67 97.47
N GLU BA 120 19.33 26.03 96.22
CA GLU BA 120 17.96 26.29 95.79
C GLU BA 120 17.76 25.34 94.64
N PRO BA 121 16.87 24.37 94.79
CA PRO BA 121 16.70 23.36 93.76
C PRO BA 121 16.26 23.88 92.41
N PRO BA 122 16.77 23.33 91.32
CA PRO BA 122 16.41 23.75 89.98
C PRO BA 122 15.07 23.28 89.47
N SER BA 123 14.44 24.02 88.58
CA SER BA 123 13.21 23.57 87.98
C SER BA 123 13.48 22.46 87.01
N ARG BA 124 12.79 21.35 87.14
CA ARG BA 124 13.05 20.23 86.28
C ARG BA 124 11.75 19.89 85.60
N PRO BA 125 11.49 20.49 84.44
CA PRO BA 125 10.23 20.27 83.73
C PRO BA 125 10.02 18.85 83.25
N GLU BA 126 11.08 18.18 82.81
CA GLU BA 126 10.95 16.82 82.30
C GLU BA 126 10.64 15.84 83.41
N THR BA 127 10.84 16.21 84.67
CA THR BA 127 10.53 15.32 85.83
C THR BA 127 9.08 15.39 86.30
N ARG BA 128 8.42 16.53 86.11
CA ARG BA 128 7.04 16.69 86.48
C ARG BA 128 6.18 15.70 85.72
N LYS BA 129 6.54 15.44 84.47
CA LYS BA 129 5.76 14.54 83.67
C LYS BA 129 5.75 13.15 84.27
N TRP BA 130 6.87 12.68 84.78
CA TRP BA 130 6.91 11.38 85.43
C TRP BA 130 6.26 11.49 86.76
N GLU BA 131 6.44 12.63 87.40
CA GLU BA 131 5.93 12.79 88.77
C GLU BA 131 4.40 12.72 88.80
N THR BA 132 3.74 13.37 87.85
CA THR BA 132 2.29 13.46 87.87
C THR BA 132 1.60 12.32 87.13
N ALA BA 133 2.33 11.53 86.36
CA ALA BA 133 1.70 10.47 85.58
C ALA BA 133 1.14 9.38 86.47
N GLN BA 134 1.77 9.18 87.63
CA GLN BA 134 1.33 8.18 88.60
C GLN BA 134 0.55 8.71 89.79
N ALA BA 135 0.01 7.82 90.62
CA ALA BA 135 -0.75 8.21 91.80
C ALA BA 135 0.11 8.74 92.90
N TYR BA 136 -0.47 9.52 93.78
CA TYR BA 136 0.28 10.13 94.84
C TYR BA 136 0.85 9.11 95.76
N GLU BA 137 0.06 8.19 96.28
CA GLU BA 137 0.60 7.26 97.27
C GLU BA 137 1.64 6.37 96.67
N LYS BA 138 1.51 6.04 95.40
CA LYS BA 138 2.54 5.27 94.72
C LYS BA 138 3.85 6.00 94.60
N LEU BA 139 3.82 7.29 94.28
CA LEU BA 139 5.01 8.12 94.18
C LEU BA 139 5.73 8.25 95.48
N LEU BA 140 4.98 8.46 96.56
CA LEU BA 140 5.58 8.56 97.88
C LEU BA 140 6.34 7.28 98.20
N ILE BA 141 5.70 6.13 97.99
CA ILE BA 141 6.35 4.86 98.27
C ILE BA 141 7.60 4.70 97.45
N SER BA 142 7.53 5.08 96.18
CA SER BA 142 8.68 5.01 95.30
C SER BA 142 9.86 5.87 95.69
N LEU BA 143 9.64 7.10 96.09
CA LEU BA 143 10.72 7.93 96.54
C LEU BA 143 11.32 7.42 97.80
N ASN BA 144 10.47 6.98 98.71
CA ASN BA 144 10.93 6.44 99.97
C ASN BA 144 11.71 5.14 99.79
N ARG BA 145 11.30 4.28 98.88
CA ARG BA 145 12.07 3.09 98.61
C ARG BA 145 13.40 3.43 98.05
N ALA BA 146 13.45 4.36 97.11
CA ALA BA 146 14.69 4.70 96.44
C ALA BA 146 15.70 5.27 97.37
N VAL BA 147 15.30 6.13 98.26
CA VAL BA 147 16.22 6.67 99.23
C VAL BA 147 16.71 5.60 100.14
N LEU BA 148 15.83 4.67 100.50
CA LEU BA 148 16.20 3.63 101.43
C LEU BA 148 17.08 2.65 100.73
N THR BA 149 16.74 2.26 99.51
CA THR BA 149 17.53 1.25 98.79
C THR BA 149 18.76 1.82 98.12
N GLY BA 150 18.95 3.14 98.19
CA GLY BA 150 20.15 3.74 97.65
C GLY BA 150 20.24 4.02 96.15
N ASP BA 151 19.15 3.80 95.43
CA ASP BA 151 19.15 4.12 94.00
C ASP BA 151 18.27 5.33 93.76
N ILE BA 152 18.78 6.33 93.07
CA ILE BA 152 18.01 7.57 92.92
C ILE BA 152 17.26 7.67 91.57
N PRO BA 153 15.98 8.15 91.56
CA PRO BA 153 15.32 8.23 90.25
C PRO BA 153 16.11 9.14 89.31
N ASP BA 154 15.92 8.91 88.00
CA ASP BA 154 16.70 9.61 87.00
C ASP BA 154 16.42 11.11 87.03
N GLY BA 155 15.16 11.51 87.21
CA GLY BA 155 14.81 12.92 87.16
C GLY BA 155 15.26 13.71 88.36
N TYR BA 156 15.57 13.05 89.48
CA TYR BA 156 15.94 13.76 90.69
C TYR BA 156 17.43 14.07 90.72
N GLY BA 157 17.77 15.13 91.45
CA GLY BA 157 19.16 15.54 91.58
C GLY BA 157 19.49 15.88 93.02
N GLU BA 158 20.78 16.00 93.29
CA GLU BA 158 21.25 16.23 94.65
C GLU BA 158 21.20 17.71 94.99
N VAL BA 159 20.69 18.04 96.17
CA VAL BA 159 20.59 19.42 96.63
C VAL BA 159 21.06 19.50 98.08
N LYS BA 160 21.28 20.72 98.53
CA LYS BA 160 21.69 20.95 99.91
C LYS BA 160 20.51 20.69 100.84
N PRO BA 161 20.69 19.91 101.91
CA PRO BA 161 19.57 19.63 102.81
C PRO BA 161 19.10 20.86 103.55
N LEU BA 162 17.81 20.88 103.86
CA LEU BA 162 17.22 22.00 104.58
C LEU BA 162 17.72 22.02 106.02
N SER BA 163 18.02 23.22 106.52
CA SER BA 163 18.51 23.35 107.89
C SER BA 163 17.47 22.91 108.90
N ASP BA 164 16.22 23.31 108.72
CA ASP BA 164 15.13 22.98 109.63
C ASP BA 164 13.90 22.63 108.78
N GLY BA 165 13.64 21.35 108.61
CA GLY BA 165 12.49 20.91 107.85
C GLY BA 165 11.52 20.06 108.64
N ILE BA 166 11.89 19.72 109.86
CA ILE BA 166 11.06 18.86 110.72
C ILE BA 166 11.04 19.44 112.13
N ARG BA 167 9.90 19.27 112.78
CA ARG BA 167 9.76 19.68 114.17
C ARG BA 167 10.60 18.80 115.08
N LEU BA 168 11.21 19.40 116.10
CA LEU BA 168 12.11 18.68 116.99
C LEU BA 168 11.49 18.56 118.38
N PRO BA 169 10.91 17.42 118.73
CA PRO BA 169 10.32 17.26 120.05
C PRO BA 169 11.27 16.62 121.06
N GLY BA 170 11.04 16.93 122.33
CA GLY BA 170 11.78 16.30 123.42
C GLY BA 170 13.26 16.58 123.43
N GLY BA 171 13.66 17.81 123.10
CA GLY BA 171 15.07 18.18 123.20
C GLY BA 171 15.99 17.39 122.30
N PHE BA 172 15.59 17.17 121.05
CA PHE BA 172 16.42 16.41 120.12
C PHE BA 172 17.31 17.35 119.32
N SER BA 173 18.38 16.78 118.76
CA SER BA 173 19.24 17.46 117.81
C SER BA 173 19.31 16.63 116.55
N VAL BA 174 19.33 17.30 115.39
CA VAL BA 174 19.24 16.65 114.10
C VAL BA 174 20.39 17.11 113.22
N THR BA 175 21.09 16.16 112.61
CA THR BA 175 22.17 16.45 111.66
C THR BA 175 21.75 15.98 110.28
N PRO BA 176 21.55 16.89 109.32
CA PRO BA 176 21.20 16.45 107.96
C PRO BA 176 22.33 15.65 107.33
N LEU BA 177 21.93 14.77 106.43
CA LEU BA 177 22.88 13.93 105.74
C LEU BA 177 22.79 14.20 104.25
N LYS BA 178 21.71 13.75 103.60
CA LYS BA 178 21.56 13.94 102.17
C LYS BA 178 20.19 14.43 101.78
N ALA BA 179 20.07 15.13 100.66
CA ALA BA 179 18.81 15.59 100.16
C ALA BA 179 18.76 15.50 98.68
N TRP BA 180 17.57 15.33 98.14
CA TRP BA 180 17.40 15.22 96.72
C TRP BA 180 16.17 15.97 96.49
N ALA BA 181 15.93 16.39 95.28
CA ALA BA 181 14.78 17.20 94.93
C ALA BA 181 14.42 17.01 93.47
N GLY BA 182 13.12 16.99 93.19
CA GLY BA 182 12.64 16.93 91.83
C GLY BA 182 11.98 18.23 91.41
N ASP BA 183 10.72 18.16 91.00
CA ASP BA 183 9.99 19.34 90.54
C ASP BA 183 8.95 19.80 91.55
N GLN BA 184 8.06 18.91 92.00
CA GLN BA 184 7.06 19.23 92.99
C GLN BA 184 7.31 18.56 94.34
N LEU BA 185 8.30 17.68 94.43
CA LEU BA 185 8.57 16.95 95.66
C LEU BA 185 10.06 17.03 96.00
N ARG BA 186 10.41 16.95 97.27
CA ARG BA 186 11.80 17.03 97.71
C ARG BA 186 12.13 16.16 98.92
N ALA BA 187 12.97 15.13 98.76
CA ALA BA 187 13.36 14.23 99.84
C ALA BA 187 14.62 14.55 100.61
N ASP BA 188 14.63 14.39 101.92
CA ASP BA 188 15.81 14.61 102.72
C ASP BA 188 15.96 13.55 103.78
N ARG BA 189 17.17 13.28 104.28
CA ARG BA 189 17.39 12.33 105.38
C ARG BA 189 17.98 13.03 106.58
N TYR BA 190 17.43 12.80 107.75
CA TYR BA 190 17.86 13.47 108.97
C TYR BA 190 18.28 12.43 110.01
N GLU BA 191 19.44 12.63 110.62
CA GLU BA 191 19.94 11.77 111.68
C GLU BA 191 19.48 12.35 113.01
N LEU BA 192 18.85 11.53 113.82
CA LEU BA 192 18.25 12.03 115.05
C LEU BA 192 19.00 11.47 116.21
N ARG BA 193 19.34 12.31 117.16
CA ARG BA 193 19.99 11.83 118.33
C ARG BA 193 19.16 12.09 119.55
N ASN BA 194 18.93 11.07 120.36
CA ASN BA 194 18.20 11.27 121.59
C ASN BA 194 19.26 11.72 122.58
N ALA BA 195 19.03 12.86 123.21
CA ALA BA 195 19.99 13.37 124.16
C ALA BA 195 19.56 13.22 125.62
N ASN BA 196 18.28 12.97 125.86
CA ASN BA 196 17.81 12.93 127.26
C ASN BA 196 17.99 11.59 127.94
N THR BA 197 18.50 10.60 127.22
CA THR BA 197 18.73 9.27 127.81
C THR BA 197 17.67 8.78 128.80
N TRP BA 198 16.41 8.80 128.40
CA TRP BA 198 15.36 8.32 129.28
C TRP BA 198 14.27 7.52 128.58
N GLY BA 199 14.44 7.25 127.29
CA GLY BA 199 13.44 6.48 126.56
C GLY BA 199 12.33 7.37 126.02
N VAL BA 200 12.24 7.50 124.69
CA VAL BA 200 11.24 8.35 124.08
C VAL BA 200 10.50 7.62 122.97
N ALA BA 201 9.18 7.51 123.08
CA ALA BA 201 8.39 6.87 122.05
C ALA BA 201 8.42 7.69 120.77
N LEU BA 202 8.43 7.02 119.62
CA LEU BA 202 8.53 7.74 118.36
C LEU BA 202 7.28 7.72 117.51
N ARG BA 203 6.79 8.88 117.12
CA ARG BA 203 5.62 8.96 116.25
C ARG BA 203 5.94 9.89 115.08
N GLU BA 204 5.69 9.43 113.86
CA GLU BA 204 5.97 10.23 112.68
C GLU BA 204 5.19 11.54 112.75
N GLN BA 205 4.02 11.54 113.37
CA GLN BA 205 3.18 12.71 113.45
C GLN BA 205 3.74 13.80 114.30
N ASP BA 206 4.66 13.49 115.16
CA ASP BA 206 5.26 14.48 116.00
C ASP BA 206 6.40 15.22 115.38
N PHE BA 207 6.73 14.93 114.15
CA PHE BA 207 7.78 15.59 113.44
C PHE BA 207 7.18 16.38 112.31
N TRP BA 208 5.86 16.40 112.21
CA TRP BA 208 5.19 17.10 111.11
C TRP BA 208 5.32 18.61 111.12
N LYS BA 209 5.56 19.20 109.95
CA LYS BA 209 5.63 20.65 109.83
C LYS BA 209 4.85 21.03 108.57
N PRO BA 210 4.34 22.27 108.51
CA PRO BA 210 3.65 22.69 107.28
C PRO BA 210 4.53 22.50 106.05
N GLY BA 211 4.21 21.54 105.20
CA GLY BA 211 5.04 21.24 104.05
C GLY BA 211 5.63 19.87 104.07
N VAL BA 212 5.69 19.21 105.22
CA VAL BA 212 6.20 17.86 105.34
C VAL BA 212 5.11 17.00 104.85
N ARG BA 213 5.36 16.32 103.76
CA ARG BA 213 4.32 15.53 103.11
C ARG BA 213 4.27 14.09 103.59
N ALA BA 214 5.41 13.51 103.97
CA ALA BA 214 5.45 12.14 104.44
C ALA BA 214 6.70 11.93 105.28
N VAL BA 215 6.59 11.03 106.26
CA VAL BA 215 7.69 10.69 107.16
C VAL BA 215 7.77 9.17 107.28
N MET BA 216 8.99 8.64 107.18
CA MET BA 216 9.21 7.21 107.36
C MET BA 216 10.43 7.00 108.25
N PHE BA 217 10.33 6.05 109.17
CA PHE BA 217 11.46 5.60 109.97
C PHE BA 217 12.10 4.40 109.29
N ASP BA 218 13.40 4.49 109.03
CA ASP BA 218 14.10 3.41 108.34
C ASP BA 218 14.09 2.12 109.17
N ASN BA 219 14.30 2.23 110.46
CA ASN BA 219 14.17 1.05 111.31
C ASN BA 219 12.73 1.15 111.76
N ASN BA 220 12.05 0.03 112.01
CA ASN BA 220 10.64 0.12 112.35
C ASN BA 220 10.52 0.90 113.63
N ALA BA 221 11.45 0.70 114.56
CA ALA BA 221 11.47 1.52 115.77
C ALA BA 221 10.22 1.53 116.64
N GLN BA 222 9.54 2.66 116.80
CA GLN BA 222 8.40 2.80 117.73
C GLN BA 222 8.94 3.23 119.07
N THR BA 223 10.26 3.14 119.27
CA THR BA 223 10.89 3.51 120.54
C THR BA 223 12.25 4.04 120.16
N LEU BA 224 12.83 4.87 121.01
CA LEU BA 224 14.18 5.35 120.77
C LEU BA 224 14.96 5.18 122.05
N MET BA 225 16.03 4.40 121.99
CA MET BA 225 16.85 4.16 123.18
C MET BA 225 17.53 5.44 123.63
N GLY BA 226 18.09 5.46 124.83
CA GLY BA 226 18.65 6.70 125.34
C GLY BA 226 19.73 7.30 124.48
N GLY BA 227 20.63 6.49 123.94
CA GLY BA 227 21.60 7.05 123.00
C GLY BA 227 21.18 6.56 121.64
N GLY BA 228 20.62 7.42 120.80
CA GLY BA 228 20.12 6.99 119.50
C GLY BA 228 20.69 7.73 118.32
N ARG BA 229 21.29 7.01 117.37
CA ARG BA 229 21.86 7.63 116.17
C ARG BA 229 20.99 7.43 114.94
N MET BA 230 19.74 7.02 115.13
CA MET BA 230 18.86 6.71 114.00
C MET BA 230 18.60 7.76 112.92
N THR BA 231 17.86 7.39 111.88
CA THR BA 231 17.60 8.27 110.75
C THR BA 231 16.13 8.33 110.36
N VAL BA 232 15.75 9.39 109.65
CA VAL BA 232 14.37 9.55 109.21
C VAL BA 232 14.37 10.18 107.83
N THR BA 233 13.52 9.71 106.93
CA THR BA 233 13.43 10.31 105.62
C THR BA 233 12.13 11.09 105.51
N VAL BA 234 12.23 12.37 105.15
CA VAL BA 234 11.03 13.18 104.99
C VAL BA 234 10.84 13.70 103.57
N ILE BA 235 9.64 13.56 103.04
CA ILE BA 235 9.36 14.08 101.72
C ILE BA 235 8.58 15.35 101.97
N ARG BA 236 8.83 16.39 101.20
CA ARG BA 236 8.18 17.64 101.40
C ARG BA 236 7.80 18.08 100.05
N GLY BA 237 7.46 19.34 99.92
CA GLY BA 237 7.15 19.90 98.62
C GLY BA 237 8.20 20.88 98.19
N ASN BA 238 8.52 20.91 96.91
CA ASN BA 238 9.46 21.91 96.44
C ASN BA 238 8.78 23.25 96.32
N GLY BA 239 9.35 24.27 96.95
CA GLY BA 239 8.76 25.59 96.94
C GLY BA 239 7.83 25.94 98.07
N GLU BA 240 7.65 25.04 99.02
CA GLU BA 240 6.83 25.37 100.18
C GLU BA 240 7.53 26.50 100.92
N GLY BA 241 6.76 27.51 101.35
CA GLY BA 241 7.33 28.64 102.05
C GLY BA 241 7.48 29.87 101.16
N GLN CA 25 13.74 55.04 92.95
CA GLN CA 25 12.70 55.95 92.53
C GLN CA 25 11.57 55.22 91.81
N SER CA 26 10.42 55.85 91.70
CA SER CA 26 9.28 55.26 91.00
C SER CA 26 9.13 56.23 89.86
N PRO CA 27 8.68 55.75 88.70
CA PRO CA 27 8.66 56.72 87.62
C PRO CA 27 7.74 57.86 87.99
N ALA CA 28 8.11 59.11 87.67
CA ALA CA 28 7.28 60.27 87.94
C ALA CA 28 6.09 60.30 87.00
N THR CA 29 4.95 60.79 87.48
CA THR CA 29 3.73 60.78 86.68
C THR CA 29 3.30 62.15 86.18
N ILE CA 30 3.24 62.30 84.87
CA ILE CA 30 2.91 63.58 84.30
C ILE CA 30 1.41 63.91 84.29
N SER CA 31 0.56 63.00 83.83
CA SER CA 31 -0.93 63.24 83.72
C SER CA 31 -1.33 64.51 83.00
N LEU CA 32 -1.43 64.45 81.68
CA LEU CA 32 -1.70 65.65 80.90
C LEU CA 32 -2.87 65.39 80.00
N PRO CA 33 -3.71 66.41 79.75
CA PRO CA 33 -4.80 66.24 78.77
C PRO CA 33 -4.18 66.09 77.41
N GLN CA 34 -4.96 65.95 76.37
CA GLN CA 34 -4.37 65.71 75.05
C GLN CA 34 -3.99 67.00 74.34
N GLY CA 35 -3.38 67.93 75.08
CA GLY CA 35 -2.74 69.11 74.54
C GLY CA 35 -1.61 69.52 75.44
N GLY CA 36 -1.29 68.65 76.40
CA GLY CA 36 -0.55 69.06 77.58
C GLY CA 36 0.80 69.67 77.26
N GLN CA 37 1.23 70.57 78.14
CA GLN CA 37 2.53 71.20 77.99
C GLN CA 37 3.20 71.11 79.34
N PHE CA 38 4.04 70.11 79.52
CA PHE CA 38 4.69 69.93 80.81
C PHE CA 38 6.17 70.20 80.70
N ARG CA 39 6.69 71.05 81.58
CA ARG CA 39 8.11 71.30 81.57
C ARG CA 39 8.80 70.28 82.46
N LEU CA 40 9.64 69.44 81.87
CA LEU CA 40 10.30 68.39 82.64
C LEU CA 40 11.80 68.35 82.40
N SER CA 41 12.57 68.01 83.43
CA SER CA 41 14.01 67.89 83.26
C SER CA 41 14.39 66.69 82.42
N ILE CA 42 15.43 66.83 81.61
CA ILE CA 42 15.89 65.73 80.79
C ILE CA 42 17.41 65.73 80.99
N SER CA 43 18.04 64.58 80.78
CA SER CA 43 19.49 64.49 81.00
C SER CA 43 20.28 64.50 79.72
N ASN CA 44 21.25 65.40 79.61
CA ASN CA 44 22.12 65.37 78.43
C ASN CA 44 22.99 64.15 78.28
N THR CA 45 23.50 63.62 79.38
CA THR CA 45 24.39 62.47 79.33
C THR CA 45 23.81 61.09 79.11
N ASP CA 46 22.78 60.70 79.86
CA ASP CA 46 22.27 59.33 79.80
C ASP CA 46 20.88 59.20 79.24
N PRO CA 47 20.52 58.02 78.73
CA PRO CA 47 19.21 57.92 78.07
C PRO CA 47 18.01 58.19 78.95
N ASN CA 48 16.95 58.78 78.40
CA ASN CA 48 15.77 59.12 79.17
C ASN CA 48 14.59 58.34 78.59
N MET CA 49 13.60 58.01 79.41
CA MET CA 49 12.45 57.22 78.94
C MET CA 49 11.08 57.77 79.21
N ILE CA 50 10.15 57.65 78.26
CA ILE CA 50 8.78 58.08 78.43
C ILE CA 50 7.89 56.89 78.04
N PHE CA 51 6.95 56.50 78.90
CA PHE CA 51 6.05 55.41 78.55
C PHE CA 51 4.56 55.74 78.70
N ILE CA 52 3.70 55.13 77.87
CA ILE CA 52 2.28 55.38 78.09
C ILE CA 52 1.68 54.15 78.75
N PRO CA 53 1.10 54.25 79.93
CA PRO CA 53 0.42 53.09 80.52
C PRO CA 53 -0.89 52.77 79.83
N GLY CA 54 -0.81 52.11 78.67
CA GLY CA 54 -2.01 51.72 77.95
C GLY CA 54 -1.93 52.01 76.47
N ASP CA 55 -0.86 52.65 76.02
CA ASP CA 55 -0.69 53.01 74.63
C ASP CA 55 0.75 52.82 74.21
N LYS CA 56 0.95 52.69 72.90
CA LYS CA 56 2.26 52.46 72.30
C LYS CA 56 2.72 53.72 71.59
N VAL CA 57 3.83 54.31 72.01
CA VAL CA 57 4.37 55.49 71.36
C VAL CA 57 4.72 55.13 69.94
N THR CA 58 4.29 55.94 68.99
CA THR CA 58 4.60 55.70 67.60
C THR CA 58 5.59 56.68 67.02
N ALA CA 59 5.78 57.81 67.67
CA ALA CA 59 6.68 58.83 67.14
C ALA CA 59 7.03 59.90 68.13
N ILE CA 60 8.26 60.37 68.10
CA ILE CA 60 8.66 61.48 68.95
C ILE CA 60 9.22 62.49 67.96
N THR CA 61 8.86 63.75 68.11
CA THR CA 61 9.35 64.79 67.21
C THR CA 61 9.92 65.92 67.96
N ALA CA 62 11.15 66.28 67.64
CA ALA CA 62 11.75 67.41 68.28
C ALA CA 62 12.38 68.31 67.20
N PRO CA 63 12.91 69.50 67.55
CA PRO CA 63 13.61 70.37 66.58
C PRO CA 63 14.82 69.66 65.99
N GLY CA 64 15.09 69.93 64.73
CA GLY CA 64 16.20 69.27 64.06
C GLY CA 64 17.52 69.53 64.77
N GLY CA 65 18.30 68.46 64.94
CA GLY CA 65 19.56 68.57 65.63
C GLY CA 65 19.46 68.78 67.12
N MET CA 66 18.36 68.36 67.75
CA MET CA 66 18.16 68.50 69.18
C MET CA 66 18.21 67.17 69.91
N LEU CA 67 17.45 66.17 69.47
CA LEU CA 67 17.46 64.82 70.06
C LEU CA 67 18.42 63.90 69.34
N ALA CA 68 19.56 63.59 69.95
CA ALA CA 68 20.59 62.76 69.35
C ALA CA 68 20.24 61.33 69.00
N ASP CA 69 19.49 60.64 69.85
CA ASP CA 69 19.02 59.30 69.51
C ASP CA 69 17.60 59.06 69.94
N LYS CA 70 16.90 58.19 69.23
CA LYS CA 70 15.50 57.89 69.54
C LYS CA 70 15.12 56.49 69.11
N ARG CA 71 14.91 55.62 70.07
CA ARG CA 71 14.55 54.23 69.79
C ARG CA 71 13.28 53.81 70.53
N LEU CA 72 12.45 53.00 69.89
CA LEU CA 72 11.19 52.59 70.49
C LEU CA 72 11.28 51.29 71.28
N THR CA 73 10.94 51.35 72.56
CA THR CA 73 10.96 50.17 73.40
C THR CA 73 9.86 49.20 73.02
N ARG CA 74 10.07 47.91 73.25
CA ARG CA 74 9.10 46.88 72.90
C ARG CA 74 7.79 46.98 73.64
N ALA CA 75 7.84 47.33 74.91
CA ALA CA 75 6.63 47.45 75.70
C ALA CA 75 5.75 48.51 75.09
N GLY CA 76 6.36 49.59 74.62
CA GLY CA 76 5.60 50.62 73.97
C GLY CA 76 6.14 51.93 74.41
N GLY CA 77 7.33 51.95 74.98
CA GLY CA 77 7.92 53.22 75.32
C GLY CA 77 8.90 53.70 74.27
N VAL CA 78 9.58 54.80 74.59
CA VAL CA 78 10.59 55.39 73.73
C VAL CA 78 11.76 55.84 74.58
N LEU CA 79 12.98 55.52 74.13
CA LEU CA 79 14.19 55.93 74.83
C LEU CA 79 14.90 56.94 73.98
N PHE CA 80 15.35 58.03 74.59
CA PHE CA 80 15.97 59.10 73.83
C PHE CA 80 17.13 59.78 74.51
N THR CA 81 18.06 60.31 73.72
CA THR CA 81 19.21 61.01 74.27
C THR CA 81 19.29 62.39 73.66
N SER CA 82 19.57 63.40 74.46
CA SER CA 82 19.69 64.74 73.96
C SER CA 82 21.06 65.24 74.27
N VAL CA 83 21.73 65.82 73.29
CA VAL CA 83 23.10 66.25 73.51
C VAL CA 83 23.14 67.75 73.71
N ALA CA 84 22.21 68.47 73.08
CA ALA CA 84 22.19 69.91 73.18
C ALA CA 84 21.90 70.36 74.62
N THR CA 85 21.92 71.68 74.81
CA THR CA 85 21.73 72.23 76.15
C THR CA 85 20.56 73.20 76.31
N ARG CA 86 20.01 73.71 75.21
CA ARG CA 86 18.84 74.62 75.29
C ARG CA 86 17.53 73.95 75.59
N THR CA 87 16.64 74.66 76.26
CA THR CA 87 15.31 74.13 76.51
C THR CA 87 14.57 73.96 75.19
N PHE CA 88 13.89 72.84 75.01
CA PHE CA 88 13.20 72.57 73.77
C PHE CA 88 11.86 71.92 73.92
N THR CA 89 10.98 71.99 72.94
CA THR CA 89 9.73 71.26 73.03
C THR CA 89 9.74 69.98 72.22
N ILE CA 90 9.29 68.88 72.82
CA ILE CA 90 9.18 67.62 72.09
C ILE CA 90 7.74 67.14 72.05
N PHE CA 91 7.32 66.50 70.97
CA PHE CA 91 5.94 66.05 70.81
C PHE CA 91 5.85 64.56 70.67
N VAL CA 92 5.01 63.92 71.48
CA VAL CA 92 4.83 62.48 71.39
C VAL CA 92 3.47 62.08 70.89
N GLU CA 93 3.44 61.19 69.89
CA GLU CA 93 2.19 60.74 69.34
C GLU CA 93 2.02 59.26 69.56
N THR CA 94 1.01 58.87 70.32
CA THR CA 94 0.74 57.46 70.51
C THR CA 94 -0.11 56.86 69.42
N ALA CA 95 -0.07 55.54 69.28
CA ALA CA 95 -0.80 54.85 68.22
C ALA CA 95 -2.31 54.93 68.23
N ARG CA 96 -2.92 54.82 69.40
CA ARG CA 96 -4.37 54.81 69.48
C ARG CA 96 -4.84 56.22 69.41
N GLY CA 97 -4.01 57.12 68.89
CA GLY CA 97 -4.51 58.47 68.72
C GLY CA 97 -4.37 59.28 69.98
N GLN CA 98 -3.30 60.08 70.05
CA GLN CA 98 -2.94 60.85 71.23
C GLN CA 98 -1.74 61.72 70.87
N THR CA 99 -1.63 62.86 71.54
CA THR CA 99 -0.49 63.75 71.35
C THR CA 99 -0.24 64.52 72.64
N PHE CA 100 0.99 64.46 73.12
CA PHE CA 100 1.39 65.18 74.33
C PHE CA 100 2.68 65.93 74.05
N SER CA 101 2.78 67.15 74.57
CA SER CA 101 3.95 68.00 74.38
C SER CA 101 4.63 68.24 75.71
N VAL CA 102 5.95 68.06 75.73
CA VAL CA 102 6.72 68.33 76.91
C VAL CA 102 7.83 69.27 76.52
N VAL CA 103 8.15 70.20 77.39
CA VAL CA 103 9.26 71.09 77.13
C VAL CA 103 10.37 70.55 77.97
N ALA CA 104 11.45 70.10 77.34
CA ALA CA 104 12.53 69.45 78.03
C ALA CA 104 13.78 70.28 78.14
N THR CA 105 14.19 70.62 79.33
CA THR CA 105 15.43 71.35 79.52
C THR CA 105 16.58 70.48 79.96
N PRO CA 106 17.66 70.36 79.15
CA PRO CA 106 18.70 69.41 79.57
C PRO CA 106 19.58 69.77 80.76
N VAL CA 107 19.65 68.89 81.76
CA VAL CA 107 20.48 69.13 82.93
C VAL CA 107 21.41 67.96 83.17
N LYS CA 108 22.51 68.20 83.87
CA LYS CA 108 23.48 67.15 84.14
C LYS CA 108 22.95 66.17 85.18
N GLY CA 109 22.99 64.88 84.86
CA GLY CA 109 22.54 63.87 85.81
C GLY CA 109 22.13 62.54 85.23
N GLU CA 110 21.42 61.74 86.01
CA GLU CA 110 20.94 60.43 85.57
C GLU CA 110 19.76 60.49 84.62
N GLY CA 111 19.53 59.43 83.86
CA GLY CA 111 18.39 59.39 82.96
C GLY CA 111 17.10 59.40 83.73
N ARG CA 112 16.08 60.07 83.20
CA ARG CA 112 14.81 60.19 83.90
C ARG CA 112 13.68 59.45 83.22
N VAL CA 113 12.79 58.85 84.00
CA VAL CA 113 11.72 58.07 83.42
C VAL CA 113 10.44 58.73 83.84
N TYR CA 114 9.55 58.95 82.88
CA TYR CA 114 8.29 59.59 83.19
C TYR CA 114 7.15 58.75 82.69
N ARG CA 115 6.10 58.66 83.49
CA ARG CA 115 4.93 57.87 83.14
C ARG CA 115 3.86 58.83 82.72
N LEU CA 116 3.30 58.66 81.54
CA LEU CA 116 2.33 59.64 81.05
C LEU CA 116 0.90 59.18 81.15
N MET CA 117 0.15 59.72 82.09
CA MET CA 117 -1.25 59.38 82.21
C MET CA 117 -2.11 60.26 81.32
N SER CA 118 -3.10 59.68 80.65
CA SER CA 118 -3.89 60.44 79.69
C SER CA 118 -4.74 61.58 80.15
N ALA CA 119 -5.31 61.53 81.34
CA ALA CA 119 -6.26 62.55 81.82
C ALA CA 119 -7.54 62.61 81.02
N GLU CA 120 -7.47 62.44 79.71
CA GLU CA 120 -8.68 62.34 78.91
C GLU CA 120 -8.55 61.02 78.21
N PRO CA 121 -9.42 60.07 78.54
CA PRO CA 121 -9.28 58.72 77.97
C PRO CA 121 -9.37 58.65 76.46
N PRO CA 122 -8.58 57.80 75.84
CA PRO CA 122 -8.58 57.64 74.38
C PRO CA 122 -9.72 56.84 73.81
N SER CA 123 -10.12 57.11 72.58
CA SER CA 123 -11.13 56.31 71.94
C SER CA 123 -10.58 54.96 71.58
N ARG CA 124 -11.25 53.90 71.98
CA ARG CA 124 -10.75 52.58 71.70
C ARG CA 124 -11.81 51.85 70.94
N PRO CA 125 -11.78 51.95 69.61
CA PRO CA 125 -12.78 51.30 68.77
C PRO CA 125 -12.83 49.80 68.87
N GLU CA 126 -11.68 49.15 68.99
CA GLU CA 126 -11.63 47.70 69.04
C GLU CA 126 -12.20 47.17 70.33
N THR CA 127 -12.35 48.01 71.36
CA THR CA 127 -12.93 47.59 72.67
C THR CA 127 -14.46 47.66 72.72
N ARG CA 128 -15.07 48.53 71.95
CA ARG CA 128 -16.50 48.64 71.89
C ARG CA 128 -17.10 47.34 71.40
N LYS CA 129 -16.43 46.69 70.48
CA LYS CA 129 -16.94 45.45 69.95
C LYS CA 129 -17.07 44.39 71.02
N TRP CA 130 -16.11 44.31 71.92
CA TRP CA 130 -16.21 43.36 73.02
C TRP CA 130 -17.19 43.88 74.02
N GLU CA 131 -17.22 45.19 74.17
CA GLU CA 131 -18.07 45.78 75.20
C GLU CA 131 -19.55 45.53 74.91
N THR CA 132 -19.96 45.70 73.65
CA THR CA 132 -21.37 45.60 73.29
C THR CA 132 -21.81 44.19 72.92
N ALA CA 133 -20.87 43.26 72.72
CA ALA CA 133 -21.25 41.92 72.30
C ALA CA 133 -22.00 41.18 73.39
N GLN CA 134 -21.70 41.52 74.65
CA GLN CA 134 -22.35 40.90 75.80
C GLN CA 134 -23.43 41.73 76.46
N ALA CA 135 -24.15 41.16 77.43
CA ALA CA 135 -25.20 41.86 78.14
C ALA CA 135 -24.68 42.87 79.12
N TYR CA 136 -25.49 43.84 79.46
CA TYR CA 136 -25.06 44.90 80.33
C TYR CA 136 -24.73 44.38 81.70
N GLU CA 137 -25.60 43.63 82.33
CA GLU CA 137 -25.33 43.21 83.70
C GLU CA 137 -24.14 42.30 83.76
N LYS CA 138 -23.92 41.51 82.74
CA LYS CA 138 -22.73 40.67 82.67
C LYS CA 138 -21.45 41.47 82.59
N LEU CA 139 -21.43 42.53 81.78
CA LEU CA 139 -20.27 43.40 81.64
C LEU CA 139 -19.93 44.11 82.91
N LEU CA 140 -20.94 44.60 83.62
CA LEU CA 140 -20.72 45.27 84.89
C LEU CA 140 -20.03 44.31 85.86
N ILE CA 141 -20.56 43.10 85.96
CA ILE CA 141 -19.98 42.12 86.88
C ILE CA 141 -18.56 41.82 86.50
N SER CA 142 -18.29 41.69 85.21
CA SER CA 142 -16.95 41.44 84.72
C SER CA 142 -15.94 42.52 85.00
N LEU CA 143 -16.29 43.77 84.83
CA LEU CA 143 -15.39 44.85 85.15
C LEU CA 143 -15.14 44.92 86.61
N ASN CA 144 -16.18 44.75 87.38
CA ASN CA 144 -16.05 44.79 88.83
C ASN CA 144 -15.22 43.62 89.37
N ARG CA 145 -15.36 42.44 88.79
CA ARG CA 145 -14.52 41.35 89.22
C ARG CA 145 -13.09 41.62 88.90
N ALA CA 146 -12.81 42.13 87.69
CA ALA CA 146 -11.46 42.35 87.26
C ALA CA 146 -10.74 43.35 88.10
N VAL CA 147 -11.38 44.42 88.46
CA VAL CA 147 -10.77 45.40 89.31
C VAL CA 147 -10.50 44.81 90.66
N LEU CA 148 -11.42 43.98 91.14
CA LEU CA 148 -11.29 43.43 92.47
C LEU CA 148 -10.23 42.38 92.44
N THR CA 149 -10.22 41.51 91.42
CA THR CA 149 -9.25 40.42 91.38
C THR CA 149 -7.90 40.85 90.84
N GLY CA 150 -7.76 42.10 90.42
CA GLY CA 150 -6.48 42.61 89.99
C GLY CA 150 -6.02 42.32 88.56
N ASP CA 151 -6.86 41.70 87.75
CA ASP CA 151 -6.49 41.47 86.36
C ASP CA 151 -7.31 42.38 85.47
N ILE CA 152 -6.66 43.10 84.58
CA ILE CA 152 -7.39 44.08 83.78
C ILE CA 152 -7.76 43.58 82.36
N PRO CA 153 -9.01 43.84 81.86
CA PRO CA 153 -9.30 43.35 80.51
C PRO CA 153 -8.32 43.93 79.49
N ASP CA 154 -8.15 43.20 78.39
CA ASP CA 154 -7.15 43.57 77.39
C ASP CA 154 -7.46 44.93 76.77
N GLY CA 155 -8.73 45.20 76.48
CA GLY CA 155 -9.09 46.43 75.80
C GLY CA 155 -9.00 47.67 76.65
N TYR CA 156 -8.98 47.52 77.97
CA TYR CA 156 -8.96 48.67 78.86
C TYR CA 156 -7.54 49.16 79.11
N GLY CA 157 -7.43 50.44 79.43
CA GLY CA 157 -6.14 51.05 79.70
C GLY CA 157 -6.21 51.95 80.92
N GLU CA 158 -5.04 52.32 81.42
CA GLU CA 158 -4.95 53.09 82.64
C GLU CA 158 -5.12 54.57 82.35
N VAL CA 159 -5.93 55.25 83.16
CA VAL CA 159 -6.19 56.68 82.99
C VAL CA 159 -6.13 57.36 84.35
N LYS CA 160 -6.06 58.68 84.32
CA LYS CA 160 -6.04 59.46 85.54
C LYS CA 160 -7.41 59.42 86.21
N PRO CA 161 -7.50 59.12 87.50
CA PRO CA 161 -8.81 59.06 88.16
C PRO CA 161 -9.49 60.41 88.22
N LEU CA 162 -10.82 60.38 88.18
CA LEU CA 162 -11.61 61.61 88.25
C LEU CA 162 -11.50 62.23 89.64
N SER CA 163 -11.38 63.55 89.68
CA SER CA 163 -11.27 64.25 90.96
C SER CA 163 -12.54 64.10 91.79
N ASP CA 164 -13.71 64.24 91.17
CA ASP CA 164 -14.99 64.13 91.86
C ASP CA 164 -15.93 63.34 90.95
N GLY CA 165 -16.11 62.07 91.25
CA GLY CA 165 -17.01 61.23 90.47
C GLY CA 165 -18.13 60.63 91.29
N ILE CA 166 -18.08 60.81 92.61
CA ILE CA 166 -19.08 60.24 93.51
C ILE CA 166 -19.50 61.30 94.52
N ARG CA 167 -20.77 61.24 94.91
CA ARG CA 167 -21.28 62.13 95.95
C ARG CA 167 -20.69 61.76 97.30
N LEU CA 168 -20.39 62.77 98.10
CA LEU CA 168 -19.73 62.57 99.39
C LEU CA 168 -20.69 62.89 100.53
N PRO CA 169 -21.31 61.90 101.16
CA PRO CA 169 -22.23 62.18 102.27
C PRO CA 169 -21.56 62.08 103.63
N GLY CA 170 -22.13 62.82 104.58
CA GLY CA 170 -21.69 62.75 105.96
C GLY CA 170 -20.27 63.20 106.21
N GLY CA 171 -19.83 64.25 105.54
CA GLY CA 171 -18.51 64.81 105.79
C GLY CA 171 -17.36 63.86 105.53
N PHE CA 172 -17.41 63.14 104.41
CA PHE CA 172 -16.35 62.21 104.08
C PHE CA 172 -15.30 62.87 103.20
N SER CA 173 -14.11 62.28 103.18
CA SER CA 173 -13.04 62.66 102.27
C SER CA 173 -12.62 61.43 101.48
N VAL CA 174 -12.32 61.62 100.20
CA VAL CA 174 -12.04 60.51 99.30
C VAL CA 174 -10.71 60.76 98.60
N THR CA 175 -9.85 59.75 98.60
CA THR CA 175 -8.57 59.79 97.89
C THR CA 175 -8.60 58.80 96.75
N PRO CA 176 -8.56 59.24 95.50
CA PRO CA 176 -8.53 58.29 94.38
C PRO CA 176 -7.25 57.46 94.39
N LEU CA 177 -7.37 56.26 93.84
CA LEU CA 177 -6.25 55.35 93.78
C LEU CA 177 -5.95 55.02 92.33
N LYS CA 178 -6.80 54.23 91.69
CA LYS CA 178 -6.58 53.85 90.31
C LYS CA 178 -7.81 53.98 89.44
N ALA CA 179 -7.65 54.19 88.13
CA ALA CA 179 -8.74 54.26 87.22
C ALA CA 179 -8.40 53.62 85.94
N TRP CA 180 -9.40 53.11 85.25
CA TRP CA 180 -9.19 52.46 83.98
C TRP CA 180 -10.33 52.90 83.20
N ALA CA 181 -10.25 52.80 81.89
CA ALA CA 181 -11.29 53.27 81.00
C ALA CA 181 -11.24 52.50 79.70
N GLY CA 182 -12.42 52.22 79.14
CA GLY CA 182 -12.53 51.59 77.84
C GLY CA 182 -13.08 52.54 76.81
N ASP CA 183 -14.19 52.16 76.17
CA ASP CA 183 -14.80 52.98 75.14
C ASP CA 183 -16.09 53.65 75.61
N GLN CA 184 -17.03 52.88 76.15
CA GLN CA 184 -18.27 53.43 76.68
C GLN CA 184 -18.37 53.34 78.20
N LEU CA 185 -17.41 52.70 78.86
CA LEU CA 185 -17.46 52.53 80.31
C LEU CA 185 -16.12 52.91 80.91
N ARG CA 186 -16.11 53.36 82.16
CA ARG CA 186 -14.89 53.78 82.84
C ARG CA 186 -14.87 53.47 84.34
N ALA CA 187 -14.00 52.58 84.80
CA ALA CA 187 -13.88 52.21 86.21
C ALA CA 187 -12.88 52.94 87.05
N ASP CA 188 -13.20 53.28 88.28
CA ASP CA 188 -12.29 53.94 89.18
C ASP CA 188 -12.40 53.39 90.58
N ARG CA 189 -11.35 53.48 91.42
CA ARG CA 189 -11.42 53.05 92.81
C ARG CA 189 -11.17 54.21 93.75
N TYR CA 190 -12.01 54.38 94.75
CA TYR CA 190 -11.93 55.50 95.68
C TYR CA 190 -11.78 54.99 97.10
N GLU CA 191 -10.83 55.55 97.83
CA GLU CA 191 -10.60 55.22 99.23
C GLU CA 191 -11.41 56.20 100.08
N LEU CA 192 -12.22 55.66 100.97
CA LEU CA 192 -13.12 56.50 101.74
C LEU CA 192 -12.70 56.52 103.15
N ARG CA 193 -12.64 57.69 103.74
CA ARG CA 193 -12.31 57.77 105.13
C ARG CA 193 -13.44 58.37 105.92
N ASN CA 194 -13.86 57.71 106.98
CA ASN CA 194 -14.88 58.25 107.83
C ASN CA 194 -14.14 59.17 108.78
N ALA CA 195 -14.56 60.43 108.84
CA ALA CA 195 -13.90 61.38 109.71
C ALA CA 195 -14.69 61.73 110.96
N ASN CA 196 -15.99 61.43 110.97
CA ASN CA 196 -16.80 61.85 112.12
C ASN CA 196 -16.78 60.90 113.30
N THR CA 197 -16.07 59.79 113.17
CA THR CA 197 -15.97 58.82 114.27
C THR CA 197 -17.24 58.60 115.11
N TRP CA 198 -18.35 58.31 114.44
CA TRP CA 198 -19.58 58.07 115.17
C TRP CA 198 -20.43 56.93 114.61
N GLY CA 199 -19.92 56.22 113.60
CA GLY CA 199 -20.67 55.11 113.03
C GLY CA 199 -21.61 55.59 111.94
N VAL CA 200 -21.35 55.19 110.70
CA VAL CA 200 -22.18 55.62 109.57
C VAL CA 200 -22.58 54.44 108.70
N ALA CA 201 -23.88 54.22 108.54
CA ALA CA 201 -24.35 53.14 107.69
C ALA CA 201 -24.01 53.41 106.23
N LEU CA 202 -23.68 52.37 105.48
CA LEU CA 202 -23.26 52.56 104.10
C LEU CA 202 -24.24 52.07 103.06
N ARG CA 203 -24.65 52.94 102.14
CA ARG CA 203 -25.54 52.53 101.07
C ARG CA 203 -24.95 52.98 99.74
N GLU CA 204 -24.86 52.08 98.77
CA GLU CA 204 -24.30 52.41 97.47
C GLU CA 204 -25.10 53.53 96.83
N GLN CA 205 -26.39 53.62 97.11
CA GLN CA 205 -27.26 54.61 96.52
C GLN CA 205 -26.97 56.00 96.98
N ASP CA 206 -26.30 56.15 98.09
CA ASP CA 206 -25.96 57.46 98.58
C ASP CA 206 -24.72 58.05 98.00
N PHE CA 207 -24.07 57.36 97.09
CA PHE CA 207 -22.88 57.84 96.45
C PHE CA 207 -23.19 58.06 94.99
N TRP CA 208 -24.43 57.87 94.59
CA TRP CA 208 -24.81 58.02 93.18
C TRP CA 208 -24.73 59.43 92.62
N LYS CA 209 -24.20 59.56 91.41
CA LYS CA 209 -24.14 60.86 90.74
C LYS CA 209 -24.57 60.63 89.30
N PRO CA 210 -25.08 61.69 88.63
CA PRO CA 210 -25.43 61.53 87.22
C PRO CA 210 -24.25 61.01 86.40
N GLY CA 211 -24.30 59.76 85.96
CA GLY CA 211 -23.20 59.16 85.24
C GLY CA 211 -22.59 57.98 85.92
N VAL CA 212 -22.82 57.82 87.23
CA VAL CA 212 -22.33 56.69 87.99
C VAL CA 212 -23.23 55.58 87.64
N ARG CA 213 -22.68 54.58 86.99
CA ARG CA 213 -23.50 53.47 86.48
C ARG CA 213 -23.63 52.33 87.47
N ALA CA 214 -22.61 52.07 88.30
CA ALA CA 214 -22.67 51.00 89.27
C ALA CA 214 -21.67 51.28 90.39
N VAL CA 215 -22.02 50.80 91.60
CA VAL CA 215 -21.19 50.98 92.79
C VAL CA 215 -21.11 49.64 93.52
N MET CA 216 -19.89 49.26 93.92
CA MET CA 216 -19.69 48.05 94.69
C MET CA 216 -18.74 48.34 95.85
N PHE CA 217 -19.05 47.80 97.01
CA PHE CA 217 -18.17 47.83 98.16
C PHE CA 217 -17.34 46.55 98.20
N ASP CA 218 -16.02 46.70 98.23
CA ASP CA 218 -15.13 45.54 98.21
C ASP CA 218 -15.34 44.68 99.44
N ASN CA 219 -15.47 45.28 100.61
CA ASN CA 219 -15.79 44.50 101.79
C ASN CA 219 -17.30 44.58 101.83
N ASN CA 220 -17.99 43.56 102.31
CA ASN CA 220 -19.44 43.59 102.26
C ASN CA 220 -19.91 44.77 103.06
N ALA CA 221 -19.27 45.06 104.19
CA ALA CA 221 -19.59 46.27 104.94
C ALA CA 221 -21.02 46.44 105.42
N GLN CA 222 -21.75 47.45 104.96
CA GLN CA 222 -23.10 47.78 105.46
C GLN CA 222 -22.94 48.75 106.62
N THR CA 223 -21.72 48.90 107.13
CA THR CA 223 -21.46 49.80 108.25
C THR CA 223 -20.06 50.32 108.03
N LEU CA 224 -19.75 51.48 108.59
CA LEU CA 224 -18.39 51.99 108.50
C LEU CA 224 -17.98 52.42 109.88
N MET CA 225 -16.90 51.82 110.39
CA MET CA 225 -16.43 52.15 111.74
C MET CA 225 -15.92 53.58 111.78
N GLY CA 226 -15.69 54.12 112.97
CA GLY CA 226 -15.32 55.52 113.08
C GLY CA 226 -14.07 55.89 112.33
N GLY CA 227 -13.04 55.06 112.37
CA GLY CA 227 -11.88 55.34 111.53
C GLY CA 227 -11.90 54.32 110.43
N GLY CA 228 -12.25 54.74 109.21
CA GLY CA 228 -12.38 53.79 108.12
C GLY CA 228 -11.52 54.09 106.90
N ARG CA 229 -10.68 53.15 106.48
CA ARG CA 229 -9.83 53.34 105.30
C ARG CA 229 -10.34 52.59 104.09
N MET CA 230 -11.58 52.12 104.12
CA MET CA 230 -12.13 51.30 103.03
C MET CA 230 -12.12 51.83 101.60
N THR CA 231 -12.54 51.00 100.65
CA THR CA 231 -12.52 51.36 99.24
C THR CA 231 -13.83 51.08 98.53
N VAL CA 232 -14.04 51.75 97.39
CA VAL CA 232 -15.26 51.54 96.62
C VAL CA 232 -14.91 51.60 95.14
N THR CA 233 -15.49 50.74 94.33
CA THR CA 233 -15.24 50.78 92.90
C THR CA 233 -16.48 51.28 92.19
N VAL CA 234 -16.32 52.35 91.40
CA VAL CA 234 -17.46 52.87 90.65
C VAL CA 234 -17.27 52.79 89.14
N ILE CA 235 -18.30 52.31 88.45
CA ILE CA 235 -18.23 52.27 87.00
C ILE CA 235 -19.08 53.42 86.55
N ARG CA 236 -18.66 54.12 85.51
CA ARG CA 236 -19.37 55.25 85.04
C ARG CA 236 -19.40 55.11 83.57
N GLY CA 237 -19.72 56.17 82.88
CA GLY CA 237 -19.70 56.16 81.43
C GLY CA 237 -18.58 57.03 80.90
N ASN CA 238 -17.94 56.62 79.83
CA ASN CA 238 -16.94 57.48 79.24
C ASN CA 238 -17.59 58.58 78.44
N GLY CA 239 -17.24 59.83 78.74
CA GLY CA 239 -17.84 60.96 78.06
C GLY CA 239 -19.04 61.58 78.72
N GLU CA 240 -19.45 61.10 79.87
CA GLU CA 240 -20.55 61.73 80.58
C GLU CA 240 -20.11 63.14 80.95
N GLY CA 241 -20.98 64.12 80.76
CA GLY CA 241 -20.64 65.50 81.07
C GLY CA 241 -20.30 66.31 79.84
N GLN DA 25 -12.74 87.14 64.04
CA GLN DA 25 -13.66 87.69 63.06
C GLN DA 25 -14.54 86.60 62.46
N SER DA 26 -15.63 86.99 61.84
CA SER DA 26 -16.53 86.04 61.19
C SER DA 26 -16.39 86.48 59.76
N PRO DA 27 -16.51 85.55 58.81
CA PRO DA 27 -16.28 86.04 57.46
C PRO DA 27 -17.29 87.11 57.12
N ALA DA 28 -16.87 88.17 56.43
CA ALA DA 28 -17.79 89.24 56.02
C ALA DA 28 -18.68 88.77 54.90
N THR DA 29 -19.92 89.25 54.86
CA THR DA 29 -20.88 88.78 53.86
C THR DA 29 -21.20 89.80 52.78
N ILE DA 30 -20.92 89.44 51.55
CA ILE DA 30 -21.11 90.37 50.46
C ILE DA 30 -22.56 90.47 49.98
N SER DA 31 -23.24 89.35 49.73
CA SER DA 31 -24.65 89.34 49.19
C SER DA 31 -24.88 90.19 47.96
N LEU DA 32 -24.62 89.62 46.78
CA LEU DA 32 -24.71 90.39 45.55
C LEU DA 32 -25.60 89.68 44.58
N PRO DA 33 -26.37 90.41 43.75
CA PRO DA 33 -27.16 89.75 42.71
C PRO DA 33 -26.19 89.18 41.69
N GLN DA 34 -26.66 88.56 40.64
CA GLN DA 34 -25.74 87.92 39.70
C GLN DA 34 -25.22 88.89 38.65
N GLY DA 35 -24.86 90.10 39.08
CA GLY DA 35 -24.12 91.06 38.29
C GLY DA 35 -23.28 91.92 39.19
N GLY DA 36 -23.20 91.52 40.46
CA GLY DA 36 -22.81 92.43 41.52
C GLY DA 36 -21.44 93.06 41.31
N GLN DA 37 -21.29 94.26 41.84
CA GLN DA 37 -20.00 94.93 41.75
C GLN DA 37 -19.72 95.45 43.15
N PHE DA 38 -18.93 94.71 43.90
CA PHE DA 38 -18.64 95.11 45.27
C PHE DA 38 -17.20 95.51 45.41
N ARG DA 39 -16.94 96.68 45.97
CA ARG DA 39 -15.57 97.09 46.19
C ARG DA 39 -15.13 96.57 47.55
N LEU DA 40 -14.13 95.69 47.56
CA LEU DA 40 -13.67 95.10 48.80
C LEU DA 40 -12.17 95.17 48.95
N SER DA 41 -11.69 95.33 50.19
CA SER DA 41 -10.25 95.34 50.43
C SER DA 41 -9.63 93.97 50.24
N ILE DA 42 -8.42 93.93 49.71
CA ILE DA 42 -7.72 92.67 49.52
C ILE DA 42 -6.32 92.93 50.06
N SER DA 43 -5.62 91.88 50.47
CA SER DA 43 -4.29 92.07 51.04
C SER DA 43 -3.18 91.70 50.07
N ASN DA 44 -2.24 92.61 49.85
CA ASN DA 44 -1.09 92.26 49.01
C ASN DA 44 -0.18 91.18 49.56
N THR DA 45 0.04 91.18 50.87
CA THR DA 45 0.94 90.21 51.49
C THR DA 45 0.47 88.79 51.70
N ASP DA 46 -0.71 88.58 52.29
CA ASP DA 46 -1.15 87.23 52.66
C ASP DA 46 -2.34 86.73 51.89
N PRO DA 47 -2.52 85.42 51.81
CA PRO DA 47 -3.60 84.90 50.96
C PRO DA 47 -5.00 85.33 51.36
N ASN DA 48 -5.90 85.53 50.39
CA ASN DA 48 -7.24 85.98 50.66
C ASN DA 48 -8.21 84.90 50.18
N MET DA 49 -9.37 84.78 50.81
CA MET DA 49 -10.33 83.73 50.44
C MET DA 49 -11.75 84.16 50.14
N ILE DA 50 -12.38 83.57 49.13
CA ILE DA 50 -13.76 83.86 48.79
C ILE DA 50 -14.49 82.50 48.69
N PHE DA 51 -15.62 82.35 49.40
CA PHE DA 51 -16.36 81.10 49.31
C PHE DA 51 -17.84 81.27 48.97
N ILE DA 52 -18.43 80.29 48.28
CA ILE DA 52 -19.87 80.42 48.04
C ILE DA 52 -20.59 79.46 48.96
N PRO DA 53 -21.47 79.92 49.84
CA PRO DA 53 -22.25 79.00 50.67
C PRO DA 53 -23.31 78.27 49.87
N GLY DA 54 -22.92 77.25 49.12
CA GLY DA 54 -23.87 76.47 48.36
C GLY DA 54 -23.42 76.18 46.95
N ASP DA 55 -22.28 76.75 46.55
CA ASP DA 55 -21.76 76.58 45.20
C ASP DA 55 -20.25 76.42 45.24
N LYS DA 56 -19.71 75.84 44.18
CA LYS DA 56 -18.28 75.57 44.05
C LYS DA 56 -17.69 76.52 43.02
N VAL DA 57 -16.74 77.36 43.43
CA VAL DA 57 -16.08 78.27 42.51
C VAL DA 57 -15.35 77.45 41.46
N THR DA 58 -15.54 77.79 40.19
CA THR DA 58 -14.86 77.07 39.13
C THR DA 58 -13.78 77.88 38.46
N ALA DA 59 -13.80 79.20 38.62
CA ALA DA 59 -12.83 80.05 37.96
C ALA DA 59 -12.78 81.45 38.51
N ILE DA 60 -11.59 82.03 38.58
CA ILE DA 60 -11.46 83.41 38.98
C ILE DA 60 -10.68 84.04 37.84
N THR DA 61 -11.11 85.20 37.39
CA THR DA 61 -10.42 85.88 36.30
C THR DA 61 -10.10 87.29 36.66
N ALA DA 62 -8.84 87.64 36.52
CA ALA DA 62 -8.45 88.99 36.77
C ALA DA 62 -7.58 89.49 35.61
N PRO DA 63 -7.20 90.79 35.56
CA PRO DA 63 -6.29 91.31 34.53
C PRO DA 63 -4.95 90.60 34.57
N GLY DA 64 -4.36 90.40 33.39
CA GLY DA 64 -3.10 89.68 33.33
C GLY DA 64 -2.02 90.36 34.17
N GLY DA 65 -1.29 89.55 34.92
CA GLY DA 65 -0.25 90.07 35.78
C GLY DA 65 -0.75 90.81 37.01
N MET DA 66 -1.96 90.51 37.46
CA MET DA 66 -2.54 91.15 38.64
C MET DA 66 -2.65 90.20 39.82
N LEU DA 67 -3.25 89.04 39.65
CA LEU DA 67 -3.35 88.01 40.71
C LEU DA 67 -2.21 87.02 40.65
N ALA DA 68 -1.27 87.12 41.58
CA ALA DA 68 -0.09 86.26 41.62
C ALA DA 68 -0.31 84.77 41.79
N ASP DA 69 -1.24 84.36 42.64
CA ASP DA 69 -1.56 82.94 42.76
C ASP DA 69 -3.04 82.69 42.92
N LYS DA 70 -3.51 81.55 42.47
CA LYS DA 70 -4.93 81.21 42.53
C LYS DA 70 -5.15 79.72 42.62
N ARG DA 71 -5.57 79.24 43.77
CA ARG DA 71 -5.82 77.81 43.97
C ARG DA 71 -7.22 77.54 44.50
N LEU DA 72 -7.84 76.46 44.06
CA LEU DA 72 -9.20 76.14 44.46
C LEU DA 72 -9.29 75.26 45.70
N THR DA 73 -9.95 75.75 46.73
CA THR DA 73 -10.13 74.99 47.95
C THR DA 73 -11.07 73.81 47.73
N ARG DA 74 -10.89 72.74 48.51
CA ARG DA 74 -11.70 71.54 48.37
C ARG DA 74 -13.17 71.74 48.68
N ALA DA 75 -13.46 72.55 49.69
CA ALA DA 75 -14.84 72.80 50.06
C ALA DA 75 -15.55 73.43 48.90
N GLY DA 76 -14.87 74.32 48.19
CA GLY DA 76 -15.45 74.93 47.03
C GLY DA 76 -15.08 76.37 47.03
N GLY DA 77 -14.09 76.75 47.81
CA GLY DA 77 -13.65 78.12 47.74
C GLY DA 77 -12.44 78.29 46.84
N VAL DA 78 -11.89 79.51 46.87
CA VAL DA 78 -10.70 79.86 46.09
C VAL DA 78 -9.81 80.74 46.95
N LEU DA 79 -8.51 80.43 46.96
CA LEU DA 79 -7.54 81.22 47.70
C LEU DA 79 -6.65 81.92 46.71
N PHE DA 80 -6.42 83.21 46.92
CA PHE DA 80 -5.64 83.98 45.97
C PHE DA 80 -4.72 85.02 46.57
N THR DA 81 -3.62 85.32 45.89
CA THR DA 81 -2.67 86.31 46.36
C THR DA 81 -2.48 87.36 45.29
N SER DA 82 -2.44 88.62 45.68
CA SER DA 82 -2.23 89.68 44.73
C SER DA 82 -1.01 90.43 45.13
N VAL DA 83 -0.11 90.68 44.18
CA VAL DA 83 1.13 91.34 44.52
C VAL DA 83 1.08 92.80 44.13
N ALA DA 84 0.34 93.10 43.06
CA ALA DA 84 0.25 94.46 42.57
C ALA DA 84 -0.42 95.37 43.61
N THR DA 85 -0.49 96.66 43.27
CA THR DA 85 -1.04 97.65 44.18
C THR DA 85 -2.24 98.44 43.67
N ARG DA 86 -2.49 98.43 42.37
CA ARG DA 86 -3.65 99.14 41.81
C ARG DA 86 -4.98 98.47 42.04
N THR DA 87 -6.04 99.27 42.14
CA THR DA 87 -7.37 98.71 42.26
C THR DA 87 -7.73 97.96 40.98
N PHE DA 88 -8.31 96.78 41.11
CA PHE DA 88 -8.64 95.98 39.96
C PHE DA 88 -9.96 95.27 40.03
N THR DA 89 -10.54 94.85 38.92
CA THR DA 89 -11.76 94.05 39.01
C THR DA 89 -11.50 92.58 38.79
N ILE DA 90 -12.06 91.73 39.65
CA ILE DA 90 -11.95 90.29 39.47
C ILE DA 90 -13.31 89.66 39.30
N PHE DA 91 -13.41 88.61 38.49
CA PHE DA 91 -14.68 87.95 38.21
C PHE DA 91 -14.70 86.53 38.65
N VAL DA 92 -15.70 86.13 39.42
CA VAL DA 92 -15.82 84.75 39.87
C VAL DA 92 -16.99 84.02 39.27
N GLU DA 93 -16.73 82.84 38.72
CA GLU DA 93 -17.78 82.05 38.12
C GLU DA 93 -17.96 80.75 38.87
N THR DA 94 -19.13 80.54 39.46
CA THR DA 94 -19.41 79.30 40.12
C THR DA 94 -19.91 78.22 39.19
N ALA DA 95 -19.81 76.97 39.59
CA ALA DA 95 -20.22 75.85 38.76
C ALA DA 95 -21.67 75.73 38.39
N ARG DA 96 -22.57 75.99 39.33
CA ARG DA 96 -23.99 75.82 39.07
C ARG DA 96 -24.46 77.04 38.33
N GLY DA 97 -23.55 77.77 37.71
CA GLY DA 97 -24.01 78.88 36.91
C GLY DA 97 -24.24 80.12 37.74
N GLN DA 98 -23.25 81.01 37.74
CA GLN DA 98 -23.23 82.21 38.55
C GLN DA 98 -21.99 83.02 38.18
N THR DA 99 -22.10 84.34 38.36
CA THR DA 99 -20.98 85.23 38.09
C THR DA 99 -21.09 86.45 38.99
N PHE DA 100 -20.03 86.73 39.73
CA PHE DA 100 -19.99 87.89 40.62
C PHE DA 100 -18.69 88.65 40.38
N SER DA 101 -18.77 89.98 40.37
CA SER DA 101 -17.61 90.83 40.14
C SER DA 101 -17.30 91.64 41.39
N VAL DA 102 -16.04 91.64 41.78
CA VAL DA 102 -15.61 92.43 42.91
C VAL DA 102 -14.46 93.30 42.45
N VAL DA 103 -14.40 94.52 42.93
CA VAL DA 103 -13.29 95.38 42.60
C VAL DA 103 -12.42 95.33 43.82
N ALA DA 104 -11.20 94.82 43.69
CA ALA DA 104 -10.34 94.63 44.82
C ALA DA 104 -9.18 95.58 44.87
N THR DA 105 -9.10 96.40 45.89
CA THR DA 105 -7.98 97.30 46.06
C THR DA 105 -6.96 96.80 47.08
N PRO DA 106 -5.70 96.54 46.65
CA PRO DA 106 -4.79 95.95 47.63
C PRO DA 106 -4.27 96.83 48.75
N VAL DA 107 -4.44 96.42 50.01
CA VAL DA 107 -3.95 97.18 51.15
C VAL DA 107 -3.10 96.31 52.04
N LYS DA 108 -2.22 96.94 52.81
CA LYS DA 108 -1.34 96.19 53.70
C LYS DA 108 -2.10 95.62 54.88
N GLY DA 109 -1.93 94.33 55.14
CA GLY DA 109 -2.59 93.69 56.27
C GLY DA 109 -2.80 92.20 56.18
N GLU DA 110 -3.68 91.67 57.02
CA GLU DA 110 -3.99 90.24 57.03
C GLU DA 110 -4.88 89.79 55.90
N GLY DA 111 -4.87 88.51 55.58
CA GLY DA 111 -5.72 87.98 54.54
C GLY DA 111 -7.18 88.12 54.91
N ARG DA 112 -8.04 88.41 53.94
CA ARG DA 112 -9.45 88.62 54.21
C ARG DA 112 -10.34 87.54 53.64
N VAL DA 113 -11.39 87.17 54.36
CA VAL DA 113 -12.25 86.09 53.90
C VAL DA 113 -13.61 86.69 53.73
N TYR DA 114 -14.23 86.43 52.57
CA TYR DA 114 -15.53 86.97 52.31
C TYR DA 114 -16.48 85.86 51.93
N ARG DA 115 -17.69 85.94 52.44
CA ARG DA 115 -18.71 84.94 52.15
C ARG DA 115 -19.66 85.53 51.16
N LEU DA 116 -19.88 84.86 50.05
CA LEU DA 116 -20.71 85.44 49.00
C LEU DA 116 -22.10 84.89 48.94
N MET DA 117 -23.09 85.64 49.38
CA MET DA 117 -24.47 85.19 49.29
C MET DA 117 -25.08 85.56 47.95
N SER DA 118 -25.85 84.65 47.36
CA SER DA 118 -26.37 84.88 46.03
C SER DA 118 -27.34 86.00 45.78
N ALA DA 119 -28.21 86.32 46.72
CA ALA DA 119 -29.27 87.33 46.53
C ALA DA 119 -30.30 86.92 45.50
N GLU DA 120 -29.88 86.28 44.42
CA GLU DA 120 -30.83 85.73 43.46
C GLU DA 120 -30.49 84.27 43.40
N PRO DA 121 -31.39 83.40 43.84
CA PRO DA 121 -31.07 81.98 43.92
C PRO DA 121 -30.75 81.33 42.58
N PRO DA 122 -29.80 80.41 42.55
CA PRO DA 122 -29.41 79.72 41.32
C PRO DA 122 -30.35 78.64 40.86
N SER DA 123 -30.41 78.37 39.57
CA SER DA 123 -31.19 77.27 39.08
C SER DA 123 -30.53 75.95 39.43
N ARG DA 124 -31.26 75.05 40.03
CA ARG DA 124 -30.67 73.80 40.43
C ARG DA 124 -31.48 72.71 39.79
N PRO DA 125 -31.09 72.30 38.59
CA PRO DA 125 -31.83 71.27 37.85
C PRO DA 125 -31.86 69.92 38.53
N GLU DA 126 -30.76 69.52 39.16
CA GLU DA 126 -30.69 68.20 39.78
C GLU DA 126 -31.56 68.13 41.01
N THR DA 127 -32.01 69.27 41.55
CA THR DA 127 -32.90 69.31 42.75
C THR DA 127 -34.39 69.18 42.42
N ARG DA 128 -34.79 69.62 41.24
CA ARG DA 128 -36.17 69.53 40.82
C ARG DA 128 -36.58 68.07 40.75
N LYS DA 129 -35.67 67.21 40.35
CA LYS DA 129 -35.99 65.81 40.24
C LYS DA 129 -36.38 65.23 41.59
N TRP DA 130 -35.68 65.60 42.64
CA TRP DA 130 -36.04 65.13 43.97
C TRP DA 130 -37.27 65.86 44.42
N GLU DA 131 -37.37 67.11 44.03
CA GLU DA 131 -38.48 67.93 44.52
C GLU DA 131 -39.82 67.40 44.02
N THR DA 132 -39.89 67.04 42.73
CA THR DA 132 -41.15 66.63 42.12
C THR DA 132 -41.44 65.14 42.24
N ALA DA 133 -40.46 64.33 42.66
CA ALA DA 133 -40.67 62.89 42.73
C ALA DA 133 -41.67 62.53 43.81
N GLN DA 134 -41.72 63.35 44.87
CA GLN DA 134 -42.63 63.13 45.99
C GLN DA 134 -43.88 64.01 45.99
N ALA DA 135 -44.80 63.75 46.92
CA ALA DA 135 -46.03 64.54 47.02
C ALA DA 135 -45.80 65.89 47.61
N TYR DA 136 -46.70 66.80 47.34
CA TYR DA 136 -46.55 68.16 47.79
C TYR DA 136 -46.58 68.23 49.29
N GLU DA 137 -47.56 67.67 49.95
CA GLU DA 137 -47.65 67.84 51.40
C GLU DA 137 -46.50 67.18 52.09
N LYS DA 138 -46.00 66.09 51.54
CA LYS DA 138 -44.81 65.45 52.09
C LYS DA 138 -43.58 66.32 51.99
N LEU DA 139 -43.37 66.98 50.87
CA LEU DA 139 -42.24 67.89 50.66
C LEU DA 139 -42.27 69.06 51.60
N LEU DA 140 -43.44 69.64 51.79
CA LEU DA 140 -43.58 70.76 52.71
C LEU DA 140 -43.15 70.33 54.11
N ILE DA 141 -43.65 69.18 54.57
CA ILE DA 141 -43.31 68.70 55.90
C ILE DA 141 -41.83 68.47 56.02
N SER DA 142 -41.23 67.90 54.98
CA SER DA 142 -39.80 67.65 54.96
C SER DA 142 -38.93 68.89 55.02
N LEU DA 143 -39.26 69.93 54.28
CA LEU DA 143 -38.50 71.15 54.36
C LEU DA 143 -38.64 71.80 55.68
N ASN DA 144 -39.85 71.80 56.20
CA ASN DA 144 -40.11 72.39 57.50
C ASN DA 144 -39.42 71.62 58.62
N ARG DA 145 -39.37 70.31 58.56
CA ARG DA 145 -38.64 69.57 59.56
C ARG DA 145 -37.19 69.88 59.49
N ALA DA 146 -36.62 69.93 58.29
CA ALA DA 146 -35.20 70.15 58.14
C ALA DA 146 -34.76 71.47 58.64
N VAL DA 147 -35.50 72.51 58.39
CA VAL DA 147 -35.16 73.81 58.91
C VAL DA 147 -35.24 73.80 60.40
N LEU DA 148 -36.23 73.10 60.94
CA LEU DA 148 -36.44 73.11 62.37
C LEU DA 148 -35.39 72.27 63.01
N THR DA 149 -35.10 71.10 62.45
CA THR DA 149 -34.11 70.20 63.07
C THR DA 149 -32.67 70.56 62.74
N GLY DA 150 -32.47 71.58 61.90
CA GLY DA 150 -31.13 72.04 61.61
C GLY DA 150 -30.30 71.30 60.57
N ASP DA 151 -30.89 70.32 59.89
CA ASP DA 151 -30.16 69.63 58.84
C ASP DA 151 -30.73 70.03 57.50
N ILE DA 152 -29.89 70.44 56.56
CA ILE DA 152 -30.41 70.95 55.30
C ILE DA 152 -30.37 69.90 54.15
N PRO DA 153 -31.45 69.80 53.32
CA PRO DA 153 -31.36 68.81 52.24
C PRO DA 153 -30.17 69.09 51.34
N ASP DA 154 -29.69 68.02 50.69
CA ASP DA 154 -28.47 68.12 49.88
C ASP DA 154 -28.64 69.08 48.73
N GLY DA 155 -29.80 69.07 48.07
CA GLY DA 155 -30.00 69.89 46.89
C GLY DA 155 -30.17 71.37 47.18
N TYR DA 156 -30.49 71.73 48.41
CA TYR DA 156 -30.74 73.13 48.75
C TYR DA 156 -29.44 73.83 49.11
N GLY DA 157 -29.45 75.15 48.91
CA GLY DA 157 -28.30 75.97 49.22
C GLY DA 157 -28.72 77.25 49.93
N GLU DA 158 -27.72 77.93 50.49
CA GLU DA 158 -27.99 79.11 51.30
C GLU DA 158 -28.11 80.34 50.41
N VAL DA 159 -29.13 81.16 50.67
CA VAL DA 159 -29.36 82.38 49.90
C VAL DA 159 -29.68 83.52 50.85
N LYS DA 160 -29.64 84.73 50.33
CA LYS DA 160 -29.96 85.90 51.11
C LYS DA 160 -31.46 85.94 51.39
N PRO DA 161 -31.88 86.15 52.64
CA PRO DA 161 -33.32 86.16 52.94
C PRO DA 161 -34.02 87.34 52.31
N LEU DA 162 -35.29 87.13 51.98
CA LEU DA 162 -36.11 88.18 51.37
C LEU DA 162 -36.39 89.28 52.38
N SER DA 163 -36.31 90.54 51.92
CA SER DA 163 -36.56 91.67 52.80
C SER DA 163 -38.00 91.68 53.32
N ASP DA 164 -38.97 91.43 52.43
CA ASP DA 164 -40.38 91.42 52.78
C ASP DA 164 -41.03 90.24 52.07
N GLY DA 165 -41.25 89.16 52.80
CA GLY DA 165 -41.89 87.98 52.24
C GLY DA 165 -43.17 87.59 52.93
N ILE DA 166 -43.48 88.26 54.04
CA ILE DA 166 -44.67 87.95 54.84
C ILE DA 166 -45.36 89.25 55.22
N ARG DA 167 -46.69 89.18 55.29
CA ARG DA 167 -47.48 90.32 55.75
C ARG DA 167 -47.25 90.55 57.23
N LEU DA 168 -47.20 91.83 57.61
CA LEU DA 168 -46.91 92.21 58.99
C LEU DA 168 -48.14 92.81 59.65
N PRO DA 169 -48.88 92.06 60.45
CA PRO DA 169 -50.07 92.62 61.12
C PRO DA 169 -49.78 93.12 62.52
N GLY DA 170 -50.59 94.08 62.94
CA GLY DA 170 -50.53 94.58 64.31
C GLY DA 170 -49.24 95.27 64.68
N GLY DA 171 -48.66 96.04 63.77
CA GLY DA 171 -47.48 96.82 64.07
C GLY DA 171 -46.27 96.00 64.49
N PHE DA 172 -46.02 94.91 63.77
CA PHE DA 172 -44.87 94.07 64.10
C PHE DA 172 -43.65 94.48 63.29
N SER DA 173 -42.48 94.08 63.78
CA SER DA 173 -41.22 94.23 63.07
C SER DA 173 -40.57 92.85 62.96
N VAL DA 174 -39.95 92.58 61.82
CA VAL DA 174 -39.41 91.26 61.51
C VAL DA 174 -37.95 91.40 61.10
N THR DA 175 -37.10 90.58 61.70
CA THR DA 175 -35.68 90.52 61.37
C THR DA 175 -35.38 89.17 60.72
N PRO DA 176 -35.02 89.12 59.45
CA PRO DA 176 -34.67 87.83 58.85
C PRO DA 176 -33.42 87.23 59.47
N LEU DA 177 -33.36 85.91 59.44
CA LEU DA 177 -32.24 85.19 60.00
C LEU DA 177 -31.56 84.39 58.92
N LYS DA 178 -32.19 83.32 58.46
CA LYS DA 178 -31.60 82.48 57.43
C LYS DA 178 -32.56 82.11 56.32
N ALA DA 179 -32.07 81.84 55.13
CA ALA DA 179 -32.89 81.42 54.03
C ALA DA 179 -32.19 80.39 53.22
N TRP DA 180 -32.96 79.54 52.57
CA TRP DA 180 -32.41 78.49 51.75
C TRP DA 180 -33.32 78.46 50.62
N ALA DA 181 -32.89 77.89 49.52
CA ALA DA 181 -33.66 77.85 48.30
C ALA DA 181 -33.26 76.66 47.45
N GLY DA 182 -34.24 76.04 46.80
CA GLY DA 182 -33.98 74.96 45.87
C GLY DA 182 -34.27 75.38 44.44
N ASP DA 183 -35.16 74.65 43.77
CA ASP DA 183 -35.50 74.94 42.38
C ASP DA 183 -36.88 75.57 42.24
N GLN DA 184 -37.91 74.95 42.80
CA GLN DA 184 -39.26 75.48 42.76
C GLN DA 184 -39.75 75.96 44.11
N LEU DA 185 -38.99 75.74 45.19
CA LEU DA 185 -39.41 76.11 46.53
C LEU DA 185 -38.29 76.88 47.23
N ARG DA 186 -38.62 77.75 48.17
CA ARG DA 186 -37.64 78.55 48.89
C ARG DA 186 -38.00 78.83 50.35
N ALA DA 187 -37.26 78.29 51.31
CA ALA DA 187 -37.52 78.50 52.74
C ALA DA 187 -36.79 79.62 53.43
N ASP DA 188 -37.44 80.35 54.32
CA ASP DA 188 -36.81 81.41 55.06
C ASP DA 188 -37.27 81.41 56.51
N ARG DA 189 -36.49 81.94 57.45
CA ARG DA 189 -36.91 82.06 58.84
C ARG DA 189 -36.95 83.51 59.28
N TYR DA 190 -38.02 83.93 59.91
CA TYR DA 190 -38.22 85.32 60.30
C TYR DA 190 -38.44 85.40 61.80
N GLU DA 191 -37.73 86.31 62.45
CA GLU DA 191 -37.87 86.57 63.88
C GLU DA 191 -38.90 87.67 64.06
N LEU DA 192 -39.90 87.41 64.88
CA LEU DA 192 -41.01 88.36 65.01
C LEU DA 192 -40.96 88.96 66.37
N ARG DA 193 -41.09 90.27 66.44
CA ARG DA 193 -41.15 90.91 67.71
C ARG DA 193 -42.46 91.60 67.91
N ASN DA 194 -43.12 91.33 69.03
CA ASN DA 194 -44.35 92.03 69.33
C ASN DA 194 -43.91 93.32 69.98
N ALA DA 195 -44.36 94.44 69.44
CA ALA DA 195 -43.98 95.73 69.99
C ALA DA 195 -45.08 96.42 70.77
N ASN DA 196 -46.33 95.99 70.61
CA ASN DA 196 -47.42 96.69 71.26
C ASN DA 196 -47.69 96.27 72.70
N THR DA 197 -46.94 95.28 73.19
CA THR DA 197 -47.12 94.82 74.57
C THR DA 197 -48.56 94.78 75.10
N TRP DA 198 -49.44 94.12 74.38
CA TRP DA 198 -50.82 94.01 74.82
C TRP DA 198 -51.46 92.65 74.58
N GLY DA 199 -50.68 91.69 74.09
CA GLY DA 199 -51.22 90.35 73.84
C GLY DA 199 -51.86 90.26 72.46
N VAL DA 200 -51.27 89.47 71.57
CA VAL DA 200 -51.78 89.34 70.21
C VAL DA 200 -51.90 87.87 69.81
N ALA DA 201 -53.11 87.45 69.45
CA ALA DA 201 -53.31 86.07 69.02
C ALA DA 201 -52.60 85.82 67.70
N LEU DA 202 -52.06 84.62 67.52
CA LEU DA 202 -51.29 84.34 66.30
C LEU DA 202 -51.95 83.36 65.36
N ARG DA 203 -52.13 83.77 64.10
CA ARG DA 203 -52.69 82.88 63.09
C ARG DA 203 -51.79 82.88 61.87
N GLU DA 204 -51.42 81.69 61.39
CA GLU DA 204 -50.54 81.58 60.24
C GLU DA 204 -51.17 82.27 59.04
N GLN DA 205 -52.49 82.29 58.96
CA GLN DA 205 -53.20 82.87 57.84
C GLN DA 205 -53.08 84.36 57.76
N ASP DA 206 -52.73 85.00 58.84
CA ASP DA 206 -52.56 86.42 58.84
C ASP DA 206 -51.23 86.91 58.38
N PHE DA 207 -50.34 86.01 57.99
CA PHE DA 207 -49.05 86.36 57.52
C PHE DA 207 -48.96 85.98 56.06
N TRP DA 208 -50.05 85.49 55.49
CA TRP DA 208 -50.04 85.05 54.09
C TRP DA 208 -49.85 86.15 53.05
N LYS DA 209 -49.03 85.88 52.05
CA LYS DA 209 -48.82 86.83 50.96
C LYS DA 209 -48.85 86.04 49.66
N PRO DA 210 -49.19 86.68 48.53
CA PRO DA 210 -49.15 85.96 47.25
C PRO DA 210 -47.79 85.33 47.02
N GLY DA 211 -47.69 84.01 47.10
CA GLY DA 211 -46.42 83.34 46.95
C GLY DA 211 -45.99 82.58 48.18
N VAL DA 212 -46.55 82.90 49.35
CA VAL DA 212 -46.25 82.21 50.58
C VAL DA 212 -46.99 80.93 50.49
N ARG DA 213 -46.27 79.84 50.45
CA ARG DA 213 -46.89 78.54 50.24
C ARG DA 213 -47.25 77.84 51.55
N ALA DA 214 -46.49 78.05 52.62
CA ALA DA 214 -46.76 77.41 53.90
C ALA DA 214 -46.11 78.23 55.01
N VAL DA 215 -46.75 78.19 56.18
CA VAL DA 215 -46.26 78.90 57.36
C VAL DA 215 -46.34 77.95 58.56
N MET DA 216 -45.27 77.92 59.35
CA MET DA 216 -45.25 77.12 60.57
C MET DA 216 -44.65 77.94 61.69
N PHE DA 217 -45.24 77.84 62.88
CA PHE DA 217 -44.70 78.42 64.09
C PHE DA 217 -43.87 77.36 64.81
N ASP DA 218 -42.61 77.68 65.09
CA ASP DA 218 -41.72 76.71 65.74
C ASP DA 218 -42.22 76.35 67.14
N ASN DA 219 -42.68 77.34 67.90
CA ASN DA 219 -43.27 77.01 69.18
C ASN DA 219 -44.74 76.92 68.83
N ASN DA 220 -45.51 76.07 69.51
CA ASN DA 220 -46.89 75.89 69.12
C ASN DA 220 -47.59 77.22 69.24
N ALA DA 221 -47.28 77.98 70.29
CA ALA DA 221 -47.82 79.34 70.39
C ALA DA 221 -49.32 79.49 70.42
N GLN DA 222 -49.93 80.15 69.44
CA GLN DA 222 -51.37 80.47 69.44
C GLN DA 222 -51.55 81.82 70.13
N THR DA 223 -50.51 82.31 70.80
CA THR DA 223 -50.58 83.59 71.51
C THR DA 223 -49.19 84.16 71.43
N LEU DA 224 -49.07 85.47 71.55
CA LEU DA 224 -47.75 86.08 71.57
C LEU DA 224 -47.72 87.05 72.73
N MET DA 225 -46.81 86.82 73.67
CA MET DA 225 -46.72 87.70 74.85
C MET DA 225 -46.27 89.09 74.44
N GLY DA 226 -46.39 90.06 75.34
CA GLY DA 226 -46.09 91.43 74.97
C GLY DA 226 -44.70 91.65 74.44
N GLY DA 227 -43.69 91.03 75.05
CA GLY DA 227 -42.36 91.12 74.48
C GLY DA 227 -42.06 89.77 73.88
N GLY DA 228 -42.09 89.65 72.55
CA GLY DA 228 -41.90 88.36 71.93
C GLY DA 228 -40.76 88.29 70.93
N ARG DA 229 -39.81 87.37 71.12
CA ARG DA 229 -38.69 87.22 70.21
C ARG DA 229 -38.84 86.00 69.30
N MET DA 230 -40.03 85.43 69.23
CA MET DA 230 -40.25 84.20 68.46
C MET DA 230 -39.87 84.15 66.98
N THR DA 231 -40.01 82.97 66.36
CA THR DA 231 -39.63 82.78 64.98
C THR DA 231 -40.70 82.09 64.14
N VAL DA 232 -40.61 82.24 62.82
CA VAL DA 232 -41.58 81.61 61.93
C VAL DA 232 -40.85 81.16 60.67
N THR DA 233 -41.17 79.99 60.17
CA THR DA 233 -40.56 79.52 58.94
C THR DA 233 -41.58 79.56 57.81
N VAL DA 234 -41.24 80.26 56.72
CA VAL DA 234 -42.15 80.31 55.59
C VAL DA 234 -41.58 79.70 54.32
N ILE DA 235 -42.37 78.86 53.66
CA ILE DA 235 -41.92 78.29 52.40
C ILE DA 235 -42.65 79.08 51.34
N ARG DA 236 -41.99 79.38 50.24
CA ARG DA 236 -42.58 80.16 49.21
C ARG DA 236 -42.21 79.47 47.96
N GLY DA 237 -42.36 80.15 46.85
CA GLY DA 237 -41.96 79.60 45.58
C GLY DA 237 -40.77 80.33 45.03
N ASN DA 238 -39.86 79.64 44.38
CA ASN DA 238 -38.75 80.33 43.75
C ASN DA 238 -39.20 80.97 42.45
N GLY DA 239 -38.97 82.27 42.31
CA GLY DA 239 -39.40 82.97 41.12
C GLY DA 239 -40.75 83.65 41.17
N GLU DA 240 -41.44 83.58 42.31
CA GLU DA 240 -42.70 84.28 42.43
C GLU DA 240 -42.41 85.77 42.30
N GLY DA 241 -43.23 86.49 41.53
CA GLY DA 241 -43.02 87.92 41.35
C GLY DA 241 -42.38 88.24 40.01
N GLN EA 25 -31.45 102.40 19.51
CA GLN EA 25 -32.09 102.43 18.21
C GLN EA 25 -32.75 101.09 17.90
N SER EA 26 -33.66 101.08 16.93
CA SER EA 26 -34.32 99.85 16.52
C SER EA 26 -33.83 99.74 15.11
N PRO EA 27 -33.67 98.51 14.60
CA PRO EA 27 -33.10 98.49 13.27
C PRO EA 27 -34.01 99.21 12.31
N ALA EA 28 -33.45 99.98 11.38
CA ALA EA 28 -34.25 100.68 10.37
C ALA EA 28 -34.80 99.72 9.36
N THR EA 29 -36.00 99.99 8.84
CA THR EA 29 -36.66 99.06 7.92
C THR EA 29 -36.70 99.55 6.48
N ILE EA 30 -36.09 98.80 5.59
CA ILE EA 30 -36.02 99.21 4.21
C ILE EA 30 -37.29 98.93 3.40
N SER EA 31 -37.85 97.74 3.47
CA SER EA 31 -39.07 97.35 2.66
C SER EA 31 -38.98 97.63 1.18
N LEU EA 32 -38.41 96.71 0.41
CA LEU EA 32 -38.19 96.93 -1.01
C LEU EA 32 -38.77 95.81 -1.79
N PRO EA 33 -39.32 96.07 -2.99
CA PRO EA 33 -39.77 94.97 -3.84
C PRO EA 33 -38.57 94.19 -4.30
N GLN EA 34 -38.73 93.16 -5.09
CA GLN EA 34 -37.57 92.35 -5.46
C GLN EA 34 -36.82 92.90 -6.66
N GLY EA 35 -36.61 94.22 -6.67
CA GLY EA 35 -35.72 94.90 -7.59
C GLY EA 35 -35.17 96.14 -6.91
N GLY EA 36 -35.42 96.26 -5.61
CA GLY EA 36 -35.34 97.53 -4.95
C GLY EA 36 -33.99 98.20 -5.06
N GLN EA 37 -34.00 99.53 -5.03
CA GLN EA 37 -32.76 100.28 -5.08
C GLN EA 37 -32.87 101.32 -3.98
N PHE EA 38 -32.29 101.02 -2.82
CA PHE EA 38 -32.39 101.94 -1.70
C PHE EA 38 -31.04 102.54 -1.40
N ARG EA 39 -30.98 103.86 -1.30
CA ARG EA 39 -29.72 104.49 -0.94
C ARG EA 39 -29.64 104.58 0.56
N LEU EA 40 -28.66 103.90 1.14
CA LEU EA 40 -28.53 103.89 2.60
C LEU EA 40 -27.11 104.19 3.06
N SER EA 41 -26.98 104.86 4.20
CA SER EA 41 -25.67 105.16 4.74
C SER EA 41 -24.99 103.91 5.26
N ILE EA 42 -23.68 103.83 5.09
CA ILE EA 42 -22.92 102.69 5.59
C ILE EA 42 -21.71 103.30 6.28
N SER EA 43 -21.12 102.58 7.23
CA SER EA 43 -19.99 103.14 7.97
C SER EA 43 -18.67 102.57 7.52
N ASN EA 44 -17.71 103.45 7.19
CA ASN EA 44 -16.37 102.95 6.84
C ASN EA 44 -15.62 102.29 7.97
N THR EA 45 -15.75 102.80 9.18
CA THR EA 45 -15.02 102.27 10.33
C THR EA 45 -15.50 100.98 10.97
N ASP EA 46 -16.78 100.86 11.29
CA ASP EA 46 -17.27 99.70 12.05
C ASP EA 46 -18.21 98.80 11.29
N PRO EA 47 -18.32 97.53 11.70
CA PRO EA 47 -19.13 96.62 10.89
C PRO EA 47 -20.60 96.97 10.76
N ASN EA 48 -21.20 96.68 9.60
CA ASN EA 48 -22.59 97.03 9.35
C ASN EA 48 -23.36 95.73 9.13
N MET EA 49 -24.64 95.70 9.47
CA MET EA 49 -25.45 94.48 9.33
C MET EA 49 -26.75 94.59 8.56
N ILE EA 50 -27.07 93.58 7.74
CA ILE EA 50 -28.33 93.55 7.01
C ILE EA 50 -28.96 92.17 7.29
N PHE EA 51 -30.23 92.16 7.72
CA PHE EA 51 -30.89 90.88 7.96
C PHE EA 51 -32.23 90.71 7.24
N ILE EA 52 -32.60 89.49 6.88
CA ILE EA 52 -33.92 89.33 6.28
C ILE EA 52 -34.84 88.70 7.31
N PRO EA 53 -35.93 89.35 7.70
CA PRO EA 53 -36.87 88.70 8.62
C PRO EA 53 -37.67 87.60 7.96
N GLY EA 54 -37.07 86.43 7.78
CA GLY EA 54 -37.77 85.31 7.19
C GLY EA 54 -36.94 84.57 6.15
N ASP EA 55 -35.76 85.09 5.85
CA ASP EA 55 -34.90 84.50 4.83
C ASP EA 55 -33.45 84.56 5.28
N LYS EA 56 -32.63 83.69 4.70
CA LYS EA 56 -31.22 83.58 5.02
C LYS EA 56 -30.39 84.14 3.87
N VAL EA 57 -29.61 85.19 4.12
CA VAL EA 57 -28.76 85.76 3.09
C VAL EA 57 -27.76 84.72 2.66
N THR EA 58 -27.61 84.52 1.36
CA THR EA 58 -26.66 83.56 0.85
C THR EA 58 -25.45 84.18 0.19
N ALA EA 59 -25.55 85.45 -0.19
CA ALA EA 59 -24.47 86.12 -0.88
C ALA EA 59 -24.60 87.61 -0.94
N ILE EA 60 -23.48 88.31 -0.82
CA ILE EA 60 -23.50 89.75 -0.99
C ILE EA 60 -22.47 90.00 -2.07
N THR EA 61 -22.78 90.84 -3.04
CA THR EA 61 -21.85 91.14 -4.10
C THR EA 61 -21.67 92.60 -4.27
N ALA EA 62 -20.42 93.05 -4.24
CA ALA EA 62 -20.15 94.43 -4.47
C ALA EA 62 -19.02 94.56 -5.50
N PRO EA 63 -18.68 95.79 -5.95
CA PRO EA 63 -17.54 95.99 -6.87
C PRO EA 63 -16.24 95.52 -6.23
N GLY EA 64 -15.35 94.98 -7.06
CA GLY EA 64 -14.11 94.46 -6.54
C GLY EA 64 -13.30 95.53 -5.81
N GLY EA 65 -12.77 95.16 -4.65
CA GLY EA 65 -12.02 96.10 -3.85
C GLY EA 65 -12.84 97.17 -3.17
N MET EA 66 -14.13 96.91 -2.93
CA MET EA 66 -15.01 97.87 -2.28
C MET EA 66 -15.40 97.42 -0.87
N LEU EA 67 -15.90 96.21 -0.71
CA LEU EA 67 -16.26 95.66 0.62
C LEU EA 67 -15.12 94.86 1.23
N ALA EA 68 -14.46 95.42 2.24
CA ALA EA 68 -13.31 94.81 2.88
C ALA EA 68 -13.53 93.48 3.56
N ASP EA 69 -14.63 93.29 4.27
CA ASP EA 69 -14.94 91.99 4.86
C ASP EA 69 -16.40 91.64 4.74
N LYS EA 70 -16.71 90.36 4.69
CA LYS EA 70 -18.09 89.89 4.55
C LYS EA 70 -18.28 88.52 5.17
N ARG EA 71 -18.98 88.46 6.28
CA ARG EA 71 -19.23 87.20 6.97
C ARG EA 71 -20.72 86.98 7.22
N LEU EA 72 -21.17 85.73 7.12
CA LEU EA 72 -22.58 85.43 7.28
C LEU EA 72 -22.97 85.06 8.70
N THR EA 73 -23.90 85.82 9.27
CA THR EA 73 -24.37 85.54 10.61
C THR EA 73 -25.18 84.26 10.67
N ARG EA 74 -25.19 83.60 11.82
CA ARG EA 74 -25.91 82.35 11.99
C ARG EA 74 -27.41 82.46 11.83
N ALA EA 75 -27.98 83.54 12.35
CA ALA EA 75 -29.41 83.73 12.26
C ALA EA 75 -29.81 83.79 10.81
N GLY EA 76 -28.98 84.42 9.99
CA GLY EA 76 -29.26 84.47 8.58
C GLY EA 76 -28.94 85.84 8.10
N GLY EA 77 -28.19 86.61 8.88
CA GLY EA 77 -27.79 87.90 8.37
C GLY EA 77 -26.39 87.87 7.78
N VAL EA 78 -25.90 89.07 7.46
CA VAL EA 78 -24.55 89.25 6.91
C VAL EA 78 -23.94 90.49 7.53
N LEU EA 79 -22.69 90.38 7.96
CA LEU EA 79 -21.96 91.51 8.54
C LEU EA 79 -20.87 91.89 7.58
N PHE EA 80 -20.72 93.18 7.32
CA PHE EA 80 -19.75 93.63 6.35
C PHE EA 80 -19.05 94.93 6.70
N THR EA 81 -17.82 95.09 6.22
CA THR EA 81 -17.05 96.30 6.47
C THR EA 81 -16.61 96.88 5.15
N SER EA 82 -16.71 98.19 4.99
CA SER EA 82 -16.29 98.84 3.79
C SER EA 82 -15.23 99.84 4.12
N VAL EA 83 -14.13 99.83 3.40
CA VAL EA 83 -13.02 100.71 3.74
C VAL EA 83 -13.01 101.89 2.80
N ALA EA 84 -13.45 101.67 1.55
CA ALA EA 84 -13.44 102.73 0.56
C ALA EA 84 -14.38 103.87 0.97
N THR EA 85 -14.39 104.92 0.14
CA THR EA 85 -15.19 106.10 0.44
C THR EA 85 -16.24 106.49 -0.61
N ARG EA 86 -16.13 105.95 -1.83
CA ARG EA 86 -17.12 106.25 -2.88
C ARG EA 86 -18.45 105.55 -2.73
N THR EA 87 -19.52 106.18 -3.18
CA THR EA 87 -20.82 105.55 -3.18
C THR EA 87 -20.81 104.34 -4.09
N PHE EA 88 -21.37 103.23 -3.64
CA PHE EA 88 -21.36 102.01 -4.44
C PHE EA 88 -22.64 101.23 -4.39
N THR EA 89 -22.89 100.35 -5.35
CA THR EA 89 -24.06 99.49 -5.24
C THR EA 89 -23.73 98.10 -4.80
N ILE EA 90 -24.47 97.57 -3.83
CA ILE EA 90 -24.28 96.19 -3.38
C ILE EA 90 -25.52 95.36 -3.61
N PHE EA 91 -25.38 94.09 -3.94
CA PHE EA 91 -26.52 93.22 -4.22
C PHE EA 91 -26.62 92.08 -3.28
N VAL EA 92 -27.78 91.87 -2.66
CA VAL EA 92 -27.97 90.75 -1.75
C VAL EA 92 -28.92 89.72 -2.26
N GLU EA 93 -28.50 88.46 -2.22
CA GLU EA 93 -29.33 87.37 -2.70
C GLU EA 93 -29.67 86.44 -1.56
N THR EA 94 -30.94 86.33 -1.21
CA THR EA 94 -31.35 85.39 -0.20
C THR EA 94 -31.57 83.99 -0.73
N ALA EA 95 -31.55 83.01 0.15
CA ALA EA 95 -31.68 81.61 -0.24
C ALA EA 95 -32.99 81.18 -0.87
N ARG EA 96 -34.11 81.65 -0.35
CA ARG EA 96 -35.40 81.22 -0.84
C ARG EA 96 -35.70 82.00 -2.08
N GLY EA 97 -34.67 82.55 -2.71
CA GLY EA 97 -34.93 83.21 -3.97
C GLY EA 97 -35.40 84.63 -3.77
N GLN EA 98 -34.47 85.57 -3.90
CA GLN EA 98 -34.70 86.99 -3.64
C GLN EA 98 -33.43 87.76 -4.01
N THR EA 99 -33.61 89.01 -4.39
CA THR EA 99 -32.48 89.87 -4.71
C THR EA 99 -32.86 91.31 -4.43
N PHE EA 100 -32.04 91.99 -3.63
CA PHE EA 100 -32.27 93.39 -3.30
C PHE EA 100 -30.97 94.17 -3.50
N SER EA 101 -31.08 95.38 -4.06
CA SER EA 101 -29.92 96.21 -4.32
C SER EA 101 -29.98 97.46 -3.46
N VAL EA 102 -28.86 97.78 -2.82
CA VAL EA 102 -28.77 98.98 -2.04
C VAL EA 102 -27.56 99.74 -2.51
N VAL EA 103 -27.66 101.05 -2.57
CA VAL EA 103 -26.52 101.86 -2.93
C VAL EA 103 -26.01 102.39 -1.62
N ALA EA 104 -24.79 102.03 -1.25
CA ALA EA 104 -24.25 102.39 0.03
C ALA EA 104 -23.17 103.43 -0.04
N THR EA 105 -23.39 104.57 0.57
CA THR EA 105 -22.37 105.60 0.62
C THR EA 105 -21.64 105.66 1.96
N PRO EA 106 -20.31 105.41 1.97
CA PRO EA 106 -19.67 105.35 3.30
C PRO EA 106 -19.49 106.66 4.06
N VAL EA 107 -19.98 106.72 5.30
CA VAL EA 107 -19.83 107.91 6.13
C VAL EA 107 -19.22 107.56 7.47
N LYS EA 108 -18.60 108.53 8.11
CA LYS EA 108 -17.96 108.30 9.41
C LYS EA 108 -18.99 108.12 10.50
N GLY EA 109 -18.86 107.04 11.27
CA GLY EA 109 -19.78 106.80 12.37
C GLY EA 109 -19.93 105.38 12.84
N GLU EA 110 -20.98 105.09 13.59
CA GLU EA 110 -21.24 103.74 14.09
C GLU EA 110 -21.79 102.79 13.05
N GLY EA 111 -21.66 101.49 13.28
CA GLY EA 111 -22.20 100.51 12.37
C GLY EA 111 -23.70 100.59 12.29
N ARG EA 112 -24.28 100.38 11.13
CA ARG EA 112 -25.72 100.50 10.95
C ARG EA 112 -26.40 99.18 10.67
N VAL EA 113 -27.59 98.97 11.21
CA VAL EA 113 -28.27 97.71 11.03
C VAL EA 113 -29.55 98.01 10.31
N TYR EA 114 -29.84 97.27 9.25
CA TYR EA 114 -31.04 97.50 8.49
C TYR EA 114 -31.82 96.22 8.37
N ARG EA 115 -33.13 96.33 8.50
CA ARG EA 115 -34.01 95.17 8.42
C ARG EA 115 -34.68 95.22 7.08
N LEU EA 116 -34.58 94.16 6.30
CA LEU EA 116 -35.12 94.20 4.95
C LEU EA 116 -36.43 93.49 4.79
N MET EA 117 -37.52 94.22 4.66
CA MET EA 117 -38.81 93.59 4.43
C MET EA 117 -39.05 93.34 2.96
N SER EA 118 -39.61 92.20 2.61
CA SER EA 118 -39.77 91.85 1.21
C SER EA 118 -40.67 92.65 0.32
N ALA EA 119 -41.77 93.20 0.83
CA ALA EA 119 -42.77 93.91 0.02
C ALA EA 119 -43.47 93.02 -0.98
N GLU EA 120 -42.77 92.07 -1.59
CA GLU EA 120 -43.42 91.10 -2.44
C GLU EA 120 -43.04 89.78 -1.84
N PRO EA 121 -44.00 89.03 -1.31
CA PRO EA 121 -43.67 87.79 -0.61
C PRO EA 121 -43.00 86.73 -1.47
N PRO EA 122 -42.04 86.00 -0.91
CA PRO EA 122 -41.33 84.95 -1.64
C PRO EA 122 -42.08 83.67 -1.84
N SER EA 123 -41.79 82.93 -2.89
CA SER EA 123 -42.39 81.63 -3.07
C SER EA 123 -41.81 80.65 -2.10
N ARG EA 124 -42.65 79.94 -1.37
CA ARG EA 124 -42.15 79.03 -0.38
C ARG EA 124 -42.73 77.68 -0.71
N PRO EA 125 -42.03 76.90 -1.53
CA PRO EA 125 -42.52 75.59 -1.94
C PRO EA 125 -42.70 74.59 -0.82
N GLU EA 126 -41.79 74.59 0.15
CA GLU EA 126 -41.86 73.64 1.24
C GLU EA 126 -43.02 73.92 2.16
N THR EA 127 -43.62 75.11 2.09
CA THR EA 127 -44.80 75.48 2.93
C THR EA 127 -46.14 75.06 2.34
N ARG EA 128 -46.24 74.96 1.02
CA ARG EA 128 -47.44 74.54 0.37
C ARG EA 128 -47.79 73.13 0.79
N LYS EA 129 -46.78 72.30 0.99
CA LYS EA 129 -47.03 70.94 1.37
C LYS EA 129 -47.74 70.86 2.70
N TRP EA 130 -47.36 71.69 3.66
CA TRP EA 130 -48.05 71.70 4.93
C TRP EA 130 -49.37 72.39 4.76
N GLU EA 131 -49.40 73.38 3.89
CA GLU EA 131 -50.62 74.18 3.74
C GLU EA 131 -51.76 73.33 3.19
N THR EA 132 -51.47 72.50 2.19
CA THR EA 132 -52.52 71.74 1.51
C THR EA 132 -52.80 70.38 2.14
N ALA EA 133 -51.94 69.92 3.05
CA ALA EA 133 -52.13 68.60 3.64
C ALA EA 133 -53.36 68.53 4.51
N GLN EA 134 -53.71 69.68 5.11
CA GLN EA 134 -54.88 69.79 5.98
C GLN EA 134 -56.10 70.43 5.35
N ALA EA 135 -57.23 70.42 6.05
CA ALA EA 135 -58.46 71.03 5.56
C ALA EA 135 -58.44 72.52 5.59
N TYR EA 136 -59.26 73.15 4.78
CA TYR EA 136 -59.26 74.58 4.69
C TYR EA 136 -59.69 75.21 5.99
N GLU EA 137 -60.80 74.82 6.56
CA GLU EA 137 -61.28 75.50 7.75
C GLU EA 137 -60.33 75.30 8.90
N LYS EA 138 -59.67 74.16 8.97
CA LYS EA 138 -58.66 73.93 9.97
C LYS EA 138 -57.46 74.84 9.84
N LEU EA 139 -56.98 75.06 8.63
CA LEU EA 139 -55.86 75.96 8.34
C LEU EA 139 -56.17 77.38 8.71
N LEU EA 140 -57.36 77.84 8.38
CA LEU EA 140 -57.77 79.19 8.73
C LEU EA 140 -57.71 79.38 10.24
N ILE EA 141 -58.29 78.44 10.97
CA ILE EA 141 -58.30 78.53 12.43
C ILE EA 141 -56.90 78.55 12.97
N SER EA 142 -56.03 77.72 12.42
CA SER EA 142 -54.64 77.67 12.83
C SER EA 142 -53.85 78.93 12.60
N LEU EA 143 -54.00 79.57 11.45
CA LEU EA 143 -53.31 80.81 11.21
C LEU EA 143 -53.82 81.89 12.10
N ASN EA 144 -55.12 81.93 12.28
CA ASN EA 144 -55.73 82.92 13.14
C ASN EA 144 -55.34 82.74 14.60
N ARG EA 145 -55.24 81.51 15.07
CA ARG EA 145 -54.78 81.29 16.43
C ARG EA 145 -53.38 81.74 16.58
N ALA EA 146 -52.51 81.42 15.63
CA ALA EA 146 -51.11 81.73 15.73
C ALA EA 146 -50.85 83.19 15.77
N VAL EA 147 -51.52 83.96 14.96
CA VAL EA 147 -51.36 85.38 14.99
C VAL EA 147 -51.84 85.93 16.29
N LEU EA 148 -52.92 85.37 16.81
CA LEU EA 148 -53.50 85.88 18.04
C LEU EA 148 -52.63 85.48 19.19
N THR EA 149 -52.17 84.24 19.23
CA THR EA 149 -51.36 83.76 20.35
C THR EA 149 -49.90 84.16 20.25
N GLY EA 150 -49.51 84.80 19.15
CA GLY EA 150 -48.15 85.29 19.02
C GLY EA 150 -47.06 84.33 18.58
N ASP EA 151 -47.42 83.10 18.23
CA ASP EA 151 -46.41 82.16 17.73
C ASP EA 151 -46.62 81.95 16.26
N ILE EA 152 -45.58 82.09 15.46
CA ILE EA 152 -45.76 82.01 14.01
C ILE EA 152 -45.40 80.63 13.41
N PRO EA 153 -46.21 80.09 12.46
CA PRO EA 153 -45.81 78.78 11.92
C PRO EA 153 -44.42 78.85 11.29
N ASP EA 154 -43.77 77.69 11.24
CA ASP EA 154 -42.39 77.63 10.77
C ASP EA 154 -42.27 78.07 9.32
N GLY EA 155 -43.21 77.65 8.47
CA GLY EA 155 -43.11 77.94 7.06
C GLY EA 155 -43.39 79.38 6.69
N TYR EA 156 -44.04 80.14 7.57
CA TYR EA 156 -44.40 81.51 7.26
C TYR EA 156 -43.27 82.47 7.59
N GLY EA 157 -43.26 83.61 6.91
CA GLY EA 157 -42.25 84.62 7.12
C GLY EA 157 -42.87 86.00 7.15
N GLU EA 158 -42.08 86.96 7.62
CA GLU EA 158 -42.58 88.31 7.81
C GLU EA 158 -42.50 89.09 6.50
N VAL EA 159 -43.56 89.82 6.17
CA VAL EA 159 -43.62 90.62 4.94
C VAL EA 159 -44.20 91.98 5.27
N LYS EA 160 -44.06 92.90 4.33
CA LYS EA 160 -44.61 94.23 4.48
C LYS EA 160 -46.13 94.18 4.38
N PRO EA 161 -46.87 94.78 5.31
CA PRO EA 161 -48.33 94.74 5.24
C PRO EA 161 -48.88 95.49 4.04
N LEU EA 162 -50.01 95.01 3.53
CA LEU EA 162 -50.66 95.64 2.39
C LEU EA 162 -51.22 97.00 2.79
N SER EA 163 -51.06 97.99 1.90
CA SER EA 163 -51.57 99.32 2.18
C SER EA 163 -53.08 99.33 2.29
N ASP EA 164 -53.78 98.65 1.38
CA ASP EA 164 -55.23 98.60 1.37
C ASP EA 164 -55.65 97.16 1.05
N GLY EA 165 -56.02 96.41 2.08
CA GLY EA 165 -56.45 95.04 1.89
C GLY EA 165 -57.86 94.78 2.37
N ILE EA 166 -58.47 95.77 3.01
CA ILE EA 166 -59.82 95.63 3.56
C ILE EA 166 -60.62 96.89 3.22
N ARG EA 167 -61.92 96.68 3.01
CA ARG EA 167 -62.83 97.79 2.77
C ARG EA 167 -63.01 98.60 4.05
N LEU EA 168 -63.10 99.92 3.91
CA LEU EA 168 -63.19 100.82 5.05
C LEU EA 168 -64.57 101.46 5.11
N PRO EA 169 -65.48 100.98 5.95
CA PRO EA 169 -66.80 101.58 6.05
C PRO EA 169 -66.91 102.62 7.16
N GLY EA 170 -67.83 103.55 6.96
CA GLY EA 170 -68.15 104.53 7.99
C GLY EA 170 -67.02 105.47 8.35
N GLY EA 171 -66.25 105.91 7.36
CA GLY EA 171 -65.20 106.89 7.61
C GLY EA 171 -64.13 106.44 8.59
N PHE EA 172 -63.66 105.20 8.43
CA PHE EA 172 -62.62 104.69 9.32
C PHE EA 172 -61.24 104.94 8.73
N SER EA 173 -60.24 104.90 9.61
CA SER EA 173 -58.83 104.92 9.21
C SER EA 173 -58.15 103.71 9.80
N VAL EA 174 -57.24 103.11 9.03
CA VAL EA 174 -56.61 101.86 9.41
C VAL EA 174 -55.09 102.01 9.33
N THR EA 175 -54.41 101.59 10.39
CA THR EA 175 -52.95 101.59 10.44
C THR EA 175 -52.46 100.15 10.48
N PRO EA 176 -51.77 99.67 9.45
CA PRO EA 176 -51.24 98.30 9.50
C PRO EA 176 -50.18 98.14 10.59
N LEU EA 177 -50.08 96.92 11.09
CA LEU EA 177 -49.14 96.62 12.14
C LEU EA 177 -48.17 95.56 11.65
N LYS EA 178 -48.63 94.32 11.52
CA LYS EA 178 -47.77 93.24 11.07
C LYS EA 178 -48.39 92.37 10.01
N ALA EA 179 -47.59 91.73 9.17
CA ALA EA 179 -48.08 90.83 8.17
C ALA EA 179 -47.17 89.68 8.01
N TRP EA 180 -47.72 88.55 7.60
CA TRP EA 180 -46.95 87.36 7.42
C TRP EA 180 -47.52 86.78 6.21
N ALA EA 181 -46.80 85.90 5.56
CA ALA EA 181 -47.22 85.31 4.30
C ALA EA 181 -46.58 83.95 4.12
N GLY EA 182 -47.34 83.02 3.56
CA GLY EA 182 -46.82 81.71 3.21
C GLY EA 182 -46.72 81.52 1.72
N ASP EA 183 -47.39 80.49 1.20
CA ASP EA 183 -47.35 80.19 -0.22
C ASP EA 183 -48.67 80.54 -0.92
N GLN EA 184 -49.79 80.04 -0.42
CA GLN EA 184 -51.09 80.35 -0.98
C GLN EA 184 -51.94 81.23 -0.08
N LEU EA 185 -51.48 81.53 1.13
CA LEU EA 185 -52.25 82.32 2.08
C LEU EA 185 -51.38 83.43 2.66
N ARG EA 186 -51.97 84.54 3.08
CA ARG EA 186 -51.23 85.67 3.63
C ARG EA 186 -51.98 86.43 4.73
N ALA EA 187 -51.50 86.39 5.97
CA ALA EA 187 -52.13 87.08 7.11
C ALA EA 187 -51.64 88.47 7.44
N ASP EA 188 -52.52 89.38 7.78
CA ASP EA 188 -52.14 90.71 8.17
C ASP EA 188 -52.96 91.19 9.36
N ARG EA 189 -52.47 92.14 10.17
CA ARG EA 189 -53.25 92.72 11.27
C ARG EA 189 -53.44 94.20 11.06
N TYR EA 190 -54.65 94.69 11.21
CA TYR EA 190 -54.98 96.08 10.96
C TYR EA 190 -55.59 96.70 12.21
N GLU EA 191 -55.10 97.87 12.59
CA GLU EA 191 -55.62 98.62 13.73
C GLU EA 191 -56.69 99.57 13.21
N LEU EA 192 -57.87 99.52 13.81
CA LEU EA 192 -58.99 100.30 13.30
C LEU EA 192 -59.32 101.36 14.28
N ARG EA 193 -59.50 102.57 13.79
CA ARG EA 193 -59.91 103.63 14.66
C ARG EA 193 -61.24 104.17 14.25
N ASN EA 194 -62.16 104.26 15.20
CA ASN EA 194 -63.45 104.86 14.90
C ASN EA 194 -63.23 106.34 15.07
N ALA EA 195 -63.54 107.11 14.04
CA ALA EA 195 -63.36 108.54 14.11
C ALA EA 195 -64.65 109.34 14.29
N ASN EA 196 -65.80 108.71 14.01
CA ASN EA 196 -67.05 109.47 14.06
C ASN EA 196 -67.67 109.59 15.44
N THR EA 197 -67.05 108.96 16.44
CA THR EA 197 -67.58 109.03 17.81
C THR EA 197 -69.10 109.01 17.96
N TRP EA 198 -69.75 108.02 17.37
CA TRP EA 198 -71.19 107.92 17.50
C TRP EA 198 -71.71 106.49 17.66
N GLY EA 199 -70.80 105.52 17.79
CA GLY EA 199 -71.23 104.13 17.96
C GLY EA 199 -71.47 103.45 16.63
N VAL EA 200 -70.65 102.47 16.30
CA VAL EA 200 -70.78 101.77 15.01
C VAL EA 200 -70.76 100.27 15.21
N ALA EA 201 -71.81 99.58 14.78
CA ALA EA 201 -71.85 98.13 14.89
C ALA EA 201 -70.82 97.49 13.97
N LEU EA 202 -70.21 96.39 14.42
CA LEU EA 202 -69.15 95.78 13.64
C LEU EA 202 -69.51 94.45 13.02
N ARG EA 203 -69.35 94.32 11.70
CA ARG EA 203 -69.61 93.05 11.02
C ARG EA 203 -68.41 92.71 10.16
N GLU EA 204 -67.90 91.49 10.29
CA GLU EA 204 -66.74 91.06 9.51
C GLU EA 204 -67.05 91.16 8.03
N GLN EA 205 -68.31 90.98 7.64
CA GLN EA 205 -68.71 91.01 6.25
C GLN EA 205 -68.61 92.36 5.62
N ASP EA 206 -68.57 93.40 6.41
CA ASP EA 206 -68.45 94.73 5.89
C ASP EA 206 -67.06 95.17 5.59
N PHE EA 207 -66.08 94.32 5.81
CA PHE EA 207 -64.71 94.62 5.55
C PHE EA 207 -64.24 93.75 4.42
N TRP EA 208 -65.12 92.94 3.86
CA TRP EA 208 -64.73 92.01 2.79
C TRP EA 208 -64.30 92.66 1.48
N LYS EA 209 -63.23 92.13 0.89
CA LYS EA 209 -62.77 92.62 -0.41
C LYS EA 209 -62.44 91.40 -1.26
N PRO EA 210 -62.49 91.54 -2.60
CA PRO EA 210 -62.09 90.40 -3.43
C PRO EA 210 -60.69 89.90 -3.07
N GLY EA 211 -60.59 88.73 -2.46
CA GLY EA 211 -59.30 88.22 -2.03
C GLY EA 211 -59.20 88.04 -0.54
N VAL EA 212 -60.05 88.69 0.25
CA VAL EA 212 -60.07 88.56 1.68
C VAL EA 212 -60.73 87.27 1.93
N ARG EA 213 -60.00 86.34 2.49
CA ARG EA 213 -60.51 84.99 2.68
C ARG EA 213 -61.18 84.79 4.04
N ALA EA 214 -60.73 85.48 5.07
CA ALA EA 214 -61.32 85.34 6.41
C ALA EA 214 -61.01 86.59 7.22
N VAL EA 215 -61.93 86.91 8.12
CA VAL EA 215 -61.79 88.07 9.01
C VAL EA 215 -62.16 87.64 10.43
N MET EA 216 -61.33 88.03 11.40
CA MET EA 216 -61.62 87.77 12.80
C MET EA 216 -61.36 89.02 13.62
N PHE EA 217 -62.24 89.30 14.57
CA PHE EA 217 -62.05 90.35 15.55
C PHE EA 217 -61.42 89.76 16.80
N ASP EA 218 -60.28 90.31 17.21
CA ASP EA 218 -59.58 89.78 18.38
C ASP EA 218 -60.41 89.91 19.64
N ASN EA 219 -61.08 91.04 19.83
CA ASN EA 219 -61.99 91.15 20.96
C ASN EA 219 -63.31 90.74 20.34
N ASN EA 220 -64.20 90.12 21.10
CA ASN EA 220 -65.43 89.63 20.49
C ASN EA 220 -66.18 90.81 19.92
N ALA EA 221 -66.17 91.95 20.62
CA ALA EA 221 -66.75 93.16 20.05
C ALA EA 221 -68.21 93.12 19.67
N GLN EA 222 -68.56 93.28 18.39
CA GLN EA 222 -69.96 93.40 17.93
C GLN EA 222 -70.34 94.87 17.97
N THR EA 223 -69.54 95.71 18.62
CA THR EA 223 -69.82 97.13 18.72
C THR EA 223 -68.47 97.80 18.75
N LEU EA 224 -68.42 99.07 18.36
CA LEU EA 224 -67.17 99.80 18.45
C LEU EA 224 -67.47 101.13 19.11
N MET EA 225 -66.84 101.40 20.24
CA MET EA 225 -67.08 102.64 20.97
C MET EA 225 -66.58 103.83 20.16
N GLY EA 226 -66.95 105.04 20.55
CA GLY EA 226 -66.60 106.20 19.74
C GLY EA 226 -65.12 106.38 19.52
N GLY EA 227 -64.30 106.17 20.53
CA GLY EA 227 -62.87 106.21 20.30
C GLY EA 227 -62.39 104.78 20.37
N GLY EA 228 -62.06 104.17 19.24
CA GLY EA 228 -61.67 102.76 19.23
C GLY EA 228 -60.31 102.47 18.64
N ARG EA 229 -59.43 101.83 19.39
CA ARG EA 229 -58.10 101.48 18.90
C ARG EA 229 -57.97 100.01 18.55
N MET EA 230 -59.10 99.31 18.42
CA MET EA 230 -59.06 97.86 18.18
C MET EA 230 -58.31 97.31 16.97
N THR EA 231 -58.25 95.98 16.85
CA THR EA 231 -57.50 95.32 15.79
C THR EA 231 -58.30 94.25 15.07
N VAL EA 232 -57.88 93.90 13.86
CA VAL EA 232 -58.55 92.87 13.09
C VAL EA 232 -57.51 92.08 12.32
N THR EA 233 -57.65 90.77 12.25
CA THR EA 233 -56.73 89.96 11.49
C THR EA 233 -57.41 89.44 10.25
N VAL EA 234 -56.82 89.72 9.08
CA VAL EA 234 -57.40 89.23 7.83
C VAL EA 234 -56.49 88.26 7.09
N ILE EA 235 -57.05 87.14 6.65
CA ILE EA 235 -56.27 86.20 5.86
C ILE EA 235 -56.72 86.44 4.44
N ARG EA 236 -55.80 86.38 3.49
CA ARG EA 236 -56.11 86.63 2.13
C ARG EA 236 -55.42 85.59 1.38
N GLY EA 237 -55.29 85.77 0.09
CA GLY EA 237 -54.55 84.84 -0.73
C GLY EA 237 -53.28 85.46 -1.24
N ASN EA 238 -52.21 84.70 -1.33
CA ASN EA 238 -50.99 85.24 -1.90
C ASN EA 238 -51.10 85.28 -3.41
N GLY EA 239 -50.87 86.44 -4.00
CA GLY EA 239 -50.99 86.60 -5.43
C GLY EA 239 -52.32 87.05 -5.97
N GLU EA 240 -53.28 87.33 -5.10
CA GLU EA 240 -54.55 87.86 -5.56
C GLU EA 240 -54.28 89.23 -6.19
N GLY EA 241 -54.88 89.49 -7.34
CA GLY EA 241 -54.66 90.76 -8.02
C GLY EA 241 -53.70 90.63 -9.20
N GLN FA 25 -38.11 97.34 -30.45
CA GLN FA 25 -38.38 96.80 -31.77
C GLN FA 25 -38.90 95.37 -31.68
N SER FA 26 -39.52 94.88 -32.74
CA SER FA 26 -40.02 93.52 -32.77
C SER FA 26 -39.17 92.94 -33.87
N PRO FA 27 -38.85 91.65 -33.79
CA PRO FA 27 -37.95 91.20 -34.84
C PRO FA 27 -38.59 91.38 -36.20
N ALA FA 28 -37.83 91.82 -37.20
CA ALA FA 28 -38.35 91.98 -38.55
C ALA FA 28 -38.60 90.66 -39.20
N THR FA 29 -39.61 90.55 -40.05
CA THR FA 29 -39.98 89.27 -40.65
C THR FA 29 -39.66 89.17 -42.13
N ILE FA 30 -38.81 88.22 -42.48
CA ILE FA 30 -38.39 88.10 -43.85
C ILE FA 30 -39.39 87.37 -44.76
N SER FA 31 -39.92 86.23 -44.36
CA SER FA 31 -40.87 85.42 -45.20
C SER FA 31 -40.40 85.13 -46.63
N LEU FA 32 -39.63 84.07 -46.80
CA LEU FA 32 -39.05 83.77 -48.10
C LEU FA 32 -39.37 82.37 -48.48
N PRO FA 33 -39.58 82.09 -49.78
CA PRO FA 33 -39.77 80.70 -50.21
C PRO FA 33 -38.47 79.97 -50.03
N GLN FA 34 -38.39 78.71 -50.36
CA GLN FA 34 -37.15 77.97 -50.09
C GLN FA 34 -36.13 78.13 -51.21
N GLY FA 35 -35.96 79.36 -51.69
CA GLY FA 35 -34.87 79.76 -52.56
C GLY FA 35 -34.55 81.21 -52.34
N GLY FA 36 -35.14 81.77 -51.29
CA GLY FA 36 -35.27 83.21 -51.18
C GLY FA 36 -33.96 83.96 -51.22
N GLN FA 37 -34.01 85.18 -51.72
CA GLN FA 37 -32.82 86.02 -51.77
C GLN FA 37 -33.24 87.36 -51.23
N PHE FA 38 -32.99 87.59 -49.95
CA PHE FA 38 -33.40 88.85 -49.34
C PHE FA 38 -32.19 89.68 -48.99
N ARG FA 39 -32.19 90.94 -49.41
CA ARG FA 39 -31.09 91.82 -49.05
C ARG FA 39 -31.41 92.47 -47.73
N LEU FA 40 -30.60 92.19 -46.71
CA LEU FA 40 -30.86 92.74 -45.38
C LEU FA 40 -29.63 93.37 -44.77
N SER FA 41 -29.82 94.44 -43.99
CA SER FA 41 -28.70 95.07 -43.32
C SER FA 41 -28.15 94.20 -42.21
N ILE FA 42 -26.84 94.24 -42.02
CA ILE FA 42 -26.22 93.46 -40.96
C ILE FA 42 -25.25 94.45 -40.30
N SER FA 43 -24.91 94.22 -39.03
CA SER FA 43 -24.03 95.15 -38.33
C SER FA 43 -22.62 94.63 -38.21
N ASN FA 44 -21.64 95.43 -38.62
CA ASN FA 44 -20.25 95.02 -38.42
C ASN FA 44 -19.79 94.93 -36.98
N THR FA 45 -20.26 95.83 -36.13
CA THR FA 45 -19.85 95.87 -34.74
C THR FA 45 -20.44 94.86 -33.76
N ASP FA 46 -21.76 94.71 -33.73
CA ASP FA 46 -22.40 93.87 -32.72
C ASP FA 46 -23.07 92.63 -33.24
N PRO FA 47 -23.26 91.61 -32.41
CA PRO FA 47 -23.81 90.36 -32.95
C PRO FA 47 -25.20 90.46 -33.56
N ASN FA 48 -25.47 89.68 -34.61
CA ASN FA 48 -26.74 89.73 -35.29
C ASN FA 48 -27.40 88.35 -35.16
N MET FA 49 -28.73 88.30 -35.15
CA MET FA 49 -29.43 87.01 -34.98
C MET FA 49 -30.48 86.66 -36.00
N ILE FA 50 -30.55 85.39 -36.41
CA ILE FA 50 -31.56 84.92 -37.33
C ILE FA 50 -32.22 83.69 -36.69
N PHE FA 51 -33.55 83.66 -36.60
CA PHE FA 51 -34.22 82.50 -36.04
C PHE FA 51 -35.32 81.91 -36.92
N ILE FA 52 -35.54 80.60 -36.84
CA ILE FA 52 -36.66 80.06 -37.62
C ILE FA 52 -37.80 79.76 -36.68
N PRO FA 53 -38.97 80.36 -36.84
CA PRO FA 53 -40.11 79.99 -35.98
C PRO FA 53 -40.67 78.63 -36.33
N GLY FA 54 -40.02 77.57 -35.88
CA GLY FA 54 -40.50 76.22 -36.13
C GLY FA 54 -39.42 75.26 -36.56
N ASP FA 55 -38.21 75.78 -36.77
CA ASP FA 55 -37.09 74.96 -37.22
C ASP FA 55 -35.82 75.37 -36.52
N LYS FA 56 -34.85 74.46 -36.50
CA LYS FA 56 -33.57 74.66 -35.84
C LYS FA 56 -32.49 74.85 -36.89
N VAL FA 57 -31.82 76.00 -36.90
CA VAL FA 57 -30.74 76.24 -37.84
C VAL FA 57 -29.64 75.25 -37.58
N THR FA 58 -29.15 74.60 -38.63
CA THR FA 58 -28.07 73.66 -38.47
C THR FA 58 -26.75 74.13 -39.03
N ALA FA 59 -26.78 75.14 -39.88
CA ALA FA 59 -25.57 75.63 -40.51
C ALA FA 59 -25.71 76.96 -41.18
N ILE FA 60 -24.69 77.79 -41.10
CA ILE FA 60 -24.71 79.05 -41.82
C ILE FA 60 -23.43 79.01 -42.63
N THR FA 61 -23.50 79.38 -43.90
CA THR FA 61 -22.32 79.38 -44.75
C THR FA 61 -22.14 80.68 -45.43
N ALA FA 62 -20.97 81.26 -45.30
CA ALA FA 62 -20.68 82.47 -45.98
C ALA FA 62 -19.32 82.35 -46.68
N PRO FA 63 -18.90 83.35 -47.49
CA PRO FA 63 -17.56 83.34 -48.12
C PRO FA 63 -16.47 83.32 -47.06
N GLY FA 64 -15.38 82.62 -47.38
CA GLY FA 64 -14.30 82.49 -46.43
C GLY FA 64 -13.74 83.85 -46.02
N GLY FA 65 -13.53 84.01 -44.72
CA GLY FA 65 -13.04 85.27 -44.19
C GLY FA 65 -14.04 86.40 -44.20
N MET FA 66 -15.34 86.09 -44.20
CA MET FA 66 -16.39 87.10 -44.19
C MET FA 66 -17.12 87.17 -42.86
N LEU FA 67 -17.61 86.05 -42.36
CA LEU FA 67 -18.30 86.00 -41.04
C LEU FA 67 -17.34 85.65 -39.93
N ALA FA 68 -16.98 86.62 -39.09
CA ALA FA 68 -16.03 86.44 -38.00
C ALA FA 68 -16.38 85.45 -36.91
N ASP FA 69 -17.63 85.40 -36.47
CA ASP FA 69 -18.06 84.39 -35.51
C ASP FA 69 -19.43 83.85 -35.81
N LYS FA 70 -19.67 82.60 -35.43
CA LYS FA 70 -20.96 81.95 -35.69
C LYS FA 70 -21.26 80.89 -34.64
N ARG FA 71 -22.23 81.16 -33.80
CA ARG FA 71 -22.63 80.24 -32.74
C ARG FA 71 -24.12 79.94 -32.78
N LEU FA 72 -24.49 78.69 -32.49
CA LEU FA 72 -25.89 78.30 -32.55
C LEU FA 72 -26.63 78.45 -31.23
N THR FA 73 -27.69 79.23 -31.24
CA THR FA 73 -28.50 79.43 -30.06
C THR FA 73 -29.27 78.17 -29.69
N ARG FA 74 -29.56 78.00 -28.40
CA ARG FA 74 -30.26 76.81 -27.92
C ARG FA 74 -31.67 76.67 -28.45
N ALA FA 75 -32.39 77.78 -28.56
CA ALA FA 75 -33.75 77.74 -29.04
C ALA FA 75 -33.75 77.20 -30.44
N GLY FA 76 -32.76 77.58 -31.24
CA GLY FA 76 -32.65 77.06 -32.57
C GLY FA 76 -32.25 78.18 -33.47
N GLY FA 77 -31.75 79.27 -32.91
CA GLY FA 77 -31.26 80.31 -33.77
C GLY FA 77 -29.76 80.25 -33.95
N VAL FA 78 -29.23 81.29 -34.60
CA VAL FA 78 -27.80 81.42 -34.86
C VAL FA 78 -27.40 82.88 -34.65
N LEU FA 79 -26.30 83.09 -33.93
CA LEU FA 79 -25.78 84.43 -33.69
C LEU FA 79 -24.48 84.57 -34.43
N PHE FA 80 -24.31 85.67 -35.14
CA PHE FA 80 -23.13 85.85 -35.96
C PHE FA 80 -22.57 87.26 -36.01
N THR FA 81 -21.27 87.38 -36.20
CA THR FA 81 -20.63 88.68 -36.28
C THR FA 81 -19.87 88.79 -37.58
N SER FA 82 -19.96 89.92 -38.25
CA SER FA 82 -19.25 90.11 -39.49
C SER FA 82 -18.34 91.28 -39.33
N VAL FA 83 -17.08 91.14 -39.72
CA VAL FA 83 -16.13 92.22 -39.51
C VAL FA 83 -15.90 92.95 -40.81
N ALA FA 84 -15.99 92.23 -41.93
CA ALA FA 84 -15.75 92.83 -43.23
C ALA FA 84 -16.80 93.91 -43.53
N THR FA 85 -16.61 94.56 -44.68
CA THR FA 85 -17.49 95.66 -45.08
C THR FA 85 -18.23 95.49 -46.40
N ARG FA 86 -17.79 94.56 -47.25
CA ARG FA 86 -18.48 94.31 -48.53
C ARG FA 86 -19.78 93.56 -48.43
N THR FA 87 -20.70 93.82 -49.34
CA THR FA 87 -21.94 93.08 -49.38
C THR FA 87 -21.66 91.63 -49.71
N PHE FA 88 -22.29 90.71 -49.01
CA PHE FA 88 -22.04 89.29 -49.23
C PHE FA 88 -23.27 88.43 -49.18
N THR FA 89 -23.24 87.23 -49.75
CA THR FA 89 -24.37 86.33 -49.58
C THR FA 89 -24.12 85.26 -48.55
N ILE FA 90 -25.08 85.04 -47.65
CA ILE FA 90 -24.98 83.97 -46.67
C ILE FA 90 -26.11 82.96 -46.84
N PHE FA 91 -25.85 81.69 -46.59
CA PHE FA 91 -26.85 80.64 -46.77
C PHE FA 91 -27.16 79.93 -45.50
N VAL FA 92 -28.44 79.83 -45.15
CA VAL FA 92 -28.84 79.12 -43.94
C VAL FA 92 -29.60 77.86 -44.20
N GLU FA 93 -29.17 76.77 -43.57
CA GLU FA 93 -29.81 75.49 -43.75
C GLU FA 93 -30.42 75.01 -42.46
N THR FA 94 -31.73 74.87 -42.41
CA THR FA 94 -32.37 74.34 -41.23
C THR FA 94 -32.40 72.83 -41.18
N ALA FA 95 -32.59 72.27 -40.02
CA ALA FA 95 -32.58 70.81 -39.85
C ALA FA 95 -33.66 70.01 -40.53
N ARG FA 96 -34.90 70.51 -40.52
CA ARG FA 96 -36.00 69.76 -41.09
C ARG FA 96 -35.98 69.98 -42.57
N GLY FA 97 -34.83 70.38 -43.10
CA GLY FA 97 -34.77 70.48 -44.55
C GLY FA 97 -35.31 71.80 -45.04
N GLN FA 98 -34.40 72.73 -45.31
CA GLN FA 98 -34.73 74.10 -45.69
C GLN FA 98 -33.43 74.82 -46.03
N THR FA 99 -33.53 75.81 -46.91
CA THR FA 99 -32.38 76.62 -47.28
C THR FA 99 -32.86 78.01 -47.68
N PHE FA 100 -32.30 79.04 -47.05
CA PHE FA 100 -32.64 80.41 -47.36
C PHE FA 100 -31.35 81.21 -47.54
N SER FA 101 -31.34 82.10 -48.53
CA SER FA 101 -30.18 82.92 -48.83
C SER FA 101 -30.49 84.38 -48.58
N VAL FA 102 -29.59 85.05 -47.87
CA VAL FA 102 -29.74 86.46 -47.63
C VAL FA 102 -28.47 87.14 -48.07
N VAL FA 103 -28.59 88.31 -48.65
CA VAL FA 103 -27.42 89.06 -49.03
C VAL FA 103 -27.28 90.10 -47.96
N ALA FA 104 -26.19 90.06 -47.21
CA ALA FA 104 -26.02 90.94 -46.09
C ALA FA 104 -24.99 92.01 -46.31
N THR FA 105 -25.39 93.26 -46.26
CA THR FA 105 -24.44 94.36 -46.38
C THR FA 105 -24.10 95.00 -45.05
N PRO FA 106 -22.81 94.95 -44.63
CA PRO FA 106 -22.54 95.47 -43.29
C PRO FA 106 -22.61 96.98 -43.07
N VAL FA 107 -23.40 97.44 -42.11
CA VAL FA 107 -23.52 98.87 -41.82
C VAL FA 107 -23.27 99.12 -40.35
N LYS FA 108 -22.86 100.34 -40.01
CA LYS FA 108 -22.59 100.69 -38.62
C LYS FA 108 -23.87 100.81 -37.82
N GLY FA 109 -23.92 100.11 -36.68
CA GLY FA 109 -25.09 100.19 -35.82
C GLY FA 109 -25.32 99.04 -34.87
N GLU FA 110 -26.52 98.92 -34.34
CA GLU FA 110 -26.87 97.85 -33.42
C GLU FA 110 -27.10 96.51 -34.10
N GLY FA 111 -27.00 95.42 -33.36
CA GLY FA 111 -27.26 94.11 -33.91
C GLY FA 111 -28.69 93.97 -34.34
N ARG FA 112 -28.93 93.25 -35.44
CA ARG FA 112 -30.28 93.12 -35.97
C ARG FA 112 -30.82 91.71 -35.86
N VAL FA 113 -32.11 91.57 -35.57
CA VAL FA 113 -32.69 90.26 -35.40
C VAL FA 113 -33.74 90.11 -36.45
N TYR FA 114 -33.71 88.99 -37.17
CA TYR FA 114 -34.67 88.76 -38.21
C TYR FA 114 -35.37 87.45 -37.99
N ARG FA 115 -36.67 87.43 -38.22
CA ARG FA 115 -37.46 86.22 -38.05
C ARG FA 115 -37.75 85.67 -39.42
N LEU FA 116 -37.42 84.42 -39.66
CA LEU FA 116 -37.59 83.89 -41.01
C LEU FA 116 -38.79 83.00 -41.18
N MET FA 117 -39.82 83.48 -41.83
CA MET FA 117 -41.00 82.67 -42.09
C MET FA 117 -40.83 81.86 -43.35
N SER FA 118 -41.25 80.60 -43.34
CA SER FA 118 -41.02 79.72 -44.49
C SER FA 118 -41.68 80.02 -45.81
N ALA FA 119 -42.89 80.58 -45.82
CA ALA FA 119 -43.65 80.79 -47.06
C ALA FA 119 -44.04 79.51 -47.75
N GLU FA 120 -43.18 78.51 -47.76
CA GLU FA 120 -43.55 77.20 -48.28
C GLU FA 120 -43.31 76.26 -47.14
N PRO FA 121 -44.36 75.66 -46.60
CA PRO FA 121 -44.20 74.82 -45.41
C PRO FA 121 -43.30 73.62 -45.60
N PRO FA 122 -42.50 73.28 -44.59
CA PRO FA 122 -41.60 72.13 -44.66
C PRO FA 122 -42.24 70.79 -44.50
N SER FA 123 -41.66 69.74 -45.08
CA SER FA 123 -42.15 68.41 -44.87
C SER FA 123 -41.83 67.94 -43.48
N ARG FA 124 -42.81 67.47 -42.74
CA ARG FA 124 -42.57 67.06 -41.39
C ARG FA 124 -43.01 65.62 -41.29
N PRO FA 125 -42.10 64.69 -41.54
CA PRO FA 125 -42.42 63.27 -41.51
C PRO FA 125 -42.86 62.75 -40.16
N GLU FA 126 -42.25 63.24 -39.09
CA GLU FA 126 -42.58 62.76 -37.75
C GLU FA 126 -43.95 63.22 -37.32
N THR FA 127 -44.54 64.21 -37.99
CA THR FA 127 -45.91 64.70 -37.66
C THR FA 127 -47.03 63.93 -38.33
N ARG FA 128 -46.78 63.34 -39.49
CA ARG FA 128 -47.75 62.54 -40.19
C ARG FA 128 -48.16 61.37 -39.33
N LYS FA 129 -47.22 60.81 -38.59
CA LYS FA 129 -47.53 59.67 -37.77
C LYS FA 129 -48.56 60.00 -36.73
N TRP FA 130 -48.47 61.17 -36.13
CA TRP FA 130 -49.47 61.58 -35.15
C TRP FA 130 -50.72 61.97 -35.89
N GLU FA 131 -50.54 62.55 -37.05
CA GLU FA 131 -51.69 63.07 -37.78
C GLU FA 131 -52.63 61.94 -38.20
N THR FA 132 -52.07 60.84 -38.71
CA THR FA 132 -52.88 59.76 -39.25
C THR FA 132 -53.27 58.71 -38.21
N ALA FA 133 -52.68 58.73 -37.02
CA ALA FA 133 -52.98 57.71 -36.02
C ALA FA 133 -54.40 57.83 -35.51
N GLN FA 134 -54.92 59.07 -35.51
CA GLN FA 134 -56.29 59.34 -35.05
C GLN FA 134 -57.31 59.54 -36.16
N ALA FA 135 -58.59 59.65 -35.79
CA ALA FA 135 -59.66 59.87 -36.76
C ALA FA 135 -59.68 61.25 -37.32
N TYR FA 136 -60.28 61.42 -38.47
CA TYR FA 136 -60.29 62.70 -39.12
C TYR FA 136 -61.06 63.71 -38.32
N GLU FA 137 -62.28 63.42 -37.91
CA GLU FA 137 -63.07 64.44 -37.22
C GLU FA 137 -62.45 64.80 -35.91
N LYS FA 138 -61.80 63.86 -35.25
CA LYS FA 138 -61.09 64.15 -34.02
C LYS FA 138 -59.93 65.10 -34.22
N LEU FA 139 -59.14 64.91 -35.28
CA LEU FA 139 -58.01 65.76 -35.62
C LEU FA 139 -58.44 67.17 -35.93
N LEU FA 140 -59.52 67.32 -36.68
CA LEU FA 140 -60.04 68.64 -37.00
C LEU FA 140 -60.38 69.38 -35.72
N ILE FA 141 -61.12 68.72 -34.83
CA ILE FA 141 -61.51 69.36 -33.58
C ILE FA 141 -60.30 69.75 -32.77
N SER FA 142 -59.30 68.89 -32.73
CA SER FA 142 -58.07 69.17 -32.03
C SER FA 142 -57.27 70.34 -32.55
N LEU FA 143 -57.12 70.48 -33.85
CA LEU FA 143 -56.44 71.63 -34.39
C LEU FA 143 -57.19 72.88 -34.16
N ASN FA 144 -58.50 72.82 -34.30
CA ASN FA 144 -59.33 73.97 -34.09
C ASN FA 144 -59.34 74.40 -32.62
N ARG FA 145 -59.34 73.46 -31.70
CA ARG FA 145 -59.25 73.83 -30.30
C ARG FA 145 -57.94 74.48 -30.01
N ALA FA 146 -56.85 73.94 -30.52
CA ALA FA 146 -55.54 74.45 -30.22
C ALA FA 146 -55.34 75.83 -30.71
N VAL FA 147 -55.79 76.15 -31.89
CA VAL FA 147 -55.68 77.49 -32.39
C VAL FA 147 -56.50 78.42 -31.56
N LEU FA 148 -57.66 77.96 -31.13
CA LEU FA 148 -58.56 78.81 -30.38
C LEU FA 148 -58.01 78.99 -29.00
N THR FA 149 -57.55 77.92 -28.36
CA THR FA 149 -57.05 78.01 -26.99
C THR FA 149 -55.63 78.52 -26.90
N GLY FA 150 -54.98 78.75 -28.03
CA GLY FA 150 -53.64 79.32 -28.03
C GLY FA 150 -52.45 78.41 -27.77
N ASP FA 151 -52.67 77.11 -27.69
CA ASP FA 151 -51.55 76.18 -27.52
C ASP FA 151 -51.35 75.41 -28.80
N ILE FA 152 -50.14 75.37 -29.32
CA ILE FA 152 -49.93 74.74 -30.62
C ILE FA 152 -49.38 73.29 -30.52
N PRO FA 153 -49.90 72.33 -31.35
CA PRO FA 153 -49.35 70.98 -31.22
C PRO FA 153 -47.84 70.98 -31.48
N ASP FA 154 -47.17 69.98 -30.91
CA ASP FA 154 -45.71 69.93 -30.98
C ASP FA 154 -45.22 69.80 -32.41
N GLY FA 155 -45.89 68.98 -33.22
CA GLY FA 155 -45.43 68.73 -34.58
C GLY FA 155 -45.64 69.88 -35.53
N TYR FA 156 -46.52 70.82 -35.20
CA TYR FA 156 -46.82 71.92 -36.11
C TYR FA 156 -45.85 73.07 -35.92
N GLY FA 157 -45.68 73.85 -36.98
CA GLY FA 157 -44.79 74.99 -36.96
C GLY FA 157 -45.43 76.19 -37.62
N GLU FA 158 -44.82 77.35 -37.40
CA GLU FA 158 -45.39 78.61 -37.89
C GLU FA 158 -44.98 78.84 -39.34
N VAL FA 159 -45.94 79.24 -40.17
CA VAL FA 159 -45.69 79.51 -41.58
C VAL FA 159 -46.38 80.81 -41.96
N LYS FA 160 -46.01 81.32 -43.13
CA LYS FA 160 -46.62 82.54 -43.65
C LYS FA 160 -48.05 82.25 -44.08
N PRO FA 161 -49.02 83.06 -43.67
CA PRO FA 161 -50.42 82.80 -44.04
C PRO FA 161 -50.64 82.97 -45.54
N LEU FA 162 -51.59 82.20 -46.06
CA LEU FA 162 -51.93 82.27 -47.48
C LEU FA 162 -52.61 83.59 -47.80
N SER FA 163 -52.25 84.19 -48.94
CA SER FA 163 -52.85 85.46 -49.34
C SER FA 163 -54.34 85.32 -49.58
N ASP FA 164 -54.75 84.26 -50.28
CA ASP FA 164 -56.15 84.03 -50.62
C ASP FA 164 -56.43 82.53 -50.43
N GLY FA 165 -57.03 82.18 -49.31
CA GLY FA 165 -57.37 80.80 -49.03
C GLY FA 165 -58.85 80.56 -48.84
N ILE FA 166 -59.63 81.63 -48.79
CA ILE FA 166 -61.07 81.53 -48.56
C ILE FA 166 -61.79 82.46 -49.55
N ARG FA 167 -62.98 82.03 -49.96
CA ARG FA 167 -63.82 82.84 -50.82
C ARG FA 167 -64.36 84.04 -50.04
N LEU FA 168 -64.44 85.19 -50.72
CA LEU FA 168 -64.84 86.43 -50.07
C LEU FA 168 -66.21 86.86 -50.60
N PRO FA 169 -67.30 86.62 -49.88
CA PRO FA 169 -68.62 87.05 -50.34
C PRO FA 169 -69.04 88.39 -49.78
N GLY FA 170 -69.90 89.06 -50.55
CA GLY FA 170 -70.50 90.30 -50.10
C GLY FA 170 -69.53 91.45 -49.87
N GLY FA 171 -68.54 91.58 -50.74
CA GLY FA 171 -67.62 92.71 -50.66
C GLY FA 171 -66.83 92.79 -49.38
N PHE FA 172 -66.31 91.67 -48.91
CA PHE FA 172 -65.53 91.66 -47.68
C PHE FA 172 -64.05 91.83 -47.97
N SER FA 173 -63.31 92.26 -46.95
CA SER FA 173 -61.85 92.31 -46.99
C SER FA 173 -61.32 91.51 -45.82
N VAL FA 174 -60.22 90.78 -46.06
CA VAL FA 174 -59.67 89.85 -45.08
C VAL FA 174 -58.21 90.17 -44.86
N THR FA 175 -57.81 90.26 -43.59
CA THR FA 175 -56.42 90.46 -43.21
C THR FA 175 -55.92 89.22 -42.48
N PRO FA 176 -54.97 88.47 -43.05
CA PRO FA 176 -54.43 87.30 -42.34
C PRO FA 176 -53.70 87.70 -41.07
N LEU FA 177 -53.71 86.79 -40.12
CA LEU FA 177 -53.07 87.02 -38.84
C LEU FA 177 -51.98 85.99 -38.64
N LYS FA 178 -52.35 84.74 -38.37
CA LYS FA 178 -51.38 83.69 -38.14
C LYS FA 178 -51.68 82.41 -38.88
N ALA FA 179 -50.66 81.61 -39.19
CA ALA FA 179 -50.85 80.35 -39.84
C ALA FA 179 -49.90 79.35 -39.31
N TRP FA 180 -50.29 78.09 -39.36
CA TRP FA 180 -49.47 77.02 -38.87
C TRP FA 180 -49.69 75.97 -39.85
N ALA FA 181 -48.80 75.01 -39.91
CA ALA FA 181 -48.86 73.94 -40.89
C ALA FA 181 -48.15 72.70 -40.37
N GLY FA 182 -48.71 71.54 -40.67
CA GLY FA 182 -48.08 70.28 -40.34
C GLY FA 182 -47.60 69.55 -41.58
N ASP FA 183 -48.07 68.32 -41.78
CA ASP FA 183 -47.65 67.53 -42.93
C ASP FA 183 -48.74 67.41 -43.99
N GLN FA 184 -49.95 67.00 -43.60
CA GLN FA 184 -51.06 66.91 -44.53
C GLN FA 184 -52.15 67.95 -44.28
N LEU FA 185 -52.03 68.74 -43.21
CA LEU FA 185 -53.05 69.73 -42.86
C LEU FA 185 -52.38 71.07 -42.57
N ARG FA 186 -53.09 72.17 -42.78
CA ARG FA 186 -52.56 73.51 -42.56
C ARG FA 186 -53.58 74.52 -42.06
N ALA FA 187 -53.45 75.01 -40.83
CA ALA FA 187 -54.37 75.99 -40.24
C ALA FA 187 -54.03 77.45 -40.38
N ASP FA 188 -54.99 78.31 -40.64
CA ASP FA 188 -54.76 79.73 -40.73
C ASP FA 188 -55.88 80.51 -40.07
N ARG FA 189 -55.64 81.74 -39.60
CA ARG FA 189 -56.69 82.58 -39.04
C ARG FA 189 -56.86 83.84 -39.85
N TYR FA 190 -58.09 84.20 -40.19
CA TYR FA 190 -58.38 85.34 -41.04
C TYR FA 190 -59.31 86.30 -40.31
N GLU FA 191 -58.97 87.58 -40.32
CA GLU FA 191 -59.79 88.63 -39.73
C GLU FA 191 -60.71 89.17 -40.82
N LEU FA 192 -62.00 89.20 -40.54
CA LEU FA 192 -62.97 89.58 -41.56
C LEU FA 192 -63.58 90.88 -41.19
N ARG FA 193 -63.65 91.78 -42.16
CA ARG FA 193 -64.29 93.03 -41.88
C ARG FA 193 -65.49 93.21 -42.77
N ASN FA 194 -66.63 93.52 -42.19
CA ASN FA 194 -67.81 93.79 -42.98
C ASN FA 194 -67.68 95.25 -43.36
N ALA FA 195 -67.73 95.54 -44.66
CA ALA FA 195 -67.61 96.90 -45.12
C ALA FA 195 -68.91 97.52 -45.58
N ASN FA 196 -69.93 96.71 -45.84
CA ASN FA 196 -71.17 97.26 -46.40
C ASN FA 196 -72.14 97.81 -45.36
N THR FA 197 -71.79 97.68 -44.08
CA THR FA 197 -72.66 98.19 -43.01
C THR FA 197 -74.17 98.04 -43.22
N TRP FA 198 -74.61 96.83 -43.50
CA TRP FA 198 -76.03 96.60 -43.68
C TRP FA 198 -76.54 95.28 -43.10
N GLY FA 199 -75.68 94.56 -42.39
CA GLY FA 199 -76.09 93.30 -41.78
C GLY FA 199 -75.96 92.14 -42.76
N VAL FA 200 -75.05 91.21 -42.47
CA VAL FA 200 -74.82 90.07 -43.37
C VAL FA 200 -74.81 88.76 -42.59
N ALA FA 201 -75.70 87.84 -42.95
CA ALA FA 201 -75.73 86.54 -42.29
C ALA FA 201 -74.47 85.75 -42.61
N LEU FA 202 -73.98 84.98 -41.65
CA LEU FA 202 -72.73 84.26 -41.85
C LEU FA 202 -72.88 82.76 -41.95
N ARG FA 203 -72.38 82.17 -43.03
CA ARG FA 203 -72.42 80.72 -43.19
C ARG FA 203 -71.02 80.23 -43.55
N GLU FA 204 -70.53 79.22 -42.84
CA GLU FA 204 -69.20 78.69 -43.09
C GLU FA 204 -69.11 78.19 -44.52
N GLN FA 205 -70.21 77.72 -45.09
CA GLN FA 205 -70.23 77.16 -46.43
C GLN FA 205 -70.00 78.18 -47.50
N ASP FA 206 -70.21 79.44 -47.19
CA ASP FA 206 -69.98 80.47 -48.16
C ASP FA 206 -68.57 80.95 -48.26
N PHE FA 207 -67.67 80.38 -47.51
CA PHE FA 207 -66.28 80.73 -47.54
C PHE FA 207 -65.51 79.56 -48.08
N TRP FA 208 -66.19 78.50 -48.48
CA TRP FA 208 -65.51 77.30 -48.97
C TRP FA 208 -64.76 77.45 -50.28
N LYS FA 209 -63.56 76.89 -50.35
CA LYS FA 209 -62.79 76.91 -51.60
C LYS FA 209 -62.22 75.51 -51.79
N PRO FA 210 -61.91 75.12 -53.04
CA PRO FA 210 -61.27 73.82 -53.24
C PRO FA 210 -60.01 73.67 -52.41
N GLY FA 211 -60.05 72.85 -51.37
CA GLY FA 211 -58.91 72.70 -50.48
C GLY FA 211 -59.19 73.11 -49.06
N VAL FA 212 -60.24 73.90 -48.82
CA VAL FA 212 -60.63 74.31 -47.50
C VAL FA 212 -61.30 73.13 -46.92
N ARG FA 213 -60.72 72.58 -45.89
CA ARG FA 213 -61.23 71.35 -45.30
C ARG FA 213 -62.23 71.58 -44.18
N ALA FA 214 -62.09 72.67 -43.42
CA ALA FA 214 -63.00 72.96 -42.33
C ALA FA 214 -62.95 74.45 -42.02
N VAL FA 215 -64.09 74.97 -41.55
CA VAL FA 215 -64.22 76.38 -41.20
C VAL FA 215 -64.94 76.48 -39.85
N MET FA 216 -64.41 77.31 -38.95
CA MET FA 216 -65.04 77.54 -37.66
C MET FA 216 -65.05 79.04 -37.37
N PHE FA 217 -66.15 79.53 -36.86
CA PHE FA 217 -66.26 80.90 -36.35
C PHE FA 217 -65.96 80.90 -34.85
N ASP FA 218 -64.99 81.71 -34.44
CA ASP FA 218 -64.60 81.74 -33.03
C ASP FA 218 -65.75 82.24 -32.16
N ASN FA 219 -66.47 83.26 -32.59
CA ASN FA 219 -67.65 83.67 -31.84
C ASN FA 219 -68.75 82.89 -32.54
N ASN FA 220 -69.79 82.49 -31.83
CA ASN FA 220 -70.81 81.66 -32.45
C ASN FA 220 -71.40 82.43 -33.61
N ALA FA 221 -71.60 83.74 -33.43
CA ALA FA 221 -72.05 84.57 -34.55
C ALA FA 221 -73.36 84.20 -35.22
N GLN FA 222 -73.36 83.83 -36.49
CA GLN FA 222 -74.58 83.58 -37.27
C GLN FA 222 -75.01 84.90 -37.91
N THR FA 223 -74.42 86.01 -37.48
CA THR FA 223 -74.76 87.32 -38.01
C THR FA 223 -73.49 88.12 -37.94
N LEU FA 224 -73.36 89.15 -38.78
CA LEU FA 224 -72.20 90.02 -38.69
C LEU FA 224 -72.70 91.44 -38.70
N MET FA 225 -72.40 92.19 -37.66
CA MET FA 225 -72.85 93.57 -37.56
C MET FA 225 -72.19 94.42 -38.64
N GLY FA 226 -72.68 95.64 -38.85
CA GLY FA 226 -72.16 96.44 -39.95
C GLY FA 226 -70.68 96.71 -39.88
N GLY FA 227 -70.15 97.00 -38.69
CA GLY FA 227 -68.71 97.14 -38.59
C GLY FA 227 -68.23 95.91 -37.84
N GLY FA 228 -67.60 94.97 -38.53
CA GLY FA 228 -67.19 93.73 -37.89
C GLY FA 228 -65.71 93.41 -37.99
N ARG FA 229 -65.04 93.21 -36.86
CA ARG FA 229 -63.62 92.88 -36.85
C ARG FA 229 -63.36 91.41 -36.55
N MET FA 230 -64.40 90.58 -36.64
CA MET FA 230 -64.26 89.15 -36.28
C MET FA 230 -63.20 88.29 -36.96
N THR FA 231 -63.08 87.04 -36.53
CA THR FA 231 -62.07 86.14 -37.04
C THR FA 231 -62.62 84.77 -37.43
N VAL FA 232 -61.88 84.06 -38.28
CA VAL FA 232 -62.30 82.73 -38.71
C VAL FA 232 -61.07 81.85 -38.85
N THR FA 233 -61.16 80.60 -38.41
CA THR FA 233 -60.04 79.69 -38.56
C THR FA 233 -60.36 78.66 -39.62
N VAL FA 234 -59.49 78.55 -40.63
CA VAL FA 234 -59.70 77.56 -41.67
C VAL FA 234 -58.61 76.51 -41.75
N ILE FA 235 -59.00 75.25 -41.83
CA ILE FA 235 -58.02 74.19 -41.98
C ILE FA 235 -58.08 73.82 -43.43
N ARG FA 236 -56.94 73.53 -44.03
CA ARG FA 236 -56.89 73.21 -45.42
C ARG FA 236 -55.99 72.06 -45.51
N GLY FA 237 -55.53 71.76 -46.70
CA GLY FA 237 -54.58 70.69 -46.89
C GLY FA 237 -53.23 71.23 -47.28
N ASN FA 238 -52.16 70.63 -46.82
CA ASN FA 238 -50.85 71.07 -47.26
C ASN FA 238 -50.56 70.53 -48.63
N GLY FA 239 -50.21 71.40 -49.56
CA GLY FA 239 -49.95 70.99 -50.92
C GLY FA 239 -51.10 71.04 -51.90
N GLU FA 240 -52.27 71.51 -51.45
CA GLU FA 240 -53.38 71.66 -52.37
C GLU FA 240 -52.98 72.70 -53.40
N GLY FA 241 -53.27 72.44 -54.68
CA GLY FA 241 -52.91 73.37 -55.73
C GLY FA 241 -51.67 72.94 -56.50
N GLN GA 25 -31.19 73.11 -74.41
CA GLN GA 25 -31.10 72.09 -75.42
C GLN GA 25 -31.58 70.74 -74.90
N SER GA 26 -31.89 69.82 -75.80
CA SER GA 26 -32.33 68.49 -75.40
C SER GA 26 -31.20 67.66 -75.95
N PRO GA 27 -30.88 66.54 -75.30
CA PRO GA 27 -29.72 65.85 -75.84
C PRO GA 27 -29.99 65.43 -77.26
N ALA GA 28 -29.00 65.55 -78.15
CA ALA GA 28 -29.15 65.13 -79.54
C ALA GA 28 -29.18 63.63 -79.65
N THR GA 29 -29.93 63.09 -80.60
CA THR GA 29 -30.10 61.65 -80.71
C THR GA 29 -29.39 61.04 -81.92
N ILE GA 30 -28.46 60.14 -81.65
CA ILE GA 30 -27.68 59.57 -82.72
C ILE GA 30 -28.39 58.44 -83.49
N SER GA 31 -28.98 57.46 -82.80
CA SER GA 31 -29.65 56.29 -83.44
C SER GA 31 -28.81 55.55 -84.48
N LEU GA 32 -27.99 54.60 -84.03
CA LEU GA 32 -27.08 53.92 -84.94
C LEU GA 32 -27.26 52.45 -84.80
N PRO GA 33 -27.11 51.67 -85.90
CA PRO GA 33 -27.15 50.22 -85.77
C PRO GA 33 -25.92 49.78 -85.02
N GLN GA 34 -25.72 48.51 -84.80
CA GLN GA 34 -24.58 48.08 -83.98
C GLN GA 34 -23.30 47.94 -84.79
N GLY GA 35 -23.04 48.92 -85.67
CA GLY GA 35 -21.77 49.08 -86.35
C GLY GA 35 -21.56 50.56 -86.65
N GLY GA 36 -22.43 51.39 -86.07
CA GLY GA 36 -22.62 52.73 -86.57
C GLY GA 36 -21.35 53.57 -86.60
N GLN GA 37 -21.31 54.49 -87.55
CA GLN GA 37 -20.17 55.40 -87.64
C GLN GA 37 -20.76 56.78 -87.79
N PHE GA 38 -20.85 57.51 -86.68
CA PHE GA 38 -21.44 58.83 -86.73
C PHE GA 38 -20.39 59.88 -86.47
N ARG GA 39 -20.31 60.89 -87.34
CA ARG GA 39 -19.37 61.96 -87.11
C ARG GA 39 -20.04 63.02 -86.27
N LEU GA 40 -19.53 63.24 -85.06
CA LEU GA 40 -20.14 64.21 -84.16
C LEU GA 40 -19.13 65.18 -83.58
N SER GA 41 -19.55 66.43 -83.35
CA SER GA 41 -18.67 67.41 -82.74
C SER GA 41 -18.41 67.10 -81.29
N ILE GA 42 -17.19 67.36 -80.82
CA ILE GA 42 -16.85 67.13 -79.43
C ILE GA 42 -16.12 68.41 -79.00
N SER GA 43 -16.12 68.71 -77.72
CA SER GA 43 -15.48 69.94 -77.26
C SER GA 43 -14.14 69.69 -76.61
N ASN GA 44 -13.11 70.40 -77.07
CA ASN GA 44 -11.81 70.27 -76.40
C ASN GA 44 -11.75 70.79 -74.98
N THR GA 45 -12.44 71.88 -74.69
CA THR GA 45 -12.42 72.48 -73.37
C THR GA 45 -13.22 71.85 -72.24
N ASP GA 46 -14.50 71.55 -72.46
CA ASP GA 46 -15.37 71.09 -71.38
C ASP GA 46 -15.84 69.66 -71.53
N PRO GA 47 -16.22 69.01 -70.42
CA PRO GA 47 -16.57 67.59 -70.54
C PRO GA 47 -17.74 67.27 -71.44
N ASN GA 48 -17.71 66.13 -72.12
CA ASN GA 48 -18.76 65.76 -73.05
C ASN GA 48 -19.40 64.47 -72.54
N MET GA 49 -20.67 64.25 -72.82
CA MET GA 49 -21.36 63.04 -72.31
C MET GA 49 -22.10 62.20 -73.34
N ILE GA 50 -22.03 60.88 -73.21
CA ILE GA 50 -22.74 59.96 -74.09
C ILE GA 50 -23.52 58.99 -73.18
N PHE GA 51 -24.83 58.84 -73.40
CA PHE GA 51 -25.59 57.89 -72.60
C PHE GA 51 -26.40 56.88 -73.41
N ILE GA 52 -26.60 55.67 -72.87
CA ILE GA 52 -27.46 54.75 -73.62
C ILE GA 52 -28.80 54.67 -72.91
N PRO GA 53 -29.90 55.02 -73.57
CA PRO GA 53 -31.22 54.87 -72.93
C PRO GA 53 -31.64 53.41 -72.84
N GLY GA 54 -31.09 52.68 -71.85
CA GLY GA 54 -31.46 51.29 -71.66
C GLY GA 54 -30.27 50.39 -71.42
N ASP GA 55 -29.06 50.94 -71.52
CA ASP GA 55 -27.85 50.15 -71.35
C ASP GA 55 -26.81 50.96 -70.58
N LYS GA 56 -25.87 50.25 -69.98
CA LYS GA 56 -24.80 50.84 -69.17
C LYS GA 56 -23.50 50.77 -69.92
N VAL GA 57 -22.88 51.90 -70.24
CA VAL GA 57 -21.60 51.91 -70.92
C VAL GA 57 -20.58 51.24 -70.04
N THR GA 58 -19.81 50.31 -70.60
CA THR GA 58 -18.79 49.64 -69.83
C THR GA 58 -17.38 50.03 -70.21
N ALA GA 59 -17.21 50.64 -71.38
CA ALA GA 59 -15.88 51.00 -71.84
C ALA GA 59 -15.88 51.95 -73.00
N ILE GA 60 -14.94 52.88 -73.01
CA ILE GA 60 -14.79 53.76 -74.15
C ILE GA 60 -13.35 53.58 -74.56
N THR GA 61 -13.09 53.45 -75.85
CA THR GA 61 -11.73 53.27 -76.33
C THR GA 61 -11.41 54.23 -77.41
N ALA GA 62 -10.33 54.96 -77.24
CA ALA GA 62 -9.90 55.86 -78.25
C ALA GA 62 -8.40 55.66 -78.52
N PRO GA 63 -7.81 56.33 -79.54
CA PRO GA 63 -6.35 56.25 -79.78
C PRO GA 63 -5.58 56.76 -78.58
N GLY GA 64 -4.43 56.14 -78.33
CA GLY GA 64 -3.63 56.52 -77.18
C GLY GA 64 -3.24 58.00 -77.22
N GLY GA 65 -3.39 58.66 -76.08
CA GLY GA 65 -3.09 60.07 -76.00
C GLY GA 65 -4.07 60.98 -76.69
N MET GA 66 -5.32 60.53 -76.85
CA MET GA 66 -6.36 61.33 -77.50
C MET GA 66 -7.42 61.80 -76.52
N LEU GA 67 -8.00 60.90 -75.74
CA LEU GA 67 -9.00 61.26 -74.71
C LEU GA 67 -8.36 61.47 -73.35
N ALA GA 68 -8.27 62.72 -72.92
CA ALA GA 68 -7.64 63.09 -71.66
C ALA GA 68 -8.23 62.54 -70.38
N ASP GA 69 -9.55 62.51 -70.27
CA ASP GA 69 -10.19 61.88 -69.11
C ASP GA 69 -11.41 61.09 -69.48
N LYS GA 70 -11.72 60.06 -68.71
CA LYS GA 70 -12.87 59.20 -68.97
C LYS GA 70 -13.42 58.59 -67.71
N ARG GA 71 -14.59 59.03 -67.29
CA ARG GA 71 -15.23 58.52 -66.07
C ARG GA 71 -16.65 58.04 -66.33
N LEU GA 72 -17.05 56.96 -65.67
CA LEU GA 72 -18.37 56.40 -65.90
C LEU GA 72 -19.44 56.94 -64.96
N THR GA 73 -20.48 57.52 -65.52
CA THR GA 73 -21.57 58.04 -64.73
C THR GA 73 -22.39 56.93 -64.09
N ARG GA 74 -23.00 57.20 -62.94
CA ARG GA 74 -23.77 56.21 -62.22
C ARG GA 74 -24.98 55.70 -62.96
N ALA GA 75 -25.67 56.59 -63.65
CA ALA GA 75 -26.86 56.20 -64.39
C ALA GA 75 -26.48 55.18 -65.42
N GLY GA 76 -25.32 55.36 -66.04
CA GLY GA 76 -24.85 54.39 -67.00
C GLY GA 76 -24.25 55.13 -68.15
N GLY GA 77 -23.95 56.41 -67.96
CA GLY GA 77 -23.27 57.11 -69.03
C GLY GA 77 -21.78 57.17 -68.82
N VAL GA 78 -21.12 57.95 -69.68
CA VAL GA 78 -19.68 58.16 -69.61
C VAL GA 78 -19.39 59.62 -69.92
N LEU GA 79 -18.53 60.23 -69.11
CA LEU GA 79 -18.12 61.62 -69.31
C LEU GA 79 -16.68 61.63 -69.72
N PHE GA 80 -16.35 62.40 -70.74
CA PHE GA 80 -15.00 62.40 -71.26
C PHE GA 80 -14.49 63.75 -71.73
N THR GA 81 -13.18 63.95 -71.65
CA THR GA 81 -12.58 65.21 -72.08
C THR GA 81 -11.50 64.91 -73.10
N SER GA 82 -11.44 65.68 -74.17
CA SER GA 82 -10.43 65.49 -75.18
C SER GA 82 -9.63 66.74 -75.29
N VAL GA 83 -8.31 66.63 -75.28
CA VAL GA 83 -7.48 67.81 -75.30
C VAL GA 83 -6.93 68.03 -76.70
N ALA GA 84 -6.71 66.94 -77.43
CA ALA GA 84 -6.14 67.03 -78.77
C ALA GA 84 -7.10 67.78 -79.70
N THR GA 85 -6.63 67.96 -80.94
CA THR GA 85 -7.41 68.71 -81.93
C THR GA 85 -7.76 67.96 -83.21
N ARG GA 86 -7.10 66.85 -83.49
CA ARG GA 86 -7.41 66.05 -84.69
C ARG GA 86 -8.68 65.24 -84.60
N THR GA 87 -9.33 65.02 -85.74
CA THR GA 87 -10.49 64.16 -85.77
C THR GA 87 -10.10 62.74 -85.43
N PHE GA 88 -10.87 62.08 -84.58
CA PHE GA 88 -10.53 60.73 -84.16
C PHE GA 88 -11.70 59.79 -84.06
N THR GA 89 -11.49 58.49 -84.08
CA THR GA 89 -12.61 57.58 -83.85
C THR GA 89 -12.62 57.01 -82.45
N ILE GA 90 -13.77 57.03 -81.79
CA ILE GA 90 -13.91 56.43 -80.47
C ILE GA 90 -14.92 55.30 -80.49
N PHE GA 91 -14.70 54.25 -79.71
CA PHE GA 91 -15.59 53.10 -79.68
C PHE GA 91 -16.21 52.88 -78.34
N VAL GA 92 -17.54 52.76 -78.29
CA VAL GA 92 -18.23 52.51 -77.02
C VAL GA 92 -18.85 51.15 -76.94
N GLU GA 93 -18.57 50.44 -75.84
CA GLU GA 93 -19.12 49.12 -75.66
C GLU GA 93 -20.03 49.10 -74.45
N THR GA 94 -21.31 48.81 -74.67
CA THR GA 94 -22.22 48.68 -73.55
C THR GA 94 -22.22 47.31 -72.93
N ALA GA 95 -22.70 47.21 -71.71
CA ALA GA 95 -22.70 45.94 -70.98
C ALA GA 95 -23.54 44.81 -71.53
N ARG GA 96 -24.74 45.11 -72.00
CA ARG GA 96 -25.64 44.07 -72.47
C ARG GA 96 -25.23 43.72 -73.85
N GLY GA 97 -24.00 44.03 -74.23
CA GLY GA 97 -23.56 43.59 -75.54
C GLY GA 97 -23.98 44.55 -76.62
N GLN GA 98 -23.06 45.42 -77.02
CA GLN GA 98 -23.31 46.49 -77.97
C GLN GA 98 -21.99 47.19 -78.26
N THR GA 99 -21.87 47.75 -79.45
CA THR GA 99 -20.69 48.51 -79.83
C THR GA 99 -21.09 49.58 -80.85
N PHE GA 100 -20.74 50.83 -80.56
CA PHE GA 100 -21.02 51.94 -81.46
C PHE GA 100 -19.75 52.75 -81.64
N SER GA 101 -19.50 53.21 -82.87
CA SER GA 101 -18.32 53.99 -83.18
C SER GA 101 -18.73 55.39 -83.61
N VAL GA 102 -18.06 56.38 -83.04
CA VAL GA 102 -18.31 57.76 -83.41
C VAL GA 102 -16.98 58.37 -83.79
N VAL GA 103 -16.97 59.21 -84.79
CA VAL GA 103 -15.76 59.91 -85.15
C VAL GA 103 -15.94 61.28 -84.58
N ALA GA 104 -15.08 61.66 -83.64
CA ALA GA 104 -15.24 62.92 -82.94
C ALA GA 104 -14.21 63.95 -83.32
N THR GA 105 -14.65 65.06 -83.87
CA THR GA 105 -13.73 66.14 -84.20
C THR GA 105 -13.77 67.27 -83.19
N PRO GA 106 -12.64 67.55 -82.49
CA PRO GA 106 -12.75 68.57 -81.44
C PRO GA 106 -12.90 70.03 -81.87
N VAL GA 107 -13.94 70.71 -81.38
CA VAL GA 107 -14.16 72.11 -81.70
C VAL GA 107 -14.31 72.93 -80.43
N LYS GA 108 -14.05 74.22 -80.53
CA LYS GA 108 -14.15 75.10 -79.37
C LYS GA 108 -15.60 75.34 -79.00
N GLY GA 109 -15.94 75.14 -77.73
CA GLY GA 109 -17.29 75.38 -77.27
C GLY GA 109 -17.73 74.65 -76.02
N GLU GA 110 -19.03 74.59 -75.78
CA GLU GA 110 -19.59 73.90 -74.62
C GLU GA 110 -19.59 72.39 -74.75
N GLY GA 111 -19.68 71.68 -73.64
CA GLY GA 111 -19.74 70.24 -73.66
C GLY GA 111 -20.99 69.75 -74.33
N ARG GA 112 -20.92 68.66 -75.08
CA ARG GA 112 -22.07 68.16 -75.82
C ARG GA 112 -22.59 66.85 -75.29
N VAL GA 113 -23.90 66.66 -75.28
CA VAL GA 113 -24.48 65.45 -74.74
C VAL GA 113 -25.21 64.79 -75.86
N TYR GA 114 -24.97 63.49 -76.04
CA TYR GA 114 -25.61 62.76 -77.10
C TYR GA 114 -26.30 61.55 -76.55
N ARG GA 115 -27.49 61.28 -77.05
CA ARG GA 115 -28.27 60.14 -76.61
C ARG GA 115 -28.18 59.09 -77.68
N LEU GA 116 -27.77 57.89 -77.32
CA LEU GA 116 -27.55 56.86 -78.34
C LEU GA 116 -28.65 55.84 -78.42
N MET GA 117 -29.48 55.90 -79.44
CA MET GA 117 -30.53 54.91 -79.62
C MET GA 117 -30.01 53.71 -80.38
N SER GA 118 -30.38 52.50 -79.97
CA SER GA 118 -29.84 51.31 -80.59
C SER GA 118 -30.13 51.00 -82.04
N ALA GA 119 -31.31 51.35 -82.54
CA ALA GA 119 -31.72 50.99 -83.91
C ALA GA 119 -31.89 49.51 -84.12
N GLU GA 120 -31.03 48.69 -83.52
CA GLU GA 120 -31.21 47.25 -83.56
C GLU GA 120 -31.26 46.84 -82.13
N PRO GA 121 -32.39 46.36 -81.65
CA PRO GA 121 -32.53 46.05 -80.22
C PRO GA 121 -31.58 44.99 -79.70
N PRO GA 122 -31.07 45.16 -78.49
CA PRO GA 122 -30.15 44.20 -77.88
C PRO GA 122 -30.77 42.93 -77.36
N SER GA 123 -30.04 41.84 -77.32
CA SER GA 123 -30.54 40.64 -76.72
C SER GA 123 -30.58 40.76 -75.23
N ARG GA 124 -31.71 40.47 -74.62
CA ARG GA 124 -31.83 40.64 -73.20
C ARG GA 124 -32.24 39.31 -72.63
N PRO GA 125 -31.27 38.47 -72.29
CA PRO GA 125 -31.55 37.13 -71.77
C PRO GA 125 -32.32 37.11 -70.47
N GLU GA 126 -32.02 38.03 -69.56
CA GLU GA 126 -32.68 38.05 -68.27
C GLU GA 126 -34.13 38.46 -68.38
N THR GA 127 -34.55 39.04 -69.50
CA THR GA 127 -35.97 39.45 -69.74
C THR GA 127 -36.85 38.34 -70.28
N ARG GA 128 -36.29 37.40 -71.02
CA ARG GA 128 -37.02 36.28 -71.55
C ARG GA 128 -37.61 35.47 -70.43
N LYS GA 129 -36.88 35.35 -69.33
CA LYS GA 129 -37.37 34.57 -68.22
C LYS GA 129 -38.65 35.15 -67.66
N TRP GA 130 -38.76 36.46 -67.57
CA TRP GA 130 -39.99 37.07 -67.10
C TRP GA 130 -41.00 37.00 -68.20
N GLU GA 131 -40.54 37.11 -69.42
CA GLU GA 131 -41.47 37.17 -70.53
C GLU GA 131 -42.24 35.86 -70.69
N THR GA 132 -41.54 34.74 -70.57
CA THR GA 132 -42.14 33.43 -70.81
C THR GA 132 -42.77 32.81 -69.57
N ALA GA 133 -42.51 33.35 -68.38
CA ALA GA 133 -43.04 32.75 -67.16
C ALA GA 133 -44.55 32.87 -67.10
N GLN GA 134 -45.08 33.94 -67.69
CA GLN GA 134 -46.53 34.18 -67.72
C GLN GA 134 -47.23 33.82 -69.01
N ALA GA 135 -48.56 33.90 -69.02
CA ALA GA 135 -49.34 33.59 -70.22
C ALA GA 135 -49.25 34.66 -71.26
N TYR GA 136 -49.52 34.30 -72.50
CA TYR GA 136 -49.40 35.24 -73.59
C TYR GA 136 -50.37 36.36 -73.45
N GLU GA 137 -51.65 36.10 -73.25
CA GLU GA 137 -52.62 37.18 -73.24
C GLU GA 137 -52.38 38.09 -72.07
N LYS GA 138 -51.91 37.56 -70.96
CA LYS GA 138 -51.55 38.38 -69.82
C LYS GA 138 -50.40 39.31 -70.10
N LEU GA 139 -49.36 38.84 -70.78
CA LEU GA 139 -48.21 39.65 -71.16
C LEU GA 139 -48.57 40.77 -72.08
N LEU GA 140 -49.41 40.48 -73.07
CA LEU GA 140 -49.86 41.51 -73.99
C LEU GA 140 -50.56 42.63 -73.23
N ILE GA 141 -51.48 42.26 -72.35
CA ILE GA 141 -52.21 43.27 -71.58
C ILE GA 141 -51.27 44.08 -70.74
N SER GA 142 -50.29 43.43 -70.12
CA SER GA 142 -49.29 44.11 -69.33
C SER GA 142 -48.42 45.10 -70.06
N LEU GA 143 -47.94 44.76 -71.25
CA LEU GA 143 -47.16 45.69 -72.02
C LEU GA 143 -47.98 46.84 -72.47
N ASN GA 144 -49.20 46.55 -72.89
CA ASN GA 144 -50.09 47.60 -73.35
C ASN GA 144 -50.50 48.54 -72.21
N ARG GA 145 -50.71 48.02 -71.02
CA ARG GA 145 -51.01 48.89 -69.91
C ARG GA 145 -49.85 49.77 -69.60
N ALA GA 146 -48.64 49.21 -69.59
CA ALA GA 146 -47.47 49.96 -69.21
C ALA GA 146 -47.18 51.08 -70.15
N VAL GA 147 -47.31 50.87 -71.43
CA VAL GA 147 -47.11 51.92 -72.37
C VAL GA 147 -48.14 52.98 -72.20
N LEU GA 148 -49.37 52.58 -71.90
CA LEU GA 148 -50.45 53.53 -71.78
C LEU GA 148 -50.29 54.28 -70.50
N THR GA 149 -49.98 53.59 -69.40
CA THR GA 149 -49.88 54.25 -68.11
C THR GA 149 -48.54 54.94 -67.89
N GLY GA 150 -47.62 54.81 -68.84
CA GLY GA 150 -46.35 55.50 -68.74
C GLY GA 150 -45.24 54.91 -67.89
N ASP GA 151 -45.44 53.71 -67.35
CA ASP GA 151 -44.38 53.08 -66.57
C ASP GA 151 -43.83 51.91 -67.36
N ILE GA 152 -42.53 51.83 -67.52
CA ILE GA 152 -41.96 50.79 -68.37
C ILE GA 152 -41.43 49.57 -67.60
N PRO GA 153 -41.69 48.31 -68.07
CA PRO GA 153 -41.15 47.19 -67.29
C PRO GA 153 -39.63 47.29 -67.18
N ASP GA 154 -39.10 46.66 -66.11
CA ASP GA 154 -37.68 46.78 -65.81
C ASP GA 154 -36.82 46.18 -66.92
N GLY GA 155 -37.24 45.04 -67.48
CA GLY GA 155 -36.43 44.36 -68.47
C GLY GA 155 -36.40 45.03 -69.82
N TYR GA 156 -37.36 45.91 -70.11
CA TYR GA 156 -37.44 46.54 -71.42
C TYR GA 156 -36.58 47.79 -71.48
N GLY GA 157 -36.17 48.14 -72.69
CA GLY GA 157 -35.33 49.30 -72.91
C GLY GA 157 -35.81 50.08 -74.13
N GLU GA 158 -35.31 51.30 -74.25
CA GLU GA 158 -35.76 52.19 -75.30
C GLU GA 158 -34.99 51.92 -76.58
N VAL GA 159 -35.71 51.86 -77.71
CA VAL GA 159 -35.10 51.61 -79.01
C VAL GA 159 -35.70 52.57 -80.03
N LYS GA 160 -35.04 52.64 -81.18
CA LYS GA 160 -35.53 53.49 -82.27
C LYS GA 160 -36.79 52.89 -82.87
N PRO GA 161 -37.86 53.66 -83.05
CA PRO GA 161 -39.09 53.10 -83.61
C PRO GA 161 -38.92 52.67 -85.06
N LEU GA 162 -39.67 51.64 -85.43
CA LEU GA 162 -39.63 51.14 -86.80
C LEU GA 162 -40.24 52.14 -87.76
N SER GA 163 -39.60 52.31 -88.92
CA SER GA 163 -40.10 53.25 -89.91
C SER GA 163 -41.47 52.84 -90.44
N ASP GA 164 -41.66 51.55 -90.73
CA ASP GA 164 -42.91 51.03 -91.27
C ASP GA 164 -43.19 49.69 -90.58
N GLY GA 165 -44.06 49.71 -89.58
CA GLY GA 165 -44.42 48.51 -88.87
C GLY GA 165 -45.90 48.17 -88.94
N ILE GA 166 -46.69 49.07 -89.51
CA ILE GA 166 -48.14 48.89 -89.61
C ILE GA 166 -48.59 49.27 -91.01
N ARG GA 167 -49.62 48.58 -91.48
CA ARG GA 167 -50.23 48.89 -92.76
C ARG GA 167 -50.98 50.21 -92.68
N LEU GA 168 -50.90 51.00 -93.74
CA LEU GA 168 -51.50 52.34 -93.76
C LEU GA 168 -52.69 52.36 -94.72
N PRO GA 169 -53.92 52.28 -94.23
CA PRO GA 169 -55.08 52.33 -95.12
C PRO GA 169 -55.67 53.72 -95.26
N GLY GA 170 -56.32 53.93 -96.40
CA GLY GA 170 -57.05 55.17 -96.63
C GLY GA 170 -56.20 56.42 -96.66
N GLY GA 171 -55.01 56.34 -97.25
CA GLY GA 171 -54.18 57.53 -97.42
C GLY GA 171 -53.76 58.19 -96.13
N PHE GA 172 -53.35 57.40 -95.13
CA PHE GA 172 -52.93 57.95 -93.86
C PHE GA 172 -51.43 58.19 -93.84
N SER GA 173 -50.99 59.05 -92.93
CA SER GA 173 -49.58 59.27 -92.65
C SER GA 173 -49.35 59.04 -91.16
N VAL GA 174 -48.22 58.43 -90.83
CA VAL GA 174 -47.93 58.00 -89.47
C VAL GA 174 -46.58 58.56 -89.05
N THR GA 175 -46.53 59.18 -87.87
CA THR GA 175 -45.30 59.68 -87.29
C THR GA 175 -44.97 58.87 -86.04
N PRO GA 176 -43.89 58.10 -86.02
CA PRO GA 176 -43.53 57.36 -84.80
C PRO GA 176 -43.17 58.30 -83.67
N LEU GA 177 -43.40 57.81 -82.45
CA LEU GA 177 -43.12 58.58 -81.27
C LEU GA 177 -42.11 57.85 -80.42
N LYS GA 178 -42.51 56.77 -79.78
CA LYS GA 178 -41.61 56.02 -78.93
C LYS GA 178 -41.66 54.53 -79.16
N ALA GA 179 -40.58 53.80 -78.87
CA ALA GA 179 -40.56 52.37 -79.00
C ALA GA 179 -39.75 51.77 -77.91
N TRP GA 180 -40.09 50.55 -77.55
CA TRP GA 180 -39.40 49.85 -76.50
C TRP GA 180 -39.32 48.49 -77.01
N ALA GA 181 -38.42 47.70 -76.47
CA ALA GA 181 -38.20 46.35 -76.94
C ALA GA 181 -37.62 45.49 -75.82
N GLY GA 182 -38.05 44.24 -75.76
CA GLY GA 182 -37.50 43.29 -74.82
C GLY GA 182 -36.68 42.22 -75.51
N ASP GA 183 -37.06 40.96 -75.33
CA ASP GA 183 -36.33 39.84 -75.93
C ASP GA 183 -37.09 39.20 -77.08
N GLN GA 184 -38.35 38.82 -76.86
CA GLN GA 184 -39.18 38.25 -77.91
C GLN GA 184 -40.31 39.16 -78.35
N LEU GA 185 -40.51 40.30 -77.68
CA LEU GA 185 -41.60 41.20 -78.00
C LEU GA 185 -41.08 42.63 -78.12
N ARG GA 186 -41.73 43.47 -78.91
CA ARG GA 186 -41.31 44.85 -79.12
C ARG GA 186 -42.45 45.83 -79.31
N ALA GA 187 -42.66 46.76 -78.38
CA ALA GA 187 -43.73 47.76 -78.46
C ALA GA 187 -43.40 49.10 -79.08
N ASP GA 188 -44.28 49.67 -79.87
CA ASP GA 188 -44.08 50.97 -80.45
C ASP GA 188 -45.35 51.79 -80.44
N ARG GA 189 -45.28 53.12 -80.46
CA ARG GA 189 -46.46 53.98 -80.54
C ARG GA 189 -46.44 54.82 -81.79
N TYR GA 190 -47.54 54.86 -82.52
CA TYR GA 190 -47.63 55.55 -83.80
C TYR GA 190 -48.74 56.58 -83.74
N GLU GA 191 -48.44 57.80 -84.19
CA GLU GA 191 -49.42 58.88 -84.26
C GLU GA 191 -50.03 58.85 -85.66
N LEU GA 192 -51.35 58.82 -85.72
CA LEU GA 192 -52.02 58.66 -87.00
C LEU GA 192 -52.73 59.90 -87.33
N ARG GA 193 -52.58 60.37 -88.56
CA ARG GA 193 -53.31 61.54 -88.96
C ARG GA 193 -54.23 61.21 -90.10
N ASN GA 194 -55.49 61.59 -89.97
CA ASN GA 194 -56.42 61.38 -91.06
C ASN GA 194 -56.23 62.59 -91.94
N ALA GA 195 -55.95 62.36 -93.22
CA ALA GA 195 -55.75 63.46 -94.13
C ALA GA 195 -56.90 63.69 -95.09
N ASN GA 196 -57.79 62.72 -95.25
CA ASN GA 196 -58.85 62.86 -96.24
C ASN GA 196 -60.07 63.62 -95.77
N THR GA 197 -60.07 64.03 -94.50
CA THR GA 197 -61.21 64.79 -93.96
C THR GA 197 -62.60 64.38 -94.43
N TRP GA 198 -62.93 63.11 -94.31
CA TRP GA 198 -64.24 62.64 -94.71
C TRP GA 198 -64.85 61.59 -93.78
N GLY GA 199 -64.18 61.30 -92.67
CA GLY GA 199 -64.71 60.31 -91.72
C GLY GA 199 -64.30 58.90 -92.11
N VAL GA 200 -63.47 58.27 -91.27
CA VAL GA 200 -62.99 56.92 -91.56
C VAL GA 200 -63.15 56.02 -90.36
N ALA GA 201 -63.89 54.92 -90.52
CA ALA GA 201 -64.06 53.98 -89.42
C ALA GA 201 -62.74 53.29 -89.10
N LEU GA 202 -62.50 53.00 -87.83
CA LEU GA 202 -61.22 52.42 -87.43
C LEU GA 202 -61.31 50.99 -86.96
N ARG GA 203 -60.52 50.10 -87.58
CA ARG GA 203 -60.48 48.71 -87.16
C ARG GA 203 -59.02 48.30 -86.95
N GLU GA 204 -58.72 47.71 -85.81
CA GLU GA 204 -57.35 47.29 -85.51
C GLU GA 204 -56.87 46.31 -86.56
N GLN GA 205 -57.77 45.52 -87.13
CA GLN GA 205 -57.42 44.51 -88.11
C GLN GA 205 -56.94 45.07 -89.42
N ASP GA 206 -57.25 46.31 -89.69
CA ASP GA 206 -56.81 46.93 -90.91
C ASP GA 206 -55.44 47.51 -90.85
N PHE GA 207 -54.75 47.38 -89.74
CA PHE GA 207 -53.41 47.87 -89.59
C PHE GA 207 -52.49 46.69 -89.43
N TRP GA 208 -53.02 45.48 -89.52
CA TRP GA 208 -52.20 44.28 -89.32
C TRP GA 208 -51.14 44.03 -90.38
N LYS GA 209 -49.95 43.63 -89.95
CA LYS GA 209 -48.87 43.28 -90.87
C LYS GA 209 -48.23 42.00 -90.35
N PRO GA 210 -47.60 41.22 -91.24
CA PRO GA 210 -46.90 40.02 -90.76
C PRO GA 210 -45.90 40.36 -89.66
N GLY GA 211 -46.18 39.99 -88.41
CA GLY GA 211 -45.32 40.33 -87.31
C GLY GA 211 -45.97 41.19 -86.29
N VAL GA 212 -47.07 41.88 -86.63
CA VAL GA 212 -47.81 42.71 -85.71
C VAL GA 212 -48.58 41.76 -84.88
N ARG GA 213 -48.28 41.72 -83.61
CA ARG GA 213 -48.89 40.74 -82.72
C ARG GA 213 -50.15 41.24 -82.05
N ALA GA 214 -50.25 42.54 -81.77
CA ALA GA 214 -51.43 43.10 -81.12
C ALA GA 214 -51.50 44.60 -81.42
N VAL GA 215 -52.73 45.10 -81.49
CA VAL GA 215 -52.99 46.52 -81.76
C VAL GA 215 -54.04 47.01 -80.77
N MET GA 216 -53.79 48.18 -80.18
CA MET GA 216 -54.74 48.81 -79.27
C MET GA 216 -54.86 50.28 -79.61
N PHE GA 217 -56.08 50.80 -79.59
CA PHE GA 217 -56.35 52.22 -79.71
C PHE GA 217 -56.46 52.82 -78.31
N ASP GA 218 -55.65 53.85 -78.03
CA ASP GA 218 -55.66 54.46 -76.71
C ASP GA 218 -57.00 55.09 -76.39
N ASN GA 219 -57.61 55.78 -77.35
CA ASN GA 219 -58.95 56.27 -77.12
C ASN GA 219 -59.80 55.16 -77.69
N ASN GA 220 -61.00 54.93 -77.15
CA ASN GA 220 -61.78 53.80 -77.61
C ASN GA 220 -62.07 54.00 -79.08
N ALA GA 221 -62.35 55.24 -79.48
CA ALA GA 221 -62.50 55.53 -80.91
C ALA GA 221 -63.58 54.77 -81.66
N GLN GA 222 -63.23 53.96 -82.65
CA GLN GA 222 -64.21 53.29 -83.53
C GLN GA 222 -64.47 54.19 -84.72
N THR GA 223 -64.05 55.45 -84.64
CA THR GA 223 -64.27 56.41 -85.71
C THR GA 223 -63.08 57.34 -85.66
N LEU GA 224 -62.77 57.98 -86.78
CA LEU GA 224 -61.70 58.96 -86.78
C LEU GA 224 -62.21 60.20 -87.47
N MET GA 225 -62.22 61.32 -86.76
CA MET GA 225 -62.71 62.57 -87.34
C MET GA 225 -61.81 63.03 -88.46
N GLY GA 226 -62.26 64.00 -89.25
CA GLY GA 226 -61.49 64.40 -90.43
C GLY GA 226 -60.09 64.86 -90.12
N GLY GA 227 -59.89 65.63 -89.06
CA GLY GA 227 -58.54 65.98 -88.68
C GLY GA 227 -58.24 65.20 -87.42
N GLY GA 228 -57.43 64.15 -87.52
CA GLY GA 228 -57.17 63.30 -86.37
C GLY GA 228 -55.71 63.17 -85.98
N ARG GA 229 -55.36 63.49 -84.74
CA ARG GA 229 -53.98 63.38 -84.27
C ARG GA 229 -53.78 62.17 -83.37
N MET GA 230 -54.73 61.23 -83.36
CA MET GA 230 -54.66 60.08 -82.44
C MET GA 230 -53.43 59.17 -82.46
N THR GA 231 -53.40 58.20 -81.56
CA THR GA 231 -52.26 57.31 -81.41
C THR GA 231 -52.65 55.84 -81.35
N VAL GA 232 -51.70 54.96 -81.65
CA VAL GA 232 -51.96 53.52 -81.61
C VAL GA 232 -50.71 52.82 -81.09
N THR GA 233 -50.88 51.83 -80.24
CA THR GA 233 -49.74 51.08 -79.74
C THR GA 233 -49.74 49.69 -80.36
N VAL GA 234 -48.63 49.33 -81.01
CA VAL GA 234 -48.54 48.00 -81.59
C VAL GA 234 -47.43 47.15 -80.99
N ILE GA 235 -47.76 45.90 -80.66
CA ILE GA 235 -46.75 45.00 -80.13
C ILE GA 235 -46.41 44.10 -81.30
N ARG GA 236 -45.15 43.76 -81.46
CA ARG GA 236 -44.72 42.95 -82.55
C ARG GA 236 -43.80 41.97 -81.95
N GLY GA 237 -43.04 41.31 -82.79
CA GLY GA 237 -42.04 40.38 -82.31
C GLY GA 237 -40.65 40.90 -82.57
N ASN GA 238 -39.73 40.67 -81.67
CA ASN GA 238 -38.36 41.07 -81.92
C ASN GA 238 -37.70 40.09 -82.87
N GLY GA 239 -37.14 40.59 -83.96
CA GLY GA 239 -36.52 39.74 -84.94
C GLY GA 239 -37.38 39.27 -86.09
N GLU GA 240 -38.63 39.71 -86.16
CA GLU GA 240 -39.46 39.36 -87.29
C GLU GA 240 -38.83 39.99 -88.54
N GLY GA 241 -38.77 39.24 -89.63
CA GLY GA 241 -38.17 39.74 -90.84
C GLY GA 241 -36.76 39.21 -91.07
N GLN HA 25 -12.29 35.27 -102.28
CA GLN HA 25 -11.90 33.96 -102.75
C GLN HA 25 -12.47 32.86 -101.87
N SER HA 26 -12.50 31.64 -102.37
CA SER HA 26 -13.00 30.51 -101.59
C SER HA 26 -11.74 29.68 -101.49
N PRO HA 27 -11.58 28.94 -100.39
CA PRO HA 27 -10.30 28.26 -100.33
C PRO HA 27 -10.17 27.30 -101.49
N ALA HA 28 -8.98 27.20 -102.10
CA ALA HA 28 -8.75 26.27 -103.21
C ALA HA 28 -8.71 24.86 -102.71
N THR HA 29 -9.18 23.91 -103.52
CA THR HA 29 -9.26 22.51 -103.09
C THR HA 29 -8.25 21.59 -103.76
N ILE HA 30 -7.40 20.99 -102.95
CA ILE HA 30 -6.35 20.16 -103.50
C ILE HA 30 -6.81 18.75 -103.88
N SER HA 31 -7.53 18.04 -103.03
CA SER HA 31 -7.97 16.62 -103.30
C SER HA 31 -6.87 15.66 -103.73
N LEU HA 32 -6.18 15.07 -102.78
CA LEU HA 32 -5.04 14.22 -103.09
C LEU HA 32 -5.22 12.90 -102.43
N PRO HA 33 -4.76 11.80 -103.06
CA PRO HA 33 -4.79 10.50 -102.39
C PRO HA 33 -3.79 10.53 -101.26
N GLN HA 34 -3.62 9.48 -100.51
CA GLN HA 34 -2.73 9.53 -99.35
C GLN HA 34 -1.28 9.27 -99.72
N GLY HA 35 -0.83 9.87 -100.82
CA GLY HA 35 0.57 9.93 -101.20
C GLY HA 35 0.82 11.19 -101.98
N GLY HA 36 -0.19 12.07 -102.01
CA GLY HA 36 -0.27 13.08 -103.03
C GLY HA 36 0.93 14.00 -103.09
N GLN HA 37 1.20 14.51 -104.29
CA GLN HA 37 2.30 15.44 -104.46
C GLN HA 37 1.73 16.59 -105.28
N PHE HA 38 1.34 17.65 -104.61
CA PHE HA 38 0.75 18.77 -105.31
C PHE HA 38 1.66 19.98 -105.25
N ARG HA 39 1.94 20.57 -106.40
CA ARG HA 39 2.76 21.77 -106.40
C ARG HA 39 1.86 22.97 -106.23
N LEU HA 40 2.04 23.69 -105.13
CA LEU HA 40 1.18 24.84 -104.85
C LEU HA 40 1.97 26.08 -104.48
N SER HA 41 1.48 27.25 -104.87
CA SER HA 41 2.15 28.49 -104.51
C SER HA 41 2.02 28.79 -103.03
N ILE HA 42 3.06 29.36 -102.45
CA ILE HA 42 3.02 29.72 -101.03
C ILE HA 42 3.59 31.14 -100.98
N SER HA 43 3.24 31.90 -99.97
CA SER HA 43 3.70 33.29 -99.89
C SER HA 43 4.82 33.48 -98.91
N ASN HA 44 5.93 34.08 -99.35
CA ASN HA 44 7.01 34.38 -98.40
C ASN HA 44 6.67 35.39 -97.34
N THR HA 45 5.90 36.41 -97.67
CA THR HA 45 5.56 37.47 -96.73
C THR HA 45 4.51 37.20 -95.67
N ASP HA 46 3.34 36.69 -96.04
CA ASP HA 46 2.23 36.55 -95.10
C ASP HA 46 1.85 35.13 -94.77
N PRO HA 47 1.21 34.91 -93.63
CA PRO HA 47 0.94 33.51 -93.24
C PRO HA 47 0.05 32.74 -94.19
N ASN HA 48 0.29 31.43 -94.35
CA ASN HA 48 -0.47 30.60 -95.26
C ASN HA 48 -1.18 29.53 -94.44
N MET HA 49 -2.33 29.06 -94.90
CA MET HA 49 -3.10 28.06 -94.14
C MET HA 49 -3.51 26.80 -94.89
N ILE HA 50 -3.45 25.65 -94.24
CA ILE HA 50 -3.89 24.39 -94.82
C ILE HA 50 -4.85 23.74 -93.82
N PHE HA 51 -6.04 23.34 -94.26
CA PHE HA 51 -6.97 22.68 -93.35
C PHE HA 51 -7.51 21.35 -93.86
N ILE HA 52 -7.81 20.41 -92.95
CA ILE HA 52 -8.42 19.18 -93.44
C ILE HA 52 -9.90 19.20 -93.10
N PRO HA 53 -10.79 19.13 -94.08
CA PRO HA 53 -12.23 19.06 -93.75
C PRO HA 53 -12.62 17.71 -93.19
N GLY HA 54 -12.33 17.48 -91.91
CA GLY HA 54 -12.71 16.23 -91.27
C GLY HA 54 -11.60 15.64 -90.42
N ASP HA 55 -10.42 16.26 -90.44
CA ASP HA 55 -9.28 15.76 -89.70
C ASP HA 55 -8.51 16.92 -89.10
N LYS HA 56 -7.73 16.61 -88.07
CA LYS HA 56 -6.94 17.59 -87.33
C LYS HA 56 -5.47 17.41 -87.67
N VAL HA 57 -4.83 18.41 -88.25
CA VAL HA 57 -3.41 18.33 -88.56
C VAL HA 57 -2.64 18.17 -87.27
N THR HA 58 -1.73 17.21 -87.22
CA THR HA 58 -0.93 17.00 -86.03
C THR HA 58 0.52 17.41 -86.20
N ALA HA 59 0.97 17.55 -87.44
CA ALA HA 59 2.37 17.87 -87.69
C ALA HA 59 2.65 18.32 -89.09
N ILE HA 60 3.54 19.28 -89.25
CA ILE HA 60 3.95 19.69 -90.58
C ILE HA 60 5.47 19.54 -90.54
N THR HA 61 6.05 18.97 -91.57
CA THR HA 61 7.50 18.80 -91.60
C THR HA 61 8.07 19.32 -92.87
N ALA HA 62 9.05 20.19 -92.76
CA ALA HA 62 9.70 20.69 -93.92
C ALA HA 62 11.22 20.61 -93.72
N PRO HA 63 12.05 20.91 -94.75
CA PRO HA 63 13.52 20.93 -94.60
C PRO HA 63 13.94 21.95 -93.55
N GLY HA 64 14.99 21.62 -92.81
CA GLY HA 64 15.44 22.50 -91.75
C GLY HA 64 15.80 23.89 -92.28
N GLY HA 65 15.34 24.91 -91.57
CA GLY HA 65 15.57 26.27 -91.98
C GLY HA 65 14.78 26.72 -93.18
N MET HA 66 13.63 26.09 -93.45
CA MET HA 66 12.78 26.44 -94.58
C MET HA 66 11.49 27.11 -94.15
N LEU HA 67 10.74 26.51 -93.23
CA LEU HA 67 9.50 27.09 -92.69
C LEU HA 67 9.74 27.88 -91.42
N ALA HA 68 9.69 29.20 -91.51
CA ALA HA 68 9.96 30.09 -90.38
C ALA HA 68 9.06 29.99 -89.17
N ASP HA 69 7.75 29.84 -89.37
CA ASP HA 69 6.86 29.61 -88.23
C ASP HA 69 5.79 28.59 -88.53
N LYS HA 70 5.32 27.90 -87.51
CA LYS HA 70 4.30 26.86 -87.68
C LYS HA 70 3.45 26.71 -86.44
N ARG HA 71 2.21 27.12 -86.51
CA ARG HA 71 1.28 27.03 -85.38
C ARG HA 71 -0.01 26.31 -85.75
N LEU HA 72 -0.54 25.51 -84.83
CA LEU HA 72 -1.74 24.75 -85.11
C LEU HA 72 -3.03 25.46 -84.75
N THR HA 73 -3.91 25.65 -85.73
CA THR HA 73 -5.18 26.28 -85.48
C THR HA 73 -6.10 25.40 -84.66
N ARG HA 74 -7.01 26.00 -83.90
CA ARG HA 74 -7.91 25.26 -83.04
C ARG HA 74 -8.88 24.36 -83.77
N ALA HA 75 -9.38 24.83 -84.90
CA ALA HA 75 -10.32 24.04 -85.69
C ALA HA 75 -9.65 22.76 -86.10
N GLY HA 76 -8.37 22.84 -86.46
CA GLY HA 76 -7.64 21.66 -86.82
C GLY HA 76 -6.78 21.99 -87.99
N GLY HA 77 -6.57 23.26 -88.26
CA GLY HA 77 -5.66 23.60 -89.33
C GLY HA 77 -4.28 23.93 -88.82
N VAL HA 78 -3.43 24.40 -89.73
CA VAL HA 78 -2.06 24.80 -89.43
C VAL HA 78 -1.74 26.06 -90.21
N LEU HA 79 -1.14 27.04 -89.53
CA LEU HA 79 -0.73 28.29 -90.16
C LEU HA 79 0.77 28.33 -90.19
N PHE HA 80 1.34 28.69 -91.32
CA PHE HA 80 2.78 28.67 -91.48
C PHE HA 80 3.35 29.80 -92.31
N THR HA 81 4.59 30.18 -92.01
CA THR HA 81 5.25 31.24 -92.75
C THR HA 81 6.57 30.73 -93.28
N SER HA 82 6.89 31.05 -94.52
CA SER HA 82 8.13 30.62 -95.11
C SER HA 82 8.90 31.83 -95.52
N VAL HA 83 10.17 31.90 -95.16
CA VAL HA 83 10.95 33.09 -95.45
C VAL HA 83 11.84 32.83 -96.65
N ALA HA 84 12.28 31.58 -96.82
CA ALA HA 84 13.18 31.24 -97.91
C ALA HA 84 12.48 31.45 -99.26
N THR HA 85 13.26 31.21 -100.32
CA THR HA 85 12.75 31.43 -101.67
C THR HA 85 12.77 30.22 -102.61
N ARG HA 86 13.51 29.17 -102.26
CA ARG HA 86 13.55 27.95 -103.08
C ARG HA 86 12.32 27.07 -102.98
N THR HA 87 12.00 26.37 -104.05
CA THR HA 87 10.90 25.43 -104.00
C THR HA 87 11.23 24.30 -103.06
N PHE HA 88 10.29 23.91 -102.21
CA PHE HA 88 10.54 22.87 -101.23
C PHE HA 88 9.40 21.90 -101.04
N THR HA 89 9.64 20.72 -100.51
CA THR HA 89 8.53 19.83 -100.19
C THR HA 89 8.16 19.83 -98.74
N ILE HA 90 6.88 19.94 -98.42
CA ILE HA 90 6.41 19.87 -97.04
C ILE HA 90 5.47 18.70 -96.85
N PHE HA 91 5.50 18.06 -95.69
CA PHE HA 91 4.66 16.90 -95.41
C PHE HA 91 3.72 17.12 -94.28
N VAL HA 92 2.43 16.86 -94.49
CA VAL HA 92 1.44 17.02 -93.44
C VAL HA 92 0.85 15.72 -92.97
N GLU HA 93 0.84 15.52 -91.66
CA GLU HA 93 0.31 14.30 -91.09
C GLU HA 93 -0.89 14.61 -90.22
N THR HA 94 -2.06 14.12 -90.60
CA THR HA 94 -3.23 14.30 -89.77
C THR HA 94 -3.36 13.27 -88.68
N ALA HA 95 -4.14 13.57 -87.65
CA ALA HA 95 -4.30 12.68 -86.52
C ALA HA 95 -4.94 11.33 -86.75
N ARG HA 96 -5.98 11.28 -87.57
CA ARG HA 96 -6.70 10.04 -87.78
C ARG HA 96 -5.92 9.24 -88.78
N GLY HA 97 -4.64 9.54 -88.96
CA GLY HA 97 -3.86 8.70 -89.83
C GLY HA 97 -4.01 9.12 -91.28
N GLN HA 98 -3.04 9.90 -91.76
CA GLN HA 98 -3.06 10.49 -93.09
C GLN HA 98 -1.73 11.20 -93.30
N THR HA 99 -1.32 11.28 -94.58
CA THR HA 99 -0.09 11.98 -94.92
C THR HA 99 -0.23 12.53 -96.34
N PHE HA 100 0.00 13.82 -96.50
CA PHE HA 100 -0.06 14.47 -97.80
C PHE HA 100 1.19 15.32 -97.99
N SER HA 101 1.74 15.31 -99.20
CA SER HA 101 2.95 16.05 -99.52
C SER HA 101 2.63 17.13 -100.55
N VAL HA 102 3.09 18.34 -100.28
CA VAL HA 102 2.92 19.43 -101.21
C VAL HA 102 4.28 20.02 -101.46
N VAL HA 103 4.53 20.42 -102.69
CA VAL HA 103 5.78 21.08 -103.01
C VAL HA 103 5.42 22.53 -103.08
N ALA HA 104 5.98 23.35 -102.20
CA ALA HA 104 5.62 24.73 -102.12
C ALA HA 104 6.68 25.67 -102.62
N THR HA 105 6.38 26.43 -103.65
CA THR HA 105 7.32 27.42 -104.15
C THR HA 105 6.99 28.83 -103.71
N PRO HA 106 7.89 29.49 -102.92
CA PRO HA 106 7.47 30.81 -102.44
C PRO HA 106 7.40 31.97 -103.42
N VAL HA 107 6.26 32.64 -103.50
CA VAL HA 107 6.09 33.78 -104.39
C VAL HA 107 5.59 34.99 -103.62
N LYS HA 108 5.84 36.17 -104.15
CA LYS HA 108 5.41 37.40 -103.49
C LYS HA 108 3.91 37.58 -103.60
N GLY HA 109 3.25 37.83 -102.46
CA GLY HA 109 1.81 38.05 -102.47
C GLY HA 109 1.08 37.79 -101.18
N GLU HA 110 -0.24 37.65 -101.25
CA GLU HA 110 -1.06 37.39 -100.06
C GLU HA 110 -0.99 35.95 -99.58
N GLY HA 111 -1.35 35.71 -98.34
CA GLY HA 111 -1.36 34.36 -97.81
C GLY HA 111 -2.39 33.51 -98.50
N ARG HA 112 -2.09 32.24 -98.72
CA ARG HA 112 -2.99 31.35 -99.44
C ARG HA 112 -3.60 30.28 -98.58
N VAL HA 113 -4.86 29.94 -98.81
CA VAL HA 113 -5.52 28.96 -97.98
C VAL HA 113 -5.92 27.84 -98.88
N TYR HA 114 -5.60 26.61 -98.47
CA TYR HA 114 -5.92 25.46 -99.28
C TYR HA 114 -6.70 24.47 -98.47
N ARG HA 115 -7.71 23.88 -99.09
CA ARG HA 115 -8.55 22.90 -98.42
C ARG HA 115 -8.15 21.54 -98.94
N LEU HA 116 -7.82 20.62 -98.05
CA LEU HA 116 -7.32 19.34 -98.51
C LEU HA 116 -8.32 18.23 -98.42
N MET HA 117 -8.86 17.80 -99.55
CA MET HA 117 -9.79 16.68 -99.56
C MET HA 117 -9.07 15.36 -99.65
N SER HA 118 -9.50 14.36 -98.89
CA SER HA 118 -8.79 13.10 -98.85
C SER HA 118 -8.68 12.23 -100.07
N ALA HA 119 -9.68 12.22 -100.94
CA ALA HA 119 -9.71 11.32 -102.10
C ALA HA 119 -9.78 9.86 -101.73
N GLU HA 120 -9.08 9.44 -100.69
CA GLU HA 120 -9.22 8.08 -100.19
C GLU HA 120 -9.63 8.25 -98.76
N PRO HA 121 -10.84 7.83 -98.42
CA PRO HA 121 -11.34 8.07 -97.06
C PRO HA 121 -10.54 7.42 -95.95
N PRO HA 122 -10.37 8.09 -94.83
CA PRO HA 122 -9.62 7.55 -93.70
C PRO HA 122 -10.33 6.51 -92.87
N SER HA 123 -9.60 5.61 -92.24
CA SER HA 123 -10.20 4.66 -91.35
C SER HA 123 -10.64 5.33 -90.08
N ARG HA 124 -11.88 5.15 -89.69
CA ARG HA 124 -12.37 5.82 -88.51
C ARG HA 124 -12.89 4.75 -87.59
N PRO HA 125 -12.03 4.24 -86.72
CA PRO HA 125 -12.40 3.17 -85.80
C PRO HA 125 -13.49 3.54 -84.81
N GLU HA 126 -13.47 4.77 -84.30
CA GLU HA 126 -14.44 5.19 -83.31
C GLU HA 126 -15.82 5.34 -83.92
N THR HA 127 -15.94 5.39 -85.25
CA THR HA 127 -17.26 5.50 -85.93
C THR HA 127 -17.93 4.16 -86.19
N ARG HA 128 -17.17 3.10 -86.34
CA ARG HA 128 -17.71 1.78 -86.55
C ARG HA 128 -18.56 1.38 -85.36
N LYS HA 129 -18.14 1.77 -84.17
CA LYS HA 129 -18.88 1.41 -82.99
C LYS HA 129 -20.28 1.98 -83.02
N TRP HA 130 -20.44 3.21 -83.47
CA TRP HA 130 -21.76 3.79 -83.59
C TRP HA 130 -22.46 3.18 -84.77
N GLU HA 131 -21.69 2.89 -85.80
CA GLU HA 131 -22.29 2.40 -87.03
C GLU HA 131 -22.95 1.04 -86.83
N THR HA 132 -22.28 0.14 -86.11
CA THR HA 132 -22.77 -1.22 -85.96
C THR HA 132 -23.69 -1.40 -84.75
N ALA HA 133 -23.76 -0.43 -83.85
CA ALA HA 133 -24.58 -0.59 -82.65
C ALA HA 133 -26.06 -0.64 -82.99
N GLN HA 134 -26.44 0.04 -84.07
CA GLN HA 134 -27.83 0.08 -84.52
C GLN HA 134 -28.16 -0.83 -85.70
N ALA HA 135 -29.44 -0.93 -86.04
CA ALA HA 135 -29.87 -1.76 -87.18
C ALA HA 135 -29.54 -1.17 -88.50
N TYR HA 136 -29.46 -1.99 -89.52
CA TYR HA 136 -29.08 -1.53 -90.82
C TYR HA 136 -30.09 -0.56 -91.38
N GLU HA 137 -31.36 -0.90 -91.40
CA GLU HA 137 -32.32 -0.01 -92.03
C GLU HA 137 -32.43 1.29 -91.30
N LYS HA 138 -32.25 1.28 -89.99
CA LYS HA 138 -32.23 2.51 -89.22
C LYS HA 138 -31.07 3.41 -89.57
N LEU HA 139 -29.88 2.84 -89.75
CA LEU HA 139 -28.68 3.59 -90.14
C LEU HA 139 -28.82 4.23 -91.48
N LEU HA 140 -29.36 3.49 -92.44
CA LEU HA 140 -29.58 4.03 -93.77
C LEU HA 140 -30.48 5.26 -93.70
N ILE HA 141 -31.60 5.13 -92.98
CA ILE HA 141 -32.52 6.25 -92.86
C ILE HA 141 -31.86 7.43 -92.22
N SER HA 142 -31.06 7.19 -91.20
CA SER HA 142 -30.33 8.24 -90.52
C SER HA 142 -29.32 8.98 -91.37
N LEU HA 143 -28.53 8.28 -92.17
CA LEU HA 143 -27.60 8.95 -93.04
C LEU HA 143 -28.31 9.73 -94.09
N ASN HA 144 -29.36 9.16 -94.64
CA ASN HA 144 -30.13 9.84 -95.65
C ASN HA 144 -30.85 11.07 -95.12
N ARG HA 145 -31.36 11.01 -93.90
CA ARG HA 145 -31.95 12.19 -93.33
C ARG HA 145 -30.94 13.26 -93.13
N ALA HA 146 -29.76 12.90 -92.62
CA ALA HA 146 -28.75 13.88 -92.31
C ALA HA 146 -28.25 14.59 -93.51
N VAL HA 147 -28.04 13.90 -94.60
CA VAL HA 147 -27.62 14.55 -95.81
C VAL HA 147 -28.69 15.45 -96.30
N LEU HA 148 -29.94 15.04 -96.18
CA LEU HA 148 -31.04 15.82 -96.69
C LEU HA 148 -31.25 17.00 -95.81
N THR HA 149 -31.22 16.82 -94.49
CA THR HA 149 -31.47 17.93 -93.58
C THR HA 149 -30.26 18.81 -93.35
N GLY HA 150 -29.12 18.46 -93.92
CA GLY HA 150 -27.94 19.30 -93.82
C GLY HA 150 -27.08 19.21 -92.57
N ASP HA 151 -27.39 18.29 -91.65
CA ASP HA 151 -26.56 18.13 -90.48
C ASP HA 151 -25.79 16.83 -90.59
N ILE HA 152 -24.48 16.87 -90.39
CA ILE HA 152 -23.69 15.66 -90.61
C ILE HA 152 -23.34 14.90 -89.30
N PRO HA 153 -23.44 13.54 -89.28
CA PRO HA 153 -23.09 12.87 -88.03
C PRO HA 153 -21.66 13.19 -87.61
N ASP HA 154 -21.42 13.09 -86.29
CA ASP HA 154 -20.13 13.49 -85.74
C ASP HA 154 -19.00 12.62 -86.29
N GLY HA 155 -19.22 11.32 -86.43
CA GLY HA 155 -18.16 10.42 -86.86
C GLY HA 155 -17.80 10.54 -88.32
N TYR HA 156 -18.67 11.11 -89.14
CA TYR HA 156 -18.42 11.21 -90.57
C TYR HA 156 -17.61 12.43 -90.92
N GLY HA 157 -16.89 12.34 -92.04
CA GLY HA 157 -16.06 13.44 -92.50
C GLY HA 157 -16.22 13.63 -94.00
N GLU HA 158 -15.73 14.78 -94.47
CA GLU HA 158 -15.91 15.14 -95.88
C GLU HA 158 -14.82 14.50 -96.72
N VAL HA 159 -15.22 13.94 -97.86
CA VAL HA 159 -14.28 13.29 -98.78
C VAL HA 159 -14.61 13.72 -100.20
N LYS HA 160 -13.68 13.44 -101.11
CA LYS HA 160 -13.88 13.75 -102.51
C LYS HA 160 -14.92 12.81 -103.10
N PRO HA 161 -15.92 13.31 -103.82
CA PRO HA 161 -16.95 12.43 -104.38
C PRO HA 161 -16.39 11.52 -105.46
N LEU HA 162 -16.99 10.34 -105.56
CA LEU HA 162 -16.58 9.37 -106.57
C LEU HA 162 -16.93 9.85 -107.96
N SER HA 163 -16.01 9.65 -108.91
CA SER HA 163 -16.26 10.08 -110.29
C SER HA 163 -17.44 9.33 -110.91
N ASP HA 164 -17.50 8.01 -110.71
CA ASP HA 164 -18.55 7.18 -111.26
C ASP HA 164 -18.97 6.18 -110.18
N GLY HA 165 -20.08 6.46 -109.51
CA GLY HA 165 -20.58 5.56 -108.49
C GLY HA 165 -21.97 5.03 -108.76
N ILE HA 166 -22.61 5.55 -109.81
CA ILE HA 166 -23.98 5.17 -110.16
C ILE HA 166 -24.06 4.94 -111.66
N ARG HA 167 -24.90 3.98 -112.04
CA ARG HA 167 -25.16 3.72 -113.45
C ARG HA 167 -25.94 4.87 -114.07
N LEU HA 168 -25.61 5.21 -115.32
CA LEU HA 168 -26.22 6.35 -116.00
C LEU HA 168 -27.10 5.86 -117.14
N PRO HA 169 -28.42 5.81 -116.95
CA PRO HA 169 -29.31 5.37 -118.04
C PRO HA 169 -29.88 6.53 -118.84
N GLY HA 170 -30.20 6.21 -120.09
CA GLY HA 170 -30.88 7.17 -120.96
C GLY HA 170 -30.08 8.41 -121.28
N GLY HA 171 -28.78 8.28 -121.50
CA GLY HA 171 -27.96 9.40 -121.92
C GLY HA 171 -27.92 10.55 -120.93
N PHE HA 172 -27.76 10.24 -119.64
CA PHE HA 172 -27.71 11.28 -118.64
C PHE HA 172 -26.26 11.69 -118.36
N SER HA 173 -26.12 12.89 -117.80
CA SER HA 173 -24.83 13.38 -117.30
C SER HA 173 -25.00 13.75 -115.83
N VAL HA 174 -23.98 13.46 -115.04
CA VAL HA 174 -24.05 13.62 -113.59
C VAL HA 174 -22.87 14.46 -113.12
N THR HA 175 -23.15 15.47 -112.31
CA THR HA 175 -22.13 16.31 -111.70
C THR HA 175 -22.13 16.08 -110.20
N PRO HA 176 -21.07 15.51 -109.63
CA PRO HA 176 -21.03 15.34 -108.17
C PRO HA 176 -21.00 16.67 -107.44
N LEU HA 177 -21.53 16.65 -106.22
CA LEU HA 177 -21.60 17.84 -105.42
C LEU HA 177 -20.83 17.61 -104.13
N LYS HA 178 -21.35 16.80 -103.23
CA LYS HA 178 -20.69 16.55 -101.97
C LYS HA 178 -20.64 15.08 -101.59
N ALA HA 179 -19.66 14.66 -100.81
CA ALA HA 179 -19.56 13.31 -100.34
C ALA HA 179 -19.07 13.27 -98.96
N TRP HA 180 -19.45 12.24 -98.23
CA TRP HA 180 -19.04 12.08 -96.86
C TRP HA 180 -18.80 10.65 -96.75
N ALA HA 181 -18.06 10.24 -95.75
CA ALA HA 181 -17.68 8.85 -95.58
C ALA HA 181 -17.39 8.56 -94.12
N GLY HA 182 -17.80 7.37 -93.68
CA GLY HA 182 -17.49 6.93 -92.33
C GLY HA 182 -16.49 5.78 -92.34
N ASP HA 183 -16.87 4.64 -91.76
CA ASP HA 183 -15.97 3.49 -91.68
C ASP HA 183 -16.40 2.37 -92.63
N GLN HA 184 -17.65 1.95 -92.58
CA GLN HA 184 -18.16 0.92 -93.47
C GLN HA 184 -19.17 1.45 -94.49
N LEU HA 185 -19.55 2.72 -94.39
CA LEU HA 185 -20.55 3.29 -95.29
C LEU HA 185 -20.05 4.63 -95.83
N ARG HA 186 -20.49 5.02 -97.02
CA ARG HA 186 -20.06 6.26 -97.65
C ARG HA 186 -21.14 6.95 -98.48
N ALA HA 187 -21.61 8.12 -98.07
CA ALA HA 187 -22.65 8.88 -98.78
C ALA HA 187 -22.21 9.92 -99.78
N ASP HA 188 -22.85 10.02 -100.92
CA ASP HA 188 -22.54 11.02 -101.90
C ASP HA 188 -23.79 11.62 -102.51
N ARG HA 189 -23.75 12.85 -103.03
CA ARG HA 189 -24.89 13.46 -103.72
C ARG HA 189 -24.56 13.75 -105.16
N TYR HA 190 -25.43 13.37 -106.09
CA TYR HA 190 -25.19 13.53 -107.51
C TYR HA 190 -26.31 14.35 -108.13
N GLU HA 191 -25.93 15.34 -108.94
CA GLU HA 191 -26.88 16.18 -109.65
C GLU HA 191 -27.11 15.55 -111.02
N LEU HA 192 -28.36 15.33 -111.37
CA LEU HA 192 -28.66 14.62 -112.61
C LEU HA 192 -29.30 15.55 -113.57
N ARG HA 193 -28.84 15.54 -114.80
CA ARG HA 193 -29.46 16.37 -115.79
C ARG HA 193 -30.04 15.52 -116.88
N ASN HA 194 -31.30 15.75 -117.21
CA ASN HA 194 -31.90 15.04 -118.32
C ASN HA 194 -31.52 15.84 -119.54
N ALA HA 195 -30.90 15.19 -120.52
CA ALA HA 195 -30.49 15.87 -121.71
C ALA HA 195 -31.35 15.59 -122.93
N ASN HA 196 -32.15 14.52 -122.88
CA ASN HA 196 -32.92 14.15 -124.07
C ASN HA 196 -34.24 14.87 -124.23
N THR HA 197 -34.58 15.72 -123.27
CA THR HA 197 -35.84 16.48 -123.35
C THR HA 197 -37.05 15.74 -123.93
N TRP HA 198 -37.36 14.58 -123.40
CA TRP HA 198 -38.50 13.83 -123.88
C TRP HA 198 -39.31 13.14 -122.79
N GLY HA 199 -38.96 13.37 -121.53
CA GLY HA 199 -39.69 12.76 -120.42
C GLY HA 199 -39.16 11.37 -120.10
N VAL HA 200 -38.56 11.20 -118.92
CA VAL HA 200 -37.98 9.92 -118.53
C VAL HA 200 -38.44 9.52 -117.14
N ALA HA 201 -39.08 8.36 -117.02
CA ALA HA 201 -39.50 7.87 -115.72
C ALA HA 201 -38.30 7.53 -114.85
N LEU HA 202 -38.40 7.79 -113.55
CA LEU HA 202 -37.26 7.56 -112.67
C LEU HA 202 -37.42 6.41 -111.71
N ARG HA 203 -36.48 5.47 -111.72
CA ARG HA 203 -36.51 4.35 -110.79
C ARG HA 203 -35.16 4.24 -110.11
N GLU HA 204 -35.15 4.16 -108.79
CA GLU HA 204 -33.90 4.07 -108.04
C GLU HA 204 -33.14 2.82 -108.47
N GLN HA 205 -33.83 1.78 -108.87
CA GLN HA 205 -33.21 0.53 -109.26
C GLN HA 205 -32.42 0.61 -110.53
N ASP HA 206 -32.68 1.61 -111.34
CA ASP HA 206 -31.95 1.78 -112.56
C ASP HA 206 -30.65 2.50 -112.43
N PHE HA 207 -30.27 2.89 -111.22
CA PHE HA 207 -29.04 3.57 -110.98
C PHE HA 207 -28.16 2.66 -110.15
N TRP HA 208 -28.62 1.45 -109.87
CA TRP HA 208 -27.85 0.53 -109.04
C TRP HA 208 -26.54 0.03 -109.61
N LYS HA 209 -25.50 -0.02 -108.80
CA LYS HA 209 -24.21 -0.54 -109.23
C LYS HA 209 -23.70 -1.45 -108.13
N PRO HA 210 -22.83 -2.42 -108.46
CA PRO HA 210 -22.25 -3.25 -107.39
C PRO HA 210 -21.59 -2.40 -106.32
N GLY HA 211 -22.18 -2.31 -105.13
CA GLY HA 211 -21.64 -1.47 -104.08
C GLY HA 211 -22.57 -0.37 -103.66
N VAL HA 212 -23.56 -0.02 -104.49
CA VAL HA 212 -24.54 1.00 -104.17
C VAL HA 212 -25.47 0.34 -103.24
N ARG HA 213 -25.51 0.82 -102.03
CA ARG HA 213 -26.32 0.17 -100.99
C ARG HA 213 -27.72 0.72 -100.89
N ALA HA 214 -27.93 2.01 -101.18
CA ALA HA 214 -29.24 2.62 -101.10
C ALA HA 214 -29.27 3.87 -101.97
N VAL HA 215 -30.46 4.16 -102.52
CA VAL HA 215 -30.67 5.32 -103.38
C VAL HA 215 -31.96 6.01 -102.94
N MET HA 216 -31.90 7.34 -102.82
CA MET HA 216 -33.08 8.13 -102.48
C MET HA 216 -33.14 9.35 -103.39
N PHE HA 217 -34.33 9.66 -103.86
CA PHE HA 217 -34.60 10.90 -104.59
C PHE HA 217 -35.09 11.95 -103.62
N ASP HA 218 -34.41 13.10 -103.59
CA ASP HA 218 -34.78 14.16 -102.66
C ASP HA 218 -36.18 14.69 -102.93
N ASN HA 219 -36.53 14.88 -104.19
CA ASN HA 219 -37.89 15.25 -104.50
C ASN HA 219 -38.54 13.91 -104.76
N ASN HA 220 -39.82 13.75 -104.48
CA ASN HA 220 -40.43 12.44 -104.63
C ASN HA 220 -40.33 12.04 -106.07
N ALA HA 221 -40.52 12.99 -106.98
CA ALA HA 221 -40.30 12.70 -108.40
C ALA HA 221 -41.12 11.59 -109.02
N GLN HA 222 -40.50 10.51 -109.49
CA GLN HA 222 -41.19 9.43 -110.24
C GLN HA 222 -41.15 9.79 -111.71
N THR HA 223 -40.80 11.04 -112.04
CA THR HA 223 -40.75 11.48 -113.43
C THR HA 223 -39.65 12.50 -113.48
N LEU HA 224 -39.07 12.72 -114.65
CA LEU HA 224 -38.06 13.75 -114.78
C LEU HA 224 -38.40 14.56 -116.01
N MET HA 225 -38.62 15.86 -115.82
CA MET HA 225 -38.98 16.72 -116.94
C MET HA 225 -37.83 16.84 -117.92
N GLY HA 226 -38.08 17.38 -119.11
CA GLY HA 226 -37.04 17.40 -120.12
C GLY HA 226 -35.78 18.13 -119.71
N GLY HA 227 -35.89 19.25 -119.03
CA GLY HA 227 -34.69 19.89 -118.51
C GLY HA 227 -34.71 19.68 -117.03
N GLY HA 228 -33.88 18.78 -116.50
CA GLY HA 228 -33.92 18.48 -115.08
C GLY HA 228 -32.61 18.67 -114.35
N ARG HA 229 -32.61 19.49 -113.29
CA ARG HA 229 -31.40 19.73 -112.51
C ARG HA 229 -31.40 18.98 -111.18
N MET HA 230 -32.30 18.01 -111.02
CA MET HA 230 -32.45 17.31 -109.74
C MET HA 230 -31.24 16.62 -109.10
N THR HA 231 -31.42 16.07 -107.91
CA THR HA 231 -30.33 15.44 -107.17
C THR HA 231 -30.69 14.07 -106.62
N VAL HA 232 -29.67 13.27 -106.33
CA VAL HA 232 -29.89 11.94 -105.77
C VAL HA 232 -28.81 11.65 -104.74
N THR HA 233 -29.17 11.03 -103.64
CA THR HA 233 -28.19 10.67 -102.64
C THR HA 233 -27.99 9.18 -102.63
N VAL HA 234 -26.74 8.73 -102.80
CA VAL HA 234 -26.46 7.30 -102.78
C VAL HA 234 -25.53 6.89 -101.64
N ILE HA 235 -25.90 5.83 -100.93
CA ILE HA 235 -25.04 5.33 -99.88
C ILE HA 235 -24.39 4.11 -100.49
N ARG HA 236 -23.12 3.89 -100.19
CA ARG HA 236 -22.40 2.79 -100.75
C ARG HA 236 -21.64 2.23 -99.62
N GLY HA 237 -20.67 1.41 -99.92
CA GLY HA 237 -19.81 0.87 -98.90
C GLY HA 237 -18.42 1.43 -99.01
N ASN HA 238 -17.76 1.66 -97.89
CA ASN HA 238 -16.38 2.12 -97.95
C ASN HA 238 -15.47 0.94 -98.26
N GLY HA 239 -14.66 1.06 -99.30
CA GLY HA 239 -13.77 -0.01 -99.69
C GLY HA 239 -14.29 -0.97 -100.73
N GLU HA 240 -15.49 -0.75 -101.25
CA GLU HA 240 -15.98 -1.60 -102.32
C GLU HA 240 -15.06 -1.42 -103.52
N GLY HA 241 -14.69 -2.51 -104.18
CA GLY HA 241 -13.80 -2.43 -105.32
C GLY HA 241 -12.37 -2.81 -104.99
N GLN IA 25 14.29 -7.53 -107.68
CA GLN IA 25 14.82 -8.86 -107.48
C GLN IA 25 14.06 -9.61 -106.41
N SER IA 26 14.20 -10.93 -106.37
CA SER IA 26 13.54 -11.73 -105.35
C SER IA 26 14.75 -12.30 -104.65
N PRO IA 27 14.63 -12.54 -103.34
CA PRO IA 27 15.87 -12.99 -102.71
C PRO IA 27 16.32 -14.28 -103.33
N ALA IA 28 17.63 -14.45 -103.57
CA ALA IA 28 18.18 -15.69 -104.12
C ALA IA 28 18.11 -16.80 -103.12
N THR IA 29 17.90 -18.03 -103.58
CA THR IA 29 17.74 -19.16 -102.66
C THR IA 29 18.92 -20.12 -102.65
N ILE IA 30 19.55 -20.27 -101.50
CA ILE IA 30 20.72 -21.10 -101.42
C ILE IA 30 20.42 -22.61 -101.30
N SER IA 31 19.51 -23.03 -100.43
CA SER IA 31 19.19 -24.48 -100.22
C SER IA 31 20.39 -25.38 -99.96
N LEU IA 32 20.82 -25.48 -98.72
CA LEU IA 32 22.02 -26.24 -98.40
C LEU IA 32 21.72 -27.23 -97.33
N PRO IA 33 22.35 -28.42 -97.34
CA PRO IA 33 22.18 -29.36 -96.23
C PRO IA 33 22.84 -28.77 -95.01
N GLN IA 34 22.83 -29.44 -93.90
CA GLN IA 34 23.38 -28.84 -92.69
C GLN IA 34 24.89 -29.04 -92.57
N GLY IA 35 25.60 -28.85 -93.67
CA GLY IA 35 27.05 -28.75 -93.71
C GLY IA 35 27.46 -27.86 -94.86
N GLY IA 36 26.48 -27.19 -95.45
CA GLY IA 36 26.64 -26.66 -96.79
C GLY IA 36 27.79 -25.68 -96.92
N GLN IA 37 28.35 -25.64 -98.12
CA GLN IA 37 29.43 -24.70 -98.38
C GLN IA 37 29.08 -24.03 -99.69
N PHE IA 38 28.48 -22.84 -99.61
CA PHE IA 38 28.08 -22.15 -100.81
C PHE IA 38 28.91 -20.91 -101.02
N ARG IA 39 29.47 -20.75 -102.22
CA ARG IA 39 30.23 -19.55 -102.50
C ARG IA 39 29.28 -18.50 -103.04
N LEU IA 40 29.14 -17.40 -102.30
CA LEU IA 40 28.22 -16.35 -102.71
C LEU IA 40 28.85 -14.98 -102.69
N SER IA 41 28.45 -14.11 -103.60
CA SER IA 41 28.96 -12.74 -103.62
C SER IA 41 28.44 -11.93 -102.46
N ILE IA 42 29.28 -11.06 -101.91
CA ILE IA 42 28.86 -10.20 -100.82
C ILE IA 42 29.36 -8.82 -101.20
N SER IA 43 28.73 -7.77 -100.68
CA SER IA 43 29.11 -6.42 -101.05
C SER IA 43 29.94 -5.73 -99.98
N ASN IA 44 31.10 -5.20 -100.36
CA ASN IA 44 31.88 -4.43 -99.39
C ASN IA 44 31.25 -3.14 -98.91
N THR IA 45 30.57 -2.43 -99.80
CA THR IA 45 29.97 -1.15 -99.46
C THR IA 45 28.67 -1.13 -98.66
N ASP IA 46 27.67 -1.89 -99.05
CA ASP IA 46 26.35 -1.81 -98.42
C ASP IA 46 25.93 -3.04 -97.66
N PRO IA 47 25.02 -2.90 -96.70
CA PRO IA 47 24.69 -4.07 -95.88
C PRO IA 47 24.10 -5.25 -96.62
N ASN IA 48 24.42 -6.48 -96.18
CA ASN IA 48 23.95 -7.68 -96.84
C ASN IA 48 23.07 -8.45 -95.87
N MET IA 49 22.09 -9.19 -96.35
CA MET IA 49 21.18 -9.93 -95.46
C MET IA 49 21.00 -11.41 -95.73
N ILE IA 50 20.93 -12.23 -94.67
CA ILE IA 50 20.69 -13.65 -94.79
C ILE IA 50 19.52 -13.99 -93.87
N PHE IA 51 18.49 -14.67 -94.39
CA PHE IA 51 17.37 -15.05 -93.53
C PHE IA 51 17.02 -16.55 -93.58
N ILE IA 52 16.52 -17.10 -92.47
CA ILE IA 52 16.09 -18.49 -92.57
C ILE IA 52 14.57 -18.53 -92.63
N PRO IA 53 13.97 -19.08 -93.67
CA PRO IA 53 12.51 -19.21 -93.69
C PRO IA 53 12.01 -20.29 -92.74
N GLY IA 54 11.96 -19.99 -91.45
CA GLY IA 54 11.46 -20.93 -90.48
C GLY IA 54 12.32 -21.02 -89.23
N ASP IA 55 13.44 -20.31 -89.22
CA ASP IA 55 14.36 -20.34 -88.10
C ASP IA 55 14.92 -18.96 -87.84
N LYS IA 56 15.40 -18.75 -86.62
CA LYS IA 56 15.94 -17.47 -86.16
C LYS IA 56 17.45 -17.59 -86.06
N VAL IA 57 18.20 -16.80 -86.82
CA VAL IA 57 19.65 -16.80 -86.73
C VAL IA 57 20.05 -16.37 -85.34
N THR IA 58 20.94 -17.12 -84.71
CA THR IA 58 21.41 -16.76 -83.39
C THR IA 58 22.84 -16.27 -83.35
N ALA IA 59 23.61 -16.55 -84.40
CA ALA IA 59 25.00 -16.16 -84.43
C ALA IA 59 25.63 -16.25 -85.78
N ILE IA 60 26.51 -15.31 -86.10
CA ILE IA 60 27.25 -15.38 -87.34
C ILE IA 60 28.70 -15.30 -86.90
N THR IA 61 29.56 -16.14 -87.45
CA THR IA 61 30.96 -16.13 -87.07
C THR IA 61 31.83 -16.05 -88.28
N ALA IA 62 32.72 -15.08 -88.29
CA ALA IA 62 33.65 -14.98 -89.37
C ALA IA 62 35.07 -14.79 -88.80
N PRO IA 63 36.13 -14.80 -89.64
CA PRO IA 63 37.50 -14.53 -89.17
C PRO IA 63 37.60 -13.14 -88.55
N GLY IA 64 38.44 -13.04 -87.52
CA GLY IA 64 38.57 -11.77 -86.82
C GLY IA 64 39.01 -10.66 -87.76
N GLY IA 65 38.35 -9.51 -87.63
CA GLY IA 65 38.65 -8.38 -88.49
C GLY IA 65 38.19 -8.52 -89.92
N MET IA 66 37.18 -9.34 -90.16
CA MET IA 66 36.65 -9.55 -91.51
C MET IA 66 35.26 -8.94 -91.69
N LEU IA 67 34.32 -9.24 -90.81
CA LEU IA 67 32.96 -8.67 -90.85
C LEU IA 67 32.84 -7.44 -89.98
N ALA IA 68 32.78 -6.26 -90.58
CA ALA IA 68 32.72 -4.99 -89.87
C ALA IA 68 31.54 -4.75 -88.97
N ASP IA 69 30.33 -5.12 -89.38
CA ASP IA 69 29.17 -5.02 -88.51
C ASP IA 69 28.25 -6.20 -88.62
N LYS IA 70 27.54 -6.51 -87.54
CA LYS IA 70 26.63 -7.66 -87.52
C LYS IA 70 25.49 -7.44 -86.56
N ARG IA 71 24.30 -7.25 -87.07
CA ARG IA 71 23.11 -7.03 -86.25
C ARG IA 71 21.99 -7.99 -86.60
N LEU IA 72 21.25 -8.45 -85.59
CA LEU IA 72 20.19 -9.41 -85.81
C LEU IA 72 18.83 -8.79 -86.07
N THR IA 73 18.24 -9.09 -87.21
CA THR IA 73 16.93 -8.58 -87.55
C THR IA 73 15.85 -9.20 -86.68
N ARG IA 74 14.76 -8.47 -86.45
CA ARG IA 74 13.67 -8.94 -85.61
C ARG IA 74 12.96 -10.17 -86.14
N ALA IA 75 12.76 -10.23 -87.44
CA ALA IA 75 12.08 -11.36 -88.03
C ALA IA 75 12.88 -12.61 -87.75
N GLY IA 76 14.20 -12.50 -87.81
CA GLY IA 76 15.03 -13.64 -87.49
C GLY IA 76 16.16 -13.66 -88.45
N GLY IA 77 16.39 -12.57 -89.15
CA GLY IA 77 17.55 -12.55 -90.02
C GLY IA 77 18.74 -11.87 -89.37
N VAL IA 78 19.78 -11.68 -90.18
CA VAL IA 78 21.01 -11.02 -89.74
C VAL IA 78 21.49 -10.11 -90.86
N LEU IA 79 21.87 -8.88 -90.49
CA LEU IA 79 22.40 -7.92 -91.46
C LEU IA 79 23.86 -7.71 -91.15
N PHE IA 80 24.69 -7.73 -92.18
CA PHE IA 80 26.12 -7.61 -91.96
C PHE IA 80 26.87 -6.81 -93.01
N THR IA 81 27.97 -6.20 -92.61
CA THR IA 81 28.78 -5.41 -93.53
C THR IA 81 30.20 -5.92 -93.50
N SER IA 82 30.83 -6.05 -94.65
CA SER IA 82 32.19 -6.50 -94.71
C SER IA 82 33.01 -5.45 -95.37
N VAL IA 83 34.14 -5.10 -94.79
CA VAL IA 83 34.94 -4.02 -95.33
C VAL IA 83 36.12 -4.58 -96.09
N ALA IA 84 36.62 -5.74 -95.64
CA ALA IA 84 37.78 -6.34 -96.27
C ALA IA 84 37.46 -6.75 -97.71
N THR IA 85 38.50 -7.26 -98.39
CA THR IA 85 38.36 -7.64 -99.79
C THR IA 85 38.65 -9.09 -100.14
N ARG IA 86 39.31 -9.83 -99.24
CA ARG IA 86 39.59 -11.26 -99.48
C ARG IA 86 38.41 -12.18 -99.33
N THR IA 87 38.39 -13.27 -100.08
CA THR IA 87 37.35 -14.26 -99.92
C THR IA 87 37.44 -14.90 -98.55
N PHE IA 88 36.32 -15.06 -97.88
CA PHE IA 88 36.33 -15.61 -96.53
C PHE IA 88 35.21 -16.57 -96.25
N THR IA 89 35.33 -17.43 -95.25
CA THR IA 89 34.20 -18.27 -94.87
C THR IA 89 33.46 -17.77 -93.66
N ILE IA 90 32.13 -17.71 -93.74
CA ILE IA 90 31.33 -17.32 -92.58
C ILE IA 90 30.39 -18.44 -92.17
N PHE IA 91 30.13 -18.59 -90.88
CA PHE IA 91 29.28 -19.66 -90.37
C PHE IA 91 28.07 -19.16 -89.68
N VAL IA 92 26.89 -19.64 -90.06
CA VAL IA 92 25.65 -19.22 -89.41
C VAL IA 92 24.99 -20.31 -88.62
N GLU IA 93 24.64 -20.00 -87.38
CA GLU IA 93 24.01 -20.98 -86.52
C GLU IA 93 22.61 -20.52 -86.16
N THR IA 94 21.60 -21.27 -86.56
CA THR IA 94 20.25 -20.94 -86.17
C THR IA 94 19.86 -21.49 -84.83
N ALA IA 95 18.83 -20.93 -84.22
CA ALA IA 95 18.40 -21.34 -82.89
C ALA IA 95 17.88 -22.75 -82.71
N ARG IA 96 17.09 -23.24 -83.66
CA ARG IA 96 16.50 -24.56 -83.53
C ARG IA 96 17.53 -25.56 -83.92
N GLY IA 97 18.79 -25.18 -83.90
CA GLY IA 97 19.80 -26.18 -84.17
C GLY IA 97 20.03 -26.36 -85.65
N GLN IA 98 21.07 -25.70 -86.15
CA GLN IA 98 21.39 -25.66 -87.57
C GLN IA 98 22.71 -24.92 -87.74
N THR IA 99 23.44 -25.27 -88.79
CA THR IA 99 24.70 -24.60 -89.10
C THR IA 99 24.93 -24.65 -90.60
N PHE IA 100 25.15 -23.49 -91.21
CA PHE IA 100 25.42 -23.39 -92.64
C PHE IA 100 26.65 -22.52 -92.85
N SER IA 101 27.51 -22.92 -93.79
CA SER IA 101 28.73 -22.20 -94.09
C SER IA 101 28.67 -21.63 -95.50
N VAL IA 102 29.01 -20.36 -95.63
CA VAL IA 102 29.06 -19.73 -96.93
C VAL IA 102 30.43 -19.11 -97.08
N VAL IA 103 30.99 -19.18 -98.26
CA VAL IA 103 32.26 -18.53 -98.51
C VAL IA 103 31.89 -17.27 -99.24
N ALA IA 104 32.18 -16.12 -98.64
CA ALA IA 104 31.77 -14.86 -99.20
C ALA IA 104 32.91 -14.06 -99.76
N THR IA 105 32.87 -13.78 -101.05
CA THR IA 105 33.88 -12.94 -101.68
C THR IA 105 33.41 -11.51 -101.92
N PRO IA 106 34.06 -10.51 -101.27
CA PRO IA 106 33.49 -9.16 -101.45
C PRO IA 106 33.65 -8.48 -102.80
N VAL IA 107 32.55 -8.03 -103.40
CA VAL IA 107 32.60 -7.34 -104.69
C VAL IA 107 31.88 -6.01 -104.59
N LYS IA 108 32.23 -5.09 -105.49
CA LYS IA 108 31.61 -3.77 -105.48
C LYS IA 108 30.18 -3.84 -105.99
N GLY IA 109 29.24 -3.27 -105.24
CA GLY IA 109 27.86 -3.25 -105.66
C GLY IA 109 26.81 -3.10 -104.58
N GLU IA 110 25.57 -3.42 -104.89
CA GLU IA 110 24.47 -3.33 -103.94
C GLU IA 110 24.44 -4.45 -102.92
N GLY IA 111 23.78 -4.25 -101.80
CA GLY IA 111 23.66 -5.29 -100.80
C GLY IA 111 22.88 -6.46 -101.32
N ARG IA 112 23.26 -7.68 -100.95
CA ARG IA 112 22.60 -8.87 -101.46
C ARG IA 112 21.81 -9.61 -100.39
N VAL IA 113 20.66 -10.17 -100.76
CA VAL IA 113 19.83 -10.85 -99.79
C VAL IA 113 19.72 -12.27 -100.23
N TYR IA 114 19.95 -13.20 -99.32
CA TYR IA 114 19.88 -14.59 -99.66
C TYR IA 114 18.94 -15.30 -98.73
N ARG IA 115 18.14 -16.20 -99.28
CA ARG IA 115 17.19 -16.97 -98.50
C ARG IA 115 17.74 -18.35 -98.32
N LEU IA 116 17.85 -18.81 -97.10
CA LEU IA 116 18.49 -20.10 -96.87
C LEU IA 116 17.53 -21.22 -96.60
N MET IA 117 17.32 -22.11 -97.55
CA MET IA 117 16.45 -23.26 -97.34
C MET IA 117 17.20 -24.41 -96.72
N SER IA 118 16.61 -25.10 -95.76
CA SER IA 118 17.32 -26.15 -95.05
C SER IA 118 17.77 -27.39 -95.78
N ALA IA 119 17.03 -27.85 -96.77
CA ALA IA 119 17.34 -29.12 -97.46
C ALA IA 119 17.21 -30.33 -96.57
N GLU IA 120 17.61 -30.23 -95.31
CA GLU IA 120 17.39 -31.32 -94.36
C GLU IA 120 16.61 -30.68 -93.26
N PRO IA 121 15.36 -31.08 -93.07
CA PRO IA 121 14.52 -30.42 -92.08
C PRO IA 121 15.02 -30.51 -90.65
N PRO IA 122 14.86 -29.45 -89.87
CA PRO IA 122 15.30 -29.42 -88.48
C PRO IA 122 14.43 -30.16 -87.50
N SER IA 123 14.99 -30.66 -86.41
CA SER IA 123 14.19 -31.28 -85.39
C SER IA 123 13.41 -30.23 -84.64
N ARG IA 124 12.12 -30.41 -84.50
CA ARG IA 124 11.32 -29.41 -83.84
C ARG IA 124 10.61 -30.12 -82.71
N PRO IA 125 11.22 -30.15 -81.53
CA PRO IA 125 10.64 -30.84 -80.38
C PRO IA 125 9.33 -30.26 -79.91
N GLU IA 126 9.18 -28.94 -79.93
CA GLU IA 126 7.97 -28.31 -79.45
C GLU IA 126 6.80 -28.58 -80.36
N THR IA 127 7.03 -29.04 -81.59
CA THR IA 127 5.94 -29.36 -82.55
C THR IA 127 5.39 -30.78 -82.41
N ARG IA 128 6.19 -31.71 -81.94
CA ARG IA 128 5.76 -33.07 -81.73
C ARG IA 128 4.64 -33.10 -80.72
N LYS IA 129 4.72 -32.24 -79.72
CA LYS IA 129 3.70 -32.23 -78.70
C LYS IA 129 2.34 -31.89 -79.27
N TRP IA 130 2.28 -30.95 -80.20
CA TRP IA 130 1.01 -30.63 -80.84
C TRP IA 130 0.68 -31.72 -81.82
N GLU IA 131 1.70 -32.27 -82.44
CA GLU IA 131 1.46 -33.27 -83.48
C GLU IA 131 0.80 -34.52 -82.91
N THR IA 132 1.28 -34.99 -81.77
CA THR IA 132 0.80 -36.25 -81.21
C THR IA 132 -0.40 -36.08 -80.27
N ALA IA 133 -0.73 -34.86 -79.87
CA ALA IA 133 -1.84 -34.66 -78.94
C ALA IA 133 -3.17 -35.02 -79.56
N GLN IA 134 -3.27 -34.85 -80.88
CA GLN IA 134 -4.49 -35.16 -81.62
C GLN IA 134 -4.47 -36.48 -82.38
N ALA IA 135 -5.61 -36.87 -82.95
CA ALA IA 135 -5.70 -38.10 -83.72
C ALA IA 135 -5.05 -38.01 -85.07
N TYR IA 136 -4.68 -39.14 -85.62
CA TYR IA 136 -3.99 -39.15 -86.88
C TYR IA 136 -4.84 -38.61 -87.98
N GLU IA 137 -6.05 -39.08 -88.17
CA GLU IA 137 -6.84 -38.63 -89.31
C GLU IA 137 -7.16 -37.17 -89.19
N LYS IA 138 -7.34 -36.67 -87.98
CA LYS IA 138 -7.55 -35.25 -87.78
C LYS IA 138 -6.36 -34.42 -88.18
N LEU IA 139 -5.15 -34.84 -87.84
CA LEU IA 139 -3.92 -34.15 -88.20
C LEU IA 139 -3.71 -34.09 -89.68
N LEU IA 140 -3.96 -35.19 -90.36
CA LEU IA 140 -3.84 -35.22 -91.81
C LEU IA 140 -4.75 -34.19 -92.43
N ILE IA 141 -6.01 -34.17 -92.01
CA ILE IA 141 -6.97 -33.22 -92.56
C ILE IA 141 -6.52 -31.81 -92.31
N SER IA 142 -6.03 -31.54 -91.12
CA SER IA 142 -5.52 -30.23 -90.76
C SER IA 142 -4.34 -29.75 -91.56
N LEU IA 143 -3.36 -30.58 -91.82
CA LEU IA 143 -2.25 -30.18 -92.65
C LEU IA 143 -2.67 -29.94 -94.04
N ASN IA 144 -3.52 -30.81 -94.55
CA ASN IA 144 -4.02 -30.67 -95.90
C ASN IA 144 -4.87 -29.44 -96.08
N ARG IA 145 -5.69 -29.09 -95.10
CA ARG IA 145 -6.45 -27.87 -95.20
C ARG IA 145 -5.55 -26.69 -95.20
N ALA IA 146 -4.54 -26.66 -94.33
CA ALA IA 146 -3.67 -25.53 -94.21
C ALA IA 146 -2.89 -25.26 -95.44
N VAL IA 147 -2.38 -26.27 -96.08
CA VAL IA 147 -1.67 -26.09 -97.31
C VAL IA 147 -2.60 -25.57 -98.37
N LEU IA 148 -3.83 -26.06 -98.38
CA LEU IA 148 -4.77 -25.68 -99.40
C LEU IA 148 -5.23 -24.29 -99.14
N THR IA 149 -5.55 -23.96 -97.89
CA THR IA 149 -6.07 -22.63 -97.58
C THR IA 149 -4.98 -21.58 -97.44
N GLY IA 150 -3.72 -21.98 -97.53
CA GLY IA 150 -2.62 -21.02 -97.50
C GLY IA 150 -2.13 -20.51 -96.15
N ASP IA 151 -2.65 -21.06 -95.05
CA ASP IA 151 -2.15 -20.65 -93.74
C ASP IA 151 -1.35 -21.79 -93.15
N ILE IA 152 -0.14 -21.52 -92.69
CA ILE IA 152 0.71 -22.61 -92.22
C ILE IA 152 0.72 -22.77 -90.68
N PRO IA 153 0.66 -24.03 -90.15
CA PRO IA 153 0.67 -24.13 -88.68
C PRO IA 153 1.93 -23.49 -88.10
N ASP IA 154 1.83 -23.07 -86.85
CA ASP IA 154 2.91 -22.33 -86.21
C ASP IA 154 4.17 -23.18 -86.09
N GLY IA 155 4.03 -24.46 -85.76
CA GLY IA 155 5.19 -25.30 -85.53
C GLY IA 155 5.92 -25.70 -86.79
N TYR IA 156 5.28 -25.59 -87.95
CA TYR IA 156 5.90 -26.02 -89.20
C TYR IA 156 6.74 -24.92 -89.80
N GLY IA 157 7.73 -25.32 -90.59
CA GLY IA 157 8.62 -24.39 -91.25
C GLY IA 157 8.86 -24.79 -92.69
N GLU IA 158 9.42 -23.86 -93.45
CA GLU IA 158 9.62 -24.07 -94.88
C GLU IA 158 10.90 -24.83 -95.14
N VAL IA 159 10.84 -25.83 -96.02
CA VAL IA 159 12.00 -26.64 -96.35
C VAL IA 159 12.05 -26.83 -97.87
N LYS IA 160 13.19 -27.30 -98.34
CA LYS IA 160 13.36 -27.58 -99.76
C LYS IA 160 12.54 -28.79 -100.15
N PRO IA 161 11.75 -28.72 -101.22
CA PRO IA 161 10.93 -29.87 -101.62
C PRO IA 161 11.78 -31.05 -102.08
N LEU IA 162 11.26 -32.25 -101.85
CA LEU IA 162 11.95 -33.47 -102.26
C LEU IA 162 11.96 -33.59 -103.78
N SER IA 163 13.10 -34.01 -104.32
CA SER IA 163 13.22 -34.17 -105.76
C SER IA 163 12.27 -35.24 -106.30
N ASP IA 164 12.19 -36.38 -105.61
CA ASP IA 164 11.34 -37.48 -106.02
C ASP IA 164 10.68 -38.06 -104.76
N GLY IA 165 9.42 -37.69 -104.54
CA GLY IA 165 8.69 -38.18 -103.39
C GLY IA 165 7.44 -38.95 -103.75
N ILE IA 166 7.08 -38.94 -105.04
CA ILE IA 166 5.87 -39.62 -105.51
C ILE IA 166 6.20 -40.39 -106.78
N ARG IA 167 5.51 -41.52 -106.93
CA ARG IA 167 5.64 -42.32 -108.15
C ARG IA 167 5.02 -41.60 -109.33
N LEU IA 168 5.66 -41.71 -110.49
CA LEU IA 168 5.23 -41.00 -111.69
C LEU IA 168 4.68 -41.98 -112.72
N PRO IA 169 3.37 -42.14 -112.83
CA PRO IA 169 2.81 -43.05 -113.83
C PRO IA 169 2.45 -42.37 -115.14
N GLY IA 170 2.47 -43.16 -116.20
CA GLY IA 170 2.02 -42.70 -117.51
C GLY IA 170 2.84 -41.58 -118.10
N GLY IA 171 4.16 -41.62 -117.94
CA GLY IA 171 5.03 -40.64 -118.57
C GLY IA 171 4.78 -39.21 -118.14
N PHE IA 172 4.60 -38.99 -116.83
CA PHE IA 172 4.36 -37.65 -116.34
C PHE IA 172 5.67 -36.98 -115.91
N SER IA 173 5.63 -35.65 -115.85
CA SER IA 173 6.72 -34.86 -115.31
C SER IA 173 6.16 -33.99 -114.19
N VAL IA 174 6.94 -33.82 -113.12
CA VAL IA 174 6.49 -33.15 -111.92
C VAL IA 174 7.48 -32.05 -111.57
N THR IA 175 6.97 -30.85 -111.30
CA THR IA 175 7.77 -29.72 -110.85
C THR IA 175 7.39 -29.37 -109.43
N PRO IA 176 8.27 -29.53 -108.45
CA PRO IA 176 7.93 -29.15 -107.08
C PRO IA 176 7.72 -27.65 -106.95
N LEU IA 177 6.89 -27.29 -105.99
CA LEU IA 177 6.58 -25.89 -105.75
C LEU IA 177 7.00 -25.52 -104.34
N LYS IA 178 6.27 -26.00 -103.34
CA LYS IA 178 6.59 -25.67 -101.96
C LYS IA 178 6.57 -26.87 -101.05
N ALA IA 179 7.32 -26.83 -99.95
CA ALA IA 179 7.32 -27.89 -98.98
C ALA IA 179 7.44 -27.35 -97.62
N TRP IA 180 6.90 -28.06 -96.65
CA TRP IA 180 6.93 -27.64 -95.27
C TRP IA 180 7.18 -28.89 -94.55
N ALA IA 181 7.64 -28.80 -93.35
CA ALA IA 181 7.99 -29.96 -92.55
C ALA IA 181 7.89 -29.64 -91.07
N GLY IA 182 7.42 -30.61 -90.29
CA GLY IA 182 7.37 -30.49 -88.86
C GLY IA 182 8.36 -31.41 -88.18
N ASP IA 183 7.87 -32.28 -87.30
CA ASP IA 183 8.74 -33.20 -86.57
C ASP IA 183 8.61 -34.63 -87.06
N GLN IA 184 7.40 -35.17 -87.14
CA GLN IA 184 7.18 -36.51 -87.65
C GLN IA 184 6.46 -36.53 -89.00
N LEU IA 185 6.03 -35.38 -89.51
CA LEU IA 185 5.29 -35.32 -90.75
C LEU IA 185 5.89 -34.23 -91.65
N ARG IA 186 5.77 -34.37 -92.97
CA ARG IA 186 6.31 -33.42 -93.92
C ARG IA 186 5.47 -33.24 -95.18
N ALA IA 187 4.88 -32.06 -95.39
CA ALA IA 187 4.04 -31.77 -96.56
C ALA IA 187 4.71 -31.13 -97.76
N ASP IA 188 4.39 -31.54 -98.96
CA ASP IA 188 4.93 -30.95 -100.16
C ASP IA 188 3.86 -30.79 -101.22
N ARG IA 189 4.01 -29.85 -102.17
CA ARG IA 189 3.07 -29.70 -103.29
C ARG IA 189 3.77 -29.92 -104.60
N TYR IA 190 3.19 -30.73 -105.47
CA TYR IA 190 3.79 -31.10 -106.75
C TYR IA 190 2.85 -30.72 -107.89
N GLU IA 191 3.40 -30.06 -108.90
CA GLU IA 191 2.65 -29.68 -110.09
C GLU IA 191 2.82 -30.80 -111.12
N LEU IA 192 1.71 -31.29 -111.63
CA LEU IA 192 1.76 -32.45 -112.51
C LEU IA 192 1.37 -32.02 -113.88
N ARG IA 193 2.15 -32.44 -114.87
CA ARG IA 193 1.79 -32.13 -116.22
C ARG IA 193 1.54 -33.39 -117.00
N ASN IA 194 0.41 -33.47 -117.67
CA ASN IA 194 0.13 -34.61 -118.51
C ASN IA 194 0.81 -34.28 -119.83
N ALA IA 195 1.67 -35.17 -120.29
CA ALA IA 195 2.37 -34.94 -121.53
C ALA IA 195 1.87 -35.77 -122.70
N ASN IA 196 1.11 -36.83 -122.42
CA ASN IA 196 0.70 -37.72 -123.51
C ASN IA 196 -0.55 -37.28 -124.25
N THR IA 197 -1.16 -36.18 -123.81
CA THR IA 197 -2.37 -35.68 -124.47
C THR IA 197 -3.36 -36.73 -124.98
N TRP IA 198 -3.77 -37.64 -124.11
CA TRP IA 198 -4.73 -38.65 -124.51
C TRP IA 198 -5.78 -38.98 -123.45
N GLY IA 199 -5.78 -38.24 -122.35
CA GLY IA 199 -6.76 -38.49 -121.29
C GLY IA 199 -6.30 -39.57 -120.33
N VAL IA 200 -6.03 -39.21 -119.08
CA VAL IA 200 -5.54 -40.17 -118.11
C VAL IA 200 -6.34 -40.07 -116.81
N ALA IA 201 -6.95 -41.17 -116.39
CA ALA IA 201 -7.70 -41.18 -115.14
C ALA IA 201 -6.76 -41.02 -113.95
N LEU IA 202 -7.21 -40.31 -112.93
CA LEU IA 202 -6.33 -40.04 -111.79
C LEU IA 202 -6.71 -40.76 -110.51
N ARG IA 203 -5.78 -41.51 -109.94
CA ARG IA 203 -6.03 -42.19 -108.67
C ARG IA 203 -4.90 -41.87 -107.70
N GLU IA 204 -5.24 -41.44 -106.50
CA GLU IA 204 -4.23 -41.09 -105.51
C GLU IA 204 -3.35 -42.29 -105.23
N GLN IA 205 -3.88 -43.50 -105.33
CA GLN IA 205 -3.14 -44.72 -105.04
C GLN IA 205 -2.06 -45.00 -106.01
N ASP IA 206 -2.12 -44.43 -107.18
CA ASP IA 206 -1.09 -44.63 -108.17
C ASP IA 206 0.11 -43.76 -108.03
N PHE IA 207 0.14 -42.90 -107.03
CA PHE IA 207 1.24 -42.03 -106.79
C PHE IA 207 1.90 -42.44 -105.49
N TRP IA 208 1.42 -43.51 -104.88
CA TRP IA 208 1.95 -43.94 -103.58
C TRP IA 208 3.39 -44.45 -103.60
N LYS IA 209 4.18 -44.06 -102.61
CA LYS IA 209 5.55 -44.54 -102.49
C LYS IA 209 5.78 -44.89 -101.02
N PRO IA 210 6.72 -45.79 -100.73
CA PRO IA 210 7.02 -46.08 -99.33
C PRO IA 210 7.35 -44.81 -98.55
N GLY IA 211 6.47 -44.37 -97.67
CA GLY IA 211 6.68 -43.13 -96.94
C GLY IA 211 5.65 -42.08 -97.23
N VAL IA 212 4.91 -42.19 -98.33
CA VAL IA 212 3.86 -41.27 -98.68
C VAL IA 212 2.72 -41.64 -97.80
N ARG IA 213 2.35 -40.76 -96.93
CA ARG IA 213 1.32 -41.06 -95.94
C ARG IA 213 -0.08 -40.69 -96.40
N ALA IA 214 -0.22 -39.65 -97.21
CA ALA IA 214 -1.53 -39.23 -97.69
C ALA IA 214 -1.36 -38.41 -98.96
N VAL IA 215 -2.37 -38.50 -99.84
CA VAL IA 215 -2.37 -37.79 -101.11
C VAL IA 215 -3.75 -37.14 -101.29
N MET IA 216 -3.76 -35.87 -101.69
CA MET IA 216 -5.01 -35.17 -101.98
C MET IA 216 -4.86 -34.40 -103.28
N PHE IA 217 -5.89 -34.44 -104.11
CA PHE IA 217 -5.98 -33.62 -105.31
C PHE IA 217 -6.75 -32.34 -104.97
N ASP IA 218 -6.13 -31.19 -105.25
CA ASP IA 218 -6.76 -29.91 -104.92
C ASP IA 218 -8.04 -29.71 -105.70
N ASN IA 219 -8.05 -30.05 -106.97
CA ASN IA 219 -9.29 -30.00 -107.72
C ASN IA 219 -9.82 -31.41 -107.57
N ASN IA 220 -11.13 -31.61 -107.55
CA ASN IA 220 -11.64 -32.95 -107.30
C ASN IA 220 -11.15 -33.85 -108.42
N ALA IA 221 -11.11 -33.35 -109.64
CA ALA IA 221 -10.52 -34.11 -110.73
C ALA IA 221 -11.12 -35.47 -111.03
N GLN IA 222 -10.37 -36.56 -110.89
CA GLN IA 222 -10.81 -37.91 -111.28
C GLN IA 222 -10.40 -38.14 -112.73
N THR IA 223 -10.00 -37.07 -113.43
CA THR IA 223 -9.60 -37.17 -114.83
C THR IA 223 -8.54 -36.12 -115.01
N LEU IA 224 -7.68 -36.28 -116.00
CA LEU IA 224 -6.70 -35.26 -116.29
C LEU IA 224 -6.73 -35.02 -117.78
N MET IA 225 -7.03 -33.78 -118.18
CA MET IA 225 -7.10 -33.45 -119.60
C MET IA 225 -5.73 -33.56 -120.25
N GLY IA 226 -5.67 -33.55 -121.57
CA GLY IA 226 -4.40 -33.77 -122.25
C GLY IA 226 -3.31 -32.80 -121.87
N GLY IA 227 -3.63 -31.52 -121.74
CA GLY IA 227 -2.63 -30.59 -121.25
C GLY IA 227 -3.04 -30.22 -119.85
N GLY IA 228 -2.34 -30.75 -118.84
CA GLY IA 228 -2.75 -30.50 -117.46
C GLY IA 228 -1.69 -29.88 -116.59
N ARG IA 229 -1.98 -28.74 -115.97
CA ARG IA 229 -1.04 -28.07 -115.08
C ARG IA 229 -1.38 -28.25 -113.61
N MET IA 230 -2.26 -29.20 -113.29
CA MET IA 230 -2.72 -29.39 -111.91
C MET IA 230 -1.70 -29.63 -110.79
N THR IA 231 -2.17 -29.71 -109.56
CA THR IA 231 -1.31 -29.86 -108.39
C THR IA 231 -1.76 -30.96 -107.45
N VAL IA 232 -0.84 -31.46 -106.63
CA VAL IA 232 -1.17 -32.50 -105.67
C VAL IA 232 -0.39 -32.24 -104.39
N THR IA 233 -1.01 -32.44 -103.25
CA THR IA 233 -0.32 -32.27 -101.99
C THR IA 233 -0.09 -33.62 -101.34
N VAL IA 234 1.17 -33.93 -101.03
CA VAL IA 234 1.47 -35.20 -100.38
C VAL IA 234 2.08 -35.04 -99.00
N ILE IA 235 1.56 -35.79 -98.03
CA ILE IA 235 2.12 -35.75 -96.69
C ILE IA 235 2.94 -37.01 -96.59
N ARG IA 236 4.10 -36.94 -95.95
CA ARG IA 236 4.97 -38.06 -95.85
C ARG IA 236 5.41 -38.05 -94.44
N GLY IA 237 6.45 -38.80 -94.17
CA GLY IA 237 7.02 -38.80 -92.83
C GLY IA 237 8.38 -38.16 -92.84
N ASN IA 238 8.72 -37.44 -91.78
CA ASN IA 238 10.05 -36.88 -91.70
C ASN IA 238 11.04 -37.95 -91.29
N GLY IA 239 12.09 -38.12 -92.08
CA GLY IA 239 13.07 -39.14 -91.79
C GLY IA 239 12.88 -40.49 -92.44
N GLU IA 240 11.86 -40.63 -93.28
CA GLU IA 240 11.68 -41.87 -94.01
C GLU IA 240 12.88 -42.03 -94.93
N GLY IA 241 13.44 -43.24 -95.00
CA GLY IA 241 14.60 -43.47 -95.84
C GLY IA 241 15.90 -43.53 -95.05
N GLN JA 25 42.43 -45.47 -89.38
CA GLN JA 25 42.93 -46.55 -88.56
C GLN JA 25 41.93 -46.93 -87.47
N SER JA 26 42.09 -48.11 -86.90
CA SER JA 26 41.21 -48.55 -85.82
C SER JA 26 42.19 -48.64 -84.69
N PRO JA 27 41.75 -48.40 -83.46
CA PRO JA 27 42.78 -48.42 -82.44
C PRO JA 27 43.42 -49.78 -82.37
N ALA JA 28 44.75 -49.85 -82.20
CA ALA JA 28 45.45 -51.13 -82.09
C ALA JA 28 45.16 -51.78 -80.76
N THR JA 29 45.10 -53.11 -80.73
CA THR JA 29 44.73 -53.82 -79.51
C THR JA 29 45.89 -54.55 -78.85
N ILE JA 30 46.20 -54.18 -77.63
CA ILE JA 30 47.32 -54.76 -76.94
C ILE JA 30 47.05 -56.14 -76.33
N SER JA 31 45.95 -56.32 -75.59
CA SER JA 31 45.62 -57.61 -74.90
C SER JA 31 46.73 -58.19 -74.04
N LEU JA 32 46.83 -57.76 -72.79
CA LEU JA 32 47.92 -58.19 -71.93
C LEU JA 32 47.37 -58.73 -70.66
N PRO JA 33 48.01 -59.75 -70.06
CA PRO JA 33 47.58 -60.22 -68.74
C PRO JA 33 47.88 -59.14 -67.74
N GLN JA 34 47.59 -59.34 -66.47
CA GLN JA 34 47.79 -58.26 -65.50
C GLN JA 34 49.21 -58.21 -64.98
N GLY JA 35 50.19 -58.35 -65.87
CA GLY JA 35 51.58 -58.10 -65.60
C GLY JA 35 52.26 -57.65 -66.88
N GLY JA 36 51.46 -57.39 -67.90
CA GLY JA 36 51.95 -57.37 -69.26
C GLY JA 36 53.07 -56.38 -69.50
N GLN JA 37 53.93 -56.72 -70.45
CA GLN JA 37 55.02 -55.82 -70.80
C GLN JA 37 55.01 -55.74 -72.31
N PHE JA 38 54.38 -54.69 -72.85
CA PHE JA 38 54.29 -54.56 -74.28
C PHE JA 38 55.12 -53.40 -74.77
N ARG JA 39 55.96 -53.63 -75.76
CA ARG JA 39 56.75 -52.54 -76.30
C ARG JA 39 55.94 -51.89 -77.42
N LEU JA 40 55.59 -50.63 -77.24
CA LEU JA 40 54.77 -49.93 -78.23
C LEU JA 40 55.34 -48.57 -78.60
N SER JA 41 55.18 -48.18 -79.86
CA SER JA 41 55.64 -46.86 -80.28
C SER JA 41 54.81 -45.75 -79.69
N ILE JA 42 55.45 -44.64 -79.36
CA ILE JA 42 54.74 -43.50 -78.82
C ILE JA 42 55.28 -42.30 -79.60
N SER JA 43 54.51 -41.23 -79.69
CA SER JA 43 54.94 -40.07 -80.47
C SER JA 43 55.44 -38.94 -79.60
N ASN JA 44 56.65 -38.45 -79.87
CA ASN JA 44 57.12 -37.28 -79.13
C ASN JA 44 56.36 -35.99 -79.37
N THR JA 45 55.92 -35.76 -80.59
CA THR JA 45 55.21 -34.54 -80.93
C THR JA 45 53.75 -34.38 -80.53
N ASP JA 46 52.91 -35.36 -80.82
CA ASP JA 46 51.46 -35.21 -80.59
C ASP JA 46 50.89 -36.11 -79.53
N PRO JA 47 49.75 -35.73 -78.95
CA PRO JA 47 49.25 -36.54 -77.83
C PRO JA 47 48.92 -37.98 -78.16
N ASN JA 48 49.13 -38.90 -77.21
CA ASN JA 48 48.88 -40.31 -77.44
C ASN JA 48 47.80 -40.76 -76.46
N MET JA 49 47.00 -41.76 -76.83
CA MET JA 49 45.91 -42.22 -75.97
C MET JA 49 45.85 -43.70 -75.65
N ILE JA 50 45.52 -44.06 -74.42
CA ILE JA 50 45.36 -45.44 -74.01
C ILE JA 50 43.99 -45.56 -73.33
N PHE JA 51 43.15 -46.51 -73.76
CA PHE JA 51 41.87 -46.69 -73.11
C PHE JA 51 41.58 -48.11 -72.64
N ILE JA 52 40.81 -48.28 -71.56
CA ILE JA 52 40.47 -49.65 -71.19
C ILE JA 52 39.01 -49.89 -71.57
N PRO JA 53 38.72 -50.86 -72.43
CA PRO JA 53 37.32 -51.18 -72.74
C PRO JA 53 36.62 -51.87 -71.59
N GLY JA 54 36.21 -51.11 -70.58
CA GLY JA 54 35.50 -51.69 -69.45
C GLY JA 54 36.00 -51.19 -68.11
N ASP JA 55 37.06 -50.39 -68.12
CA ASP JA 55 37.66 -49.88 -66.90
C ASP JA 55 38.09 -48.44 -67.09
N LYS JA 56 38.23 -47.73 -65.97
CA LYS JA 56 38.60 -46.32 -65.95
C LYS JA 56 40.03 -46.19 -65.44
N VAL JA 57 40.93 -45.66 -66.26
CA VAL JA 57 42.30 -45.45 -65.85
C VAL JA 57 42.32 -44.48 -64.69
N THR JA 58 43.03 -44.82 -63.62
CA THR JA 58 43.12 -43.93 -62.48
C THR JA 58 44.47 -43.29 -62.31
N ALA JA 59 45.49 -43.83 -62.95
CA ALA JA 59 46.84 -43.31 -62.81
C ALA JA 59 47.81 -43.82 -63.83
N ILE JA 60 48.71 -42.97 -64.27
CA ILE JA 60 49.76 -43.41 -65.18
C ILE JA 60 51.03 -42.98 -64.48
N THR JA 61 52.03 -43.85 -64.43
CA THR JA 61 53.28 -43.52 -63.78
C THR JA 61 54.44 -43.79 -64.68
N ALA JA 62 55.27 -42.78 -64.86
CA ALA JA 62 56.45 -42.98 -65.65
C ALA JA 62 57.66 -42.42 -64.89
N PRO JA 63 58.91 -42.60 -65.39
CA PRO JA 63 60.10 -42.00 -64.75
C PRO JA 63 60.00 -40.49 -64.72
N GLY JA 64 60.53 -39.89 -63.65
CA GLY JA 64 60.43 -38.45 -63.51
C GLY JA 64 61.08 -37.72 -64.67
N GLY JA 65 60.39 -36.70 -65.17
CA GLY JA 65 60.87 -35.95 -66.31
C GLY JA 65 60.81 -36.68 -67.62
N MET JA 66 59.92 -37.65 -67.76
CA MET JA 66 59.77 -38.42 -68.99
C MET JA 66 58.46 -38.10 -69.72
N LEU JA 67 57.33 -38.17 -69.03
CA LEU JA 67 56.02 -37.83 -69.62
C LEU JA 67 55.64 -36.38 -69.35
N ALA JA 68 55.71 -35.54 -70.38
CA ALA JA 68 55.43 -34.12 -70.26
C ALA JA 68 54.04 -33.70 -69.83
N ASP JA 69 53.01 -34.36 -70.33
CA ASP JA 69 51.65 -34.08 -69.86
C ASP JA 69 50.82 -35.32 -69.70
N LYS JA 70 49.86 -35.30 -68.80
CA LYS JA 70 49.01 -36.46 -68.53
C LYS JA 70 47.65 -36.04 -68.02
N ARG JA 71 46.63 -36.22 -68.84
CA ARG JA 71 45.26 -35.85 -68.47
C ARG JA 71 44.29 -37.01 -68.66
N LEU JA 72 43.33 -37.15 -67.76
CA LEU JA 72 42.39 -38.25 -67.83
C LEU JA 72 41.13 -37.95 -68.62
N THR JA 73 40.87 -38.72 -69.65
CA THR JA 73 39.68 -38.55 -70.46
C THR JA 73 38.42 -38.93 -69.70
N ARG JA 74 37.30 -38.31 -70.03
CA ARG JA 74 36.04 -38.57 -69.34
C ARG JA 74 35.53 -39.99 -69.50
N ALA JA 75 35.68 -40.55 -70.68
CA ALA JA 75 35.22 -41.90 -70.92
C ALA JA 75 35.93 -42.84 -69.99
N GLY JA 76 37.22 -42.60 -69.77
CA GLY JA 76 37.96 -43.41 -68.85
C GLY JA 76 39.31 -43.65 -69.43
N GLY JA 77 39.70 -42.88 -70.43
CA GLY JA 77 41.04 -43.03 -70.94
C GLY JA 77 42.00 -42.02 -70.35
N VAL JA 78 43.21 -42.02 -70.90
CA VAL JA 78 44.27 -41.09 -70.48
C VAL JA 78 45.00 -40.62 -71.73
N LEU JA 79 45.24 -39.30 -71.81
CA LEU JA 79 45.98 -38.72 -72.92
C LEU JA 79 47.29 -38.22 -72.39
N PHE JA 80 48.37 -38.52 -73.09
CA PHE JA 80 49.69 -38.15 -72.62
C PHE JA 80 50.66 -37.71 -73.69
N THR JA 81 51.61 -36.85 -73.32
CA THR JA 81 52.61 -36.38 -74.27
C THR JA 81 53.98 -36.64 -73.70
N SER JA 82 54.90 -37.13 -74.53
CA SER JA 82 56.24 -37.38 -74.08
C SER JA 82 57.18 -36.56 -74.90
N VAL JA 83 58.10 -35.87 -74.25
CA VAL JA 83 58.99 -34.98 -74.97
C VAL JA 83 60.34 -35.64 -75.15
N ALA JA 84 60.73 -36.46 -74.19
CA ALA JA 84 62.04 -37.11 -74.22
C ALA JA 84 62.12 -38.06 -75.42
N THR JA 85 63.31 -38.66 -75.58
CA THR JA 85 63.56 -39.55 -76.72
C THR JA 85 63.97 -40.98 -76.38
N ARG JA 86 64.38 -41.23 -75.14
CA ARG JA 86 64.75 -42.59 -74.73
C ARG JA 86 63.60 -43.53 -74.50
N THR JA 87 63.81 -44.82 -74.74
CA THR JA 87 62.79 -45.80 -74.44
C THR JA 87 62.53 -45.86 -72.95
N PHE JA 88 61.28 -45.90 -72.54
CA PHE JA 88 60.94 -45.91 -71.14
C PHE JA 88 59.81 -46.82 -70.76
N THR JA 89 59.69 -47.22 -69.51
CA THR JA 89 58.52 -48.00 -69.11
C THR JA 89 57.48 -47.18 -68.41
N ILE JA 90 56.21 -47.32 -68.80
CA ILE JA 90 55.12 -46.63 -68.12
C ILE JA 90 54.14 -47.63 -67.53
N PHE JA 91 53.55 -47.31 -66.39
CA PHE JA 91 52.63 -48.21 -65.70
C PHE JA 91 51.26 -47.64 -65.58
N VAL JA 92 50.23 -48.37 -66.00
CA VAL JA 92 48.86 -47.91 -65.87
C VAL JA 92 48.04 -48.69 -64.90
N GLU JA 93 47.37 -48.00 -63.99
CA GLU JA 93 46.56 -48.65 -62.99
C GLU JA 93 45.11 -48.27 -63.17
N THR JA 94 44.25 -49.23 -63.47
CA THR JA 94 42.84 -48.96 -63.58
C THR JA 94 42.12 -49.01 -62.25
N ALA JA 95 40.95 -48.40 -62.17
CA ALA JA 95 40.20 -48.33 -60.93
C ALA JA 95 39.69 -49.63 -60.34
N ARG JA 96 39.19 -50.53 -61.17
CA ARG JA 96 38.61 -51.76 -60.67
C ARG JA 96 39.74 -52.70 -60.38
N GLY JA 97 40.94 -52.18 -60.22
CA GLY JA 97 42.01 -53.08 -59.82
C GLY JA 97 42.63 -53.77 -61.01
N GLN JA 98 43.75 -53.22 -61.48
CA GLN JA 98 44.43 -53.68 -62.68
C GLN JA 98 45.73 -52.89 -62.82
N THR JA 99 46.73 -53.52 -63.45
CA THR JA 99 48.00 -52.86 -63.70
C THR JA 99 48.62 -53.44 -64.96
N PHE JA 100 48.97 -52.56 -65.90
CA PHE JA 100 49.60 -52.97 -67.14
C PHE JA 100 50.82 -52.10 -67.39
N SER JA 101 51.90 -52.71 -67.87
CA SER JA 101 53.14 -52.00 -68.14
C SER JA 101 53.44 -52.02 -69.63
N VAL JA 102 53.77 -50.86 -70.16
CA VAL JA 102 54.15 -50.76 -71.55
C VAL JA 102 55.49 -50.07 -71.61
N VAL JA 103 56.35 -50.51 -72.51
CA VAL JA 103 57.62 -49.85 -72.70
C VAL JA 103 57.42 -49.00 -73.92
N ALA JA 104 57.52 -47.69 -73.78
CA ALA JA 104 57.24 -46.79 -74.86
C ALA JA 104 58.46 -46.12 -75.43
N THR JA 105 58.76 -46.36 -76.69
CA THR JA 105 59.88 -45.69 -77.33
C THR JA 105 59.45 -44.53 -78.22
N PRO JA 106 59.87 -43.28 -77.90
CA PRO JA 106 59.34 -42.19 -78.72
C PRO JA 106 59.83 -42.05 -80.16
N VAL JA 107 58.93 -42.01 -81.12
CA VAL JA 107 59.29 -41.84 -82.52
C VAL JA 107 58.54 -40.69 -83.13
N LYS JA 108 59.09 -40.13 -84.21
CA LYS JA 108 58.45 -38.99 -84.87
C LYS JA 108 57.22 -39.43 -85.63
N GLY JA 109 56.10 -38.74 -85.40
CA GLY JA 109 54.87 -39.06 -86.10
C GLY JA 109 53.58 -38.64 -85.45
N GLU JA 110 52.46 -39.21 -85.90
CA GLU JA 110 51.15 -38.91 -85.33
C GLU JA 110 50.89 -39.57 -83.99
N GLY JA 111 49.95 -39.05 -83.23
CA GLY JA 111 49.59 -39.64 -81.96
C GLY JA 111 49.01 -41.01 -82.14
N ARG JA 112 49.30 -41.94 -81.25
CA ARG JA 112 48.83 -43.31 -81.38
C ARG JA 112 47.81 -43.69 -80.32
N VAL JA 113 46.82 -44.48 -80.70
CA VAL JA 113 45.77 -44.84 -79.76
C VAL JA 113 45.83 -46.34 -79.62
N TYR JA 114 45.83 -46.82 -78.39
CA TYR JA 114 45.88 -48.24 -78.15
C TYR JA 114 44.76 -48.66 -77.27
N ARG JA 115 44.15 -49.79 -77.59
CA ARG JA 115 43.04 -50.32 -76.81
C ARG JA 115 43.57 -51.45 -75.98
N LEU JA 116 43.36 -51.41 -74.68
CA LEU JA 116 43.95 -52.43 -73.82
C LEU JA 116 42.98 -53.48 -73.36
N MET JA 117 43.05 -54.67 -73.91
CA MET JA 117 42.18 -55.76 -73.47
C MET JA 117 42.79 -56.49 -72.29
N SER JA 118 41.97 -56.84 -71.30
CA SER JA 118 42.50 -57.45 -70.09
C SER JA 118 43.16 -58.80 -70.14
N ALA JA 119 42.72 -59.69 -71.01
CA ALA JA 119 43.23 -61.08 -71.06
C ALA JA 119 42.91 -61.88 -69.81
N GLU JA 120 42.96 -61.26 -68.64
CA GLU JA 120 42.52 -61.93 -67.42
C GLU JA 120 41.46 -61.03 -66.87
N PRO JA 121 40.21 -61.48 -66.83
CA PRO JA 121 39.12 -60.61 -66.41
C PRO JA 121 39.23 -60.10 -64.99
N PRO JA 122 38.84 -58.85 -64.75
CA PRO JA 122 38.90 -58.24 -63.42
C PRO JA 122 37.82 -58.67 -62.47
N SER JA 123 38.08 -58.65 -61.17
CA SER JA 123 37.05 -58.93 -60.21
C SER JA 123 36.08 -57.79 -60.13
N ARG JA 124 34.80 -58.07 -60.24
CA ARG JA 124 33.83 -57.00 -60.23
C ARG JA 124 32.87 -57.32 -59.12
N PRO JA 125 33.15 -56.83 -57.91
CA PRO JA 125 32.30 -57.10 -56.76
C PRO JA 125 30.89 -56.56 -56.87
N GLU JA 126 30.73 -55.38 -57.45
CA GLU JA 126 29.41 -54.77 -57.54
C GLU JA 126 28.53 -55.50 -58.53
N THR JA 127 29.09 -56.36 -59.39
CA THR JA 127 28.30 -57.16 -60.36
C THR JA 127 27.77 -58.48 -59.81
N ARG JA 128 28.45 -59.06 -58.84
CA ARG JA 128 28.01 -60.28 -58.21
C ARG JA 128 26.66 -60.07 -57.55
N LYS JA 129 26.45 -58.89 -57.00
CA LYS JA 129 25.20 -58.63 -56.33
C LYS JA 129 24.03 -58.71 -57.30
N TRP JA 130 24.20 -58.21 -58.51
CA TRP JA 130 23.13 -58.31 -59.50
C TRP JA 130 23.10 -59.72 -60.01
N GLU JA 131 24.26 -60.32 -60.10
CA GLU JA 131 24.32 -61.66 -60.70
C GLU JA 131 23.57 -62.69 -59.85
N THR JA 132 23.75 -62.62 -58.53
CA THR JA 132 23.17 -63.63 -57.64
C THR JA 132 21.76 -63.28 -57.17
N ALA JA 133 21.31 -62.06 -57.37
CA ALA JA 133 19.99 -61.65 -56.87
C ALA JA 133 18.87 -62.39 -57.59
N GLN JA 134 19.12 -62.74 -58.85
CA GLN JA 134 18.15 -63.46 -59.68
C GLN JA 134 18.40 -64.95 -59.84
N ALA JA 135 17.47 -65.67 -60.44
CA ALA JA 135 17.61 -67.11 -60.67
C ALA JA 135 18.59 -67.44 -61.74
N TYR JA 136 19.12 -68.64 -61.71
CA TYR JA 136 20.13 -69.03 -62.65
C TYR JA 136 19.59 -69.06 -64.05
N GLU JA 137 18.48 -69.72 -64.31
CA GLU JA 137 18.01 -69.83 -65.68
C GLU JA 137 17.63 -68.49 -66.23
N LYS JA 138 17.13 -67.60 -65.40
CA LYS JA 138 16.83 -66.25 -65.83
C LYS JA 138 18.06 -65.47 -66.23
N LEU JA 139 19.15 -65.58 -65.48
CA LEU JA 139 20.41 -64.93 -65.79
C LEU JA 139 21.00 -65.40 -67.08
N LEU JA 140 20.97 -66.70 -67.31
CA LEU JA 140 21.48 -67.26 -68.55
C LEU JA 140 20.74 -66.66 -69.74
N ILE JA 141 19.41 -66.65 -69.65
CA ILE JA 141 18.60 -66.10 -70.74
C ILE JA 141 18.93 -64.66 -70.97
N SER JA 142 19.09 -63.90 -69.90
CA SER JA 142 19.45 -62.50 -69.98
C SER JA 142 20.78 -62.20 -70.62
N LEU JA 143 21.82 -62.94 -70.29
CA LEU JA 143 23.10 -62.74 -70.92
C LEU JA 143 23.06 -63.10 -72.35
N ASN JA 144 22.39 -64.19 -72.66
CA ASN JA 144 22.27 -64.64 -74.03
C ASN JA 144 21.46 -63.67 -74.88
N ARG JA 145 20.40 -63.09 -74.33
CA ARG JA 145 19.66 -62.10 -75.08
C ARG JA 145 20.50 -60.90 -75.35
N ALA JA 146 21.24 -60.43 -74.34
CA ALA JA 146 22.02 -59.23 -74.48
C ALA JA 146 23.09 -59.35 -75.50
N VAL JA 147 23.78 -60.45 -75.55
CA VAL JA 147 24.78 -60.65 -76.56
C VAL JA 147 24.15 -60.70 -77.91
N LEU JA 148 22.99 -61.31 -78.01
CA LEU JA 148 22.33 -61.46 -79.29
C LEU JA 148 21.78 -60.14 -79.71
N THR JA 149 21.14 -59.41 -78.81
CA THR JA 149 20.53 -58.14 -79.17
C THR JA 149 21.51 -56.98 -79.21
N GLY JA 150 22.76 -57.22 -78.85
CA GLY JA 150 23.78 -56.19 -78.94
C GLY JA 150 23.89 -55.16 -77.83
N ASP JA 151 23.12 -55.31 -76.76
CA ASP JA 151 23.24 -54.39 -75.63
C ASP JA 151 23.88 -55.11 -74.47
N ILE JA 152 24.92 -54.53 -73.89
CA ILE JA 152 25.65 -55.25 -72.84
C ILE JA 152 25.25 -54.82 -71.41
N PRO JA 153 25.08 -55.79 -70.46
CA PRO JA 153 24.71 -55.32 -69.11
C PRO JA 153 25.76 -54.36 -68.55
N ASP JA 154 25.31 -53.51 -67.63
CA ASP JA 154 26.18 -52.46 -67.10
C ASP JA 154 27.38 -53.04 -66.37
N GLY JA 155 27.18 -54.10 -65.59
CA GLY JA 155 28.26 -54.64 -64.79
C GLY JA 155 29.31 -55.40 -65.59
N TYR JA 156 29.00 -55.81 -66.81
CA TYR JA 156 29.93 -56.58 -67.60
C TYR JA 156 30.88 -55.69 -68.38
N GLY JA 157 32.06 -56.24 -68.69
CA GLY JA 157 33.06 -55.51 -69.43
C GLY JA 157 33.68 -56.39 -70.50
N GLU JA 158 34.40 -55.74 -71.42
CA GLU JA 158 34.97 -56.45 -72.56
C GLU JA 158 36.30 -57.08 -72.18
N VAL JA 159 36.49 -58.33 -72.58
CA VAL JA 159 37.73 -59.07 -72.28
C VAL JA 159 38.17 -59.79 -73.55
N LYS JA 160 39.42 -60.26 -73.51
CA LYS JA 160 39.96 -61.03 -74.63
C LYS JA 160 39.31 -62.40 -74.69
N PRO JA 161 38.82 -62.83 -75.86
CA PRO JA 161 38.17 -64.15 -75.94
C PRO JA 161 39.14 -65.29 -75.69
N LEU JA 162 38.61 -66.37 -75.13
CA LEU JA 162 39.41 -67.55 -74.86
C LEU JA 162 39.82 -68.23 -76.15
N SER JA 163 41.08 -68.68 -76.20
CA SER JA 163 41.58 -69.35 -77.40
C SER JA 163 40.83 -70.65 -77.67
N ASP JA 164 40.60 -71.45 -76.63
CA ASP JA 164 39.92 -72.73 -76.75
C ASP JA 164 38.96 -72.86 -75.56
N GLY JA 165 37.69 -72.61 -75.80
CA GLY JA 165 36.69 -72.72 -74.76
C GLY JA 165 35.60 -73.72 -75.07
N ILE JA 166 35.60 -74.24 -76.29
CA ILE JA 166 34.57 -75.19 -76.74
C ILE JA 166 35.24 -76.34 -77.48
N ARG JA 167 34.64 -77.52 -77.33
CA ARG JA 167 35.11 -78.69 -78.05
C ARG JA 167 34.81 -78.55 -79.55
N LEU JA 168 35.74 -79.01 -80.38
CA LEU JA 168 35.62 -78.86 -81.82
C LEU JA 168 35.39 -80.22 -82.48
N PRO JA 169 34.16 -80.57 -82.83
CA PRO JA 169 33.91 -81.85 -83.48
C PRO JA 169 33.88 -81.77 -85.00
N GLY JA 170 34.21 -82.89 -85.63
CA GLY JA 170 34.11 -83.01 -87.07
C GLY JA 170 35.03 -82.10 -87.85
N GLY JA 171 36.26 -81.92 -87.38
CA GLY JA 171 37.24 -81.13 -88.12
C GLY JA 171 36.85 -79.69 -88.35
N PHE JA 172 36.32 -79.03 -87.34
CA PHE JA 172 35.92 -77.63 -87.48
C PHE JA 172 37.06 -76.70 -87.07
N SER JA 173 36.97 -75.46 -87.53
CA SER JA 173 37.86 -74.38 -87.12
C SER JA 173 37.00 -73.24 -86.60
N VAL JA 174 37.47 -72.58 -85.53
CA VAL JA 174 36.70 -71.57 -84.84
C VAL JA 174 37.53 -70.31 -84.72
N THR JA 175 36.93 -69.17 -85.09
CA THR JA 175 37.56 -67.86 -84.95
C THR JA 175 36.80 -67.06 -83.91
N PRO JA 176 37.40 -66.73 -82.76
CA PRO JA 176 36.70 -65.91 -81.78
C PRO JA 176 36.43 -64.51 -82.30
N LEU JA 177 35.36 -63.92 -81.78
CA LEU JA 177 34.97 -62.59 -82.20
C LEU JA 177 34.99 -61.67 -81.00
N LYS JA 178 34.04 -61.82 -80.09
CA LYS JA 178 33.96 -60.96 -78.92
C LYS JA 178 33.73 -61.72 -77.63
N ALA JA 179 34.17 -61.19 -76.50
CA ALA JA 179 33.95 -61.80 -75.23
C ALA JA 179 33.67 -60.76 -74.20
N TRP JA 180 32.92 -61.13 -73.18
CA TRP JA 180 32.58 -60.22 -72.12
C TRP JA 180 32.66 -61.06 -70.93
N ALA JA 181 32.78 -60.47 -69.78
CA ALA JA 181 32.94 -61.19 -68.54
C ALA JA 181 32.44 -60.36 -67.37
N GLY JA 182 31.81 -61.03 -66.41
CA GLY JA 182 31.37 -60.37 -65.19
C GLY JA 182 32.18 -60.84 -63.99
N ASP JA 183 31.50 -61.38 -62.97
CA ASP JA 183 32.16 -61.83 -61.77
C ASP JA 183 32.21 -63.35 -61.67
N GLN JA 184 31.08 -64.03 -61.81
CA GLN JA 184 31.03 -65.48 -61.78
C GLN JA 184 30.70 -66.09 -63.14
N LEU JA 185 30.38 -65.28 -64.14
CA LEU JA 185 30.00 -65.78 -65.45
C LEU JA 185 30.79 -65.05 -66.54
N ARG JA 186 31.02 -65.69 -67.67
CA ARG JA 186 31.77 -65.10 -68.78
C ARG JA 186 31.29 -65.51 -70.16
N ALA JA 187 30.74 -64.58 -70.95
CA ALA JA 187 30.25 -64.87 -72.30
C ALA JA 187 31.19 -64.65 -73.46
N ASP JA 188 31.20 -65.51 -74.45
CA ASP JA 188 32.02 -65.35 -75.62
C ASP JA 188 31.28 -65.74 -76.88
N ARG JA 189 31.64 -65.21 -78.05
CA ARG JA 189 31.03 -65.61 -79.32
C ARG JA 189 32.05 -66.22 -80.24
N TYR JA 190 31.74 -67.36 -80.83
CA TYR JA 190 32.67 -68.10 -81.68
C TYR JA 190 32.06 -68.29 -83.06
N GLU JA 191 32.83 -68.00 -84.09
CA GLU JA 191 32.42 -68.19 -85.48
C GLU JA 191 32.88 -69.58 -85.91
N LEU JA 192 31.96 -70.37 -86.43
CA LEU JA 192 32.27 -71.76 -86.74
C LEU JA 192 32.25 -71.93 -88.21
N ARG JA 193 33.27 -72.59 -88.74
CA ARG JA 193 33.27 -72.86 -90.15
C ARG JA 193 33.27 -74.33 -90.40
N ASN JA 194 32.36 -74.80 -91.24
CA ASN JA 194 32.35 -76.20 -91.59
C ASN JA 194 33.33 -76.30 -92.74
N ALA JA 195 34.31 -77.18 -92.60
CA ALA JA 195 35.31 -77.35 -93.64
C ALA JA 195 35.16 -78.61 -94.45
N ASN JA 196 34.38 -79.58 -93.96
CA ASN JA 196 34.30 -80.86 -94.68
C ASN JA 196 33.27 -80.89 -95.79
N THR JA 197 32.54 -79.80 -95.99
CA THR JA 197 31.54 -79.73 -97.05
C THR JA 197 30.74 -81.01 -97.32
N TRP JA 198 30.14 -81.57 -96.28
CA TRP JA 198 29.35 -82.77 -96.47
C TRP JA 198 28.07 -82.82 -95.65
N GLY JA 199 27.75 -81.72 -94.94
CA GLY JA 199 26.53 -81.68 -94.15
C GLY JA 199 26.76 -82.26 -92.76
N VAL JA 200 26.68 -81.42 -91.73
CA VAL JA 200 26.91 -81.87 -90.36
C VAL JA 200 25.80 -81.40 -89.44
N ALA JA 201 25.12 -82.33 -88.77
CA ALA JA 201 24.08 -81.97 -87.83
C ALA JA 201 24.66 -81.25 -86.63
N LEU JA 202 23.94 -80.27 -86.09
CA LEU JA 202 24.48 -79.49 -84.99
C LEU JA 202 23.79 -79.72 -83.66
N ARG JA 203 24.56 -80.07 -82.63
CA ARG JA 203 24.00 -80.26 -81.30
C ARG JA 203 24.83 -79.45 -80.30
N GLU JA 204 24.17 -78.65 -79.48
CA GLU JA 204 24.87 -77.83 -78.50
C GLU JA 204 25.68 -78.71 -77.56
N GLN JA 205 25.22 -79.93 -77.31
CA GLN JA 205 25.88 -80.84 -76.41
C GLN JA 205 27.20 -81.33 -76.90
N ASP JA 206 27.44 -81.25 -78.17
CA ASP JA 206 28.69 -81.68 -78.73
C ASP JA 206 29.78 -80.67 -78.67
N PHE JA 207 29.53 -79.51 -78.12
CA PHE JA 207 30.51 -78.48 -77.99
C PHE JA 207 30.81 -78.29 -76.53
N TRP JA 208 30.21 -79.10 -75.67
CA TRP JA 208 30.40 -78.94 -74.22
C TRP JA 208 31.80 -79.23 -73.70
N LYS JA 209 32.28 -78.39 -72.80
CA LYS JA 209 33.59 -78.62 -72.18
C LYS JA 209 33.43 -78.36 -70.69
N PRO JA 210 34.29 -78.96 -69.85
CA PRO JA 210 34.21 -78.66 -68.41
C PRO JA 210 34.30 -77.17 -68.15
N GLY JA 211 33.20 -76.54 -67.75
CA GLY JA 211 33.18 -75.10 -67.54
C GLY JA 211 32.23 -74.38 -68.44
N VAL JA 212 31.81 -74.98 -69.56
CA VAL JA 212 30.87 -74.40 -70.47
C VAL JA 212 29.55 -74.56 -69.82
N ARG JA 213 28.94 -73.47 -69.47
CA ARG JA 213 27.69 -73.51 -68.72
C ARG JA 213 26.45 -73.52 -69.59
N ALA JA 214 26.50 -72.88 -70.75
CA ALA JA 214 25.35 -72.84 -71.66
C ALA JA 214 25.84 -72.55 -73.07
N VAL JA 215 25.10 -73.09 -74.05
CA VAL JA 215 25.41 -72.91 -75.47
C VAL JA 215 24.11 -72.57 -76.20
N MET JA 216 24.18 -71.55 -77.06
CA MET JA 216 23.03 -71.17 -77.88
C MET JA 216 23.50 -70.93 -79.32
N PHE JA 217 22.73 -71.41 -80.27
CA PHE JA 217 22.93 -71.11 -81.68
C PHE JA 217 22.08 -69.91 -82.07
N ASP JA 218 22.72 -68.88 -82.62
CA ASP JA 218 21.99 -67.66 -82.98
C ASP JA 218 20.95 -67.94 -84.06
N ASN JA 219 21.29 -68.73 -85.06
CA ASN JA 219 20.28 -69.12 -86.03
C ASN JA 219 19.78 -70.43 -85.47
N ASN JA 220 18.51 -70.77 -85.66
CA ASN JA 220 17.99 -71.97 -85.05
C ASN JA 220 18.78 -73.15 -85.55
N ALA JA 221 19.12 -73.14 -86.84
CA ALA JA 221 20.00 -74.18 -87.37
C ALA JA 221 19.55 -75.62 -87.24
N GLN JA 222 20.25 -76.47 -86.50
CA GLN JA 222 19.97 -77.92 -86.42
C GLN JA 222 20.76 -78.61 -87.52
N THR JA 223 21.30 -77.85 -88.47
CA THR JA 223 22.05 -78.41 -89.58
C THR JA 223 23.09 -77.38 -89.92
N LEU JA 224 24.19 -77.79 -90.53
CA LEU JA 224 25.19 -76.84 -90.97
C LEU JA 224 25.55 -77.17 -92.40
N MET JA 225 25.34 -76.23 -93.30
CA MET JA 225 25.63 -76.47 -94.72
C MET JA 225 27.12 -76.63 -94.92
N GLY JA 226 27.54 -77.11 -96.10
CA GLY JA 226 28.94 -77.41 -96.30
C GLY JA 226 29.87 -76.23 -96.10
N GLY JA 227 29.49 -75.05 -96.56
CA GLY JA 227 30.31 -73.89 -96.26
C GLY JA 227 29.53 -73.08 -95.26
N GLY JA 228 29.94 -73.09 -93.99
CA GLY JA 228 29.19 -72.40 -92.96
C GLY JA 228 29.96 -71.36 -92.18
N ARG JA 229 29.48 -70.13 -92.15
CA ARG JA 229 30.14 -69.05 -91.40
C ARG JA 229 29.43 -68.71 -90.11
N MET JA 230 28.53 -69.58 -89.66
CA MET JA 230 27.72 -69.29 -88.46
C MET JA 230 28.41 -68.96 -87.14
N THR JA 231 27.63 -68.63 -86.12
CA THR JA 231 28.16 -68.23 -84.83
C THR JA 231 27.50 -68.95 -83.66
N VAL JA 232 28.19 -68.97 -82.51
CA VAL JA 232 27.65 -69.61 -81.32
C VAL JA 232 28.05 -68.80 -80.10
N THR JA 233 27.15 -68.63 -79.16
CA THR JA 233 27.48 -67.91 -77.94
C THR JA 233 27.57 -68.88 -76.79
N VAL JA 234 28.71 -68.89 -76.09
CA VAL JA 234 28.86 -69.77 -74.95
C VAL JA 234 29.07 -69.03 -73.63
N ILE JA 235 28.34 -69.42 -72.60
CA ILE JA 235 28.53 -68.81 -71.30
C ILE JA 235 29.32 -69.83 -70.52
N ARG JA 236 30.27 -69.37 -69.71
CA ARG JA 236 31.10 -70.25 -68.97
C ARG JA 236 31.16 -69.67 -67.62
N GLY JA 237 32.11 -70.11 -66.84
CA GLY JA 237 32.31 -69.55 -65.52
C GLY JA 237 33.60 -68.78 -65.45
N ASN JA 238 33.63 -67.68 -64.73
CA ASN JA 238 34.87 -66.96 -64.57
C ASN JA 238 35.75 -67.67 -63.54
N GLY JA 239 36.98 -67.99 -63.93
CA GLY JA 239 37.87 -68.69 -63.05
C GLY JA 239 37.90 -70.20 -63.15
N GLU JA 240 37.13 -70.77 -64.07
CA GLU JA 240 37.19 -72.21 -64.26
C GLU JA 240 38.59 -72.55 -64.74
N GLY JA 241 39.18 -73.61 -64.20
CA GLY JA 241 40.53 -74.00 -64.58
C GLY JA 241 41.57 -73.58 -63.56
N GLN KA 25 65.70 -69.86 -51.55
CA GLN KA 25 66.00 -70.49 -50.28
C GLN KA 25 64.76 -70.55 -49.41
N SER KA 26 64.78 -71.40 -48.39
CA SER KA 26 63.66 -71.51 -47.46
C SER KA 26 64.32 -71.05 -46.19
N PRO KA 27 63.55 -70.42 -45.30
CA PRO KA 27 64.28 -69.91 -44.15
C PRO KA 27 64.92 -71.07 -43.40
N ALA KA 28 66.15 -70.90 -42.91
CA ALA KA 28 66.83 -71.94 -42.14
C ALA KA 28 66.21 -72.08 -40.78
N THR KA 29 66.19 -73.30 -40.24
CA THR KA 29 65.53 -73.54 -38.95
C THR KA 29 66.49 -73.82 -37.80
N ILE KA 30 66.45 -72.97 -36.80
CA ILE KA 30 67.37 -73.11 -35.70
C ILE KA 30 66.98 -74.18 -34.66
N SER KA 31 65.73 -74.20 -34.20
CA SER KA 31 65.26 -75.17 -33.16
C SER KA 31 66.13 -75.25 -31.90
N LEU KA 32 65.87 -74.37 -30.94
CA LEU KA 32 66.71 -74.29 -29.75
C LEU KA 32 65.85 -74.39 -28.54
N PRO KA 33 66.35 -75.02 -27.45
CA PRO KA 33 65.59 -75.01 -26.20
C PRO KA 33 65.58 -73.61 -25.66
N GLN KA 34 64.98 -73.36 -24.53
CA GLN KA 34 64.88 -71.98 -24.05
C GLN KA 34 66.12 -71.55 -23.27
N GLY KA 35 67.30 -71.89 -23.78
CA GLY KA 35 68.57 -71.38 -23.31
C GLY KA 35 69.55 -71.36 -24.45
N GLY KA 36 69.03 -71.60 -25.66
CA GLY KA 36 69.86 -72.04 -26.76
C GLY KA 36 70.99 -71.07 -27.10
N GLN KA 37 72.08 -71.63 -27.61
CA GLN KA 37 73.19 -70.80 -28.03
C GLN KA 37 73.58 -71.29 -29.41
N PHE KA 38 73.10 -70.62 -30.44
CA PHE KA 38 73.38 -71.05 -31.79
C PHE KA 38 74.28 -70.05 -32.49
N ARG KA 39 75.36 -70.53 -33.08
CA ARG KA 39 76.23 -69.64 -33.82
C ARG KA 39 75.74 -69.56 -35.25
N LEU KA 40 75.31 -68.37 -35.66
CA LEU KA 40 74.77 -68.21 -37.01
C LEU KA 40 75.38 -67.03 -37.75
N SER KA 41 75.54 -67.16 -39.06
CA SER KA 41 76.07 -66.05 -39.85
C SER KA 41 75.08 -64.91 -39.96
N ILE KA 42 75.59 -63.69 -39.96
CA ILE KA 42 74.72 -62.53 -40.08
C ILE KA 42 75.43 -61.66 -41.13
N SER KA 43 74.68 -60.80 -41.82
CA SER KA 43 75.27 -59.97 -42.87
C SER KA 43 75.49 -58.54 -42.42
N ASN KA 44 76.71 -58.04 -42.57
CA ASN KA 44 76.95 -56.63 -42.27
C ASN KA 44 76.24 -55.63 -43.16
N THR KA 45 76.13 -55.94 -44.44
CA THR KA 45 75.51 -55.03 -45.40
C THR KA 45 74.00 -54.92 -45.44
N ASP KA 46 73.28 -56.04 -45.51
CA ASP KA 46 71.83 -56.00 -45.71
C ASP KA 46 71.02 -56.50 -44.54
N PRO KA 47 69.76 -56.08 -44.43
CA PRO KA 47 69.00 -56.47 -43.24
C PRO KA 47 68.79 -57.95 -43.03
N ASN KA 48 68.77 -58.42 -41.78
CA ASN KA 48 68.63 -59.83 -41.49
C ASN KA 48 67.34 -60.01 -40.70
N MET KA 49 66.70 -61.16 -40.81
CA MET KA 49 65.43 -61.41 -40.12
C MET KA 49 65.33 -62.66 -39.27
N ILE KA 50 64.69 -62.56 -38.10
CA ILE KA 50 64.47 -63.71 -37.23
C ILE KA 50 62.97 -63.73 -36.90
N PHE KA 51 62.30 -64.87 -37.10
CA PHE KA 51 60.89 -64.95 -36.75
C PHE KA 51 60.52 -66.13 -35.85
N ILE KA 52 59.50 -65.97 -35.01
CA ILE KA 52 59.11 -67.13 -34.22
C ILE KA 52 57.81 -67.68 -34.80
N PRO KA 53 57.79 -68.94 -35.24
CA PRO KA 53 56.52 -69.52 -35.72
C PRO KA 53 55.56 -69.81 -34.58
N GLY KA 54 54.89 -68.80 -34.08
CA GLY KA 54 53.92 -68.98 -33.01
C GLY KA 54 54.03 -67.96 -31.90
N ASP KA 55 55.04 -67.09 -31.97
CA ASP KA 55 55.27 -66.09 -30.95
C ASP KA 55 55.70 -64.79 -31.59
N LYS KA 56 55.52 -63.70 -30.84
CA LYS KA 56 55.84 -62.35 -31.30
C LYS KA 56 57.08 -61.86 -30.57
N VAL KA 57 58.15 -61.56 -31.29
CA VAL KA 57 59.36 -61.04 -30.69
C VAL KA 57 59.04 -59.71 -30.04
N THR KA 58 59.45 -59.53 -28.79
CA THR KA 58 59.21 -58.28 -28.11
C THR KA 58 60.46 -57.45 -27.90
N ALA KA 59 61.63 -58.07 -28.02
CA ALA KA 59 62.87 -57.36 -27.78
C ALA KA 59 64.09 -58.09 -28.25
N ILE KA 60 65.06 -57.35 -28.78
CA ILE KA 60 66.32 -57.96 -29.17
C ILE KA 60 67.35 -57.14 -28.42
N THR KA 61 68.32 -57.80 -27.80
CA THR KA 61 69.35 -57.09 -27.06
C THR KA 61 70.71 -57.53 -27.48
N ALA KA 62 71.54 -56.57 -27.85
CA ALA KA 62 72.88 -56.89 -28.19
C ALA KA 62 73.83 -55.94 -27.46
N PRO KA 63 75.17 -56.13 -27.54
CA PRO KA 63 76.14 -55.20 -26.93
C PRO KA 63 75.99 -53.81 -27.52
N GLY KA 64 76.21 -52.80 -26.69
CA GLY KA 64 76.04 -51.43 -27.14
C GLY KA 64 76.95 -51.11 -28.32
N GLY KA 65 76.39 -50.45 -29.32
CA GLY KA 65 77.14 -50.13 -30.52
C GLY KA 65 77.44 -51.29 -31.42
N MET KA 66 76.64 -52.35 -31.36
CA MET KA 66 76.85 -53.54 -32.19
C MET KA 66 75.77 -53.68 -33.27
N LEU KA 67 74.50 -53.63 -32.89
CA LEU KA 67 73.38 -53.71 -33.86
C LEU KA 67 72.91 -52.33 -34.28
N ALA KA 68 73.23 -51.93 -35.51
CA ALA KA 68 72.89 -50.61 -36.03
C ALA KA 68 71.43 -50.25 -36.13
N ASP KA 69 70.57 -51.17 -36.56
CA ASP KA 69 69.14 -50.91 -36.57
C ASP KA 69 68.33 -52.10 -36.13
N LYS KA 70 67.16 -51.86 -35.56
CA LYS KA 70 66.30 -52.94 -35.06
C LYS KA 70 64.84 -52.54 -35.10
N ARG KA 71 64.09 -53.13 -35.99
CA ARG KA 71 62.66 -52.83 -36.12
C ARG KA 71 61.80 -54.09 -36.06
N LEU KA 72 60.64 -53.99 -35.43
CA LEU KA 72 59.78 -55.16 -35.27
C LEU KA 72 58.77 -55.33 -36.38
N THR KA 73 58.81 -56.47 -37.06
CA THR KA 73 57.87 -56.76 -38.12
C THR KA 73 56.47 -56.99 -37.60
N ARG KA 74 55.45 -56.69 -38.40
CA ARG KA 74 54.07 -56.83 -37.98
C ARG KA 74 53.65 -58.25 -37.67
N ALA KA 75 54.13 -59.20 -38.46
CA ALA KA 75 53.78 -60.59 -38.25
C ALA KA 75 54.24 -61.01 -36.89
N GLY KA 76 55.42 -60.54 -36.49
CA GLY KA 76 55.92 -60.84 -35.17
C GLY KA 76 57.38 -61.12 -35.28
N GLY KA 77 57.99 -60.73 -36.38
CA GLY KA 77 59.42 -60.90 -36.46
C GLY KA 77 60.17 -59.62 -36.11
N VAL KA 78 61.48 -59.67 -36.33
CA VAL KA 78 62.37 -58.53 -36.07
C VAL KA 78 63.39 -58.46 -37.20
N LEU KA 79 63.60 -57.26 -37.73
CA LEU KA 79 64.59 -57.03 -38.78
C LEU KA 79 65.71 -56.21 -38.20
N PHE KA 80 66.95 -56.62 -38.45
CA PHE KA 80 68.08 -55.93 -37.87
C PHE KA 80 69.29 -55.81 -38.76
N THR KA 81 70.08 -54.76 -38.56
CA THR KA 81 71.29 -54.55 -39.35
C THR KA 81 72.47 -54.41 -38.42
N SER KA 82 73.58 -55.04 -38.75
CA SER KA 82 74.77 -54.95 -37.94
C SER KA 82 75.86 -54.37 -38.78
N VAL KA 83 76.57 -53.38 -38.26
CA VAL KA 83 77.59 -52.73 -39.05
C VAL KA 83 78.96 -53.22 -38.63
N ALA KA 84 79.10 -53.56 -37.34
CA ALA KA 84 80.38 -54.01 -36.83
C ALA KA 84 80.81 -55.32 -37.50
N THR KA 85 82.01 -55.78 -37.13
CA THR KA 85 82.57 -56.98 -37.72
C THR KA 85 82.92 -58.12 -36.76
N ARG KA 86 83.00 -57.84 -35.46
CA ARG KA 86 83.28 -58.89 -34.47
C ARG KA 86 82.12 -59.81 -34.17
N THR KA 87 82.43 -61.05 -33.83
CA THR KA 87 81.39 -61.98 -33.42
C THR KA 87 80.75 -61.51 -32.13
N PHE KA 88 79.43 -61.55 -32.04
CA PHE KA 88 78.74 -61.07 -30.87
C PHE KA 88 77.58 -61.92 -30.44
N THR KA 89 77.13 -61.82 -29.19
CA THR KA 89 75.93 -62.54 -28.80
C THR KA 89 74.71 -61.65 -28.75
N ILE KA 90 73.60 -62.09 -29.33
CA ILE KA 90 72.35 -61.34 -29.25
C ILE KA 90 71.27 -62.15 -28.56
N PHE KA 91 70.39 -61.51 -27.81
CA PHE KA 91 69.34 -62.21 -27.07
C PHE KA 91 67.97 -61.81 -27.49
N VAL KA 92 67.12 -62.78 -27.81
CA VAL KA 92 65.75 -62.48 -28.21
C VAL KA 92 64.72 -62.93 -27.23
N GLU KA 93 63.82 -62.03 -26.86
CA GLU KA 93 62.79 -62.36 -25.90
C GLU KA 93 61.42 -62.26 -26.55
N THR KA 94 60.71 -63.37 -26.63
CA THR KA 94 59.36 -63.34 -27.16
C THR KA 94 58.32 -62.98 -26.13
N ALA KA 95 57.17 -62.54 -26.57
CA ALA KA 95 56.10 -62.12 -25.67
C ALA KA 95 55.49 -63.14 -24.76
N ARG KA 96 55.25 -64.34 -25.25
CA ARG KA 96 54.59 -65.36 -24.46
C ARG KA 96 55.63 -65.98 -23.57
N GLY KA 97 56.73 -65.28 -23.35
CA GLY KA 97 57.68 -65.83 -22.39
C GLY KA 97 58.61 -66.83 -23.04
N GLN KA 98 59.80 -66.35 -23.40
CA GLN KA 98 60.78 -67.13 -24.14
C GLN KA 98 62.06 -66.30 -24.26
N THR KA 99 63.19 -66.98 -24.34
CA THR KA 99 64.47 -66.31 -24.53
C THR KA 99 65.42 -67.23 -25.27
N PHE KA 100 65.98 -66.74 -26.37
CA PHE KA 100 66.93 -67.50 -27.17
C PHE KA 100 68.15 -66.64 -27.45
N SER KA 101 69.33 -67.24 -27.38
CA SER KA 101 70.58 -66.53 -27.61
C SER KA 101 71.26 -67.07 -28.86
N VAL KA 102 71.70 -66.17 -29.71
CA VAL KA 102 72.43 -66.55 -30.89
C VAL KA 102 73.71 -65.77 -30.91
N VAL KA 103 74.79 -66.39 -31.33
CA VAL KA 103 76.05 -65.70 -31.47
C VAL KA 103 76.16 -65.40 -32.93
N ALA KA 104 76.18 -64.13 -33.31
CA ALA KA 104 76.18 -63.75 -34.69
C ALA KA 104 77.49 -63.19 -35.16
N THR KA 105 78.11 -63.84 -36.12
CA THR KA 105 79.34 -63.33 -36.70
C THR KA 105 79.13 -62.65 -38.05
N PRO KA 106 79.43 -61.33 -38.16
CA PRO KA 106 79.10 -60.70 -39.44
C PRO KA 106 79.95 -61.04 -40.66
N VAL KA 107 79.33 -61.48 -41.74
CA VAL KA 107 80.05 -61.81 -42.97
C VAL KA 107 79.46 -61.08 -44.14
N LYS KA 108 80.26 -60.89 -45.19
CA LYS KA 108 79.79 -60.18 -46.38
C LYS KA 108 78.82 -61.03 -47.17
N GLY KA 109 77.65 -60.45 -47.50
CA GLY KA 109 76.67 -61.16 -48.29
C GLY KA 109 75.23 -60.70 -48.17
N GLU KA 110 74.30 -61.53 -48.60
CA GLU KA 110 72.87 -61.21 -48.53
C GLU KA 110 72.28 -61.35 -47.14
N GLY KA 111 71.16 -60.71 -46.89
CA GLY KA 111 70.50 -60.82 -45.60
C GLY KA 111 70.02 -62.22 -45.36
N ARG KA 112 70.08 -62.69 -44.12
CA ARG KA 112 69.70 -64.06 -43.80
C ARG KA 112 68.45 -64.15 -42.96
N VAL KA 113 67.61 -65.14 -43.21
CA VAL KA 113 66.37 -65.26 -42.49
C VAL KA 113 66.42 -66.57 -41.76
N TYR KA 114 66.10 -66.55 -40.47
CA TYR KA 114 66.14 -67.76 -39.69
C TYR KA 114 64.82 -67.95 -39.00
N ARG KA 115 64.36 -69.19 -38.98
CA ARG KA 115 63.10 -69.53 -38.33
C ARG KA 115 63.41 -70.19 -37.02
N LEU KA 116 62.87 -69.69 -35.93
CA LEU KA 116 63.23 -70.23 -34.64
C LEU KA 116 62.20 -71.14 -34.03
N MET KA 117 62.45 -72.44 -34.04
CA MET KA 117 61.52 -73.38 -33.42
C MET KA 117 61.81 -73.53 -31.93
N SER KA 118 60.78 -73.58 -31.11
CA SER KA 118 60.98 -73.62 -29.67
C SER KA 118 61.66 -74.80 -29.03
N ALA KA 119 61.49 -76.00 -29.55
CA ALA KA 119 62.03 -77.22 -28.93
C ALA KA 119 61.41 -77.53 -27.58
N GLU KA 120 61.14 -76.52 -26.77
CA GLU KA 120 60.41 -76.73 -25.53
C GLU KA 120 59.22 -75.84 -25.64
N PRO KA 121 58.02 -76.40 -25.72
CA PRO KA 121 56.83 -75.58 -25.95
C PRO KA 121 56.54 -74.56 -24.86
N PRO KA 122 56.08 -73.37 -25.24
CA PRO KA 122 55.76 -72.32 -24.28
C PRO KA 122 54.48 -72.48 -23.52
N SER KA 123 54.39 -71.94 -22.31
CA SER KA 123 53.16 -71.97 -21.58
C SER KA 123 52.17 -71.01 -22.18
N ARG KA 124 50.97 -71.48 -22.48
CA ARG KA 124 50.00 -70.62 -23.11
C ARG KA 124 48.79 -70.62 -22.22
N PRO KA 125 48.73 -69.68 -21.28
CA PRO KA 125 47.61 -69.60 -20.34
C PRO KA 125 46.27 -69.33 -20.98
N GLU KA 126 46.23 -68.48 -22.01
CA GLU KA 126 44.97 -68.13 -22.63
C GLU KA 126 44.40 -69.28 -23.42
N THR KA 127 45.20 -70.32 -23.72
CA THR KA 127 44.71 -71.52 -24.45
C THR KA 127 44.09 -72.59 -23.57
N ARG KA 128 44.50 -72.67 -22.32
CA ARG KA 128 43.94 -73.62 -21.38
C ARG KA 128 42.46 -73.34 -21.20
N LYS KA 129 42.08 -72.09 -21.21
CA LYS KA 129 40.69 -71.75 -21.02
C LYS KA 129 39.83 -72.33 -22.11
N TRP KA 130 40.28 -72.30 -23.35
CA TRP KA 130 39.53 -72.91 -24.43
C TRP KA 130 39.67 -74.39 -24.35
N GLU KA 131 40.83 -74.84 -23.91
CA GLU KA 131 41.08 -76.27 -23.90
C GLU KA 131 40.16 -77.00 -22.91
N THR KA 132 39.98 -76.42 -21.72
CA THR KA 132 39.21 -77.09 -20.68
C THR KA 132 37.72 -76.77 -20.72
N ALA KA 133 37.30 -75.77 -21.50
CA ALA KA 133 35.89 -75.40 -21.51
C ALA KA 133 35.03 -76.49 -22.12
N GLN KA 134 35.61 -77.25 -23.05
CA GLN KA 134 34.90 -78.34 -23.72
C GLN KA 134 35.23 -79.73 -23.20
N ALA KA 135 34.51 -80.74 -23.69
CA ALA KA 135 34.75 -82.13 -23.29
C ALA KA 135 35.98 -82.71 -23.87
N TYR KA 136 36.51 -83.73 -23.25
CA TYR KA 136 37.75 -84.33 -23.70
C TYR KA 136 37.59 -84.93 -25.06
N GLU KA 137 36.61 -85.78 -25.28
CA GLU KA 137 36.53 -86.46 -26.57
C GLU KA 137 36.27 -85.48 -27.69
N LYS KA 138 35.53 -84.41 -27.41
CA LYS KA 138 35.33 -83.38 -28.40
C LYS KA 138 36.60 -82.66 -28.78
N LEU KA 139 37.46 -82.34 -27.81
CA LEU KA 139 38.74 -81.68 -28.05
C LEU KA 139 39.66 -82.53 -28.87
N LEU KA 140 39.73 -83.82 -28.56
CA LEU KA 140 40.56 -84.73 -29.34
C LEU KA 140 40.14 -84.72 -30.80
N ILE KA 141 38.83 -84.85 -31.04
CA ILE KA 141 38.34 -84.85 -32.41
C ILE KA 141 38.67 -83.57 -33.10
N SER KA 142 38.53 -82.46 -32.42
CA SER KA 142 38.86 -81.16 -32.96
C SER KA 142 40.30 -80.95 -33.33
N LEU KA 143 41.23 -81.37 -32.50
CA LEU KA 143 42.63 -81.26 -32.84
C LEU KA 143 42.98 -82.14 -33.98
N ASN KA 144 42.44 -83.34 -33.98
CA ASN KA 144 42.70 -84.27 -35.05
C ASN KA 144 42.12 -83.81 -36.38
N ARG KA 145 40.94 -83.21 -36.36
CA ARG KA 145 40.40 -82.67 -37.59
C ARG KA 145 41.25 -81.56 -38.10
N ALA KA 146 41.69 -80.66 -37.23
CA ALA KA 146 42.44 -79.51 -37.64
C ALA KA 146 43.74 -79.87 -38.26
N VAL KA 147 44.45 -80.81 -37.70
CA VAL KA 147 45.69 -81.24 -38.28
C VAL KA 147 45.44 -81.87 -39.61
N LEU KA 148 44.36 -82.62 -39.73
CA LEU KA 148 44.08 -83.32 -40.96
C LEU KA 148 43.62 -82.34 -41.99
N THR KA 149 42.75 -81.41 -41.62
CA THR KA 149 42.21 -80.45 -42.60
C THR KA 149 43.14 -79.29 -42.85
N GLY KA 150 44.26 -79.21 -42.14
CA GLY KA 150 45.24 -78.17 -42.39
C GLY KA 150 45.02 -76.79 -41.80
N ASP KA 151 44.00 -76.63 -40.96
CA ASP KA 151 43.79 -75.34 -40.30
C ASP KA 151 44.13 -75.49 -38.83
N ILE KA 152 44.96 -74.61 -38.30
CA ILE KA 152 45.41 -74.78 -36.92
C ILE KA 152 44.63 -73.90 -35.91
N PRO KA 153 44.24 -74.45 -34.71
CA PRO KA 153 43.52 -73.56 -33.79
C PRO KA 153 44.36 -72.34 -33.43
N ASP KA 154 43.65 -71.27 -33.05
CA ASP KA 154 44.32 -70.00 -32.79
C ASP KA 154 45.31 -70.10 -31.64
N GLY KA 155 44.94 -70.81 -30.57
CA GLY KA 155 45.78 -70.88 -29.39
C GLY KA 155 47.02 -71.73 -29.56
N TYR KA 156 47.05 -72.60 -30.55
CA TYR KA 156 48.19 -73.50 -30.74
C TYR KA 156 49.28 -72.85 -31.55
N GLY KA 157 50.51 -73.32 -31.34
CA GLY KA 157 51.66 -72.79 -32.06
C GLY KA 157 52.56 -73.93 -32.51
N GLU KA 158 53.48 -73.59 -33.41
CA GLU KA 158 54.34 -74.59 -34.02
C GLU KA 158 55.54 -74.86 -33.12
N VAL KA 159 55.87 -76.14 -32.93
CA VAL KA 159 57.00 -76.54 -32.10
C VAL KA 159 57.79 -77.63 -32.83
N LYS KA 160 58.98 -77.88 -32.32
CA LYS KA 160 59.82 -78.93 -32.89
C LYS KA 160 59.24 -80.30 -32.55
N PRO KA 161 59.09 -81.19 -33.53
CA PRO KA 161 58.52 -82.52 -33.23
C PRO KA 161 59.42 -83.35 -32.33
N LEU KA 162 58.79 -84.19 -31.54
CA LEU KA 162 59.52 -85.08 -30.63
C LEU KA 162 60.28 -86.13 -31.42
N SER KA 163 61.52 -86.41 -30.99
CA SER KA 163 62.33 -87.41 -31.68
C SER KA 163 61.71 -88.79 -31.58
N ASP KA 164 61.24 -89.17 -30.39
CA ASP KA 164 60.65 -90.49 -30.16
C ASP KA 164 59.42 -90.29 -29.27
N GLY KA 165 58.24 -90.29 -29.88
CA GLY KA 165 57.01 -90.14 -29.14
C GLY KA 165 56.06 -91.31 -29.27
N ILE KA 166 56.40 -92.26 -30.15
CA ILE KA 166 55.55 -93.41 -30.42
C ILE KA 166 56.42 -94.66 -30.47
N ARG KA 167 55.84 -95.77 -30.01
CA ARG KA 167 56.51 -97.06 -30.07
C ARG KA 167 56.61 -97.53 -31.52
N LEU KA 168 57.74 -98.14 -31.87
CA LEU KA 168 58.00 -98.56 -33.25
C LEU KA 168 57.99 -100.08 -33.34
N PRO KA 169 56.90 -100.69 -33.80
CA PRO KA 169 56.86 -102.15 -33.92
C PRO KA 169 57.24 -102.63 -35.32
N GLY KA 170 57.75 -103.86 -35.35
CA GLY KA 170 58.03 -104.53 -36.62
C GLY KA 170 59.11 -103.87 -37.46
N GLY KA 171 60.16 -103.37 -36.83
CA GLY KA 171 61.28 -102.80 -37.57
C GLY KA 171 60.93 -101.62 -38.44
N PHE KA 172 60.14 -100.69 -37.91
CA PHE KA 172 59.75 -99.51 -38.68
C PHE KA 172 60.72 -98.36 -38.41
N SER KA 173 60.73 -97.41 -39.35
CA SER KA 173 61.44 -96.15 -39.19
C SER KA 173 60.45 -95.01 -39.38
N VAL KA 174 60.60 -93.95 -38.58
CA VAL KA 174 59.65 -92.86 -38.55
C VAL KA 174 60.39 -91.55 -38.75
N THR KA 175 59.88 -90.72 -39.66
CA THR KA 175 60.41 -89.39 -39.91
C THR KA 175 59.39 -88.35 -39.48
N PRO KA 176 59.65 -87.55 -38.45
CA PRO KA 176 58.69 -86.51 -38.06
C PRO KA 176 58.54 -85.46 -39.15
N LEU KA 177 57.36 -84.86 -39.18
CA LEU KA 177 57.05 -83.85 -40.15
C LEU KA 177 56.73 -82.54 -39.45
N LYS KA 178 55.57 -82.47 -38.81
CA LYS KA 178 55.18 -81.25 -38.12
C LYS KA 178 54.63 -81.50 -36.74
N ALA KA 179 54.74 -80.52 -35.84
CA ALA KA 179 54.20 -80.62 -34.51
C ALA KA 179 53.64 -79.33 -34.07
N TRP KA 180 52.66 -79.38 -33.19
CA TRP KA 180 52.02 -78.19 -32.69
C TRP KA 180 51.81 -78.51 -31.29
N ALA KA 181 51.61 -77.52 -30.47
CA ALA KA 181 51.45 -77.70 -29.04
C ALA KA 181 50.64 -76.55 -28.45
N GLY KA 182 49.79 -76.89 -27.47
CA GLY KA 182 49.03 -75.89 -26.76
C GLY KA 182 49.50 -75.76 -25.32
N ASP KA 183 48.59 -75.96 -24.37
CA ASP KA 183 48.92 -75.84 -22.95
C ASP KA 183 48.99 -77.19 -22.25
N GLN KA 184 47.94 -78.01 -22.38
CA GLN KA 184 47.93 -79.34 -21.79
C GLN KA 184 47.99 -80.46 -22.83
N LEU KA 185 47.93 -80.12 -24.12
CA LEU KA 185 47.92 -81.13 -25.17
C LEU KA 185 48.94 -80.77 -26.25
N ARG KA 186 49.48 -81.75 -26.95
CA ARG KA 186 50.48 -81.51 -27.99
C ARG KA 186 50.40 -82.48 -29.17
N ALA KA 187 50.06 -82.00 -30.36
CA ALA KA 187 49.94 -82.82 -31.56
C ALA KA 187 51.15 -82.94 -32.47
N ASP KA 188 51.45 -84.10 -32.99
CA ASP KA 188 52.54 -84.29 -33.90
C ASP KA 188 52.16 -85.20 -35.04
N ARG KA 189 52.81 -85.12 -36.22
CA ARG KA 189 52.57 -86.03 -37.33
C ARG KA 189 53.82 -86.81 -37.66
N TYR KA 190 53.70 -88.12 -37.81
CA TYR KA 190 54.84 -89.00 -38.06
C TYR KA 190 54.62 -89.77 -39.35
N GLU KA 191 55.63 -89.79 -40.20
CA GLU KA 191 55.61 -90.54 -41.45
C GLU KA 191 56.20 -91.92 -41.18
N LEU KA 192 55.47 -92.96 -41.54
CA LEU KA 192 55.89 -94.31 -41.20
C LEU KA 192 56.26 -95.02 -42.44
N ARG KA 193 57.40 -95.70 -42.42
CA ARG KA 193 57.78 -96.47 -43.57
C ARG KA 193 57.89 -97.92 -43.20
N ASN KA 194 57.23 -98.77 -43.98
CA ASN KA 194 57.35 -100.20 -43.74
C ASN KA 194 58.62 -100.60 -44.48
N ALA KA 195 59.54 -101.22 -43.78
CA ALA KA 195 60.78 -101.64 -44.40
C ALA KA 195 60.88 -103.13 -44.68
N ASN KA 196 60.03 -103.93 -44.04
CA ASN KA 196 60.17 -105.38 -44.19
C ASN KA 196 59.48 -105.96 -45.40
N THR KA 197 58.80 -105.12 -46.17
CA THR KA 197 58.11 -105.59 -47.38
C THR KA 197 57.45 -106.97 -47.31
N TRP KA 198 56.61 -107.18 -46.29
CA TRP KA 198 55.92 -108.44 -46.17
C TRP KA 198 54.47 -108.33 -45.73
N GLY KA 199 53.96 -107.12 -45.60
CA GLY KA 199 52.57 -106.93 -45.19
C GLY KA 199 52.44 -106.91 -43.68
N VAL KA 200 52.06 -105.76 -43.12
CA VAL KA 200 51.94 -105.63 -41.67
C VAL KA 200 50.61 -105.00 -41.29
N ALA KA 201 49.81 -105.69 -40.50
CA ALA KA 201 48.53 -105.14 -40.04
C ALA KA 201 48.76 -103.95 -39.12
N LEU KA 202 47.90 -102.95 -39.20
CA LEU KA 202 48.11 -101.75 -38.40
C LEU KA 202 47.10 -101.54 -37.28
N ARG KA 203 47.58 -101.39 -36.06
CA ARG KA 203 46.69 -101.12 -34.94
C ARG KA 203 47.21 -99.91 -34.18
N GLU KA 204 46.33 -98.95 -33.91
CA GLU KA 204 46.73 -97.74 -33.20
C GLU KA 204 47.28 -98.09 -31.84
N GLN KA 205 46.81 -99.17 -31.23
CA GLN KA 205 47.23 -99.59 -29.91
C GLN KA 205 48.65 -100.06 -29.85
N ASP KA 206 49.21 -100.43 -30.96
CA ASP KA 206 50.57 -100.87 -31.00
C ASP KA 206 51.59 -99.79 -31.09
N PHE KA 207 51.17 -98.54 -31.11
CA PHE KA 207 52.04 -97.42 -31.18
C PHE KA 207 51.94 -96.65 -29.89
N TRP KA 208 51.16 -97.15 -28.95
CA TRP KA 208 50.96 -96.45 -27.68
C TRP KA 208 52.18 -96.34 -26.77
N LYS KA 209 52.39 -95.18 -26.18
CA LYS KA 209 53.49 -94.98 -25.25
C LYS KA 209 52.93 -94.21 -24.06
N PRO KA 210 53.55 -94.34 -22.87
CA PRO KA 210 53.09 -93.53 -21.74
C PRO KA 210 53.06 -92.04 -22.08
N GLY KA 211 51.88 -91.46 -22.22
CA GLY KA 211 51.78 -90.07 -22.60
C GLY KA 211 51.08 -89.86 -23.92
N VAL KA 212 50.98 -90.88 -24.76
CA VAL KA 212 50.30 -90.81 -26.03
C VAL KA 212 48.86 -90.88 -25.69
N ARG KA 213 48.16 -89.83 -25.95
CA ARG KA 213 46.75 -89.74 -25.56
C ARG KA 213 45.79 -90.24 -26.63
N ALA KA 214 46.12 -90.08 -27.90
CA ALA KA 214 45.26 -90.53 -28.98
C ALA KA 214 46.09 -90.73 -30.25
N VAL KA 215 45.65 -91.69 -31.06
CA VAL KA 215 46.32 -92.01 -32.32
C VAL KA 215 45.26 -92.14 -33.42
N MET KA 216 45.52 -91.52 -34.57
CA MET KA 216 44.63 -91.62 -35.71
C MET KA 216 45.45 -91.89 -36.97
N PHE KA 217 44.96 -92.77 -37.82
CA PHE KA 217 45.53 -93.01 -39.13
C PHE KA 217 44.78 -92.16 -40.15
N ASP KA 218 45.51 -91.34 -40.90
CA ASP KA 218 44.87 -90.45 -41.87
C ASP KA 218 44.17 -91.24 -42.96
N ASN KA 219 44.78 -92.30 -43.46
CA ASN KA 219 44.08 -93.15 -44.40
C ASN KA 219 43.47 -94.20 -43.50
N ASN KA 220 42.31 -94.75 -43.84
CA ASN KA 220 41.67 -95.68 -42.94
C ASN KA 220 42.60 -96.86 -42.74
N ALA KA 221 43.27 -97.29 -43.81
CA ALA KA 221 44.29 -98.33 -43.66
C ALA KA 221 43.85 -99.66 -43.08
N GLN KA 222 44.36 -100.08 -41.93
CA GLN KA 222 44.11 -101.41 -41.35
C GLN KA 222 45.17 -102.36 -41.87
N THR KA 223 45.92 -101.94 -42.89
CA THR KA 223 46.96 -102.78 -43.48
C THR KA 223 48.02 -101.82 -43.94
N LEU KA 224 49.26 -102.30 -44.07
CA LEU KA 224 50.31 -101.46 -44.60
C LEU KA 224 51.04 -102.25 -45.65
N MET KA 225 51.05 -101.76 -46.88
CA MET KA 225 51.72 -102.47 -47.97
C MET KA 225 53.21 -102.51 -47.74
N GLY KA 226 53.93 -103.33 -48.50
CA GLY KA 226 55.35 -103.50 -48.24
C GLY KA 226 56.16 -102.23 -48.31
N GLY KA 227 55.89 -101.37 -49.28
CA GLY KA 227 56.57 -100.08 -49.27
C GLY KA 227 55.53 -99.06 -48.88
N GLY KA 228 55.60 -98.55 -47.66
CA GLY KA 228 54.57 -97.62 -47.19
C GLY KA 228 55.09 -96.28 -46.73
N ARG KA 229 54.58 -95.19 -47.31
CA ARG KA 229 55.00 -93.84 -46.91
C ARG KA 229 53.97 -93.14 -46.06
N MET KA 230 52.99 -93.88 -45.53
CA MET KA 230 51.89 -93.27 -44.76
C MET KA 230 52.20 -92.38 -43.56
N THR KA 231 51.16 -91.79 -42.96
CA THR KA 231 51.32 -90.88 -41.85
C THR KA 231 50.40 -91.18 -40.68
N VAL KA 232 50.76 -90.68 -39.50
CA VAL KA 232 49.94 -90.90 -38.31
C VAL KA 232 49.99 -89.64 -37.46
N THR KA 233 48.86 -89.24 -36.89
CA THR KA 233 48.85 -88.09 -36.02
C THR KA 233 48.65 -88.54 -34.58
N VAL KA 234 49.57 -88.13 -33.70
CA VAL KA 234 49.43 -88.49 -32.30
C VAL KA 234 49.26 -87.29 -31.38
N ILE KA 235 48.30 -87.36 -30.48
CA ILE KA 235 48.12 -86.29 -29.51
C ILE KA 235 48.71 -86.82 -28.23
N ARG KA 236 49.39 -85.99 -27.48
CA ARG KA 236 50.02 -86.41 -26.28
C ARG KA 236 49.71 -85.36 -25.30
N GLY KA 237 50.43 -85.35 -24.20
CA GLY KA 237 50.26 -84.32 -23.20
C GLY KA 237 51.47 -83.42 -23.16
N ASN KA 238 51.27 -82.14 -22.94
CA ASN KA 238 52.41 -81.26 -22.78
C ASN KA 238 53.00 -81.41 -21.40
N GLY KA 239 54.30 -81.70 -21.33
CA GLY KA 239 54.95 -81.90 -20.04
C GLY KA 239 55.04 -83.32 -19.54
N GLU KA 240 54.55 -84.27 -20.31
CA GLU KA 240 54.70 -85.66 -19.90
C GLU KA 240 56.19 -85.98 -19.87
N GLY KA 241 56.64 -86.68 -18.83
CA GLY KA 241 58.04 -87.00 -18.69
C GLY KA 241 58.77 -86.10 -17.71
N GLN LA 25 78.77 -75.12 -2.89
CA GLN LA 25 78.74 -75.18 -1.45
C GLN LA 25 77.31 -75.07 -0.93
N SER LA 26 77.08 -75.46 0.32
CA SER LA 26 75.77 -75.37 0.92
C SER LA 26 76.05 -74.38 2.02
N PRO LA 27 75.06 -73.56 2.38
CA PRO LA 27 75.44 -72.58 3.38
C PRO LA 27 75.89 -73.27 4.65
N ALA LA 28 76.94 -72.78 5.31
CA ALA LA 28 77.42 -73.36 6.56
C ALA LA 28 76.47 -73.05 7.68
N THR LA 29 76.34 -73.97 8.63
CA THR LA 29 75.36 -73.79 9.72
C THR LA 29 76.00 -73.49 11.08
N ILE LA 30 75.67 -72.35 11.63
CA ILE LA 30 76.27 -71.94 12.87
C ILE LA 30 75.64 -72.59 14.12
N SER LA 31 74.32 -72.60 14.25
CA SER LA 31 73.62 -73.16 15.46
C SER LA 31 74.12 -72.64 16.80
N LEU LA 32 73.59 -71.50 17.25
CA LEU LA 32 74.09 -70.89 18.47
C LEU LA 32 72.95 -70.63 19.38
N PRO LA 33 73.15 -70.74 20.71
CA PRO LA 33 72.09 -70.36 21.66
C PRO LA 33 71.90 -68.86 21.57
N GLN LA 34 71.01 -68.28 22.34
CA GLN LA 34 70.76 -66.85 22.19
C GLN LA 34 71.73 -66.00 23.01
N GLY LA 35 73.01 -66.36 22.97
CA GLY LA 35 74.10 -65.55 23.47
C GLY LA 35 75.35 -65.85 22.67
N GLY LA 36 75.18 -66.59 21.59
CA GLY LA 36 76.28 -67.29 20.97
C GLY LA 36 77.43 -66.40 20.55
N GLN LA 37 78.63 -66.96 20.56
CA GLN LA 37 79.80 -66.21 20.13
C GLN LA 37 80.54 -67.13 19.19
N PHE LA 38 80.33 -66.96 17.90
CA PHE LA 38 80.97 -67.82 16.93
C PHE LA 38 81.99 -67.05 16.12
N ARG LA 39 83.21 -67.58 16.04
CA ARG LA 39 84.22 -66.92 15.23
C ARG LA 39 84.12 -67.44 13.82
N LEU LA 40 83.79 -66.57 12.88
CA LEU LA 40 83.62 -66.99 11.50
C LEU LA 40 84.38 -66.11 10.51
N SER LA 41 84.88 -66.70 9.44
CA SER LA 41 85.57 -65.91 8.42
C SER LA 41 84.62 -65.03 7.64
N ILE LA 42 85.07 -63.84 7.28
CA ILE LA 42 84.25 -62.94 6.50
C ILE LA 42 85.17 -62.43 5.39
N SER LA 43 84.61 -62.00 4.27
CA SER LA 43 85.44 -61.56 3.16
C SER LA 43 85.50 -60.05 3.03
N ASN LA 44 86.71 -59.49 2.99
CA ASN LA 44 86.81 -58.05 2.76
C ASN LA 44 86.34 -57.57 1.40
N THR LA 45 86.58 -58.34 0.36
CA THR LA 45 86.22 -57.94 -1.00
C THR LA 45 84.76 -58.05 -1.43
N ASP LA 46 84.12 -59.19 -1.21
CA ASP LA 46 82.77 -59.41 -1.74
C ASP LA 46 81.70 -59.54 -0.70
N PRO LA 47 80.44 -59.28 -1.06
CA PRO LA 47 79.40 -59.28 -0.02
C PRO LA 47 79.19 -60.59 0.70
N ASN LA 48 78.85 -60.55 1.98
CA ASN LA 48 78.67 -61.75 2.77
C ASN LA 48 77.22 -61.79 3.25
N MET LA 49 76.67 -62.98 3.45
CA MET LA 49 75.26 -63.10 3.87
C MET LA 49 74.97 -63.95 5.09
N ILE LA 50 74.05 -63.50 5.94
CA ILE LA 50 73.63 -64.26 7.11
C ILE LA 50 72.10 -64.34 7.07
N PHE LA 51 71.54 -65.55 7.18
CA PHE LA 51 70.09 -65.67 7.20
C PHE LA 51 69.53 -66.46 8.38
N ILE LA 52 68.31 -66.12 8.83
CA ILE LA 52 67.75 -66.94 9.91
C ILE LA 52 66.68 -67.84 9.30
N PRO LA 53 66.80 -69.16 9.40
CA PRO LA 53 65.72 -70.03 8.90
C PRO LA 53 64.51 -70.00 9.81
N GLY LA 54 63.69 -68.96 9.70
CA GLY LA 54 62.48 -68.86 10.49
C GLY LA 54 62.27 -67.49 11.10
N ASP LA 55 63.24 -66.60 10.93
CA ASP LA 55 63.17 -65.26 11.50
C ASP LA 55 63.71 -64.24 10.51
N LYS LA 56 63.32 -62.99 10.70
CA LYS LA 56 63.71 -61.88 9.84
C LYS LA 56 64.70 -61.00 10.59
N VAL LA 57 65.92 -60.86 10.07
CA VAL LA 57 66.91 -60.00 10.69
C VAL LA 57 66.40 -58.58 10.66
N THR LA 58 66.46 -57.89 11.79
CA THR LA 58 66.02 -56.52 11.86
C THR LA 58 67.14 -55.52 12.00
N ALA LA 59 68.32 -55.98 12.42
CA ALA LA 59 69.43 -55.08 12.64
C ALA LA 59 70.75 -55.78 12.78
N ILE LA 60 71.80 -55.17 12.25
CA ILE LA 60 73.13 -55.72 12.44
C ILE LA 60 73.91 -54.55 13.03
N THR LA 61 74.70 -54.80 14.06
CA THR LA 61 75.48 -53.74 14.68
C THR LA 61 76.91 -54.12 14.79
N ALA LA 62 77.78 -53.28 14.29
CA ALA LA 62 79.18 -53.53 14.42
C ALA LA 62 79.88 -52.26 14.92
N PRO LA 63 81.20 -52.30 15.23
CA PRO LA 63 81.95 -51.10 15.63
C PRO LA 63 81.92 -50.06 14.52
N GLY LA 64 81.88 -48.79 14.91
CA GLY LA 64 81.81 -47.72 13.92
C GLY LA 64 82.99 -47.76 12.97
N GLY LA 65 82.69 -47.60 11.68
CA GLY LA 65 83.72 -47.65 10.67
C GLY LA 65 84.29 -49.02 10.40
N MET LA 66 83.53 -50.08 10.68
CA MET LA 66 83.97 -51.45 10.46
C MET LA 66 83.22 -52.12 9.31
N LEU LA 67 81.90 -52.10 9.33
CA LEU LA 67 81.08 -52.67 8.24
C LEU LA 67 80.70 -51.63 7.21
N ALA LA 68 81.32 -51.67 6.04
CA ALA LA 68 81.10 -50.70 4.97
C ALA LA 68 79.71 -50.60 4.40
N ASP LA 69 79.02 -51.71 4.18
CA ASP LA 69 77.63 -51.66 3.73
C ASP LA 69 76.77 -52.69 4.41
N LYS LA 70 75.49 -52.40 4.56
CA LYS LA 70 74.55 -53.32 5.21
C LYS LA 70 73.15 -53.15 4.69
N ARG LA 71 72.66 -54.12 3.95
CA ARG LA 71 71.32 -54.08 3.38
C ARG LA 71 70.51 -55.33 3.74
N LEU LA 72 69.22 -55.15 3.98
CA LEU LA 72 68.37 -56.26 4.39
C LEU LA 72 67.70 -56.97 3.23
N THR LA 73 67.95 -58.27 3.09
CA THR LA 73 67.33 -59.04 2.05
C THR LA 73 65.84 -59.23 2.28
N ARG LA 74 65.07 -59.40 1.21
CA ARG LA 74 63.63 -59.53 1.31
C ARG LA 74 63.18 -60.79 2.05
N ALA LA 75 63.88 -61.89 1.83
CA ALA LA 75 63.51 -63.13 2.48
C ALA LA 75 63.62 -62.95 3.98
N GLY LA 76 64.63 -62.21 4.42
CA GLY LA 76 64.77 -61.94 5.82
C GLY LA 76 66.21 -62.05 6.17
N GLY LA 77 67.09 -62.03 5.18
CA GLY LA 77 68.49 -62.02 5.51
C GLY LA 77 69.08 -60.63 5.49
N VAL LA 78 70.41 -60.58 5.63
CA VAL LA 78 71.17 -59.33 5.61
C VAL LA 78 72.45 -59.56 4.82
N LEU LA 79 72.77 -58.63 3.93
CA LEU LA 79 73.99 -58.69 3.13
C LEU LA 79 74.89 -57.58 3.59
N PHE LA 80 76.16 -57.88 3.80
CA PHE LA 80 77.08 -56.89 4.32
C PHE LA 80 78.49 -56.96 3.76
N THR LA 81 79.17 -55.83 3.71
CA THR LA 81 80.53 -55.77 3.20
C THR LA 81 81.42 -55.14 4.26
N SER LA 82 82.60 -55.70 4.46
CA SER LA 82 83.52 -55.16 5.42
C SER LA 82 84.79 -54.81 4.72
N VAL LA 83 85.30 -53.62 4.94
CA VAL LA 83 86.48 -53.18 4.22
C VAL LA 83 87.70 -53.30 5.11
N ALA LA 84 87.51 -53.12 6.42
CA ALA LA 84 88.62 -53.17 7.36
C ALA LA 84 89.24 -54.57 7.37
N THR LA 85 90.31 -54.70 8.17
CA THR LA 85 91.04 -55.96 8.24
C THR LA 85 91.15 -56.60 9.63
N ARG LA 86 90.88 -55.84 10.69
CA ARG LA 86 90.91 -56.39 12.06
C ARG LA 86 89.74 -57.28 12.42
N THR LA 87 89.98 -58.25 13.28
CA THR LA 87 88.90 -59.08 13.77
C THR LA 87 87.93 -58.25 14.58
N PHE LA 88 86.64 -58.43 14.36
CA PHE LA 88 85.65 -57.63 15.06
C PHE LA 88 84.43 -58.39 15.51
N THR LA 89 83.67 -57.89 16.46
CA THR LA 89 82.42 -58.56 16.82
C THR LA 89 81.21 -57.88 16.23
N ILE LA 90 80.31 -58.65 15.62
CA ILE LA 90 79.06 -58.09 15.11
C ILE LA 90 77.86 -58.72 15.79
N PHE LA 91 76.80 -57.95 16.00
CA PHE LA 91 75.61 -58.45 16.69
C PHE LA 91 74.39 -58.41 15.84
N VAL LA 92 73.68 -59.52 15.73
CA VAL LA 92 72.45 -59.57 14.94
C VAL LA 92 71.21 -59.75 15.77
N GLU LA 93 70.22 -58.91 15.52
CA GLU LA 93 68.98 -58.98 16.26
C GLU LA 93 67.84 -59.31 15.33
N THR LA 94 67.20 -60.45 15.52
CA THR LA 94 66.04 -60.79 14.73
C THR LA 94 64.75 -60.20 15.26
N ALA LA 95 63.74 -60.12 14.42
CA ALA LA 95 62.47 -59.52 14.81
C ALA LA 95 61.67 -60.20 15.89
N ARG LA 96 61.60 -61.52 15.87
CA ARG LA 96 60.78 -62.24 16.82
C ARG LA 96 61.55 -62.34 18.10
N GLY LA 97 62.54 -61.47 18.28
CA GLY LA 97 63.22 -61.50 19.56
C GLY LA 97 64.31 -62.54 19.59
N GLN LA 98 65.54 -62.09 19.37
CA GLN LA 98 66.71 -62.96 19.25
C GLN LA 98 67.95 -62.08 19.10
N THR LA 99 69.08 -62.59 19.57
CA THR LA 99 70.34 -61.88 19.44
C THR LA 99 71.47 -62.88 19.35
N PHE LA 100 72.29 -62.77 18.31
CA PHE LA 100 73.44 -63.66 18.13
C PHE LA 100 74.67 -62.81 17.82
N SER LA 101 75.81 -63.18 18.40
CA SER LA 101 77.05 -62.46 18.21
C SER LA 101 78.06 -63.34 17.47
N VAL LA 102 78.68 -62.77 16.45
CA VAL LA 102 79.70 -63.47 15.72
C VAL LA 102 80.93 -62.60 15.70
N VAL LA 103 82.09 -63.20 15.83
CA VAL LA 103 83.32 -62.44 15.72
C VAL LA 103 83.81 -62.71 14.33
N ALA LA 104 83.90 -61.68 13.51
CA ALA LA 104 84.25 -61.85 12.12
C ALA LA 104 85.62 -61.35 11.78
N THR LA 105 86.50 -62.23 11.33
CA THR LA 105 87.82 -61.81 10.91
C THR LA 105 87.96 -61.73 9.40
N PRO LA 106 88.24 -60.51 8.84
CA PRO LA 106 88.25 -60.45 7.37
C PRO LA 106 89.40 -61.12 6.63
N VAL LA 107 89.10 -62.02 5.69
CA VAL LA 107 90.13 -62.68 4.91
C VAL LA 107 89.85 -62.52 3.43
N LYS LA 108 90.89 -62.65 2.62
CA LYS LA 108 90.73 -62.49 1.16
C LYS LA 108 90.02 -63.69 0.57
N GLY LA 109 88.97 -63.43 -0.21
CA GLY LA 109 88.26 -64.51 -0.86
C GLY LA 109 86.83 -64.23 -1.28
N GLU LA 110 86.06 -65.27 -1.55
CA GLU LA 110 84.66 -65.13 -1.95
C GLU LA 110 83.73 -64.81 -0.80
N GLY LA 111 82.56 -64.26 -1.09
CA GLY LA 111 81.58 -63.97 -0.06
C GLY LA 111 81.09 -65.23 0.60
N ARG LA 112 80.85 -65.20 1.90
CA ARG LA 112 80.43 -66.38 2.63
C ARG LA 112 79.00 -66.30 3.13
N VAL LA 113 78.28 -67.42 3.10
CA VAL LA 113 76.90 -67.41 3.51
C VAL LA 113 76.79 -68.33 4.68
N TYR LA 114 76.14 -67.87 5.74
CA TYR LA 114 76.00 -68.68 6.92
C TYR LA 114 74.55 -68.77 7.31
N ARG LA 115 74.13 -69.96 7.72
CA ARG LA 115 72.75 -70.19 8.12
C ARG LA 115 72.73 -70.27 9.62
N LEU LA 116 71.90 -69.47 10.26
CA LEU LA 116 71.93 -69.43 11.71
C LEU LA 116 70.80 -70.17 12.37
N MET LA 117 71.07 -71.33 12.94
CA MET LA 117 70.04 -72.07 13.64
C MET LA 117 69.92 -71.63 15.08
N SER LA 118 68.71 -71.50 15.60
CA SER LA 118 68.53 -70.97 16.94
C SER LA 118 69.04 -71.72 18.13
N ALA LA 119 69.05 -73.05 18.10
CA ALA LA 119 69.44 -73.86 19.27
C ALA LA 119 68.49 -73.71 20.44
N GLU LA 120 67.98 -72.52 20.70
CA GLU LA 120 66.96 -72.34 21.72
C GLU LA 120 65.82 -71.71 20.98
N PRO LA 121 64.70 -72.41 20.86
CA PRO LA 121 63.59 -71.90 20.06
C PRO LA 121 63.00 -70.59 20.55
N PRO LA 122 62.62 -69.70 19.64
CA PRO LA 122 62.04 -68.41 20.00
C PRO LA 122 60.60 -68.44 20.44
N SER LA 123 60.19 -67.50 21.28
CA SER LA 123 58.80 -67.41 21.65
C SER LA 123 57.98 -66.88 20.51
N ARG LA 124 56.92 -67.57 20.16
CA ARG LA 124 56.13 -67.15 19.03
C ARG LA 124 54.73 -66.97 19.53
N PRO LA 125 54.40 -65.76 19.98
CA PRO LA 125 53.07 -65.48 20.53
C PRO LA 125 51.94 -65.64 19.53
N GLU LA 126 52.15 -65.25 18.29
CA GLU LA 126 51.10 -65.33 17.29
C GLU LA 126 50.78 -66.75 16.91
N THR LA 127 51.65 -67.71 17.25
CA THR LA 127 51.41 -69.15 16.96
C THR LA 127 50.60 -69.88 18.02
N ARG LA 128 50.67 -69.43 19.26
CA ARG LA 128 49.90 -70.02 20.33
C ARG LA 128 48.43 -69.90 20.05
N LYS LA 129 48.03 -68.79 19.45
CA LYS LA 129 46.63 -68.59 19.16
C LYS LA 129 46.10 -69.64 18.22
N TRP LA 130 46.87 -70.02 17.21
CA TRP LA 130 46.45 -71.08 16.31
C TRP LA 130 46.59 -72.40 17.01
N GLU LA 131 47.61 -72.50 17.84
CA GLU LA 131 47.88 -73.77 18.48
C GLU LA 131 46.76 -74.19 19.43
N THR LA 132 46.25 -73.24 20.21
CA THR LA 132 45.25 -73.55 21.22
C THR LA 132 43.82 -73.46 20.72
N ALA LA 133 43.59 -72.89 19.53
CA ALA LA 133 42.23 -72.74 19.04
C ALA LA 133 41.58 -74.07 18.73
N GLN LA 134 42.41 -75.04 18.35
CA GLN LA 134 41.94 -76.39 18.02
C GLN LA 134 42.15 -77.43 19.10
N ALA LA 135 41.61 -78.63 18.90
CA ALA LA 135 41.76 -79.72 19.86
C ALA LA 135 43.13 -80.32 19.86
N TYR LA 136 43.50 -80.96 20.94
CA TYR LA 136 44.82 -81.51 21.06
C TYR LA 136 45.05 -82.60 20.05
N GLU LA 137 44.19 -83.59 19.96
CA GLU LA 137 44.46 -84.70 19.06
C GLU LA 137 44.48 -84.26 17.63
N LYS LA 138 43.68 -83.27 17.28
CA LYS LA 138 43.71 -82.71 15.95
C LYS LA 138 45.02 -82.03 15.62
N LEU LA 139 45.58 -81.27 16.55
CA LEU LA 139 46.86 -80.59 16.38
C LEU LA 139 47.99 -81.56 16.20
N LEU LA 140 48.00 -82.62 17.00
CA LEU LA 140 49.04 -83.64 16.87
C LEU LA 140 49.01 -84.22 15.47
N ILE LA 141 47.83 -84.61 15.00
CA ILE LA 141 47.71 -85.19 13.66
C ILE LA 141 48.19 -84.23 12.62
N SER LA 142 47.83 -82.96 12.76
CA SER LA 142 48.26 -81.94 11.84
C SER LA 142 49.75 -81.70 11.77
N LEU LA 143 50.44 -81.66 12.89
CA LEU LA 143 51.87 -81.51 12.87
C LEU LA 143 52.53 -82.69 12.28
N ASN LA 144 52.04 -83.86 12.63
CA ASN LA 144 52.60 -85.09 12.11
C ASN LA 144 52.37 -85.24 10.61
N ARG LA 145 51.22 -84.83 10.11
CA ARG LA 145 51.01 -84.87 8.68
C ARG LA 145 51.94 -83.93 7.99
N ALA LA 146 52.10 -82.72 8.51
CA ALA LA 146 52.91 -81.72 7.86
C ALA LA 146 54.34 -82.11 7.76
N VAL LA 147 54.90 -82.68 8.79
CA VAL LA 147 56.26 -83.14 8.74
C VAL LA 147 56.39 -84.25 7.75
N LEU LA 148 55.39 -85.12 7.68
CA LEU LA 148 55.46 -86.26 6.79
C LEU LA 148 55.27 -85.80 5.39
N THR LA 149 54.31 -84.92 5.15
CA THR LA 149 54.02 -84.47 3.78
C THR LA 149 54.96 -83.38 3.31
N GLY LA 150 55.85 -82.90 4.17
CA GLY LA 150 56.83 -81.91 3.76
C GLY LA 150 56.43 -80.45 3.71
N ASP LA 151 55.22 -80.12 4.14
CA ASP LA 151 54.81 -78.72 4.17
C ASP LA 151 54.75 -78.26 5.61
N ILE LA 152 55.39 -77.15 5.93
CA ILE LA 152 55.46 -76.73 7.32
C ILE LA 152 54.42 -75.64 7.70
N PRO LA 153 53.74 -75.75 8.89
CA PRO LA 153 52.78 -74.69 9.19
C PRO LA 153 53.46 -73.32 9.22
N ASP LA 154 52.66 -72.28 8.97
CA ASP LA 154 53.20 -70.93 8.85
C ASP LA 154 53.84 -70.47 10.15
N GLY LA 155 53.22 -70.76 11.29
CA GLY LA 155 53.73 -70.28 12.56
C GLY LA 155 54.99 -70.96 13.04
N TYR LA 156 55.31 -72.14 12.51
CA TYR LA 156 56.47 -72.88 12.96
C TYR LA 156 57.73 -72.46 12.23
N GLY LA 157 58.86 -72.64 12.89
CA GLY LA 157 60.15 -72.29 12.33
C GLY LA 157 61.17 -73.38 12.58
N GLU LA 158 62.28 -73.29 11.85
CA GLU LA 158 63.30 -74.33 11.92
C GLU LA 158 64.23 -74.09 13.09
N VAL LA 159 64.53 -75.14 13.84
CA VAL LA 159 65.41 -75.06 15.01
C VAL LA 159 66.38 -76.23 14.97
N LYS LA 160 67.41 -76.13 15.81
CA LYS LA 160 68.40 -77.19 15.91
C LYS LA 160 67.78 -78.40 16.62
N PRO LA 161 67.93 -79.61 16.07
CA PRO LA 161 67.33 -80.79 16.71
C PRO LA 161 67.98 -81.10 18.05
N LEU LA 162 67.18 -81.66 18.95
CA LEU LA 162 67.67 -82.03 20.28
C LEU LA 162 68.63 -83.20 20.16
N SER LA 163 69.72 -83.13 20.94
CA SER LA 163 70.71 -84.21 20.92
C SER LA 163 70.13 -85.53 21.41
N ASP LA 164 69.37 -85.49 22.50
CA ASP LA 164 68.77 -86.67 23.09
C ASP LA 164 67.34 -86.32 23.51
N GLY LA 165 66.37 -86.71 22.70
CA GLY LA 165 64.98 -86.44 23.01
C GLY LA 165 64.13 -87.68 23.14
N ILE LA 166 64.71 -88.84 22.80
CA ILE LA 166 63.99 -90.11 22.83
C ILE LA 166 64.88 -91.17 23.48
N ARG LA 167 64.22 -92.08 24.19
CA ARG LA 167 64.93 -93.21 24.79
C ARG LA 167 65.42 -94.17 23.72
N LEU LA 168 66.61 -94.72 23.92
CA LEU LA 168 67.23 -95.58 22.92
C LEU LA 168 67.29 -97.02 23.44
N PRO LA 169 66.38 -97.89 23.02
CA PRO LA 169 66.41 -99.28 23.46
C PRO LA 169 67.16 -100.21 22.52
N GLY LA 170 67.69 -101.28 23.09
CA GLY LA 170 68.32 -102.33 22.30
C GLY LA 170 69.56 -101.90 21.54
N GLY LA 171 70.40 -101.07 22.15
CA GLY LA 171 71.65 -100.69 21.53
C GLY LA 171 71.52 -99.96 20.21
N PHE LA 172 70.59 -99.02 20.12
CA PHE LA 172 70.39 -98.28 18.88
C PHE LA 172 71.22 -97.00 18.88
N SER LA 173 71.45 -96.47 17.68
CA SER LA 173 72.07 -95.17 17.49
C SER LA 173 71.13 -94.31 16.64
N VAL LA 174 71.04 -93.03 16.96
CA VAL LA 174 70.08 -92.13 16.34
C VAL LA 174 70.82 -90.91 15.81
N THR LA 175 70.54 -90.55 14.56
CA THR LA 175 71.09 -89.35 13.94
C THR LA 175 69.96 -88.38 13.67
N PRO LA 176 69.92 -87.22 14.33
CA PRO LA 176 68.87 -86.24 14.04
C PRO LA 176 68.98 -85.71 12.62
N LEU LA 177 67.84 -85.31 12.09
CA LEU LA 177 67.78 -84.79 10.75
C LEU LA 177 67.24 -83.37 10.78
N LYS LA 178 65.96 -83.20 11.06
CA LYS LA 178 65.36 -81.88 11.09
C LYS LA 178 64.47 -81.65 12.29
N ALA LA 179 64.31 -80.40 12.73
CA ALA LA 179 63.45 -80.08 13.83
C ALA LA 179 62.76 -78.79 13.58
N TRP LA 180 61.58 -78.64 14.14
CA TRP LA 180 60.81 -77.44 13.97
C TRP LA 180 60.24 -77.23 15.30
N ALA LA 181 59.80 -76.04 15.59
CA ALA LA 181 59.28 -75.68 16.89
C ALA LA 181 58.31 -74.52 16.78
N GLY LA 182 57.24 -74.57 17.56
CA GLY LA 182 56.29 -73.47 17.64
C GLY LA 182 56.36 -72.75 18.98
N ASP LA 183 55.24 -72.70 19.69
CA ASP LA 183 55.19 -72.02 20.98
C ASP LA 183 55.09 -72.99 22.14
N GLN LA 184 54.15 -73.93 22.11
CA GLN LA 184 54.01 -74.93 23.16
C GLN LA 184 54.37 -76.33 22.69
N LEU LA 185 54.64 -76.52 21.40
CA LEU LA 185 54.94 -77.84 20.86
C LEU LA 185 56.20 -77.77 20.00
N ARG LA 186 56.94 -78.87 19.89
CA ARG LA 186 58.17 -78.92 19.11
C ARG LA 186 58.42 -80.26 18.42
N ALA LA 187 58.39 -80.30 17.10
CA ALA LA 187 58.62 -81.53 16.32
C ALA LA 187 60.03 -81.82 15.85
N ASP LA 188 60.48 -83.05 15.90
CA ASP LA 188 61.79 -83.42 15.42
C ASP LA 188 61.75 -84.74 14.68
N ARG LA 189 62.68 -85.01 13.77
CA ARG LA 189 62.76 -86.30 13.08
C ARG LA 189 64.07 -86.99 13.39
N TYR LA 190 64.03 -88.26 13.74
CA TYR LA 190 65.22 -89.02 14.13
C TYR LA 190 65.37 -90.23 13.24
N GLU LA 191 66.58 -90.45 12.73
CA GLU LA 191 66.90 -91.61 11.91
C GLU LA 191 67.43 -92.69 12.83
N LEU LA 192 66.85 -93.87 12.75
CA LEU LA 192 67.20 -94.93 13.68
C LEU LA 192 67.91 -96.01 12.95
N ARG LA 193 69.01 -96.47 13.49
CA ARG LA 193 69.70 -97.56 12.87
C ARG LA 193 69.75 -98.75 13.80
N ASN LA 194 69.34 -99.90 13.29
CA ASN LA 194 69.43 -101.10 14.09
C ASN LA 194 70.85 -101.59 13.89
N ALA LA 195 71.58 -101.79 14.97
CA ALA LA 195 72.95 -102.24 14.87
C ALA LA 195 73.16 -103.70 15.25
N ASN LA 196 72.19 -104.31 15.93
CA ASN LA 196 72.40 -105.68 16.41
C ASN LA 196 72.07 -106.75 15.40
N THR LA 197 71.59 -106.35 14.21
CA THR LA 197 71.27 -107.33 13.16
C THR LA 197 70.64 -108.65 13.63
N TRP LA 198 69.57 -108.57 14.41
CA TRP LA 198 68.91 -109.78 14.86
C TRP LA 198 67.39 -109.69 14.88
N GLY LA 199 66.83 -108.59 14.38
CA GLY LA 199 65.38 -108.44 14.35
C GLY LA 199 64.85 -107.88 15.65
N VAL LA 200 64.31 -106.66 15.61
CA VAL LA 200 63.81 -106.01 16.82
C VAL LA 200 62.41 -105.45 16.59
N ALA LA 201 61.44 -105.90 17.39
CA ALA LA 201 60.08 -105.38 17.27
C ALA LA 201 60.02 -103.91 17.68
N LEU LA 202 59.19 -103.13 17.01
CA LEU LA 202 59.15 -101.71 17.29
C LEU LA 202 57.88 -101.23 17.97
N ARG LA 203 58.01 -100.56 19.11
CA ARG LA 203 56.85 -100.01 19.80
C ARG LA 203 57.11 -98.54 20.12
N GLU LA 204 56.18 -97.67 19.77
CA GLU LA 204 56.34 -96.24 20.01
C GLU LA 204 56.52 -95.99 21.50
N GLN LA 205 55.93 -96.82 22.34
CA GLN LA 205 56.00 -96.65 23.78
C GLN LA 205 57.36 -96.88 24.35
N ASP LA 206 58.20 -97.56 23.64
CA ASP LA 206 59.54 -97.81 24.11
C ASP LA 206 60.52 -96.72 23.83
N PHE LA 207 60.09 -95.64 23.21
CA PHE LA 207 60.93 -94.52 22.92
C PHE LA 207 60.46 -93.35 23.75
N TRP LA 208 59.47 -93.55 24.59
CA TRP LA 208 58.92 -92.45 25.40
C TRP LA 208 59.86 -91.86 26.44
N LYS LA 209 59.87 -90.54 26.55
CA LYS LA 209 60.68 -89.88 27.57
C LYS LA 209 59.81 -88.78 28.19
N PRO LA 210 60.10 -88.39 29.43
CA PRO LA 210 59.33 -87.28 30.02
C PRO LA 210 59.36 -86.04 29.13
N GLY LA 211 58.24 -85.70 28.49
CA GLY LA 211 58.21 -84.59 27.57
C GLY LA 211 57.88 -84.97 26.16
N VAL LA 212 58.04 -86.25 25.79
CA VAL LA 212 57.71 -86.75 24.48
C VAL LA 212 56.24 -86.87 24.47
N ARG LA 213 55.60 -86.09 23.65
CA ARG LA 213 54.14 -86.03 23.65
C ARG LA 213 53.50 -87.01 22.67
N ALA LA 214 54.16 -87.31 21.56
CA ALA LA 214 53.62 -88.23 20.56
C ALA LA 214 54.76 -88.79 19.72
N VAL LA 215 54.58 -90.03 19.27
CA VAL LA 215 55.57 -90.71 18.43
C VAL LA 215 54.84 -91.38 17.27
N MET LA 216 55.38 -91.20 16.05
CA MET LA 216 54.82 -91.85 14.87
C MET LA 216 55.95 -92.45 14.05
N PHE LA 217 55.74 -93.65 13.54
CA PHE LA 217 56.63 -94.28 12.59
C PHE LA 217 56.15 -93.98 11.17
N ASP LA 218 57.04 -93.42 10.35
CA ASP LA 218 56.66 -93.04 9.00
C ASP LA 218 56.28 -94.26 8.17
N ASN LA 219 57.03 -95.34 8.29
CA ASN LA 219 56.62 -96.57 7.62
C ASN LA 219 55.83 -97.28 8.70
N ASN LA 220 54.82 -98.05 8.34
CA ASN LA 220 53.99 -98.66 9.36
C ASN LA 220 54.86 -99.54 10.23
N ALA LA 221 55.80 -100.25 9.61
CA ALA LA 221 56.77 -101.02 10.39
C ALA LA 221 56.23 -102.09 11.31
N GLN LA 222 56.42 -101.96 12.63
CA GLN LA 222 56.06 -103.01 13.61
C GLN LA 222 57.25 -103.94 13.77
N THR LA 223 58.23 -103.85 12.87
CA THR LA 223 59.41 -104.71 12.93
C THR LA 223 60.54 -103.87 12.39
N LEU LA 224 61.77 -104.18 12.75
CA LEU LA 224 62.90 -103.48 12.18
C LEU LA 224 63.91 -104.52 11.74
N MET LA 225 64.23 -104.52 10.45
CA MET LA 225 65.18 -105.50 9.92
C MET LA 225 66.56 -105.26 10.48
N GLY LA 226 67.47 -106.20 10.31
CA GLY LA 226 68.77 -106.08 10.94
C GLY LA 226 69.54 -104.84 10.56
N GLY LA 227 69.51 -104.44 9.30
CA GLY LA 227 70.13 -103.17 8.95
C GLY LA 227 69.00 -102.22 8.65
N GLY LA 228 68.73 -101.28 9.55
CA GLY LA 228 67.59 -100.38 9.36
C GLY LA 228 67.94 -98.91 9.36
N ARG LA 229 67.58 -98.20 8.30
CA ARG LA 229 67.84 -96.76 8.22
C ARG LA 229 66.60 -95.92 8.45
N MET LA 230 65.53 -96.52 8.99
CA MET LA 230 64.26 -95.82 9.17
C MET LA 230 64.22 -94.52 9.97
N THR LA 231 63.04 -93.89 10.02
CA THR LA 231 62.88 -92.61 10.68
C THR LA 231 61.69 -92.56 11.64
N VAL LA 232 61.71 -91.62 12.57
CA VAL LA 232 60.61 -91.48 13.51
C VAL LA 232 60.40 -89.99 13.79
N THR LA 233 59.16 -89.56 13.88
CA THR LA 233 58.88 -88.17 14.18
C THR LA 233 58.32 -88.07 15.59
N VAL LA 234 58.96 -87.26 16.42
CA VAL LA 234 58.46 -87.08 17.79
C VAL LA 234 58.04 -85.65 18.09
N ILE LA 235 56.86 -85.50 18.69
CA ILE LA 235 56.42 -84.18 19.09
C ILE LA 235 56.66 -84.11 20.57
N ARG LA 236 57.09 -82.97 21.08
CA ARG LA 236 57.40 -82.83 22.46
C ARG LA 236 56.81 -81.54 22.84
N GLY LA 237 57.21 -81.02 23.97
CA GLY LA 237 56.76 -79.73 24.40
C GLY LA 237 57.88 -78.73 24.39
N ASN LA 238 57.61 -77.50 24.02
CA ASN LA 238 58.64 -76.49 24.08
C ASN LA 238 58.85 -76.03 25.51
N GLY LA 239 60.08 -76.10 25.99
CA GLY LA 239 60.38 -75.72 27.36
C GLY LA 239 60.37 -76.82 28.39
N GLU LA 240 60.13 -78.06 27.98
CA GLU LA 240 60.20 -79.16 28.91
C GLU LA 240 61.63 -79.25 29.43
N GLY LA 241 61.81 -79.44 30.73
CA GLY LA 241 63.14 -79.52 31.29
C GLY LA 241 63.56 -78.23 31.99
N GLN MA 25 78.64 -60.04 45.47
CA GLN MA 25 78.22 -59.55 46.77
C GLN MA 25 76.71 -59.44 46.86
N SER MA 26 76.17 -59.36 48.06
CA SER MA 26 74.74 -59.21 48.25
C SER MA 26 74.70 -57.87 48.91
N PRO MA 27 73.62 -57.10 48.68
CA PRO MA 27 73.70 -55.77 49.27
C PRO MA 27 73.82 -55.88 50.77
N ALA MA 28 74.65 -55.05 51.40
CA ALA MA 28 74.79 -55.04 52.86
C ALA MA 28 73.57 -54.47 53.52
N THR MA 29 73.21 -54.97 54.70
CA THR MA 29 71.99 -54.53 55.36
C THR MA 29 72.23 -53.66 56.59
N ILE MA 30 71.73 -52.44 56.56
CA ILE MA 30 71.98 -51.53 57.64
C ILE MA 30 71.06 -51.73 58.86
N SER MA 31 69.75 -51.85 58.67
CA SER MA 31 68.77 -52.01 59.80
C SER MA 31 68.88 -50.97 60.91
N LEU MA 32 68.23 -49.83 60.74
CA LEU MA 32 68.37 -48.74 61.69
C LEU MA 32 67.02 -48.30 62.14
N PRO MA 33 66.86 -47.88 63.41
CA PRO MA 33 65.58 -47.31 63.85
C PRO MA 33 65.39 -46.00 63.13
N GLN MA 34 64.32 -45.29 63.38
CA GLN MA 34 64.07 -44.06 62.63
C GLN MA 34 64.77 -42.85 63.25
N GLY MA 35 66.03 -43.03 63.65
CA GLY MA 35 66.92 -41.96 64.04
C GLY MA 35 68.34 -42.37 63.73
N GLY MA 36 68.48 -43.48 63.01
CA GLY MA 36 69.73 -44.22 63.00
C GLY MA 36 70.92 -43.40 62.54
N GLN MA 37 72.09 -43.77 63.06
CA GLN MA 37 73.31 -43.09 62.65
C GLN MA 37 74.30 -44.19 62.35
N PHE MA 38 74.44 -44.54 61.08
CA PHE MA 38 75.34 -45.62 60.72
C PHE MA 38 76.51 -45.09 59.93
N ARG MA 39 77.72 -45.45 60.35
CA ARG MA 39 78.89 -45.01 59.60
C ARG MA 39 79.18 -46.04 58.53
N LEU MA 40 79.09 -45.63 57.28
CA LEU MA 40 79.30 -46.56 56.17
C LEU MA 40 80.27 -46.02 55.13
N SER MA 41 81.05 -46.90 54.52
CA SER MA 41 81.97 -46.48 53.47
C SER MA 41 81.23 -46.07 52.22
N ILE MA 42 81.73 -45.06 51.53
CA ILE MA 42 81.12 -44.63 50.28
C ILE MA 42 82.29 -44.47 49.32
N SER MA 43 82.04 -44.56 48.02
CA SER MA 43 83.12 -44.47 47.05
C SER MA 43 83.17 -43.12 46.36
N ASN MA 44 84.34 -42.48 46.37
CA ASN MA 44 84.46 -41.22 45.62
C ASN MA 44 84.35 -41.34 44.11
N THR MA 45 84.88 -42.41 43.55
CA THR MA 45 84.87 -42.60 42.11
C THR MA 45 83.59 -43.05 41.42
N ASP MA 46 82.94 -44.10 41.91
CA ASP MA 46 81.79 -44.68 41.22
C ASP MA 46 80.48 -44.54 41.94
N PRO MA 47 79.35 -44.59 41.23
CA PRO MA 47 78.08 -44.33 41.91
C PRO MA 47 77.72 -45.30 43.02
N ASN MA 48 77.06 -44.83 44.07
CA ASN MA 48 76.71 -45.65 45.21
C ASN MA 48 75.18 -45.70 45.31
N MET MA 49 74.62 -46.78 45.82
CA MET MA 49 73.16 -46.91 45.91
C MET MA 49 72.58 -47.27 47.26
N ILE MA 50 71.45 -46.66 47.63
CA ILE MA 50 70.76 -46.97 48.87
C ILE MA 50 69.30 -47.25 48.52
N PHE MA 51 68.75 -48.39 48.96
CA PHE MA 51 67.35 -48.68 48.68
C PHE MA 51 66.52 -49.03 49.91
N ILE MA 52 65.22 -48.71 49.90
CA ILE MA 52 64.42 -49.14 51.05
C ILE MA 52 63.57 -50.32 50.62
N PRO MA 53 63.70 -51.48 51.25
CA PRO MA 53 62.81 -52.60 50.90
C PRO MA 53 61.40 -52.39 51.41
N GLY MA 54 60.61 -51.58 50.71
CA GLY MA 54 59.24 -51.35 51.10
C GLY MA 54 58.84 -49.89 51.04
N ASP MA 55 59.79 -49.01 50.76
CA ASP MA 55 59.54 -47.57 50.73
C ASP MA 55 60.30 -46.94 49.58
N LYS MA 56 59.84 -45.77 49.16
CA LYS MA 56 60.41 -45.02 48.05
C LYS MA 56 61.15 -43.81 48.59
N VAL MA 57 62.46 -43.72 48.36
CA VAL MA 57 63.22 -42.57 48.80
C VAL MA 57 62.70 -41.34 48.10
N THR MA 58 62.44 -40.28 48.85
CA THR MA 58 61.97 -39.05 48.25
C THR MA 58 62.98 -37.93 48.25
N ALA MA 59 64.02 -38.05 49.07
CA ALA MA 59 65.02 -37.01 49.18
C ALA MA 59 66.27 -37.42 49.88
N ILE MA 60 67.41 -36.93 49.43
CA ILE MA 60 68.65 -37.19 50.13
C ILE MA 60 69.22 -35.80 50.36
N THR MA 61 69.71 -35.54 51.56
CA THR MA 61 70.27 -34.24 51.88
C THR MA 61 71.63 -34.36 52.46
N ALA MA 62 72.58 -33.67 51.88
CA ALA MA 62 73.90 -33.67 52.42
C ALA MA 62 74.41 -32.23 52.52
N PRO MA 63 75.60 -31.97 53.13
CA PRO MA 63 76.18 -30.62 53.17
C PRO MA 63 76.43 -30.09 51.77
N GLY MA 64 76.25 -28.79 51.61
CA GLY MA 64 76.41 -28.19 50.30
C GLY MA 64 77.81 -28.43 49.73
N GLY MA 65 77.86 -28.80 48.46
CA GLY MA 65 79.12 -29.10 47.82
C GLY MA 65 79.77 -30.39 48.25
N MET MA 66 79.00 -31.35 48.75
CA MET MA 66 79.52 -32.63 49.20
C MET MA 66 79.12 -33.78 48.26
N LEU MA 67 77.83 -33.92 47.97
CA LEU MA 67 77.34 -34.96 47.03
C LEU MA 67 77.22 -34.43 45.61
N ALA MA 68 78.14 -34.84 44.74
CA ALA MA 68 78.17 -34.37 43.36
C ALA MA 68 76.98 -34.67 42.48
N ASP MA 69 76.41 -35.86 42.57
CA ASP MA 69 75.19 -36.16 41.82
C ASP MA 69 74.20 -36.96 42.63
N LYS MA 70 72.92 -36.81 42.35
CA LYS MA 70 71.87 -37.51 43.08
C LYS MA 70 70.64 -37.73 42.22
N ARG MA 71 70.40 -38.97 41.84
CA ARG MA 71 69.25 -39.32 41.00
C ARG MA 71 68.42 -40.43 41.62
N LEU MA 72 67.10 -40.34 41.47
CA LEU MA 72 66.21 -41.32 42.07
C LEU MA 72 65.88 -42.49 41.16
N THR MA 73 66.19 -43.70 41.60
CA THR MA 73 65.89 -44.88 40.84
C THR MA 73 64.40 -45.16 40.78
N ARG MA 74 63.94 -45.80 39.71
CA ARG MA 74 62.53 -46.08 39.52
C ARG MA 74 61.93 -47.01 40.57
N ALA MA 75 62.68 -48.01 40.97
CA ALA MA 75 62.20 -48.96 41.96
C ALA MA 75 61.90 -48.21 43.24
N GLY MA 76 62.74 -47.24 43.57
CA GLY MA 76 62.50 -46.45 44.75
C GLY MA 76 63.80 -46.23 45.44
N GLY MA 77 64.90 -46.47 44.75
CA GLY MA 77 66.17 -46.17 45.37
C GLY MA 77 66.71 -44.82 44.94
N VAL MA 78 67.95 -44.56 45.35
CA VAL MA 78 68.66 -43.32 45.01
C VAL MA 78 70.10 -43.66 44.70
N LEU MA 79 70.62 -43.10 43.61
CA LEU MA 79 72.02 -43.30 43.23
C LEU MA 79 72.74 -41.99 43.39
N PHE MA 80 73.91 -42.03 44.00
CA PHE MA 80 74.64 -40.81 44.29
C PHE MA 80 76.14 -40.90 44.14
N THR MA 81 76.78 -39.79 43.81
CA THR MA 81 78.23 -39.76 43.65
C THR MA 81 78.79 -38.68 44.54
N SER MA 82 79.88 -38.96 45.23
CA SER MA 82 80.51 -37.99 46.09
C SER MA 82 81.90 -37.77 45.61
N VAL MA 83 82.31 -36.52 45.46
CA VAL MA 83 83.63 -36.24 44.92
C VAL MA 83 84.57 -35.86 46.05
N ALA MA 84 84.04 -35.24 47.09
CA ALA MA 84 84.86 -34.79 48.20
C ALA MA 84 85.49 -35.98 48.92
N THR MA 85 86.31 -35.67 49.92
CA THR MA 85 87.04 -36.71 50.66
C THR MA 85 86.79 -36.76 52.17
N ARG MA 86 86.22 -35.70 52.74
CA ARG MA 86 85.91 -35.69 54.18
C ARG MA 86 84.71 -36.52 54.59
N THR MA 87 84.73 -37.05 55.80
CA THR MA 87 83.59 -37.78 56.30
C THR MA 87 82.41 -36.83 56.47
N PHE MA 88 81.23 -37.23 56.05
CA PHE MA 88 80.07 -36.37 56.11
C PHE MA 88 78.80 -37.06 56.53
N THR MA 89 77.80 -36.34 57.01
CA THR MA 89 76.52 -36.98 57.30
C THR MA 89 75.49 -36.72 56.22
N ILE MA 90 74.80 -37.77 55.78
CA ILE MA 90 73.72 -37.61 54.81
C ILE MA 90 72.40 -38.08 55.39
N PHE MA 91 71.30 -37.44 55.02
CA PHE MA 91 69.99 -37.79 55.55
C PHE MA 91 69.03 -38.23 54.49
N VAL MA 92 68.41 -39.39 54.67
CA VAL MA 92 67.44 -39.88 53.70
C VAL MA 92 66.03 -39.89 54.22
N GLU MA 93 65.11 -39.33 53.44
CA GLU MA 93 63.72 -39.28 53.84
C GLU MA 93 62.87 -40.08 52.86
N THR MA 94 62.23 -41.13 53.35
CA THR MA 94 61.33 -41.89 52.50
C THR MA 94 59.94 -41.32 52.44
N ALA MA 95 59.19 -41.67 51.43
CA ALA MA 95 57.84 -41.15 51.23
C ALA MA 95 56.80 -41.47 52.28
N ARG MA 96 56.77 -42.70 52.76
CA ARG MA 96 55.75 -43.11 53.71
C ARG MA 96 56.16 -42.62 55.06
N GLY MA 97 57.04 -41.63 55.11
CA GLY MA 97 57.36 -41.09 56.42
C GLY MA 97 58.43 -41.90 57.11
N GLN MA 98 59.67 -41.41 57.01
CA GLN MA 98 60.84 -42.10 57.53
C GLN MA 98 62.05 -41.19 57.34
N THR MA 99 63.04 -41.34 58.22
CA THR MA 99 64.27 -40.58 58.12
C THR MA 99 65.41 -41.39 58.70
N PHE MA 100 66.47 -41.58 57.93
CA PHE MA 100 67.65 -42.31 58.38
C PHE MA 100 68.89 -41.49 58.06
N SER MA 101 69.85 -41.47 58.99
CA SER MA 101 71.08 -40.72 58.82
C SER MA 101 72.26 -41.67 58.75
N VAL MA 102 73.12 -41.45 57.76
CA VAL MA 102 74.32 -42.24 57.64
C VAL MA 102 75.48 -41.29 57.56
N VAL MA 103 76.58 -41.65 58.17
CA VAL MA 103 77.78 -40.83 58.07
C VAL MA 103 78.62 -41.54 57.05
N ALA MA 104 78.90 -40.89 55.93
CA ALA MA 104 79.61 -41.52 54.85
C ALA MA 104 81.01 -41.02 54.66
N THR MA 105 81.99 -41.88 54.82
CA THR MA 105 83.38 -41.49 54.59
C THR MA 105 83.91 -41.97 53.24
N PRO MA 106 84.29 -41.02 52.34
CA PRO MA 106 84.68 -41.51 51.01
C PRO MA 106 86.01 -42.26 50.89
N VAL MA 107 85.99 -43.46 50.33
CA VAL MA 107 87.20 -44.25 50.13
C VAL MA 107 87.32 -44.69 48.70
N LYS MA 108 88.54 -44.97 48.26
CA LYS MA 108 88.77 -45.40 46.88
C LYS MA 108 88.28 -46.82 46.66
N GLY MA 109 87.47 -47.00 45.61
CA GLY MA 109 86.97 -48.33 45.29
C GLY MA 109 85.70 -48.40 44.48
N GLU MA 110 85.06 -49.56 44.47
CA GLU MA 110 83.81 -49.76 43.73
C GLU MA 110 82.60 -49.15 44.42
N GLY MA 111 81.53 -48.91 43.67
CA GLY MA 111 80.31 -48.37 44.24
C GLY MA 111 79.70 -49.36 45.21
N ARG MA 112 79.11 -48.86 46.30
CA ARG MA 112 78.55 -49.73 47.32
C ARG MA 112 77.05 -49.66 47.40
N VAL MA 113 76.38 -50.77 47.65
CA VAL MA 113 74.94 -50.79 47.67
C VAL MA 113 74.55 -51.22 49.06
N TYR MA 114 73.63 -50.48 49.67
CA TYR MA 114 73.20 -50.79 51.01
C TYR MA 114 71.71 -50.92 51.05
N ARG MA 115 71.23 -51.91 51.78
CA ARG MA 115 69.80 -52.14 51.91
C ARG MA 115 69.38 -51.66 53.26
N LEU MA 116 68.39 -50.79 53.33
CA LEU MA 116 68.03 -50.20 54.60
C LEU MA 116 66.79 -50.79 55.21
N MET MA 117 66.93 -51.60 56.25
CA MET MA 117 65.77 -52.16 56.93
C MET MA 117 65.27 -51.21 58.00
N SER MA 118 63.96 -51.06 58.13
CA SER MA 118 63.41 -50.10 59.06
C SER MA 118 63.62 -50.27 60.55
N ALA MA 119 63.66 -51.49 61.04
CA ALA MA 119 63.75 -51.76 62.50
C ALA MA 119 62.52 -51.31 63.26
N GLU MA 120 61.94 -50.18 62.89
CA GLU MA 120 60.67 -49.76 63.49
C GLU MA 120 59.75 -49.61 62.32
N PRO MA 121 58.73 -50.44 62.22
CA PRO MA 121 57.85 -50.41 61.05
C PRO MA 121 57.12 -49.09 60.83
N PRO MA 122 56.97 -48.66 59.59
CA PRO MA 122 56.28 -47.42 59.27
C PRO MA 122 54.78 -47.46 59.33
N SER MA 123 54.14 -46.34 59.62
CA SER MA 123 52.70 -46.30 59.58
C SER MA 123 52.20 -46.35 58.17
N ARG MA 124 51.29 -47.25 57.88
CA ARG MA 124 50.82 -47.39 56.53
C ARG MA 124 49.32 -47.20 56.57
N PRO MA 125 48.86 -45.97 56.42
CA PRO MA 125 47.42 -45.68 56.49
C PRO MA 125 46.60 -46.34 55.41
N GLU MA 126 47.12 -46.42 54.19
CA GLU MA 126 46.37 -47.00 53.08
C GLU MA 126 46.20 -48.49 53.24
N THR MA 127 46.98 -49.13 54.12
CA THR MA 127 46.87 -50.60 54.37
C THR MA 127 45.82 -50.97 55.41
N ARG MA 128 45.54 -50.09 56.36
CA ARG MA 128 44.54 -50.32 57.37
C ARG MA 128 43.18 -50.50 56.72
N LYS MA 129 42.93 -49.76 55.65
CA LYS MA 129 41.66 -49.86 55.00
C LYS MA 129 41.42 -51.25 54.45
N TRP MA 130 42.44 -51.88 53.89
CA TRP MA 130 42.29 -53.24 53.40
C TRP MA 130 42.28 -54.17 54.57
N GLU MA 131 43.04 -53.82 55.59
CA GLU MA 131 43.18 -54.72 56.73
C GLU MA 131 41.85 -54.89 57.47
N THR MA 132 41.13 -53.79 57.68
CA THR MA 132 39.91 -53.82 58.46
C THR MA 132 38.65 -54.10 57.65
N ALA MA 133 38.74 -54.06 56.32
CA ALA MA 133 37.55 -54.27 55.51
C ALA MA 133 37.04 -55.70 55.60
N GLN MA 134 37.97 -56.63 55.84
CA GLN MA 134 37.63 -58.05 55.97
C GLN MA 134 37.58 -58.58 57.39
N ALA MA 135 37.14 -59.83 57.56
CA ALA MA 135 37.06 -60.44 58.88
C ALA MA 135 38.40 -60.82 59.43
N TYR MA 136 38.49 -60.95 60.74
CA TYR MA 136 39.74 -61.25 61.37
C TYR MA 136 40.26 -62.59 60.96
N GLU MA 137 39.47 -63.65 61.06
CA GLU MA 137 40.01 -64.98 60.78
C GLU MA 137 40.39 -65.10 59.33
N LYS MA 138 39.68 -64.42 58.44
CA LYS MA 138 40.05 -64.40 57.04
C LYS MA 138 41.39 -63.74 56.79
N LEU MA 139 41.66 -62.61 57.45
CA LEU MA 139 42.92 -61.90 57.33
C LEU MA 139 44.08 -62.71 57.81
N LEU MA 140 43.91 -63.38 58.94
CA LEU MA 140 44.97 -64.24 59.47
C LEU MA 140 45.33 -65.30 58.45
N ILE MA 141 44.32 -65.98 57.91
CA ILE MA 141 44.57 -67.03 56.92
C ILE MA 141 45.28 -66.48 55.72
N SER MA 142 44.88 -65.31 55.27
CA SER MA 142 45.51 -64.66 54.14
C SER MA 142 46.95 -64.28 54.32
N LEU MA 143 47.32 -63.73 55.47
CA LEU MA 143 48.70 -63.42 55.73
C LEU MA 143 49.53 -64.64 55.83
N ASN MA 144 48.99 -65.65 56.49
CA ASN MA 144 49.70 -66.90 56.64
C ASN MA 144 49.88 -67.63 55.31
N ARG MA 145 48.89 -67.58 54.44
CA ARG MA 145 49.07 -68.18 53.14
C ARG MA 145 50.12 -67.46 52.37
N ALA MA 146 50.11 -66.14 52.39
CA ALA MA 146 51.04 -65.36 51.61
C ALA MA 146 52.45 -65.58 52.01
N VAL MA 147 52.73 -65.64 53.28
CA VAL MA 147 54.07 -65.91 53.72
C VAL MA 147 54.49 -67.29 53.31
N LEU MA 148 53.56 -68.23 53.37
CA LEU MA 148 53.89 -69.60 53.06
C LEU MA 148 54.07 -69.73 51.58
N THR MA 149 53.18 -69.14 50.78
CA THR MA 149 53.25 -69.28 49.32
C THR MA 149 54.26 -68.33 48.69
N GLY MA 150 54.87 -67.46 49.48
CA GLY MA 150 55.90 -66.58 48.96
C GLY MA 150 55.50 -65.31 48.24
N ASP MA 151 54.20 -64.99 48.20
CA ASP MA 151 53.77 -63.75 47.58
C ASP MA 151 53.32 -62.79 48.67
N ILE MA 152 53.82 -61.57 48.66
CA ILE MA 152 53.50 -60.66 49.75
C ILE MA 152 52.37 -59.65 49.41
N PRO MA 153 51.41 -59.38 50.35
CA PRO MA 153 50.38 -58.42 49.98
C PRO MA 153 50.99 -57.07 49.62
N ASP MA 154 50.25 -56.31 48.80
CA ASP MA 154 50.77 -55.04 48.29
C ASP MA 154 51.04 -54.04 49.41
N GLY MA 155 50.15 -53.97 50.40
CA GLY MA 155 50.29 -52.98 51.45
C GLY MA 155 51.39 -53.27 52.44
N TYR MA 156 51.87 -54.51 52.50
CA TYR MA 156 52.89 -54.88 53.48
C TYR MA 156 54.28 -54.60 52.95
N GLY MA 157 55.20 -54.38 53.88
CA GLY MA 157 56.59 -54.10 53.53
C GLY MA 157 57.53 -54.88 54.43
N GLU MA 158 58.79 -54.92 54.01
CA GLU MA 158 59.79 -55.73 54.72
C GLU MA 158 60.36 -54.94 55.89
N VAL MA 159 60.49 -55.60 57.04
CA VAL MA 159 61.02 -54.98 58.24
C VAL MA 159 62.00 -55.93 58.90
N LYS MA 160 62.77 -55.40 59.84
CA LYS MA 160 63.72 -56.21 60.58
C LYS MA 160 62.98 -57.14 61.54
N PRO MA 161 63.29 -58.43 61.57
CA PRO MA 161 62.57 -59.34 62.46
C PRO MA 161 62.85 -59.05 63.92
N LEU MA 162 61.86 -59.32 64.77
CA LEU MA 162 61.99 -59.11 66.20
C LEU MA 162 62.98 -60.10 66.80
N SER MA 163 63.82 -59.62 67.70
CA SER MA 163 64.81 -60.48 68.34
C SER MA 163 64.15 -61.58 69.17
N ASP MA 164 63.12 -61.23 69.95
CA ASP MA 164 62.42 -62.18 70.80
C ASP MA 164 60.92 -61.87 70.69
N GLY MA 165 60.22 -62.66 69.90
CA GLY MA 165 58.78 -62.47 69.74
C GLY MA 165 57.97 -63.68 70.15
N ILE MA 166 58.65 -64.79 70.45
CA ILE MA 166 57.98 -66.04 70.81
C ILE MA 166 58.69 -66.65 72.01
N ARG MA 167 57.89 -67.31 72.85
CA ARG MA 167 58.44 -68.03 73.99
C ARG MA 167 59.22 -69.25 73.53
N LEU MA 168 60.33 -69.53 74.21
CA LEU MA 168 61.22 -70.62 73.81
C LEU MA 168 61.17 -71.73 74.84
N PRO MA 169 60.43 -72.81 74.61
CA PRO MA 169 60.38 -73.91 75.56
C PRO MA 169 61.37 -75.02 75.26
N GLY MA 170 61.76 -75.73 76.31
CA GLY MA 170 62.60 -76.90 76.17
C GLY MA 170 63.98 -76.64 75.62
N GLY MA 171 64.61 -75.54 76.02
CA GLY MA 171 65.98 -75.26 75.62
C GLY MA 171 66.18 -75.12 74.12
N PHE MA 172 65.28 -74.40 73.45
CA PHE MA 172 65.40 -74.20 72.02
C PHE MA 172 66.17 -72.92 71.71
N SER MA 173 66.69 -72.87 70.48
CA SER MA 173 67.30 -71.65 69.95
C SER MA 173 66.60 -71.32 68.64
N VAL MA 174 66.40 -70.02 68.39
CA VAL MA 174 65.61 -69.55 67.26
C VAL MA 174 66.43 -68.53 66.48
N THR MA 175 66.49 -68.71 65.16
CA THR MA 175 67.15 -67.77 64.26
C THR MA 175 66.11 -67.12 63.37
N PRO MA 176 65.87 -65.82 63.50
CA PRO MA 176 64.91 -65.16 62.60
C PRO MA 176 65.37 -65.19 61.16
N LEU MA 177 64.40 -65.17 60.26
CA LEU MA 177 64.68 -65.20 58.85
C LEU MA 177 64.12 -63.95 58.20
N LYS MA 178 62.80 -63.86 58.07
CA LYS MA 178 62.19 -62.71 57.44
C LYS MA 178 61.01 -62.16 58.21
N ALA MA 179 60.71 -60.87 58.08
CA ALA MA 179 59.57 -60.27 58.71
C ALA MA 179 58.94 -59.27 57.83
N TRP MA 180 57.65 -59.07 57.99
CA TRP MA 180 56.92 -58.12 57.19
C TRP MA 180 56.02 -57.51 58.16
N ALA MA 181 55.49 -56.37 57.83
CA ALA MA 181 54.63 -55.62 58.74
C ALA MA 181 53.70 -54.71 57.94
N GLY MA 182 52.46 -54.60 58.41
CA GLY MA 182 51.50 -53.69 57.84
C GLY MA 182 51.19 -52.52 58.75
N ASP MA 183 49.92 -52.35 59.10
CA ASP MA 183 49.51 -51.25 59.96
C ASP MA 183 49.14 -51.71 61.36
N GLN MA 184 48.26 -52.70 61.49
CA GLN MA 184 47.88 -53.24 62.77
C GLN MA 184 48.38 -54.66 63.00
N LEU MA 185 48.99 -55.29 61.99
CA LEU MA 185 49.45 -56.66 62.10
C LEU MA 185 50.89 -56.77 61.60
N ARG MA 186 51.66 -57.72 62.10
CA ARG MA 186 53.05 -57.90 61.72
C ARG MA 186 53.52 -59.36 61.69
N ALA MA 187 53.84 -59.90 60.53
CA ALA MA 187 54.30 -61.29 60.38
C ALA MA 187 55.78 -61.54 60.40
N ASP MA 188 56.24 -62.59 61.04
CA ASP MA 188 57.63 -62.95 61.06
C ASP MA 188 57.82 -64.45 60.93
N ARG MA 189 58.97 -64.92 60.43
CA ARG MA 189 59.27 -66.35 60.36
C ARG MA 189 60.47 -66.71 61.19
N TYR MA 190 60.37 -67.74 62.01
CA TYR MA 190 61.43 -68.14 62.94
C TYR MA 190 61.84 -69.57 62.66
N GLU MA 191 63.14 -69.81 62.56
CA GLU MA 191 63.70 -71.14 62.37
C GLU MA 191 64.00 -71.72 63.74
N LEU MA 192 63.50 -72.92 64.00
CA LEU MA 192 63.61 -73.49 65.34
C LEU MA 192 64.51 -74.66 65.27
N ARG MA 193 65.45 -74.74 66.19
CA ARG MA 193 66.31 -75.89 66.24
C ARG MA 193 66.13 -76.63 67.53
N ASN MA 194 65.91 -77.93 67.46
CA ASN MA 194 65.82 -78.72 68.66
C ASN MA 194 67.25 -79.06 69.00
N ALA MA 195 67.67 -78.74 70.21
CA ALA MA 195 69.03 -79.02 70.62
C ALA MA 195 69.17 -80.19 71.57
N ASN MA 196 68.07 -80.61 72.20
CA ASN MA 196 68.18 -81.67 73.21
C ASN MA 196 68.16 -83.08 72.66
N THR MA 197 68.00 -83.22 71.35
CA THR MA 197 67.98 -84.54 70.72
C THR MA 197 67.30 -85.67 71.50
N TRP MA 198 66.06 -85.43 71.92
CA TRP MA 198 65.33 -86.46 72.64
C TRP MA 198 63.85 -86.57 72.27
N GLY MA 199 63.42 -85.81 71.26
CA GLY MA 199 62.03 -85.88 70.83
C GLY MA 199 61.15 -84.93 71.65
N VAL MA 200 60.61 -83.90 71.01
CA VAL MA 200 59.79 -82.92 71.71
C VAL MA 200 58.49 -82.66 70.96
N ALA MA 201 57.36 -82.90 71.61
CA ALA MA 201 56.07 -82.64 70.99
C ALA MA 201 55.87 -81.15 70.77
N LEU MA 202 55.22 -80.79 69.66
CA LEU MA 202 55.06 -79.37 69.34
C LEU MA 202 53.65 -78.85 69.46
N ARG MA 203 53.47 -77.80 70.24
CA ARG MA 203 52.15 -77.17 70.36
C ARG MA 203 52.27 -75.67 70.12
N GLU MA 204 51.45 -75.13 69.25
CA GLU MA 204 51.50 -73.71 68.93
C GLU MA 204 51.28 -72.90 70.20
N GLN MA 205 50.51 -73.41 71.14
CA GLN MA 205 50.19 -72.70 72.38
C GLN MA 205 51.35 -72.53 73.29
N ASP MA 206 52.38 -73.32 73.12
CA ASP MA 206 53.55 -73.20 73.94
C ASP MA 206 54.53 -72.17 73.50
N PHE MA 207 54.25 -71.46 72.42
CA PHE MA 207 55.11 -70.45 71.92
C PHE MA 207 54.41 -69.12 72.08
N TRP MA 208 53.24 -69.11 72.68
CA TRP MA 208 52.47 -67.87 72.83
C TRP MA 208 53.08 -66.82 73.75
N LYS MA 209 53.03 -65.56 73.32
CA LYS MA 209 53.52 -64.46 74.15
C LYS MA 209 52.50 -63.35 74.07
N PRO MA 210 52.43 -62.47 75.08
CA PRO MA 210 51.51 -61.33 74.99
C PRO MA 210 51.74 -60.53 73.72
N GLY MA 211 50.82 -60.60 72.76
CA GLY MA 211 51.00 -59.93 71.49
C GLY MA 211 51.07 -60.86 70.32
N VAL MA 212 51.35 -62.14 70.53
CA VAL MA 212 51.40 -63.14 69.48
C VAL MA 212 49.98 -63.43 69.17
N ARG MA 213 49.56 -63.11 68.00
CA ARG MA 213 48.15 -63.24 67.63
C ARG MA 213 47.82 -64.59 67.00
N ALA MA 214 48.76 -65.20 66.28
CA ALA MA 214 48.53 -66.49 65.64
C ALA MA 214 49.87 -67.17 65.37
N VAL MA 215 49.84 -68.50 65.41
CA VAL MA 215 51.04 -69.32 65.17
C VAL MA 215 50.65 -70.46 64.23
N MET MA 216 51.49 -70.68 63.21
CA MET MA 216 51.29 -71.79 62.29
C MET MA 216 52.60 -72.50 62.06
N PHE MA 217 52.56 -73.83 62.03
CA PHE MA 217 53.69 -74.65 61.64
C PHE MA 217 53.60 -74.96 60.15
N ASP MA 218 54.65 -74.63 59.41
CA ASP MA 218 54.64 -74.85 57.96
C ASP MA 218 54.53 -76.33 57.63
N ASN MA 219 55.24 -77.19 58.33
CA ASN MA 219 55.06 -78.61 58.12
C ASN MA 219 54.03 -78.95 59.18
N ASN MA 220 53.16 -79.93 58.94
CA ASN MA 220 52.11 -80.20 59.89
C ASN MA 220 52.75 -80.59 61.21
N ALA MA 221 53.84 -81.35 61.16
CA ALA MA 221 54.58 -81.65 62.38
C ALA MA 221 53.84 -82.34 63.50
N GLN MA 222 53.68 -81.72 64.66
CA GLN MA 222 53.10 -82.35 65.86
C GLN MA 222 54.22 -82.99 66.65
N THR MA 223 55.41 -83.12 66.04
CA THR MA 223 56.55 -83.74 66.70
C THR MA 223 57.76 -83.03 66.15
N LEU MA 224 58.86 -83.03 66.89
CA LEU MA 224 60.09 -82.45 66.38
C LEU MA 224 61.20 -83.44 66.62
N MET MA 225 61.85 -83.88 65.55
CA MET MA 225 62.92 -84.85 65.69
C MET MA 225 64.10 -84.25 66.43
N GLY MA 226 65.06 -85.07 66.85
CA GLY MA 226 66.15 -84.56 67.67
C GLY MA 226 66.95 -83.46 67.02
N GLY MA 227 67.25 -83.57 65.73
CA GLY MA 227 67.91 -82.46 65.07
C GLY MA 227 66.86 -81.84 64.16
N GLY MA 228 66.34 -80.68 64.52
CA GLY MA 228 65.27 -80.07 63.74
C GLY MA 228 65.56 -78.67 63.24
N ARG MA 229 65.48 -78.45 61.93
CA ARG MA 229 65.72 -77.14 61.35
C ARG MA 229 64.43 -76.43 60.94
N MET MA 230 63.29 -76.92 61.40
CA MET MA 230 61.99 -76.37 60.99
C MET MA 230 61.70 -74.88 61.17
N THR MA 231 60.54 -74.43 60.70
CA THR MA 231 60.18 -73.02 60.75
C THR MA 231 58.78 -72.79 61.29
N VAL MA 232 58.53 -71.56 61.75
CA VAL MA 232 57.22 -71.22 62.28
C VAL MA 232 56.90 -69.78 61.89
N THR MA 233 55.67 -69.51 61.51
CA THR MA 233 55.28 -68.15 61.17
C THR MA 233 54.37 -67.61 62.24
N VAL MA 234 54.74 -66.46 62.82
CA VAL MA 234 53.90 -65.85 63.85
C VAL MA 234 53.37 -64.48 63.45
N ILE MA 235 52.08 -64.26 63.65
CA ILE MA 235 51.51 -62.96 63.37
C ILE MA 235 51.34 -62.31 64.72
N ARG MA 236 51.60 -61.02 64.81
CA ARG MA 236 51.53 -60.34 66.06
C ARG MA 236 50.82 -59.08 65.76
N GLY MA 237 50.90 -58.13 66.65
CA GLY MA 237 50.32 -56.83 66.42
C GLY MA 237 51.38 -55.78 66.27
N ASN MA 238 51.18 -54.82 65.39
CA ASN MA 238 52.14 -53.74 65.29
C ASN MA 238 51.95 -52.76 66.43
N GLY MA 239 53.01 -52.48 67.17
CA GLY MA 239 52.93 -51.59 68.31
C GLY MA 239 52.67 -52.22 69.65
N GLU MA 240 52.58 -53.54 69.71
CA GLU MA 240 52.43 -54.19 71.00
C GLU MA 240 53.68 -53.89 71.82
N GLY MA 241 53.51 -53.56 73.10
CA GLY MA 241 54.65 -53.25 73.94
C GLY MA 241 54.83 -51.75 74.15
N GLN NA 25 54.29 -8.73 93.80
CA GLN NA 25 53.60 -7.63 94.45
C GLN NA 25 52.17 -7.60 93.97
N SER NA 26 51.38 -6.67 94.51
CA SER NA 26 49.98 -6.57 94.14
C SER NA 26 49.75 -5.10 93.84
N PRO NA 27 48.82 -4.79 92.93
CA PRO NA 27 48.69 -3.37 92.61
C PRO NA 27 48.24 -2.62 93.84
N ALA NA 28 48.72 -1.39 94.02
CA ALA NA 28 48.32 -0.58 95.17
C ALA NA 28 46.91 -0.12 95.03
N THR NA 29 46.07 -0.43 96.01
CA THR NA 29 44.66 -0.11 95.89
C THR NA 29 44.30 1.17 96.59
N ILE NA 30 43.65 2.07 95.87
CA ILE NA 30 43.28 3.35 96.44
C ILE NA 30 41.78 3.59 96.32
N SER NA 31 41.13 3.95 97.42
CA SER NA 31 39.69 4.16 97.40
C SER NA 31 39.38 5.63 97.44
N LEU NA 32 38.65 6.12 96.45
CA LEU NA 32 38.40 7.55 96.36
C LEU NA 32 36.96 7.93 96.05
N PRO NA 33 36.43 8.97 96.71
CA PRO NA 33 35.09 9.47 96.38
C PRO NA 33 35.14 10.22 95.06
N GLN NA 34 34.03 10.50 94.39
CA GLN NA 34 34.16 11.19 93.11
C GLN NA 34 34.81 12.55 93.31
N GLY NA 35 35.75 12.90 92.44
CA GLY NA 35 36.48 14.13 92.59
C GLY NA 35 37.60 13.99 93.59
N GLY NA 36 37.84 12.77 94.04
CA GLY NA 36 38.86 12.53 95.04
C GLY NA 36 40.25 12.76 94.55
N GLN NA 37 41.15 13.20 95.42
CA GLN NA 37 42.51 13.50 95.01
C GLN NA 37 43.53 12.73 95.84
N PHE NA 38 44.30 11.86 95.18
CA PHE NA 38 45.29 11.05 95.89
C PHE NA 38 46.71 11.33 95.43
N ARG NA 39 47.61 11.55 96.39
CA ARG NA 39 49.01 11.81 96.03
C ARG NA 39 49.80 10.51 95.88
N LEU NA 40 50.05 10.10 94.64
CA LEU NA 40 50.84 8.90 94.39
C LEU NA 40 52.05 9.15 93.50
N SER NA 41 53.20 8.64 93.90
CA SER NA 41 54.39 8.77 93.08
C SER NA 41 54.33 7.88 91.83
N ILE NA 42 54.86 8.37 90.72
CA ILE NA 42 54.91 7.54 89.51
C ILE NA 42 56.38 7.39 89.12
N SER NA 43 56.66 6.90 87.92
CA SER NA 43 58.05 6.82 87.48
C SER NA 43 58.38 7.52 86.17
N ASN NA 44 59.50 8.24 86.15
CA ASN NA 44 59.95 8.89 84.92
C ASN NA 44 60.52 7.91 83.90
N THR NA 45 61.35 6.99 84.35
CA THR NA 45 61.92 5.97 83.48
C THR NA 45 61.01 4.92 82.84
N ASP NA 46 60.03 4.40 83.57
CA ASP NA 46 59.23 3.27 83.04
C ASP NA 46 57.74 3.51 82.97
N PRO NA 47 57.03 2.75 82.12
CA PRO NA 47 55.60 2.96 81.96
C PRO NA 47 54.82 2.71 83.24
N ASN NA 48 53.73 3.43 83.45
CA ASN NA 48 52.97 3.30 84.69
C ASN NA 48 51.54 3.00 84.32
N MET NA 49 50.83 2.30 85.20
CA MET NA 49 49.46 1.91 84.88
C MET NA 49 48.47 2.30 85.95
N ILE NA 50 47.24 2.61 85.55
CA ILE NA 50 46.19 2.96 86.49
C ILE NA 50 45.00 2.27 85.90
N PHE NA 51 44.41 1.35 86.65
CA PHE NA 51 43.20 0.68 86.18
C PHE NA 51 42.10 0.75 87.21
N ILE NA 52 40.87 0.95 86.76
CA ILE NA 52 39.75 0.93 87.69
C ILE NA 52 39.00 -0.35 87.41
N PRO NA 53 38.96 -1.26 88.38
CA PRO NA 53 38.30 -2.52 88.07
C PRO NA 53 36.81 -2.31 87.81
N GLY NA 54 36.29 -2.94 86.77
CA GLY NA 54 34.88 -2.80 86.43
C GLY NA 54 34.62 -1.54 85.64
N ASP NA 55 35.67 -0.80 85.31
CA ASP NA 55 35.49 0.48 84.62
C ASP NA 55 36.51 0.69 83.52
N LYS NA 56 36.13 1.44 82.50
CA LYS NA 56 37.04 1.70 81.42
C LYS NA 56 37.40 3.17 81.37
N VAL NA 57 38.69 3.47 81.38
CA VAL NA 57 39.12 4.83 81.31
C VAL NA 57 38.72 5.35 79.97
N THR NA 58 38.02 6.48 79.94
CA THR NA 58 37.61 7.07 78.68
C THR NA 58 38.42 8.31 78.37
N ALA NA 59 39.01 8.92 79.39
CA ALA NA 59 39.78 10.13 79.17
C ALA NA 59 40.85 10.38 80.19
N ILE NA 60 41.91 11.07 79.80
CA ILE NA 60 42.96 11.44 80.75
C ILE NA 60 43.43 12.84 80.40
N THR NA 61 43.70 13.66 81.40
CA THR NA 61 44.15 15.03 81.19
C THR NA 61 45.28 15.30 82.14
N ALA NA 62 46.35 15.95 81.70
CA ALA NA 62 47.42 16.32 82.60
C ALA NA 62 47.96 17.68 82.22
N PRO NA 63 48.73 18.36 83.12
CA PRO NA 63 49.29 19.63 82.64
C PRO NA 63 50.07 19.39 81.35
N GLY NA 64 50.07 20.34 80.43
CA GLY NA 64 50.71 20.10 79.15
C GLY NA 64 52.19 19.78 79.16
N GLY NA 65 52.58 18.73 78.44
CA GLY NA 65 53.98 18.35 78.34
C GLY NA 65 54.42 17.40 79.42
N MET NA 66 53.60 17.25 80.45
CA MET NA 66 53.92 16.31 81.53
C MET NA 66 53.87 14.83 81.17
N LEU NA 67 52.87 14.42 80.38
CA LEU NA 67 52.75 13.01 80.04
C LEU NA 67 53.17 12.72 78.61
N ALA NA 68 54.24 11.98 78.45
CA ALA NA 68 54.77 11.67 77.12
C ALA NA 68 53.89 10.82 76.22
N ASP NA 69 53.34 9.73 76.74
CA ASP NA 69 52.52 8.84 75.91
C ASP NA 69 51.41 8.21 76.70
N LYS NA 70 50.21 8.11 76.12
CA LYS NA 70 49.06 7.52 76.78
C LYS NA 70 48.34 6.52 75.90
N ARG NA 71 48.25 5.26 76.36
CA ARG NA 71 47.57 4.21 75.60
C ARG NA 71 46.52 3.46 76.44
N LEU NA 72 45.46 2.97 75.82
CA LEU NA 72 44.46 2.22 76.54
C LEU NA 72 44.76 0.74 76.55
N THR NA 73 44.90 0.17 77.73
CA THR NA 73 45.17 -1.25 77.87
C THR NA 73 43.94 -2.10 77.71
N ARG NA 74 44.13 -3.41 77.56
CA ARG NA 74 43.01 -4.33 77.45
C ARG NA 74 42.23 -4.29 78.75
N ALA NA 75 40.90 -4.36 78.66
CA ALA NA 75 40.05 -4.25 79.85
C ALA NA 75 40.24 -2.97 80.61
N GLY NA 76 40.29 -1.84 79.90
CA GLY NA 76 40.38 -0.55 80.56
C GLY NA 76 41.79 -0.37 81.04
N GLY NA 77 42.02 0.67 81.80
CA GLY NA 77 43.36 0.93 82.27
C GLY NA 77 44.05 1.88 81.33
N VAL NA 78 45.04 2.60 81.84
CA VAL NA 78 45.81 3.50 80.99
C VAL NA 78 47.27 3.25 81.23
N LEU NA 79 48.04 3.23 80.16
CA LEU NA 79 49.47 3.08 80.31
C LEU NA 79 50.03 4.42 79.98
N PHE NA 80 50.86 4.97 80.86
CA PHE NA 80 51.38 6.32 80.67
C PHE NA 80 52.83 6.49 81.09
N THR NA 81 53.58 7.31 80.36
CA THR NA 81 54.98 7.54 80.66
C THR NA 81 55.21 9.03 80.85
N SER NA 82 56.03 9.40 81.82
CA SER NA 82 56.33 10.80 82.04
C SER NA 82 57.80 11.16 81.99
N VAL NA 83 58.16 12.19 81.23
CA VAL NA 83 59.54 12.66 81.23
C VAL NA 83 59.70 13.79 82.22
N ALA NA 84 58.61 14.17 82.89
CA ALA NA 84 58.61 15.30 83.81
C ALA NA 84 59.35 15.14 85.12
N THR NA 85 59.77 16.26 85.69
CA THR NA 85 60.42 16.22 87.00
C THR NA 85 59.64 16.99 88.07
N ARG NA 86 58.42 17.42 87.76
CA ARG NA 86 57.64 18.24 88.69
C ARG NA 86 56.34 17.56 89.05
N THR NA 87 55.89 17.72 90.30
CA THR NA 87 54.62 17.14 90.72
C THR NA 87 53.51 17.75 89.90
N PHE NA 88 52.59 16.92 89.43
CA PHE NA 88 51.53 17.40 88.57
C PHE NA 88 50.22 16.71 88.85
N THR NA 89 49.14 17.23 88.29
CA THR NA 89 47.83 16.68 88.57
C THR NA 89 47.22 16.07 87.36
N ILE NA 90 46.87 14.79 87.46
CA ILE NA 90 46.22 14.08 86.36
C ILE NA 90 44.76 13.85 86.67
N PHE NA 91 43.87 14.13 85.72
CA PHE NA 91 42.46 13.86 85.93
C PHE NA 91 42.02 12.73 85.05
N VAL NA 92 41.48 11.68 85.64
CA VAL NA 92 41.06 10.52 84.88
C VAL NA 92 39.56 10.35 84.91
N GLU NA 93 38.95 10.13 83.76
CA GLU NA 93 37.52 9.97 83.68
C GLU NA 93 37.12 8.62 83.20
N THR NA 94 36.32 7.92 83.98
CA THR NA 94 35.85 6.61 83.61
C THR NA 94 34.55 6.67 82.85
N ALA NA 95 34.11 5.55 82.30
CA ALA NA 95 32.91 5.53 81.46
C ALA NA 95 31.60 5.51 82.22
N ARG NA 96 31.68 5.25 83.53
CA ARG NA 96 30.49 5.23 84.36
C ARG NA 96 30.29 6.58 84.98
N GLY NA 97 30.97 7.59 84.47
CA GLY NA 97 30.78 8.95 84.95
C GLY NA 97 31.60 9.37 86.14
N GLN NA 98 32.52 8.52 86.56
CA GLN NA 98 33.33 8.84 87.71
C GLN NA 98 34.58 9.54 87.29
N THR NA 99 34.96 10.58 88.02
CA THR NA 99 36.18 11.28 87.71
C THR NA 99 37.02 11.32 88.96
N PHE NA 100 38.30 11.04 88.83
CA PHE NA 100 39.18 11.06 89.96
C PHE NA 100 40.40 11.87 89.60
N SER NA 101 41.09 12.36 90.61
CA SER NA 101 42.27 13.17 90.38
C SER NA 101 43.41 12.57 91.12
N VAL NA 102 44.59 12.66 90.53
CA VAL NA 102 45.76 12.09 91.14
C VAL NA 102 46.86 13.13 91.11
N VAL NA 103 47.63 13.28 92.16
CA VAL NA 103 48.76 14.18 92.12
C VAL NA 103 49.95 13.27 91.98
N ALA NA 104 50.72 13.41 90.90
CA ALA NA 104 51.82 12.50 90.64
C ALA NA 104 53.17 13.10 90.77
N THR NA 105 54.03 12.52 91.60
CA THR NA 105 55.39 13.00 91.72
C THR NA 105 56.30 12.03 91.01
N PRO NA 106 57.00 12.50 89.97
CA PRO NA 106 57.81 11.54 89.21
C PRO NA 106 59.12 11.21 89.90
N VAL NA 107 59.43 9.92 90.05
CA VAL NA 107 60.65 9.50 90.74
C VAL NA 107 61.27 8.29 90.04
N LYS NA 108 62.57 8.11 90.18
CA LYS NA 108 63.27 6.98 89.53
C LYS NA 108 62.86 5.63 90.10
N GLY NA 109 62.60 4.67 89.22
CA GLY NA 109 62.24 3.35 89.69
C GLY NA 109 61.40 2.53 88.74
N GLU NA 110 60.86 1.43 89.25
CA GLU NA 110 60.00 0.58 88.46
C GLU NA 110 58.65 1.21 88.18
N GLY NA 111 58.03 0.86 87.07
CA GLY NA 111 56.73 1.38 86.75
C GLY NA 111 55.76 0.96 87.83
N ARG NA 112 54.96 1.90 88.32
CA ARG NA 112 54.05 1.62 89.42
C ARG NA 112 52.64 1.44 88.93
N VAL NA 113 51.94 0.46 89.48
CA VAL NA 113 50.56 0.17 89.07
C VAL NA 113 49.60 0.38 90.21
N TYR NA 114 48.53 1.10 89.95
CA TYR NA 114 47.57 1.42 90.99
C TYR NA 114 46.17 0.94 90.65
N ARG NA 115 45.46 0.42 91.64
CA ARG NA 115 44.10 -0.06 91.44
C ARG NA 115 43.14 0.93 92.01
N LEU NA 116 42.28 1.50 91.18
CA LEU NA 116 41.41 2.56 91.66
C LEU NA 116 40.09 2.03 92.10
N MET NA 117 39.68 2.39 93.30
CA MET NA 117 38.43 1.93 93.81
C MET NA 117 37.50 3.07 94.21
N SER NA 118 36.21 2.81 94.23
CA SER NA 118 35.21 3.80 94.59
C SER NA 118 34.78 3.57 96.04
N ALA NA 119 34.83 4.64 96.84
CA ALA NA 119 34.52 4.54 98.26
C ALA NA 119 33.08 4.10 98.49
N GLU NA 120 32.14 4.68 97.75
CA GLU NA 120 30.73 4.33 97.88
C GLU NA 120 30.29 3.53 96.68
N PRO NA 121 29.88 2.27 96.85
CA PRO NA 121 29.33 1.50 95.72
C PRO NA 121 28.06 2.15 95.21
N PRO NA 122 27.97 2.39 93.89
CA PRO NA 122 26.79 3.10 93.38
C PRO NA 122 25.51 2.29 93.44
N SER NA 123 25.55 1.02 93.04
CA SER NA 123 24.37 0.18 93.04
C SER NA 123 24.74 -1.21 93.52
N ARG NA 124 23.73 -1.95 93.98
CA ARG NA 124 23.90 -3.33 94.43
C ARG NA 124 23.20 -4.26 93.45
N PRO NA 125 23.96 -4.93 92.54
CA PRO NA 125 23.18 -5.81 91.67
C PRO NA 125 22.62 -6.99 92.44
N GLU NA 126 21.36 -7.32 92.21
CA GLU NA 126 20.72 -8.42 92.92
C GLU NA 126 21.35 -9.75 92.54
N THR NA 127 21.42 -10.67 93.48
CA THR NA 127 22.04 -11.97 93.24
C THR NA 127 21.28 -12.78 92.20
N ARG NA 128 22.02 -13.56 91.41
CA ARG NA 128 21.39 -14.40 90.39
C ARG NA 128 21.56 -15.88 90.66
N LYS NA 129 20.46 -16.58 90.94
CA LYS NA 129 20.55 -18.03 91.12
C LYS NA 129 20.52 -18.66 89.75
N TRP NA 130 21.63 -19.26 89.33
CA TRP NA 130 21.71 -19.81 88.01
C TRP NA 130 21.51 -21.30 88.04
N GLU NA 131 21.54 -21.89 89.24
CA GLU NA 131 21.46 -23.34 89.31
C GLU NA 131 20.08 -23.82 88.89
N THR NA 132 20.03 -24.90 88.12
CA THR NA 132 18.79 -25.47 87.64
C THR NA 132 18.72 -26.93 88.05
N ALA NA 133 17.59 -27.33 88.62
CA ALA NA 133 17.40 -28.69 89.07
C ALA NA 133 17.07 -29.61 87.89
N GLN NA 134 17.06 -30.92 88.14
CA GLN NA 134 16.81 -31.88 87.08
C GLN NA 134 15.35 -31.95 86.74
N ALA NA 135 15.03 -32.41 85.54
CA ALA NA 135 13.64 -32.47 85.11
C ALA NA 135 12.78 -33.41 85.96
N TYR NA 136 13.30 -34.57 86.32
CA TYR NA 136 12.55 -35.49 87.15
C TYR NA 136 12.27 -34.87 88.50
N GLU NA 137 13.27 -34.23 89.08
CA GLU NA 137 13.09 -33.66 90.41
C GLU NA 137 12.07 -32.56 90.41
N LYS NA 138 12.12 -31.71 89.39
CA LYS NA 138 11.17 -30.61 89.32
C LYS NA 138 9.76 -31.12 89.14
N LEU NA 139 9.60 -32.19 88.37
CA LEU NA 139 8.28 -32.76 88.15
C LEU NA 139 7.65 -33.27 89.43
N LEU NA 140 8.40 -33.99 90.24
CA LEU NA 140 7.88 -34.45 91.51
C LEU NA 140 7.57 -33.28 92.42
N ILE NA 141 8.44 -32.28 92.46
CA ILE NA 141 8.24 -31.13 93.33
C ILE NA 141 7.00 -30.34 92.95
N SER NA 142 6.78 -30.16 91.66
CA SER NA 142 5.61 -29.40 91.22
C SER NA 142 4.34 -30.10 91.61
N LEU NA 143 4.29 -31.41 91.42
CA LEU NA 143 3.12 -32.17 91.78
C LEU NA 143 2.87 -32.17 93.27
N ASN NA 144 3.92 -32.30 94.06
CA ASN NA 144 3.75 -32.36 95.49
C ASN NA 144 3.17 -31.04 95.94
N ARG NA 145 3.64 -29.94 95.37
CA ARG NA 145 3.10 -28.63 95.70
C ARG NA 145 1.64 -28.49 95.29
N ALA NA 146 1.29 -28.99 94.10
CA ALA NA 146 -0.09 -28.92 93.64
C ALA NA 146 -1.00 -29.70 94.54
N VAL NA 147 -0.60 -30.90 94.93
CA VAL NA 147 -1.40 -31.72 95.82
C VAL NA 147 -1.57 -31.05 97.17
N LEU NA 148 -0.50 -30.43 97.67
CA LEU NA 148 -0.56 -29.78 98.97
C LEU NA 148 -1.59 -28.67 98.97
N THR NA 149 -1.65 -27.90 97.88
CA THR NA 149 -2.66 -26.86 97.78
C THR NA 149 -3.99 -27.47 97.38
N GLY NA 150 -3.96 -28.47 96.51
CA GLY NA 150 -5.18 -29.14 96.11
C GLY NA 150 -5.65 -28.85 94.71
N ASP NA 151 -5.10 -27.83 94.06
CA ASP NA 151 -5.46 -27.57 92.67
C ASP NA 151 -4.96 -28.71 91.81
N ILE NA 152 -5.72 -29.06 90.77
CA ILE NA 152 -5.34 -30.21 89.97
C ILE NA 152 -4.74 -29.82 88.63
N PRO NA 153 -3.57 -30.40 88.31
CA PRO NA 153 -3.02 -30.13 86.99
C PRO NA 153 -3.85 -30.86 85.95
N ASP NA 154 -3.81 -30.40 84.72
CA ASP NA 154 -4.62 -31.04 83.68
C ASP NA 154 -4.19 -32.48 83.46
N GLY NA 155 -5.15 -33.35 83.19
CA GLY NA 155 -4.85 -34.75 83.02
C GLY NA 155 -4.87 -35.54 84.31
N TYR NA 156 -5.23 -34.90 85.42
CA TYR NA 156 -5.35 -35.61 86.68
C TYR NA 156 -6.81 -35.72 87.06
N GLY NA 157 -7.41 -36.90 86.91
CA GLY NA 157 -8.84 -37.03 87.13
C GLY NA 157 -9.35 -37.64 88.42
N GLU NA 158 -8.46 -38.03 89.33
CA GLU NA 158 -8.83 -38.62 90.63
C GLU NA 158 -9.02 -40.14 90.50
N VAL NA 159 -8.71 -40.89 91.55
CA VAL NA 159 -8.80 -42.35 91.49
C VAL NA 159 -8.85 -42.94 92.89
N LYS NA 160 -9.27 -44.19 93.02
CA LYS NA 160 -9.25 -44.86 94.30
C LYS NA 160 -7.79 -45.07 94.69
N PRO NA 161 -7.45 -44.80 95.96
CA PRO NA 161 -6.07 -45.08 96.39
C PRO NA 161 -5.85 -46.56 96.71
N LEU NA 162 -4.58 -46.98 96.83
CA LEU NA 162 -4.28 -48.36 97.17
C LEU NA 162 -4.03 -48.55 98.66
N SER NA 163 -3.44 -49.68 99.02
CA SER NA 163 -3.08 -49.92 100.43
C SER NA 163 -1.66 -50.39 100.34
N ASP NA 164 -1.19 -50.60 99.11
CA ASP NA 164 0.17 -51.06 98.86
C ASP NA 164 1.23 -50.07 99.29
N GLY NA 165 0.97 -48.78 99.13
CA GLY NA 165 2.01 -47.80 99.36
C GLY NA 165 2.74 -47.63 100.66
N ILE NA 166 2.10 -47.80 101.80
CA ILE NA 166 2.79 -47.48 103.05
C ILE NA 166 3.25 -48.60 104.00
N ARG NA 167 4.53 -48.59 104.36
CA ARG NA 167 5.05 -49.54 105.33
C ARG NA 167 4.97 -48.82 106.65
N LEU NA 168 4.63 -49.50 107.73
CA LEU NA 168 4.41 -48.82 108.99
C LEU NA 168 5.47 -49.20 109.98
N PRO NA 169 6.09 -48.20 110.62
CA PRO NA 169 7.09 -48.47 111.66
C PRO NA 169 6.46 -49.23 112.80
N GLY NA 170 5.24 -48.87 113.17
CA GLY NA 170 4.53 -49.57 114.21
C GLY NA 170 3.64 -48.62 114.98
N GLY NA 171 2.45 -49.07 115.35
CA GLY NA 171 1.51 -48.20 116.03
C GLY NA 171 0.76 -47.30 115.06
N PHE NA 172 0.95 -47.52 113.76
CA PHE NA 172 0.33 -46.66 112.78
C PHE NA 172 -0.71 -47.39 111.96
N SER NA 173 -1.87 -46.79 111.78
CA SER NA 173 -2.90 -47.39 110.95
C SER NA 173 -3.19 -46.45 109.80
N VAL NA 174 -3.27 -46.97 108.59
CA VAL NA 174 -3.42 -46.10 107.43
C VAL NA 174 -4.81 -46.07 106.79
N THR NA 175 -5.37 -44.88 106.54
CA THR NA 175 -6.63 -44.80 105.83
C THR NA 175 -6.51 -43.89 104.61
N PRO NA 176 -6.85 -44.36 103.42
CA PRO NA 176 -6.74 -43.49 102.23
C PRO NA 176 -7.86 -42.47 102.19
N LEU NA 177 -7.47 -41.26 101.81
CA LEU NA 177 -8.42 -40.17 101.73
C LEU NA 177 -8.65 -39.81 100.29
N LYS NA 178 -7.65 -39.22 99.65
CA LYS NA 178 -7.83 -38.76 98.29
C LYS NA 178 -6.70 -39.22 97.41
N ALA NA 179 -6.94 -39.30 96.10
CA ALA NA 179 -5.89 -39.68 95.19
C ALA NA 179 -6.08 -39.18 93.78
N TRP NA 180 -4.99 -38.81 93.11
CA TRP NA 180 -5.04 -38.35 91.74
C TRP NA 180 -4.26 -39.30 90.86
N ALA NA 181 -4.72 -39.46 89.63
CA ALA NA 181 -4.03 -40.27 88.64
C ALA NA 181 -3.93 -39.52 87.34
N GLY NA 182 -2.74 -39.50 86.75
CA GLY NA 182 -2.53 -38.75 85.53
C GLY NA 182 -1.99 -39.58 84.39
N ASP NA 183 -1.22 -38.94 83.51
CA ASP NA 183 -0.67 -39.61 82.34
C ASP NA 183 0.68 -40.25 82.61
N GLN NA 184 1.46 -39.74 83.55
CA GLN NA 184 2.80 -40.23 83.83
C GLN NA 184 3.02 -40.61 85.28
N LEU NA 185 2.43 -39.88 86.22
CA LEU NA 185 2.68 -40.07 87.65
C LEU NA 185 1.36 -40.31 88.35
N ARG NA 186 1.43 -40.58 89.66
CA ARG NA 186 0.23 -40.77 90.46
C ARG NA 186 0.52 -40.34 91.89
N ALA NA 187 -0.47 -39.71 92.53
CA ALA NA 187 -0.33 -39.25 93.90
C ALA NA 187 -1.52 -39.71 94.72
N ASP NA 188 -1.28 -39.90 96.02
CA ASP NA 188 -2.33 -40.31 96.93
C ASP NA 188 -2.05 -39.78 98.33
N ARG NA 189 -3.09 -39.76 99.17
CA ARG NA 189 -3.00 -39.23 100.51
C ARG NA 189 -3.52 -40.26 101.51
N TYR NA 190 -2.74 -40.55 102.53
CA TYR NA 190 -3.13 -41.51 103.54
C TYR NA 190 -2.96 -40.81 104.85
N GLU NA 191 -3.86 -41.03 105.78
CA GLU NA 191 -3.70 -40.45 107.10
C GLU NA 191 -3.35 -41.54 108.05
N LEU NA 192 -2.25 -41.37 108.75
CA LEU NA 192 -1.80 -42.38 109.67
C LEU NA 192 -2.46 -42.12 110.98
N ARG NA 193 -2.74 -43.18 111.73
CA ARG NA 193 -3.29 -42.97 113.04
C ARG NA 193 -2.26 -42.59 114.05
N ASN NA 194 -2.75 -42.08 115.14
CA ASN NA 194 -1.88 -41.78 116.19
C ASN NA 194 -1.18 -43.04 116.67
N ALA NA 195 0.11 -42.95 116.92
CA ALA NA 195 0.84 -44.05 117.49
C ALA NA 195 0.48 -44.21 118.94
N ASN NA 196 0.84 -45.35 119.54
CA ASN NA 196 0.56 -45.63 120.95
C ASN NA 196 0.91 -44.57 121.99
N THR NA 197 1.92 -44.83 122.82
CA THR NA 197 2.39 -43.84 123.79
C THR NA 197 3.86 -43.44 123.80
N TRP NA 198 4.69 -44.17 123.05
CA TRP NA 198 6.08 -43.80 122.95
C TRP NA 198 6.17 -42.77 121.84
N GLY NA 199 7.00 -41.75 122.03
CA GLY NA 199 7.18 -40.79 120.96
C GLY NA 199 7.81 -41.52 119.79
N VAL NA 200 7.27 -41.30 118.59
CA VAL NA 200 7.78 -42.00 117.43
C VAL NA 200 8.38 -41.00 116.48
N ALA NA 201 9.71 -40.89 116.48
CA ALA NA 201 10.35 -40.01 115.52
C ALA NA 201 9.96 -40.44 114.13
N LEU NA 202 9.69 -39.49 113.26
CA LEU NA 202 9.22 -39.84 111.93
C LEU NA 202 10.33 -39.71 110.91
N ARG NA 203 10.66 -40.81 110.24
CA ARG NA 203 11.70 -40.79 109.24
C ARG NA 203 11.08 -40.85 107.86
N GLU NA 204 11.29 -39.88 107.00
CA GLU NA 204 10.60 -39.94 105.72
C GLU NA 204 10.96 -41.17 104.89
N GLN NA 205 12.15 -41.74 105.10
CA GLN NA 205 12.47 -42.95 104.34
C GLN NA 205 12.08 -44.22 105.06
N ASP NA 206 11.43 -44.14 106.22
CA ASP NA 206 10.97 -45.30 106.96
C ASP NA 206 9.56 -45.73 106.55
N PHE NA 207 8.99 -45.07 105.54
CA PHE NA 207 7.70 -45.49 104.99
C PHE NA 207 7.84 -45.92 103.54
N TRP NA 208 9.03 -46.36 103.16
CA TRP NA 208 9.29 -46.70 101.76
C TRP NA 208 8.76 -48.03 101.24
N LYS NA 209 8.34 -48.04 99.99
CA LYS NA 209 7.89 -49.28 99.38
C LYS NA 209 8.39 -49.32 97.92
N PRO NA 210 9.08 -50.41 97.47
CA PRO NA 210 9.46 -50.46 96.05
C PRO NA 210 8.36 -49.91 95.16
N GLY NA 211 8.76 -49.11 94.17
CA GLY NA 211 7.85 -48.52 93.23
C GLY NA 211 7.48 -47.07 93.53
N VAL NA 212 7.76 -46.59 94.74
CA VAL NA 212 7.41 -45.19 95.11
C VAL NA 212 8.45 -44.14 94.72
N ARG NA 213 8.05 -43.13 93.98
CA ARG NA 213 8.98 -42.09 93.56
C ARG NA 213 9.38 -41.14 94.70
N ALA NA 214 8.43 -40.44 95.32
CA ALA NA 214 8.73 -39.56 96.45
C ALA NA 214 7.72 -39.63 97.58
N VAL NA 215 8.20 -39.54 98.82
CA VAL NA 215 7.30 -39.52 99.97
C VAL NA 215 7.54 -38.24 100.75
N MET NA 216 6.48 -37.48 101.04
CA MET NA 216 6.64 -36.28 101.85
C MET NA 216 5.65 -36.19 103.00
N PHE NA 217 6.05 -35.55 104.09
CA PHE NA 217 5.20 -35.48 105.28
C PHE NA 217 4.61 -34.09 105.43
N ASP NA 218 3.32 -34.01 105.69
CA ASP NA 218 2.68 -32.71 105.94
C ASP NA 218 3.11 -32.18 107.29
N ASN NA 219 3.02 -30.86 107.50
CA ASN NA 219 3.49 -30.23 108.74
C ASN NA 219 4.99 -30.42 108.84
N ASN NA 220 5.52 -30.58 110.04
CA ASN NA 220 6.97 -30.86 110.14
C ASN NA 220 7.52 -32.10 110.80
N ALA NA 221 6.75 -33.18 110.90
CA ALA NA 221 7.32 -34.41 111.43
C ALA NA 221 7.91 -34.14 112.80
N GLN NA 222 9.21 -34.39 112.95
CA GLN NA 222 9.89 -34.11 114.21
C GLN NA 222 9.24 -34.82 115.37
N THR NA 223 8.89 -36.10 115.18
CA THR NA 223 8.29 -36.92 116.24
C THR NA 223 6.81 -36.70 116.47
N LEU NA 224 5.97 -37.60 115.94
CA LEU NA 224 4.54 -37.52 116.24
C LEU NA 224 4.54 -38.03 117.65
N MET NA 225 3.76 -37.43 118.54
CA MET NA 225 3.85 -37.82 119.97
C MET NA 225 3.08 -39.06 120.42
N GLY NA 226 2.61 -39.05 121.67
CA GLY NA 226 1.80 -40.14 122.17
C GLY NA 226 0.61 -40.24 121.26
N GLY NA 227 0.53 -39.34 120.29
CA GLY NA 227 -0.50 -39.46 119.29
C GLY NA 227 -0.42 -38.40 118.23
N GLY NA 228 -1.47 -38.29 117.44
CA GLY NA 228 -1.51 -37.30 116.38
C GLY NA 228 -1.81 -37.97 115.07
N ARG NA 229 -2.73 -37.41 114.31
CA ARG NA 229 -3.05 -37.94 112.99
C ARG NA 229 -2.47 -37.05 111.91
N MET NA 230 -1.50 -37.54 111.16
CA MET NA 230 -0.83 -36.70 110.18
C MET NA 230 -1.01 -37.26 108.79
N THR NA 231 -1.44 -36.42 107.85
CA THR NA 231 -1.64 -36.87 106.48
C THR NA 231 -0.33 -36.91 105.72
N VAL NA 232 -0.10 -38.01 105.00
CA VAL NA 232 1.13 -38.17 104.25
C VAL NA 232 0.78 -38.38 102.78
N THR NA 233 1.41 -37.62 101.90
CA THR NA 233 1.19 -37.82 100.47
C THR NA 233 2.28 -38.68 99.87
N VAL NA 234 1.89 -39.77 99.22
CA VAL NA 234 2.88 -40.69 98.64
C VAL NA 234 2.80 -40.62 97.13
N ILE NA 235 3.93 -40.54 96.47
CA ILE NA 235 3.94 -40.39 95.02
C ILE NA 235 4.49 -41.64 94.36
N ARG NA 236 3.76 -42.19 93.38
CA ARG NA 236 4.17 -43.43 92.74
C ARG NA 236 4.01 -43.34 91.23
N GLY NA 237 4.72 -44.18 90.47
CA GLY NA 237 4.60 -44.19 89.03
C GLY NA 237 3.21 -44.60 88.58
N ASN NA 238 2.88 -44.23 87.35
CA ASN NA 238 1.58 -44.51 86.77
C ASN NA 238 1.74 -45.38 85.54
N GLY NA 239 0.83 -46.32 85.37
CA GLY NA 239 0.89 -47.27 84.28
C GLY NA 239 1.83 -48.42 84.57
N GLU NA 240 3.05 -48.11 85.03
CA GLU NA 240 4.00 -49.15 85.38
C GLU NA 240 3.54 -49.90 86.62
N GLY NA 241 3.66 -51.22 86.59
CA GLY NA 241 3.26 -52.05 87.70
C GLY NA 241 4.24 -52.01 88.86
N GLN OA 25 27.77 34.07 99.46
CA GLN OA 25 26.90 35.23 99.44
C GLN OA 25 25.64 34.90 98.66
N SER OA 26 24.72 35.85 98.59
CA SER OA 26 23.47 35.62 97.89
C SER OA 26 23.29 36.83 96.99
N PRO OA 27 22.63 36.65 95.84
CA PRO OA 27 22.54 37.83 94.97
C PRO OA 27 21.76 38.92 95.66
N ALA OA 28 22.16 40.18 95.45
CA ALA OA 28 21.44 41.30 96.06
C ALA OA 28 20.11 41.49 95.42
N THR OA 29 19.04 41.47 96.22
CA THR OA 29 17.70 41.54 95.66
C THR OA 29 17.14 42.94 95.69
N ILE OA 30 16.68 43.40 94.55
CA ILE OA 30 16.15 44.74 94.46
C ILE OA 30 14.73 44.73 93.90
N SER OA 31 13.80 45.39 94.59
CA SER OA 31 12.42 45.38 94.15
C SER OA 31 12.06 46.71 93.53
N LEU OA 32 11.60 46.70 92.29
CA LEU OA 32 11.36 47.95 91.59
C LEU OA 32 10.04 47.99 90.82
N PRO OA 33 9.33 49.13 90.87
CA PRO OA 33 8.11 49.31 90.08
C PRO OA 33 8.48 49.51 88.62
N GLN OA 34 7.59 49.36 87.66
CA GLN OA 34 8.04 49.53 86.27
C GLN OA 34 8.58 50.93 86.07
N GLY OA 35 9.70 51.06 85.38
CA GLY OA 35 10.33 52.34 85.20
C GLY OA 35 11.15 52.72 86.40
N GLY OA 36 11.30 51.80 87.34
CA GLY OA 36 12.02 52.08 88.56
C GLY OA 36 13.49 52.29 88.34
N GLN OA 37 14.10 53.14 89.16
CA GLN OA 37 15.52 53.43 89.00
C GLN OA 37 16.31 53.16 90.28
N PHE OA 38 17.25 52.22 90.21
CA PHE OA 38 18.03 51.87 91.40
C PHE OA 38 19.51 52.14 91.21
N ARG OA 39 20.13 52.81 92.18
CA ARG OA 39 21.56 53.09 92.09
C ARG OA 39 22.40 51.95 92.65
N LEU OA 40 22.97 51.14 91.77
CA LEU OA 40 23.83 50.04 92.20
C LEU OA 40 25.23 50.08 91.60
N SER OA 41 26.25 49.91 92.43
CA SER OA 41 27.61 49.87 91.92
C SER OA 41 27.90 48.59 91.16
N ILE OA 42 28.69 48.68 90.09
CA ILE OA 42 29.09 47.47 89.36
C ILE OA 42 30.61 47.38 89.41
N SER OA 43 31.21 46.51 88.59
CA SER OA 43 32.67 46.45 88.57
C SER OA 43 33.31 46.65 87.21
N ASN OA 44 34.37 47.45 87.16
CA ASN OA 44 35.12 47.64 85.91
C ASN OA 44 35.96 46.43 85.53
N THR OA 45 36.67 45.86 86.50
CA THR OA 45 37.48 44.66 86.25
C THR OA 45 36.79 43.35 85.89
N ASP OA 46 35.67 43.02 86.51
CA ASP OA 46 35.06 41.69 86.30
C ASP OA 46 33.64 41.68 85.81
N PRO OA 47 33.21 40.57 85.18
CA PRO OA 47 31.85 40.53 84.61
C PRO OA 47 30.78 40.67 85.68
N ASN OA 48 29.65 41.28 85.32
CA ASN OA 48 28.60 41.53 86.29
C ASN OA 48 27.32 40.93 85.74
N MET OA 49 26.42 40.53 86.64
CA MET OA 49 25.20 39.87 86.20
C MET OA 49 23.95 40.50 86.77
N ILE OA 50 22.87 40.48 86.00
CA ILE OA 50 21.59 41.03 86.44
C ILE OA 50 20.61 40.02 85.92
N PHE OA 51 19.88 39.38 86.81
CA PHE OA 51 18.84 38.44 86.38
C PHE OA 51 17.51 38.75 87.01
N ILE OA 52 16.44 38.60 86.24
CA ILE OA 52 15.12 38.79 86.82
C ILE OA 52 14.50 37.41 86.90
N PRO OA 53 14.23 36.94 88.11
CA PRO OA 53 13.71 35.58 88.17
C PRO OA 53 12.34 35.49 87.52
N GLY OA 54 12.12 34.45 86.72
CA GLY OA 54 10.85 34.28 86.03
C GLY OA 54 10.78 35.10 84.77
N ASP OA 55 11.86 35.80 84.44
CA ASP OA 55 11.83 36.68 83.28
C ASP OA 55 13.10 36.59 82.45
N LYS OA 56 12.99 36.86 81.16
CA LYS OA 56 14.15 36.80 80.31
C LYS OA 56 14.47 38.17 79.77
N VAL OA 57 15.70 38.62 79.96
CA VAL OA 57 16.10 39.91 79.46
C VAL OA 57 16.06 39.83 77.96
N THR OA 58 15.35 40.77 77.34
CA THR OA 58 15.27 40.78 75.89
C THR OA 58 16.11 41.90 75.31
N ALA OA 59 16.39 42.93 76.11
CA ALA OA 59 17.16 44.05 75.61
C ALA OA 59 17.91 44.80 76.67
N ILE OA 60 19.03 45.42 76.30
CA ILE OA 60 19.78 46.25 77.24
C ILE OA 60 20.28 47.46 76.49
N THR OA 61 20.26 48.63 77.12
CA THR OA 61 20.71 49.86 76.49
C THR OA 61 21.55 50.61 77.50
N ALA OA 62 22.68 51.18 77.09
CA ALA OA 62 23.47 51.99 78.00
C ALA OA 62 24.05 53.17 77.25
N PRO OA 63 24.53 54.23 77.96
CA PRO OA 63 25.17 55.28 77.16
C PRO OA 63 26.26 54.68 76.30
N GLY OA 64 26.49 55.20 75.10
CA GLY OA 64 27.45 54.58 74.21
C GLY OA 64 28.88 54.49 74.68
N GLY OA 65 29.48 53.30 74.55
CA GLY OA 65 30.85 53.10 74.94
C GLY OA 65 31.02 52.68 76.38
N MET OA 66 29.96 52.83 77.17
CA MET OA 66 30.01 52.42 78.56
C MET OA 66 30.09 50.91 78.82
N LEU OA 67 29.36 50.11 78.05
CA LEU OA 67 29.36 48.67 78.27
C LEU OA 67 30.15 47.93 77.22
N ALA OA 68 31.25 47.32 77.63
CA ALA OA 68 32.11 46.61 76.68
C ALA OA 68 31.53 45.38 76.01
N ASP OA 69 30.88 44.51 76.78
CA ASP OA 69 30.34 43.26 76.21
C ASP OA 69 29.08 42.83 76.90
N LYS OA 70 28.09 42.37 76.13
CA LYS OA 70 26.81 41.94 76.69
C LYS OA 70 26.38 40.59 76.14
N ARG OA 71 26.19 39.60 77.01
CA ARG OA 71 25.76 38.27 76.60
C ARG OA 71 24.56 37.77 77.40
N LEU OA 72 23.71 36.94 76.79
CA LEU OA 72 22.57 36.40 77.49
C LEU OA 72 22.89 35.08 78.16
N THR OA 73 22.74 35.02 79.47
CA THR OA 73 23.00 33.80 80.21
C THR OA 73 21.87 32.80 80.12
N ARG OA 74 22.13 31.56 80.55
CA ARG OA 74 21.10 30.54 80.56
C ARG OA 74 20.00 30.96 81.51
N ALA OA 75 18.75 30.70 81.15
CA ALA OA 75 17.62 31.14 81.96
C ALA OA 75 17.56 32.63 82.18
N GLY OA 76 17.77 33.40 81.11
CA GLY OA 76 17.65 34.83 81.21
C GLY OA 76 18.88 35.37 81.89
N GLY OA 77 18.87 36.64 82.21
CA GLY OA 77 20.03 37.23 82.83
C GLY OA 77 20.93 37.82 81.80
N VAL OA 78 21.71 38.82 82.19
CA VAL OA 78 22.67 39.41 81.26
C VAL OA 78 24.01 39.45 81.91
N LEU OA 79 25.05 39.13 81.16
CA LEU OA 79 26.39 39.23 81.68
C LEU OA 79 26.98 40.43 80.98
N PHE OA 80 27.52 41.37 81.74
CA PHE OA 80 28.05 42.59 81.16
C PHE OA 80 29.33 43.09 81.81
N THR OA 81 30.23 43.66 81.00
CA THR OA 81 31.49 44.16 81.51
C THR OA 81 31.62 45.63 81.14
N SER OA 82 32.15 46.44 82.05
CA SER OA 82 32.34 47.85 81.75
C SER OA 82 33.76 48.35 81.91
N VAL OA 83 34.28 49.05 80.92
CA VAL OA 83 35.61 49.66 81.06
C VAL OA 83 35.46 51.10 81.53
N ALA OA 84 34.23 51.55 81.72
CA ALA OA 84 33.96 52.94 82.09
C ALA OA 84 34.33 53.37 83.49
N THR OA 85 34.55 54.67 83.65
CA THR OA 85 34.84 55.20 84.98
C THR OA 85 33.78 56.21 85.44
N ARG OA 86 32.67 56.34 84.71
CA ARG OA 86 31.66 57.33 85.03
C ARG OA 86 30.32 56.69 85.32
N THR OA 87 29.56 57.25 86.26
CA THR OA 87 28.24 56.71 86.57
C THR OA 87 27.37 56.82 85.34
N PHE OA 88 26.63 55.76 85.04
CA PHE OA 88 25.82 55.75 83.83
C PHE OA 88 24.49 55.06 84.05
N THR OA 89 23.60 55.18 83.09
CA THR OA 89 22.27 54.62 83.26
C THR OA 89 22.01 53.52 82.28
N ILE OA 90 21.68 52.34 82.80
CA ILE OA 90 21.37 51.19 81.95
C ILE OA 90 19.88 50.91 81.97
N PHE OA 91 19.27 50.70 80.81
CA PHE OA 91 17.87 50.35 80.78
C PHE OA 91 17.70 48.92 80.33
N VAL OA 92 17.05 48.12 81.16
CA VAL OA 92 16.88 46.71 80.83
C VAL OA 92 15.43 46.38 80.59
N GLU OA 93 15.16 45.66 79.50
CA GLU OA 93 13.79 45.31 79.16
C GLU OA 93 13.57 43.83 79.18
N THR OA 94 12.61 43.39 79.96
CA THR OA 94 12.29 41.98 80.04
C THR OA 94 11.24 41.59 79.04
N ALA OA 95 10.99 40.29 78.88
CA ALA OA 95 10.05 39.81 77.87
C ALA OA 95 8.59 39.91 78.25
N ARG OA 96 8.32 40.18 79.53
CA ARG OA 96 6.96 40.32 80.01
C ARG OA 96 6.56 41.77 79.96
N GLY OA 97 7.33 42.58 79.28
CA GLY OA 97 6.99 43.99 79.13
C GLY OA 97 7.45 44.92 80.21
N GLN OA 98 8.25 44.42 81.13
CA GLN OA 98 8.72 45.25 82.22
C GLN OA 98 10.01 45.90 81.85
N THR OA 99 10.17 47.16 82.18
CA THR OA 99 11.41 47.85 81.91
C THR OA 99 11.88 48.47 83.20
N PHE OA 100 13.16 48.31 83.50
CA PHE OA 100 13.71 48.87 84.70
C PHE OA 100 14.96 49.64 84.34
N SER OA 101 15.35 50.56 85.21
CA SER OA 101 16.52 51.36 84.96
C SER OA 101 17.44 51.24 86.12
N VAL OA 102 18.73 51.25 85.84
CA VAL OA 102 19.72 51.10 86.87
C VAL OA 102 20.75 52.19 86.68
N VAL OA 103 21.22 52.81 87.75
CA VAL OA 103 22.29 53.77 87.61
C VAL OA 103 23.50 53.03 88.13
N ALA OA 104 24.52 52.85 87.30
CA ALA OA 104 25.67 52.06 87.68
C ALA OA 104 26.93 52.83 87.87
N THR OA 105 27.55 52.72 89.04
CA THR OA 105 28.83 53.38 89.28
C THR OA 105 29.91 52.34 89.24
N PRO OA 106 30.85 52.47 88.29
CA PRO OA 106 31.85 51.41 88.19
C PRO OA 106 32.95 51.52 89.23
N VAL OA 107 33.24 50.44 89.95
CA VAL OA 107 34.24 50.47 91.02
C VAL OA 107 35.05 49.18 91.01
N LYS OA 108 36.28 49.22 91.52
CA LYS OA 108 37.15 48.04 91.55
C LYS OA 108 36.65 46.95 92.49
N GLY OA 109 36.65 45.71 92.03
CA GLY OA 109 36.21 44.63 92.88
C GLY OA 109 35.68 43.41 92.17
N GLU OA 110 35.04 42.52 92.92
CA GLU OA 110 34.45 41.33 92.35
C GLU OA 110 33.20 41.64 91.55
N GLY OA 111 32.91 40.82 90.55
CA GLY OA 111 31.72 41.02 89.76
C GLY OA 111 30.52 40.91 90.65
N ARG OA 112 29.59 41.86 90.54
CA ARG OA 112 28.43 41.89 91.41
C ARG OA 112 27.20 41.37 90.72
N VAL OA 113 26.41 40.58 91.44
CA VAL OA 113 25.19 39.99 90.87
C VAL OA 113 23.96 40.49 91.57
N TYR OA 114 22.97 40.92 90.80
CA TYR OA 114 21.77 41.48 91.37
C TYR OA 114 20.52 40.73 90.93
N ARG OA 115 19.59 40.54 91.86
CA ARG OA 115 18.35 39.84 91.55
C ARG OA 115 17.24 40.85 91.44
N LEU OA 116 16.62 40.95 90.28
CA LEU OA 116 15.62 41.99 90.08
C LEU OA 116 14.25 41.49 90.38
N MET OA 117 13.53 42.23 91.20
CA MET OA 117 12.19 41.84 91.55
C MET OA 117 11.17 42.91 91.23
N SER OA 118 9.93 42.52 91.06
CA SER OA 118 8.84 43.45 90.76
C SER OA 118 8.05 43.72 92.04
N ALA OA 119 7.86 45.00 92.33
CA ALA OA 119 7.18 45.41 93.56
C ALA OA 119 5.75 44.90 93.60
N GLU OA 120 5.03 45.05 92.49
CA GLU OA 120 3.64 44.59 92.43
C GLU OA 120 3.56 43.34 91.57
N PRO OA 121 3.15 42.20 92.12
CA PRO OA 121 2.93 41.00 91.30
C PRO OA 121 1.83 41.24 90.29
N PRO OA 122 2.08 40.96 89.00
CA PRO OA 122 1.07 41.27 87.99
C PRO OA 122 -0.17 40.39 88.08
N SER OA 123 0.01 39.07 88.23
CA SER OA 123 -1.11 38.15 88.27
C SER OA 123 -0.84 37.10 89.34
N ARG OA 124 -1.92 36.47 89.80
CA ARG OA 124 -1.83 35.39 90.79
C ARG OA 124 -2.23 34.08 90.13
N PRO OA 125 -1.24 33.22 89.76
CA PRO OA 125 -1.73 31.97 89.15
C PRO OA 125 -2.44 31.12 90.17
N GLU OA 126 -3.59 30.56 89.80
CA GLU OA 126 -4.37 29.75 90.73
C GLU OA 126 -3.63 28.46 91.05
N THR OA 127 -3.79 27.98 92.28
CA THR OA 127 -3.09 26.77 92.71
C THR OA 127 -3.53 25.55 91.94
N ARG OA 128 -2.59 24.62 91.71
CA ARG OA 128 -2.91 23.40 90.99
C ARG OA 128 -2.77 22.15 91.85
N LYS OA 129 -3.89 21.48 92.13
CA LYS OA 129 -3.82 20.23 92.88
C LYS OA 129 -3.46 19.12 91.90
N TRP OA 130 -2.27 18.57 92.03
CA TRP OA 130 -1.83 17.57 91.08
C TRP OA 130 -1.99 16.18 91.66
N GLU OA 131 -2.26 16.10 92.96
CA GLU OA 131 -2.32 14.78 93.57
C GLU OA 131 -3.53 14.02 93.07
N THR OA 132 -3.34 12.73 92.80
CA THR OA 132 -4.40 11.86 92.32
C THR OA 132 -4.54 10.66 93.24
N ALA OA 133 -5.77 10.37 93.65
CA ALA OA 133 -6.03 9.26 94.54
C ALA OA 133 -6.02 7.93 93.77
N GLN OA 134 -6.06 6.82 94.51
CA GLN OA 134 -6.00 5.51 93.89
C GLN OA 134 -7.31 5.13 93.27
N ALA OA 135 -7.29 4.23 92.31
CA ALA OA 135 -8.52 3.83 91.64
C ALA OA 135 -9.54 3.17 92.56
N TYR OA 136 -9.11 2.31 93.46
CA TYR OA 136 -10.03 1.68 94.39
C TYR OA 136 -10.66 2.72 95.28
N GLU OA 137 -9.87 3.67 95.77
CA GLU OA 137 -10.41 4.65 96.68
C GLU OA 137 -11.42 5.54 96.00
N LYS OA 138 -11.13 5.95 94.78
CA LYS OA 138 -12.05 6.80 94.07
C LYS OA 138 -13.35 6.08 93.78
N LEU OA 139 -13.28 4.79 93.47
CA LEU OA 139 -14.47 4.02 93.20
C LEU OA 139 -15.41 3.95 94.38
N LEU OA 140 -14.88 3.70 95.57
CA LEU OA 140 -15.71 3.69 96.76
C LEU OA 140 -16.28 5.06 97.02
N ILE OA 141 -15.47 6.10 96.88
CA ILE OA 141 -15.92 7.46 97.15
C ILE OA 141 -17.04 7.88 96.22
N SER OA 142 -16.92 7.54 94.93
CA SER OA 142 -17.94 7.91 93.97
C SER OA 142 -19.26 7.26 94.31
N LEU OA 143 -19.22 5.98 94.64
CA LEU OA 143 -20.43 5.26 94.99
C LEU OA 143 -21.06 5.79 96.25
N ASN OA 144 -20.25 6.10 97.26
CA ASN OA 144 -20.80 6.57 98.51
C ASN OA 144 -21.51 7.87 98.25
N ARG OA 145 -20.93 8.73 97.42
CA ARG OA 145 -21.58 9.99 97.08
C ARG OA 145 -22.87 9.77 96.31
N ALA OA 146 -22.88 8.82 95.38
CA ALA OA 146 -24.09 8.54 94.61
C ALA OA 146 -25.20 8.04 95.51
N VAL OA 147 -24.88 7.15 96.42
CA VAL OA 147 -25.87 6.62 97.35
C VAL OA 147 -26.40 7.72 98.24
N LEU OA 148 -25.52 8.61 98.68
CA LEU OA 148 -25.93 9.68 99.58
C LEU OA 148 -26.96 10.58 98.89
N THR OA 149 -26.75 10.87 97.62
CA THR OA 149 -27.72 11.67 96.89
C THR OA 149 -28.88 10.78 96.45
N GLY OA 150 -28.60 9.54 96.08
CA GLY OA 150 -29.65 8.61 95.70
C GLY OA 150 -29.74 8.30 94.22
N ASP OA 151 -29.07 9.06 93.39
CA ASP OA 151 -29.05 8.73 91.97
C ASP OA 151 -28.31 7.42 91.77
N ILE OA 152 -28.76 6.62 90.81
CA ILE OA 152 -28.15 5.31 90.63
C ILE OA 152 -27.23 5.24 89.43
N PRO OA 153 -26.01 4.75 89.65
CA PRO OA 153 -25.13 4.57 88.50
C PRO OA 153 -25.63 3.40 87.68
N ASP OA 154 -25.29 3.37 86.39
CA ASP OA 154 -25.78 2.28 85.54
C ASP OA 154 -25.27 0.94 86.02
N GLY OA 155 -26.10 -0.09 85.89
CA GLY OA 155 -25.72 -1.41 86.37
C GLY OA 155 -26.07 -1.64 87.82
N TYR OA 156 -26.73 -0.69 88.47
CA TYR OA 156 -27.16 -0.89 89.85
C TYR OA 156 -28.67 -1.02 89.89
N GLY OA 157 -29.17 -2.24 90.08
CA GLY OA 157 -30.60 -2.46 90.00
C GLY OA 157 -31.42 -2.60 91.26
N GLU OA 158 -30.79 -2.51 92.42
CA GLU OA 158 -31.47 -2.61 93.73
C GLU OA 158 -31.59 -4.08 94.17
N VAL OA 159 -31.55 -4.33 95.47
CA VAL OA 159 -31.58 -5.71 95.97
C VAL OA 159 -31.98 -5.73 97.44
N LYS OA 160 -32.39 -6.89 97.95
CA LYS OA 160 -32.69 -7.01 99.36
C LYS OA 160 -31.38 -6.87 100.13
N PRO OA 161 -31.39 -6.11 101.24
CA PRO OA 161 -30.17 -6.03 102.05
C PRO OA 161 -30.00 -7.24 102.97
N LEU OA 162 -28.80 -7.41 103.53
CA LEU OA 162 -28.57 -8.52 104.46
C LEU OA 162 -28.72 -8.10 105.91
N SER OA 163 -28.22 -8.93 106.82
CA SER OA 163 -28.24 -8.57 108.24
C SER OA 163 -26.83 -8.86 108.67
N ASP OA 164 -26.05 -9.45 107.78
CA ASP OA 164 -24.66 -9.80 108.06
C ASP OA 164 -23.77 -8.60 108.30
N GLY OA 165 -24.01 -7.51 107.58
CA GLY OA 165 -23.10 -6.38 107.65
C GLY OA 165 -22.74 -5.65 108.91
N ILE OA 166 -23.66 -5.46 109.83
CA ILE OA 166 -23.33 -4.61 110.98
C ILE OA 166 -23.11 -5.21 112.38
N ARG OA 167 -21.97 -4.91 112.99
CA ARG OA 167 -21.70 -5.35 114.35
C ARG OA 167 -22.14 -4.20 115.22
N LEU OA 168 -22.74 -4.48 116.37
CA LEU OA 168 -23.30 -3.40 117.17
C LEU OA 168 -22.53 -3.25 118.44
N PRO OA 169 -22.14 -2.01 118.76
CA PRO OA 169 -21.44 -1.75 120.03
C PRO OA 169 -22.32 -2.09 121.19
N GLY OA 170 -23.61 -1.77 121.08
CA GLY OA 170 -24.56 -2.12 122.13
C GLY OA 170 -25.63 -1.07 122.23
N GLY OA 171 -26.87 -1.50 122.46
CA GLY OA 171 -27.97 -0.56 122.49
C GLY OA 171 -28.46 -0.20 121.11
N PHE OA 172 -27.94 -0.86 120.08
CA PHE OA 172 -28.30 -0.51 118.72
C PHE OA 172 -29.06 -1.63 118.04
N SER OA 173 -30.15 -1.30 117.37
CA SER OA 173 -30.91 -2.29 116.63
C SER OA 173 -30.90 -1.89 115.18
N VAL OA 174 -30.65 -2.83 114.27
CA VAL OA 174 -30.52 -2.49 112.86
C VAL OA 174 -31.69 -2.87 111.97
N THR OA 175 -32.18 -1.95 111.15
CA THR OA 175 -33.22 -2.30 110.19
C THR OA 175 -32.80 -1.91 108.79
N PRO OA 176 -32.81 -2.83 107.82
CA PRO OA 176 -32.40 -2.47 106.46
C PRO OA 176 -33.50 -1.69 105.74
N LEU OA 177 -33.06 -0.66 105.02
CA LEU OA 177 -33.98 0.19 104.30
C LEU OA 177 -33.83 -0.06 102.82
N LYS OA 178 -32.71 0.38 102.26
CA LYS OA 178 -32.54 0.27 100.82
C LYS OA 178 -31.20 -0.34 100.48
N ALA OA 179 -31.09 -0.93 99.30
CA ALA OA 179 -29.82 -1.49 98.89
C ALA OA 179 -29.64 -1.60 97.38
N TRP OA 180 -28.42 -1.37 96.91
CA TRP OA 180 -28.13 -1.45 95.49
C TRP OA 180 -27.12 -2.56 95.27
N ALA OA 181 -27.23 -3.23 94.13
CA ALA OA 181 -26.28 -4.26 93.74
C ALA OA 181 -25.86 -4.04 92.30
N GLY OA 182 -24.56 -4.10 92.05
CA GLY OA 182 -24.05 -3.84 90.72
C GLY OA 182 -23.20 -4.96 90.17
N ASP OA 183 -22.25 -4.61 89.31
CA ASP OA 183 -21.39 -5.58 88.66
C ASP OA 183 -20.14 -5.91 89.46
N GLN OA 184 -19.66 -4.98 90.28
CA GLN OA 184 -18.43 -5.16 91.03
C GLN OA 184 -18.59 -4.93 92.53
N LEU OA 185 -19.42 -3.99 92.94
CA LEU OA 185 -19.55 -3.60 94.34
C LEU OA 185 -21.01 -3.72 94.75
N ARG OA 186 -21.28 -3.46 96.04
CA ARG OA 186 -22.65 -3.49 96.55
C ARG OA 186 -22.75 -2.52 97.72
N ALA OA 187 -23.89 -1.83 97.79
CA ALA OA 187 -24.13 -0.88 98.87
C ALA OA 187 -25.48 -1.15 99.51
N ASP OA 188 -25.59 -0.80 100.79
CA ASP OA 188 -26.84 -0.97 101.52
C ASP OA 188 -26.95 0.08 102.61
N ARG OA 189 -28.17 0.28 103.10
CA ARG OA 189 -28.46 1.28 104.12
C ARG OA 189 -29.19 0.64 105.28
N TYR OA 190 -28.70 0.86 106.50
CA TYR OA 190 -29.32 0.31 107.67
C TYR OA 190 -29.52 1.46 108.61
N GLU OA 191 -30.63 1.49 109.30
CA GLU OA 191 -30.84 2.54 110.29
C GLU OA 191 -30.72 1.94 111.65
N LEU OA 192 -29.85 2.50 112.45
CA LEU OA 192 -29.63 1.97 113.78
C LEU OA 192 -30.63 2.63 114.69
N ARG OA 193 -31.07 1.90 115.70
CA ARG OA 193 -31.95 2.50 116.65
C ARG OA 193 -31.24 3.37 117.64
N ASN OA 194 -32.01 4.19 118.30
CA ASN OA 194 -31.45 4.96 119.32
C ASN OA 194 -30.87 4.07 120.39
N ALA OA 195 -29.70 4.41 120.88
CA ALA OA 195 -29.12 3.71 121.99
C ALA OA 195 -29.84 4.06 123.26
N ASN OA 196 -29.62 3.28 124.33
CA ASN OA 196 -30.26 3.52 125.63
C ASN OA 196 -30.23 4.93 126.21
N THR OA 197 -29.47 5.13 127.29
CA THR OA 197 -29.30 6.47 127.87
C THR OA 197 -27.89 7.01 128.06
N TRP OA 198 -26.87 6.17 127.89
CA TRP OA 198 -25.51 6.66 127.98
C TRP OA 198 -25.15 7.19 126.61
N GLY OA 199 -24.43 8.30 126.56
CA GLY OA 199 -24.00 8.81 125.27
C GLY OA 199 -23.07 7.78 124.66
N VAL OA 200 -23.28 7.47 123.39
CA VAL OA 200 -22.46 6.45 122.75
C VAL OA 200 -21.65 7.09 121.66
N ALA OA 201 -20.38 7.37 121.92
CA ALA OA 201 -19.53 7.89 120.88
C ALA OA 201 -19.53 6.93 119.71
N LEU OA 202 -19.59 7.44 118.50
CA LEU OA 202 -19.68 6.55 117.36
C LEU OA 202 -18.34 6.44 116.65
N ARG OA 203 -17.82 5.22 116.58
CA ARG OA 203 -16.55 4.99 115.91
C ARG OA 203 -16.78 4.34 114.57
N GLU OA 204 -16.37 4.93 113.47
CA GLU OA 204 -16.71 4.31 112.19
C GLU OA 204 -16.11 2.92 112.02
N GLN OA 205 -15.00 2.63 112.71
CA GLN OA 205 -14.47 1.28 112.58
C GLN OA 205 -14.99 0.32 113.65
N ASP OA 206 -15.92 0.75 114.49
CA ASP OA 206 -16.53 -0.11 115.49
C ASP OA 206 -17.77 -0.82 114.98
N PHE OA 207 -18.08 -0.67 113.68
CA PHE OA 207 -19.17 -1.42 113.06
C PHE OA 207 -18.63 -2.34 111.98
N TRP OA 208 -17.38 -2.74 112.08
CA TRP OA 208 -16.74 -3.54 111.04
C TRP OA 208 -17.08 -5.03 110.99
N LYS OA 209 -17.16 -5.56 109.77
CA LYS OA 209 -17.39 -6.99 109.62
C LYS OA 209 -16.53 -7.51 108.46
N PRO OA 210 -15.72 -8.58 108.64
CA PRO OA 210 -14.98 -9.12 107.49
C PRO OA 210 -15.82 -9.09 106.22
N GLY OA 211 -15.19 -8.68 105.13
CA GLY OA 211 -15.84 -8.59 103.84
C GLY OA 211 -16.31 -7.20 103.45
N VAL OA 212 -16.37 -6.26 104.40
CA VAL OA 212 -16.83 -4.90 104.09
C VAL OA 212 -15.76 -3.94 103.58
N ARG OA 213 -15.97 -3.34 102.42
CA ARG OA 213 -14.99 -2.43 101.86
C ARG OA 213 -14.93 -1.08 102.59
N ALA OA 214 -16.03 -0.33 102.64
CA ALA OA 214 -16.06 0.94 103.36
C ALA OA 214 -17.33 1.18 104.16
N VAL OA 215 -17.20 1.79 105.34
CA VAL OA 215 -18.38 2.13 106.14
C VAL OA 215 -18.38 3.63 106.39
N MET OA 216 -19.50 4.29 106.11
CA MET OA 216 -19.59 5.72 106.37
C MET OA 216 -20.85 6.11 107.14
N PHE OA 217 -20.76 7.15 107.95
CA PHE OA 217 -21.91 7.56 108.77
C PHE OA 217 -22.55 8.81 108.23
N ASP OA 218 -23.87 8.82 108.12
CA ASP OA 218 -24.58 10.02 107.68
C ASP OA 218 -24.54 11.08 108.77
N ASN OA 219 -24.71 12.35 108.41
CA ASN OA 219 -24.61 13.46 109.38
C ASN OA 219 -23.18 13.52 109.89
N ASN OA 220 -22.98 13.89 111.16
CA ASN OA 220 -21.61 13.85 111.68
C ASN OA 220 -21.22 13.02 112.89
N ALA OA 221 -21.96 11.97 113.22
CA ALA OA 221 -21.52 11.12 114.32
C ALA OA 221 -21.31 11.95 115.56
N GLN OA 222 -20.09 11.94 116.10
CA GLN OA 222 -19.78 12.76 117.27
C GLN OA 222 -20.70 12.46 118.43
N THR OA 223 -20.95 11.17 118.68
CA THR OA 223 -21.78 10.73 119.81
C THR OA 223 -23.28 10.83 119.58
N LEU OA 224 -23.93 9.71 119.28
CA LEU OA 224 -25.39 9.72 119.16
C LEU OA 224 -25.75 9.77 120.62
N MET OA 225 -26.75 10.55 121.00
CA MET OA 225 -27.03 10.74 122.44
C MET OA 225 -27.86 9.67 123.15
N GLY OA 226 -28.64 10.09 124.15
CA GLY OA 226 -29.53 9.17 124.83
C GLY OA 226 -30.43 8.59 123.79
N GLY OA 227 -30.27 9.04 122.55
CA GLY OA 227 -31.00 8.42 121.47
C GLY OA 227 -30.67 9.02 120.13
N GLY OA 228 -31.48 8.68 119.14
CA GLY OA 228 -31.26 9.19 117.79
C GLY OA 228 -31.19 8.05 116.83
N ARG OA 229 -31.89 8.16 115.71
CA ARG OA 229 -31.83 7.13 114.68
C ARG OA 229 -31.01 7.63 113.51
N MET OA 230 -29.87 7.02 113.26
CA MET OA 230 -28.98 7.50 112.22
C MET OA 230 -28.77 6.45 111.15
N THR OA 231 -28.97 6.81 109.89
CA THR OA 231 -28.79 5.86 108.80
C THR OA 231 -27.32 5.71 108.44
N VAL OA 232 -26.88 4.45 108.30
CA VAL OA 232 -25.48 4.18 107.97
C VAL OA 232 -25.43 3.39 106.68
N THR OA 233 -24.61 3.84 105.74
CA THR OA 233 -24.44 3.10 104.49
C THR OA 233 -23.21 2.21 104.55
N VAL OA 234 -23.38 0.92 104.32
CA VAL OA 234 -22.26 -0.01 104.39
C VAL OA 234 -21.93 -0.53 103.01
N ILE OA 235 -20.67 -0.56 102.65
CA ILE OA 235 -20.28 -0.96 101.31
C ILE OA 235 -19.55 -2.29 101.34
N ARG OA 236 -19.98 -3.24 100.52
CA ARG OA 236 -19.37 -4.58 100.54
C ARG OA 236 -19.14 -5.08 99.11
N GLY OA 237 -18.23 -6.04 98.95
CA GLY OA 237 -17.96 -6.61 97.64
C GLY OA 237 -19.18 -7.33 97.08
N ASN OA 238 -19.17 -7.50 95.76
CA ASN OA 238 -20.27 -8.14 95.06
C ASN OA 238 -19.76 -9.38 94.33
N GLY OA 239 -20.58 -10.43 94.36
CA GLY OA 239 -20.20 -11.70 93.77
C GLY OA 239 -19.34 -12.53 94.70
N GLU OA 240 -18.31 -11.91 95.27
CA GLU OA 240 -17.45 -12.61 96.22
C GLU OA 240 -18.21 -12.89 97.51
N GLY OA 241 -18.04 -14.10 98.03
CA GLY OA 241 -18.70 -14.50 99.26
C GLY OA 241 -18.07 -13.90 100.50
N GLN PA 25 -0.40 72.11 81.39
CA GLN PA 25 -1.26 73.06 80.71
C GLN PA 25 -2.25 72.31 79.86
N SER PA 26 -3.15 73.03 79.20
CA SER PA 26 -4.17 72.41 78.38
C SER PA 26 -4.13 73.16 77.06
N PRO PA 27 -4.46 72.47 75.95
CA PRO PA 27 -4.35 73.21 74.69
C PRO PA 27 -5.31 74.38 74.70
N ALA PA 28 -4.90 75.50 74.10
CA ALA PA 28 -5.78 76.67 74.04
C ALA PA 28 -6.90 76.43 73.08
N THR PA 29 -8.14 76.58 73.55
CA THR PA 29 -9.29 76.27 72.71
C THR PA 29 -9.88 77.49 72.06
N ILE PA 30 -10.03 77.43 70.75
CA ILE PA 30 -10.55 78.56 70.02
C ILE PA 30 -11.78 78.16 69.20
N SER PA 31 -12.87 78.90 69.32
CA SER PA 31 -14.09 78.56 68.61
C SER PA 31 -14.30 79.50 67.47
N LEU PA 32 -14.41 78.96 66.26
CA LEU PA 32 -14.49 79.82 65.09
C LEU PA 32 -15.56 79.40 64.08
N PRO PA 33 -16.29 80.38 63.51
CA PRO PA 33 -17.26 80.08 62.45
C PRO PA 33 -16.52 79.77 61.17
N GLN PA 34 -17.13 79.16 60.15
CA GLN PA 34 -16.33 78.86 58.96
C GLN PA 34 -15.80 80.14 58.35
N GLY PA 35 -14.53 80.13 57.95
CA GLY PA 35 -13.91 81.31 57.42
C GLY PA 35 -13.44 82.22 58.54
N GLY PA 36 -13.53 81.75 59.77
CA GLY PA 36 -13.16 82.56 60.91
C GLY PA 36 -11.69 82.85 60.98
N GLN PA 37 -11.34 84.02 61.52
CA GLN PA 37 -9.94 84.42 61.59
C GLN PA 37 -9.51 84.75 63.01
N PHE PA 38 -8.56 83.97 63.55
CA PHE PA 38 -8.11 84.20 64.92
C PHE PA 38 -6.64 84.55 64.99
N ARG PA 39 -6.32 85.62 65.72
CA ARG PA 39 -4.92 86.02 65.88
C ARG PA 39 -4.24 85.29 67.02
N LEU PA 40 -3.42 84.29 66.69
CA LEU PA 40 -2.68 83.55 67.71
C LEU PA 40 -1.18 83.55 67.49
N SER PA 41 -0.41 83.83 68.53
CA SER PA 41 1.04 83.77 68.40
C SER PA 41 1.55 82.35 68.30
N ILE PA 42 2.60 82.13 67.51
CA ILE PA 42 3.20 80.80 67.42
C ILE PA 42 4.65 80.93 67.86
N SER PA 43 5.47 79.90 67.61
CA SER PA 43 6.89 80.02 67.96
C SER PA 43 7.86 79.77 66.82
N ASN PA 44 8.88 80.63 66.71
CA ASN PA 44 9.92 80.42 65.70
C ASN PA 44 10.87 79.28 66.04
N THR PA 45 11.31 79.20 67.28
CA THR PA 45 12.18 78.12 67.73
C THR PA 45 11.66 76.69 67.77
N ASP PA 46 10.42 76.48 68.18
CA ASP PA 46 9.92 75.10 68.38
C ASP PA 46 8.68 74.73 67.61
N PRO PA 47 8.45 73.42 67.39
CA PRO PA 47 7.30 73.00 66.59
C PRO PA 47 5.98 73.39 67.23
N ASN PA 48 4.97 73.68 66.41
CA ASN PA 48 3.69 74.14 66.93
C ASN PA 48 2.62 73.22 66.39
N MET PA 49 1.52 73.07 67.13
CA MET PA 49 0.48 72.14 66.71
C MET PA 49 -0.89 72.78 66.68
N ILE PA 50 -1.73 72.34 65.75
CA ILE PA 50 -3.09 72.83 65.63
C ILE PA 50 -3.87 71.59 65.33
N PHE PA 51 -4.80 71.25 66.21
CA PHE PA 51 -5.66 70.08 65.95
C PHE PA 51 -7.11 70.43 66.09
N ILE PA 52 -7.94 69.87 65.22
CA ILE PA 52 -9.37 70.10 65.33
C ILE PA 52 -9.95 68.78 65.81
N PRO PA 53 -10.53 68.77 67.01
CA PRO PA 53 -11.01 67.48 67.49
C PRO PA 53 -12.15 66.97 66.62
N GLY PA 54 -12.12 65.69 66.27
CA GLY PA 54 -13.16 65.12 65.43
C GLY PA 54 -12.92 65.39 63.97
N ASP PA 55 -11.81 66.04 63.65
CA ASP PA 55 -11.55 66.41 62.26
C ASP PA 55 -10.11 66.19 61.86
N LYS PA 56 -9.88 65.93 60.59
CA LYS PA 56 -8.54 65.71 60.11
C LYS PA 56 -8.12 66.81 59.17
N VAL PA 57 -6.99 67.44 59.44
CA VAL PA 57 -6.51 68.49 58.60
C VAL PA 57 -6.15 67.85 57.28
N THR PA 58 -6.69 68.38 56.19
CA THR PA 58 -6.39 67.85 54.88
C THR PA 58 -5.45 68.76 54.12
N ALA PA 59 -5.42 70.03 54.48
CA ALA PA 59 -4.58 70.98 53.78
C ALA PA 59 -4.15 72.16 54.61
N ILE PA 60 -2.99 72.74 54.29
CA ILE PA 60 -2.53 73.94 54.97
C ILE PA 60 -1.89 74.84 53.94
N THR PA 61 -2.11 76.15 54.03
CA THR PA 61 -1.53 77.11 53.10
C THR PA 61 -1.01 78.27 53.89
N ALA PA 62 0.17 78.78 53.56
CA ALA PA 62 0.67 79.97 54.24
C ALA PA 62 1.40 80.84 53.24
N PRO PA 63 1.65 82.15 53.57
CA PRO PA 63 2.44 82.90 52.59
C PRO PA 63 3.75 82.16 52.31
N GLY PA 64 4.26 82.22 51.09
CA GLY PA 64 5.44 81.44 50.77
C GLY PA 64 6.70 81.71 51.56
N GLY PA 65 7.34 80.65 52.05
CA GLY PA 65 8.57 80.79 52.80
C GLY PA 65 8.36 80.96 54.28
N MET PA 66 7.13 81.25 54.68
CA MET PA 66 6.82 81.41 56.09
C MET PA 66 6.87 80.13 56.94
N LEU PA 67 6.39 79.01 56.39
CA LEU PA 67 6.36 77.78 57.16
C LEU PA 67 7.42 76.80 56.70
N ALA PA 68 8.39 76.53 57.56
CA ALA PA 68 9.49 75.64 57.21
C ALA PA 68 9.14 74.18 56.96
N ASP PA 69 8.33 73.58 57.84
CA ASP PA 69 7.99 72.16 57.70
C ASP PA 69 6.60 71.87 58.18
N LYS PA 70 5.86 71.03 57.45
CA LYS PA 70 4.50 70.68 57.82
C LYS PA 70 4.26 69.18 57.77
N ARG PA 71 3.87 68.57 58.89
CA ARG PA 71 3.60 67.14 58.94
C ARG PA 71 2.24 66.83 59.58
N LEU PA 72 1.61 65.73 59.17
CA LEU PA 72 0.34 65.35 59.74
C LEU PA 72 0.51 64.43 60.93
N THR PA 73 0.01 64.85 62.08
CA THR PA 73 0.10 64.03 63.28
C THR PA 73 -0.94 62.95 63.34
N ARG PA 74 -0.77 62.00 64.26
CA ARG PA 74 -1.74 60.94 64.43
C ARG PA 74 -3.06 61.54 64.85
N ALA PA 75 -4.17 61.01 64.35
CA ALA PA 75 -5.48 61.56 64.64
C ALA PA 75 -5.63 63.01 64.22
N GLY PA 76 -5.17 63.34 63.02
CA GLY PA 76 -5.35 64.68 62.51
C GLY PA 76 -4.36 65.58 63.20
N GLY PA 77 -4.49 66.87 62.98
CA GLY PA 77 -3.54 67.79 63.56
C GLY PA 77 -2.42 68.06 62.61
N VAL PA 78 -1.79 69.22 62.75
CA VAL PA 78 -0.64 69.54 61.92
C VAL PA 78 0.48 70.00 62.80
N LEU PA 79 1.69 69.55 62.49
CA LEU PA 79 2.84 70.01 63.23
C LEU PA 79 3.56 70.92 62.27
N PHE PA 80 3.86 72.14 62.71
CA PHE PA 80 4.50 73.11 61.83
C PHE PA 80 5.55 73.97 62.50
N THR PA 81 6.60 74.31 61.77
CA THR PA 81 7.67 75.12 62.31
C THR PA 81 7.86 76.35 61.44
N SER PA 82 8.11 77.50 62.05
CA SER PA 82 8.33 78.71 61.27
C SER PA 82 9.66 79.40 61.55
N VAL PA 83 10.40 79.75 60.51
CA VAL PA 83 11.62 80.52 60.71
C VAL PA 83 11.32 82.00 60.52
N ALA PA 84 10.07 82.33 60.22
CA ALA PA 84 9.68 83.71 59.95
C ALA PA 84 9.66 84.68 61.09
N THR PA 85 9.79 85.97 60.79
CA THR PA 85 9.70 86.99 61.81
C THR PA 85 8.53 87.95 61.58
N ARG PA 86 7.66 87.65 60.62
CA ARG PA 86 6.56 88.56 60.28
C ARG PA 86 5.22 87.91 60.48
N THR PA 87 4.22 88.67 60.92
CA THR PA 87 2.88 88.13 61.09
C THR PA 87 2.36 87.65 59.75
N PHE PA 88 1.75 86.48 59.74
CA PHE PA 88 1.30 85.91 58.49
C PHE PA 88 -0.02 85.19 58.63
N THR PA 89 -0.64 84.84 57.53
CA THR PA 89 -1.95 84.21 57.60
C THR PA 89 -1.91 82.80 57.10
N ILE PA 90 -2.33 81.86 57.95
CA ILE PA 90 -2.37 80.45 57.57
C ILE PA 90 -3.81 80.01 57.36
N PHE PA 91 -4.09 79.31 56.27
CA PHE PA 91 -5.42 78.80 56.03
C PHE PA 91 -5.43 77.30 56.17
N VAL PA 92 -6.25 76.78 57.08
CA VAL PA 92 -6.30 75.35 57.30
C VAL PA 92 -7.63 74.77 56.87
N GLU PA 93 -7.58 73.67 56.13
CA GLU PA 93 -8.80 73.05 55.65
C GLU PA 93 -8.98 71.66 56.20
N THR PA 94 -10.09 71.42 56.84
CA THR PA 94 -10.39 70.12 57.39
C THR PA 94 -11.13 69.25 56.42
N ALA PA 95 -11.29 67.98 56.73
CA ALA PA 95 -11.92 67.03 55.81
C ALA PA 95 -13.43 67.08 55.76
N ARG PA 96 -14.03 67.76 56.73
CA ARG PA 96 -15.47 67.90 56.79
C ARG PA 96 -15.89 69.17 56.08
N GLY PA 97 -14.99 69.77 55.32
CA GLY PA 97 -15.31 70.95 54.55
C GLY PA 97 -15.17 72.27 55.25
N GLN PA 98 -14.64 72.26 56.46
CA GLN PA 98 -14.50 73.49 57.20
C GLN PA 98 -13.16 74.11 56.92
N THR PA 99 -13.14 75.42 56.75
CA THR PA 99 -11.89 76.10 56.54
C THR PA 99 -11.79 77.21 57.54
N PHE PA 100 -10.63 77.35 58.17
CA PHE PA 100 -10.43 78.38 59.15
C PHE PA 100 -9.15 79.11 58.81
N SER PA 101 -9.03 80.33 59.31
CA SER PA 101 -7.86 81.12 59.05
C SER PA 101 -7.26 81.55 60.35
N VAL PA 102 -5.95 81.62 60.38
CA VAL PA 102 -5.27 82.01 61.59
C VAL PA 102 -4.25 83.06 61.24
N VAL PA 103 -4.10 84.09 62.05
CA VAL PA 103 -3.05 85.06 61.80
C VAL PA 103 -2.00 84.73 62.83
N ALA PA 104 -0.79 84.39 62.40
CA ALA PA 104 0.23 83.95 63.32
C ALA PA 104 1.38 84.89 63.48
N THR PA 105 1.67 85.30 64.71
CA THR PA 105 2.82 86.16 64.95
C THR PA 105 3.90 85.33 65.58
N PRO PA 106 5.06 85.21 64.91
CA PRO PA 106 6.08 84.32 65.47
C PRO PA 106 6.85 84.96 66.61
N VAL PA 107 6.97 84.27 67.75
CA VAL PA 107 7.65 84.83 68.91
C VAL PA 107 8.47 83.74 69.61
N LYS PA 108 9.52 84.13 70.33
CA LYS PA 108 10.38 83.16 71.02
C LYS PA 108 9.67 82.46 72.17
N GLY PA 109 9.83 81.15 72.26
CA GLY PA 109 9.21 80.41 73.34
C GLY PA 109 8.91 78.96 73.06
N GLU PA 110 8.12 78.35 73.94
CA GLU PA 110 7.73 76.96 73.76
C GLU PA 110 6.74 76.79 72.62
N GLY PA 111 6.74 75.62 72.01
CA GLY PA 111 5.80 75.36 70.95
C GLY PA 111 4.41 75.44 71.50
N ARG PA 112 3.52 76.14 70.80
CA ARG PA 112 2.17 76.36 71.30
C ARG PA 112 1.18 75.47 70.61
N VAL PA 113 0.24 74.91 71.36
CA VAL PA 113 -0.76 73.99 70.81
C VAL PA 113 -2.15 74.56 70.95
N TYR PA 114 -2.90 74.54 69.87
CA TYR PA 114 -4.23 75.12 69.88
C TYR PA 114 -5.30 74.11 69.49
N ARG PA 115 -6.44 74.16 70.17
CA ARG PA 115 -7.53 73.24 69.88
C ARG PA 115 -8.60 73.99 69.13
N LEU PA 116 -8.89 73.57 67.91
CA LEU PA 116 -9.83 74.32 67.09
C LEU PA 116 -11.22 73.80 67.23
N MET PA 117 -12.15 74.69 67.50
CA MET PA 117 -13.52 74.30 67.66
C MET PA 117 -14.45 75.03 66.71
N SER PA 118 -15.60 74.46 66.42
CA SER PA 118 -16.59 75.05 65.54
C SER PA 118 -17.69 75.68 66.38
N ALA PA 119 -17.99 76.94 66.10
CA ALA PA 119 -18.97 77.69 66.87
C ALA PA 119 -20.36 77.06 66.77
N GLU PA 120 -20.77 76.69 65.56
CA GLU PA 120 -22.07 76.07 65.36
C GLU PA 120 -21.90 74.59 65.07
N PRO PA 121 -22.40 73.69 65.92
CA PRO PA 121 -22.36 72.26 65.61
C PRO PA 121 -23.16 71.96 64.36
N PRO PA 122 -22.57 71.25 63.39
CA PRO PA 122 -23.30 71.03 62.13
C PRO PA 122 -24.48 70.09 62.26
N SER PA 123 -24.32 68.96 62.95
CA SER PA 123 -25.39 67.99 63.10
C SER PA 123 -25.38 67.46 64.53
N ARG PA 124 -26.53 66.91 64.94
CA ARG PA 124 -26.68 66.31 66.26
C ARG PA 124 -26.85 64.80 66.10
N PRO PA 125 -25.78 64.01 66.34
CA PRO PA 125 -26.05 62.57 66.18
C PRO PA 125 -26.99 62.07 67.26
N GLU PA 126 -27.99 61.28 66.88
CA GLU PA 126 -28.96 60.77 67.84
C GLU PA 126 -28.30 59.81 68.82
N THR PA 127 -28.77 59.81 70.06
CA THR PA 127 -28.17 58.95 71.08
C THR PA 127 -28.36 57.47 70.78
N ARG PA 128 -27.37 56.67 71.16
CA ARG PA 128 -27.46 55.23 70.92
C ARG PA 128 -27.52 54.43 72.22
N LYS PA 129 -28.66 53.77 72.47
CA LYS PA 129 -28.75 52.92 73.65
C LYS PA 129 -28.13 51.58 73.30
N TRP PA 130 -26.99 51.26 73.91
CA TRP PA 130 -26.29 50.05 73.57
C TRP PA 130 -26.56 48.97 74.59
N GLU PA 131 -27.16 49.35 75.71
CA GLU PA 131 -27.35 48.37 76.76
C GLU PA 131 -28.37 47.32 76.34
N THR PA 132 -28.08 46.06 76.65
CA THR PA 132 -28.95 44.94 76.32
C THR PA 132 -29.30 44.17 77.58
N ALA PA 133 -30.58 43.90 77.77
CA ALA PA 133 -31.04 43.18 78.94
C ALA PA 133 -30.79 41.68 78.79
N GLN PA 134 -31.00 40.93 79.87
CA GLN PA 134 -30.74 39.50 79.84
C GLN PA 134 -31.84 38.76 79.15
N ALA PA 135 -31.54 37.57 78.66
CA ALA PA 135 -32.53 36.79 77.93
C ALA PA 135 -33.75 36.41 78.77
N TYR PA 136 -33.55 36.01 80.01
CA TYR PA 136 -34.66 35.66 80.87
C TYR PA 136 -35.54 36.87 81.10
N GLU PA 137 -34.93 38.02 81.36
CA GLU PA 137 -35.72 39.20 81.65
C GLU PA 137 -36.54 39.63 80.45
N LYS PA 138 -35.94 39.58 79.28
CA LYS PA 138 -36.66 39.98 78.08
C LYS PA 138 -37.82 39.05 77.81
N LEU PA 139 -37.63 37.76 78.07
CA LEU PA 139 -38.69 36.79 77.85
C LEU PA 139 -39.91 37.05 78.71
N LEU PA 140 -39.71 37.33 79.98
CA LEU PA 140 -40.82 37.67 80.86
C LEU PA 140 -41.47 38.95 80.42
N ILE PA 141 -40.69 39.95 80.06
CA ILE PA 141 -41.23 41.25 79.66
C ILE PA 141 -42.07 41.14 78.41
N SER PA 142 -41.60 40.36 77.44
CA SER PA 142 -42.35 40.22 76.19
C SER PA 142 -43.68 39.58 76.45
N LEU PA 143 -43.70 38.53 77.25
CA LEU PA 143 -44.94 37.85 77.56
C LEU PA 143 -45.90 38.72 78.33
N ASN PA 144 -45.39 39.49 79.29
CA ASN PA 144 -46.26 40.32 80.08
C ASN PA 144 -46.91 41.33 79.18
N ARG PA 145 -46.16 41.88 78.24
CA ARG PA 145 -46.72 42.82 77.28
C ARG PA 145 -47.76 42.17 76.38
N ALA PA 146 -47.50 40.95 75.92
CA ALA PA 146 -48.46 40.25 75.07
C ALA PA 146 -49.75 39.99 75.81
N VAL PA 147 -49.67 39.56 77.05
CA VAL PA 147 -50.85 39.29 77.85
C VAL PA 147 -51.62 40.57 78.10
N LEU PA 148 -50.92 41.66 78.34
CA LEU PA 148 -51.57 42.93 78.61
C LEU PA 148 -52.40 43.36 77.42
N THR PA 149 -51.87 43.18 76.21
CA THR PA 149 -52.64 43.51 75.02
C THR PA 149 -53.62 42.39 74.71
N GLY PA 150 -53.21 41.15 74.94
CA GLY PA 150 -54.11 40.02 74.73
C GLY PA 150 -53.80 39.17 73.51
N ASP PA 151 -52.94 39.64 72.63
CA ASP PA 151 -52.54 38.80 71.50
C ASP PA 151 -51.75 37.62 72.01
N ILE PA 152 -51.90 36.46 71.36
CA ILE PA 152 -51.23 35.27 71.87
C ILE PA 152 -50.02 34.88 71.06
N PRO PA 153 -48.89 34.66 71.72
CA PRO PA 153 -47.74 34.17 70.97
C PRO PA 153 -47.98 32.72 70.58
N ASP PA 154 -47.30 32.26 69.54
CA ASP PA 154 -47.52 30.89 69.10
C ASP PA 154 -47.12 29.90 70.17
N GLY PA 155 -47.87 28.80 70.27
CA GLY PA 155 -47.60 27.82 71.30
C GLY PA 155 -48.30 28.10 72.61
N TYR PA 156 -49.14 29.14 72.65
CA TYR PA 156 -49.91 29.42 73.86
C TYR PA 156 -51.37 29.12 73.59
N GLY PA 157 -51.87 28.00 74.13
CA GLY PA 157 -53.23 27.59 73.80
C GLY PA 157 -54.35 27.83 74.80
N GLU PA 158 -54.06 28.43 75.94
CA GLU PA 158 -55.05 28.74 76.98
C GLU PA 158 -55.24 27.54 77.92
N VAL PA 159 -55.54 27.80 79.19
CA VAL PA 159 -55.67 26.73 80.17
C VAL PA 159 -56.44 27.20 81.39
N LYS PA 160 -56.94 26.28 82.20
CA LYS PA 160 -57.60 26.66 83.45
C LYS PA 160 -56.55 27.24 84.37
N PRO PA 161 -56.87 28.35 85.05
CA PRO PA 161 -55.91 28.89 86.02
C PRO PA 161 -55.96 28.14 87.36
N LEU PA 162 -54.94 28.34 88.21
CA LEU PA 162 -54.94 27.71 89.52
C LEU PA 162 -55.47 28.61 90.62
N SER PA 163 -55.21 28.26 91.87
CA SER PA 163 -55.62 29.11 92.99
C SER PA 163 -54.37 29.20 93.81
N ASP PA 164 -53.36 28.41 93.43
CA ASP PA 164 -52.09 28.39 94.15
C ASP PA 164 -51.33 29.69 94.09
N GLY PA 165 -51.40 30.39 92.97
CA GLY PA 165 -50.56 31.57 92.78
C GLY PA 165 -50.57 32.75 93.70
N ILE PA 166 -51.71 33.16 94.24
CA ILE PA 166 -51.71 34.41 94.99
C ILE PA 166 -51.85 34.40 96.52
N ARG PA 167 -50.92 35.05 97.22
CA ARG PA 167 -51.01 35.20 98.66
C ARG PA 167 -51.70 36.52 98.87
N LEU PA 168 -52.57 36.63 99.86
CA LEU PA 168 -53.35 37.84 100.02
C LEU PA 168 -52.95 38.56 101.27
N PRO PA 169 -52.68 39.87 101.16
CA PRO PA 169 -52.35 40.67 102.34
C PRO PA 169 -53.51 40.68 103.30
N GLY PA 170 -54.72 40.77 102.79
CA GLY PA 170 -55.90 40.72 103.64
C GLY PA 170 -57.00 41.59 103.05
N GLY PA 171 -58.24 41.12 103.13
CA GLY PA 171 -59.34 41.85 102.54
C GLY PA 171 -59.45 41.61 101.06
N PHE PA 172 -58.66 40.68 100.53
CA PHE PA 172 -58.65 40.44 99.10
C PHE PA 172 -59.18 39.06 98.75
N SER PA 173 -60.06 38.98 97.77
CA SER PA 173 -60.57 37.69 97.34
C SER PA 173 -60.19 37.52 95.88
N VAL PA 174 -59.69 36.35 95.52
CA VAL PA 174 -59.19 36.14 94.16
C VAL PA 174 -60.07 35.31 93.24
N THR PA 175 -60.36 35.79 92.03
CA THR PA 175 -61.10 34.97 91.08
C THR PA 175 -60.33 34.86 89.77
N PRO PA 176 -60.06 33.65 89.27
CA PRO PA 176 -59.32 33.52 88.02
C PRO PA 176 -60.20 33.83 86.82
N LEU PA 177 -59.62 34.56 85.87
CA LEU PA 177 -60.34 34.95 84.68
C LEU PA 177 -59.79 34.19 83.50
N LYS PA 178 -58.58 34.52 83.09
CA LYS PA 178 -58.03 33.91 81.90
C LYS PA 178 -56.63 33.38 82.15
N ALA PA 179 -56.20 32.42 81.36
CA ALA PA 179 -54.85 31.91 81.50
C ALA PA 179 -54.28 31.27 80.25
N TRP PA 180 -52.99 31.46 80.02
CA TRP PA 180 -52.33 30.89 78.87
C TRP PA 180 -51.26 29.92 79.35
N ALA PA 181 -51.05 28.86 78.57
CA ALA PA 181 -50.00 27.89 78.86
C ALA PA 181 -49.23 27.61 77.59
N GLY PA 182 -47.90 27.62 77.70
CA GLY PA 182 -47.07 27.43 76.53
C GLY PA 182 -46.08 26.30 76.67
N ASP PA 183 -44.94 26.42 75.99
CA ASP PA 183 -43.92 25.40 76.00
C ASP PA 183 -42.91 25.56 77.13
N GLN PA 184 -42.69 26.78 77.60
CA GLN PA 184 -41.70 27.05 78.63
C GLN PA 184 -42.25 27.79 79.83
N LEU PA 185 -43.19 28.71 79.63
CA LEU PA 185 -43.70 29.58 80.69
C LEU PA 185 -45.21 29.45 80.76
N ARG PA 186 -45.81 30.12 81.74
CA ARG PA 186 -47.26 30.11 81.90
C ARG PA 186 -47.70 31.43 82.51
N ALA PA 187 -48.84 31.94 82.05
CA ALA PA 187 -49.37 33.19 82.57
C ALA PA 187 -50.84 33.02 82.93
N ASP PA 188 -51.30 33.80 83.91
CA ASP PA 188 -52.68 33.76 84.33
C ASP PA 188 -53.10 35.12 84.87
N ARG PA 189 -54.42 35.32 84.94
CA ARG PA 189 -54.99 36.59 85.38
C ARG PA 189 -55.99 36.35 86.49
N TYR PA 190 -55.85 37.06 87.60
CA TYR PA 190 -56.74 36.92 88.72
C TYR PA 190 -57.20 38.30 89.04
N GLU PA 191 -58.47 38.46 89.40
CA GLU PA 191 -58.95 39.76 89.80
C GLU PA 191 -59.18 39.73 91.28
N LEU PA 192 -58.57 40.66 91.98
CA LEU PA 192 -58.70 40.70 93.41
C LEU PA 192 -59.92 41.51 93.73
N ARG PA 193 -60.59 41.17 94.82
CA ARG PA 193 -61.71 41.97 95.22
C ARG PA 193 -61.30 43.22 95.92
N ASN PA 194 -62.24 44.12 96.00
CA ASN PA 194 -61.99 45.29 96.73
C ASN PA 194 -61.69 44.95 98.17
N ALA PA 195 -60.70 45.59 98.75
CA ALA PA 195 -60.42 45.44 100.15
C ALA PA 195 -61.46 46.14 100.97
N ASN PA 196 -61.51 45.86 102.28
CA ASN PA 196 -62.47 46.49 103.20
C ASN PA 196 -62.63 47.99 103.15
N THR PA 197 -62.19 48.68 104.21
CA THR PA 197 -62.21 50.15 104.24
C THR PA 197 -60.92 50.91 104.52
N TRP PA 198 -59.87 50.20 104.94
CA TRP PA 198 -58.60 50.85 105.14
C TRP PA 198 -57.91 50.88 103.79
N GLY PA 199 -57.22 51.96 103.47
CA GLY PA 199 -56.48 52.00 102.23
C GLY PA 199 -55.40 50.96 102.32
N VAL PA 200 -55.26 50.16 101.27
CA VAL PA 200 -54.27 49.09 101.29
C VAL PA 200 -53.22 49.37 100.25
N ALA PA 201 -52.07 49.88 100.67
CA ALA PA 201 -50.99 50.09 99.73
C ALA PA 201 -50.65 48.76 99.08
N LEU PA 202 -50.40 48.77 97.79
CA LEU PA 202 -50.16 47.51 97.10
C LEU PA 202 -48.68 47.31 96.83
N ARG PA 203 -48.13 46.23 97.37
CA ARG PA 203 -46.73 45.94 97.16
C ARG PA 203 -46.58 44.81 96.18
N GLU PA 204 -45.91 44.99 95.06
CA GLU PA 204 -45.88 43.90 94.09
C GLU PA 204 -45.22 42.63 94.63
N GLN PA 205 -44.32 42.76 95.61
CA GLN PA 205 -43.74 41.54 96.17
C GLN PA 205 -44.50 40.99 97.36
N ASP PA 206 -45.63 41.59 97.72
CA ASP PA 206 -46.46 41.10 98.81
C ASP PA 206 -47.51 40.09 98.35
N PHE PA 207 -47.46 39.71 97.07
CA PHE PA 207 -48.33 38.64 96.56
C PHE PA 207 -47.50 37.46 96.08
N TRP PA 208 -46.31 37.29 96.63
CA TRP PA 208 -45.40 36.25 96.17
C TRP PA 208 -45.68 34.82 96.62
N LYS PA 209 -45.42 33.87 95.74
CA LYS PA 209 -45.57 32.48 96.11
C LYS PA 209 -44.41 31.67 95.49
N PRO PA 210 -43.65 30.85 96.27
CA PRO PA 210 -42.62 30.02 95.63
C PRO PA 210 -43.09 29.47 94.29
N GLY PA 211 -42.21 29.52 93.30
CA GLY PA 211 -42.49 29.02 91.97
C GLY PA 211 -42.88 30.09 90.96
N VAL PA 212 -43.22 31.30 91.42
CA VAL PA 212 -43.63 32.40 90.51
C VAL PA 212 -42.47 33.21 89.93
N ARG PA 213 -42.39 33.30 88.61
CA ARG PA 213 -41.32 34.05 87.97
C ARG PA 213 -41.49 35.58 88.10
N ALA PA 214 -42.58 36.15 87.60
CA ALA PA 214 -42.83 37.58 87.73
C ALA PA 214 -44.27 37.93 88.06
N VAL PA 215 -44.47 38.95 88.88
CA VAL PA 215 -45.83 39.41 89.19
C VAL PA 215 -45.94 40.88 88.82
N MET PA 216 -46.95 41.24 88.05
CA MET PA 216 -47.16 42.65 87.70
C MET PA 216 -48.58 43.13 87.93
N PHE PA 217 -48.73 44.40 88.26
CA PHE PA 217 -50.07 44.93 88.56
C PHE PA 217 -50.58 45.80 87.43
N ASP PA 218 -51.82 45.60 87.02
CA ASP PA 218 -52.42 46.45 85.99
C ASP PA 218 -52.69 47.83 86.55
N ASN PA 219 -52.80 48.84 85.69
CA ASN PA 219 -52.99 50.24 86.14
C ASN PA 219 -51.74 50.66 86.91
N ASN PA 220 -51.90 51.51 87.92
CA ASN PA 220 -50.71 51.84 88.73
C ASN PA 220 -50.63 51.59 90.22
N ALA PA 221 -51.41 50.65 90.75
CA ALA PA 221 -51.24 50.33 92.17
C ALA PA 221 -51.40 51.59 92.99
N GLN PA 222 -50.36 51.94 93.76
CA GLN PA 222 -50.40 53.17 94.55
C GLN PA 222 -51.57 53.20 95.48
N THR PA 223 -51.85 52.09 96.16
CA THR PA 223 -52.95 52.01 97.13
C THR PA 223 -54.34 51.83 96.55
N LEU PA 224 -54.85 50.59 96.57
CA LEU PA 224 -56.22 50.36 96.12
C LEU PA 224 -56.96 50.92 97.32
N MET PA 225 -58.05 51.66 97.11
CA MET PA 225 -58.70 52.33 98.24
C MET PA 225 -59.66 51.51 99.11
N GLY PA 226 -60.69 52.17 99.65
CA GLY PA 226 -61.70 51.48 100.42
C GLY PA 226 -62.29 50.43 99.51
N GLY PA 227 -61.81 50.40 98.27
CA GLY PA 227 -62.22 49.34 97.38
C GLY PA 227 -61.56 49.41 96.03
N GLY PA 228 -62.06 48.63 95.09
CA GLY PA 228 -61.52 48.63 93.76
C GLY PA 228 -61.15 47.22 93.36
N ARG PA 229 -61.55 46.82 92.15
CA ARG PA 229 -61.19 45.50 91.67
C ARG PA 229 -60.10 45.62 90.61
N MET PA 230 -58.91 45.11 90.90
CA MET PA 230 -57.80 45.27 89.99
C MET PA 230 -57.28 43.93 89.51
N THR PA 231 -57.15 43.78 88.20
CA THR PA 231 -56.66 42.51 87.65
C THR PA 231 -55.15 42.42 87.74
N VAL PA 232 -54.66 41.27 88.20
CA VAL PA 232 -53.22 41.08 88.34
C VAL PA 232 -52.80 39.87 87.52
N THR PA 233 -51.78 40.03 86.70
CA THR PA 233 -51.26 38.91 85.93
C THR PA 233 -50.07 38.28 86.62
N VAL PA 234 -50.14 36.98 86.88
CA VAL PA 234 -49.05 36.30 87.57
C VAL PA 234 -48.36 35.34 86.62
N ILE PA 235 -47.05 35.34 86.63
CA ILE PA 235 -46.31 34.52 85.66
C ILE PA 235 -45.57 33.40 86.40
N ARG PA 236 -45.75 32.17 85.94
CA ARG PA 236 -45.14 31.03 86.63
C ARG PA 236 -44.52 30.06 85.62
N GLY PA 237 -43.57 29.23 86.05
CA GLY PA 237 -42.95 28.25 85.19
C GLY PA 237 -43.96 27.23 84.69
N ASN PA 238 -43.60 26.57 83.59
CA ASN PA 238 -44.46 25.59 82.95
C ASN PA 238 -43.75 24.25 82.92
N GLY PA 239 -44.51 23.18 83.16
CA GLY PA 239 -43.96 21.85 83.24
C GLY PA 239 -43.36 21.54 84.59
N GLU PA 240 -42.52 22.45 85.09
CA GLU PA 240 -41.93 22.27 86.41
C GLU PA 240 -43.00 22.41 87.49
N GLY PA 241 -42.95 21.51 88.47
CA GLY PA 241 -43.89 21.52 89.57
C GLY PA 241 -43.63 22.61 90.57
N GLN QA 25 -23.75 96.68 43.73
CA GLN QA 25 -24.42 97.19 42.55
C GLN QA 25 -25.14 96.05 41.86
N SER QA 26 -25.85 96.36 40.79
CA SER QA 26 -26.60 95.35 40.06
C SER QA 26 -26.23 95.54 38.61
N PRO QA 27 -26.25 94.46 37.81
CA PRO QA 27 -25.82 94.68 36.43
C PRO QA 27 -26.78 95.64 35.75
N ALA QA 28 -26.26 96.49 34.87
CA ALA QA 28 -27.12 97.43 34.15
C ALA QA 28 -27.94 96.71 33.12
N THR QA 29 -29.26 96.87 33.20
CA THR QA 29 -30.13 96.11 32.30
C THR QA 29 -30.56 96.91 31.11
N ILE QA 30 -30.36 96.35 29.93
CA ILE QA 30 -30.70 97.05 28.71
C ILE QA 30 -31.66 96.22 27.86
N SER QA 31 -32.76 96.81 27.43
CA SER QA 31 -33.74 96.07 26.65
C SER QA 31 -33.67 96.48 25.20
N LEU QA 32 -33.44 95.52 24.31
CA LEU QA 32 -33.23 95.85 22.91
C LEU QA 32 -33.98 94.96 21.94
N PRO QA 33 -34.56 95.54 20.88
CA PRO QA 33 -35.21 94.76 19.83
C PRO QA 33 -34.15 94.08 18.98
N GLN QA 34 -34.44 93.06 18.18
CA GLN QA 34 -33.36 92.44 17.42
C GLN QA 34 -32.71 93.45 16.50
N GLY QA 35 -31.39 93.46 16.45
CA GLY QA 35 -30.68 94.43 15.65
C GLY QA 35 -30.54 95.74 16.39
N GLY QA 36 -30.95 95.76 17.65
CA GLY QA 36 -30.91 96.98 18.43
C GLY QA 36 -29.53 97.46 18.72
N GLN QA 37 -29.36 98.78 18.82
CA GLN QA 37 -28.03 99.34 19.05
C GLN QA 37 -28.00 100.23 20.29
N PHE QA 38 -27.22 99.85 21.29
CA PHE QA 38 -27.15 100.62 22.53
C PHE QA 38 -25.76 101.17 22.79
N ARG QA 39 -25.67 102.46 23.10
CA ARG QA 39 -24.38 103.07 23.40
C ARG QA 39 -23.99 102.91 24.87
N LEU QA 40 -23.10 101.97 25.16
CA LEU QA 40 -22.64 101.77 26.53
C LEU QA 40 -21.13 101.87 26.68
N SER QA 41 -20.66 102.61 27.67
CA SER QA 41 -19.23 102.70 27.92
C SER QA 41 -18.67 101.42 28.51
N ILE QA 42 -17.45 101.06 28.14
CA ILE QA 42 -16.82 99.88 28.73
C ILE QA 42 -15.54 100.35 29.41
N SER QA 43 -14.65 99.42 29.79
CA SER QA 43 -13.38 99.84 30.37
C SER QA 43 -12.14 99.31 29.69
N ASN QA 44 -11.15 100.18 29.49
CA ASN QA 44 -9.88 99.76 28.92
C ASN QA 44 -9.02 98.95 29.89
N THR QA 45 -8.92 99.40 31.12
CA THR QA 45 -8.17 98.68 32.15
C THR QA 45 -8.65 97.31 32.63
N ASP QA 46 -9.95 97.12 32.79
CA ASP QA 46 -10.44 95.86 33.40
C ASP QA 46 -11.43 95.08 32.58
N PRO QA 47 -11.56 93.77 32.85
CA PRO QA 47 -12.44 92.93 32.04
C PRO QA 47 -13.89 93.36 32.13
N ASN QA 48 -14.66 93.19 31.06
CA ASN QA 48 -16.04 93.64 31.05
C ASN QA 48 -16.91 92.45 30.67
N MET QA 49 -18.16 92.46 31.13
CA MET QA 49 -19.02 91.31 30.88
C MET QA 49 -20.36 91.71 30.28
N ILE QA 50 -20.91 90.86 29.44
CA ILE QA 50 -22.20 91.10 28.82
C ILE QA 50 -22.84 89.74 28.87
N PHE QA 51 -23.96 89.64 29.57
CA PHE QA 51 -24.69 88.36 29.60
C PHE QA 51 -26.14 88.55 29.23
N ILE QA 52 -26.69 87.61 28.49
CA ILE QA 52 -28.11 87.67 28.17
C ILE QA 52 -28.75 86.56 28.98
N PRO QA 53 -29.63 86.93 29.92
CA PRO QA 53 -30.19 85.87 30.73
C PRO QA 53 -31.05 84.93 29.91
N GLY QA 54 -30.90 83.63 30.10
CA GLY QA 54 -31.66 82.65 29.34
C GLY QA 54 -31.04 82.39 28.00
N ASP QA 55 -29.91 83.01 27.71
CA ASP QA 55 -29.30 82.86 26.39
C ASP QA 55 -27.80 82.68 26.46
N LYS QA 56 -27.24 81.99 25.47
CA LYS QA 56 -25.81 81.78 25.46
C LYS QA 56 -25.19 82.50 24.28
N VAL QA 57 -24.19 83.32 24.54
CA VAL QA 57 -23.53 84.03 23.48
C VAL QA 57 -22.82 83.00 22.65
N THR QA 58 -23.06 83.01 21.35
CA THR QA 58 -22.41 82.06 20.47
C THR QA 58 -21.33 82.74 19.65
N ALA QA 59 -21.43 84.05 19.48
CA ALA QA 59 -20.46 84.77 18.67
C ALA QA 59 -20.29 86.21 19.04
N ILE QA 60 -19.11 86.77 18.80
CA ILE QA 60 -18.88 88.19 19.03
C ILE QA 60 -18.00 88.71 17.92
N THR QA 61 -18.27 89.92 17.43
CA THR QA 61 -17.50 90.51 16.36
C THR QA 61 -17.23 91.95 16.73
N ALA QA 62 -16.02 92.45 16.50
CA ALA QA 62 -15.75 93.86 16.75
C ALA QA 62 -14.80 94.37 15.69
N PRO QA 63 -14.68 95.73 15.52
CA PRO QA 63 -13.67 96.14 14.54
C PRO QA 63 -12.33 95.54 14.89
N GLY QA 64 -11.51 95.20 13.91
CA GLY QA 64 -10.27 94.51 14.20
C GLY QA 64 -9.27 95.22 15.09
N GLY QA 65 -8.76 94.51 16.09
CA GLY QA 65 -7.77 95.07 17.00
C GLY QA 65 -8.37 95.77 18.20
N MET QA 66 -9.67 96.02 18.15
CA MET QA 66 -10.35 96.66 19.26
C MET QA 66 -10.49 95.81 20.53
N LEU QA 67 -10.78 94.51 20.38
CA LEU QA 67 -10.98 93.66 21.55
C LEU QA 67 -9.81 92.72 21.76
N ALA QA 68 -9.09 92.93 22.87
CA ALA QA 68 -7.92 92.11 23.16
C ALA QA 68 -8.16 90.64 23.43
N ASP QA 69 -9.15 90.32 24.25
CA ASP QA 69 -9.40 88.92 24.61
C ASP QA 69 -10.86 88.65 24.84
N LYS QA 70 -11.36 87.51 24.35
CA LYS QA 70 -12.77 87.15 24.50
C LYS QA 70 -12.94 85.72 24.98
N ARG QA 71 -13.60 85.54 26.13
CA ARG QA 71 -13.83 84.21 26.68
C ARG QA 71 -15.31 83.99 27.05
N LEU QA 72 -15.78 82.75 26.98
CA LEU QA 72 -17.14 82.45 27.34
C LEU QA 72 -17.27 82.07 28.80
N THR QA 73 -18.07 82.83 29.54
CA THR QA 73 -18.28 82.54 30.95
C THR QA 73 -19.27 81.43 31.18
N ARG QA 74 -19.33 80.93 32.42
CA ARG QA 74 -20.27 79.89 32.77
C ARG QA 74 -21.67 80.44 32.60
N ALA QA 75 -22.60 79.62 32.11
CA ALA QA 75 -23.96 80.07 31.83
C ALA QA 75 -24.02 81.22 30.85
N GLY QA 76 -23.27 81.13 29.76
CA GLY QA 76 -23.35 82.16 28.74
C GLY QA 76 -22.60 83.36 29.22
N GLY QA 77 -22.69 84.45 28.49
CA GLY QA 77 -21.96 85.63 28.87
C GLY QA 77 -20.64 85.67 28.17
N VAL QA 78 -20.09 86.87 27.99
CA VAL QA 78 -18.78 87.00 27.40
C VAL QA 78 -17.94 87.89 28.25
N LEU QA 79 -16.68 87.51 28.44
CA LEU QA 79 -15.78 88.36 29.18
C LEU QA 79 -14.85 88.92 28.14
N PHE QA 80 -14.70 90.24 28.12
CA PHE QA 80 -13.89 90.88 27.10
C PHE QA 80 -13.08 92.07 27.60
N THR QA 81 -11.87 92.24 27.06
CA THR QA 81 -11.01 93.33 27.47
C THR QA 81 -10.62 94.15 26.26
N SER QA 82 -10.57 95.46 26.40
CA SER QA 82 -10.19 96.32 25.29
C SER QA 82 -9.00 97.22 25.56
N VAL QA 83 -8.02 97.24 24.68
CA VAL QA 83 -6.91 98.18 24.83
C VAL QA 83 -7.19 99.43 24.01
N ALA QA 84 -8.33 99.46 23.33
CA ALA QA 84 -8.66 100.58 22.45
C ALA QA 84 -9.01 101.89 23.07
N THR QA 85 -8.84 102.98 22.32
CA THR QA 85 -9.23 104.29 22.82
C THR QA 85 -10.32 104.94 21.95
N ARG QA 86 -10.90 104.20 21.02
CA ARG QA 86 -11.88 104.76 20.11
C ARG QA 86 -13.22 104.06 20.23
N THR QA 87 -14.32 104.81 20.08
CA THR QA 87 -15.64 104.20 20.13
C THR QA 87 -15.77 103.20 19.01
N PHE QA 88 -16.32 102.03 19.31
CA PHE QA 88 -16.42 100.98 18.33
C PHE QA 88 -17.71 100.21 18.43
N THR QA 89 -18.00 99.39 17.45
CA THR QA 89 -19.27 98.67 17.45
C THR QA 89 -19.06 97.20 17.57
N ILE QA 90 -19.67 96.60 18.60
CA ILE QA 90 -19.57 95.16 18.81
C ILE QA 90 -20.89 94.49 18.46
N PHE QA 91 -20.86 93.40 17.71
CA PHE QA 91 -22.07 92.68 17.39
C PHE QA 91 -22.07 91.35 18.11
N VAL QA 92 -23.09 91.10 18.92
CA VAL QA 92 -23.16 89.88 19.68
C VAL QA 92 -24.31 89.01 19.22
N GLU QA 93 -24.04 87.73 19.00
CA GLU QA 93 -25.07 86.82 18.53
C GLU QA 93 -25.35 85.73 19.53
N THR QA 94 -26.60 85.62 19.93
CA THR QA 94 -26.99 84.59 20.87
C THR QA 94 -27.43 83.33 20.17
N ALA QA 95 -27.63 82.25 20.92
CA ALA QA 95 -27.97 80.96 20.32
C ALA QA 95 -29.41 80.80 19.92
N ARG QA 96 -30.26 81.71 20.37
CA ARG QA 96 -31.68 81.68 20.02
C ARG QA 96 -31.92 82.52 18.79
N GLY QA 97 -30.87 82.90 18.10
CA GLY QA 97 -31.01 83.65 16.87
C GLY QA 97 -31.09 85.15 17.00
N GLN QA 98 -30.89 85.66 18.21
CA GLN QA 98 -30.98 87.08 18.42
C GLN QA 98 -29.65 87.72 18.23
N THR QA 99 -29.61 88.86 17.57
CA THR QA 99 -28.36 89.57 17.40
C THR QA 99 -28.56 90.97 17.88
N PHE QA 100 -27.61 91.48 18.65
CA PHE QA 100 -27.70 92.83 19.16
C PHE QA 100 -26.41 93.53 18.87
N SER QA 101 -26.45 94.85 18.86
CA SER QA 101 -25.27 95.63 18.58
C SER QA 101 -25.05 96.59 19.70
N VAL QA 102 -23.80 96.84 20.02
CA VAL QA 102 -23.47 97.73 21.10
C VAL QA 102 -22.42 98.69 20.60
N VAL QA 103 -22.52 99.97 20.95
CA VAL QA 103 -21.47 100.90 20.59
C VAL QA 103 -20.72 101.10 21.88
N ALA QA 104 -19.43 100.79 21.91
CA ALA QA 104 -18.68 100.86 23.15
C ALA QA 104 -17.64 101.93 23.19
N THR QA 105 -17.69 102.80 24.19
CA THR QA 105 -16.67 103.83 24.33
C THR QA 105 -15.77 103.44 25.47
N PRO QA 106 -14.47 103.22 25.19
CA PRO QA 106 -13.62 102.75 26.27
C PRO QA 106 -13.18 103.86 27.21
N VAL QA 107 -13.36 103.68 28.52
CA VAL QA 107 -13.02 104.71 29.50
C VAL QA 107 -12.39 104.07 30.74
N LYS QA 108 -11.58 104.83 31.46
CA LYS QA 108 -10.91 104.31 32.66
C LYS QA 108 -11.88 104.01 33.80
N GLY QA 109 -11.71 102.85 34.43
CA GLY QA 109 -12.57 102.51 35.54
C GLY QA 109 -12.75 101.04 35.80
N GLU QA 110 -13.73 100.71 36.64
CA GLU QA 110 -14.02 99.31 36.94
C GLU QA 110 -14.68 98.60 35.76
N GLY QA 111 -14.48 97.30 35.67
CA GLY QA 111 -15.10 96.54 34.61
C GLY QA 111 -16.60 96.65 34.75
N ARG QA 112 -17.28 96.92 33.65
CA ARG QA 112 -18.72 97.13 33.68
C ARG QA 112 -19.47 95.92 33.19
N VAL QA 113 -20.56 95.58 33.87
CA VAL QA 113 -21.35 94.39 33.51
C VAL QA 113 -22.74 94.80 33.09
N TYR QA 114 -23.19 94.27 31.96
CA TYR QA 114 -24.48 94.64 31.43
C TYR QA 114 -25.38 93.43 31.22
N ARG QA 115 -26.66 93.59 31.55
CA ARG QA 115 -27.62 92.51 31.40
C ARG QA 115 -28.47 92.77 30.18
N LEU QA 116 -28.42 91.88 29.20
CA LEU QA 116 -29.12 92.15 27.96
C LEU QA 116 -30.49 91.55 27.97
N MET QA 117 -31.48 92.35 27.64
CA MET QA 117 -32.83 91.87 27.61
C MET QA 117 -33.49 92.07 26.26
N SER QA 118 -34.51 91.29 25.96
CA SER QA 118 -35.25 91.38 24.72
C SER QA 118 -36.55 92.13 24.95
N ALA QA 119 -36.80 93.15 24.13
CA ALA QA 119 -37.96 94.00 24.29
C ALA QA 119 -39.26 93.21 24.14
N GLU QA 120 -39.32 92.35 23.12
CA GLU QA 120 -40.51 91.54 22.87
C GLU QA 120 -40.23 90.10 23.25
N PRO QA 121 -40.92 89.53 24.24
CA PRO QA 121 -40.76 88.10 24.53
C PRO QA 121 -41.19 87.26 23.36
N PRO QA 122 -40.35 86.32 22.91
CA PRO QA 122 -40.71 85.55 21.71
C PRO QA 122 -41.86 84.59 21.93
N SER QA 123 -41.86 83.83 23.02
CA SER QA 123 -42.91 82.86 23.30
C SER QA 123 -43.26 82.91 24.77
N ARG QA 124 -44.46 82.42 25.08
CA ARG QA 124 -44.94 82.33 26.46
C ARG QA 124 -45.03 80.88 26.87
N PRO QA 125 -44.04 80.37 27.65
CA PRO QA 125 -44.22 78.95 28.01
C PRO QA 125 -45.40 78.79 28.94
N GLU QA 126 -46.24 77.78 28.69
CA GLU QA 126 -47.41 77.56 29.52
C GLU QA 126 -47.01 77.12 30.92
N THR QA 127 -47.79 77.53 31.92
CA THR QA 127 -47.47 77.19 33.29
C THR QA 127 -47.53 75.71 33.57
N ARG QA 128 -46.66 75.23 34.46
CA ARG QA 128 -46.64 73.81 34.80
C ARG QA 128 -47.03 73.56 36.25
N LYS QA 129 -48.17 72.90 36.47
CA LYS QA 129 -48.55 72.55 37.83
C LYS QA 129 -47.82 71.27 38.19
N TRP QA 130 -46.88 71.35 39.13
CA TRP QA 130 -46.08 70.20 39.46
C TRP QA 130 -46.59 69.56 40.73
N GLU QA 131 -47.47 70.25 41.43
CA GLU QA 131 -47.91 69.71 42.72
C GLU QA 131 -48.75 68.46 42.52
N THR QA 132 -48.52 67.46 43.37
CA THR QA 132 -49.23 66.19 43.30
C THR QA 132 -49.89 65.92 44.66
N ALA QA 133 -51.17 65.57 44.62
CA ALA QA 133 -51.91 65.30 45.84
C ALA QA 133 -51.58 63.89 46.35
N GLN QA 134 -52.05 63.59 47.57
CA GLN QA 134 -51.76 62.30 48.18
C GLN QA 134 -52.61 61.21 47.60
N ALA QA 135 -52.17 59.97 47.69
CA ALA QA 135 -52.92 58.86 47.12
C ALA QA 135 -54.30 58.67 47.74
N TYR QA 136 -54.42 58.79 49.05
CA TYR QA 136 -55.71 58.65 49.69
C TYR QA 136 -56.65 59.74 49.21
N GLU QA 137 -56.16 60.97 49.12
CA GLU QA 137 -57.02 62.06 48.74
C GLU QA 137 -57.51 61.91 47.31
N LYS QA 138 -56.63 61.50 46.42
CA LYS QA 138 -57.01 61.32 45.04
C LYS QA 138 -58.04 60.22 44.89
N LEU QA 139 -57.89 59.16 45.68
CA LEU QA 139 -58.83 58.04 45.62
C LEU QA 139 -60.24 58.46 46.00
N LEU QA 140 -60.38 59.22 47.07
CA LEU QA 140 -61.70 59.70 47.44
C LEU QA 140 -62.24 60.64 46.40
N ILE QA 141 -61.42 61.53 45.87
CA ILE QA 141 -61.86 62.50 44.88
C ILE QA 141 -62.34 61.82 43.60
N SER QA 142 -61.62 60.80 43.15
CA SER QA 142 -62.00 60.10 41.94
C SER QA 142 -63.34 59.44 42.10
N LEU QA 143 -63.54 58.78 43.23
CA LEU QA 143 -64.80 58.12 43.49
C LEU QA 143 -65.95 59.09 43.60
N ASN QA 144 -65.74 60.21 44.26
CA ASN QA 144 -66.81 61.16 44.44
C ASN QA 144 -67.23 61.67 43.08
N ARG QA 145 -66.26 61.92 42.21
CA ARG QA 145 -66.57 62.35 40.86
C ARG QA 145 -67.32 61.28 40.07
N ALA QA 146 -66.92 60.02 40.21
CA ALA QA 146 -67.60 58.94 39.51
C ALA QA 146 -69.03 58.82 39.96
N VAL QA 147 -69.27 58.89 41.27
CA VAL QA 147 -70.61 58.79 41.80
C VAL QA 147 -71.46 59.96 41.33
N LEU QA 148 -70.87 61.15 41.28
CA LEU QA 148 -71.60 62.32 40.87
C LEU QA 148 -72.10 62.17 39.44
N THR QA 149 -71.27 61.62 38.56
CA THR QA 149 -71.69 61.37 37.19
C THR QA 149 -72.53 60.11 37.14
N GLY QA 150 -72.17 59.11 37.93
CA GLY QA 150 -72.95 57.88 37.98
C GLY QA 150 -72.31 56.68 37.30
N ASP QA 151 -71.26 56.89 36.52
CA ASP QA 151 -70.55 55.75 35.96
C ASP QA 151 -69.89 54.95 37.06
N ILE QA 152 -69.84 53.64 36.91
CA ILE QA 152 -69.30 52.82 37.99
C ILE QA 152 -67.91 52.30 37.69
N PRO QA 153 -66.99 52.50 38.64
CA PRO QA 153 -65.66 51.92 38.43
C PRO QA 153 -65.76 50.42 38.60
N ASP QA 154 -64.82 49.68 38.02
CA ASP QA 154 -64.87 48.22 38.12
C ASP QA 154 -64.75 47.77 39.56
N GLY QA 155 -65.47 46.70 39.90
CA GLY QA 155 -65.45 46.22 41.27
C GLY QA 155 -66.49 46.88 42.15
N TYR QA 156 -67.32 47.74 41.59
CA TYR QA 156 -68.40 48.35 42.37
C TYR QA 156 -69.73 47.79 41.91
N GLY QA 157 -70.33 46.90 42.70
CA GLY QA 157 -71.54 46.24 42.27
C GLY QA 157 -72.88 46.68 42.79
N GLU QA 158 -72.92 47.70 43.64
CA GLU QA 158 -74.16 48.24 44.21
C GLU QA 158 -74.56 47.47 45.48
N VAL QA 159 -75.20 48.15 46.43
CA VAL QA 159 -75.55 47.52 47.70
C VAL QA 159 -76.63 48.31 48.41
N LYS QA 160 -77.30 47.70 49.39
CA LYS QA 160 -78.28 48.43 50.18
C LYS QA 160 -77.52 49.45 51.03
N PRO QA 161 -78.03 50.68 51.12
CA PRO QA 161 -77.39 51.66 51.99
C PRO QA 161 -77.77 51.47 53.46
N LEU QA 162 -77.02 52.10 54.37
CA LEU QA 162 -77.34 52.02 55.80
C LEU QA 162 -78.17 53.19 56.29
N SER QA 163 -78.24 53.37 57.60
CA SER QA 163 -78.95 54.52 58.15
C SER QA 163 -77.97 55.06 59.14
N ASP QA 164 -76.87 54.33 59.36
CA ASP QA 164 -75.83 54.73 60.29
C ASP QA 164 -75.12 56.00 59.91
N GLY QA 165 -74.91 56.22 58.62
CA GLY QA 165 -74.09 57.34 58.19
C GLY QA 165 -74.37 58.77 58.53
N ILE QA 166 -75.61 59.20 58.57
CA ILE QA 166 -75.85 60.63 58.76
C ILE QA 166 -76.38 61.18 60.09
N ARG QA 167 -75.69 62.15 60.67
CA ARG QA 167 -76.16 62.82 61.87
C ARG QA 167 -76.92 64.03 61.38
N LEU QA 168 -78.02 64.38 62.01
CA LEU QA 168 -78.84 65.45 61.49
C LEU QA 168 -78.81 66.64 62.41
N PRO QA 169 -78.56 67.83 61.86
CA PRO QA 169 -78.57 69.05 62.66
C PRO QA 169 -79.94 69.28 63.25
N GLY QA 170 -80.98 69.00 62.47
CA GLY QA 170 -82.34 69.13 62.97
C GLY QA 170 -83.26 69.57 61.85
N GLY QA 171 -84.47 69.01 61.82
CA GLY QA 171 -85.39 69.33 60.74
C GLY QA 171 -85.10 68.53 59.49
N PHE QA 172 -84.17 67.58 59.58
CA PHE QA 172 -83.78 66.83 58.40
C PHE QA 172 -84.17 65.36 58.53
N SER QA 173 -84.75 64.81 57.48
CA SER QA 173 -85.09 63.39 57.48
C SER QA 173 -84.33 62.73 56.35
N VAL QA 174 -83.73 61.59 56.60
CA VAL QA 174 -82.88 60.96 55.59
C VAL QA 174 -83.47 59.74 54.90
N THR QA 175 -83.44 59.69 53.56
CA THR QA 175 -83.88 58.49 52.87
C THR QA 175 -82.79 57.99 51.93
N PRO QA 176 -82.37 56.73 52.03
CA PRO QA 176 -81.32 56.24 51.13
C PRO QA 176 -81.87 55.96 49.74
N LEU QA 177 -81.07 56.35 48.75
CA LEU QA 177 -81.45 56.17 47.37
C LEU QA 177 -80.60 55.10 46.75
N LYS QA 178 -79.33 55.40 46.54
CA LYS QA 178 -78.47 54.46 45.84
C LYS QA 178 -77.17 54.25 46.60
N ALA QA 179 -76.52 53.12 46.39
CA ALA QA 179 -75.24 52.87 47.03
C ALA QA 179 -74.35 51.90 46.30
N TRP QA 180 -73.05 52.15 46.33
CA TRP QA 180 -72.09 51.28 45.68
C TRP QA 180 -71.17 50.70 46.73
N ALA QA 181 -70.73 49.47 46.51
CA ALA QA 181 -69.77 48.81 47.39
C ALA QA 181 -68.68 48.17 46.55
N GLY QA 182 -67.43 48.40 46.96
CA GLY QA 182 -66.31 47.89 46.19
C GLY QA 182 -65.37 47.03 47.00
N ASP QA 183 -64.10 47.04 46.60
CA ASP QA 183 -63.08 46.22 47.26
C ASP QA 183 -62.42 46.92 48.44
N GLN QA 184 -62.36 48.25 48.42
CA GLN QA 184 -61.68 49.02 49.46
C GLN QA 184 -62.55 50.07 50.10
N LEU QA 185 -63.43 50.73 49.34
CA LEU QA 185 -64.21 51.85 49.83
C LEU QA 185 -65.69 51.56 49.59
N ARG QA 186 -66.55 52.47 50.05
CA ARG QA 186 -67.99 52.34 49.85
C ARG QA 186 -68.61 53.73 49.78
N ALA QA 187 -69.60 53.88 48.90
CA ALA QA 187 -70.28 55.15 48.74
C ALA QA 187 -71.79 54.94 48.80
N ASP QA 188 -72.50 55.96 49.24
CA ASP QA 188 -73.95 55.91 49.31
C ASP QA 188 -74.53 57.30 49.16
N ARG QA 189 -75.83 57.36 48.83
CA ARG QA 189 -76.53 58.61 48.59
C ARG QA 189 -77.77 58.67 49.45
N TYR QA 190 -77.95 59.77 50.17
CA TYR QA 190 -79.11 59.95 51.02
C TYR QA 190 -79.67 61.27 50.65
N GLU QA 191 -80.99 61.39 50.61
CA GLU QA 191 -81.59 62.68 50.34
C GLU QA 191 -82.21 63.17 51.60
N LEU QA 192 -81.82 64.37 52.00
CA LEU QA 192 -82.33 64.93 53.23
C LEU QA 192 -83.61 65.63 52.92
N ARG QA 193 -84.53 65.64 53.86
CA ARG QA 193 -85.74 66.39 53.64
C ARG QA 193 -85.56 67.85 53.87
N ASN QA 194 -86.51 68.59 53.36
CA ASN QA 194 -86.50 69.96 53.61
C ASN QA 194 -86.58 70.23 55.09
N ALA QA 195 -85.80 71.17 55.58
CA ALA QA 195 -85.89 71.58 56.95
C ALA QA 195 -87.13 72.41 57.16
N ASN QA 196 -87.52 72.63 58.41
CA ASN QA 196 -88.70 73.42 58.76
C ASN QA 196 -88.88 74.78 58.09
N THR QA 197 -88.75 75.86 58.86
CA THR QA 197 -88.82 77.21 58.30
C THR QA 197 -87.67 78.18 58.56
N TRP QA 198 -86.75 77.82 59.44
CA TRP QA 198 -85.60 78.66 59.67
C TRP QA 198 -84.57 78.26 58.63
N GLY QA 199 -83.86 79.23 58.07
CA GLY QA 199 -82.82 78.89 57.12
C GLY QA 199 -81.77 78.10 57.86
N VAL QA 200 -81.33 76.99 57.28
CA VAL QA 200 -80.36 76.15 57.95
C VAL QA 200 -79.08 76.15 57.16
N ALA QA 201 -78.09 76.92 57.62
CA ALA QA 201 -76.81 76.89 56.94
C ALA QA 201 -76.28 75.48 56.97
N LEU QA 202 -75.69 75.03 55.88
CA LEU QA 202 -75.25 73.65 55.81
C LEU QA 202 -73.75 73.56 56.00
N ARG QA 203 -73.33 72.83 57.03
CA ARG QA 203 -71.91 72.66 57.29
C ARG QA 203 -71.48 71.28 56.90
N GLU QA 204 -70.54 71.11 55.99
CA GLU QA 204 -70.23 69.75 55.57
C GLU QA 204 -69.70 68.87 56.70
N GLN QA 205 -69.10 69.47 57.74
CA GLN QA 205 -68.66 68.64 58.84
C GLN QA 205 -69.69 68.48 59.94
N ASP QA 206 -70.89 69.02 59.76
CA ASP QA 206 -71.97 68.88 60.73
C ASP QA 206 -72.83 67.64 60.48
N PHE QA 207 -72.44 66.82 59.50
CA PHE QA 207 -73.11 65.53 59.26
C PHE QA 207 -72.16 64.38 59.50
N TRP QA 208 -71.15 64.58 60.33
CA TRP QA 208 -70.12 63.55 60.54
C TRP QA 208 -70.47 62.39 61.45
N LYS QA 209 -69.96 61.21 61.11
CA LYS QA 209 -70.17 60.06 61.94
C LYS QA 209 -68.87 59.22 61.98
N PRO QA 210 -68.32 58.86 63.18
CA PRO QA 210 -67.14 57.99 63.17
C PRO QA 210 -67.23 56.93 62.09
N GLY QA 211 -66.12 56.71 61.40
CA GLY QA 211 -66.03 55.73 60.35
C GLY QA 211 -66.16 56.28 58.95
N VAL QA 212 -66.64 57.52 58.79
CA VAL QA 212 -66.81 58.13 57.45
C VAL QA 212 -65.57 58.81 56.88
N ARG QA 213 -65.15 58.41 55.70
CA ARG QA 213 -63.97 58.99 55.08
C ARG QA 213 -64.20 60.42 54.55
N ALA QA 214 -65.13 60.61 53.63
CA ALA QA 214 -65.45 61.95 53.12
C ALA QA 214 -66.93 62.21 52.93
N VAL QA 215 -67.37 63.43 53.22
CA VAL QA 215 -68.78 63.79 53.00
C VAL QA 215 -68.82 64.99 52.06
N MET QA 216 -69.60 64.91 50.99
CA MET QA 216 -69.74 66.03 50.08
C MET QA 216 -71.19 66.38 49.76
N PHE QA 217 -71.46 67.66 49.51
CA PHE QA 217 -72.83 68.09 49.27
C PHE QA 217 -73.05 68.40 47.80
N ASP QA 218 -74.14 67.90 47.23
CA ASP QA 218 -74.46 68.22 45.84
C ASP QA 218 -74.91 69.67 45.72
N ASN QA 219 -74.81 70.26 44.53
CA ASN QA 219 -75.14 71.68 44.33
C ASN QA 219 -74.16 72.51 45.14
N ASN QA 220 -74.60 73.66 45.68
CA ASN QA 220 -73.67 74.41 46.54
C ASN QA 220 -73.99 74.75 47.98
N ALA QA 221 -74.86 74.00 48.65
CA ALA QA 221 -75.06 74.25 50.07
C ALA QA 221 -75.46 75.69 50.26
N GLN QA 222 -74.67 76.43 51.05
CA GLN QA 222 -74.95 77.86 51.26
C GLN QA 222 -76.33 78.09 51.80
N THR QA 223 -76.75 77.28 52.77
CA THR QA 223 -78.06 77.44 53.42
C THR QA 223 -79.24 76.88 52.64
N LEU QA 224 -79.71 75.68 53.03
CA LEU QA 224 -80.91 75.13 52.41
C LEU QA 224 -81.95 75.99 53.08
N MET QA 225 -82.96 76.45 52.35
CA MET QA 225 -83.91 77.42 52.94
C MET QA 225 -85.04 76.87 53.81
N GLY QA 226 -86.19 77.54 53.78
CA GLY QA 226 -87.36 77.06 54.50
C GLY QA 226 -87.65 75.69 53.97
N GLY QA 227 -86.87 75.26 52.99
CA GLY QA 227 -86.99 73.90 52.53
C GLY QA 227 -86.00 73.54 51.46
N GLY QA 228 -86.22 72.41 50.81
CA GLY QA 228 -85.34 71.98 49.75
C GLY QA 228 -84.86 70.58 50.04
N ARG QA 229 -84.90 69.72 49.04
CA ARG QA 229 -84.39 68.36 49.21
C ARG QA 229 -83.06 68.21 48.49
N MET QA 230 -81.98 68.00 49.22
CA MET QA 230 -80.68 67.95 48.60
C MET QA 230 -80.02 66.61 48.82
N THR QA 231 -79.54 65.99 47.76
CA THR QA 231 -78.89 64.69 47.88
C THR QA 231 -77.45 64.83 48.34
N VAL QA 232 -77.07 64.01 49.32
CA VAL QA 232 -75.72 64.07 49.87
C VAL QA 232 -75.06 62.71 49.71
N THR QA 233 -73.87 62.68 49.15
CA THR QA 233 -73.14 61.42 49.02
C THR QA 233 -72.15 61.25 50.16
N VAL QA 234 -72.26 60.15 50.90
CA VAL QA 234 -71.38 59.92 52.04
C VAL QA 234 -70.43 58.77 51.73
N ILE QA 235 -69.16 58.94 52.04
CA ILE QA 235 -68.18 57.92 51.69
C ILE QA 235 -67.63 57.26 52.95
N ARG QA 236 -67.65 55.94 53.00
CA ARG QA 236 -67.22 55.23 54.19
C ARG QA 236 -66.33 54.03 53.83
N GLY QA 237 -65.51 53.56 54.76
CA GLY QA 237 -64.66 52.41 54.52
C GLY QA 237 -65.47 51.16 54.24
N ASN QA 238 -64.82 50.19 53.61
CA ASN QA 238 -65.45 48.94 53.23
C ASN QA 238 -64.73 47.78 53.90
N GLY QA 239 -65.50 46.81 54.35
CA GLY QA 239 -64.95 45.67 55.08
C GLY QA 239 -64.72 45.98 56.55
N GLU QA 240 -64.07 47.11 56.83
CA GLU QA 240 -63.84 47.51 58.20
C GLU QA 240 -65.16 47.91 58.87
N GLY QA 241 -65.34 47.45 60.10
CA GLY QA 241 -66.55 47.76 60.85
C GLY QA 241 -66.59 49.17 61.38
N GLN RA 25 -36.94 102.15 -4.88
CA GLN RA 25 -37.29 102.09 -6.28
C GLN RA 25 -37.77 100.69 -6.62
N SER RA 26 -38.18 100.48 -7.86
CA SER RA 26 -38.69 99.19 -8.28
C SER RA 26 -37.95 98.87 -9.57
N PRO RA 27 -37.73 97.58 -9.84
CA PRO RA 27 -36.95 97.31 -11.06
C PRO RA 27 -37.72 97.81 -12.26
N ALA RA 28 -37.02 98.34 -13.26
CA ALA RA 28 -37.67 98.82 -14.47
C ALA RA 28 -38.18 97.67 -15.29
N THR RA 29 -39.47 97.67 -15.60
CA THR RA 29 -40.06 96.53 -16.29
C THR RA 29 -40.18 96.77 -17.77
N ILE RA 30 -39.66 95.83 -18.55
CA ILE RA 30 -39.69 95.97 -19.99
C ILE RA 30 -40.36 94.77 -20.65
N SER RA 31 -41.32 95.01 -21.52
CA SER RA 31 -42.04 93.91 -22.15
C SER RA 31 -41.60 93.75 -23.57
N LEU RA 32 -41.12 92.57 -23.93
CA LEU RA 32 -40.56 92.38 -25.26
C LEU RA 32 -41.00 91.10 -25.95
N PRO RA 33 -41.29 91.16 -27.26
CA PRO RA 33 -41.63 89.96 -28.03
C PRO RA 33 -40.35 89.15 -28.27
N GLN RA 34 -40.41 87.89 -28.64
CA GLN RA 34 -39.15 87.17 -28.81
C GLN RA 34 -38.30 87.83 -29.89
N GLY RA 35 -37.01 87.99 -29.62
CA GLY RA 35 -36.14 88.68 -30.55
C GLY RA 35 -36.24 90.17 -30.39
N GLY RA 36 -36.97 90.61 -29.37
CA GLY RA 36 -37.17 92.02 -29.14
C GLY RA 36 -35.92 92.76 -28.76
N GLN RA 37 -35.82 94.03 -29.15
CA GLN RA 37 -34.62 94.80 -28.86
C GLN RA 37 -34.93 96.08 -28.10
N PHE RA 38 -34.43 96.20 -26.88
CA PHE RA 38 -34.71 97.39 -26.07
C PHE RA 38 -33.46 98.17 -25.73
N ARG RA 39 -33.49 99.47 -25.94
CA ARG RA 39 -32.34 100.31 -25.61
C ARG RA 39 -32.35 100.76 -24.16
N LEU RA 40 -31.54 100.12 -23.32
CA LEU RA 40 -31.45 100.51 -21.91
C LEU RA 40 -30.04 100.86 -21.47
N SER RA 41 -29.88 101.98 -20.78
CA SER RA 41 -28.57 102.34 -20.25
C SER RA 41 -28.15 101.45 -19.09
N ILE RA 42 -26.86 101.13 -19.00
CA ILE RA 42 -26.37 100.35 -17.86
C ILE RA 42 -25.33 101.19 -17.14
N SER RA 43 -24.56 100.60 -16.24
CA SER RA 43 -23.50 101.36 -15.58
C SER RA 43 -22.10 100.78 -15.69
N ASN RA 44 -21.12 101.63 -15.98
CA ASN RA 44 -19.73 101.19 -16.02
C ASN RA 44 -19.14 100.91 -14.64
N THR RA 45 -19.38 101.81 -13.70
CA THR RA 45 -18.91 101.63 -12.33
C THR RA 45 -19.47 100.49 -11.48
N ASP RA 46 -20.76 100.21 -11.55
CA ASP RA 46 -21.37 99.23 -10.63
C ASP RA 46 -22.08 98.07 -11.29
N PRO RA 47 -22.23 96.95 -10.56
CA PRO RA 47 -22.85 95.76 -11.15
C PRO RA 47 -24.29 96.01 -11.57
N ASN RA 48 -24.74 95.35 -12.64
CA ASN RA 48 -26.08 95.58 -13.16
C ASN RA 48 -26.79 94.25 -13.21
N MET RA 49 -28.11 94.26 -13.10
CA MET RA 49 -28.86 93.01 -13.07
C MET RA 49 -29.99 92.98 -14.08
N ILE RA 50 -30.28 91.80 -14.62
CA ILE RA 50 -31.37 91.63 -15.56
C ILE RA 50 -31.96 90.33 -15.13
N PHE RA 51 -33.22 90.34 -14.73
CA PHE RA 51 -33.90 89.10 -14.37
C PHE RA 51 -35.20 88.94 -15.11
N ILE RA 52 -35.51 87.73 -15.53
CA ILE RA 52 -36.80 87.49 -16.16
C ILE RA 52 -37.61 86.70 -15.16
N PRO RA 53 -38.71 87.28 -14.67
CA PRO RA 53 -39.44 86.53 -13.66
C PRO RA 53 -40.02 85.25 -14.22
N GLY RA 54 -39.89 84.14 -13.50
CA GLY RA 54 -40.41 82.87 -13.96
C GLY RA 54 -39.45 82.20 -14.92
N ASP RA 55 -38.29 82.80 -15.15
CA ASP RA 55 -37.36 82.25 -16.13
C ASP RA 55 -35.92 82.31 -15.64
N LYS RA 56 -35.10 81.38 -16.11
CA LYS RA 56 -33.72 81.36 -15.70
C LYS RA 56 -32.82 81.65 -16.89
N VAL RA 57 -31.95 82.64 -16.76
CA VAL RA 57 -31.05 82.97 -17.82
C VAL RA 57 -30.12 81.80 -17.98
N THR RA 58 -30.01 81.30 -19.20
CA THR RA 58 -29.13 80.18 -19.46
C THR RA 58 -27.89 80.63 -20.21
N ALA RA 59 -27.97 81.76 -20.90
CA ALA RA 59 -26.84 82.24 -21.67
C ALA RA 59 -26.81 83.72 -21.88
N ILE RA 60 -25.62 84.29 -22.03
CA ILE RA 60 -25.50 85.71 -22.33
C ILE RA 60 -24.37 85.89 -23.33
N THR RA 61 -24.54 86.78 -24.30
CA THR RA 61 -23.52 87.02 -25.31
C THR RA 61 -23.40 88.51 -25.49
N ALA RA 62 -22.19 89.04 -25.60
CA ALA RA 62 -22.03 90.46 -25.88
C ALA RA 62 -20.84 90.66 -26.80
N PRO RA 63 -20.72 91.85 -27.46
CA PRO RA 63 -19.50 92.00 -28.26
C PRO RA 63 -18.28 91.74 -27.39
N GLY RA 64 -17.23 91.17 -27.95
CA GLY RA 64 -16.08 90.80 -27.12
C GLY RA 64 -15.38 91.92 -26.38
N GLY RA 65 -15.13 91.70 -25.08
CA GLY RA 65 -14.43 92.68 -24.28
C GLY RA 65 -15.34 93.69 -23.62
N MET RA 66 -16.58 93.74 -24.07
CA MET RA 66 -17.56 94.66 -23.49
C MET RA 66 -18.00 94.34 -22.06
N LEU RA 67 -18.21 93.06 -21.75
CA LEU RA 67 -18.69 92.69 -20.42
C LEU RA 67 -17.60 92.06 -19.58
N ALA RA 68 -17.20 92.74 -18.52
CA ALA RA 68 -16.12 92.26 -17.66
C ALA RA 68 -16.38 90.97 -16.89
N ASP RA 69 -17.55 90.86 -16.27
CA ASP RA 69 -17.86 89.68 -15.46
C ASP RA 69 -19.32 89.33 -15.50
N LYS RA 70 -19.64 88.04 -15.59
CA LYS RA 70 -21.02 87.59 -15.65
C LYS RA 70 -21.29 86.44 -14.69
N ARG RA 71 -22.22 86.62 -13.75
CA ARG RA 71 -22.56 85.58 -12.78
C ARG RA 71 -24.07 85.32 -12.71
N LEU RA 72 -24.47 84.10 -12.40
CA LEU RA 72 -25.87 83.78 -12.29
C LEU RA 72 -26.37 83.96 -10.87
N THR RA 73 -27.36 84.83 -10.69
CA THR RA 73 -27.93 85.07 -9.37
C THR RA 73 -28.91 84.02 -8.95
N ARG RA 74 -29.28 84.01 -7.68
CA ARG RA 74 -30.26 83.06 -7.18
C ARG RA 74 -31.58 83.33 -7.87
N ALA RA 75 -32.32 82.27 -8.20
CA ALA RA 75 -33.57 82.41 -8.94
C ALA RA 75 -33.41 83.09 -10.28
N GLY RA 76 -32.39 82.70 -11.03
CA GLY RA 76 -32.22 83.24 -12.36
C GLY RA 76 -31.66 84.63 -12.24
N GLY RA 77 -31.58 85.33 -13.34
CA GLY RA 77 -31.01 86.66 -13.31
C GLY RA 77 -29.54 86.60 -13.62
N VAL RA 78 -29.00 87.70 -14.13
CA VAL RA 78 -27.58 87.77 -14.41
C VAL RA 78 -27.02 89.01 -13.81
N LEU RA 79 -25.85 88.90 -13.20
CA LEU RA 79 -25.20 90.07 -12.67
C LEU RA 79 -24.05 90.32 -13.59
N PHE RA 80 -23.93 91.54 -14.10
CA PHE RA 80 -22.89 91.85 -15.07
C PHE RA 80 -22.27 93.22 -14.90
N THR RA 81 -20.97 93.33 -15.17
CA THR RA 81 -20.27 94.59 -15.03
C THR RA 81 -19.61 94.95 -16.34
N SER RA 82 -19.63 96.21 -16.73
CA SER RA 82 -18.98 96.62 -17.96
C SER RA 82 -17.94 97.71 -17.80
N VAL RA 83 -16.76 97.52 -18.36
CA VAL RA 83 -15.75 98.59 -18.34
C VAL RA 83 -15.84 99.39 -19.63
N ALA RA 84 -16.75 99.02 -20.51
CA ALA RA 84 -16.87 99.67 -21.82
C ALA RA 84 -17.41 101.07 -21.86
N THR RA 85 -17.07 101.81 -22.90
CA THR RA 85 -17.61 103.15 -23.08
C THR RA 85 -18.45 103.29 -24.36
N ARG RA 86 -18.75 102.18 -25.03
CA ARG RA 86 -19.46 102.22 -26.31
C ARG RA 86 -20.77 101.47 -26.23
N THR RA 87 -21.81 101.95 -26.91
CA THR RA 87 -23.08 101.24 -26.93
C THR RA 87 -22.89 99.88 -27.56
N PHE RA 88 -23.47 98.86 -26.96
CA PHE RA 88 -23.27 97.51 -27.44
C PHE RA 88 -24.53 96.68 -27.34
N THR RA 89 -24.53 95.52 -27.96
CA THR RA 89 -25.72 94.70 -27.98
C THR RA 89 -25.52 93.41 -27.23
N ILE RA 90 -26.36 93.18 -26.23
CA ILE RA 90 -26.29 91.94 -25.45
C ILE RA 90 -27.45 91.04 -25.81
N PHE RA 91 -27.19 89.75 -26.04
CA PHE RA 91 -28.26 88.82 -26.31
C PHE RA 91 -28.41 87.87 -25.15
N VAL RA 92 -29.60 87.81 -24.57
CA VAL RA 92 -29.84 86.96 -23.43
C VAL RA 92 -30.80 85.84 -23.75
N GLU RA 93 -30.46 84.62 -23.38
CA GLU RA 93 -31.30 83.48 -23.67
C GLU RA 93 -31.81 82.82 -22.43
N THR RA 94 -33.11 82.70 -22.31
CA THR RA 94 -33.71 82.06 -21.17
C THR RA 94 -33.92 80.59 -21.40
N ALA RA 95 -34.29 79.86 -20.36
CA ALA RA 95 -34.42 78.40 -20.45
C ALA RA 95 -35.70 77.92 -21.09
N ARG RA 96 -36.66 78.81 -21.25
CA ARG RA 96 -37.93 78.47 -21.87
C ARG RA 96 -37.87 78.76 -23.35
N GLY RA 97 -36.67 78.98 -23.87
CA GLY RA 97 -36.50 79.19 -25.29
C GLY RA 97 -36.66 80.61 -25.79
N GLN RA 98 -36.80 81.55 -24.87
CA GLN RA 98 -36.98 82.93 -25.27
C GLN RA 98 -35.66 83.62 -25.37
N THR RA 99 -35.47 84.41 -26.40
CA THR RA 99 -34.24 85.16 -26.54
C THR RA 99 -34.60 86.61 -26.71
N PHE RA 100 -33.90 87.48 -26.01
CA PHE RA 100 -34.16 88.89 -26.12
C PHE RA 100 -32.85 89.60 -26.35
N SER RA 101 -32.93 90.80 -26.89
CA SER RA 101 -31.73 91.57 -27.15
C SER RA 101 -31.84 92.89 -26.50
N VAL RA 102 -30.73 93.40 -26.02
CA VAL RA 102 -30.72 94.66 -25.34
C VAL RA 102 -29.60 95.50 -25.92
N VAL RA 103 -29.82 96.79 -26.13
CA VAL RA 103 -28.73 97.64 -26.57
C VAL RA 103 -28.36 98.41 -25.33
N ALA RA 104 -27.12 98.29 -24.89
CA ALA RA 104 -26.72 98.92 -23.63
C ALA RA 104 -25.76 100.05 -23.78
N THR RA 105 -26.09 101.22 -23.26
CA THR RA 105 -25.17 102.34 -23.29
C THR RA 105 -24.60 102.53 -21.92
N PRO RA 106 -23.27 102.39 -21.78
CA PRO RA 106 -22.72 102.47 -20.43
C PRO RA 106 -22.58 103.91 -19.93
N VAL RA 107 -23.08 104.19 -18.73
CA VAL RA 107 -23.05 105.55 -18.20
C VAL RA 107 -22.75 105.51 -16.70
N LYS RA 108 -22.18 106.59 -16.16
CA LYS RA 108 -21.83 106.65 -14.73
C LYS RA 108 -23.06 106.67 -13.84
N GLY RA 109 -23.04 105.87 -12.78
CA GLY RA 109 -24.15 105.86 -11.86
C GLY RA 109 -24.36 104.58 -11.09
N GLU RA 110 -25.50 104.46 -10.44
CA GLU RA 110 -25.84 103.26 -9.70
C GLU RA 110 -26.14 102.09 -10.60
N GLY RA 111 -25.89 100.88 -10.12
CA GLY RA 111 -26.19 99.70 -10.91
C GLY RA 111 -27.67 99.66 -11.18
N ARG RA 112 -28.04 99.41 -12.42
CA ARG RA 112 -29.45 99.44 -12.81
C ARG RA 112 -30.01 98.05 -12.94
N VAL RA 113 -31.23 97.85 -12.46
CA VAL RA 113 -31.87 96.53 -12.50
C VAL RA 113 -33.11 96.56 -13.36
N TYR RA 114 -33.23 95.60 -14.26
CA TYR RA 114 -34.34 95.57 -15.17
C TYR RA 114 -35.13 94.28 -15.10
N ARG RA 115 -36.45 94.38 -15.16
CA ARG RA 115 -37.31 93.20 -15.09
C ARG RA 115 -37.81 92.88 -16.47
N LEU RA 116 -37.48 91.71 -16.98
CA LEU RA 116 -37.84 91.39 -18.35
C LEU RA 116 -39.14 90.67 -18.43
N MET RA 117 -40.03 91.16 -19.27
CA MET RA 117 -41.31 90.54 -19.42
C MET RA 117 -41.60 90.13 -20.86
N SER RA 118 -42.48 89.17 -21.05
CA SER RA 118 -42.87 88.70 -22.36
C SER RA 118 -44.21 89.30 -22.75
N ALA RA 119 -44.25 89.90 -23.94
CA ALA RA 119 -45.44 90.59 -24.40
C ALA RA 119 -46.63 89.65 -24.53
N GLU RA 120 -46.39 88.47 -25.12
CA GLU RA 120 -47.46 87.48 -25.29
C GLU RA 120 -47.24 86.33 -24.32
N PRO RA 121 -48.16 86.09 -23.39
CA PRO RA 121 -48.04 84.91 -22.51
C PRO RA 121 -48.13 83.64 -23.33
N PRO RA 122 -47.18 82.72 -23.16
CA PRO RA 122 -47.19 81.52 -24.00
C PRO RA 122 -48.34 80.57 -23.70
N SER RA 123 -48.60 80.28 -22.42
CA SER RA 123 -49.65 79.36 -22.04
C SER RA 123 -50.39 79.92 -20.83
N ARG RA 124 -51.61 79.42 -20.64
CA ARG RA 124 -52.44 79.80 -19.50
C ARG RA 124 -52.59 78.60 -18.58
N PRO RA 125 -51.83 78.56 -17.45
CA PRO RA 125 -52.07 77.37 -16.62
C PRO RA 125 -53.44 77.41 -15.99
N GLU RA 126 -54.16 76.29 -16.02
CA GLU RA 126 -55.51 76.25 -15.47
C GLU RA 126 -55.48 76.43 -13.96
N THR RA 127 -56.50 77.08 -13.42
CA THR RA 127 -56.55 77.32 -11.98
C THR RA 127 -56.64 76.06 -11.17
N ARG RA 128 -56.03 76.07 -9.98
CA ARG RA 128 -56.06 74.89 -9.12
C ARG RA 128 -56.81 75.14 -7.82
N LYS RA 129 -57.95 74.48 -7.63
CA LYS RA 129 -58.67 74.61 -6.37
C LYS RA 129 -58.03 73.67 -5.37
N TRP RA 130 -57.37 74.22 -4.35
CA TRP RA 130 -56.66 73.39 -3.41
C TRP RA 130 -57.47 73.22 -2.15
N GLU RA 131 -58.52 74.00 -2.00
CA GLU RA 131 -59.27 73.94 -0.75
C GLU RA 131 -59.99 72.60 -0.63
N THR RA 132 -59.98 72.03 0.57
CA THR RA 132 -60.62 70.75 0.85
C THR RA 132 -61.59 70.92 2.00
N ALA RA 133 -62.81 70.43 1.81
CA ALA RA 133 -63.84 70.54 2.83
C ALA RA 133 -63.63 69.48 3.92
N GLN RA 134 -64.39 69.60 5.01
CA GLN RA 134 -64.24 68.68 6.12
C GLN RA 134 -64.88 67.35 5.84
N ALA RA 135 -64.44 66.31 6.53
CA ALA RA 135 -64.99 64.99 6.28
C ALA RA 135 -66.47 64.86 6.57
N TYR RA 136 -66.94 65.45 7.67
CA TYR RA 136 -68.35 65.39 7.98
C TYR RA 136 -69.16 66.09 6.92
N GLU RA 137 -68.69 67.25 6.47
CA GLU RA 137 -69.46 68.00 5.48
C GLU RA 137 -69.54 67.26 4.18
N LYS RA 138 -68.44 66.67 3.75
CA LYS RA 138 -68.45 65.94 2.50
C LYS RA 138 -69.37 64.74 2.56
N LEU RA 139 -69.41 64.08 3.72
CA LEU RA 139 -70.27 62.92 3.89
C LEU RA 139 -71.74 63.26 3.74
N LEU RA 140 -72.18 64.34 4.35
CA LEU RA 140 -73.56 64.76 4.19
C LEU RA 140 -73.83 65.15 2.76
N ILE RA 141 -72.92 65.88 2.13
CA ILE RA 141 -73.11 66.34 0.76
C ILE RA 141 -73.22 65.18 -0.21
N SER RA 142 -72.38 64.17 -0.04
CA SER RA 142 -72.41 63.03 -0.94
C SER RA 142 -73.72 62.31 -0.84
N LEU RA 143 -74.20 62.10 0.37
CA LEU RA 143 -75.47 61.42 0.58
C LEU RA 143 -76.63 62.21 0.02
N ASN RA 144 -76.62 63.51 0.21
CA ASN RA 144 -77.73 64.32 -0.25
C ASN RA 144 -77.78 64.22 -1.75
N ARG RA 145 -76.63 64.25 -2.40
CA ARG RA 145 -76.59 64.10 -3.84
C ARG RA 145 -77.08 62.73 -4.30
N ALA RA 146 -76.68 61.68 -3.58
CA ALA RA 146 -77.13 60.33 -3.94
C ALA RA 146 -78.63 60.21 -3.82
N VAL RA 147 -79.20 60.73 -2.75
CA VAL RA 147 -80.63 60.67 -2.55
C VAL RA 147 -81.36 61.46 -3.62
N LEU RA 148 -80.81 62.61 -4.00
CA LEU RA 148 -81.44 63.45 -5.01
C LEU RA 148 -81.53 62.70 -6.33
N THR RA 149 -80.48 61.97 -6.69
CA THR RA 149 -80.53 61.18 -7.92
C THR RA 149 -81.29 59.89 -7.67
N GLY RA 150 -81.12 59.31 -6.48
CA GLY RA 150 -81.85 58.10 -6.13
C GLY RA 150 -81.03 56.83 -6.10
N ASP RA 151 -79.82 56.87 -6.63
CA ASP RA 151 -78.96 55.69 -6.53
C ASP RA 151 -78.59 55.46 -5.08
N ILE RA 152 -78.47 54.20 -4.68
CA ILE RA 152 -78.21 53.92 -3.27
C ILE RA 152 -76.78 53.51 -3.01
N PRO RA 153 -76.15 54.16 -2.03
CA PRO RA 153 -74.80 53.72 -1.68
C PRO RA 153 -74.89 52.39 -0.95
N ASP RA 154 -73.82 51.62 -0.95
CA ASP RA 154 -73.86 50.31 -0.31
C ASP RA 154 -74.11 50.45 1.18
N GLY RA 155 -74.86 49.51 1.75
CA GLY RA 155 -75.20 49.59 3.16
C GLY RA 155 -76.44 50.39 3.44
N TYR RA 156 -77.12 50.86 2.40
CA TYR RA 156 -78.38 51.58 2.59
C TYR RA 156 -79.53 50.72 2.10
N GLY RA 157 -80.30 50.13 3.02
CA GLY RA 157 -81.33 49.19 2.62
C GLY RA 157 -82.77 49.63 2.59
N GLU RA 158 -83.07 50.88 2.94
CA GLU RA 158 -84.43 51.44 2.93
C GLU RA 158 -85.13 51.16 4.27
N VAL RA 159 -86.01 52.05 4.70
CA VAL RA 159 -86.66 51.90 6.00
C VAL RA 159 -87.92 52.76 6.07
N LYS RA 160 -88.81 52.48 7.02
CA LYS RA 160 -89.98 53.33 7.20
C LYS RA 160 -89.50 54.67 7.73
N PRO RA 161 -90.05 55.77 7.20
CA PRO RA 161 -89.68 57.09 7.75
C PRO RA 161 -90.43 57.41 9.04
N LEU RA 162 -89.96 58.43 9.77
CA LEU RA 162 -90.65 58.84 11.00
C LEU RA 162 -91.61 59.99 10.78
N SER RA 163 -92.03 60.63 11.85
CA SER RA 163 -92.89 61.82 11.73
C SER RA 163 -92.21 62.81 12.63
N ASP RA 164 -91.20 62.36 13.35
CA ASP RA 164 -90.46 63.21 14.27
C ASP RA 164 -89.69 64.33 13.60
N GLY RA 165 -89.16 64.07 12.41
CA GLY RA 165 -88.28 65.03 11.78
C GLY RA 165 -88.68 66.45 11.45
N ILE RA 166 -89.90 66.70 11.04
CA ILE RA 166 -90.22 68.06 10.57
C ILE RA 166 -91.10 68.99 11.41
N ARG RA 167 -90.61 70.18 11.70
CA ARG RA 167 -91.40 71.19 12.40
C ARG RA 167 -92.03 72.02 11.31
N LEU RA 168 -93.27 72.43 11.47
CA LEU RA 168 -93.95 73.12 10.40
C LEU RA 168 -94.19 74.56 10.75
N PRO RA 169 -93.83 75.48 9.85
CA PRO RA 169 -94.08 76.90 10.09
C PRO RA 169 -95.57 77.15 10.20
N GLY RA 170 -96.36 76.48 9.37
CA GLY RA 170 -97.80 76.60 9.44
C GLY RA 170 -98.41 76.47 8.06
N GLY RA 171 -99.55 75.80 7.98
CA GLY RA 171 -100.16 75.56 6.67
C GLY RA 171 -99.53 74.40 5.95
N PHE RA 172 -98.63 73.68 6.62
CA PHE RA 172 -97.93 72.60 5.96
C PHE RA 172 -98.29 71.25 6.56
N SER RA 173 -98.57 70.27 5.70
CA SER RA 173 -98.86 68.93 6.19
C SER RA 173 -97.82 68.00 5.62
N VAL RA 174 -97.27 67.12 6.44
CA VAL RA 174 -96.17 66.27 5.99
C VAL RA 174 -96.52 64.81 5.72
N THR RA 175 -96.14 64.27 4.57
CA THR RA 175 -96.34 62.85 4.32
C THR RA 175 -95.03 62.18 3.93
N PRO RA 176 -94.62 61.12 4.61
CA PRO RA 176 -93.36 60.45 4.26
C PRO RA 176 -93.51 59.61 3.01
N LEU RA 177 -92.49 59.70 2.16
CA LEU RA 177 -92.50 58.97 0.91
C LEU RA 177 -91.48 57.87 0.98
N LYS RA 178 -90.20 58.22 0.97
CA LYS RA 178 -89.17 57.21 0.93
C LYS RA 178 -88.12 57.47 1.98
N ALA RA 179 -87.40 56.43 2.39
CA ALA RA 179 -86.33 56.61 3.36
C ALA RA 179 -85.25 55.56 3.30
N TRP RA 180 -84.01 55.96 3.53
CA TRP RA 180 -82.90 55.04 3.52
C TRP RA 180 -82.27 55.02 4.91
N ALA RA 181 -81.76 53.85 5.30
CA ALA RA 181 -81.05 53.71 6.56
C ALA RA 181 -79.76 52.95 6.32
N GLY RA 182 -78.66 53.46 6.88
CA GLY RA 182 -77.37 52.85 6.66
C GLY RA 182 -76.65 52.48 7.94
N ASP RA 183 -75.32 52.50 7.88
CA ASP RA 183 -74.50 52.14 9.03
C ASP RA 183 -74.19 53.30 9.95
N GLN RA 184 -74.16 54.52 9.42
CA GLN RA 184 -73.80 55.70 10.21
C GLN RA 184 -74.84 56.81 10.16
N LEU RA 185 -75.50 57.01 9.02
CA LEU RA 185 -76.41 58.12 8.82
C LEU RA 185 -77.77 57.58 8.38
N ARG RA 186 -78.74 58.48 8.23
CA ARG RA 186 -80.07 58.10 7.77
C ARG RA 186 -80.69 59.27 7.02
N ALA RA 187 -81.41 58.96 5.94
CA ALA RA 187 -82.06 59.98 5.14
C ALA RA 187 -83.52 59.61 4.92
N ASP RA 188 -84.36 60.63 4.74
CA ASP RA 188 -85.77 60.41 4.48
C ASP RA 188 -86.33 61.57 3.66
N ARG RA 189 -87.48 61.32 3.05
CA ARG RA 189 -88.13 62.29 2.18
C ARG RA 189 -89.56 62.52 2.62
N TYR RA 190 -89.95 63.77 2.80
CA TYR RA 190 -91.29 64.11 3.21
C TYR RA 190 -91.78 65.12 2.23
N GLU RA 191 -93.04 65.04 1.83
CA GLU RA 191 -93.58 66.04 0.95
C GLU RA 191 -94.52 66.89 1.74
N LEU RA 192 -94.29 68.19 1.71
CA LEU RA 192 -95.11 69.10 2.45
C LEU RA 192 -96.28 69.47 1.59
N ARG RA 193 -97.42 69.71 2.22
CA ARG RA 193 -98.55 70.16 1.44
C ARG RA 193 -98.47 71.60 1.11
N ASN RA 194 -99.28 71.98 0.15
CA ASN RA 194 -99.36 73.33 -0.18
C ASN RA 194 -99.84 74.12 1.02
N ALA RA 195 -99.24 75.27 1.27
CA ALA RA 195 -99.70 76.15 2.30
C ALA RA 195 -100.97 76.83 1.87
N ASN RA 196 -101.68 77.45 2.80
CA ASN RA 196 -102.93 78.16 2.53
C ASN RA 196 -102.97 79.13 1.35
N THR RA 197 -103.08 80.43 1.65
CA THR RA 197 -103.03 81.45 0.59
C THR RA 197 -102.01 82.59 0.71
N TRP RA 198 -101.35 82.70 1.85
CA TRP RA 198 -100.32 83.70 1.99
C TRP RA 198 -99.04 83.08 1.46
N GLY RA 199 -98.24 83.85 0.75
CA GLY RA 199 -96.97 83.32 0.28
C GLY RA 199 -96.14 83.00 1.50
N VAL RA 200 -95.53 81.83 1.52
CA VAL RA 200 -94.75 81.43 2.67
C VAL RA 200 -93.31 81.29 2.27
N ALA RA 201 -92.49 82.30 2.59
CA ALA RA 201 -91.07 82.18 2.31
C ALA RA 201 -90.54 80.96 3.02
N LEU RA 202 -89.67 80.21 2.36
CA LEU RA 202 -89.19 78.98 2.95
C LEU RA 202 -87.80 79.15 3.50
N ARG RA 203 -87.64 78.92 4.80
CA ARG RA 203 -86.34 79.05 5.43
C ARG RA 203 -85.79 77.68 5.72
N GLU RA 204 -84.64 77.31 5.21
CA GLU RA 204 -84.19 75.94 5.44
C GLU RA 204 -83.96 75.63 6.92
N GLN RA 205 -83.67 76.64 7.74
CA GLN RA 205 -83.51 76.34 9.16
C GLN RA 205 -84.79 76.49 9.95
N ASP RA 206 -85.92 76.77 9.30
CA ASP RA 206 -87.21 76.86 9.97
C ASP RA 206 -87.94 75.52 10.03
N PHE RA 207 -87.29 74.44 9.58
CA PHE RA 207 -87.84 73.10 9.72
C PHE RA 207 -86.95 72.23 10.61
N TRP RA 208 -86.20 72.86 11.50
CA TRP RA 208 -85.24 72.14 12.34
C TRP RA 208 -85.79 71.35 13.52
N LYS RA 209 -85.17 70.21 13.80
CA LYS RA 209 -85.57 69.44 14.96
C LYS RA 209 -84.30 68.86 15.62
N PRO RA 210 -84.09 69.04 16.95
CA PRO RA 210 -82.92 68.40 17.57
C PRO RA 210 -82.69 67.00 17.01
N GLY RA 211 -81.43 66.68 16.73
CA GLY RA 211 -81.04 65.39 16.22
C GLY RA 211 -80.81 65.36 14.71
N VAL RA 212 -81.27 66.38 13.97
CA VAL RA 212 -81.10 66.41 12.51
C VAL RA 212 -79.77 66.99 12.02
N ARG RA 213 -79.03 66.22 11.22
CA ARG RA 213 -77.75 66.68 10.73
C ARG RA 213 -77.87 67.77 9.64
N ALA RA 214 -78.53 67.48 8.52
CA ALA RA 214 -78.73 68.47 7.47
C ALA RA 214 -80.12 68.45 6.86
N VAL RA 215 -80.66 69.63 6.53
CA VAL RA 215 -81.96 69.70 5.86
C VAL RA 215 -81.78 70.44 4.54
N MET RA 216 -82.25 69.86 3.44
CA MET RA 216 -82.17 70.54 2.15
C MET RA 216 -83.49 70.56 1.40
N PHE RA 217 -83.72 71.60 0.61
CA PHE RA 217 -85.00 71.73 -0.10
C PHE RA 217 -84.82 71.43 -1.58
N ASP RA 218 -85.70 70.62 -2.15
CA ASP RA 218 -85.65 70.35 -3.59
C ASP RA 218 -86.10 71.58 -4.36
N ASN RA 219 -85.71 71.69 -5.63
CA ASN RA 219 -86.01 72.88 -6.45
C ASN RA 219 -85.29 74.07 -5.83
N ASN RA 220 -85.89 75.26 -5.91
CA ASN RA 220 -85.24 76.40 -5.23
C ASN RA 220 -85.94 77.21 -4.16
N ALA RA 221 -86.93 76.66 -3.46
CA ALA RA 221 -87.51 77.40 -2.35
C ALA RA 221 -87.99 78.75 -2.84
N GLN RA 222 -87.45 79.82 -2.25
CA GLN RA 222 -87.81 81.18 -2.69
C GLN RA 222 -89.29 81.41 -2.63
N THR RA 223 -89.93 80.98 -1.54
CA THR RA 223 -91.37 81.19 -1.32
C THR RA 223 -92.29 80.25 -2.07
N LEU RA 224 -92.81 79.23 -1.35
CA LEU RA 224 -93.79 78.34 -1.98
C LEU RA 224 -94.99 79.25 -1.97
N MET RA 225 -95.78 79.27 -3.03
CA MET RA 225 -96.89 80.26 -3.11
C MET RA 225 -98.19 79.94 -2.39
N GLY RA 226 -99.31 80.40 -2.94
CA GLY RA 226 -100.61 80.08 -2.38
C GLY RA 226 -100.71 78.58 -2.38
N GLY RA 227 -99.69 77.92 -2.90
CA GLY RA 227 -99.66 76.48 -2.80
C GLY RA 227 -98.41 75.88 -3.38
N GLY RA 228 -98.42 74.56 -3.56
CA GLY RA 228 -97.27 73.88 -4.13
C GLY RA 228 -96.85 72.77 -3.20
N ARG RA 229 -96.61 71.60 -3.76
CA ARG RA 229 -96.13 70.48 -2.95
C ARG RA 229 -94.65 70.24 -3.24
N MET RA 230 -93.80 70.46 -2.25
CA MET RA 230 -92.37 70.35 -2.48
C MET RA 230 -91.77 69.29 -1.59
N THR RA 231 -91.00 68.38 -2.18
CA THR RA 231 -90.38 67.31 -1.41
C THR RA 231 -89.12 67.79 -0.71
N VAL RA 232 -88.99 67.46 0.57
CA VAL RA 232 -87.83 67.89 1.35
C VAL RA 232 -87.12 66.66 1.89
N THR RA 233 -85.82 66.58 1.69
CA THR RA 233 -85.05 65.47 2.24
C THR RA 233 -84.40 65.87 3.56
N VAL RA 234 -84.66 65.12 4.62
CA VAL RA 234 -84.11 65.45 5.92
C VAL RA 234 -83.09 64.40 6.32
N ILE RA 235 -81.95 64.83 6.82
CA ILE RA 235 -80.88 63.89 7.15
C ILE RA 235 -80.68 63.83 8.65
N ARG RA 236 -80.67 62.63 9.22
CA ARG RA 236 -80.55 62.48 10.66
C ARG RA 236 -79.56 61.36 11.02
N GLY RA 237 -79.01 61.37 12.22
CA GLY RA 237 -78.10 60.34 12.66
C GLY RA 237 -78.78 58.98 12.72
N ASN RA 238 -77.95 57.94 12.69
CA ASN RA 238 -78.43 56.57 12.71
C ASN RA 238 -77.88 55.85 13.93
N GLY RA 239 -78.72 55.02 14.53
CA GLY RA 239 -78.35 54.32 15.76
C GLY RA 239 -78.53 55.18 16.99
N GLU RA 240 -78.00 56.41 16.94
CA GLU RA 240 -78.16 57.33 18.06
C GLU RA 240 -79.61 57.77 18.19
N GLY RA 241 -80.10 57.79 19.43
CA GLY RA 241 -81.47 58.19 19.69
C GLY RA 241 -81.68 59.69 19.59
N GLN SA 25 -36.96 87.27 -53.31
CA GLN SA 25 -36.92 86.64 -54.61
C GLN SA 25 -37.26 85.17 -54.48
N SER SA 26 -37.32 84.46 -55.59
CA SER SA 26 -37.66 83.05 -55.57
C SER SA 26 -36.61 82.37 -56.42
N PRO SA 27 -36.28 81.10 -56.10
CA PRO SA 27 -35.21 80.51 -56.90
C PRO SA 27 -35.64 80.41 -58.34
N ALA SA 28 -34.71 80.61 -59.26
CA ALA SA 28 -35.03 80.51 -60.69
C ALA SA 28 -35.28 79.09 -61.08
N THR SA 29 -36.45 78.81 -61.65
CA THR SA 29 -36.80 77.44 -61.96
C THR SA 29 -36.53 77.08 -63.40
N ILE SA 30 -35.80 76.00 -63.60
CA ILE SA 30 -35.44 75.58 -64.93
C ILE SA 30 -35.89 74.15 -65.20
N SER SA 31 -36.59 73.91 -66.30
CA SER SA 31 -37.09 72.58 -66.58
C SER SA 31 -36.28 71.96 -67.70
N LEU SA 32 -35.70 70.80 -67.42
CA LEU SA 32 -34.80 70.19 -68.40
C LEU SA 32 -35.02 68.70 -68.61
N PRO SA 33 -34.95 68.23 -69.87
CA PRO SA 33 -35.03 66.80 -70.16
C PRO SA 33 -33.73 66.13 -69.75
N GLN SA 34 -33.64 64.82 -69.60
CA GLN SA 34 -32.36 64.25 -69.18
C GLN SA 34 -31.29 64.58 -70.19
N GLY SA 35 -30.12 64.98 -69.72
CA GLY SA 35 -29.05 65.37 -70.61
C GLY SA 35 -29.23 66.80 -71.08
N GLY SA 36 -30.20 67.49 -70.51
CA GLY SA 36 -30.50 68.85 -70.93
C GLY SA 36 -29.42 69.82 -70.58
N GLN SA 37 -29.24 70.85 -71.40
CA GLN SA 37 -28.18 71.82 -71.16
C GLN SA 37 -28.72 73.25 -71.07
N PHE SA 38 -28.57 73.88 -69.92
CA PHE SA 38 -29.08 75.24 -69.73
C PHE SA 38 -27.98 76.24 -69.44
N ARG SA 39 -27.99 77.36 -70.17
CA ARG SA 39 -26.98 78.39 -69.93
C ARG SA 39 -27.39 79.35 -68.82
N LEU SA 40 -26.82 79.19 -67.63
CA LEU SA 40 -27.11 80.08 -66.52
C LEU SA 40 -25.88 80.74 -65.93
N SER SA 41 -25.93 82.05 -65.72
CA SER SA 41 -24.82 82.73 -65.09
C SER SA 41 -24.70 82.41 -63.60
N ILE SA 42 -23.48 82.32 -63.10
CA ILE SA 42 -23.29 82.09 -61.67
C ILE SA 42 -22.49 83.27 -61.13
N SER SA 43 -21.97 83.16 -59.90
CA SER SA 43 -21.14 84.24 -59.37
C SER SA 43 -19.76 83.85 -58.91
N ASN SA 44 -18.75 84.64 -59.28
CA ASN SA 44 -17.39 84.39 -58.82
C ASN SA 44 -17.18 84.74 -57.35
N THR SA 45 -17.68 85.88 -56.91
CA THR SA 45 -17.59 86.30 -55.52
C THR SA 45 -18.32 85.50 -54.44
N ASP SA 46 -19.54 85.05 -54.70
CA ASP SA 46 -20.34 84.41 -53.64
C ASP SA 46 -20.82 83.01 -53.92
N PRO SA 47 -21.14 82.23 -52.88
CA PRO SA 47 -21.54 80.84 -53.08
C PRO SA 47 -22.83 80.73 -53.88
N ASN SA 48 -22.96 79.67 -54.67
CA ASN SA 48 -24.12 79.52 -55.54
C ASN SA 48 -24.75 78.18 -55.23
N MET SA 49 -26.06 78.07 -55.44
CA MET SA 49 -26.76 76.83 -55.10
C MET SA 49 -27.58 76.28 -56.24
N ILE SA 50 -27.69 74.96 -56.32
CA ILE SA 50 -28.48 74.31 -57.35
C ILE SA 50 -29.13 73.20 -56.59
N PHE SA 51 -30.45 73.21 -56.53
CA PHE SA 51 -31.18 72.11 -55.87
C PHE SA 51 -32.23 71.53 -56.77
N ILE SA 52 -32.39 70.22 -56.74
CA ILE SA 52 -33.46 69.59 -57.50
C ILE SA 52 -34.48 69.14 -56.49
N PRO SA 53 -35.68 69.71 -56.55
CA PRO SA 53 -36.64 69.32 -55.52
C PRO SA 53 -37.02 67.85 -55.65
N GLY SA 54 -37.06 67.13 -54.54
CA GLY SA 54 -37.39 65.72 -54.57
C GLY SA 54 -36.20 64.87 -54.92
N ASP SA 55 -35.04 65.48 -55.10
CA ASP SA 55 -33.87 64.73 -55.54
C ASP SA 55 -32.61 65.15 -54.79
N LYS SA 56 -31.67 64.22 -54.65
CA LYS SA 56 -30.44 64.53 -53.96
C LYS SA 56 -29.28 64.47 -54.92
N VAL SA 57 -28.50 65.53 -54.99
CA VAL SA 57 -27.36 65.56 -55.86
C VAL SA 57 -26.39 64.54 -55.33
N THR SA 58 -25.95 63.62 -56.18
CA THR SA 58 -25.00 62.62 -55.76
C THR SA 58 -23.62 62.91 -56.32
N ALA SA 59 -23.54 63.67 -57.40
CA ALA SA 59 -22.26 63.97 -58.00
C ALA SA 59 -22.22 65.27 -58.77
N ILE SA 60 -21.04 65.88 -58.86
CA ILE SA 60 -20.88 67.09 -59.65
C ILE SA 60 -19.54 67.02 -60.35
N THR SA 61 -19.46 67.45 -61.60
CA THR SA 61 -18.22 67.42 -62.36
C THR SA 61 -18.09 68.74 -63.08
N ALA SA 62 -16.91 69.34 -63.10
CA ALA SA 62 -16.72 70.56 -63.87
C ALA SA 62 -15.34 70.55 -64.49
N PRO SA 63 -15.08 71.42 -65.52
CA PRO SA 63 -13.69 71.40 -66.00
C PRO SA 63 -12.74 71.65 -64.85
N GLY SA 64 -11.56 71.04 -64.87
CA GLY SA 64 -10.67 71.16 -63.72
C GLY SA 64 -10.22 72.55 -63.34
N GLY SA 65 -10.31 72.87 -62.05
CA GLY SA 65 -9.88 74.17 -61.55
C GLY SA 65 -10.95 75.22 -61.59
N MET SA 66 -12.04 74.95 -62.29
CA MET SA 66 -13.15 75.88 -62.37
C MET SA 66 -13.95 76.06 -61.08
N LEU SA 67 -14.20 74.98 -60.34
CA LEU SA 67 -15.00 75.08 -59.12
C LEU SA 67 -14.16 74.95 -57.88
N ALA SA 68 -14.07 76.03 -57.11
CA ALA SA 68 -13.25 76.04 -55.91
C ALA SA 68 -13.67 75.12 -54.78
N ASP SA 69 -14.96 75.11 -54.45
CA ASP SA 69 -15.44 74.28 -53.33
C ASP SA 69 -16.83 73.76 -53.57
N LYS SA 70 -17.08 72.50 -53.23
CA LYS SA 70 -18.39 71.89 -53.42
C LYS SA 70 -18.87 71.16 -52.17
N ARG SA 71 -20.01 71.56 -51.62
CA ARG SA 71 -20.57 70.92 -50.43
C ARG SA 71 -22.04 70.52 -50.62
N LEU SA 72 -22.47 69.45 -49.95
CA LEU SA 72 -23.85 69.04 -50.05
C LEU SA 72 -24.71 69.67 -48.98
N THR SA 73 -25.73 70.41 -49.39
CA THR SA 73 -26.63 71.04 -48.45
C THR SA 73 -27.67 70.11 -47.89
N ARG SA 74 -28.36 70.53 -46.84
CA ARG SA 74 -29.42 69.73 -46.25
C ARG SA 74 -30.51 69.54 -47.28
N ALA SA 75 -31.10 68.35 -47.33
CA ALA SA 75 -32.12 68.05 -48.33
C ALA SA 75 -31.63 68.20 -49.75
N GLY SA 76 -30.43 67.68 -50.03
CA GLY SA 76 -29.94 67.71 -51.39
C GLY SA 76 -29.46 69.09 -51.70
N GLY SA 77 -29.11 69.34 -52.94
CA GLY SA 77 -28.60 70.64 -53.30
C GLY SA 77 -27.11 70.66 -53.21
N VAL SA 78 -26.48 71.54 -53.97
CA VAL SA 78 -25.04 71.68 -53.91
C VAL SA 78 -24.69 73.12 -53.74
N LEU SA 79 -23.72 73.40 -52.88
CA LEU SA 79 -23.26 74.75 -52.72
C LEU SA 79 -21.91 74.78 -53.37
N PHE SA 80 -21.70 75.72 -54.28
CA PHE SA 80 -20.45 75.78 -55.02
C PHE SA 80 -19.93 77.19 -55.27
N THR SA 81 -18.61 77.35 -55.25
CA THR SA 81 -18.01 78.65 -55.46
C THR SA 81 -17.02 78.57 -56.60
N SER SA 82 -16.97 79.57 -57.45
CA SER SA 82 -16.04 79.58 -58.57
C SER SA 82 -15.10 80.77 -58.60
N VAL SA 83 -13.81 80.54 -58.76
CA VAL SA 83 -12.87 81.65 -58.92
C VAL SA 83 -12.64 81.89 -60.40
N ALA SA 84 -13.27 81.10 -61.26
CA ALA SA 84 -13.06 81.20 -62.70
C ALA SA 84 -13.61 82.40 -63.42
N THR SA 85 -13.02 82.72 -64.56
CA THR SA 85 -13.53 83.82 -65.37
C THR SA 85 -14.00 83.37 -66.75
N ARG SA 86 -14.08 82.05 -66.99
CA ARG SA 86 -14.44 81.53 -68.30
C ARG SA 86 -15.70 80.69 -68.24
N THR SA 87 -16.53 80.75 -69.27
CA THR SA 87 -17.74 79.94 -69.31
C THR SA 87 -17.35 78.47 -69.29
N PHE SA 88 -18.04 77.68 -68.48
CA PHE SA 88 -17.69 76.29 -68.34
C PHE SA 88 -18.90 75.41 -68.21
N THR SA 89 -18.71 74.10 -68.31
CA THR SA 89 -19.84 73.20 -68.27
C THR SA 89 -19.81 72.32 -67.05
N ILE SA 90 -20.88 72.37 -66.27
CA ILE SA 90 -20.98 71.54 -65.07
C ILE SA 90 -21.98 70.42 -65.30
N PHE SA 91 -21.64 69.19 -64.93
CA PHE SA 91 -22.57 68.10 -65.05
C PHE SA 91 -23.01 67.64 -63.69
N VAL SA 92 -24.31 67.66 -63.44
CA VAL SA 92 -24.81 67.27 -62.14
C VAL SA 92 -25.62 66.00 -62.21
N GLU SA 93 -25.36 65.06 -61.32
CA GLU SA 93 -26.06 63.79 -61.32
C GLU SA 93 -26.86 63.59 -60.06
N THR SA 94 -28.15 63.37 -60.22
CA THR SA 94 -29.02 63.13 -59.10
C THR SA 94 -29.12 61.67 -58.76
N ALA SA 95 -29.72 61.33 -57.63
CA ALA SA 95 -29.79 59.94 -57.18
C ALA SA 95 -30.85 59.10 -57.85
N ARG SA 96 -31.75 59.74 -58.57
CA ARG SA 96 -32.80 59.03 -59.28
C ARG SA 96 -32.36 58.75 -60.69
N GLY SA 97 -31.08 58.90 -60.96
CA GLY SA 97 -30.55 58.59 -62.27
C GLY SA 97 -30.60 59.69 -63.31
N GLN SA 98 -31.00 60.88 -62.90
CA GLN SA 98 -31.10 61.97 -63.84
C GLN SA 98 -29.82 62.73 -63.89
N THR SA 99 -29.39 63.10 -65.08
CA THR SA 99 -28.19 63.89 -65.22
C THR SA 99 -28.52 65.11 -66.03
N PHE SA 100 -28.06 66.26 -65.58
CA PHE SA 100 -28.31 67.49 -66.30
C PHE SA 100 -27.01 68.22 -66.47
N SER SA 101 -26.97 69.11 -67.44
CA SER SA 101 -25.77 69.86 -67.71
C SER SA 101 -26.08 71.31 -67.68
N VAL SA 102 -25.15 72.10 -67.19
CA VAL SA 102 -25.35 73.51 -67.08
C VAL SA 102 -24.14 74.21 -67.66
N VAL SA 103 -24.33 75.28 -68.41
CA VAL SA 103 -23.19 76.04 -68.88
C VAL SA 103 -23.18 77.26 -68.01
N ALA SA 104 -22.09 77.48 -67.27
CA ALA SA 104 -22.06 78.57 -66.31
C ALA SA 104 -21.12 79.68 -66.67
N THR SA 105 -21.61 80.90 -66.73
CA THR SA 105 -20.74 82.04 -67.01
C THR SA 105 -20.55 82.80 -65.72
N PRO SA 106 -19.31 82.89 -65.24
CA PRO SA 106 -19.14 83.54 -63.94
C PRO SA 106 -19.17 85.07 -64.03
N VAL SA 107 -19.98 85.72 -63.20
CA VAL SA 107 -20.12 87.17 -63.25
C VAL SA 107 -20.23 87.73 -61.84
N LYS SA 108 -19.85 88.99 -61.65
CA LYS SA 108 -19.90 89.63 -60.33
C LYS SA 108 -21.31 89.83 -59.82
N GLY SA 109 -21.56 89.49 -58.56
CA GLY SA 109 -22.87 89.68 -57.99
C GLY SA 109 -23.24 88.77 -56.85
N GLU SA 110 -24.52 88.76 -56.50
CA GLU SA 110 -25.00 87.90 -55.43
C GLU SA 110 -25.02 86.43 -55.85
N GLY SA 111 -24.88 85.54 -54.89
CA GLY SA 111 -24.93 84.13 -55.19
C GLY SA 111 -26.29 83.81 -55.76
N ARG SA 112 -26.32 83.06 -56.86
CA ARG SA 112 -27.57 82.76 -57.54
C ARG SA 112 -28.03 81.36 -57.24
N VAL SA 113 -29.33 81.21 -57.01
CA VAL SA 113 -29.90 79.89 -56.68
C VAL SA 113 -30.87 79.44 -57.75
N TYR SA 114 -30.72 78.21 -58.19
CA TYR SA 114 -31.56 77.70 -59.25
C TYR SA 114 -32.31 76.45 -58.85
N ARG SA 115 -33.56 76.34 -59.26
CA ARG SA 115 -34.38 75.18 -58.93
C ARG SA 115 -34.49 74.30 -60.15
N LEU SA 116 -34.00 73.07 -60.06
CA LEU SA 116 -33.98 72.23 -61.24
C LEU SA 116 -35.19 71.37 -61.33
N MET SA 117 -35.84 71.38 -62.48
CA MET SA 117 -37.02 70.60 -62.67
C MET SA 117 -36.91 69.65 -63.84
N SER SA 118 -37.68 68.59 -63.84
CA SER SA 118 -37.70 67.60 -64.91
C SER SA 118 -38.90 67.84 -65.80
N ALA SA 119 -38.64 67.94 -67.11
CA ALA SA 119 -39.69 68.26 -68.08
C ALA SA 119 -40.78 67.19 -68.09
N GLU SA 120 -40.36 65.91 -68.09
CA GLU SA 120 -41.32 64.81 -68.10
C GLU SA 120 -41.34 64.14 -66.74
N PRO SA 121 -42.46 64.15 -66.02
CA PRO SA 121 -42.55 63.42 -64.76
C PRO SA 121 -42.39 61.93 -65.00
N PRO SA 122 -41.49 61.27 -64.26
CA PRO SA 122 -41.24 59.85 -64.54
C PRO SA 122 -42.41 58.94 -64.17
N SER SA 123 -42.99 59.13 -62.97
CA SER SA 123 -44.08 58.29 -62.52
C SER SA 123 -45.12 59.15 -61.83
N ARG SA 124 -46.35 58.63 -61.76
CA ARG SA 124 -47.45 59.29 -61.08
C ARG SA 124 -47.82 58.52 -59.83
N PRO SA 125 -47.37 58.99 -58.63
CA PRO SA 125 -47.79 58.19 -57.47
C PRO SA 125 -49.29 58.29 -57.26
N GLU SA 126 -49.94 57.15 -57.01
CA GLU SA 126 -51.39 57.16 -56.81
C GLU SA 126 -51.76 57.88 -55.54
N THR SA 127 -52.91 58.55 -55.54
CA THR SA 127 -53.34 59.31 -54.39
C THR SA 127 -53.61 58.44 -53.18
N ARG SA 128 -53.33 58.97 -51.99
CA ARG SA 128 -53.57 58.22 -50.76
C ARG SA 128 -54.64 58.84 -49.88
N LYS SA 129 -55.77 58.16 -49.72
CA LYS SA 129 -56.80 58.66 -48.81
C LYS SA 129 -56.42 58.25 -47.41
N TRP SA 130 -56.07 59.22 -46.57
CA TRP SA 130 -55.61 58.90 -45.24
C TRP SA 130 -56.72 59.10 -44.24
N GLU SA 131 -57.80 59.75 -44.66
CA GLU SA 131 -58.85 60.07 -43.69
C GLU SA 131 -59.54 58.80 -43.23
N THR SA 132 -59.83 58.72 -41.94
CA THR SA 132 -60.49 57.57 -41.33
C THR SA 132 -61.74 58.04 -40.60
N ALA SA 133 -62.85 57.36 -40.86
CA ALA SA 133 -64.11 57.71 -40.23
C ALA SA 133 -64.17 57.18 -38.80
N GLN SA 134 -65.20 57.60 -38.06
CA GLN SA 134 -65.32 57.19 -36.66
C GLN SA 134 -65.82 55.78 -36.54
N ALA SA 135 -65.56 55.14 -35.42
CA ALA SA 135 -65.98 53.76 -35.24
C ALA SA 135 -67.49 53.56 -35.27
N TYR SA 136 -68.25 54.45 -34.65
CA TYR SA 136 -69.69 54.34 -34.67
C TYR SA 136 -70.21 54.49 -36.09
N GLU SA 137 -69.67 55.44 -36.83
CA GLU SA 137 -70.16 55.66 -38.19
C GLU SA 137 -69.88 54.48 -39.08
N LYS SA 138 -68.69 53.91 -38.96
CA LYS SA 138 -68.35 52.77 -39.79
C LYS SA 138 -69.22 51.59 -39.46
N LEU SA 139 -69.55 51.40 -38.19
CA LEU SA 139 -70.39 50.29 -37.78
C LEU SA 139 -71.78 50.36 -38.40
N LEU SA 140 -72.39 51.52 -38.38
CA LEU SA 140 -73.69 51.67 -39.01
C LEU SA 140 -73.59 51.47 -40.50
N ILE SA 141 -72.56 52.01 -41.13
CA ILE SA 141 -72.39 51.89 -42.58
C ILE SA 141 -72.21 50.45 -43.01
N SER SA 142 -71.41 49.69 -42.26
CA SER SA 142 -71.18 48.30 -42.61
C SER SA 142 -72.46 47.52 -42.55
N LEU SA 143 -73.23 47.72 -41.50
CA LEU SA 143 -74.48 47.01 -41.35
C LEU SA 143 -75.48 47.38 -42.42
N ASN SA 144 -75.56 48.65 -42.77
CA ASN SA 144 -76.52 49.07 -43.76
C ASN SA 144 -76.18 48.41 -45.07
N ARG SA 145 -74.89 48.34 -45.39
CA ARG SA 145 -74.47 47.67 -46.60
C ARG SA 145 -74.78 46.18 -46.57
N ALA SA 146 -74.57 45.53 -45.43
CA ALA SA 146 -74.87 44.10 -45.32
C ALA SA 146 -76.34 43.84 -45.51
N VAL SA 147 -77.19 44.65 -44.90
CA VAL SA 147 -78.62 44.49 -45.03
C VAL SA 147 -79.05 44.72 -46.47
N LEU SA 148 -78.46 45.70 -47.13
CA LEU SA 148 -78.82 46.01 -48.50
C LEU SA 148 -78.54 44.82 -49.40
N THR SA 149 -77.42 44.15 -49.19
CA THR SA 149 -77.12 42.96 -49.97
C THR SA 149 -77.88 41.77 -49.42
N GLY SA 150 -78.02 41.70 -48.11
CA GLY SA 150 -78.79 40.63 -47.49
C GLY SA 150 -77.97 39.59 -46.76
N ASP SA 151 -76.66 39.57 -46.97
CA ASP SA 151 -75.83 38.64 -46.21
C ASP SA 151 -75.85 39.02 -44.74
N ILE SA 152 -75.81 38.03 -43.86
CA ILE SA 152 -75.92 38.33 -42.44
C ILE SA 152 -74.60 38.23 -41.71
N PRO SA 153 -74.27 39.28 -40.95
CA PRO SA 153 -73.05 39.18 -40.15
C PRO SA 153 -73.30 38.22 -39.00
N ASP SA 154 -72.24 37.65 -38.45
CA ASP SA 154 -72.42 36.68 -37.37
C ASP SA 154 -73.05 37.33 -36.16
N GLY SA 155 -73.91 36.59 -35.46
CA GLY SA 155 -74.61 37.14 -34.32
C GLY SA 155 -75.91 37.83 -34.67
N TYR SA 156 -76.30 37.78 -35.94
CA TYR SA 156 -77.58 38.36 -36.35
C TYR SA 156 -78.53 37.23 -36.71
N GLY SA 157 -79.50 36.94 -35.84
CA GLY SA 157 -80.36 35.80 -36.07
C GLY SA 157 -81.76 36.01 -36.60
N GLU SA 158 -82.17 37.25 -36.86
CA GLU SA 158 -83.49 37.58 -37.40
C GLU SA 158 -84.52 37.74 -36.27
N VAL SA 159 -85.50 38.61 -36.44
CA VAL SA 159 -86.47 38.87 -35.38
C VAL SA 159 -87.72 39.53 -35.95
N LYS SA 160 -88.82 39.52 -35.20
CA LYS SA 160 -90.02 40.21 -35.65
C LYS SA 160 -89.73 41.71 -35.59
N PRO SA 161 -90.15 42.45 -36.63
CA PRO SA 161 -89.97 43.90 -36.57
C PRO SA 161 -91.05 44.60 -35.73
N LEU SA 162 -90.82 45.87 -35.37
CA LEU SA 162 -91.81 46.61 -34.61
C LEU SA 162 -92.71 47.47 -35.48
N SER SA 163 -93.41 48.41 -34.88
CA SER SA 163 -94.24 49.33 -35.65
C SER SA 163 -93.86 50.67 -35.09
N ASP SA 164 -93.06 50.66 -34.03
CA ASP SA 164 -92.61 51.88 -33.38
C ASP SA 164 -91.72 52.74 -34.24
N GLY SA 165 -90.89 52.13 -35.07
CA GLY SA 165 -89.90 52.90 -35.81
C GLY SA 165 -90.23 54.02 -36.75
N ILE SA 166 -91.30 53.94 -37.50
CA ILE SA 166 -91.52 54.97 -38.52
C ILE SA 166 -92.62 56.03 -38.35
N ARG SA 167 -92.25 57.30 -38.46
CA ARG SA 167 -93.22 58.39 -38.41
C ARG SA 167 -93.56 58.65 -39.86
N LEU SA 168 -94.81 58.95 -40.16
CA LEU SA 168 -95.20 59.08 -41.56
C LEU SA 168 -95.57 60.51 -41.87
N PRO SA 169 -95.00 61.06 -42.95
CA PRO SA 169 -95.35 62.41 -43.36
C PRO SA 169 -96.81 62.50 -43.70
N GLY SA 170 -97.34 61.48 -44.36
CA GLY SA 170 -98.75 61.44 -44.68
C GLY SA 170 -98.98 60.72 -45.99
N GLY SA 171 -100.03 59.92 -46.07
CA GLY SA 171 -100.28 59.14 -47.27
C GLY SA 171 -99.44 57.88 -47.31
N PHE SA 172 -98.74 57.59 -46.23
CA PHE SA 172 -97.85 56.43 -46.21
C PHE SA 172 -98.33 55.37 -45.24
N SER SA 173 -98.35 54.12 -45.67
CA SER SA 173 -98.72 53.03 -44.78
C SER SA 173 -97.54 52.10 -44.68
N VAL SA 174 -97.20 51.67 -43.48
CA VAL SA 174 -96.00 50.86 -43.28
C VAL SA 174 -96.23 49.37 -43.02
N THR SA 175 -95.54 48.49 -43.75
CA THR SA 175 -95.64 47.07 -43.46
C THR SA 175 -94.26 46.48 -43.23
N PRO SA 176 -94.02 45.81 -42.10
CA PRO SA 176 -92.69 45.23 -41.86
C PRO SA 176 -92.48 43.96 -42.69
N LEU SA 177 -91.27 43.85 -43.22
CA LEU SA 177 -90.93 42.72 -44.05
C LEU SA 177 -89.94 41.86 -43.31
N LYS SA 178 -88.72 42.35 -43.17
CA LYS SA 178 -87.68 41.53 -42.56
C LYS SA 178 -86.95 42.30 -41.48
N ALA SA 179 -86.35 41.59 -40.55
CA ALA SA 179 -85.58 42.25 -39.51
C ALA SA 179 -84.49 41.40 -38.88
N TRP SA 180 -83.36 42.01 -38.56
CA TRP SA 180 -82.26 41.30 -37.94
C TRP SA 180 -82.03 41.89 -36.56
N ALA SA 181 -81.61 41.04 -35.63
CA ALA SA 181 -81.25 41.46 -34.28
C ALA SA 181 -79.93 40.83 -33.90
N GLY SA 182 -79.04 41.66 -33.35
CA GLY SA 182 -77.71 41.18 -32.99
C GLY SA 182 -77.35 41.41 -31.55
N ASP SA 183 -76.05 41.58 -31.30
CA ASP SA 183 -75.55 41.78 -29.94
C ASP SA 183 -75.52 43.23 -29.52
N GLN SA 184 -75.39 44.16 -30.46
CA GLN SA 184 -75.28 45.58 -30.14
C GLN SA 184 -76.30 46.45 -30.87
N LEU SA 185 -76.63 46.12 -32.11
CA LEU SA 185 -77.49 46.95 -32.94
C LEU SA 185 -78.67 46.11 -33.43
N ARG SA 186 -79.59 46.76 -34.15
CA ARG SA 186 -80.74 46.07 -34.72
C ARG SA 186 -81.16 46.78 -35.99
N ALA SA 187 -81.57 46.00 -37.00
CA ALA SA 187 -82.01 46.55 -38.27
C ALA SA 187 -83.35 45.95 -38.65
N ASP SA 188 -84.14 46.71 -39.41
CA ASP SA 188 -85.43 46.24 -39.87
C ASP SA 188 -85.77 46.91 -41.20
N ARG SA 189 -86.73 46.32 -41.92
CA ARG SA 189 -87.14 46.80 -43.23
C ARG SA 189 -88.65 46.99 -43.25
N TYR SA 190 -89.10 48.15 -43.68
CA TYR SA 190 -90.51 48.45 -43.76
C TYR SA 190 -90.74 48.94 -45.15
N GLU SA 191 -91.85 48.56 -45.76
CA GLU SA 191 -92.17 49.09 -47.06
C GLU SA 191 -93.30 50.04 -46.93
N LEU SA 192 -93.11 51.26 -47.40
CA LEU SA 192 -94.13 52.27 -47.29
C LEU SA 192 -95.03 52.13 -48.47
N ARG SA 193 -96.30 52.44 -48.28
CA ARG SA 193 -97.19 52.42 -49.41
C ARG SA 193 -97.07 53.63 -50.26
N ASN SA 194 -97.60 53.51 -51.45
CA ASN SA 194 -97.63 54.63 -52.29
C ASN SA 194 -98.43 55.74 -51.65
N ALA SA 195 -97.95 56.96 -51.75
CA ALA SA 195 -98.68 58.10 -51.28
C ALA SA 195 -99.82 58.40 -52.23
N ASN SA 196 -100.77 59.24 -51.81
CA ASN SA 196 -101.92 59.62 -52.64
C ASN SA 196 -101.67 60.07 -54.07
N THR SA 197 -101.87 61.35 -54.34
CA THR SA 197 -101.58 61.90 -55.67
C THR SA 197 -100.66 63.12 -55.78
N TRP SA 198 -100.33 63.74 -54.66
CA TRP SA 198 -99.39 64.83 -54.69
C TRP SA 198 -98.01 64.22 -54.62
N GLY SA 199 -97.06 64.78 -55.36
CA GLY SA 199 -95.70 64.27 -55.27
C GLY SA 199 -95.22 64.54 -53.87
N VAL SA 200 -94.61 63.55 -53.25
CA VAL SA 200 -94.15 63.71 -51.88
C VAL SA 200 -92.65 63.62 -51.84
N ALA SA 201 -91.97 64.77 -51.77
CA ALA SA 201 -90.53 64.74 -51.65
C ALA SA 201 -90.17 63.95 -50.42
N LEU SA 202 -89.14 63.12 -50.51
CA LEU SA 202 -88.80 62.28 -49.38
C LEU SA 202 -87.61 62.83 -48.62
N ARG SA 203 -87.80 63.12 -47.35
CA ARG SA 203 -86.71 63.63 -46.54
C ARG SA 203 -86.22 62.56 -45.60
N GLU SA 204 -84.96 62.17 -45.65
CA GLU SA 204 -84.56 61.06 -44.80
C GLU SA 204 -84.72 61.35 -43.31
N GLN SA 205 -84.69 62.64 -42.91
CA GLN SA 205 -84.89 62.91 -41.49
C GLN SA 205 -86.35 63.18 -41.14
N ASP SA 206 -87.27 63.04 -42.09
CA ASP SA 206 -88.70 63.22 -41.84
C ASP SA 206 -89.37 61.91 -41.42
N PHE SA 207 -88.60 60.84 -41.25
CA PHE SA 207 -89.13 59.58 -40.72
C PHE SA 207 -88.49 59.24 -39.38
N TRP SA 208 -88.02 60.25 -38.67
CA TRP SA 208 -87.30 60.02 -37.41
C TRP SA 208 -88.11 59.66 -36.18
N LYS SA 209 -87.57 58.81 -35.34
CA LYS SA 209 -88.24 58.48 -34.10
C LYS SA 209 -87.18 58.35 -32.98
N PRO SA 210 -87.32 59.05 -31.82
CA PRO SA 210 -86.34 58.83 -30.74
C PRO SA 210 -85.94 57.37 -30.64
N GLY SA 211 -84.65 57.14 -30.45
CA GLY SA 211 -84.10 55.81 -30.33
C GLY SA 211 -83.48 55.25 -31.59
N VAL SA 212 -83.75 55.85 -32.75
CA VAL SA 212 -83.20 55.35 -34.03
C VAL SA 212 -81.80 55.86 -34.38
N ARG SA 213 -80.86 54.96 -34.61
CA ARG SA 213 -79.51 55.35 -34.93
C ARG SA 213 -79.36 55.92 -36.36
N ALA SA 214 -79.70 55.15 -37.40
CA ALA SA 214 -79.64 55.65 -38.78
C ALA SA 214 -80.82 55.23 -39.64
N VAL SA 215 -81.28 56.12 -40.52
CA VAL SA 215 -82.35 55.76 -41.44
C VAL SA 215 -81.85 55.97 -42.86
N MET SA 216 -82.00 54.97 -43.72
CA MET SA 216 -81.61 55.12 -45.12
C MET SA 216 -82.68 54.68 -46.10
N PHE SA 217 -82.71 55.31 -47.27
CA PHE SA 217 -83.76 55.00 -48.25
C PHE SA 217 -83.19 54.20 -49.40
N ASP SA 218 -83.87 53.14 -49.79
CA ASP SA 218 -83.44 52.35 -50.95
C ASP SA 218 -83.69 53.14 -52.22
N ASN SA 219 -82.98 52.80 -53.31
CA ASN SA 219 -83.09 53.55 -54.57
C ASN SA 219 -82.60 54.97 -54.33
N ASN SA 220 -83.18 55.97 -55.01
CA ASN SA 220 -82.77 57.35 -54.70
C ASN SA 220 -83.74 58.40 -54.23
N ALA SA 221 -84.86 58.02 -53.63
CA ALA SA 221 -85.74 59.05 -53.06
C ALA SA 221 -86.10 60.05 -54.15
N GLN SA 222 -85.77 61.33 -53.93
CA GLN SA 222 -86.03 62.35 -54.93
C GLN SA 222 -87.48 62.40 -55.32
N THR SA 223 -88.38 62.34 -54.33
CA THR SA 223 -89.82 62.43 -54.56
C THR SA 223 -90.49 61.16 -55.06
N LEU SA 224 -91.15 60.43 -54.14
CA LEU SA 224 -91.92 59.26 -54.58
C LEU SA 224 -93.10 59.95 -55.20
N MET SA 225 -93.58 59.46 -56.34
CA MET SA 225 -94.65 60.20 -57.06
C MET SA 225 -96.08 60.01 -56.59
N GLY SA 226 -97.03 60.09 -57.53
CA GLY SA 226 -98.42 59.83 -57.21
C GLY SA 226 -98.49 58.44 -56.64
N GLY SA 227 -97.35 57.77 -56.60
CA GLY SA 227 -97.31 56.49 -55.94
C GLY SA 227 -95.93 55.88 -55.93
N GLY SA 228 -95.86 54.61 -55.56
CA GLY SA 228 -94.59 53.91 -55.53
C GLY SA 228 -94.40 53.30 -54.18
N ARG SA 229 -93.99 52.04 -54.15
CA ARG SA 229 -93.71 51.37 -52.89
C ARG SA 229 -92.21 51.24 -52.69
N MET SA 230 -91.65 51.91 -51.70
CA MET SA 230 -90.21 51.91 -51.53
C MET SA 230 -89.83 51.34 -50.18
N THR SA 231 -88.92 50.38 -50.17
CA THR SA 231 -88.49 49.77 -48.92
C THR SA 231 -87.47 50.64 -48.19
N VAL SA 232 -87.67 50.83 -46.89
CA VAL SA 232 -86.78 51.66 -46.11
C VAL SA 232 -86.21 50.84 -44.96
N THR SA 233 -84.90 50.85 -44.81
CA THR SA 233 -84.27 50.14 -43.71
C THR SA 233 -84.00 51.08 -42.54
N VAL SA 234 -84.52 50.75 -41.36
CA VAL SA 234 -84.34 51.62 -40.20
C VAL SA 234 -83.43 50.93 -39.19
N ILE SA 235 -82.48 51.66 -38.65
CA ILE SA 235 -81.51 51.05 -37.75
C ILE SA 235 -81.71 51.59 -36.34
N ARG SA 236 -81.82 50.69 -35.36
CA ARG SA 236 -82.08 51.11 -33.98
C ARG SA 236 -81.20 50.34 -33.01
N GLY SA 237 -80.98 50.88 -31.80
CA GLY SA 237 -80.19 50.22 -30.79
C GLY SA 237 -80.83 48.90 -30.36
N ASN SA 238 -79.99 48.04 -29.78
CA ASN SA 238 -80.43 46.73 -29.34
C ASN SA 238 -80.20 46.59 -27.84
N GLY SA 239 -81.15 45.96 -27.17
CA GLY SA 239 -81.10 45.81 -25.73
C GLY SA 239 -81.62 47.04 -25.02
N GLU SA 240 -81.13 48.22 -25.42
CA GLU SA 240 -81.60 49.47 -24.82
C GLU SA 240 -83.05 49.73 -25.22
N GLY SA 241 -83.85 50.15 -24.25
CA GLY SA 241 -85.24 50.44 -24.49
C GLY SA 241 -85.46 51.76 -25.22
N GLN TA 25 -23.78 55.44 -90.46
CA GLN TA 25 -23.38 54.39 -91.37
C GLN TA 25 -23.71 53.05 -90.74
N SER TA 26 -23.46 51.97 -91.47
CA SER TA 26 -23.75 50.63 -90.97
C SER TA 26 -22.49 49.82 -91.21
N PRO TA 27 -22.23 48.83 -90.35
CA PRO TA 27 -20.98 48.12 -90.57
C PRO TA 27 -21.01 47.44 -91.92
N ALA TA 28 -19.86 47.38 -92.60
CA ALA TA 28 -19.81 46.72 -93.91
C ALA TA 28 -19.90 45.23 -93.74
N THR TA 29 -20.86 44.61 -94.42
CA THR TA 29 -21.09 43.19 -94.23
C THR TA 29 -20.44 42.36 -95.30
N ILE TA 30 -19.66 41.39 -94.88
CA ILE TA 30 -18.95 40.55 -95.82
C ILE TA 30 -19.27 39.07 -95.59
N SER TA 31 -19.65 38.35 -96.64
CA SER TA 31 -20.03 36.96 -96.49
C SER TA 31 -18.94 36.08 -97.04
N LEU TA 32 -18.41 35.19 -96.21
CA LEU TA 32 -17.28 34.38 -96.63
C LEU TA 32 -17.39 32.91 -96.27
N PRO TA 33 -16.98 32.01 -97.19
CA PRO TA 33 -16.94 30.57 -96.90
C PRO TA 33 -15.78 30.28 -95.98
N GLN TA 34 -15.70 29.14 -95.30
CA GLN TA 34 -14.56 28.94 -94.40
C GLN TA 34 -13.27 29.00 -95.19
N GLY TA 35 -12.27 29.69 -94.65
CA GLY TA 35 -11.02 29.85 -95.35
C GLY TA 35 -11.11 30.96 -96.37
N GLY TA 36 -12.21 31.69 -96.36
CA GLY TA 36 -12.42 32.74 -97.33
C GLY TA 36 -11.50 33.91 -97.15
N GLN TA 37 -11.14 34.57 -98.25
CA GLN TA 37 -10.21 35.68 -98.18
C GLN TA 37 -10.79 36.95 -98.79
N PHE TA 38 -10.96 37.99 -97.98
CA PHE TA 38 -11.53 39.23 -98.47
C PHE TA 38 -10.58 40.41 -98.35
N ARG TA 39 -10.42 41.16 -99.43
CA ARG TA 39 -9.54 42.33 -99.40
C ARG TA 39 -10.26 43.57 -98.90
N LEU TA 40 -10.01 43.94 -97.64
CA LEU TA 40 -10.61 45.14 -97.07
C LEU TA 40 -9.60 46.12 -96.52
N SER TA 41 -9.74 47.40 -96.86
CA SER TA 41 -8.85 48.41 -96.31
C SER TA 41 -9.12 48.68 -94.84
N ILE TA 42 -8.07 48.95 -94.06
CA ILE TA 42 -8.26 49.30 -92.66
C ILE TA 42 -7.67 50.68 -92.46
N SER TA 43 -7.49 51.10 -91.21
CA SER TA 43 -6.85 52.40 -90.97
C SER TA 43 -5.63 52.39 -90.07
N ASN TA 44 -4.59 53.12 -90.49
CA ASN TA 44 -3.39 53.23 -89.66
C ASN TA 44 -3.58 54.13 -88.44
N THR TA 45 -4.21 55.28 -88.63
CA THR TA 45 -4.50 56.19 -87.52
C THR TA 45 -5.47 55.77 -86.43
N ASP TA 46 -6.57 55.10 -86.76
CA ASP TA 46 -7.60 54.81 -85.75
C ASP TA 46 -7.95 53.35 -85.56
N PRO TA 47 -8.52 53.00 -84.40
CA PRO TA 47 -8.82 51.59 -84.12
C PRO TA 47 -9.84 51.02 -85.10
N ASN TA 48 -9.74 49.74 -85.41
CA ASN TA 48 -10.62 49.13 -86.39
C ASN TA 48 -11.28 47.93 -85.74
N MET TA 49 -12.48 47.58 -86.19
CA MET TA 49 -13.21 46.50 -85.55
C MET TA 49 -13.69 45.45 -86.54
N ILE TA 50 -13.73 44.20 -86.12
CA ILE TA 50 -14.21 43.11 -86.96
C ILE TA 50 -15.01 42.29 -86.00
N PHE TA 51 -16.30 42.15 -86.25
CA PHE TA 51 -17.13 41.29 -85.41
C PHE TA 51 -17.91 40.29 -86.22
N ILE TA 52 -18.04 39.08 -85.71
CA ILE TA 52 -18.85 38.09 -86.40
C ILE TA 52 -20.09 37.91 -85.55
N PRO TA 53 -21.25 38.27 -86.11
CA PRO TA 53 -22.43 38.17 -85.26
C PRO TA 53 -22.72 36.73 -84.89
N GLY TA 54 -23.03 36.47 -83.62
CA GLY TA 54 -23.32 35.13 -83.17
C GLY TA 54 -22.05 34.36 -82.87
N ASP TA 55 -20.90 35.01 -83.00
CA ASP TA 55 -19.64 34.31 -82.81
C ASP TA 55 -18.63 35.12 -82.03
N LYS TA 56 -17.74 34.45 -81.32
CA LYS TA 56 -16.75 35.14 -80.55
C LYS TA 56 -15.37 34.88 -81.10
N VAL TA 57 -14.63 35.94 -81.40
CA VAL TA 57 -13.30 35.77 -81.92
C VAL TA 57 -12.48 35.16 -80.82
N THR TA 58 -11.80 34.06 -81.11
CA THR TA 58 -10.97 33.41 -80.12
C THR TA 58 -9.50 33.65 -80.40
N ALA TA 59 -9.16 33.95 -81.64
CA ALA TA 59 -7.77 34.16 -82.00
C ALA TA 59 -7.56 35.07 -83.19
N ILE TA 60 -6.42 35.75 -83.23
CA ILE TA 60 -6.09 36.58 -84.38
C ILE TA 60 -4.61 36.42 -84.66
N THR TA 61 -4.21 36.36 -85.92
CA THR TA 61 -2.82 36.22 -86.30
C THR TA 61 -2.53 37.16 -87.43
N ALA TA 62 -1.41 37.86 -87.41
CA ALA TA 62 -1.05 38.72 -88.52
C ALA TA 62 0.45 38.64 -88.76
N PRO TA 63 0.94 39.09 -89.95
CA PRO TA 63 2.41 39.08 -90.05
C PRO TA 63 3.02 39.85 -88.91
N GLY TA 64 4.18 39.44 -88.40
CA GLY TA 64 4.73 40.09 -87.23
C GLY TA 64 5.03 41.58 -87.33
N GLY TA 65 4.59 42.34 -86.33
CA GLY TA 65 4.84 43.77 -86.30
C GLY TA 65 3.79 44.59 -87.00
N MET TA 66 2.94 43.93 -87.78
CA MET TA 66 1.86 44.62 -88.46
C MET TA 66 0.74 45.17 -87.57
N LEU TA 67 0.33 44.42 -86.56
CA LEU TA 67 -0.76 44.86 -85.69
C LEU TA 67 -0.27 45.32 -84.34
N ALA TA 68 -0.42 46.61 -84.07
CA ALA TA 68 0.05 47.18 -82.81
C ALA TA 68 -0.64 46.71 -81.55
N ASP TA 69 -1.96 46.65 -81.54
CA ASP TA 69 -2.70 46.25 -80.34
C ASP TA 69 -3.96 45.51 -80.66
N LYS TA 70 -4.26 44.44 -79.92
CA LYS TA 70 -5.46 43.65 -80.15
C LYS TA 70 -6.23 43.39 -78.87
N ARG TA 71 -7.49 43.81 -78.81
CA ARG TA 71 -8.32 43.59 -77.63
C ARG TA 71 -9.68 42.97 -77.98
N LEU TA 72 -10.25 42.18 -77.07
CA LEU TA 72 -11.54 41.59 -77.31
C LEU TA 72 -12.67 42.46 -76.81
N THR TA 73 -13.56 42.86 -77.71
CA THR TA 73 -14.70 43.69 -77.33
C THR TA 73 -15.82 42.90 -76.70
N ARG TA 74 -16.78 43.60 -76.10
CA ARG TA 74 -17.92 42.94 -75.51
C ARG TA 74 -18.71 42.25 -76.60
N ALA TA 75 -19.23 41.06 -76.31
CA ALA TA 75 -19.94 40.27 -77.32
C ALA TA 75 -19.10 39.95 -78.52
N GLY TA 76 -17.85 39.51 -78.29
CA GLY TA 76 -17.02 39.09 -79.39
C GLY TA 76 -16.51 40.32 -80.10
N GLY TA 77 -15.86 40.12 -81.22
CA GLY TA 77 -15.31 41.25 -81.94
C GLY TA 77 -13.88 41.47 -81.52
N VAL TA 78 -13.10 42.09 -82.40
CA VAL TA 78 -11.73 42.42 -82.06
C VAL TA 78 -11.48 43.85 -82.39
N LEU TA 79 -10.77 44.55 -81.51
CA LEU TA 79 -10.41 45.92 -81.80
C LEU TA 79 -8.94 45.87 -82.07
N PHE TA 80 -8.52 46.42 -83.20
CA PHE TA 80 -7.11 46.35 -83.60
C PHE TA 80 -6.59 47.61 -84.25
N THR TA 81 -5.32 47.94 -83.99
CA THR TA 81 -4.72 49.14 -84.56
C THR TA 81 -3.47 48.75 -85.31
N SER TA 82 -3.22 49.37 -86.45
CA SER TA 82 -2.03 49.08 -87.21
C SER TA 82 -1.14 50.27 -87.51
N VAL TA 83 0.15 50.16 -87.25
CA VAL TA 83 1.07 51.24 -87.62
C VAL TA 83 1.68 50.95 -88.98
N ALA TA 84 1.31 49.82 -89.57
CA ALA TA 84 1.89 49.39 -90.84
C ALA TA 84 1.52 50.16 -92.08
N THR TA 85 2.39 50.10 -93.09
CA THR TA 85 2.08 50.74 -94.36
C THR TA 85 2.00 49.74 -95.52
N ARG TA 86 2.02 48.44 -95.22
CA ARG TA 86 2.04 47.42 -96.27
C ARG TA 86 0.83 46.51 -96.17
N THR TA 87 0.30 46.07 -97.31
CA THR TA 87 -0.84 45.16 -97.30
C THR TA 87 -0.43 43.88 -96.62
N PHE TA 88 -1.28 43.36 -95.75
CA PHE TA 88 -0.95 42.18 -94.99
C PHE TA 88 -2.13 41.26 -94.81
N THR TA 89 -1.89 40.06 -94.33
CA THR TA 89 -2.96 39.09 -94.21
C THR TA 89 -3.23 38.75 -92.78
N ILE TA 90 -4.47 38.95 -92.34
CA ILE TA 90 -4.87 38.62 -90.98
C ILE TA 90 -5.75 37.38 -90.97
N PHE TA 91 -5.48 36.44 -90.09
CA PHE TA 91 -6.32 35.27 -89.98
C PHE TA 91 -7.08 35.30 -88.68
N VAL TA 92 -8.40 35.24 -88.76
CA VAL TA 92 -9.23 35.32 -87.57
C VAL TA 92 -9.95 34.02 -87.32
N GLU TA 93 -9.91 33.53 -86.10
CA GLU TA 93 -10.56 32.27 -85.77
C GLU TA 93 -11.65 32.45 -84.76
N THR TA 94 -12.85 32.02 -85.11
CA THR TA 94 -13.98 32.12 -84.22
C THR TA 94 -14.12 30.88 -83.37
N ALA TA 95 -15.00 30.93 -82.37
CA ALA TA 95 -15.14 29.81 -81.43
C ALA TA 95 -15.97 28.65 -81.94
N ARG TA 96 -16.67 28.86 -83.05
CA ARG TA 96 -17.47 27.80 -83.64
C ARG TA 96 -16.66 27.07 -84.69
N GLY TA 97 -15.36 27.28 -84.69
CA GLY TA 97 -14.49 26.57 -85.61
C GLY TA 97 -14.30 27.18 -86.97
N GLN TA 98 -14.82 28.37 -87.17
CA GLN TA 98 -14.70 29.01 -88.46
C GLN TA 98 -13.47 29.85 -88.51
N THR TA 99 -12.75 29.80 -89.61
CA THR TA 99 -11.58 30.62 -89.77
C THR TA 99 -11.72 31.40 -91.04
N PHE TA 100 -11.42 32.69 -91.00
CA PHE TA 100 -11.51 33.51 -92.18
C PHE TA 100 -10.22 34.28 -92.32
N SER TA 101 -9.95 34.74 -93.52
CA SER TA 101 -8.74 35.48 -93.78
C SER TA 101 -9.09 36.79 -94.39
N VAL TA 102 -8.33 37.81 -94.05
CA VAL TA 102 -8.60 39.13 -94.56
C VAL TA 102 -7.30 39.71 -95.07
N VAL TA 103 -7.31 40.38 -96.20
CA VAL TA 103 -6.10 41.05 -96.66
C VAL TA 103 -6.35 42.49 -96.36
N ALA TA 104 -5.51 43.12 -95.53
CA ALA TA 104 -5.76 44.48 -95.11
C ALA TA 104 -4.78 45.48 -95.64
N THR TA 105 -5.27 46.51 -96.30
CA THR TA 105 -4.39 47.57 -96.78
C THR TA 105 -4.57 48.78 -95.90
N PRO TA 106 -3.50 49.20 -95.22
CA PRO TA 106 -3.69 50.30 -94.28
C PRO TA 106 -3.74 51.66 -94.97
N VAL TA 107 -4.76 52.47 -94.68
CA VAL TA 107 -4.92 53.77 -95.32
C VAL TA 107 -5.41 54.80 -94.32
N LYS TA 108 -5.13 56.08 -94.57
CA LYS TA 108 -5.54 57.15 -93.65
C LYS TA 108 -7.05 57.34 -93.61
N GLY TA 109 -7.61 57.48 -92.41
CA GLY TA 109 -9.03 57.70 -92.29
C GLY TA 109 -9.66 57.24 -91.01
N GLU TA 110 -10.99 57.20 -90.99
CA GLU TA 110 -11.71 56.75 -89.81
C GLU TA 110 -11.58 55.24 -89.61
N GLY TA 111 -11.68 54.80 -88.37
CA GLY TA 111 -11.61 53.39 -88.10
C GLY TA 111 -12.76 52.71 -88.79
N ARG TA 112 -12.47 51.60 -89.47
CA ARG TA 112 -13.50 50.91 -90.25
C ARG TA 112 -13.99 49.68 -89.54
N VAL TA 113 -15.30 49.46 -89.58
CA VAL TA 113 -15.90 48.30 -88.90
C VAL TA 113 -16.54 47.37 -89.89
N TYR TA 114 -16.25 46.09 -89.77
CA TYR TA 114 -16.76 45.11 -90.71
C TYR TA 114 -17.55 44.02 -90.03
N ARG TA 115 -18.65 43.60 -90.64
CA ARG TA 115 -19.50 42.56 -90.08
C ARG TA 115 -19.26 41.28 -90.84
N LEU TA 116 -18.78 40.25 -90.17
CA LEU TA 116 -18.43 39.03 -90.87
C LEU TA 116 -19.55 38.06 -90.90
N MET TA 117 -19.88 37.57 -92.08
CA MET TA 117 -20.95 36.62 -92.20
C MET TA 117 -20.50 35.32 -92.85
N SER TA 118 -21.22 34.25 -92.61
CA SER TA 118 -20.92 32.94 -93.17
C SER TA 118 -21.85 32.68 -94.34
N ALA TA 119 -21.26 32.30 -95.48
CA ALA TA 119 -22.02 32.10 -96.71
C ALA TA 119 -23.03 30.97 -96.55
N GLU TA 120 -22.61 29.86 -95.95
CA GLU TA 120 -23.50 28.72 -95.75
C GLU TA 120 -23.86 28.61 -94.27
N PRO TA 121 -25.14 28.76 -93.91
CA PRO TA 121 -25.54 28.54 -92.51
C PRO TA 121 -25.28 27.10 -92.11
N PRO TA 122 -24.59 26.89 -90.98
CA PRO TA 122 -24.24 25.51 -90.61
C PRO TA 122 -25.44 24.67 -90.19
N SER TA 123 -26.32 25.21 -89.35
CA SER TA 123 -27.47 24.48 -88.86
C SER TA 123 -28.68 25.39 -88.83
N ARG TA 124 -29.86 24.77 -88.84
CA ARG TA 124 -31.12 25.50 -88.77
C ARG TA 124 -31.79 25.22 -87.43
N PRO TA 125 -31.69 26.16 -86.45
CA PRO TA 125 -32.38 25.80 -85.20
C PRO TA 125 -33.88 25.78 -85.40
N GLU TA 126 -34.55 24.75 -84.88
CA GLU TA 126 -36.00 24.64 -85.04
C GLU TA 126 -36.71 25.74 -84.28
N THR TA 127 -37.83 26.21 -84.83
CA THR TA 127 -38.57 27.29 -84.19
C THR TA 127 -39.13 26.90 -82.84
N ARG TA 128 -39.19 27.88 -81.93
CA ARG TA 128 -39.72 27.60 -80.59
C ARG TA 128 -41.01 28.38 -80.31
N LYS TA 129 -42.12 27.66 -80.16
CA LYS TA 129 -43.36 28.33 -79.80
C LYS TA 129 -43.36 28.53 -78.29
N TRP TA 130 -43.27 29.78 -77.85
CA TRP TA 130 -43.17 30.05 -76.43
C TRP TA 130 -44.51 30.47 -75.89
N GLU TA 131 -45.45 30.76 -76.77
CA GLU TA 131 -46.72 31.28 -76.28
C GLU TA 131 -47.49 30.20 -75.53
N THR TA 132 -48.10 30.59 -74.41
CA THR TA 132 -48.87 29.67 -73.57
C THR TA 132 -50.27 30.20 -73.40
N ALA TA 133 -51.27 29.36 -73.62
CA ALA TA 133 -52.66 29.75 -73.50
C ALA TA 133 -53.08 29.79 -72.03
N GLN TA 134 -54.27 30.31 -71.77
CA GLN TA 134 -54.75 30.44 -70.40
C GLN TA 134 -55.23 29.14 -69.86
N ALA TA 135 -55.26 29.00 -68.55
CA ALA TA 135 -55.68 27.75 -67.94
C ALA TA 135 -57.12 27.37 -68.24
N TYR TA 136 -58.04 28.32 -68.22
CA TYR TA 136 -59.42 28.03 -68.53
C TYR TA 136 -59.54 27.56 -69.96
N GLU TA 137 -58.85 28.23 -70.88
CA GLU TA 137 -58.98 27.86 -72.27
C GLU TA 137 -58.44 26.48 -72.53
N LYS TA 138 -57.31 26.15 -71.93
CA LYS TA 138 -56.74 24.84 -72.14
C LYS TA 138 -57.63 23.76 -71.59
N LEU TA 139 -58.28 24.03 -70.46
CA LEU TA 139 -59.16 23.05 -69.85
C LEU TA 139 -60.34 22.71 -70.75
N LEU TA 140 -60.97 23.71 -71.33
CA LEU TA 140 -62.06 23.44 -72.26
C LEU TA 140 -61.56 22.71 -73.48
N ILE TA 141 -60.42 23.10 -74.02
CA ILE TA 141 -59.87 22.47 -75.22
C ILE TA 141 -59.55 21.01 -74.99
N SER TA 142 -58.96 20.70 -73.83
CA SER TA 142 -58.60 19.32 -73.54
C SER TA 142 -59.82 18.45 -73.47
N LEU TA 143 -60.86 18.93 -72.79
CA LEU TA 143 -62.09 18.18 -72.68
C LEU TA 143 -62.77 17.99 -74.02
N ASN TA 144 -62.79 19.02 -74.83
CA ASN TA 144 -63.47 18.92 -76.11
C ASN TA 144 -62.77 17.86 -76.93
N ARG TA 145 -61.45 17.84 -76.89
CA ARG TA 145 -60.70 16.82 -77.60
C ARG TA 145 -60.97 15.43 -77.06
N ALA TA 146 -61.05 15.28 -75.74
CA ALA TA 146 -61.34 13.98 -75.15
C ALA TA 146 -62.70 13.48 -75.56
N VAL TA 147 -63.70 14.34 -75.53
CA VAL TA 147 -65.04 13.96 -75.92
C VAL TA 147 -65.08 13.58 -77.39
N LEU TA 148 -64.36 14.31 -78.22
CA LEU TA 148 -64.36 14.04 -79.65
C LEU TA 148 -63.82 12.63 -79.92
N THR TA 149 -62.77 12.24 -79.20
CA THR TA 149 -62.24 10.89 -79.36
C THR TA 149 -63.09 9.91 -78.58
N GLY TA 150 -63.58 10.33 -77.41
CA GLY TA 150 -64.45 9.47 -76.62
C GLY TA 150 -63.82 8.89 -75.37
N ASP TA 151 -62.51 8.97 -75.24
CA ASP TA 151 -61.88 8.50 -74.00
C ASP TA 151 -62.30 9.40 -72.85
N ILE TA 152 -62.47 8.82 -71.67
CA ILE TA 152 -62.96 9.61 -70.55
C ILE TA 152 -61.88 9.98 -69.56
N PRO TA 153 -61.79 11.27 -69.22
CA PRO TA 153 -60.82 11.62 -68.18
C PRO TA 153 -61.34 11.14 -66.84
N ASP TA 154 -60.45 10.96 -65.88
CA ASP TA 154 -60.88 10.46 -64.58
C ASP TA 154 -61.84 11.43 -63.91
N GLY TA 155 -62.82 10.89 -63.20
CA GLY TA 155 -63.81 11.74 -62.56
C GLY TA 155 -64.98 12.07 -63.45
N TYR TA 156 -65.03 11.51 -64.65
CA TYR TA 156 -66.17 11.72 -65.54
C TYR TA 156 -66.97 10.43 -65.64
N GLY TA 157 -68.12 10.37 -64.97
CA GLY TA 157 -68.87 9.12 -64.93
C GLY TA 157 -70.07 8.93 -65.81
N GLU TA 158 -70.43 9.93 -66.62
CA GLU TA 158 -71.58 9.86 -67.54
C GLU TA 158 -72.87 10.30 -66.83
N VAL TA 159 -73.79 10.92 -67.56
CA VAL TA 159 -75.01 11.42 -66.95
C VAL TA 159 -76.08 11.65 -68.01
N LYS TA 160 -77.34 11.78 -67.60
CA LYS TA 160 -78.40 12.10 -68.55
C LYS TA 160 -78.18 13.53 -69.02
N PRO TA 161 -78.33 13.77 -70.34
CA PRO TA 161 -78.20 15.15 -70.82
C PRO TA 161 -79.48 15.96 -70.60
N LEU TA 162 -79.39 17.29 -70.73
CA LEU TA 162 -80.57 18.14 -70.57
C LEU TA 162 -81.22 18.48 -71.90
N SER TA 163 -82.09 19.49 -71.89
CA SER TA 163 -82.70 19.94 -73.14
C SER TA 163 -82.51 21.42 -73.08
N ASP TA 164 -82.02 21.91 -71.95
CA ASP TA 164 -81.79 23.34 -71.75
C ASP TA 164 -80.73 23.92 -72.65
N GLY TA 165 -79.69 23.15 -72.94
CA GLY TA 165 -78.56 23.70 -73.67
C GLY TA 165 -78.66 24.34 -75.03
N ILE TA 166 -79.50 23.85 -75.92
CA ILE TA 166 -79.46 24.38 -77.29
C ILE TA 166 -80.59 25.28 -77.81
N ARG TA 167 -80.25 26.45 -78.32
CA ARG TA 167 -81.22 27.34 -78.93
C ARG TA 167 -81.17 27.00 -80.40
N LEU TA 168 -82.31 27.00 -81.08
CA LEU TA 168 -82.32 26.56 -82.46
C LEU TA 168 -82.63 27.70 -83.38
N PRO TA 169 -81.81 27.87 -84.43
CA PRO TA 169 -82.07 28.92 -85.42
C PRO TA 169 -83.39 28.69 -86.09
N GLY TA 170 -83.70 27.43 -86.39
CA GLY TA 170 -84.97 27.09 -86.99
C GLY TA 170 -84.82 25.91 -87.93
N GLY TA 171 -85.80 25.02 -87.93
CA GLY TA 171 -85.70 23.82 -88.75
C GLY TA 171 -84.85 22.75 -88.09
N PHE TA 172 -84.45 22.98 -86.85
CA PHE TA 172 -83.57 22.03 -86.17
C PHE TA 172 -84.26 21.37 -84.99
N SER TA 173 -84.13 20.06 -84.89
CA SER TA 173 -84.70 19.35 -83.76
C SER TA 173 -83.57 18.67 -83.02
N VAL TA 174 -83.55 18.77 -81.70
CA VAL TA 174 -82.42 18.25 -80.94
C VAL TA 174 -82.68 16.96 -80.17
N THR TA 175 -81.79 15.96 -80.31
CA THR TA 175 -81.93 14.75 -79.51
C THR TA 175 -80.64 14.48 -78.75
N PRO TA 176 -80.69 14.31 -77.43
CA PRO TA 176 -79.46 14.04 -76.68
C PRO TA 176 -79.00 12.59 -76.86
N LEU TA 177 -77.70 12.44 -77.02
CA LEU TA 177 -77.12 11.13 -77.21
C LEU TA 177 -76.34 10.75 -75.99
N LYS TA 178 -75.21 11.40 -75.77
CA LYS TA 178 -74.35 11.01 -74.67
C LYS TA 178 -73.96 12.22 -73.84
N ALA TA 179 -73.59 11.99 -72.59
CA ALA TA 179 -73.15 13.09 -71.75
C ALA TA 179 -72.24 12.68 -70.60
N TRP TA 180 -71.26 13.51 -70.30
CA TRP TA 180 -70.34 13.23 -69.20
C TRP TA 180 -70.49 14.31 -68.15
N ALA TA 181 -70.31 13.93 -66.89
CA ALA TA 181 -70.34 14.87 -65.78
C ALA TA 181 -69.15 14.62 -64.89
N GLY TA 182 -68.45 15.69 -64.51
CA GLY TA 182 -67.26 15.55 -63.71
C GLY TA 182 -67.29 16.35 -62.42
N ASP TA 183 -66.11 16.76 -61.97
CA ASP TA 183 -65.99 17.51 -60.72
C ASP TA 183 -66.12 19.02 -60.91
N GLN TA 184 -65.77 19.54 -62.09
CA GLN TA 184 -65.78 20.97 -62.34
C GLN TA 184 -66.59 21.37 -63.57
N LEU TA 185 -66.58 20.55 -64.62
CA LEU TA 185 -67.21 20.89 -65.89
C LEU TA 185 -68.19 19.79 -66.27
N ARG TA 186 -68.91 20.00 -67.37
CA ARG TA 186 -69.85 19.00 -67.87
C ARG TA 186 -69.94 19.13 -69.39
N ALA TA 187 -70.04 17.98 -70.06
CA ALA TA 187 -70.15 17.96 -71.51
C ALA TA 187 -71.32 17.09 -71.93
N ASP TA 188 -71.90 17.41 -73.09
CA ASP TA 188 -73.01 16.64 -73.62
C ASP TA 188 -73.01 16.72 -75.14
N ARG TA 189 -73.72 15.78 -75.76
CA ARG TA 189 -73.79 15.68 -77.21
C ARG TA 189 -75.23 15.64 -77.66
N TYR TA 190 -75.59 16.50 -78.61
CA TYR TA 190 -76.94 16.56 -79.12
C TYR TA 190 -76.81 16.46 -80.61
N GLU TA 191 -77.71 15.75 -81.26
CA GLU TA 191 -77.68 15.69 -82.71
C GLU TA 191 -78.84 16.49 -83.22
N LEU TA 192 -78.55 17.43 -84.08
CA LEU TA 192 -79.59 18.28 -84.61
C LEU TA 192 -80.14 17.60 -85.83
N ARG TA 193 -81.43 17.79 -86.07
CA ARG TA 193 -81.99 17.24 -87.27
C ARG TA 193 -81.67 18.04 -88.48
N ASN TA 194 -81.87 17.42 -89.60
CA ASN TA 194 -81.71 18.13 -90.81
C ASN TA 194 -82.67 19.29 -90.87
N ALA TA 195 -82.21 20.43 -91.32
CA ALA TA 195 -83.07 21.55 -91.52
C ALA TA 195 -83.93 21.34 -92.75
N ASN TA 196 -84.97 22.13 -92.93
CA ASN TA 196 -85.87 22.04 -94.08
C ASN TA 196 -85.27 21.94 -95.47
N THR TA 197 -85.43 22.99 -96.28
CA THR TA 197 -84.81 23.04 -97.61
C THR TA 197 -83.92 24.23 -97.97
N TRP TA 198 -83.92 25.26 -97.14
CA TRP TA 198 -83.03 26.38 -97.38
C TRP TA 198 -81.70 26.02 -96.76
N GLY TA 199 -80.60 26.36 -97.41
CA GLY TA 199 -79.31 26.11 -96.83
C GLY TA 199 -79.21 26.94 -95.57
N VAL TA 200 -78.77 26.35 -94.48
CA VAL TA 200 -78.69 27.06 -93.22
C VAL TA 200 -77.25 27.18 -92.81
N ALA TA 201 -76.65 28.35 -93.03
CA ALA TA 201 -75.29 28.56 -92.57
C ALA TA 201 -75.25 28.34 -91.08
N LEU TA 202 -74.21 27.68 -90.59
CA LEU TA 202 -74.16 27.36 -89.18
C LEU TA 202 -73.22 28.30 -88.45
N ARG TA 203 -73.75 29.03 -87.48
CA ARG TA 203 -72.93 29.95 -86.71
C ARG TA 203 -72.68 29.37 -85.33
N GLU TA 204 -71.44 29.15 -84.93
CA GLU TA 204 -71.25 28.51 -83.64
C GLU TA 204 -71.81 29.32 -82.47
N GLN TA 205 -71.91 30.64 -82.62
CA GLN TA 205 -72.49 31.40 -81.52
C GLN TA 205 -73.99 31.59 -81.64
N ASP TA 206 -74.63 30.99 -82.66
CA ASP TA 206 -76.07 31.06 -82.82
C ASP TA 206 -76.81 29.94 -82.10
N PHE TA 207 -76.08 29.12 -81.34
CA PHE TA 207 -76.70 28.10 -80.50
C PHE TA 207 -76.42 28.37 -79.03
N TRP TA 208 -76.19 29.62 -78.68
CA TRP TA 208 -75.81 29.97 -77.31
C TRP TA 208 -76.92 30.01 -76.26
N LYS TA 209 -76.60 29.60 -75.04
CA LYS TA 209 -77.56 29.68 -73.97
C LYS TA 209 -76.82 30.12 -72.68
N PRO TA 210 -77.29 31.17 -71.96
CA PRO TA 210 -76.63 31.51 -70.69
C PRO TA 210 -76.24 30.26 -69.93
N GLY TA 211 -75.02 30.28 -69.37
CA GLY TA 211 -74.50 29.18 -68.60
C GLY TA 211 -73.55 28.26 -69.36
N VAL TA 212 -73.52 28.34 -70.69
CA VAL TA 212 -72.64 27.47 -71.51
C VAL TA 212 -71.21 27.99 -71.69
N ARG TA 213 -70.22 27.19 -71.32
CA ARG TA 213 -68.84 27.61 -71.45
C ARG TA 213 -68.34 27.62 -72.91
N ALA TA 214 -68.37 26.48 -73.60
CA ALA TA 214 -67.96 26.42 -75.01
C ALA TA 214 -68.85 25.56 -75.88
N VAL TA 215 -69.09 25.99 -77.12
CA VAL TA 215 -69.87 25.18 -78.05
C VAL TA 215 -69.02 24.90 -79.28
N MET TA 216 -68.91 23.64 -79.68
CA MET TA 216 -68.17 23.31 -80.89
C MET TA 216 -68.93 22.40 -81.83
N PHE TA 217 -68.68 22.55 -83.14
CA PHE TA 217 -69.41 21.76 -84.12
C PHE TA 217 -68.54 20.66 -84.71
N ASP TA 218 -69.06 19.44 -84.79
CA ASP TA 218 -68.32 18.35 -85.41
C ASP TA 218 -68.25 18.56 -86.91
N ASN TA 219 -67.27 17.94 -87.58
CA ASN TA 219 -67.06 18.14 -89.02
C ASN TA 219 -66.68 19.60 -89.25
N ASN TA 220 -67.09 20.18 -90.37
CA ASN TA 220 -66.81 21.61 -90.56
C ASN TA 220 -67.90 22.63 -90.79
N ALA TA 221 -69.13 22.38 -90.36
CA ALA TA 221 -70.15 23.41 -90.47
C ALA TA 221 -70.24 23.88 -91.91
N GLN TA 222 -70.01 25.17 -92.15
CA GLN TA 222 -70.03 25.71 -93.50
C GLN TA 222 -71.33 25.43 -94.20
N THR TA 223 -72.45 25.63 -93.50
CA THR TA 223 -73.78 25.44 -94.09
C THR TA 223 -74.26 24.00 -94.18
N LEU TA 224 -75.12 23.59 -93.23
CA LEU TA 224 -75.71 22.25 -93.34
C LEU TA 224 -76.70 22.49 -94.44
N MET TA 225 -76.86 21.57 -95.37
CA MET TA 225 -77.71 21.84 -96.54
C MET TA 225 -79.22 21.65 -96.40
N GLY TA 226 -79.89 21.25 -97.48
CA GLY TA 226 -81.31 20.97 -97.42
C GLY TA 226 -81.48 19.89 -96.38
N GLY TA 227 -80.37 19.44 -95.82
CA GLY TA 227 -80.47 18.51 -94.71
C GLY TA 227 -79.14 18.13 -94.14
N GLY TA 228 -79.13 17.10 -93.30
CA GLY TA 228 -77.90 16.64 -92.70
C GLY TA 228 -78.05 16.61 -91.20
N ARG TA 229 -77.63 15.51 -90.58
CA ARG TA 229 -77.69 15.42 -89.13
C ARG TA 229 -76.28 15.56 -88.56
N MET TA 230 -76.02 16.62 -87.82
CA MET TA 230 -74.68 16.87 -87.32
C MET TA 230 -74.66 16.89 -85.82
N THR TA 231 -73.75 16.13 -85.21
CA THR TA 231 -73.66 16.10 -83.76
C THR TA 231 -72.89 17.30 -83.23
N VAL TA 232 -73.44 17.93 -82.19
CA VAL TA 232 -72.80 19.11 -81.61
C VAL TA 232 -72.53 18.84 -80.15
N THR TA 233 -71.31 19.08 -79.69
CA THR TA 233 -70.98 18.92 -78.28
C THR TA 233 -71.05 20.26 -77.56
N VAL TA 234 -71.85 20.33 -76.51
CA VAL TA 234 -72.01 21.59 -75.78
C VAL TA 234 -71.39 21.45 -74.40
N ILE TA 235 -70.63 22.44 -73.98
CA ILE TA 235 -69.92 22.35 -72.72
C ILE TA 235 -70.50 23.34 -71.72
N ARG TA 236 -70.84 22.88 -70.52
CA ARG TA 236 -71.46 23.74 -69.52
C ARG TA 236 -70.85 23.52 -68.15
N GLY TA 237 -70.98 24.49 -67.24
CA GLY TA 237 -70.46 24.35 -65.90
C GLY TA 237 -71.16 23.24 -65.14
N ASN TA 238 -70.49 22.76 -64.09
CA ASN TA 238 -70.98 21.67 -63.29
C ASN TA 238 -71.15 22.13 -61.85
N GLY TA 239 -72.23 21.68 -61.22
CA GLY TA 239 -72.56 22.10 -59.87
C GLY TA 239 -73.28 23.43 -59.83
N GLU TA 240 -72.74 24.42 -60.55
CA GLU TA 240 -73.38 25.72 -60.62
C GLU TA 240 -74.67 25.64 -61.42
N GLY TA 241 -75.71 26.29 -60.90
CA GLY TA 241 -77.00 26.29 -61.56
C GLY TA 241 -77.06 27.19 -62.78
N GLN UA 25 -0.44 13.97 -107.83
CA GLN UA 25 0.21 12.71 -108.12
C GLN UA 25 -0.23 11.67 -107.11
N SER UA 26 0.23 10.44 -107.27
CA SER UA 26 -0.16 9.36 -106.38
C SER UA 26 1.14 8.70 -105.97
N PRO UA 27 1.20 8.12 -104.76
CA PRO UA 27 2.48 7.55 -104.38
C PRO UA 27 2.83 6.42 -105.31
N ALA UA 28 4.11 6.26 -105.64
CA ALA UA 28 4.52 5.18 -106.52
C ALA UA 28 4.43 3.86 -105.80
N THR UA 29 3.70 2.91 -106.38
CA THR UA 29 3.46 1.65 -105.72
C THR UA 29 4.40 0.56 -106.18
N ILE UA 30 5.07 -0.07 -105.24
CA ILE UA 30 6.02 -1.11 -105.58
C ILE UA 30 5.69 -2.41 -104.87
N SER UA 31 5.61 -3.52 -105.61
CA SER UA 31 5.25 -4.79 -105.01
C SER UA 31 6.47 -5.66 -104.89
N LEU UA 32 6.77 -6.10 -103.68
CA LEU UA 32 8.01 -6.86 -103.47
C LEU UA 32 7.84 -8.10 -102.60
N PRO UA 33 8.50 -9.21 -102.96
CA PRO UA 33 8.49 -10.41 -102.13
C PRO UA 33 9.38 -10.18 -100.92
N GLN UA 34 9.30 -10.97 -99.85
CA GLN UA 34 10.17 -10.67 -98.71
C GLN UA 34 11.62 -10.75 -99.12
N GLY UA 35 12.42 -9.78 -98.69
CA GLY UA 35 13.81 -9.74 -99.09
C GLY UA 35 13.97 -9.11 -100.45
N GLY UA 36 12.88 -8.58 -100.99
CA GLY UA 36 12.91 -8.01 -102.32
C GLY UA 36 13.72 -6.76 -102.41
N GLN UA 37 14.34 -6.52 -103.56
CA GLN UA 37 15.20 -5.35 -103.72
C GLN UA 37 14.77 -4.48 -104.90
N PHE UA 38 14.36 -3.25 -104.62
CA PHE UA 38 13.90 -2.36 -105.69
C PHE UA 38 14.76 -1.11 -105.82
N ARG UA 39 15.18 -0.81 -107.05
CA ARG UA 39 15.99 0.38 -107.29
C ARG UA 39 15.13 1.63 -107.49
N LEU UA 40 15.03 2.46 -106.45
CA LEU UA 40 14.27 3.70 -106.56
C LEU UA 40 15.08 4.95 -106.22
N SER UA 41 14.99 5.97 -107.07
CA SER UA 41 15.68 7.22 -106.77
C SER UA 41 15.03 7.99 -105.63
N ILE UA 42 15.83 8.64 -104.80
CA ILE UA 42 15.26 9.48 -103.73
C ILE UA 42 15.74 10.90 -103.97
N SER UA 43 15.58 11.78 -102.98
CA SER UA 43 16.09 13.14 -103.14
C SER UA 43 17.04 13.61 -102.05
N ASN UA 44 18.14 14.26 -102.45
CA ASN UA 44 19.07 14.83 -101.48
C ASN UA 44 18.54 16.08 -100.81
N THR UA 45 17.95 16.99 -101.57
CA THR UA 45 17.35 18.21 -101.02
C THR UA 45 16.14 18.11 -100.11
N ASP UA 46 15.19 17.23 -100.40
CA ASP UA 46 13.93 17.21 -99.62
C ASP UA 46 13.58 15.91 -98.96
N PRO UA 47 12.74 15.94 -97.92
CA PRO UA 47 12.41 14.71 -97.20
C PRO UA 47 11.70 13.69 -98.07
N ASN UA 48 11.92 12.41 -97.81
CA ASN UA 48 11.33 11.37 -98.65
C ASN UA 48 10.56 10.43 -97.75
N MET UA 49 9.53 9.79 -98.29
CA MET UA 49 8.69 8.93 -97.47
C MET UA 49 8.51 7.55 -98.05
N ILE UA 50 8.39 6.55 -97.19
CA ILE UA 50 8.18 5.18 -97.61
C ILE UA 50 7.17 4.68 -96.62
N PHE UA 51 6.00 4.29 -97.09
CA PHE UA 51 5.00 3.72 -96.20
C PHE UA 51 4.49 2.40 -96.71
N ILE UA 52 4.26 1.46 -95.80
CA ILE UA 52 3.69 0.19 -96.21
C ILE UA 52 2.27 0.19 -95.69
N PRO UA 53 1.29 0.16 -96.58
CA PRO UA 53 -0.06 0.23 -96.07
C PRO UA 53 -0.41 -0.99 -95.24
N GLY UA 54 -1.04 -0.80 -94.08
CA GLY UA 54 -1.40 -1.89 -93.21
C GLY UA 54 -0.23 -2.33 -92.35
N ASP UA 55 0.89 -1.64 -92.46
CA ASP UA 55 2.08 -2.04 -91.71
C ASP UA 55 2.82 -0.87 -91.11
N LYS UA 56 3.51 -1.12 -90.01
CA LYS UA 56 4.24 -0.06 -89.36
C LYS UA 56 5.72 -0.34 -89.43
N VAL UA 57 6.49 0.62 -89.93
CA VAL UA 57 7.91 0.45 -90.02
C VAL UA 57 8.43 0.40 -88.61
N THR UA 58 9.19 -0.64 -88.28
CA THR UA 58 9.75 -0.76 -86.96
C THR UA 58 11.23 -0.46 -86.95
N ALA UA 59 11.88 -0.60 -88.10
CA ALA UA 59 13.31 -0.37 -88.17
C ALA UA 59 13.79 0.05 -89.54
N ILE UA 60 14.89 0.80 -89.58
CA ILE UA 60 15.50 1.18 -90.86
C ILE UA 60 17.00 1.12 -90.69
N THR UA 61 17.71 0.64 -91.70
CA THR UA 61 19.17 0.54 -91.64
C THR UA 61 19.71 1.03 -92.96
N ALA UA 62 20.77 1.82 -92.96
CA ALA UA 62 21.39 2.22 -94.21
C ALA UA 62 22.90 2.26 -94.04
N PRO UA 63 23.68 2.29 -95.16
CA PRO UA 63 25.12 2.42 -94.90
C PRO UA 63 25.38 3.65 -94.04
N GLY UA 64 26.38 3.61 -93.17
CA GLY UA 64 26.58 4.71 -92.25
C GLY UA 64 26.86 6.08 -92.86
N GLY UA 65 26.16 7.09 -92.37
CA GLY UA 65 26.36 8.45 -92.86
C GLY UA 65 25.50 8.81 -94.04
N MET UA 66 24.90 7.81 -94.67
CA MET UA 66 24.03 8.04 -95.80
C MET UA 66 22.70 8.74 -95.49
N LEU UA 67 22.06 8.37 -94.38
CA LEU UA 67 20.76 8.97 -94.05
C LEU UA 67 20.86 9.96 -92.92
N ALA UA 68 20.62 11.23 -93.22
CA ALA UA 68 20.73 12.28 -92.21
C ALA UA 68 19.74 12.23 -91.05
N ASP UA 69 18.46 12.02 -91.34
CA ASP UA 69 17.45 12.01 -90.28
C ASP UA 69 16.34 11.04 -90.58
N LYS UA 70 15.88 10.30 -89.57
CA LYS UA 70 14.80 9.33 -89.73
C LYS UA 70 13.73 9.47 -88.67
N ARG UA 71 12.48 9.73 -89.08
CA ARG UA 71 11.38 9.86 -88.14
C ARG UA 71 10.18 8.99 -88.53
N LEU UA 72 9.41 8.54 -87.54
CA LEU UA 72 8.24 7.73 -87.82
C LEU UA 72 7.00 8.58 -87.98
N THR UA 73 6.36 8.50 -89.14
CA THR UA 73 5.15 9.25 -89.40
C THR UA 73 3.92 8.62 -88.80
N ARG UA 74 2.83 9.36 -88.75
CA ARG UA 74 1.57 8.84 -88.25
C ARG UA 74 1.13 7.70 -89.12
N ALA UA 75 0.57 6.65 -88.52
CA ALA UA 75 0.18 5.46 -89.26
C ALA UA 75 1.32 4.80 -90.01
N GLY UA 76 2.47 4.65 -89.35
CA GLY UA 76 3.58 3.96 -89.96
C GLY UA 76 4.22 4.89 -90.95
N GLY UA 77 5.15 4.37 -91.71
CA GLY UA 77 5.84 5.21 -92.67
C GLY UA 77 7.09 5.76 -92.06
N VAL UA 78 8.07 6.09 -92.90
CA VAL UA 78 9.29 6.69 -92.41
C VAL UA 78 9.59 7.91 -93.22
N LEU UA 79 10.01 8.97 -92.55
CA LEU UA 79 10.40 10.17 -93.25
C LEU UA 79 11.90 10.21 -93.14
N PHE UA 80 12.59 10.34 -94.26
CA PHE UA 80 14.05 10.31 -94.25
C PHE UA 80 14.70 11.29 -95.21
N THR UA 81 15.83 11.86 -94.82
CA THR UA 81 16.54 12.82 -95.64
C THR UA 81 17.96 12.34 -95.87
N SER UA 82 18.48 12.51 -97.08
CA SER UA 82 19.84 12.11 -97.36
C SER UA 82 20.74 13.21 -97.90
N VAL UA 83 21.92 13.37 -97.32
CA VAL UA 83 22.88 14.34 -97.85
C VAL UA 83 23.83 13.63 -98.80
N ALA UA 84 23.66 12.33 -98.97
CA ALA UA 84 24.57 11.53 -99.79
C ALA UA 84 24.52 11.72 -101.28
N THR UA 85 25.62 11.40 -101.96
CA THR UA 85 25.65 11.47 -103.41
C THR UA 85 25.90 10.12 -104.06
N ARG UA 86 25.87 9.04 -103.28
CA ARG UA 86 26.19 7.71 -103.80
C ARG UA 86 25.03 6.76 -103.65
N THR UA 87 24.83 5.85 -104.60
CA THR UA 87 23.75 4.88 -104.50
C THR UA 87 24.00 4.01 -103.29
N PHE UA 88 22.96 3.75 -102.51
CA PHE UA 88 23.11 3.00 -101.29
C PHE UA 88 21.95 2.07 -101.04
N THR UA 89 22.09 1.17 -100.09
CA THR UA 89 21.04 0.19 -99.85
C THR UA 89 20.41 0.39 -98.50
N ILE UA 90 19.10 0.57 -98.49
CA ILE UA 90 18.36 0.73 -97.24
C ILE UA 90 17.55 -0.51 -96.94
N PHE UA 91 17.60 -1.01 -95.71
CA PHE UA 91 16.79 -2.16 -95.35
C PHE UA 91 15.71 -1.73 -94.39
N VAL UA 92 14.46 -1.99 -94.76
CA VAL UA 92 13.35 -1.58 -93.92
C VAL UA 92 12.61 -2.77 -93.36
N GLU UA 93 12.34 -2.76 -92.06
CA GLU UA 93 11.66 -3.87 -91.43
C GLU UA 93 10.34 -3.47 -90.85
N THR UA 94 9.29 -4.14 -91.28
CA THR UA 94 7.96 -3.86 -90.78
C THR UA 94 7.63 -4.69 -89.57
N ALA UA 95 6.52 -4.39 -88.92
CA ALA UA 95 6.15 -5.08 -87.67
C ALA UA 95 5.53 -6.44 -87.85
N ARG UA 96 5.14 -6.76 -89.08
CA ARG UA 96 4.55 -8.05 -89.38
C ARG UA 96 5.62 -9.01 -89.83
N GLY UA 97 6.88 -8.66 -89.61
CA GLY UA 97 7.97 -9.55 -89.94
C GLY UA 97 8.50 -9.47 -91.35
N GLN UA 98 8.02 -8.52 -92.13
CA GLN UA 98 8.46 -8.40 -93.49
C GLN UA 98 9.64 -7.49 -93.58
N THR UA 99 10.63 -7.86 -94.38
CA THR UA 99 11.78 -7.01 -94.56
C THR UA 99 11.96 -6.80 -96.03
N PHE UA 100 12.21 -5.55 -96.43
CA PHE UA 100 12.41 -5.25 -97.83
C PHE UA 100 13.67 -4.44 -97.96
N SER UA 101 14.24 -4.43 -99.14
CA SER UA 101 15.45 -3.69 -99.38
C SER UA 101 15.24 -2.77 -100.53
N VAL UA 102 15.85 -1.60 -100.45
CA VAL UA 102 15.70 -0.62 -101.49
C VAL UA 102 17.07 -0.11 -101.86
N VAL UA 103 17.35 0.08 -103.14
CA VAL UA 103 18.62 0.67 -103.52
C VAL UA 103 18.25 2.09 -103.89
N ALA UA 104 18.83 3.07 -103.21
CA ALA UA 104 18.45 4.45 -103.43
C ALA UA 104 19.51 5.29 -104.07
N THR UA 105 19.18 5.93 -105.18
CA THR UA 105 20.12 6.84 -105.82
C THR UA 105 19.69 8.25 -105.55
N PRO UA 106 20.53 9.03 -104.86
CA PRO UA 106 20.07 10.37 -104.51
C PRO UA 106 20.17 11.36 -105.67
N VAL UA 107 19.09 12.08 -105.97
CA VAL UA 107 19.07 13.00 -107.10
C VAL UA 107 18.30 14.27 -106.73
N LYS UA 108 18.61 15.39 -107.39
CA LYS UA 108 17.95 16.66 -107.09
C LYS UA 108 16.48 16.67 -107.48
N GLY UA 109 15.62 17.16 -106.60
CA GLY UA 109 14.21 17.23 -106.91
C GLY UA 109 13.27 17.21 -105.74
N GLU UA 110 11.99 17.02 -106.02
CA GLU UA 110 11.00 16.94 -104.96
C GLU UA 110 11.10 15.66 -104.15
N GLY UA 111 10.70 15.70 -102.90
CA GLY UA 111 10.72 14.51 -102.08
C GLY UA 111 9.82 13.48 -102.69
N ARG UA 112 10.30 12.25 -102.80
CA ARG UA 112 9.54 11.19 -103.46
C ARG UA 112 8.91 10.27 -102.46
N VAL UA 113 7.67 9.87 -102.71
CA VAL UA 113 6.93 9.00 -101.78
C VAL UA 113 6.60 7.68 -102.45
N TYR UA 114 6.88 6.60 -101.76
CA TYR UA 114 6.66 5.28 -102.32
C TYR UA 114 5.74 4.43 -101.48
N ARG UA 115 4.86 3.68 -102.12
CA ARG UA 115 3.92 2.83 -101.41
C ARG UA 115 4.38 1.40 -101.52
N LEU UA 116 4.69 0.76 -100.41
CA LEU UA 116 5.25 -0.57 -100.47
C LEU UA 116 4.20 -1.62 -100.36
N MET UA 117 4.21 -2.56 -101.29
CA MET UA 117 3.24 -3.62 -101.28
C MET UA 117 3.87 -4.99 -101.24
N SER UA 118 3.14 -5.97 -100.76
CA SER UA 118 3.61 -7.34 -100.68
C SER UA 118 3.03 -8.15 -101.84
N ALA UA 119 3.91 -8.84 -102.57
CA ALA UA 119 3.51 -9.59 -103.75
C ALA UA 119 2.52 -10.70 -103.40
N GLU UA 120 2.80 -11.44 -102.33
CA GLU UA 120 1.92 -12.52 -101.90
C GLU UA 120 1.18 -12.11 -100.64
N PRO UA 121 -0.15 -12.01 -100.67
CA PRO UA 121 -0.90 -11.73 -99.43
C PRO UA 121 -0.72 -12.86 -98.44
N PRO UA 122 -0.35 -12.55 -97.19
CA PRO UA 122 -0.08 -13.63 -96.24
C PRO UA 122 -1.32 -14.40 -95.81
N SER UA 123 -2.40 -13.70 -95.49
CA SER UA 123 -3.62 -14.34 -95.03
C SER UA 123 -4.82 -13.64 -95.65
N ARG UA 124 -5.94 -14.36 -95.69
CA ARG UA 124 -7.20 -13.83 -96.21
C ARG UA 124 -8.18 -13.67 -95.06
N PRO UA 125 -8.37 -12.43 -94.54
CA PRO UA 125 -9.36 -12.38 -93.45
C PRO UA 125 -10.76 -12.66 -93.97
N GLU UA 126 -11.51 -13.50 -93.26
CA GLU UA 126 -12.86 -13.84 -93.69
C GLU UA 126 -13.78 -12.64 -93.62
N THR UA 127 -14.72 -12.56 -94.55
CA THR UA 127 -15.64 -11.42 -94.58
C THR UA 127 -16.52 -11.34 -93.36
N ARG UA 128 -16.84 -10.12 -92.95
CA ARG UA 128 -17.70 -9.93 -91.78
C ARG UA 128 -19.03 -9.28 -92.13
N LYS UA 129 -20.13 -10.02 -91.97
CA LYS UA 129 -21.44 -9.42 -92.21
C LYS UA 129 -21.84 -8.68 -90.95
N TRP UA 130 -21.90 -7.35 -91.02
CA TRP UA 130 -22.19 -6.57 -89.85
C TRP UA 130 -23.63 -6.14 -89.84
N GLU UA 131 -24.32 -6.32 -90.96
CA GLU UA 131 -25.69 -5.83 -91.03
C GLU UA 131 -26.59 -6.63 -90.11
N THR UA 132 -27.49 -5.94 -89.41
CA THR UA 132 -28.42 -6.56 -88.49
C THR UA 132 -29.85 -6.18 -88.88
N ALA UA 133 -30.72 -7.17 -88.96
CA ALA UA 133 -32.10 -6.94 -89.33
C ALA UA 133 -32.90 -6.41 -88.14
N GLN UA 134 -34.13 -5.98 -88.40
CA GLN UA 134 -34.95 -5.41 -87.34
C GLN UA 134 -35.53 -6.47 -86.47
N ALA UA 135 -35.90 -6.10 -85.25
CA ALA UA 135 -36.43 -7.08 -84.31
C ALA UA 135 -37.73 -7.73 -84.76
N TYR UA 136 -38.65 -6.95 -85.33
CA TYR UA 136 -39.89 -7.52 -85.82
C TYR UA 136 -39.62 -8.51 -86.94
N GLU UA 137 -38.73 -8.15 -87.85
CA GLU UA 137 -38.47 -9.02 -88.98
C GLU UA 137 -37.84 -10.33 -88.54
N LYS UA 138 -36.91 -10.25 -87.61
CA LYS UA 138 -36.26 -11.46 -87.14
C LYS UA 138 -37.24 -12.36 -86.43
N LEU UA 139 -38.17 -11.78 -85.68
CA LEU UA 139 -39.17 -12.56 -84.97
C LEU UA 139 -40.06 -13.35 -85.90
N LEU UA 140 -40.53 -12.75 -86.97
CA LEU UA 140 -41.33 -13.47 -87.94
C LEU UA 140 -40.51 -14.54 -88.61
N ILE UA 141 -39.28 -14.22 -88.98
CA ILE UA 141 -38.42 -15.19 -89.67
C ILE UA 141 -38.12 -16.40 -88.81
N SER UA 142 -37.86 -16.18 -87.53
CA SER UA 142 -37.55 -17.29 -86.64
C SER UA 142 -38.73 -18.22 -86.52
N LEU UA 143 -39.91 -17.66 -86.35
CA LEU UA 143 -41.11 -18.46 -86.24
C LEU UA 143 -41.41 -19.22 -87.51
N ASN UA 144 -41.25 -18.58 -88.65
CA ASN UA 144 -41.56 -19.25 -89.90
C ASN UA 144 -40.64 -20.43 -90.05
N ARG UA 145 -39.38 -20.27 -89.69
CA ARG UA 145 -38.44 -21.38 -89.75
C ARG UA 145 -38.81 -22.49 -88.78
N ALA UA 146 -39.23 -22.14 -87.57
CA ALA UA 146 -39.63 -23.14 -86.59
C ALA UA 146 -40.82 -23.94 -87.08
N VAL UA 147 -41.81 -23.26 -87.63
CA VAL UA 147 -42.99 -23.92 -88.14
C VAL UA 147 -42.64 -24.83 -89.30
N LEU UA 148 -41.74 -24.38 -90.16
CA LEU UA 148 -41.35 -25.17 -91.32
C LEU UA 148 -40.72 -26.48 -90.88
N THR UA 149 -39.89 -26.44 -89.84
CA THR UA 149 -39.31 -27.67 -89.33
C THR UA 149 -40.31 -28.39 -88.44
N GLY UA 150 -41.10 -27.63 -87.69
CA GLY UA 150 -42.13 -28.23 -86.84
C GLY UA 150 -41.84 -28.22 -85.36
N ASP UA 151 -40.61 -27.93 -84.97
CA ASP UA 151 -40.31 -27.82 -83.55
C ASP UA 151 -41.05 -26.62 -82.96
N ILE UA 152 -41.50 -26.73 -81.73
CA ILE UA 152 -42.30 -25.64 -81.17
C ILE UA 152 -41.53 -24.79 -80.18
N PRO UA 153 -41.56 -23.47 -80.36
CA PRO UA 153 -40.91 -22.63 -79.35
C PRO UA 153 -41.76 -22.64 -78.10
N ASP UA 154 -41.15 -22.34 -76.96
CA ASP UA 154 -41.89 -22.37 -75.71
C ASP UA 154 -43.01 -21.34 -75.72
N GLY UA 155 -44.14 -21.69 -75.10
CA GLY UA 155 -45.28 -20.80 -75.10
C GLY UA 155 -46.19 -20.97 -76.29
N TYR UA 156 -45.90 -21.95 -77.15
CA TYR UA 156 -46.78 -22.23 -78.28
C TYR UA 156 -47.48 -23.56 -78.06
N GLY UA 157 -48.76 -23.52 -77.71
CA GLY UA 157 -49.46 -24.74 -77.35
C GLY UA 157 -50.39 -25.39 -78.34
N GLU UA 158 -50.54 -24.84 -79.54
CA GLU UA 158 -51.41 -25.37 -80.60
C GLU UA 158 -52.85 -24.88 -80.44
N VAL UA 159 -53.56 -24.71 -81.55
CA VAL UA 159 -54.91 -24.17 -81.49
C VAL UA 159 -55.68 -24.48 -82.77
N LYS UA 160 -57.00 -24.37 -82.75
CA LYS UA 160 -57.78 -24.56 -83.96
C LYS UA 160 -57.47 -23.41 -84.90
N PRO UA 161 -57.27 -23.70 -86.20
CA PRO UA 161 -57.06 -22.60 -87.15
C PRO UA 161 -58.37 -21.93 -87.56
N LEU UA 162 -58.29 -20.74 -88.18
CA LEU UA 162 -59.48 -20.06 -88.65
C LEU UA 162 -59.77 -20.32 -90.11
N SER UA 163 -60.63 -19.52 -90.72
CA SER UA 163 -60.91 -19.64 -92.15
C SER UA 163 -60.78 -18.23 -92.64
N ASP UA 164 -60.62 -17.30 -91.71
CA ASP UA 164 -60.49 -15.88 -92.04
C ASP UA 164 -59.24 -15.55 -92.83
N GLY UA 165 -58.14 -16.24 -92.54
CA GLY UA 165 -56.88 -15.86 -93.14
C GLY UA 165 -56.63 -15.79 -94.62
N ILE UA 166 -57.19 -16.69 -95.41
CA ILE UA 166 -56.81 -16.70 -96.84
C ILE UA 166 -57.78 -16.22 -97.92
N ARG UA 167 -57.35 -15.28 -98.74
CA ARG UA 167 -58.14 -14.82 -99.88
C ARG UA 167 -57.70 -15.68 -101.03
N LEU UA 168 -58.61 -16.09 -101.90
CA LEU UA 168 -58.25 -17.01 -102.95
C LEU UA 168 -58.33 -16.34 -104.30
N PRO UA 169 -57.27 -16.48 -105.10
CA PRO UA 169 -57.29 -15.91 -106.45
C PRO UA 169 -58.37 -16.56 -107.28
N GLY UA 170 -58.56 -17.86 -107.11
CA GLY UA 170 -59.63 -18.56 -107.82
C GLY UA 170 -59.20 -19.97 -108.14
N GLY UA 171 -60.12 -20.92 -108.02
CA GLY UA 171 -59.77 -22.31 -108.25
C GLY UA 171 -59.10 -22.94 -107.04
N PHE UA 172 -59.05 -22.21 -105.93
CA PHE UA 172 -58.36 -22.72 -104.76
C PHE UA 172 -59.32 -22.97 -103.61
N SER UA 173 -59.18 -24.13 -102.97
CA SER UA 173 -60.01 -24.43 -101.81
C SER UA 173 -59.10 -24.62 -100.62
N VAL UA 174 -59.43 -24.03 -99.49
CA VAL UA 174 -58.54 -24.08 -98.34
C VAL UA 174 -58.95 -25.02 -97.21
N THR UA 175 -58.04 -25.87 -96.72
CA THR UA 175 -58.35 -26.69 -95.58
C THR UA 175 -57.30 -26.50 -94.48
N PRO UA 176 -57.69 -26.16 -93.26
CA PRO UA 176 -56.69 -25.98 -92.20
C PRO UA 176 -56.18 -27.30 -91.68
N LEU UA 177 -54.87 -27.34 -91.45
CA LEU UA 177 -54.22 -28.54 -90.98
C LEU UA 177 -53.78 -28.34 -89.56
N LYS UA 178 -52.77 -27.51 -89.36
CA LYS UA 178 -52.22 -27.35 -88.03
C LYS UA 178 -52.09 -25.88 -87.67
N ALA UA 179 -52.07 -25.57 -86.40
CA ALA UA 179 -51.89 -24.19 -85.98
C ALA UA 179 -51.31 -24.03 -84.58
N TRP UA 180 -50.47 -23.02 -84.42
CA TRP UA 180 -49.86 -22.75 -83.12
C TRP UA 180 -50.31 -21.38 -82.65
N ALA UA 181 -50.46 -21.24 -81.34
CA ALA UA 181 -50.80 -19.96 -80.73
C ALA UA 181 -49.89 -19.71 -79.55
N GLY UA 182 -49.34 -18.49 -79.47
CA GLY UA 182 -48.40 -18.17 -78.42
C GLY UA 182 -48.79 -16.96 -77.62
N ASP UA 183 -47.79 -16.25 -77.09
CA ASP UA 183 -48.02 -15.09 -76.26
C ASP UA 183 -48.13 -13.79 -77.05
N GLN UA 184 -47.50 -13.71 -78.22
CA GLN UA 184 -47.48 -12.50 -79.02
C GLN UA 184 -47.95 -12.69 -80.45
N LEU UA 185 -47.63 -13.83 -81.05
CA LEU UA 185 -47.92 -14.07 -82.47
C LEU UA 185 -48.73 -15.35 -82.60
N ARG UA 186 -49.14 -15.66 -83.83
CA ARG UA 186 -49.89 -16.88 -84.10
C ARG UA 186 -49.58 -17.36 -85.52
N ALA UA 187 -49.47 -18.67 -85.69
CA ALA UA 187 -49.19 -19.25 -86.99
C ALA UA 187 -50.19 -20.36 -87.29
N ASP UA 188 -50.45 -20.57 -88.58
CA ASP UA 188 -51.35 -21.62 -89.01
C ASP UA 188 -50.95 -22.12 -90.38
N ARG UA 189 -51.46 -23.30 -90.74
CA ARG UA 189 -51.13 -23.95 -92.00
C ARG UA 189 -52.41 -24.33 -92.73
N TYR UA 190 -52.52 -23.95 -93.99
CA TYR UA 190 -53.68 -24.25 -94.79
C TYR UA 190 -53.17 -24.88 -96.04
N GLU UA 191 -53.84 -25.90 -96.54
CA GLU UA 191 -53.43 -26.48 -97.79
C GLU UA 191 -54.43 -26.10 -98.83
N LEU UA 192 -53.95 -25.51 -99.91
CA LEU UA 192 -54.83 -25.07 -100.96
C LEU UA 192 -55.03 -26.22 -101.89
N ARG UA 193 -56.21 -26.30 -102.49
CA ARG UA 193 -56.42 -27.33 -103.47
C ARG UA 193 -55.82 -26.99 -104.79
N ASN UA 194 -55.69 -28.02 -105.59
CA ASN UA 194 -55.24 -27.80 -106.90
C ASN UA 194 -56.18 -26.88 -107.63
N ALA UA 195 -55.65 -25.94 -108.38
CA ALA UA 195 -56.45 -25.10 -109.21
C ALA UA 195 -56.94 -25.87 -110.41
N ASN UA 196 -57.92 -25.34 -111.13
CA ASN UA 196 -58.48 -25.97 -112.33
C ASN UA 196 -57.53 -26.50 -113.38
N THR UA 197 -57.50 -25.87 -114.55
CA THR UA 197 -56.55 -26.24 -115.60
C THR UA 197 -55.63 -25.17 -116.19
N TRP UA 198 -55.88 -23.90 -115.86
CA TRP UA 198 -54.98 -22.86 -116.30
C TRP UA 198 -53.85 -22.79 -115.30
N GLY UA 199 -52.64 -22.58 -115.76
CA GLY UA 199 -51.54 -22.43 -114.84
C GLY UA 199 -51.80 -21.17 -114.03
N VAL UA 200 -51.64 -21.26 -112.71
CA VAL UA 200 -51.92 -20.11 -111.86
C VAL UA 200 -50.64 -19.67 -111.21
N ALA UA 201 -50.03 -18.60 -111.74
CA ALA UA 201 -48.85 -18.07 -111.09
C ALA UA 201 -49.20 -17.71 -109.67
N LEU UA 202 -48.31 -18.00 -108.74
CA LEU UA 202 -48.63 -17.75 -107.35
C LEU UA 202 -47.94 -16.50 -106.84
N ARG UA 203 -48.72 -15.53 -106.39
CA ARG UA 203 -48.16 -14.29 -105.87
C ARG UA 203 -48.26 -14.27 -104.37
N GLU UA 204 -47.18 -14.16 -103.65
CA GLU UA 204 -47.31 -14.25 -102.19
C GLU UA 204 -48.18 -13.14 -101.60
N GLN UA 205 -48.27 -11.99 -102.28
CA GLN UA 205 -49.15 -10.95 -101.74
C GLN UA 205 -50.57 -11.02 -102.28
N ASP UA 206 -50.89 -12.03 -103.08
CA ASP UA 206 -52.25 -12.21 -103.60
C ASP UA 206 -53.12 -13.06 -102.69
N PHE UA 207 -52.59 -13.44 -101.52
CA PHE UA 207 -53.38 -14.15 -100.51
C PHE UA 207 -53.52 -13.31 -99.24
N TRP UA 208 -53.41 -12.00 -99.37
CA TRP UA 208 -53.43 -11.11 -98.21
C TRP UA 208 -54.77 -10.83 -97.56
N LYS UA 209 -54.77 -10.71 -96.23
CA LYS UA 209 -55.98 -10.35 -95.54
C LYS UA 209 -55.63 -9.37 -94.39
N PRO UA 210 -56.29 -8.19 -94.27
CA PRO UA 210 -56.00 -7.33 -93.13
C PRO UA 210 -55.79 -8.14 -91.86
N GLY UA 211 -54.77 -7.76 -91.09
CA GLY UA 211 -54.44 -8.41 -89.85
C GLY UA 211 -53.30 -9.42 -89.94
N VAL UA 212 -52.92 -9.84 -91.15
CA VAL UA 212 -51.83 -10.83 -91.32
C VAL UA 212 -50.42 -10.24 -91.36
N ARG UA 213 -49.54 -10.71 -90.49
CA ARG UA 213 -48.19 -10.20 -90.44
C ARG UA 213 -47.32 -10.68 -91.62
N ALA UA 214 -47.14 -11.99 -91.80
CA ALA UA 214 -46.37 -12.51 -92.93
C ALA UA 214 -46.98 -13.74 -93.58
N VAL UA 215 -46.89 -13.84 -94.90
CA VAL UA 215 -47.38 -15.03 -95.59
C VAL UA 215 -46.23 -15.64 -96.38
N MET UA 216 -45.98 -16.94 -96.20
CA MET UA 216 -44.93 -17.60 -96.97
C MET UA 216 -45.40 -18.89 -97.64
N PHE UA 217 -44.81 -19.22 -98.79
CA PHE UA 217 -45.24 -20.40 -99.53
C PHE UA 217 -44.22 -21.52 -99.40
N ASP UA 218 -44.67 -22.73 -99.12
CA ASP UA 218 -43.76 -23.87 -99.07
C ASP UA 218 -43.30 -24.23 -100.47
N ASN UA 219 -42.17 -24.92 -100.59
CA ASN UA 219 -41.59 -25.25 -101.90
C ASN UA 219 -41.20 -23.95 -102.59
N ASN UA 220 -41.30 -23.90 -103.92
CA ASN UA 220 -41.03 -22.61 -104.58
C ASN UA 220 -42.05 -21.89 -105.44
N ALA UA 221 -43.33 -22.14 -105.25
CA ALA UA 221 -44.32 -21.35 -105.99
C ALA UA 221 -44.03 -21.48 -107.47
N GLN UA 222 -43.79 -20.34 -108.14
CA GLN UA 222 -43.46 -20.36 -109.56
C GLN UA 222 -44.51 -21.05 -110.37
N THR UA 223 -45.78 -20.75 -110.09
CA THR UA 223 -46.91 -21.31 -110.85
C THR UA 223 -47.31 -22.73 -110.47
N LEU UA 224 -48.38 -22.86 -109.69
CA LEU UA 224 -48.89 -24.20 -109.37
C LEU UA 224 -49.56 -24.52 -110.68
N MET UA 225 -49.44 -25.74 -111.18
CA MET UA 225 -49.96 -26.04 -112.53
C MET UA 225 -51.45 -26.34 -112.67
N GLY UA 226 -51.79 -27.21 -113.63
CA GLY UA 226 -53.17 -27.62 -113.80
C GLY UA 226 -53.59 -28.24 -112.49
N GLY UA 227 -52.66 -28.31 -111.55
CA GLY UA 227 -53.03 -28.75 -110.22
C GLY UA 227 -51.88 -28.72 -109.25
N GLY UA 228 -52.06 -29.35 -108.11
CA GLY UA 228 -51.02 -29.40 -107.11
C GLY UA 228 -51.57 -28.88 -105.79
N ARG UA 229 -51.30 -29.60 -104.71
CA ARG UA 229 -51.72 -29.15 -103.40
C ARG UA 229 -50.53 -28.63 -102.62
N MET UA 230 -50.51 -27.34 -102.32
CA MET UA 230 -49.35 -26.76 -101.67
C MET UA 230 -49.73 -26.16 -100.33
N THR UA 231 -49.00 -26.52 -99.29
CA THR UA 231 -49.29 -26.00 -97.96
C THR UA 231 -48.72 -24.60 -97.77
N VAL UA 232 -49.54 -23.69 -97.24
CA VAL UA 232 -49.10 -22.32 -97.03
C VAL UA 232 -49.23 -21.97 -95.57
N THR UA 233 -48.17 -21.43 -94.98
CA THR UA 233 -48.23 -21.01 -93.59
C THR UA 233 -48.52 -19.52 -93.49
N VAL UA 234 -49.57 -19.16 -92.77
CA VAL UA 234 -49.95 -17.75 -92.65
C VAL UA 234 -49.71 -17.28 -91.22
N ILE UA 235 -49.11 -16.12 -91.07
CA ILE UA 235 -48.76 -15.64 -89.75
C ILE UA 235 -49.60 -14.43 -89.38
N ARG UA 236 -50.24 -14.45 -88.21
CA ARG UA 236 -51.13 -13.36 -87.81
C ARG UA 236 -50.89 -12.98 -86.36
N GLY UA 237 -51.28 -11.76 -85.97
CA GLY UA 237 -51.14 -11.31 -84.60
C GLY UA 237 -51.98 -12.15 -83.65
N ASN UA 238 -51.60 -12.10 -82.37
CA ASN UA 238 -52.26 -12.86 -81.34
C ASN UA 238 -52.82 -11.92 -80.28
N GLY UA 239 -54.01 -12.24 -79.80
CA GLY UA 239 -54.70 -11.39 -78.84
C GLY UA 239 -55.44 -10.25 -79.51
N GLU UA 240 -54.75 -9.54 -80.41
CA GLU UA 240 -55.38 -8.44 -81.14
C GLU UA 240 -56.42 -8.98 -82.11
N GLY UA 241 -57.57 -8.33 -82.16
CA GLY UA 241 -58.64 -8.74 -83.04
C GLY UA 241 -58.40 -8.38 -84.49
N GLN VA 25 27.72 -27.66 -101.44
CA GLN VA 25 28.46 -28.85 -101.05
C GLN VA 25 27.79 -29.48 -99.85
N SER VA 26 28.31 -30.61 -99.39
CA SER VA 26 27.73 -31.30 -98.27
C SER VA 26 28.89 -31.60 -97.33
N PRO VA 27 28.63 -31.66 -96.02
CA PRO VA 27 29.79 -31.88 -95.16
C PRO VA 27 30.40 -33.23 -95.45
N ALA VA 28 31.73 -33.34 -95.38
CA ALA VA 28 32.39 -34.61 -95.63
C ALA VA 28 32.14 -35.56 -94.51
N THR VA 29 31.61 -36.74 -94.82
CA THR VA 29 31.24 -37.68 -93.77
C THR VA 29 32.29 -38.74 -93.55
N ILE VA 30 32.71 -38.89 -92.30
CA ILE VA 30 33.74 -39.84 -91.97
C ILE VA 30 33.27 -40.81 -90.90
N SER VA 31 33.42 -42.11 -91.14
CA SER VA 31 32.94 -43.10 -90.19
C SER VA 31 34.11 -43.71 -89.46
N LEU VA 32 34.10 -43.62 -88.14
CA LEU VA 32 35.25 -44.08 -87.37
C LEU VA 32 34.89 -44.91 -86.14
N PRO VA 33 35.65 -45.98 -85.87
CA PRO VA 33 35.45 -46.78 -84.65
C PRO VA 33 35.98 -46.00 -83.46
N GLN VA 34 35.65 -46.33 -82.22
CA GLN VA 34 36.17 -45.51 -81.13
C GLN VA 34 37.68 -45.55 -81.12
N GLY VA 35 38.32 -44.41 -80.93
CA GLY VA 35 39.76 -44.33 -80.98
C GLY VA 35 40.25 -44.25 -82.40
N GLY VA 36 39.34 -44.11 -83.35
CA GLY VA 36 39.70 -44.07 -84.74
C GLY VA 36 40.48 -42.86 -85.13
N GLN VA 37 41.37 -42.98 -86.10
CA GLN VA 37 42.21 -41.86 -86.51
C GLN VA 37 42.08 -41.57 -87.99
N PHE VA 38 41.59 -40.38 -88.34
CA PHE VA 38 41.40 -40.03 -89.73
C PHE VA 38 42.23 -38.82 -90.15
N ARG VA 39 42.95 -38.95 -91.26
CA ARG VA 39 43.76 -37.83 -91.75
C ARG VA 39 42.96 -36.87 -92.62
N LEU VA 40 42.56 -35.74 -92.06
CA LEU VA 40 41.83 -34.73 -92.82
C LEU VA 40 42.49 -33.37 -92.83
N SER VA 41 42.61 -32.76 -94.00
CA SER VA 41 43.16 -31.41 -94.07
C SER VA 41 42.21 -30.37 -93.51
N ILE VA 42 42.74 -29.34 -92.86
CA ILE VA 42 41.89 -28.25 -92.37
C ILE VA 42 42.38 -26.96 -93.02
N SER VA 43 41.94 -25.81 -92.53
CA SER VA 43 42.44 -24.56 -93.08
C SER VA 43 43.05 -23.59 -92.09
N ASN VA 44 44.20 -23.01 -92.45
CA ASN VA 44 44.83 -22.01 -91.60
C ASN VA 44 44.11 -20.66 -91.60
N THR VA 45 43.72 -20.20 -92.78
CA THR VA 45 42.97 -18.95 -92.91
C THR VA 45 41.55 -18.85 -92.34
N ASP VA 46 40.74 -19.89 -92.48
CA ASP VA 46 39.32 -19.77 -92.07
C ASP VA 46 38.84 -20.77 -91.05
N PRO VA 47 37.76 -20.45 -90.33
CA PRO VA 47 37.28 -21.35 -89.29
C PRO VA 47 36.85 -22.71 -89.82
N ASN VA 48 37.02 -23.76 -89.04
CA ASN VA 48 36.71 -25.11 -89.51
C ASN VA 48 35.75 -25.73 -88.52
N MET VA 49 34.92 -26.65 -88.98
CA MET VA 49 33.91 -27.23 -88.11
C MET VA 49 33.93 -28.75 -88.12
N ILE VA 50 33.61 -29.36 -86.98
CA ILE VA 50 33.55 -30.80 -86.87
C ILE VA 50 32.34 -31.02 -86.03
N PHE VA 51 31.34 -31.70 -86.57
CA PHE VA 51 30.15 -32.02 -85.79
C PHE VA 51 29.84 -33.49 -85.83
N ILE VA 52 29.40 -34.04 -84.71
CA ILE VA 52 28.99 -35.44 -84.71
C ILE VA 52 27.48 -35.42 -84.57
N PRO VA 53 26.78 -35.91 -85.58
CA PRO VA 53 25.33 -35.82 -85.47
C PRO VA 53 24.80 -36.67 -84.33
N GLY VA 54 23.89 -36.14 -83.53
CA GLY VA 54 23.34 -36.87 -82.41
C GLY VA 54 24.25 -36.80 -81.20
N ASP VA 55 25.34 -36.06 -81.30
CA ASP VA 55 26.30 -36.00 -80.20
C ASP VA 55 26.82 -34.61 -79.96
N LYS VA 56 27.20 -34.32 -78.72
CA LYS VA 56 27.71 -33.02 -78.39
C LYS VA 56 29.17 -33.11 -78.00
N VAL VA 57 30.02 -32.33 -78.64
CA VAL VA 57 31.42 -32.34 -78.32
C VAL VA 57 31.54 -31.79 -76.92
N THR VA 58 32.21 -32.52 -76.05
CA THR VA 58 32.40 -32.05 -74.69
C THR VA 58 33.83 -31.59 -74.46
N ALA VA 59 34.76 -32.07 -75.28
CA ALA VA 59 36.14 -31.70 -75.10
C ALA VA 59 36.97 -31.77 -76.36
N ILE VA 60 38.02 -30.96 -76.44
CA ILE VA 60 38.93 -31.01 -77.58
C ILE VA 60 40.33 -30.80 -77.06
N THR VA 61 41.30 -31.54 -77.60
CA THR VA 61 42.69 -31.43 -77.18
C THR VA 61 43.55 -31.40 -78.41
N ALA VA 62 44.55 -30.54 -78.47
CA ALA VA 62 45.47 -30.55 -79.61
C ALA VA 62 46.88 -30.27 -79.11
N PRO VA 63 47.93 -30.56 -79.93
CA PRO VA 63 49.24 -30.16 -79.43
C PRO VA 63 49.24 -28.68 -79.09
N GLY VA 64 49.97 -28.26 -78.06
CA GLY VA 64 49.89 -26.88 -77.64
C GLY VA 64 50.29 -25.82 -78.65
N GLY VA 65 49.46 -24.79 -78.78
CA GLY VA 65 49.74 -23.70 -79.70
C GLY VA 65 49.22 -23.93 -81.10
N MET VA 66 48.83 -25.16 -81.40
CA MET VA 66 48.28 -25.48 -82.70
C MET VA 66 46.90 -24.89 -83.01
N LEU VA 67 46.00 -24.89 -82.03
CA LEU VA 67 44.65 -24.38 -82.27
C LEU VA 67 44.42 -23.03 -81.63
N ALA VA 68 44.23 -22.01 -82.46
CA ALA VA 68 44.04 -20.66 -81.96
C ALA VA 68 42.79 -20.40 -81.14
N ASP VA 69 41.64 -20.87 -81.60
CA ASP VA 69 40.38 -20.61 -80.90
C ASP VA 69 39.41 -21.75 -81.04
N LYS VA 70 38.72 -22.10 -79.95
CA LYS VA 70 37.76 -23.19 -79.98
C LYS VA 70 36.43 -22.80 -79.33
N ARG VA 71 35.33 -22.88 -80.08
CA ARG VA 71 34.01 -22.54 -79.56
C ARG VA 71 32.98 -23.64 -79.84
N LEU VA 72 31.99 -23.79 -78.96
CA LEU VA 72 30.96 -24.78 -79.16
C LEU VA 72 29.78 -24.22 -79.94
N THR VA 73 29.48 -24.82 -81.08
CA THR VA 73 28.36 -24.37 -81.90
C THR VA 73 27.03 -24.87 -81.39
N ARG VA 74 25.94 -24.32 -81.90
CA ARG VA 74 24.62 -24.77 -81.53
C ARG VA 74 24.45 -26.21 -81.96
N ALA VA 75 23.78 -27.01 -81.15
CA ALA VA 75 23.63 -28.43 -81.43
C ALA VA 75 24.94 -29.16 -81.56
N GLY VA 76 25.88 -28.91 -80.65
CA GLY VA 76 27.13 -29.63 -80.66
C GLY VA 76 27.99 -29.08 -81.76
N GLY VA 77 29.10 -29.72 -82.02
CA GLY VA 77 30.00 -29.22 -83.03
C GLY VA 77 31.03 -28.33 -82.42
N VAL VA 78 32.18 -28.22 -83.07
CA VAL VA 78 33.22 -27.32 -82.59
C VAL VA 78 33.68 -26.46 -83.72
N LEU VA 79 33.89 -25.18 -83.44
CA LEU VA 79 34.42 -24.30 -84.45
C LEU VA 79 35.83 -24.04 -84.02
N PHE VA 80 36.79 -24.24 -84.91
CA PHE VA 80 38.19 -24.08 -84.55
C PHE VA 80 39.05 -23.45 -85.63
N THR VA 81 40.03 -22.65 -85.24
CA THR VA 81 40.89 -21.99 -86.20
C THR VA 81 42.33 -22.32 -85.88
N SER VA 82 43.15 -22.56 -86.90
CA SER VA 82 44.55 -22.86 -86.67
C SER VA 82 45.53 -21.94 -87.37
N VAL VA 83 46.51 -21.42 -86.64
CA VAL VA 83 47.55 -20.61 -87.28
C VAL VA 83 48.74 -21.49 -87.62
N ALA VA 84 48.66 -22.78 -87.29
CA ALA VA 84 49.77 -23.70 -87.50
C ALA VA 84 50.11 -24.08 -88.90
N THR VA 85 51.36 -24.49 -89.13
CA THR VA 85 51.77 -24.97 -90.44
C THR VA 85 52.22 -26.43 -90.42
N ARG VA 86 52.02 -27.14 -89.31
CA ARG VA 86 52.50 -28.51 -89.18
C ARG VA 86 51.35 -29.47 -88.93
N THR VA 87 51.44 -30.68 -89.47
CA THR VA 87 50.40 -31.68 -89.24
C THR VA 87 50.34 -31.99 -87.77
N PHE VA 88 49.14 -32.07 -87.22
CA PHE VA 88 48.98 -32.29 -85.80
C PHE VA 88 47.82 -33.19 -85.48
N THR VA 89 47.72 -33.64 -84.24
CA THR VA 89 46.67 -34.58 -83.90
C THR VA 89 45.71 -33.98 -82.92
N ILE VA 90 44.43 -33.97 -83.29
CA ILE VA 90 43.39 -33.45 -82.41
C ILE VA 90 42.56 -34.58 -81.85
N PHE VA 91 42.29 -34.58 -80.55
CA PHE VA 91 41.45 -35.59 -79.96
C PHE VA 91 40.14 -34.99 -79.53
N VAL VA 92 39.04 -35.51 -80.04
CA VAL VA 92 37.73 -34.96 -79.72
C VAL VA 92 36.91 -35.95 -78.92
N GLU VA 93 36.31 -35.48 -77.83
CA GLU VA 93 35.51 -36.34 -76.98
C GLU VA 93 34.07 -35.94 -76.95
N THR VA 94 33.19 -36.85 -77.30
CA THR VA 94 31.77 -36.57 -77.28
C THR VA 94 31.16 -36.93 -75.95
N ALA VA 95 29.90 -36.55 -75.75
CA ALA VA 95 29.24 -36.75 -74.45
C ALA VA 95 28.72 -38.15 -74.23
N ARG VA 96 28.68 -38.96 -75.29
CA ARG VA 96 28.22 -40.32 -75.18
C ARG VA 96 29.40 -41.24 -74.95
N GLY VA 97 30.54 -40.68 -74.60
CA GLY VA 97 31.71 -41.48 -74.29
C GLY VA 97 32.59 -41.87 -75.44
N GLN VA 98 32.31 -41.34 -76.62
CA GLN VA 98 33.09 -41.70 -77.78
C GLN VA 98 34.23 -40.74 -77.94
N THR VA 99 35.40 -41.25 -78.28
CA THR VA 99 36.53 -40.39 -78.50
C THR VA 99 37.10 -40.72 -79.86
N PHE VA 100 37.40 -39.71 -80.64
CA PHE VA 100 37.96 -39.92 -81.95
C PHE VA 100 39.18 -39.06 -82.10
N SER VA 101 40.05 -39.43 -83.03
CA SER VA 101 41.26 -38.68 -83.24
C SER VA 101 41.34 -38.29 -84.68
N VAL VA 102 41.88 -37.12 -84.93
CA VAL VA 102 41.98 -36.63 -86.28
C VAL VA 102 43.39 -36.13 -86.48
N VAL VA 103 43.98 -36.39 -87.64
CA VAL VA 103 45.30 -35.83 -87.91
C VAL VA 103 45.01 -34.72 -88.88
N ALA VA 104 45.36 -33.49 -88.53
CA ALA VA 104 45.01 -32.34 -89.36
C ALA VA 104 46.18 -31.68 -90.01
N THR VA 105 46.14 -31.54 -91.33
CA THR VA 105 47.20 -30.84 -92.04
C THR VA 105 46.67 -29.49 -92.46
N PRO VA 106 47.28 -28.41 -91.96
CA PRO VA 106 46.71 -27.11 -92.29
C PRO VA 106 47.09 -26.63 -93.68
N VAL VA 107 46.11 -26.22 -94.48
CA VAL VA 107 46.36 -25.78 -95.86
C VAL VA 107 45.49 -24.58 -96.21
N LYS VA 108 45.94 -23.77 -97.16
CA LYS VA 108 45.18 -22.57 -97.55
C LYS VA 108 43.87 -22.90 -98.25
N GLY VA 109 42.80 -22.22 -97.86
CA GLY VA 109 41.52 -22.46 -98.49
C GLY VA 109 40.30 -22.15 -97.66
N GLU VA 110 39.15 -22.60 -98.13
CA GLU VA 110 37.91 -22.40 -97.39
C GLU VA 110 37.83 -23.26 -96.15
N GLY VA 111 37.11 -22.81 -95.15
CA GLY VA 111 36.95 -23.58 -93.94
C GLY VA 111 36.26 -24.87 -94.29
N ARG VA 112 36.80 -25.99 -93.78
CA ARG VA 112 36.26 -27.30 -94.12
C ARG VA 112 35.41 -27.85 -93.02
N VAL VA 113 34.28 -28.46 -93.38
CA VAL VA 113 33.36 -29.02 -92.38
C VAL VA 113 33.24 -30.51 -92.53
N TYR VA 114 33.37 -31.22 -91.42
CA TYR VA 114 33.34 -32.67 -91.46
C TYR VA 114 32.25 -33.25 -90.59
N ARG VA 115 31.58 -34.29 -91.07
CA ARG VA 115 30.51 -34.93 -90.31
C ARG VA 115 31.03 -36.22 -89.74
N LEU VA 116 31.05 -36.35 -88.42
CA LEU VA 116 31.64 -37.53 -87.81
C LEU VA 116 30.62 -38.58 -87.56
N MET VA 117 30.90 -39.79 -88.01
CA MET VA 117 29.99 -40.88 -87.82
C MET VA 117 30.62 -42.05 -87.09
N SER VA 118 29.82 -42.86 -86.44
CA SER VA 118 30.28 -44.03 -85.72
C SER VA 118 30.05 -45.28 -86.56
N ALA VA 119 31.11 -46.07 -86.73
CA ALA VA 119 31.05 -47.26 -87.59
C ALA VA 119 30.03 -48.26 -87.06
N GLU VA 120 30.04 -48.51 -85.75
CA GLU VA 120 29.11 -49.46 -85.15
C GLU VA 120 28.06 -48.71 -84.36
N PRO VA 121 26.78 -48.78 -84.74
CA PRO VA 121 25.72 -48.17 -83.93
C PRO VA 121 25.66 -48.81 -82.56
N PRO VA 122 25.68 -48.01 -81.48
CA PRO VA 122 25.72 -48.61 -80.14
C PRO VA 122 24.43 -49.32 -79.75
N SER VA 123 23.28 -48.69 -79.98
CA SER VA 123 22.00 -49.26 -79.61
C SER VA 123 20.99 -49.00 -80.72
N ARG VA 124 19.94 -49.82 -80.74
CA ARG VA 124 18.85 -49.68 -81.70
C ARG VA 124 17.59 -49.23 -80.98
N PRO VA 125 17.24 -47.92 -81.05
CA PRO VA 125 16.00 -47.60 -80.32
C PRO VA 125 14.80 -48.22 -81.00
N GLU VA 126 13.90 -48.82 -80.21
CA GLU VA 126 12.73 -49.48 -80.78
C GLU VA 126 11.79 -48.46 -81.41
N THR VA 127 11.12 -48.85 -82.48
CA THR VA 127 10.22 -47.94 -83.18
C THR VA 127 9.04 -47.52 -82.33
N ARG VA 128 8.59 -46.28 -82.52
CA ARG VA 128 7.46 -45.78 -81.75
C ARG VA 128 6.25 -45.48 -82.63
N LYS VA 129 5.16 -46.24 -82.46
CA LYS VA 129 3.95 -45.95 -83.21
C LYS VA 129 3.21 -44.85 -82.47
N TRP VA 130 3.13 -43.67 -83.08
CA TRP VA 130 2.53 -42.54 -82.42
C TRP VA 130 1.12 -42.33 -82.91
N GLU VA 131 0.77 -43.01 -84.00
CA GLU VA 131 -0.55 -42.75 -84.57
C GLU VA 131 -1.64 -43.26 -83.64
N THR VA 132 -2.71 -42.48 -83.51
CA THR VA 132 -3.84 -42.82 -82.66
C THR VA 132 -5.12 -42.80 -83.49
N ALA VA 133 -5.91 -43.86 -83.37
CA ALA VA 133 -7.16 -43.95 -84.12
C ALA VA 133 -8.25 -43.12 -83.46
N GLN VA 134 -9.38 -42.98 -84.14
CA GLN VA 134 -10.47 -42.17 -83.63
C GLN VA 134 -11.23 -42.88 -82.56
N ALA VA 135 -11.91 -42.14 -81.70
CA ALA VA 135 -12.66 -42.74 -80.61
C ALA VA 135 -13.77 -43.69 -81.06
N TYR VA 136 -14.52 -43.30 -82.08
CA TYR VA 136 -15.58 -44.16 -82.58
C TYR VA 136 -15.00 -45.45 -83.12
N GLU VA 137 -13.90 -45.35 -83.87
CA GLU VA 137 -13.34 -46.54 -84.47
C GLU VA 137 -12.82 -47.49 -83.42
N LYS VA 138 -12.16 -46.96 -82.40
CA LYS VA 138 -11.63 -47.81 -81.35
C LYS VA 138 -12.74 -48.50 -80.59
N LEU VA 139 -13.85 -47.80 -80.38
CA LEU VA 139 -14.98 -48.38 -79.67
C LEU VA 139 -15.57 -49.57 -80.39
N LEU VA 140 -15.76 -49.47 -81.69
CA LEU VA 140 -16.25 -50.61 -82.45
C LEU VA 140 -15.26 -51.73 -82.44
N ILE VA 141 -13.98 -51.42 -82.60
CA ILE VA 141 -12.95 -52.45 -82.63
C ILE VA 141 -12.86 -53.21 -81.32
N SER VA 142 -12.94 -52.50 -80.21
CA SER VA 142 -12.85 -53.15 -78.91
C SER VA 142 -14.00 -54.10 -78.71
N LEU VA 143 -15.20 -53.67 -79.06
CA LEU VA 143 -16.37 -54.52 -78.92
C LEU VA 143 -16.30 -55.73 -79.81
N ASN VA 144 -15.85 -55.55 -81.04
CA ASN VA 144 -15.81 -56.67 -81.97
C ASN VA 144 -14.85 -57.70 -81.41
N ARG VA 145 -13.73 -57.25 -80.87
CA ARG VA 145 -12.79 -58.17 -80.26
C ARG VA 145 -13.37 -58.88 -79.04
N ALA VA 146 -14.11 -58.15 -78.21
CA ALA VA 146 -14.72 -58.76 -77.04
C ALA VA 146 -15.72 -59.82 -77.43
N VAL VA 147 -16.55 -59.54 -78.42
CA VAL VA 147 -17.53 -60.49 -78.89
C VAL VA 147 -16.86 -61.71 -79.48
N LEU VA 148 -15.77 -61.51 -80.21
CA LEU VA 148 -15.07 -62.62 -80.84
C LEU VA 148 -14.56 -63.58 -79.78
N THR VA 149 -14.03 -63.05 -78.68
CA THR VA 149 -13.57 -63.91 -77.60
C THR VA 149 -14.76 -64.36 -76.77
N GLY VA 150 -15.73 -63.48 -76.57
CA GLY VA 150 -16.93 -63.85 -75.83
C GLY VA 150 -17.04 -63.25 -74.45
N ASP VA 151 -15.97 -62.68 -73.93
CA ASP VA 151 -16.07 -62.00 -72.64
C ASP VA 151 -16.96 -60.77 -72.77
N ILE VA 152 -17.72 -60.47 -71.74
CA ILE VA 152 -18.66 -59.36 -71.86
C ILE VA 152 -18.20 -58.11 -71.12
N PRO VA 153 -18.22 -56.98 -71.81
CA PRO VA 153 -17.88 -55.74 -71.11
C PRO VA 153 -19.03 -55.38 -70.18
N ASP VA 154 -18.75 -54.61 -69.15
CA ASP VA 154 -19.80 -54.26 -68.20
C ASP VA 154 -20.90 -53.46 -68.87
N GLY VA 155 -22.14 -53.70 -68.45
CA GLY VA 155 -23.27 -53.02 -69.07
C GLY VA 155 -23.82 -53.75 -70.27
N TYR VA 156 -23.29 -54.93 -70.58
CA TYR VA 156 -23.83 -55.72 -71.68
C TYR VA 156 -24.53 -56.94 -71.11
N GLY VA 157 -25.87 -56.94 -71.12
CA GLY VA 157 -26.60 -58.01 -70.49
C GLY VA 157 -27.22 -59.11 -71.32
N GLU VA 158 -27.07 -59.05 -72.64
CA GLU VA 158 -27.60 -60.07 -73.57
C GLU VA 158 -29.04 -59.73 -73.96
N VAL VA 159 -29.45 -60.08 -75.18
CA VAL VA 159 -30.78 -59.73 -75.66
C VAL VA 159 -31.17 -60.60 -76.85
N LYS VA 160 -32.45 -60.66 -77.19
CA LYS VA 160 -32.87 -61.39 -78.36
C LYS VA 160 -32.36 -60.64 -79.58
N PRO VA 161 -31.82 -61.37 -80.58
CA PRO VA 161 -31.40 -60.69 -81.81
C PRO VA 161 -32.57 -60.39 -82.75
N LEU VA 162 -32.35 -59.53 -83.74
CA LEU VA 162 -33.40 -59.23 -84.71
C LEU VA 162 -33.28 -60.06 -85.97
N SER VA 163 -33.97 -59.65 -87.03
CA SER VA 163 -33.85 -60.34 -88.31
C SER VA 163 -33.64 -59.22 -89.29
N ASP VA 164 -33.75 -57.99 -88.78
CA ASP VA 164 -33.58 -56.79 -89.60
C ASP VA 164 -32.18 -56.63 -90.14
N GLY VA 165 -31.17 -57.01 -89.36
CA GLY VA 165 -29.80 -56.73 -89.76
C GLY VA 165 -29.18 -57.19 -91.04
N ILE VA 166 -29.48 -58.38 -91.52
CA ILE VA 166 -28.74 -58.87 -92.68
C ILE VA 166 -29.41 -58.96 -94.06
N ARG VA 167 -28.79 -58.36 -95.07
CA ARG VA 167 -29.27 -58.47 -96.44
C ARG VA 167 -28.51 -59.63 -97.02
N LEU VA 168 -29.15 -60.44 -97.85
CA LEU VA 168 -28.50 -61.64 -98.33
C LEU VA 168 -28.25 -61.54 -99.82
N PRO VA 169 -27.01 -61.83 -100.23
CA PRO VA 169 -26.68 -61.82 -101.66
C PRO VA 169 -27.49 -62.86 -102.38
N GLY VA 170 -27.69 -64.02 -101.78
CA GLY VA 170 -28.51 -65.05 -102.36
C GLY VA 170 -27.98 -66.42 -102.00
N GLY VA 171 -28.87 -67.37 -101.73
CA GLY VA 171 -28.44 -68.68 -101.30
C GLY VA 171 -28.10 -68.72 -99.83
N PHE VA 172 -28.36 -67.63 -99.12
CA PHE VA 172 -27.99 -67.57 -97.71
C PHE VA 172 -29.21 -67.49 -96.81
N SER VA 173 -29.22 -68.29 -95.76
CA SER VA 173 -30.32 -68.24 -94.80
C SER VA 173 -29.74 -67.86 -93.46
N VAL VA 174 -30.38 -66.94 -92.76
CA VAL VA 174 -29.81 -66.44 -91.50
C VAL VA 174 -30.49 -66.92 -90.23
N THR VA 175 -29.72 -67.41 -89.26
CA THR VA 175 -30.30 -67.77 -87.98
C THR VA 175 -29.59 -67.06 -86.85
N PRO VA 176 -30.29 -66.33 -85.97
CA PRO VA 176 -29.62 -65.64 -84.88
C PRO VA 176 -29.22 -66.60 -83.77
N LEU VA 177 -28.01 -66.39 -83.25
CA LEU VA 177 -27.49 -67.23 -82.20
C LEU VA 177 -27.45 -66.45 -80.92
N LYS VA 178 -26.54 -65.49 -80.84
CA LYS VA 178 -26.37 -64.77 -79.59
C LYS VA 178 -26.38 -63.27 -79.82
N ALA VA 179 -26.71 -62.50 -78.80
CA ALA VA 179 -26.68 -61.06 -78.93
C ALA VA 179 -26.49 -60.31 -77.63
N TRP VA 180 -25.74 -59.21 -77.67
CA TRP VA 180 -25.51 -58.41 -76.48
C TRP VA 180 -26.11 -57.03 -76.71
N ALA VA 181 -26.60 -56.42 -75.64
CA ALA VA 181 -27.12 -55.07 -75.69
C ALA VA 181 -26.56 -54.28 -74.52
N GLY VA 182 -26.08 -53.07 -74.81
CA GLY VA 182 -25.46 -52.25 -73.79
C GLY VA 182 -26.09 -50.89 -73.64
N ASP VA 183 -25.28 -49.92 -73.22
CA ASP VA 183 -25.75 -48.56 -72.99
C ASP VA 183 -25.68 -47.68 -74.23
N GLN VA 184 -24.76 -47.96 -75.15
CA GLN VA 184 -24.56 -47.14 -76.34
C GLN VA 184 -24.63 -47.92 -77.64
N LEU VA 185 -24.14 -49.16 -77.66
CA LEU VA 185 -24.03 -49.95 -78.89
C LEU VA 185 -24.75 -51.27 -78.69
N ARG VA 186 -24.81 -52.07 -79.75
CA ARG VA 186 -25.43 -53.38 -79.69
C ARG VA 186 -24.75 -54.31 -80.69
N ALA VA 187 -24.56 -55.57 -80.29
CA ALA VA 187 -23.93 -56.55 -81.16
C ALA VA 187 -24.78 -57.81 -81.22
N ASP VA 188 -24.69 -58.52 -82.34
CA ASP VA 188 -25.43 -59.76 -82.51
C ASP VA 188 -24.66 -60.68 -83.46
N ARG VA 189 -25.02 -61.97 -83.41
CA ARG VA 189 -24.36 -63.00 -84.20
C ARG VA 189 -25.39 -63.78 -85.00
N TYR VA 190 -25.17 -63.92 -86.29
CA TYR VA 190 -26.07 -64.65 -87.15
C TYR VA 190 -25.23 -65.62 -87.90
N GLU VA 191 -25.72 -66.83 -88.09
CA GLU VA 191 -24.98 -67.79 -88.89
C GLU VA 191 -25.68 -67.96 -90.19
N LEU VA 192 -24.95 -67.75 -91.27
CA LEU VA 192 -25.53 -67.85 -92.58
C LEU VA 192 -25.45 -69.29 -93.01
N ARG VA 193 -26.43 -69.73 -93.78
CA ARG VA 193 -26.34 -71.07 -94.30
C ARG VA 193 -25.42 -71.19 -95.45
N ASN VA 194 -25.05 -72.41 -95.73
CA ASN VA 194 -24.28 -72.64 -96.87
C ASN VA 194 -25.02 -72.19 -98.11
N ALA VA 195 -24.33 -71.54 -99.02
CA ALA VA 195 -24.91 -71.17 -100.28
C ALA VA 195 -25.04 -72.40 -101.15
N ASN VA 196 -25.82 -72.30 -102.23
CA ASN VA 196 -26.02 -73.41 -103.18
C ASN VA 196 -24.81 -74.17 -103.68
N THR VA 197 -24.49 -74.01 -104.96
CA THR VA 197 -23.29 -74.63 -105.54
C THR VA 197 -22.27 -73.75 -106.26
N TRP VA 198 -22.63 -72.50 -106.52
CA TRP VA 198 -21.68 -71.60 -107.13
C TRP VA 198 -20.86 -71.00 -106.00
N GLY VA 199 -19.56 -70.84 -106.22
CA GLY VA 199 -18.76 -70.20 -105.19
C GLY VA 199 -19.25 -68.79 -105.03
N VAL VA 200 -19.44 -68.36 -103.79
CA VAL VA 200 -19.96 -67.03 -103.56
C VAL VA 200 -18.92 -66.21 -102.85
N ALA VA 201 -18.22 -65.35 -103.60
CA ALA VA 201 -17.26 -64.47 -102.96
C ALA VA 201 -17.99 -63.64 -101.92
N LEU VA 202 -17.37 -63.44 -100.77
CA LEU VA 202 -18.05 -62.73 -99.70
C LEU VA 202 -17.55 -61.31 -99.60
N ARG VA 203 -18.45 -60.35 -99.76
CA ARG VA 203 -18.08 -58.95 -99.66
C ARG VA 203 -18.57 -58.39 -98.36
N GLU VA 204 -17.72 -57.88 -97.49
CA GLU VA 204 -18.24 -57.42 -96.20
C GLU VA 204 -19.25 -56.30 -96.32
N GLN VA 205 -19.20 -55.50 -97.40
CA GLN VA 205 -20.21 -54.46 -97.52
C GLN VA 205 -21.43 -54.90 -98.31
N ASP VA 206 -21.51 -56.18 -98.71
CA ASP VA 206 -22.67 -56.71 -99.41
C ASP VA 206 -23.73 -57.26 -98.46
N PHE VA 207 -23.52 -57.10 -97.15
CA PHE VA 207 -24.53 -57.48 -96.17
C PHE VA 207 -25.02 -56.25 -95.40
N TRP VA 208 -24.92 -55.07 -96.01
CA TRP VA 208 -25.26 -53.83 -95.32
C TRP VA 208 -26.74 -53.49 -95.17
N LYS VA 209 -27.09 -52.89 -94.04
CA LYS VA 209 -28.45 -52.45 -93.85
C LYS VA 209 -28.44 -51.08 -93.14
N PRO VA 210 -29.14 -50.04 -93.66
CA PRO VA 210 -29.18 -48.77 -92.91
C PRO VA 210 -29.29 -49.02 -91.41
N GLY VA 211 -28.52 -48.25 -90.64
CA GLY VA 211 -28.52 -48.34 -89.20
C GLY VA 211 -27.37 -49.15 -88.62
N VAL VA 212 -26.67 -49.95 -89.44
CA VAL VA 212 -25.55 -50.78 -88.96
C VAL VA 212 -24.19 -50.08 -88.88
N ARG VA 213 -23.57 -50.07 -87.71
CA ARG VA 213 -22.28 -49.41 -87.56
C ARG VA 213 -21.13 -50.18 -88.22
N ALA VA 214 -20.87 -51.42 -87.82
CA ALA VA 214 -19.82 -52.23 -88.44
C ALA VA 214 -20.20 -53.69 -88.67
N VAL VA 215 -19.76 -54.26 -89.78
CA VAL VA 215 -20.02 -55.68 -90.05
C VAL VA 215 -18.69 -56.39 -90.23
N MET VA 216 -18.46 -57.48 -89.52
CA MET VA 216 -17.23 -58.24 -89.68
C MET VA 216 -17.47 -59.73 -89.87
N PHE VA 217 -16.59 -60.39 -90.63
CA PHE VA 217 -16.78 -61.81 -90.92
C PHE VA 217 -15.80 -62.66 -90.13
N ASP VA 218 -16.28 -63.72 -89.51
CA ASP VA 218 -15.39 -64.63 -88.80
C ASP VA 218 -14.56 -65.44 -89.79
N ASN VA 219 -13.42 -65.96 -89.36
CA ASN VA 219 -12.51 -66.69 -90.26
C ASN VA 219 -11.98 -65.71 -91.30
N ASN VA 220 -11.74 -66.17 -92.52
CA ASN VA 220 -11.32 -65.20 -93.55
C ASN VA 220 -12.10 -64.99 -94.83
N ALA VA 221 -13.39 -65.30 -94.87
CA ALA VA 221 -14.16 -64.99 -96.08
C ALA VA 221 -13.49 -65.62 -97.27
N GLN VA 222 -13.11 -64.80 -98.26
CA GLN VA 222 -12.41 -65.31 -99.44
C GLN VA 222 -13.19 -66.38 -100.13
N THR VA 223 -14.50 -66.16 -100.30
CA THR VA 223 -15.38 -67.10 -101.01
C THR VA 223 -15.83 -68.31 -100.21
N LEU VA 224 -17.06 -68.28 -99.70
CA LEU VA 224 -17.60 -69.46 -99.01
C LEU VA 224 -17.90 -70.32 -100.21
N MET VA 225 -17.61 -71.62 -100.14
CA MET VA 225 -17.75 -72.46 -101.34
C MET VA 225 -19.14 -72.99 -101.71
N GLY VA 226 -19.20 -74.18 -102.29
CA GLY VA 226 -20.47 -74.80 -102.59
C GLY VA 226 -21.20 -74.94 -101.28
N GLY VA 227 -20.55 -74.52 -100.20
CA GLY VA 227 -21.24 -74.48 -98.94
C GLY VA 227 -20.39 -73.94 -97.82
N GLY VA 228 -20.86 -74.10 -96.60
CA GLY VA 228 -20.13 -73.64 -95.45
C GLY VA 228 -21.00 -72.76 -94.61
N ARG VA 229 -21.01 -72.97 -93.30
CA ARG VA 229 -21.78 -72.13 -92.42
C ARG VA 229 -20.85 -71.20 -91.65
N MET VA 230 -20.94 -69.90 -91.88
CA MET VA 230 -20.02 -68.97 -91.27
C MET VA 230 -20.74 -67.98 -90.40
N THR VA 231 -20.31 -67.82 -89.16
CA THR VA 231 -20.95 -66.88 -88.26
C THR VA 231 -20.49 -65.45 -88.51
N VAL VA 232 -21.44 -64.52 -88.58
CA VAL VA 232 -21.12 -63.13 -88.85
C VAL VA 232 -21.63 -62.28 -87.70
N THR VA 233 -20.78 -61.43 -87.16
CA THR VA 233 -21.21 -60.53 -86.09
C THR VA 233 -21.56 -59.15 -86.67
N VAL VA 234 -22.77 -58.69 -86.41
CA VAL VA 234 -23.21 -57.39 -86.95
C VAL VA 234 -23.36 -56.41 -85.81
N ILE VA 235 -22.86 -55.20 -86.00
CA ILE VA 235 -22.88 -54.21 -84.93
C ILE VA 235 -23.82 -53.08 -85.29
N ARG VA 236 -24.74 -52.74 -84.38
CA ARG VA 236 -25.74 -51.70 -84.67
C ARG VA 236 -25.91 -50.77 -83.48
N GLY VA 237 -26.41 -49.56 -83.69
CA GLY VA 237 -26.65 -48.62 -82.62
C GLY VA 237 -27.69 -49.14 -81.65
N ASN VA 238 -27.66 -48.57 -80.44
CA ASN VA 238 -28.55 -48.97 -79.37
C ASN VA 238 -29.40 -47.77 -78.95
N GLY VA 239 -30.67 -48.03 -78.67
CA GLY VA 239 -31.60 -46.99 -78.31
C GLY VA 239 -32.16 -46.28 -79.52
N GLU VA 240 -31.28 -45.87 -80.44
CA GLU VA 240 -31.72 -45.23 -81.66
C GLU VA 240 -32.45 -46.22 -82.56
N GLY VA 241 -33.58 -45.78 -83.13
CA GLY VA 241 -34.36 -46.63 -84.00
C GLY VA 241 -33.75 -46.81 -85.38
N GLN WA 25 54.26 -59.91 -72.74
CA GLN WA 25 54.89 -60.75 -71.75
C GLN WA 25 53.94 -60.96 -70.59
N SER WA 26 54.35 -61.77 -69.62
CA SER WA 26 53.51 -62.06 -68.48
C SER WA 26 54.40 -61.84 -67.27
N PRO WA 27 53.80 -61.43 -66.13
CA PRO WA 27 54.70 -61.16 -65.01
C PRO WA 27 55.40 -62.44 -64.60
N ALA WA 28 56.66 -62.34 -64.18
CA ALA WA 28 57.40 -63.52 -63.75
C ALA WA 28 56.89 -64.00 -62.43
N THR WA 29 56.49 -65.27 -62.37
CA THR WA 29 55.88 -65.79 -61.16
C THR WA 29 56.86 -66.53 -60.29
N ILE WA 30 56.93 -66.15 -59.03
CA ILE WA 30 57.87 -66.77 -58.12
C ILE WA 30 57.15 -67.33 -56.89
N SER WA 31 57.40 -68.59 -56.56
CA SER WA 31 56.71 -69.21 -55.43
C SER WA 31 57.65 -69.33 -54.27
N LEU WA 32 57.29 -68.76 -53.12
CA LEU WA 32 58.21 -68.74 -51.99
C LEU WA 32 57.56 -69.09 -50.67
N PRO WA 33 58.25 -69.88 -49.82
CA PRO WA 33 57.76 -70.18 -48.47
C PRO WA 33 57.94 -68.95 -47.60
N GLN WA 34 57.29 -68.83 -46.45
CA GLN WA 34 57.49 -67.61 -45.67
C GLN WA 34 58.95 -67.45 -45.29
N GLY WA 35 59.48 -66.25 -45.44
CA GLY WA 35 60.88 -66.01 -45.17
C GLY WA 35 61.73 -66.40 -46.35
N GLY WA 36 61.09 -66.75 -47.46
CA GLY WA 36 61.81 -67.19 -48.63
C GLY WA 36 62.63 -66.12 -49.28
N GLN WA 37 63.75 -66.49 -49.88
CA GLN WA 37 64.63 -65.50 -50.48
C GLN WA 37 64.90 -65.81 -51.95
N PHE WA 38 64.48 -64.90 -52.84
CA PHE WA 38 64.66 -65.12 -54.27
C PHE WA 38 65.54 -64.07 -54.92
N ARG WA 39 66.54 -64.52 -55.69
CA ARG WA 39 67.42 -63.58 -56.37
C ARG WA 39 66.85 -63.12 -57.71
N LEU WA 40 66.29 -61.92 -57.76
CA LEU WA 40 65.76 -61.38 -59.01
C LEU WA 40 66.36 -60.03 -59.39
N SER WA 41 66.77 -59.89 -60.64
CA SER WA 41 67.29 -58.62 -61.11
C SER WA 41 66.19 -57.57 -61.26
N ILE WA 42 66.51 -56.31 -60.94
CA ILE WA 42 65.53 -55.24 -61.14
C ILE WA 42 66.14 -54.25 -62.12
N SER WA 43 65.56 -53.06 -62.24
CA SER WA 43 66.15 -52.04 -63.12
C SER WA 43 66.46 -50.71 -62.47
N ASN WA 44 67.65 -50.17 -62.75
CA ASN WA 44 68.00 -48.84 -62.24
C ASN WA 44 67.27 -47.71 -62.95
N THR WA 45 67.19 -47.77 -64.27
CA THR WA 45 66.48 -46.77 -65.05
C THR WA 45 64.96 -46.64 -64.92
N ASP WA 46 64.23 -47.75 -64.81
CA ASP WA 46 62.76 -47.67 -64.83
C ASP WA 46 62.06 -48.27 -63.64
N PRO WA 47 60.81 -47.85 -63.38
CA PRO WA 47 60.09 -48.34 -62.21
C PRO WA 47 59.85 -49.84 -62.26
N ASN WA 48 59.84 -50.49 -61.10
CA ASN WA 48 59.70 -51.94 -61.06
C ASN WA 48 58.53 -52.26 -60.15
N MET WA 49 57.87 -53.39 -60.40
CA MET WA 49 56.68 -53.72 -59.62
C MET WA 49 56.75 -55.11 -59.03
N ILE WA 50 56.15 -55.29 -57.86
CA ILE WA 50 56.11 -56.59 -57.20
C ILE WA 50 54.71 -56.62 -56.65
N PHE WA 51 53.92 -57.58 -57.09
CA PHE WA 51 52.57 -57.73 -56.54
C PHE WA 51 52.32 -59.14 -56.08
N ILE WA 52 51.61 -59.28 -54.96
CA ILE WA 52 51.25 -60.61 -54.51
C ILE WA 52 49.76 -60.73 -54.74
N PRO WA 53 49.36 -61.65 -55.61
CA PRO WA 53 47.93 -61.71 -55.88
C PRO WA 53 47.15 -62.14 -54.65
N GLY WA 54 46.04 -61.46 -54.38
CA GLY WA 54 45.24 -61.78 -53.22
C GLY WA 54 45.79 -61.14 -51.96
N ASP WA 55 46.85 -60.36 -52.08
CA ASP WA 55 47.48 -59.78 -50.90
C ASP WA 55 47.88 -58.34 -51.12
N LYS WA 56 47.91 -57.57 -50.04
CA LYS WA 56 48.29 -56.18 -50.15
C LYS WA 56 49.59 -55.93 -49.42
N VAL WA 57 50.56 -55.35 -50.10
CA VAL WA 57 51.82 -55.06 -49.48
C VAL WA 57 51.56 -54.01 -48.44
N THR WA 58 52.00 -54.27 -47.22
CA THR WA 58 51.80 -53.31 -46.15
C THR WA 58 53.10 -52.62 -45.80
N ALA WA 59 54.23 -53.25 -46.12
CA ALA WA 59 55.52 -52.67 -45.78
C ALA WA 59 56.64 -53.10 -46.68
N ILE WA 60 57.66 -52.25 -46.83
CA ILE WA 60 58.83 -52.61 -47.60
C ILE WA 60 60.05 -52.05 -46.91
N THR WA 61 61.14 -52.80 -46.87
CA THR WA 61 62.37 -52.36 -46.21
C THR WA 61 63.52 -52.69 -47.12
N ALA WA 62 64.48 -51.80 -47.27
CA ALA WA 62 65.67 -52.11 -48.06
C ALA WA 62 66.88 -51.49 -47.41
N PRO WA 63 68.12 -51.93 -47.77
CA PRO WA 63 69.25 -51.20 -47.18
C PRO WA 63 69.12 -49.72 -47.47
N GLY WA 64 69.54 -48.86 -46.55
CA GLY WA 64 69.32 -47.44 -46.73
C GLY WA 64 69.94 -46.79 -47.96
N GLY WA 65 69.14 -46.01 -48.68
CA GLY WA 65 69.63 -45.32 -49.86
C GLY WA 65 69.50 -46.11 -51.14
N MET WA 66 69.24 -47.40 -51.00
CA MET WA 66 69.07 -48.26 -52.17
C MET WA 66 67.80 -48.01 -52.99
N LEU WA 67 66.67 -47.76 -52.33
CA LEU WA 67 65.42 -47.55 -53.06
C LEU WA 67 65.00 -46.11 -53.08
N ALA WA 68 65.01 -45.51 -54.26
CA ALA WA 68 64.66 -44.10 -54.39
C ALA WA 68 63.23 -43.71 -54.07
N ASP WA 69 62.25 -44.46 -54.56
CA ASP WA 69 60.85 -44.12 -54.33
C ASP WA 69 59.98 -45.34 -54.23
N LYS WA 70 59.03 -45.34 -53.29
CA LYS WA 70 58.14 -46.47 -53.10
C LYS WA 70 56.69 -46.05 -52.99
N ARG WA 71 55.83 -46.54 -53.88
CA ARG WA 71 54.40 -46.20 -53.86
C ARG WA 71 53.51 -47.44 -53.91
N LEU WA 72 52.33 -47.37 -53.31
CA LEU WA 72 51.41 -48.49 -53.34
C LEU WA 72 50.47 -48.41 -54.51
N THR WA 73 50.49 -49.43 -55.37
CA THR WA 73 49.62 -49.48 -56.53
C THR WA 73 48.22 -49.92 -56.19
N ARG WA 74 47.29 -49.74 -57.13
CA ARG WA 74 45.92 -50.18 -56.92
C ARG WA 74 45.91 -51.68 -56.77
N ALA WA 75 45.07 -52.20 -55.88
CA ALA WA 75 45.04 -53.64 -55.61
C ALA WA 75 46.36 -54.19 -55.14
N GLY WA 76 47.01 -53.49 -54.20
CA GLY WA 76 48.24 -54.00 -53.64
C GLY WA 76 49.35 -53.80 -54.63
N GLY WA 77 50.50 -54.34 -54.36
CA GLY WA 77 51.62 -54.15 -55.25
C GLY WA 77 52.43 -52.97 -54.82
N VAL WA 78 53.71 -52.96 -55.17
CA VAL WA 78 54.56 -51.83 -54.85
C VAL WA 78 55.28 -51.40 -56.08
N LEU WA 79 55.38 -50.10 -56.30
CA LEU WA 79 56.13 -49.59 -57.42
C LEU WA 79 57.37 -49.01 -56.81
N PHE WA 80 58.54 -49.41 -57.30
CA PHE WA 80 59.79 -48.95 -56.72
C PHE WA 80 60.88 -48.67 -57.73
N THR WA 81 61.70 -47.66 -57.47
CA THR WA 81 62.77 -47.30 -58.37
C THR WA 81 64.09 -47.32 -57.62
N SER WA 82 65.15 -47.80 -58.24
CA SER WA 82 66.45 -47.82 -57.59
C SER WA 82 67.55 -47.10 -58.35
N VAL WA 83 68.29 -46.23 -57.68
CA VAL WA 83 69.45 -45.60 -58.33
C VAL WA 83 70.70 -46.38 -58.01
N ALA WA 84 70.57 -47.45 -57.23
CA ALA WA 84 71.72 -48.23 -56.78
C ALA WA 84 72.43 -49.07 -57.80
N THR WA 85 73.70 -49.37 -57.54
CA THR WA 85 74.46 -50.25 -58.42
C THR WA 85 74.93 -51.53 -57.73
N ARG WA 86 74.45 -51.78 -56.51
CA ARG WA 86 74.92 -52.93 -55.73
C ARG WA 86 73.77 -53.86 -55.40
N THR WA 87 74.03 -55.17 -55.39
CA THR WA 87 73.00 -56.13 -55.03
C THR WA 87 72.55 -55.87 -53.62
N PHE WA 88 71.25 -55.90 -53.37
CA PHE WA 88 70.73 -55.58 -52.06
C PHE WA 88 69.55 -56.44 -51.69
N THR WA 89 69.14 -56.40 -50.45
CA THR WA 89 68.06 -57.26 -50.00
C THR WA 89 66.86 -56.47 -49.59
N ILE WA 90 65.73 -56.77 -50.23
CA ILE WA 90 64.47 -56.08 -49.89
C ILE WA 90 63.56 -57.03 -49.15
N PHE WA 91 62.95 -56.56 -48.05
CA PHE WA 91 62.01 -57.39 -47.33
C PHE WA 91 60.62 -56.83 -47.48
N VAL WA 92 59.71 -57.65 -47.99
CA VAL WA 92 58.35 -57.19 -48.22
C VAL WA 92 57.37 -57.89 -47.32
N GLU WA 93 56.49 -57.14 -46.68
CA GLU WA 93 55.53 -57.72 -45.77
C GLU WA 93 54.12 -57.51 -46.23
N THR WA 94 53.38 -58.59 -46.39
CA THR WA 94 52.00 -58.52 -46.82
C THR WA 94 51.06 -58.42 -45.64
N ALA WA 95 49.79 -58.15 -45.90
CA ALA WA 95 48.82 -57.94 -44.82
C ALA WA 95 48.29 -59.21 -44.18
N ARG WA 96 48.55 -60.34 -44.82
CA ARG WA 96 48.12 -61.63 -44.29
C ARG WA 96 49.22 -62.23 -43.45
N GLY WA 97 50.21 -61.44 -43.09
CA GLY WA 97 51.28 -61.90 -42.23
C GLY WA 97 52.44 -62.58 -42.90
N GLN WA 98 52.46 -62.58 -44.22
CA GLN WA 98 53.53 -63.24 -44.93
C GLN WA 98 54.65 -62.28 -45.18
N THR WA 99 55.87 -62.72 -45.01
CA THR WA 99 57.02 -61.88 -45.28
C THR WA 99 57.92 -62.62 -46.22
N PHE WA 100 58.40 -61.94 -47.25
CA PHE WA 100 59.29 -62.55 -48.20
C PHE WA 100 60.48 -61.66 -48.38
N SER WA 101 61.57 -62.24 -48.86
CA SER WA 101 62.78 -61.48 -49.07
C SER WA 101 63.22 -61.65 -50.48
N VAL WA 102 63.78 -60.60 -51.04
CA VAL WA 102 64.22 -60.63 -52.40
C VAL WA 102 65.62 -60.07 -52.46
N VAL WA 103 66.51 -60.68 -53.24
CA VAL WA 103 67.83 -60.10 -53.41
C VAL WA 103 67.78 -59.47 -54.76
N ALA WA 104 67.99 -58.17 -54.86
CA ALA WA 104 67.85 -57.47 -56.13
C ALA WA 104 69.13 -56.96 -56.70
N THR WA 105 69.44 -57.34 -57.94
CA THR WA 105 70.63 -56.82 -58.59
C THR WA 105 70.20 -55.81 -59.62
N PRO WA 106 70.62 -54.55 -59.47
CA PRO WA 106 70.13 -53.55 -60.41
C PRO WA 106 70.85 -53.58 -61.74
N VAL WA 107 70.10 -53.62 -62.85
CA VAL WA 107 70.70 -53.72 -64.18
C VAL WA 107 69.92 -52.85 -65.16
N LYS WA 108 70.58 -52.40 -66.24
CA LYS WA 108 69.93 -51.55 -67.24
C LYS WA 108 68.86 -52.28 -68.02
N GLY WA 109 67.70 -51.65 -68.19
CA GLY WA 109 66.64 -52.26 -68.96
C GLY WA 109 65.24 -51.82 -68.63
N GLU WA 110 64.26 -52.56 -69.14
CA GLU WA 110 62.87 -52.26 -68.85
C GLU WA 110 62.49 -52.59 -67.43
N GLY WA 111 61.51 -51.89 -66.88
CA GLY WA 111 61.06 -52.17 -65.54
C GLY WA 111 60.53 -53.57 -65.50
N ARG WA 112 60.93 -54.34 -64.49
CA ARG WA 112 60.54 -55.74 -64.39
C ARG WA 112 59.44 -55.94 -63.39
N VAL WA 113 58.47 -56.78 -63.73
CA VAL WA 113 57.33 -57.04 -62.85
C VAL WA 113 57.29 -58.48 -62.41
N TYR WA 114 57.14 -58.70 -61.12
CA TYR WA 114 57.16 -60.05 -60.58
C TYR WA 114 55.89 -60.39 -59.83
N ARG WA 115 55.40 -61.61 -60.00
CA ARG WA 115 54.19 -62.05 -59.33
C ARG WA 115 54.57 -62.96 -58.19
N LEU WA 116 54.24 -62.57 -56.97
CA LEU WA 116 54.69 -63.37 -55.83
C LEU WA 116 53.66 -64.36 -55.42
N MET WA 117 54.08 -65.60 -55.28
CA MET WA 117 53.18 -66.64 -54.89
C MET WA 117 53.62 -67.36 -53.63
N SER WA 118 52.70 -67.98 -52.92
CA SER WA 118 52.99 -68.72 -51.70
C SER WA 118 53.02 -70.21 -52.02
N ALA WA 119 54.10 -70.87 -51.61
CA ALA WA 119 54.31 -72.28 -51.91
C ALA WA 119 53.21 -73.14 -51.29
N GLU WA 120 52.88 -72.87 -50.02
CA GLU WA 120 51.85 -73.64 -49.34
C GLU WA 120 50.60 -72.78 -49.17
N PRO WA 121 49.47 -73.16 -49.78
CA PRO WA 121 48.22 -72.43 -49.55
C PRO WA 121 47.82 -72.51 -48.08
N PRO WA 122 47.53 -71.37 -47.44
CA PRO WA 122 47.23 -71.41 -46.01
C PRO WA 122 45.90 -72.08 -45.69
N SER WA 123 44.84 -71.74 -46.41
CA SER WA 123 43.52 -72.29 -46.16
C SER WA 123 42.84 -72.59 -47.48
N ARG WA 124 41.84 -73.48 -47.41
CA ARG WA 124 41.05 -73.86 -48.57
C ARG WA 124 39.63 -73.33 -48.40
N PRO WA 125 39.27 -72.20 -49.07
CA PRO WA 125 37.88 -71.79 -48.84
C PRO WA 125 36.92 -72.77 -49.48
N GLU WA 126 35.87 -73.14 -48.74
CA GLU WA 126 34.90 -74.09 -49.26
C GLU WA 126 34.14 -73.52 -50.44
N THR WA 127 33.78 -74.37 -51.40
CA THR WA 127 33.08 -73.91 -52.58
C THR WA 127 31.71 -73.35 -52.27
N ARG WA 128 31.29 -72.34 -53.03
CA ARG WA 128 29.98 -71.74 -52.82
C ARG WA 128 29.03 -71.95 -54.00
N LYS WA 129 27.97 -72.72 -53.79
CA LYS WA 129 26.98 -72.89 -54.86
C LYS WA 129 26.05 -71.70 -54.82
N TRP WA 130 26.11 -70.85 -55.83
CA TRP WA 130 25.32 -69.64 -55.83
C TRP WA 130 24.09 -69.81 -56.69
N GLU WA 131 24.05 -70.89 -57.47
CA GLU WA 131 22.92 -71.04 -58.39
C GLU WA 131 21.64 -71.29 -57.61
N THR WA 132 20.55 -70.66 -58.05
CA THR WA 132 19.25 -70.81 -57.43
C THR WA 132 18.24 -71.26 -58.46
N ALA WA 133 17.47 -72.29 -58.14
CA ALA WA 133 16.47 -72.81 -59.04
C ALA WA 133 15.22 -71.94 -59.04
N GLN WA 134 14.31 -72.22 -59.97
CA GLN WA 134 13.10 -71.41 -60.09
C GLN WA 134 12.10 -71.76 -59.03
N ALA WA 135 11.19 -70.84 -58.72
CA ALA WA 135 10.21 -71.09 -57.68
C ALA WA 135 9.27 -72.26 -57.97
N TYR WA 136 8.81 -72.38 -59.21
CA TYR WA 136 7.95 -73.50 -59.56
C TYR WA 136 8.68 -74.81 -59.40
N GLU WA 137 9.93 -74.86 -59.85
CA GLU WA 137 10.66 -76.10 -59.77
C GLU WA 137 10.92 -76.52 -58.34
N LYS WA 138 11.26 -75.56 -57.50
CA LYS WA 138 11.52 -75.89 -56.11
C LYS WA 138 10.27 -76.37 -55.42
N LEU WA 139 9.13 -75.80 -55.76
CA LEU WA 139 7.87 -76.20 -55.17
C LEU WA 139 7.52 -77.64 -55.47
N LEU WA 140 7.67 -78.06 -56.71
CA LEU WA 140 7.42 -79.45 -57.06
C LEU WA 140 8.42 -80.35 -56.36
N ILE WA 141 9.68 -79.97 -56.33
CA ILE WA 141 10.72 -80.80 -55.71
C ILE WA 141 10.47 -80.99 -54.22
N SER WA 142 10.07 -79.92 -53.54
CA SER WA 142 9.83 -80.03 -52.11
C SER WA 142 8.70 -80.97 -51.82
N LEU WA 143 7.62 -80.86 -52.59
CA LEU WA 143 6.49 -81.74 -52.39
C LEU WA 143 6.82 -83.18 -52.70
N ASN WA 144 7.57 -83.42 -53.76
CA ASN WA 144 7.89 -84.79 -54.12
C ASN WA 144 8.68 -85.40 -53.00
N ARG WA 145 9.61 -84.64 -52.43
CA ARG WA 145 10.38 -85.14 -51.31
C ARG WA 145 9.52 -85.40 -50.08
N ALA WA 146 8.58 -84.53 -49.80
CA ALA WA 146 7.69 -84.72 -48.66
C ALA WA 146 6.85 -85.97 -48.83
N VAL WA 147 6.31 -86.18 -50.01
CA VAL WA 147 5.50 -87.36 -50.29
C VAL WA 147 6.34 -88.61 -50.17
N LEU WA 148 7.57 -88.56 -50.65
CA LEU WA 148 8.44 -89.73 -50.60
C LEU WA 148 8.69 -90.14 -49.16
N THR WA 149 8.89 -89.18 -48.27
CA THR WA 149 9.07 -89.51 -46.86
C THR WA 149 7.72 -89.76 -46.22
N GLY WA 150 6.71 -89.01 -46.63
CA GLY WA 150 5.36 -89.21 -46.10
C GLY WA 150 4.87 -88.16 -45.14
N ASP WA 151 5.76 -87.30 -44.65
CA ASP WA 151 5.30 -86.21 -43.79
C ASP WA 151 4.45 -85.25 -44.60
N ILE WA 152 3.44 -84.68 -43.98
CA ILE WA 152 2.53 -83.83 -44.74
C ILE WA 152 2.75 -82.35 -44.48
N PRO WA 153 2.88 -81.56 -45.55
CA PRO WA 153 2.99 -80.13 -45.33
C PRO WA 153 1.63 -79.59 -44.91
N ASP WA 154 1.61 -78.46 -44.24
CA ASP WA 154 0.34 -77.91 -43.77
C ASP WA 154 -0.57 -77.57 -44.94
N GLY WA 155 -1.87 -77.79 -44.76
CA GLY WA 155 -2.81 -77.55 -45.85
C GLY WA 155 -3.01 -78.73 -46.76
N TYR WA 156 -2.38 -79.87 -46.44
CA TYR WA 156 -2.59 -81.08 -47.23
C TYR WA 156 -3.39 -82.07 -46.41
N GLY WA 157 -4.67 -82.24 -46.74
CA GLY WA 157 -5.52 -83.08 -45.91
C GLY WA 157 -5.86 -84.49 -46.36
N GLU WA 158 -5.38 -84.91 -47.53
CA GLU WA 158 -5.62 -86.26 -48.08
C GLU WA 158 -6.91 -86.28 -48.89
N VAL WA 159 -6.97 -87.11 -49.92
CA VAL WA 159 -8.14 -87.14 -50.80
C VAL WA 159 -8.17 -88.43 -51.61
N LYS WA 160 -9.32 -88.78 -52.18
CA LYS WA 160 -9.40 -89.94 -53.04
C LYS WA 160 -8.60 -89.65 -54.30
N PRO WA 161 -7.80 -90.62 -54.76
CA PRO WA 161 -7.08 -90.40 -56.02
C PRO WA 161 -7.97 -90.63 -57.25
N LEU WA 162 -7.52 -90.18 -58.43
CA LEU WA 162 -8.28 -90.40 -59.65
C LEU WA 162 -7.81 -91.62 -60.42
N SER WA 163 -8.21 -91.73 -61.68
CA SER WA 163 -7.74 -92.83 -62.53
C SER WA 163 -7.31 -92.14 -63.78
N ASP WA 164 -7.58 -90.83 -63.84
CA ASP WA 164 -7.23 -90.02 -65.01
C ASP WA 164 -5.74 -89.89 -65.22
N GLY WA 165 -4.96 -89.83 -64.15
CA GLY WA 165 -3.55 -89.54 -64.29
C GLY WA 165 -2.59 -90.37 -65.09
N ILE WA 166 -2.72 -91.68 -65.12
CA ILE WA 166 -1.69 -92.47 -65.79
C ILE WA 166 -1.97 -93.15 -67.14
N ARG WA 167 -1.12 -92.90 -68.13
CA ARG WA 167 -1.22 -93.57 -69.41
C ARG WA 167 -0.31 -94.76 -69.29
N LEU WA 168 -0.69 -95.90 -69.87
CA LEU WA 168 0.10 -97.10 -69.66
C LEU WA 168 0.74 -97.53 -70.96
N PRO WA 169 2.05 -97.79 -70.93
CA PRO WA 169 2.74 -98.28 -72.12
C PRO WA 169 2.18 -99.61 -72.55
N GLY WA 170 1.86 -100.47 -71.59
CA GLY WA 170 1.25 -101.75 -71.90
C GLY WA 170 1.70 -102.80 -70.91
N GLY WA 171 0.80 -103.68 -70.51
CA GLY WA 171 1.13 -104.67 -69.50
C GLY WA 171 1.07 -104.11 -68.10
N PHE WA 172 0.60 -102.87 -67.96
CA PHE WA 172 0.58 -102.24 -66.65
C PHE WA 172 -0.83 -102.00 -66.16
N SER WA 173 -1.10 -102.33 -64.91
CA SER WA 173 -2.41 -102.07 -64.34
C SER WA 173 -2.22 -101.14 -63.16
N VAL WA 174 -3.05 -100.11 -63.05
CA VAL WA 174 -2.85 -99.11 -62.01
C VAL WA 174 -3.82 -99.17 -60.84
N THR WA 175 -3.32 -99.15 -59.60
CA THR WA 175 -4.21 -99.08 -58.46
C THR WA 175 -3.84 -97.90 -57.57
N PRO WA 176 -4.77 -97.00 -57.25
CA PRO WA 176 -4.43 -95.87 -56.39
C PRO WA 176 -4.32 -96.28 -54.93
N LEU WA 177 -3.30 -95.73 -54.28
CA LEU WA 177 -3.04 -96.06 -52.89
C LEU WA 177 -3.37 -94.85 -52.04
N LYS WA 178 -2.54 -93.82 -52.14
CA LYS WA 178 -2.72 -92.67 -51.28
C LYS WA 178 -2.70 -91.39 -52.07
N ALA WA 179 -3.31 -90.34 -51.54
CA ALA WA 179 -3.28 -89.06 -52.23
C ALA WA 179 -3.46 -87.86 -51.32
N TRP WA 180 -2.77 -86.77 -51.62
CA TRP WA 180 -2.87 -85.56 -50.83
C TRP WA 180 -3.43 -84.46 -51.72
N ALA WA 181 -4.20 -83.55 -51.12
CA ALA WA 181 -4.73 -82.39 -51.82
C ALA WA 181 -4.51 -81.16 -50.97
N GLY WA 182 -4.00 -80.10 -51.59
CA GLY WA 182 -3.70 -78.89 -50.85
C GLY WA 182 -4.38 -77.66 -51.41
N ASP WA 183 -3.73 -76.51 -51.22
CA ASP WA 183 -4.28 -75.24 -51.68
C ASP WA 183 -3.91 -74.89 -53.11
N GLN WA 184 -2.77 -75.37 -53.60
CA GLN WA 184 -2.29 -75.04 -54.93
C GLN WA 184 -1.99 -76.25 -55.80
N LEU WA 185 -1.48 -77.33 -55.21
CA LEU WA 185 -1.03 -78.50 -55.96
C LEU WA 185 -1.75 -79.73 -55.43
N ARG WA 186 -1.49 -80.88 -56.07
CA ARG WA 186 -2.08 -82.14 -55.64
C ARG WA 186 -1.13 -83.27 -56.00
N ALA WA 187 -1.03 -84.26 -55.11
CA ALA WA 187 -0.16 -85.41 -55.34
C ALA WA 187 -0.93 -86.70 -55.10
N ASP WA 188 -0.53 -87.75 -55.79
CA ASP WA 188 -1.16 -89.05 -55.64
C ASP WA 188 -0.16 -90.15 -55.92
N ARG WA 189 -0.48 -91.36 -55.46
CA ARG WA 189 0.40 -92.52 -55.60
C ARG WA 189 -0.36 -93.67 -56.24
N TYR WA 190 0.19 -94.25 -57.29
CA TYR WA 190 -0.44 -95.35 -57.97
C TYR WA 190 0.60 -96.42 -58.06
N GLU WA 191 0.21 -97.67 -57.87
CA GLU WA 191 1.16 -98.76 -58.02
C GLU WA 191 0.84 -99.49 -59.28
N LEU WA 192 1.82 -99.61 -60.14
CA LEU WA 192 1.61 -100.27 -61.41
C LEU WA 192 1.83 -101.73 -61.20
N ARG WA 193 1.11 -102.56 -61.94
CA ARG WA 193 1.37 -103.97 -61.84
C ARG WA 193 2.56 -104.40 -62.62
N ASN WA 194 3.01 -105.57 -62.29
CA ASN WA 194 4.07 -106.12 -63.04
C ASN WA 194 3.67 -106.26 -64.48
N ALA WA 195 4.56 -105.92 -65.39
CA ALA WA 195 4.32 -106.13 -66.79
C ALA WA 195 4.46 -107.60 -67.11
N ASN WA 196 4.00 -108.01 -68.29
CA ASN WA 196 4.07 -109.40 -68.74
C ASN WA 196 5.39 -110.14 -68.60
N THR WA 197 6.04 -110.44 -69.73
CA THR WA 197 7.37 -111.07 -69.72
C THR WA 197 8.51 -110.40 -70.46
N TRP WA 198 8.21 -109.39 -71.28
CA TRP WA 198 9.26 -108.67 -71.95
C TRP WA 198 9.74 -107.61 -71.00
N GLY WA 199 11.04 -107.36 -70.95
CA GLY WA 199 11.53 -106.30 -70.09
C GLY WA 199 10.97 -105.00 -70.63
N VAL WA 200 10.45 -104.16 -69.75
CA VAL WA 200 9.85 -102.91 -70.18
C VAL WA 200 10.65 -101.76 -69.64
N ALA WA 201 11.50 -101.17 -70.48
CA ALA WA 201 12.23 -99.99 -70.04
C ALA WA 201 11.24 -98.94 -69.61
N LEU WA 202 11.52 -98.25 -68.52
CA LEU WA 202 10.57 -97.29 -68.02
C LEU WA 202 10.99 -95.88 -68.36
N ARG WA 203 10.13 -95.17 -69.10
CA ARG WA 203 10.43 -93.81 -69.47
C ARG WA 203 9.59 -92.85 -68.65
N GLU WA 204 10.18 -91.96 -67.89
CA GLU WA 204 9.33 -91.12 -67.04
C GLU WA 204 8.35 -90.26 -67.83
N GLN WA 205 8.67 -89.93 -69.09
CA GLN WA 205 7.70 -89.15 -69.85
C GLN WA 205 6.74 -90.01 -70.66
N ASP WA 206 6.80 -91.33 -70.52
CA ASP WA 206 5.88 -92.23 -71.21
C ASP WA 206 4.63 -92.52 -70.39
N PHE WA 207 4.47 -91.85 -69.24
CA PHE WA 207 3.25 -91.95 -68.46
C PHE WA 207 2.55 -90.61 -68.38
N TRP WA 208 2.78 -89.75 -69.36
CA TRP WA 208 2.23 -88.38 -69.32
C TRP WA 208 0.76 -88.21 -69.66
N LYS WA 209 0.11 -87.28 -68.98
CA LYS WA 209 -1.27 -86.97 -69.30
C LYS WA 209 -1.48 -85.44 -69.20
N PRO WA 210 -2.05 -84.77 -70.24
CA PRO WA 210 -2.32 -83.34 -70.08
C PRO WA 210 -2.82 -83.01 -68.68
N GLY WA 211 -2.30 -81.92 -68.12
CA GLY WA 211 -2.67 -81.46 -66.80
C GLY WA 211 -1.70 -81.85 -65.71
N VAL WA 212 -0.78 -82.80 -65.96
CA VAL WA 212 0.19 -83.24 -64.93
C VAL WA 212 1.46 -82.39 -64.83
N ARG WA 213 1.75 -81.86 -63.65
CA ARG WA 213 2.93 -81.04 -63.48
C ARG WA 213 4.24 -81.84 -63.49
N ALA WA 214 4.42 -82.81 -62.58
CA ALA WA 214 5.62 -83.65 -62.57
C ALA WA 214 5.34 -85.12 -62.28
N VAL WA 215 6.08 -86.01 -62.95
CA VAL WA 215 5.93 -87.43 -62.68
C VAL WA 215 7.29 -87.99 -62.26
N MET WA 216 7.34 -88.69 -61.13
CA MET WA 216 8.59 -89.31 -60.69
C MET WA 216 8.45 -90.77 -60.33
N PHE WA 217 9.52 -91.55 -60.54
CA PHE WA 217 9.45 -92.98 -60.28
C PHE WA 217 10.21 -93.34 -59.01
N ASP WA 218 9.61 -94.15 -58.15
CA ASP WA 218 10.30 -94.60 -56.95
C ASP WA 218 11.37 -95.60 -57.33
N ASN WA 219 12.38 -95.79 -56.46
CA ASN WA 219 13.52 -96.67 -56.76
C ASN WA 219 14.27 -96.10 -57.95
N ASN WA 220 14.85 -96.94 -58.80
CA ASN WA 220 15.49 -96.39 -60.00
C ASN WA 220 15.08 -96.78 -61.41
N ALA WA 221 13.85 -97.25 -61.62
CA ALA WA 221 13.42 -97.51 -62.99
C ALA WA 221 14.40 -98.46 -63.65
N GLN WA 222 15.00 -98.01 -64.76
CA GLN WA 222 16.00 -98.83 -65.44
C GLN WA 222 15.46 -100.18 -65.82
N THR WA 223 14.23 -100.21 -66.36
CA THR WA 223 13.60 -101.45 -66.83
C THR WA 223 12.99 -102.32 -65.75
N LEU WA 224 11.66 -102.25 -65.59
CA LEU WA 224 10.99 -103.15 -64.64
C LEU WA 224 11.05 -104.43 -65.43
N MET WA 225 11.34 -105.55 -64.79
CA MET WA 225 11.54 -106.80 -65.56
C MET WA 225 10.31 -107.59 -65.99
N GLY WA 226 10.44 -108.92 -66.06
CA GLY WA 226 9.31 -109.76 -66.38
C GLY WA 226 8.26 -109.48 -65.33
N GLY WA 227 8.59 -108.62 -64.39
CA GLY WA 227 7.59 -108.20 -63.44
C GLY WA 227 8.10 -107.17 -62.46
N GLY WA 228 7.33 -106.92 -61.42
CA GLY WA 228 7.72 -105.97 -60.40
C GLY WA 228 6.63 -104.95 -60.22
N ARG WA 229 6.28 -104.67 -58.98
CA ARG WA 229 5.28 -103.65 -58.71
C ARG WA 229 5.95 -102.40 -58.17
N MET WA 230 5.90 -101.30 -58.91
CA MET WA 230 6.60 -100.10 -58.51
C MET WA 230 5.65 -98.96 -58.30
N THR WA 231 5.73 -98.29 -57.16
CA THR WA 231 4.85 -97.17 -56.88
C THR WA 231 5.33 -95.90 -57.57
N VAL WA 232 4.40 -95.19 -58.21
CA VAL WA 232 4.75 -93.97 -58.92
C VAL WA 232 3.93 -92.82 -58.37
N THR WA 233 4.59 -91.73 -58.01
CA THR WA 233 3.86 -90.56 -57.53
C THR WA 233 3.65 -89.56 -58.65
N VAL WA 234 2.39 -89.19 -58.91
CA VAL WA 234 2.08 -88.26 -59.99
C VAL WA 234 1.61 -86.94 -59.41
N ILE WA 235 2.11 -85.84 -59.93
CA ILE WA 235 1.78 -84.54 -59.37
C ILE WA 235 0.94 -83.75 -60.36
N ARG WA 236 -0.19 -83.22 -59.91
CA ARG WA 236 -1.10 -82.50 -60.80
C ARG WA 236 -1.61 -81.22 -60.15
N GLY WA 237 -2.06 -80.25 -60.94
CA GLY WA 237 -2.60 -79.01 -60.42
C GLY WA 237 -3.85 -79.25 -59.58
N ASN WA 238 -4.15 -78.28 -58.73
CA ASN WA 238 -5.28 -78.36 -57.83
C ASN WA 238 -6.24 -77.21 -58.12
N GLY WA 239 -7.53 -77.51 -58.07
CA GLY WA 239 -8.56 -76.53 -58.39
C GLY WA 239 -8.80 -76.41 -59.88
N GLU WA 240 -7.71 -76.26 -60.64
CA GLU WA 240 -7.83 -76.19 -62.09
C GLU WA 240 -8.27 -77.53 -62.66
N GLY WA 241 -9.21 -77.49 -63.60
CA GLY WA 241 -9.72 -78.69 -64.23
C GLY WA 241 -8.76 -79.28 -65.23
N GLN XA 25 73.07 -75.37 -28.32
CA GLN XA 25 73.45 -75.70 -26.96
C GLN XA 25 72.23 -75.58 -26.06
N SER XA 26 72.39 -75.90 -24.78
CA SER XA 26 71.29 -75.85 -23.86
C SER XA 26 71.81 -75.08 -22.66
N PRO XA 27 70.93 -74.35 -21.95
CA PRO XA 27 71.49 -73.57 -20.85
C PRO XA 27 72.09 -74.50 -19.82
N ALA XA 28 73.19 -74.09 -19.20
CA ALA XA 28 73.82 -74.92 -18.17
C ALA XA 28 72.99 -74.94 -16.93
N THR XA 29 72.62 -76.13 -16.46
CA THR XA 29 71.73 -76.23 -15.32
C THR XA 29 72.47 -76.47 -14.03
N ILE XA 30 72.20 -75.63 -13.04
CA ILE XA 30 72.87 -75.74 -11.77
C ILE XA 30 71.87 -75.88 -10.63
N SER XA 31 72.05 -76.88 -9.78
CA SER XA 31 71.11 -77.11 -8.69
C SER XA 31 71.71 -76.67 -7.39
N LEU XA 32 71.05 -75.77 -6.68
CA LEU XA 32 71.63 -75.21 -5.47
C LEU XA 32 70.67 -75.11 -4.30
N PRO XA 33 71.13 -75.44 -3.08
CA PRO XA 33 70.31 -75.27 -1.88
C PRO XA 33 70.21 -73.79 -1.54
N GLN XA 34 69.28 -73.33 -0.72
CA GLN XA 34 69.23 -71.89 -0.48
C GLN XA 34 70.54 -71.42 0.14
N GLY XA 35 71.06 -70.30 -0.34
CA GLY XA 35 72.33 -69.80 0.14
C GLY XA 35 73.47 -70.50 -0.56
N GLY XA 36 73.16 -71.31 -1.55
CA GLY XA 36 74.17 -72.07 -2.26
C GLY XA 36 75.11 -71.22 -3.06
N GLN XA 37 76.36 -71.64 -3.19
CA GLN XA 37 77.34 -70.85 -3.92
C GLN XA 37 78.00 -71.65 -5.03
N PHE XA 38 77.80 -71.20 -6.27
CA PHE XA 38 78.37 -71.93 -7.41
C PHE XA 38 79.36 -71.08 -8.20
N ARG XA 39 80.53 -71.65 -8.48
CA ARG XA 39 81.54 -70.93 -9.26
C ARG XA 39 81.33 -71.09 -10.76
N LEU XA 40 80.77 -70.07 -11.41
CA LEU XA 40 80.57 -70.11 -12.85
C LEU XA 40 81.22 -68.95 -13.59
N SER XA 41 81.94 -69.24 -14.66
CA SER XA 41 82.53 -68.17 -15.45
C SER XA 41 81.49 -67.40 -16.26
N ILE XA 42 81.67 -66.09 -16.40
CA ILE XA 42 80.76 -65.30 -17.23
C ILE XA 42 81.58 -64.68 -18.35
N SER XA 43 81.02 -63.71 -19.06
CA SER XA 43 81.80 -63.04 -20.10
C SER XA 43 81.89 -61.53 -19.98
N ASN XA 44 83.09 -60.98 -20.16
CA ASN XA 44 83.27 -59.53 -20.15
C ASN XA 44 82.72 -58.85 -21.40
N THR XA 45 83.00 -59.41 -22.58
CA THR XA 45 82.49 -58.88 -23.83
C THR XA 45 80.99 -58.90 -24.11
N ASP XA 46 80.29 -59.97 -23.76
CA ASP XA 46 78.87 -60.10 -24.14
C ASP XA 46 77.89 -60.29 -23.01
N PRO XA 47 76.61 -59.96 -23.24
CA PRO XA 47 75.62 -60.06 -22.16
C PRO XA 47 75.44 -61.49 -21.67
N ASN XA 48 75.14 -61.66 -20.39
CA ASN XA 48 75.03 -62.99 -19.81
C ASN XA 48 73.67 -63.09 -19.15
N MET XA 49 73.13 -64.31 -19.08
CA MET XA 49 71.79 -64.47 -18.54
C MET XA 49 71.73 -65.53 -17.45
N ILE XA 50 70.85 -65.32 -16.47
CA ILE XA 50 70.67 -66.27 -15.38
C ILE XA 50 69.18 -66.27 -15.21
N PHE XA 51 68.56 -67.42 -15.41
CA PHE XA 51 67.11 -67.52 -15.18
C PHE XA 51 66.78 -68.67 -14.27
N ILE XA 52 65.81 -68.47 -13.39
CA ILE XA 52 65.37 -69.57 -12.54
C ILE XA 52 64.00 -69.96 -13.05
N PRO XA 53 63.87 -71.18 -13.55
CA PRO XA 53 62.57 -71.52 -14.10
C PRO XA 53 61.50 -71.55 -13.02
N GLY XA 54 60.34 -70.96 -13.30
CA GLY XA 54 59.27 -70.92 -12.32
C GLY XA 54 59.45 -69.80 -11.34
N ASP XA 55 60.49 -69.00 -11.51
CA ASP XA 55 60.77 -67.94 -10.54
C ASP XA 55 61.18 -66.64 -11.21
N LYS XA 56 60.90 -65.53 -10.55
CA LYS XA 56 61.26 -64.25 -11.10
C LYS XA 56 62.31 -63.58 -10.25
N VAL XA 57 63.42 -63.18 -10.87
CA VAL XA 57 64.46 -62.51 -10.14
C VAL XA 57 63.90 -61.20 -9.68
N THR XA 58 64.00 -60.92 -8.39
CA THR XA 58 63.52 -59.66 -7.86
C THR XA 58 64.66 -58.73 -7.52
N ALA XA 59 65.84 -59.28 -7.30
CA ALA XA 59 66.98 -58.46 -6.93
C ALA XA 59 68.31 -59.05 -7.30
N ILE XA 60 69.31 -58.20 -7.53
CA ILE XA 60 70.66 -58.67 -7.80
C ILE XA 60 71.63 -57.74 -7.11
N THR XA 61 72.70 -58.28 -6.53
CA THR XA 61 73.69 -57.47 -5.83
C THR XA 61 75.05 -57.97 -6.24
N ALA XA 62 75.99 -57.08 -6.51
CA ALA XA 62 77.35 -57.51 -6.80
C ALA XA 62 78.34 -56.54 -6.19
N PRO XA 63 79.64 -56.93 -6.05
CA PRO XA 63 80.55 -55.89 -5.55
C PRO XA 63 80.46 -54.66 -6.41
N GLY XA 64 80.60 -53.47 -5.85
CA GLY XA 64 80.40 -52.26 -6.62
C GLY XA 64 81.31 -52.05 -7.82
N GLY XA 65 80.71 -51.70 -8.96
CA GLY XA 65 81.47 -51.44 -10.17
C GLY XA 65 81.71 -52.67 -11.02
N MET XA 66 81.45 -53.83 -10.45
CA MET XA 66 81.62 -55.08 -11.19
C MET XA 66 80.61 -55.33 -12.31
N LEU XA 67 79.34 -54.98 -12.09
CA LEU XA 67 78.32 -55.24 -13.10
C LEU XA 67 77.88 -53.97 -13.80
N ALA XA 68 78.18 -53.86 -15.08
CA ALA XA 68 77.85 -52.66 -15.84
C ALA XA 68 76.37 -52.35 -16.03
N ASP XA 69 75.59 -53.36 -16.40
CA ASP XA 69 74.16 -53.13 -16.66
C ASP XA 69 73.32 -54.33 -16.30
N LYS XA 70 72.16 -54.10 -15.68
CA LYS XA 70 71.28 -55.18 -15.26
C LYS XA 70 69.84 -54.93 -15.68
N ARG XA 71 69.26 -55.83 -16.48
CA ARG XA 71 67.88 -55.69 -16.92
C ARG XA 71 67.06 -56.97 -16.68
N LEU XA 72 65.76 -56.83 -16.45
CA LEU XA 72 64.91 -57.98 -16.25
C LEU XA 72 64.31 -58.48 -17.55
N THR XA 73 64.59 -59.73 -17.90
CA THR XA 73 64.05 -60.31 -19.12
C THR XA 73 62.62 -60.76 -18.96
N ARG XA 74 61.97 -61.07 -20.08
CA ARG XA 74 60.61 -61.57 -20.05
C ARG XA 74 60.60 -62.90 -19.33
N ALA XA 75 59.57 -63.15 -18.53
CA ALA XA 75 59.50 -64.37 -17.73
C ALA XA 75 60.66 -64.53 -16.78
N GLY XA 76 61.03 -63.46 -16.07
CA GLY XA 76 62.07 -63.56 -15.08
C GLY XA 76 63.40 -63.61 -15.79
N GLY XA 77 64.45 -63.86 -15.06
CA GLY XA 77 65.76 -63.86 -15.66
C GLY XA 77 66.40 -62.52 -15.55
N VAL XA 78 67.72 -62.48 -15.57
CA VAL XA 78 68.43 -61.21 -15.54
C VAL XA 78 69.45 -61.19 -16.64
N LEU XA 79 69.55 -60.06 -17.32
CA LEU XA 79 70.57 -59.92 -18.34
C LEU XA 79 71.59 -59.00 -17.74
N PHE XA 80 72.85 -59.40 -17.74
CA PHE XA 80 73.90 -58.61 -17.11
C PHE XA 80 75.21 -58.59 -17.86
N THR XA 81 75.90 -57.46 -17.85
CA THR XA 81 77.17 -57.33 -18.54
C THR XA 81 78.24 -56.89 -17.56
N SER XA 82 79.44 -57.43 -17.67
CA SER XA 82 80.52 -57.04 -16.79
C SER XA 82 81.76 -56.53 -17.49
N VAL XA 83 82.28 -55.39 -17.06
CA VAL XA 83 83.54 -54.90 -17.62
C VAL XA 83 84.69 -55.34 -16.73
N ALA XA 84 84.38 -56.04 -15.65
CA ALA XA 84 85.40 -56.45 -14.67
C ALA XA 84 86.38 -57.51 -15.08
N THR XA 85 87.54 -57.52 -14.44
CA THR XA 85 88.52 -58.57 -14.70
C THR XA 85 88.82 -59.42 -13.47
N ARG XA 86 88.05 -59.26 -12.40
CA ARG XA 86 88.32 -59.97 -11.15
C ARG XA 86 87.15 -60.84 -10.75
N THR XA 87 87.43 -62.01 -10.16
CA THR XA 87 86.36 -62.89 -9.71
C THR XA 87 85.56 -62.17 -8.65
N PHE XA 88 84.24 -62.27 -8.73
CA PHE XA 88 83.38 -61.56 -7.81
C PHE XA 88 82.17 -62.36 -7.42
N THR XA 89 81.45 -61.91 -6.42
CA THR XA 89 80.31 -62.67 -5.93
C THR XA 89 79.02 -61.94 -6.18
N ILE XA 90 78.10 -62.58 -6.88
CA ILE XA 90 76.79 -62.00 -7.15
C ILE XA 90 75.73 -62.70 -6.32
N PHE XA 91 74.85 -61.95 -5.67
CA PHE XA 91 73.77 -62.55 -4.92
C PHE XA 91 72.46 -62.28 -5.60
N VAL XA 92 71.73 -63.33 -5.95
CA VAL XA 92 70.48 -63.17 -6.65
C VAL XA 92 69.31 -63.61 -5.79
N GLU XA 93 68.27 -62.78 -5.73
CA GLU XA 93 67.11 -63.10 -4.92
C GLU XA 93 65.87 -63.26 -5.74
N THR XA 94 65.23 -64.40 -5.63
CA THR XA 94 64.02 -64.67 -6.35
C THR XA 94 62.80 -64.26 -5.57
N ALA XA 95 61.63 -64.27 -6.20
CA ALA XA 95 60.41 -63.80 -5.55
C ALA XA 95 59.76 -64.78 -4.61
N ARG XA 96 60.21 -66.04 -4.66
CA ARG XA 96 59.68 -67.07 -3.79
C ARG XA 96 60.54 -67.17 -2.54
N GLY XA 97 61.38 -66.18 -2.32
CA GLY XA 97 62.19 -66.15 -1.12
C GLY XA 97 63.51 -66.88 -1.16
N GLN XA 98 63.88 -67.36 -2.33
CA GLN XA 98 65.11 -68.10 -2.46
C GLN XA 98 66.23 -67.17 -2.81
N THR XA 99 67.38 -67.35 -2.18
CA THR XA 99 68.53 -66.54 -2.50
C THR XA 99 69.67 -67.46 -2.83
N PHE XA 100 70.38 -67.16 -3.90
CA PHE XA 100 71.51 -67.97 -4.29
C PHE XA 100 72.69 -67.06 -4.53
N SER XA 101 73.87 -67.63 -4.47
CA SER XA 101 75.07 -66.86 -4.67
C SER XA 101 75.88 -67.49 -5.76
N VAL XA 102 76.54 -66.66 -6.53
CA VAL XA 102 77.33 -67.15 -7.63
C VAL XA 102 78.68 -66.48 -7.58
N VAL XA 103 79.76 -67.21 -7.83
CA VAL XA 103 81.05 -66.57 -7.90
C VAL XA 103 81.36 -66.52 -9.37
N ALA XA 104 81.55 -65.33 -9.91
CA ALA XA 104 81.73 -65.18 -11.35
C ALA XA 104 83.10 -64.77 -11.77
N THR XA 105 83.74 -65.53 -12.63
CA THR XA 105 85.05 -65.16 -13.15
C THR XA 105 84.87 -64.67 -14.57
N PRO XA 106 85.20 -63.39 -14.83
CA PRO XA 106 84.95 -62.89 -16.17
C PRO XA 106 86.00 -63.33 -17.18
N VAL XA 107 85.58 -63.89 -18.31
CA VAL XA 107 86.51 -64.39 -19.31
C VAL XA 107 86.00 -64.07 -20.72
N LYS XA 108 86.90 -63.97 -21.69
CA LYS XA 108 86.51 -63.64 -23.07
C LYS XA 108 85.71 -64.75 -23.74
N GLY XA 109 84.62 -64.38 -24.41
CA GLY XA 109 83.82 -65.37 -25.09
C GLY XA 109 82.37 -65.01 -25.30
N GLU XA 110 81.58 -66.01 -25.69
CA GLU XA 110 80.16 -65.80 -25.87
C GLU XA 110 79.42 -65.62 -24.57
N GLY XA 111 78.32 -64.89 -24.59
CA GLY XA 111 77.53 -64.71 -23.39
C GLY XA 111 77.05 -66.05 -22.92
N ARG XA 112 77.19 -66.32 -21.63
CA ARG XA 112 76.82 -67.62 -21.08
C ARG XA 112 75.50 -67.57 -20.37
N VAL XA 113 74.68 -68.60 -20.57
CA VAL XA 113 73.35 -68.64 -19.95
C VAL XA 113 73.24 -69.81 -19.00
N TYR XA 114 72.75 -69.55 -17.80
CA TYR XA 114 72.67 -70.58 -16.79
C TYR XA 114 71.25 -70.77 -16.27
N ARG XA 115 70.86 -72.02 -16.06
CA ARG XA 115 69.52 -72.32 -15.57
C ARG XA 115 69.61 -72.69 -14.11
N LEU XA 116 68.96 -71.92 -13.25
CA LEU XA 116 69.11 -72.16 -11.83
C LEU XA 116 68.04 -73.05 -11.31
N MET XA 117 68.44 -74.09 -10.59
CA MET XA 117 67.49 -75.01 -10.04
C MET XA 117 67.61 -75.14 -8.54
N SER XA 118 66.55 -75.56 -7.88
CA SER XA 118 66.52 -75.74 -6.44
C SER XA 118 66.67 -77.23 -6.12
N ALA XA 119 67.63 -77.54 -5.24
CA ALA XA 119 67.93 -78.92 -4.91
C ALA XA 119 66.74 -79.62 -4.27
N GLU XA 120 66.08 -78.95 -3.33
CA GLU XA 120 64.92 -79.52 -2.66
C GLU XA 120 63.66 -78.83 -3.14
N PRO XA 121 62.73 -79.55 -3.79
CA PRO XA 121 61.45 -78.95 -4.17
C PRO XA 121 60.67 -78.53 -2.93
N PRO XA 122 60.20 -77.27 -2.88
CA PRO XA 122 59.53 -76.82 -1.65
C PRO XA 122 58.18 -77.47 -1.42
N SER XA 123 57.34 -77.57 -2.44
CA SER XA 123 56.02 -78.14 -2.30
C SER XA 123 55.71 -79.00 -3.51
N ARG XA 124 54.76 -79.92 -3.33
CA ARG XA 124 54.31 -80.81 -4.40
C ARG XA 124 52.89 -80.44 -4.79
N PRO XA 125 52.69 -79.69 -5.91
CA PRO XA 125 51.28 -79.41 -6.20
C PRO XA 125 50.54 -80.67 -6.60
N GLU XA 126 49.34 -80.87 -6.05
CA GLU XA 126 48.57 -82.07 -6.36
C GLU XA 126 48.13 -82.08 -7.81
N THR XA 127 48.06 -83.26 -8.41
CA THR XA 127 47.69 -83.37 -9.81
C THR XA 127 46.27 -82.92 -10.07
N ARG XA 128 46.04 -82.33 -11.25
CA ARG XA 128 44.71 -81.86 -11.60
C ARG XA 128 44.11 -82.62 -12.78
N LYS XA 129 43.05 -83.39 -12.55
CA LYS XA 129 42.39 -84.07 -13.66
C LYS XA 129 41.45 -83.08 -14.30
N TRP XA 130 41.76 -82.67 -15.54
CA TRP XA 130 40.96 -81.66 -16.19
C TRP XA 130 40.01 -82.30 -17.16
N GLU XA 131 40.20 -83.57 -17.45
CA GLU XA 131 39.36 -84.20 -18.47
C GLU XA 131 37.93 -84.32 -17.98
N THR XA 132 36.98 -84.04 -18.87
CA THR XA 132 35.56 -84.10 -18.56
C THR XA 132 34.86 -85.03 -19.55
N ALA XA 133 34.07 -85.95 -19.02
CA ALA XA 133 33.36 -86.90 -19.86
C ALA XA 133 32.13 -86.26 -20.49
N GLN XA 134 31.50 -86.97 -21.42
CA GLN XA 134 30.35 -86.43 -22.12
C GLN XA 134 29.11 -86.49 -21.28
N ALA XA 135 28.13 -85.64 -21.58
CA ALA XA 135 26.92 -85.61 -20.79
C ALA XA 135 26.12 -86.91 -20.81
N TYR XA 136 26.01 -87.55 -21.96
CA TYR XA 136 25.30 -88.81 -22.03
C TYR XA 136 26.00 -89.86 -21.19
N GLU XA 137 27.32 -89.92 -21.29
CA GLU XA 137 28.04 -90.93 -20.55
C GLU XA 137 27.92 -90.75 -19.06
N LYS XA 138 28.00 -89.51 -18.61
CA LYS XA 138 27.89 -89.26 -17.18
C LYS XA 138 26.51 -89.60 -16.67
N LEU XA 139 25.49 -89.35 -17.47
CA LEU XA 139 24.12 -89.65 -17.07
C LEU XA 139 23.91 -91.14 -16.85
N LEU XA 140 24.40 -91.97 -17.77
CA LEU XA 140 24.29 -93.40 -17.58
C LEU XA 140 25.08 -93.85 -16.37
N ILE XA 141 26.28 -93.32 -16.19
CA ILE XA 141 27.13 -93.72 -15.09
C ILE XA 141 26.51 -93.37 -13.74
N SER XA 142 25.92 -92.19 -13.64
CA SER XA 142 25.31 -91.77 -12.39
C SER XA 142 24.17 -92.67 -12.03
N LEU XA 143 23.33 -93.00 -12.99
CA LEU XA 143 22.21 -93.88 -12.75
C LEU XA 143 22.64 -95.27 -12.36
N ASN XA 144 23.66 -95.80 -13.04
CA ASN XA 144 24.09 -97.14 -12.75
C ASN XA 144 24.58 -97.19 -11.34
N ARG XA 145 25.30 -96.15 -10.91
CA ARG XA 145 25.76 -96.09 -9.53
C ARG XA 145 24.62 -95.99 -8.54
N ALA XA 146 23.60 -95.20 -8.86
CA ALA XA 146 22.45 -95.07 -7.97
C ALA XA 146 21.73 -96.38 -7.82
N VAL XA 147 21.52 -97.08 -8.92
CA VAL XA 147 20.85 -98.37 -8.88
C VAL XA 147 21.65 -99.38 -8.08
N LEU XA 148 22.97 -99.34 -8.24
CA LEU XA 148 23.83 -100.29 -7.54
C LEU XA 148 23.69 -100.10 -6.03
N THR XA 149 23.63 -98.86 -5.58
CA THR XA 149 23.44 -98.61 -4.16
C THR XA 149 21.97 -98.77 -3.80
N GLY XA 150 21.08 -98.36 -4.69
CA GLY XA 150 19.65 -98.52 -4.47
C GLY XA 150 18.90 -97.25 -4.13
N ASP XA 151 19.60 -96.18 -3.83
CA ASP XA 151 18.91 -94.91 -3.61
C ASP XA 151 18.28 -94.44 -4.91
N ILE XA 152 17.12 -93.82 -4.82
CA ILE XA 152 16.42 -93.43 -6.05
C ILE XA 152 16.53 -91.94 -6.33
N PRO XA 153 16.92 -91.60 -7.57
CA PRO XA 153 16.92 -90.19 -7.92
C PRO XA 153 15.49 -89.73 -8.08
N ASP XA 154 15.26 -88.43 -7.94
CA ASP XA 154 13.90 -87.91 -8.03
C ASP XA 154 13.33 -88.16 -9.42
N GLY XA 155 12.03 -88.46 -9.48
CA GLY XA 155 11.40 -88.75 -10.75
C GLY XA 155 11.49 -90.22 -11.14
N TYR XA 156 12.03 -91.05 -10.26
CA TYR XA 156 12.07 -92.49 -10.53
C TYR XA 156 11.11 -93.20 -9.60
N GLY XA 157 9.97 -93.64 -10.12
CA GLY XA 157 8.95 -94.22 -9.25
C GLY XA 157 8.77 -95.71 -9.19
N GLU XA 158 9.56 -96.47 -9.93
CA GLU XA 158 9.51 -97.95 -9.94
C GLU XA 158 8.48 -98.44 -10.96
N VAL XA 159 8.72 -99.59 -11.57
CA VAL XA 159 7.83 -100.10 -12.60
C VAL XA 159 8.04 -101.60 -12.82
N LYS XA 160 7.09 -102.27 -13.46
CA LYS XA 160 7.27 -103.67 -13.78
C LYS XA 160 8.37 -103.77 -14.83
N PRO XA 161 9.29 -104.74 -14.68
CA PRO XA 161 10.31 -104.91 -15.71
C PRO XA 161 9.78 -105.70 -16.92
N LEU XA 162 10.52 -105.67 -18.03
CA LEU XA 162 10.11 -106.43 -19.22
C LEU XA 162 10.79 -107.78 -19.30
N SER XA 163 10.75 -108.41 -20.47
CA SER XA 163 11.45 -109.67 -20.67
C SER XA 163 12.18 -109.45 -21.97
N ASP XA 164 11.91 -108.31 -22.61
CA ASP XA 164 12.53 -107.96 -23.88
C ASP XA 164 14.02 -107.73 -23.77
N GLY XA 165 14.48 -107.16 -22.66
CA GLY XA 165 15.88 -106.77 -22.57
C GLY XA 165 17.03 -107.72 -22.73
N ILE XA 166 16.94 -108.95 -22.27
CA ILE XA 166 18.14 -109.80 -22.31
C ILE XA 166 18.25 -110.96 -23.31
N ARG XA 167 19.31 -110.99 -24.09
CA ARG XA 167 19.58 -112.10 -24.99
C ARG XA 167 20.46 -113.04 -24.21
N LEU XA 168 20.27 -114.34 -24.34
CA LEU XA 168 21.01 -115.27 -23.51
C LEU XA 168 21.98 -116.07 -24.34
N PRO XA 169 23.24 -116.13 -23.90
CA PRO XA 169 24.23 -116.93 -24.61
C PRO XA 169 23.84 -118.39 -24.59
N GLY XA 170 23.30 -118.86 -23.48
CA GLY XA 170 22.83 -120.23 -23.39
C GLY XA 170 23.03 -120.77 -21.99
N GLY XA 171 22.07 -121.54 -21.49
CA GLY XA 171 22.15 -122.03 -20.13
C GLY XA 171 21.71 -120.99 -19.13
N PHE XA 172 21.19 -119.87 -19.59
CA PHE XA 172 20.81 -118.80 -18.69
C PHE XA 172 19.31 -118.57 -18.68
N SER XA 173 18.73 -118.45 -17.51
CA SER XA 173 17.31 -118.16 -17.40
C SER XA 173 17.15 -116.84 -16.68
N VAL XA 174 16.30 -115.95 -17.18
CA VAL XA 174 16.20 -114.62 -16.60
C VAL XA 174 14.95 -114.35 -15.76
N THR XA 175 15.10 -113.81 -14.56
CA THR XA 175 13.94 -113.43 -13.78
C THR XA 175 14.03 -111.97 -13.36
N PRO XA 176 13.03 -111.15 -13.65
CA PRO XA 176 13.10 -109.74 -13.25
C PRO XA 176 12.84 -109.56 -11.76
N LEU XA 177 13.63 -108.68 -11.16
CA LEU XA 177 13.52 -108.43 -9.75
C LEU XA 177 12.95 -107.04 -9.55
N LYS XA 178 13.75 -106.03 -9.84
CA LYS XA 178 13.31 -104.67 -9.57
C LYS XA 178 13.51 -103.79 -10.79
N ALA XA 179 12.76 -102.70 -10.88
CA ALA XA 179 12.93 -101.78 -11.99
C ALA XA 179 12.49 -100.36 -11.69
N TRP XA 180 13.21 -99.39 -12.23
CA TRP XA 180 12.87 -97.99 -12.03
C TRP XA 180 12.54 -97.38 -13.38
N ALA XA 181 11.61 -96.43 -13.38
CA ALA XA 181 11.26 -95.69 -14.59
C ALA XA 181 11.21 -94.21 -14.27
N GLY XA 182 11.84 -93.41 -15.12
CA GLY XA 182 11.91 -91.98 -14.88
C GLY XA 182 11.37 -91.14 -16.01
N ASP XA 183 11.91 -89.94 -16.16
CA ASP XA 183 11.47 -89.01 -17.19
C ASP XA 183 12.20 -89.18 -18.51
N GLN XA 184 13.44 -89.67 -18.49
CA GLN XA 184 14.25 -89.80 -19.69
C GLN XA 184 14.79 -91.19 -19.91
N LEU XA 185 15.16 -91.91 -18.85
CA LEU XA 185 15.81 -93.19 -18.95
C LEU XA 185 15.02 -94.22 -18.15
N ARG XA 186 15.46 -95.48 -18.22
CA ARG XA 186 14.82 -96.56 -17.47
C ARG XA 186 15.85 -97.60 -17.12
N ALA XA 187 15.75 -98.17 -15.92
CA ALA XA 187 16.67 -99.20 -15.47
C ALA XA 187 15.89 -100.39 -14.92
N ASP XA 188 16.49 -101.57 -15.02
CA ASP XA 188 15.88 -102.78 -14.52
C ASP XA 188 16.95 -103.78 -14.11
N ARG XA 189 16.55 -104.75 -13.30
CA ARG XA 189 17.46 -105.76 -12.76
C ARG XA 189 16.92 -107.15 -13.05
N TYR XA 190 17.75 -108.00 -13.62
CA TYR XA 190 17.36 -109.36 -13.94
C TYR XA 190 18.41 -110.24 -13.34
N GLU XA 191 18.01 -111.36 -12.78
CA GLU XA 191 18.99 -112.29 -12.26
C GLU XA 191 19.04 -113.48 -13.17
N LEU XA 192 20.22 -113.79 -13.66
CA LEU XA 192 20.36 -114.90 -14.57
C LEU XA 192 20.56 -116.13 -13.75
N ARG XA 193 20.08 -117.26 -14.25
CA ARG XA 193 20.34 -118.49 -13.55
C ARG XA 193 21.70 -119.01 -13.79
N ASN XA 194 22.09 -119.92 -12.93
CA ASN XA 194 23.32 -120.56 -13.13
C ASN XA 194 23.32 -121.29 -14.45
N ALA XA 195 24.41 -121.20 -15.18
CA ALA XA 195 24.55 -121.95 -16.41
C ALA XA 195 24.81 -123.40 -16.08
N ASN XA 196 24.68 -124.28 -17.07
CA ASN XA 196 24.91 -125.72 -16.91
C ASN XA 196 26.17 -126.17 -16.18
N THR XA 197 27.10 -126.79 -16.92
CA THR XA 197 28.39 -127.19 -16.34
C THR XA 197 29.68 -126.72 -17.01
N TRP XA 198 29.57 -126.14 -18.19
CA TRP XA 198 30.74 -125.59 -18.83
C TRP XA 198 30.92 -124.19 -18.29
N GLY XA 199 32.16 -123.78 -18.04
CA GLY XA 199 32.38 -122.42 -17.60
C GLY XA 199 31.95 -121.50 -18.71
N VAL XA 200 31.20 -120.47 -18.38
CA VAL XA 200 30.70 -119.57 -19.40
C VAL XA 200 31.29 -118.20 -19.19
N ALA XA 201 32.32 -117.86 -19.97
CA ALA XA 201 32.88 -116.52 -19.88
C ALA XA 201 31.78 -115.53 -20.14
N LEU XA 202 31.75 -114.44 -19.37
CA LEU XA 202 30.67 -113.49 -19.53
C LEU XA 202 31.13 -112.27 -20.30
N ARG XA 203 30.48 -112.01 -21.43
CA ARG XA 203 30.83 -110.85 -22.23
C ARG XA 203 29.78 -109.78 -22.07
N GLU XA 204 30.12 -108.59 -21.62
CA GLU XA 204 29.06 -107.63 -21.39
C GLU XA 204 28.30 -107.25 -22.66
N GLN XA 205 28.93 -107.38 -23.83
CA GLN XA 205 28.18 -107.08 -25.05
C GLN XA 205 27.49 -108.28 -25.65
N ASP XA 206 27.55 -109.44 -24.99
CA ASP XA 206 26.87 -110.65 -25.46
C ASP XA 206 25.44 -110.76 -24.91
N PHE XA 207 24.98 -109.74 -24.19
CA PHE XA 207 23.59 -109.69 -23.74
C PHE XA 207 22.86 -108.51 -24.36
N TRP XA 208 23.31 -108.06 -25.52
CA TRP XA 208 22.75 -106.87 -26.15
C TRP XA 208 21.41 -107.02 -26.87
N LYS XA 209 20.58 -105.99 -26.79
CA LYS XA 209 19.33 -106.01 -27.50
C LYS XA 209 19.06 -104.60 -28.08
N PRO XA 210 18.77 -104.44 -29.40
CA PRO XA 210 18.43 -103.10 -29.88
C PRO XA 210 17.57 -102.34 -28.88
N GLY XA 211 17.90 -101.06 -28.70
CA GLY XA 211 17.19 -100.20 -27.79
C GLY XA 211 17.84 -100.01 -26.43
N VAL XA 212 18.81 -100.85 -26.08
CA VAL XA 212 19.48 -100.75 -24.77
C VAL XA 212 20.66 -99.78 -24.72
N ARG XA 213 20.62 -98.82 -23.80
CA ARG XA 213 21.69 -97.85 -23.70
C ARG XA 213 22.98 -98.42 -23.09
N ALA XA 214 22.93 -98.94 -21.86
CA ALA XA 214 24.10 -99.55 -21.23
C ALA XA 214 23.80 -100.83 -20.47
N VAL XA 215 24.71 -101.80 -20.53
CA VAL XA 215 24.54 -103.04 -19.76
C VAL XA 215 25.75 -103.21 -18.85
N MET XA 216 25.52 -103.43 -17.56
CA MET XA 216 26.63 -103.67 -16.64
C MET XA 216 26.44 -104.90 -15.77
N PHE XA 217 27.53 -105.55 -15.40
CA PHE XA 217 27.43 -106.78 -14.62
C PHE XA 217 27.84 -106.54 -13.18
N ASP XA 218 27.05 -107.03 -12.23
CA ASP XA 218 27.42 -106.91 -10.82
C ASP XA 218 28.58 -107.83 -10.51
N ASN XA 219 29.32 -107.55 -9.44
CA ASN XA 219 30.52 -108.33 -9.08
C ASN XA 219 31.55 -108.16 -10.20
N ASN XA 220 32.35 -109.17 -10.49
CA ASN XA 220 33.28 -109.03 -11.62
C ASN XA 220 33.26 -109.97 -12.81
N ALA XA 221 32.15 -110.64 -13.10
CA ALA XA 221 32.10 -111.44 -14.32
C ALA XA 221 33.23 -112.43 -14.30
N GLN XA 222 34.10 -112.37 -15.32
CA GLN XA 222 35.27 -113.25 -15.37
C GLN XA 222 34.88 -114.70 -15.30
N THR XA 223 33.84 -115.09 -16.05
CA THR XA 223 33.39 -116.48 -16.12
C THR XA 223 32.53 -116.95 -14.96
N LEU XA 224 31.21 -117.00 -15.16
CA LEU XA 224 30.34 -117.55 -14.12
C LEU XA 224 30.63 -119.02 -14.31
N MET XA 225 30.77 -119.78 -13.22
CA MET XA 225 31.20 -121.18 -13.36
C MET XA 225 30.15 -122.23 -13.73
N GLY XA 226 30.33 -123.45 -13.23
CA GLY XA 226 29.34 -124.49 -13.44
C GLY XA 226 28.05 -123.98 -12.87
N GLY XA 227 28.10 -122.79 -12.29
CA GLY XA 227 26.87 -122.17 -11.85
C GLY XA 227 27.08 -120.80 -11.26
N GLY XA 228 26.05 -120.28 -10.62
CA GLY XA 228 26.14 -118.98 -10.00
C GLY XA 228 25.01 -118.11 -10.49
N ARG XA 229 24.34 -117.43 -9.58
CA ARG XA 229 23.28 -116.52 -9.97
C ARG XA 229 23.75 -115.08 -9.83
N MET XA 230 23.86 -114.36 -10.94
CA MET XA 230 24.41 -113.02 -10.90
C MET XA 230 23.40 -112.01 -11.39
N THR XA 231 23.17 -110.96 -10.62
CA THR XA 231 22.21 -109.94 -11.02
C THR XA 231 22.82 -108.96 -12.02
N VAL XA 232 22.08 -108.68 -13.09
CA VAL XA 232 22.57 -107.77 -14.13
C VAL XA 232 21.60 -106.62 -14.27
N THR XA 233 22.11 -105.40 -14.24
CA THR XA 233 21.26 -104.24 -14.44
C THR XA 233 21.33 -103.77 -15.88
N VAL XA 234 20.17 -103.68 -16.54
CA VAL XA 234 20.14 -103.28 -17.94
C VAL XA 234 19.50 -101.91 -18.05
N ILE XA 235 20.09 -101.03 -18.84
CA ILE XA 235 19.59 -99.67 -18.94
C ILE XA 235 19.02 -99.42 -20.32
N ARG XA 236 17.79 -98.91 -20.39
CA ARG XA 236 17.13 -98.69 -21.68
C ARG XA 236 16.44 -97.34 -21.73
N GLY XA 237 16.19 -96.81 -22.93
CA GLY XA 237 15.50 -95.54 -23.07
C GLY XA 237 14.08 -95.61 -22.52
N ASN XA 238 13.54 -94.43 -22.22
CA ASN XA 238 12.21 -94.31 -21.66
C ASN XA 238 11.33 -93.48 -22.59
N GLY XA 239 10.08 -93.91 -22.73
CA GLY XA 239 9.16 -93.25 -23.63
C GLY XA 239 9.31 -93.73 -25.06
N GLU XA 240 10.56 -93.75 -25.55
CA GLU XA 240 10.82 -94.24 -26.89
C GLU XA 240 10.58 -95.74 -26.97
N GLY XA 241 9.92 -96.17 -28.04
CA GLY XA 241 9.63 -97.57 -28.24
C GLY XA 241 10.84 -98.38 -28.68
N GLN YA 25 79.88 -70.53 21.66
CA GLN YA 25 79.88 -70.27 23.09
C GLN YA 25 78.48 -69.99 23.54
N SER YA 26 78.30 -69.78 24.84
CA SER YA 26 76.98 -69.52 25.39
C SER YA 26 77.15 -68.29 26.28
N PRO YA 27 76.10 -67.48 26.41
CA PRO YA 27 76.32 -66.27 27.21
C PRO YA 27 76.66 -66.67 28.63
N ALA YA 28 77.54 -65.92 29.28
CA ALA YA 28 77.90 -66.21 30.67
C ALA YA 28 76.77 -65.86 31.59
N THR YA 29 76.32 -66.83 32.38
CA THR YA 29 75.16 -66.61 33.22
C THR YA 29 75.53 -66.24 34.63
N ILE YA 30 75.00 -65.15 35.12
CA ILE YA 30 75.31 -64.69 36.46
C ILE YA 30 74.05 -64.51 37.29
N SER YA 31 74.02 -65.09 38.48
CA SER YA 31 72.84 -65.02 39.32
C SER YA 31 73.06 -64.05 40.45
N LEU YA 32 72.21 -63.03 40.55
CA LEU YA 32 72.44 -62.00 41.55
C LEU YA 32 71.20 -61.59 42.33
N PRO YA 33 71.33 -61.37 43.64
CA PRO YA 33 70.21 -60.87 44.46
C PRO YA 33 70.00 -59.40 44.15
N GLN YA 34 68.87 -58.78 44.49
CA GLN YA 34 68.72 -57.38 44.12
C GLN YA 34 69.80 -56.54 44.79
N GLY YA 35 70.40 -55.63 44.04
CA GLY YA 35 71.49 -54.84 44.57
C GLY YA 35 72.79 -55.59 44.49
N GLY YA 36 72.78 -56.75 43.84
CA GLY YA 36 73.96 -57.58 43.76
C GLY YA 36 75.05 -56.98 42.93
N GLN YA 37 76.30 -57.26 43.28
CA GLN YA 37 77.42 -56.68 42.55
C GLN YA 37 78.37 -57.75 42.02
N PHE YA 38 78.50 -57.84 40.69
CA PHE YA 38 79.36 -58.85 40.09
C PHE YA 38 80.50 -58.25 39.29
N ARG YA 39 81.72 -58.73 39.54
CA ARG YA 39 82.88 -58.22 38.80
C ARG YA 39 83.08 -58.96 37.48
N LEU YA 40 82.69 -58.34 36.38
CA LEU YA 40 82.88 -58.94 35.06
C LEU YA 40 83.66 -58.07 34.10
N SER YA 41 84.66 -58.65 33.43
CA SER YA 41 85.41 -57.89 32.44
C SER YA 41 84.59 -57.62 31.19
N ILE YA 42 84.78 -56.45 30.58
CA ILE YA 42 84.09 -56.15 29.33
C ILE YA 42 85.16 -55.89 28.27
N SER YA 43 84.79 -55.34 27.12
CA SER YA 43 85.80 -55.01 26.12
C SER YA 43 85.81 -53.56 25.65
N ASN YA 44 87.01 -52.98 25.55
CA ASN YA 44 87.14 -51.63 25.02
C ASN YA 44 86.93 -51.54 23.52
N THR YA 45 87.52 -52.46 22.77
CA THR YA 45 87.33 -52.49 21.31
C THR YA 45 85.97 -52.82 20.73
N ASP YA 46 85.23 -53.76 21.31
CA ASP YA 46 83.96 -54.20 20.67
C ASP YA 46 82.73 -54.07 21.53
N PRO YA 47 81.54 -54.03 20.90
CA PRO YA 47 80.31 -53.84 21.66
C PRO YA 47 80.04 -54.98 22.63
N ASN YA 48 79.42 -54.70 23.76
CA ASN YA 48 79.19 -55.72 24.77
C ASN YA 48 77.71 -55.74 25.08
N MET YA 49 77.20 -56.89 25.50
CA MET YA 49 75.77 -57.02 25.73
C MET YA 49 75.45 -57.58 27.11
N ILE YA 50 74.34 -57.14 27.69
CA ILE YA 50 73.90 -57.62 28.98
C ILE YA 50 72.42 -57.74 28.80
N PHE YA 51 71.90 -58.95 28.92
CA PHE YA 51 70.45 -59.15 28.83
C PHE YA 51 69.92 -59.91 30.02
N ILE YA 52 68.75 -59.51 30.50
CA ILE YA 52 68.13 -60.26 31.59
C ILE YA 52 66.95 -60.98 30.97
N PRO YA 53 66.99 -62.31 30.97
CA PRO YA 53 65.89 -62.99 30.32
C PRO YA 53 64.58 -62.76 31.04
N GLY YA 54 63.52 -62.47 30.29
CA GLY YA 54 62.22 -62.21 30.88
C GLY YA 54 62.10 -60.77 31.36
N ASP YA 55 63.14 -59.97 31.14
CA ASP YA 55 63.12 -58.60 31.64
C ASP YA 55 63.66 -57.61 30.63
N LYS YA 56 63.19 -56.37 30.71
CA LYS YA 56 63.64 -55.36 29.80
C LYS YA 56 64.42 -54.30 30.53
N VAL YA 57 65.63 -54.01 30.08
CA VAL YA 57 66.43 -53.00 30.72
C VAL YA 57 65.74 -51.69 30.48
N THR YA 58 65.49 -50.94 31.54
CA THR YA 58 64.85 -49.65 31.39
C THR YA 58 65.83 -48.52 31.60
N ALA YA 59 66.93 -48.79 32.29
CA ALA YA 59 67.91 -47.75 32.56
C ALA YA 59 69.31 -48.26 32.77
N ILE YA 60 70.31 -47.44 32.46
CA ILE YA 60 71.69 -47.81 32.72
C ILE YA 60 72.42 -46.57 33.19
N THR YA 61 73.31 -46.70 34.17
CA THR YA 61 74.06 -45.58 34.70
C THR YA 61 75.50 -46.01 34.86
N ALA YA 62 76.46 -45.18 34.49
CA ALA YA 62 77.85 -45.52 34.70
C ALA YA 62 78.62 -44.27 35.10
N PRO YA 63 79.85 -44.41 35.67
CA PRO YA 63 80.56 -43.15 35.93
C PRO YA 63 80.67 -42.35 34.65
N GLY YA 64 80.63 -41.03 34.72
CA GLY YA 64 80.61 -40.23 33.50
C GLY YA 64 81.79 -40.38 32.57
N GLY YA 65 81.51 -40.56 31.28
CA GLY YA 65 82.56 -40.68 30.28
C GLY YA 65 83.04 -42.09 30.07
N MET YA 66 82.68 -42.99 30.98
CA MET YA 66 83.06 -44.38 30.85
C MET YA 66 82.39 -45.15 29.71
N LEU YA 67 81.10 -44.92 29.48
CA LEU YA 67 80.39 -45.67 28.44
C LEU YA 67 80.12 -44.82 27.22
N ALA YA 68 80.74 -45.15 26.11
CA ALA YA 68 80.59 -44.38 24.88
C ALA YA 68 79.22 -44.37 24.25
N ASP YA 69 78.58 -45.53 24.13
CA ASP YA 69 77.26 -45.60 23.47
C ASP YA 69 76.39 -46.66 24.08
N LYS YA 70 75.11 -46.37 24.27
CA LYS YA 70 74.17 -47.32 24.86
C LYS YA 70 72.89 -47.43 24.06
N ARG YA 71 72.56 -48.63 23.56
CA ARG YA 71 71.34 -48.85 22.79
C ARG YA 71 70.52 -50.03 23.31
N LEU YA 72 69.21 -49.98 23.17
CA LEU YA 72 68.37 -51.08 23.61
C LEU YA 72 68.14 -52.08 22.50
N THR YA 73 68.53 -53.33 22.75
CA THR YA 73 68.35 -54.39 21.78
C THR YA 73 66.95 -54.94 21.75
N ARG YA 74 66.63 -55.72 20.74
CA ARG YA 74 65.32 -56.34 20.64
C ARG YA 74 65.15 -57.29 21.81
N ALA YA 75 63.95 -57.35 22.38
CA ALA YA 75 63.70 -58.18 23.55
C ALA YA 75 64.58 -57.82 24.73
N GLY YA 76 64.71 -56.53 25.02
CA GLY YA 76 65.46 -56.12 26.18
C GLY YA 76 66.93 -56.26 25.87
N GLY YA 77 67.76 -56.07 26.87
CA GLY YA 77 69.19 -56.15 26.65
C GLY YA 77 69.73 -54.78 26.36
N VAL YA 78 71.01 -54.59 26.64
CA VAL YA 78 71.66 -53.32 26.33
C VAL YA 78 72.92 -53.59 25.58
N LEU YA 79 73.18 -52.79 24.56
CA LEU YA 79 74.42 -52.92 23.83
C LEU YA 79 75.22 -51.72 24.24
N PHE YA 80 76.45 -51.92 24.69
CA PHE YA 80 77.27 -50.82 25.18
C PHE YA 80 78.74 -50.93 24.81
N THR YA 81 79.37 -49.79 24.55
CA THR YA 81 80.77 -49.77 24.16
C THR YA 81 81.54 -48.87 25.11
N SER YA 82 82.74 -49.26 25.51
CA SER YA 82 83.53 -48.43 26.39
C SER YA 82 84.90 -48.06 25.86
N VAL YA 83 85.26 -46.79 25.90
CA VAL YA 83 86.61 -46.38 25.51
C VAL YA 83 87.50 -46.31 26.75
N ALA YA 84 86.93 -46.59 27.91
CA ALA YA 84 87.66 -46.47 29.17
C ALA YA 84 88.74 -47.47 29.46
N THR YA 85 89.69 -47.09 30.30
CA THR YA 85 90.73 -48.03 30.71
C THR YA 85 90.72 -48.31 32.22
N ARG YA 86 89.69 -47.86 32.92
CA ARG YA 86 89.64 -48.00 34.38
C ARG YA 86 88.43 -48.80 34.81
N THR YA 87 88.57 -49.62 35.86
CA THR YA 87 87.44 -50.39 36.36
C THR YA 87 86.37 -49.44 36.83
N PHE YA 88 85.13 -49.73 36.48
CA PHE YA 88 84.03 -48.83 36.82
C PHE YA 88 82.78 -49.59 37.21
N THR YA 89 81.81 -48.88 37.74
CA THR YA 89 80.61 -49.55 38.21
C THR YA 89 79.41 -49.14 37.41
N ILE YA 90 78.73 -50.11 36.83
CA ILE YA 90 77.52 -49.84 36.05
C ILE YA 90 76.29 -50.30 36.82
N PHE YA 91 75.25 -49.48 36.90
CA PHE YA 91 74.03 -49.89 37.54
C PHE YA 91 72.94 -50.06 36.52
N VAL YA 92 72.35 -51.25 36.45
CA VAL YA 92 71.33 -51.53 35.48
C VAL YA 92 69.98 -51.75 36.14
N GLU YA 93 68.95 -51.11 35.63
CA GLU YA 93 67.63 -51.24 36.21
C GLU YA 93 66.65 -51.86 35.24
N THR YA 94 66.03 -52.94 35.66
CA THR YA 94 65.06 -53.61 34.82
C THR YA 94 63.67 -53.10 35.08
N ALA YA 95 62.71 -53.50 34.25
CA ALA YA 95 61.35 -52.98 34.36
C ALA YA 95 60.50 -53.61 35.43
N ARG YA 96 60.97 -54.72 35.99
CA ARG YA 96 60.26 -55.41 37.05
C ARG YA 96 60.76 -54.93 38.39
N GLY YA 97 61.49 -53.83 38.40
CA GLY YA 97 61.95 -53.24 39.64
C GLY YA 97 63.26 -53.77 40.19
N GLN YA 98 63.93 -54.60 39.43
CA GLN YA 98 65.18 -55.17 39.91
C GLN YA 98 66.32 -54.30 39.48
N THR YA 99 67.27 -54.09 40.38
CA THR YA 99 68.44 -53.32 40.04
C THR YA 99 69.65 -54.13 40.38
N PHE YA 100 70.62 -54.17 39.48
CA PHE YA 100 71.82 -54.92 39.71
C PHE YA 100 73.00 -54.03 39.42
N SER YA 101 74.15 -54.38 39.97
CA SER YA 101 75.34 -53.60 39.77
C SER YA 101 76.41 -54.48 39.24
N VAL YA 102 77.24 -53.92 38.37
CA VAL YA 102 78.30 -54.68 37.78
C VAL YA 102 79.57 -53.87 37.88
N VAL YA 103 80.69 -54.50 38.19
CA VAL YA 103 81.94 -53.77 38.18
C VAL YA 103 82.62 -54.24 36.92
N ALA YA 104 82.92 -53.32 36.02
CA ALA YA 104 83.47 -53.70 34.72
C ALA YA 104 84.89 -53.30 34.51
N THR YA 105 85.75 -54.25 34.18
CA THR YA 105 87.14 -53.93 33.88
C THR YA 105 87.34 -54.04 32.39
N PRO YA 106 87.70 -52.93 31.74
CA PRO YA 106 87.79 -53.00 30.29
C PRO YA 106 89.08 -53.65 29.81
N VAL YA 107 88.99 -54.64 28.92
CA VAL YA 107 90.17 -55.36 28.45
C VAL YA 107 90.04 -55.65 26.94
N LYS YA 108 91.16 -55.81 26.25
CA LYS YA 108 91.14 -56.08 24.81
C LYS YA 108 90.57 -57.44 24.47
N GLY YA 109 89.69 -57.50 23.48
CA GLY YA 109 89.12 -58.76 23.07
C GLY YA 109 87.77 -58.70 22.41
N GLU YA 110 87.14 -59.85 22.28
CA GLU YA 110 85.81 -59.92 21.69
C GLU YA 110 84.75 -59.35 22.62
N GLY YA 111 83.68 -58.84 22.05
CA GLY YA 111 82.59 -58.32 22.86
C GLY YA 111 82.03 -59.44 23.69
N ARG YA 112 81.84 -59.18 24.98
CA ARG YA 112 81.37 -60.22 25.89
C ARG YA 112 79.91 -60.07 26.20
N VAL YA 113 79.20 -61.20 26.24
CA VAL YA 113 77.75 -61.17 26.50
C VAL YA 113 77.43 -61.90 27.78
N TYR YA 114 76.63 -61.27 28.62
CA TYR YA 114 76.31 -61.86 29.91
C TYR YA 114 74.81 -62.02 30.11
N ARG YA 115 74.41 -63.13 30.70
CA ARG YA 115 73.00 -63.40 30.95
C ARG YA 115 72.71 -63.17 32.40
N LEU YA 116 71.84 -62.23 32.72
CA LEU YA 116 71.60 -61.89 34.11
C LEU YA 116 70.46 -62.65 34.68
N MET YA 117 70.69 -63.29 35.82
CA MET YA 117 69.65 -64.05 36.45
C MET YA 117 69.37 -63.59 37.87
N SER YA 118 68.18 -63.86 38.36
CA SER YA 118 67.78 -63.50 39.71
C SER YA 118 67.88 -64.72 40.61
N ALA YA 119 68.58 -64.56 41.74
CA ALA YA 119 68.83 -65.67 42.66
C ALA YA 119 67.52 -66.22 43.22
N GLU YA 120 66.62 -65.33 43.64
CA GLU YA 120 65.34 -65.75 44.20
C GLU YA 120 64.23 -65.46 43.19
N PRO YA 121 63.53 -66.48 42.68
CA PRO YA 121 62.37 -66.23 41.82
C PRO YA 121 61.29 -65.48 42.57
N PRO YA 122 60.79 -64.38 42.01
CA PRO YA 122 59.81 -63.58 42.76
C PRO YA 122 58.46 -64.26 42.91
N SER YA 123 57.92 -64.84 41.84
CA SER YA 123 56.62 -65.49 41.89
C SER YA 123 56.68 -66.78 41.08
N ARG YA 124 55.73 -67.67 41.39
CA ARG YA 124 55.60 -68.94 40.67
C ARG YA 124 54.32 -68.93 39.86
N PRO YA 125 54.41 -68.69 38.52
CA PRO YA 125 53.12 -68.71 37.82
C PRO YA 125 52.54 -70.11 37.79
N GLU YA 126 51.25 -70.25 38.08
CA GLU YA 126 50.62 -71.56 38.10
C GLU YA 126 50.58 -72.17 36.72
N THR YA 127 50.70 -73.49 36.63
CA THR YA 127 50.71 -74.17 35.34
C THR YA 127 49.40 -74.03 34.60
N ARG YA 128 49.48 -73.95 33.27
CA ARG YA 128 48.27 -73.83 32.46
C ARG YA 128 48.03 -75.04 31.58
N LYS YA 129 46.97 -75.80 31.84
CA LYS YA 129 46.64 -76.92 30.97
C LYS YA 129 45.88 -76.37 29.77
N TRP YA 130 46.49 -76.42 28.59
CA TRP YA 130 45.87 -75.84 27.43
C TRP YA 130 45.22 -76.91 26.59
N GLU YA 131 45.52 -78.17 26.89
CA GLU YA 131 44.99 -79.23 26.04
C GLU YA 131 43.48 -79.34 26.17
N THR YA 132 42.80 -79.54 25.05
CA THR YA 132 41.35 -79.66 25.03
C THR YA 132 40.97 -80.97 24.36
N ALA YA 133 40.08 -81.72 25.00
CA ALA YA 133 39.65 -83.00 24.47
C ALA YA 133 38.61 -82.80 23.36
N GLN YA 134 38.27 -83.88 22.67
CA GLN YA 134 37.33 -83.80 21.57
C GLN YA 134 35.92 -83.69 22.06
N ALA YA 135 35.03 -83.15 21.22
CA ALA YA 135 33.65 -82.98 21.63
C ALA YA 135 32.92 -84.28 21.94
N TYR YA 136 33.13 -85.32 21.14
CA TYR YA 136 32.50 -86.59 21.41
C TYR YA 136 32.98 -87.15 22.73
N GLU YA 137 34.27 -87.07 22.98
CA GLU YA 137 34.81 -87.64 24.21
C GLU YA 137 34.28 -86.92 25.43
N LYS YA 138 34.22 -85.61 25.36
CA LYS YA 138 33.73 -84.85 26.50
C LYS YA 138 32.27 -85.16 26.77
N LEU YA 139 31.49 -85.35 25.72
CA LEU YA 139 30.08 -85.66 25.88
C LEU YA 139 29.85 -86.96 26.61
N LEU YA 140 30.58 -88.00 26.24
CA LEU YA 140 30.46 -89.26 26.95
C LEU YA 140 30.92 -89.13 28.38
N ILE YA 141 32.02 -88.42 28.61
CA ILE YA 141 32.55 -88.26 29.95
C ILE YA 141 31.59 -87.52 30.86
N SER YA 142 30.97 -86.46 30.35
CA SER YA 142 30.04 -85.70 31.15
C SER YA 142 28.86 -86.53 31.57
N LEU YA 143 28.32 -87.31 30.64
CA LEU YA 143 27.19 -88.15 30.94
C LEU YA 143 27.55 -89.24 31.93
N ASN YA 144 28.71 -89.84 31.78
CA ASN YA 144 29.09 -90.92 32.66
C ASN YA 144 29.19 -90.37 34.06
N ARG YA 145 29.75 -89.17 34.20
CA ARG YA 145 29.83 -88.54 35.51
C ARG YA 145 28.46 -88.21 36.08
N ALA YA 146 27.54 -87.73 35.25
CA ALA YA 146 26.19 -87.42 35.71
C ALA YA 146 25.49 -88.67 36.19
N VAL YA 147 25.60 -89.75 35.45
CA VAL YA 147 24.97 -91.01 35.83
C VAL YA 147 25.57 -91.53 37.13
N LEU YA 148 26.88 -91.40 37.28
CA LEU YA 148 27.54 -91.89 38.48
C LEU YA 148 27.01 -91.17 39.72
N THR YA 149 26.80 -89.86 39.61
CA THR YA 149 26.23 -89.12 40.73
C THR YA 149 24.73 -89.33 40.77
N GLY YA 150 24.09 -89.40 39.61
CA GLY YA 150 22.66 -89.65 39.54
C GLY YA 150 21.81 -88.45 39.17
N ASP YA 151 22.38 -87.26 39.16
CA ASP YA 151 21.63 -86.10 38.70
C ASP YA 151 21.35 -86.23 37.22
N ILE YA 152 20.19 -85.78 36.78
CA ILE YA 152 19.83 -85.97 35.38
C ILE YA 152 19.97 -84.70 34.55
N PRO YA 153 20.67 -84.81 33.41
CA PRO YA 153 20.73 -83.63 32.55
C PRO YA 153 19.38 -83.45 31.89
N ASP YA 154 19.08 -82.23 31.44
CA ASP YA 154 17.78 -81.97 30.83
C ASP YA 154 17.60 -82.79 29.57
N GLY YA 155 16.38 -83.25 29.33
CA GLY YA 155 16.12 -84.08 28.17
C GLY YA 155 16.34 -85.55 28.43
N TYR YA 156 16.65 -85.92 29.66
CA TYR YA 156 16.80 -87.34 30.00
C TYR YA 156 15.65 -87.76 30.89
N GLY YA 157 14.69 -88.51 30.33
CA GLY YA 157 13.50 -88.84 31.09
C GLY YA 157 13.35 -90.21 31.70
N GLU YA 158 14.33 -91.10 31.53
CA GLU YA 158 14.31 -92.45 32.08
C GLU YA 158 13.60 -93.42 31.13
N VAL YA 159 14.03 -94.68 31.10
CA VAL YA 159 13.45 -95.65 30.17
C VAL YA 159 13.75 -97.07 30.63
N LYS YA 160 13.02 -98.05 30.10
CA LYS YA 160 13.32 -99.44 30.42
C LYS YA 160 14.66 -99.79 29.78
N PRO YA 161 15.53 -100.50 30.51
CA PRO YA 161 16.79 -100.92 29.89
C PRO YA 161 16.62 -102.17 29.02
N LEU YA 162 17.63 -102.46 28.18
CA LEU YA 162 17.57 -103.66 27.34
C LEU YA 162 18.28 -104.84 27.95
N SER YA 163 18.56 -105.86 27.14
CA SER YA 163 19.32 -107.00 27.63
C SER YA 163 20.37 -107.18 26.57
N ASP YA 164 20.24 -106.42 25.48
CA ASP YA 164 21.17 -106.49 24.36
C ASP YA 164 22.58 -106.05 24.71
N GLY YA 165 22.71 -105.06 25.58
CA GLY YA 165 24.02 -104.49 25.83
C GLY YA 165 25.20 -105.27 26.33
N ILE YA 166 25.03 -106.24 27.20
CA ILE YA 166 26.21 -106.88 27.78
C ILE YA 166 26.61 -108.31 27.39
N ARG YA 167 27.85 -108.49 26.96
CA ARG YA 167 28.36 -109.82 26.65
C ARG YA 167 29.03 -110.28 27.92
N LEU YA 168 28.92 -111.54 28.28
CA LEU YA 168 29.43 -111.98 29.56
C LEU YA 168 30.61 -112.91 29.36
N PRO YA 169 31.71 -112.64 30.06
CA PRO YA 169 32.87 -113.52 29.99
C PRO YA 169 32.53 -114.90 30.48
N GLY YA 170 31.73 -114.98 31.53
CA GLY YA 170 31.28 -116.26 32.04
C GLY YA 170 31.12 -116.20 33.54
N GLY YA 171 30.09 -116.86 34.06
CA GLY YA 171 29.81 -116.78 35.49
C GLY YA 171 29.09 -115.51 35.87
N PHE YA 172 28.69 -114.73 34.90
CA PHE YA 172 28.06 -113.45 35.19
C PHE YA 172 26.60 -113.42 34.75
N SER YA 173 25.73 -112.94 35.62
CA SER YA 173 24.33 -112.82 35.26
C SER YA 173 23.95 -111.36 35.34
N VAL YA 174 23.24 -110.85 34.35
CA VAL YA 174 22.95 -109.41 34.31
C VAL YA 174 21.52 -109.01 34.66
N THR YA 175 21.34 -108.05 35.56
CA THR YA 175 20.00 -107.56 35.83
C THR YA 175 19.94 -106.05 35.64
N PRO YA 176 19.03 -105.53 34.82
CA PRO YA 176 18.96 -104.07 34.63
C PRO YA 176 18.30 -103.38 35.83
N LEU YA 177 18.89 -102.25 36.20
CA LEU YA 177 18.40 -101.50 37.32
C LEU YA 177 17.77 -100.23 36.83
N LYS YA 178 18.58 -99.30 36.35
CA LYS YA 178 18.06 -98.01 35.95
C LYS YA 178 18.55 -97.63 34.57
N ALA YA 179 17.82 -96.76 33.89
CA ALA YA 179 18.25 -96.31 32.58
C ALA YA 179 17.71 -94.96 32.17
N TRP YA 180 18.53 -94.17 31.49
CA TRP YA 180 18.11 -92.86 31.03
C TRP YA 180 18.13 -92.84 29.51
N ALA YA 181 17.21 -92.09 28.91
CA ALA YA 181 17.17 -91.91 27.47
C ALA YA 181 17.01 -90.44 27.16
N GLY YA 182 17.81 -89.94 26.23
CA GLY YA 182 17.78 -88.53 25.89
C GLY YA 182 17.54 -88.25 24.44
N ASP YA 183 18.07 -87.13 23.96
CA ASP YA 183 17.89 -86.72 22.57
C ASP YA 183 18.95 -87.28 21.63
N GLN YA 184 20.14 -87.55 22.13
CA GLN YA 184 21.25 -88.02 21.30
C GLN YA 184 21.87 -89.32 21.79
N LEU YA 185 21.96 -89.53 23.10
CA LEU YA 185 22.65 -90.67 23.67
C LEU YA 185 21.70 -91.42 24.60
N ARG YA 186 22.17 -92.53 25.14
CA ARG YA 186 21.39 -93.33 26.09
C ARG YA 186 22.32 -94.03 27.05
N ALA YA 187 21.91 -94.11 28.32
CA ALA YA 187 22.71 -94.77 29.34
C ALA YA 187 21.85 -95.76 30.11
N ASP YA 188 22.48 -96.80 30.63
CA ASP YA 188 21.79 -97.80 31.41
C ASP YA 188 22.74 -98.42 32.42
N ARG YA 189 22.16 -99.07 33.44
CA ARG YA 189 22.93 -99.68 34.51
C ARG YA 189 22.52 -101.13 34.69
N TYR YA 190 23.49 -102.02 34.71
CA TYR YA 190 23.23 -103.43 34.87
C TYR YA 190 24.11 -103.89 35.99
N GLU YA 191 23.61 -104.76 36.85
CA GLU YA 191 24.44 -105.29 37.89
C GLU YA 191 24.75 -106.71 37.57
N LEU YA 192 26.02 -107.03 37.54
CA LEU YA 192 26.44 -108.38 37.20
C LEU YA 192 26.44 -109.18 38.46
N ARG YA 193 26.14 -110.46 38.35
CA ARG YA 193 26.24 -111.29 39.52
C ARG YA 193 27.63 -111.69 39.83
N ASN YA 194 27.79 -112.15 41.04
CA ASN YA 194 29.05 -112.66 41.40
C ASN YA 194 29.42 -113.83 40.52
N ALA YA 195 30.66 -113.88 40.08
CA ALA YA 195 31.14 -115.01 39.33
C ALA YA 195 31.34 -116.18 40.25
N ASN YA 196 31.51 -117.38 39.70
CA ASN YA 196 31.72 -118.61 40.47
C ASN YA 196 32.75 -118.60 41.58
N THR YA 197 33.86 -119.32 41.38
CA THR YA 197 34.96 -119.31 42.36
C THR YA 197 36.36 -118.96 41.87
N TRP YA 198 36.56 -118.88 40.57
CA TRP YA 198 37.85 -118.48 40.05
C TRP YA 198 37.84 -116.96 40.02
N GLY YA 199 38.96 -116.34 40.37
CA GLY YA 199 39.02 -114.89 40.28
C GLY YA 199 38.87 -114.52 38.82
N VAL YA 200 38.03 -113.55 38.54
CA VAL YA 200 37.80 -113.16 37.16
C VAL YA 200 38.29 -111.75 36.95
N ALA YA 201 39.46 -111.60 36.36
CA ALA YA 201 39.95 -110.27 36.05
C ALA YA 201 38.93 -109.59 35.16
N LEU YA 202 38.68 -108.31 35.41
CA LEU YA 202 37.65 -107.63 34.64
C LEU YA 202 38.27 -106.74 33.58
N ARG YA 203 37.93 -107.00 32.32
CA ARG YA 203 38.45 -106.20 31.24
C ARG YA 203 37.37 -105.29 30.71
N GLU YA 204 37.55 -104.00 30.72
CA GLU YA 204 36.43 -103.15 30.29
C GLU YA 204 36.03 -103.38 28.84
N GLN YA 205 36.95 -103.85 27.99
CA GLN YA 205 36.54 -104.12 26.62
C GLN YA 205 36.07 -105.55 26.40
N ASP YA 206 35.98 -106.36 27.46
CA ASP YA 206 35.48 -107.72 27.36
C ASP YA 206 33.97 -107.81 27.56
N PHE YA 207 33.30 -106.66 27.68
CA PHE YA 207 31.84 -106.63 27.75
C PHE YA 207 31.27 -105.87 26.55
N TRP YA 208 32.00 -105.83 25.45
CA TRP YA 208 31.59 -105.04 24.29
C TRP YA 208 30.50 -105.62 23.40
N LYS YA 209 29.65 -104.75 22.88
CA LYS YA 209 28.63 -105.20 21.95
C LYS YA 209 28.49 -104.15 20.83
N PRO YA 210 28.55 -104.53 19.52
CA PRO YA 210 28.32 -103.53 18.48
C PRO YA 210 27.21 -102.57 18.87
N GLY YA 211 27.44 -101.28 18.60
CA GLY YA 211 26.49 -100.24 18.91
C GLY YA 211 26.76 -99.48 20.18
N VAL YA 212 27.62 -100.00 21.07
CA VAL YA 212 27.92 -99.32 22.35
C VAL YA 212 29.02 -98.26 22.28
N ARG YA 213 28.71 -97.04 22.71
CA ARG YA 213 29.69 -95.98 22.66
C ARG YA 213 30.79 -96.11 23.73
N ALA YA 214 30.43 -96.13 25.01
CA ALA YA 214 31.41 -96.31 26.09
C ALA YA 214 30.95 -97.23 27.20
N VAL YA 215 31.86 -98.03 27.75
CA VAL YA 215 31.53 -98.90 28.88
C VAL YA 215 32.46 -98.56 30.03
N MET YA 216 31.90 -98.31 31.21
CA MET YA 216 32.73 -98.05 32.38
C MET YA 216 32.35 -98.87 33.60
N PHE YA 217 33.33 -99.19 34.44
CA PHE YA 217 33.06 -100.04 35.59
C PHE YA 217 33.07 -99.23 36.88
N ASP YA 218 32.07 -99.43 37.73
CA ASP YA 218 32.04 -98.74 39.02
C ASP YA 218 33.11 -99.33 39.93
N ASN YA 219 33.53 -98.56 40.95
CA ASN YA 219 34.62 -99.01 41.84
C ASN YA 219 35.90 -99.12 41.03
N ASN YA 220 36.77 -100.07 41.36
CA ASN YA 220 37.96 -100.25 40.51
C ASN YA 220 38.27 -101.55 39.82
N ALA YA 221 37.30 -102.41 39.56
CA ALA YA 221 37.60 -103.62 38.79
C ALA YA 221 38.71 -104.37 39.47
N GLN YA 222 39.82 -104.59 38.74
CA GLN YA 222 40.98 -105.27 39.32
C GLN YA 222 40.62 -106.63 39.86
N THR YA 223 39.83 -107.39 39.10
CA THR YA 223 39.45 -108.76 39.48
C THR YA 223 38.32 -108.85 40.50
N LEU YA 224 37.11 -109.15 40.04
CA LEU YA 224 36.00 -109.38 40.98
C LEU YA 224 36.37 -110.75 41.46
N MET YA 225 36.24 -111.03 42.75
CA MET YA 225 36.73 -112.31 43.29
C MET YA 225 35.84 -113.54 43.13
N GLY YA 226 35.91 -114.46 44.10
CA GLY YA 226 35.04 -115.62 44.08
C GLY YA 226 33.63 -115.09 44.10
N GLY YA 227 33.50 -113.79 44.15
CA GLY YA 227 32.18 -113.21 44.01
C GLY YA 227 32.19 -111.71 44.03
N GLY YA 228 31.01 -111.11 44.17
CA GLY YA 228 30.90 -109.67 44.22
C GLY YA 228 29.92 -109.21 43.18
N ARG YA 229 29.02 -108.32 43.56
CA ARG YA 229 28.07 -107.77 42.60
C ARG YA 229 28.45 -106.33 42.27
N MET YA 230 28.84 -106.08 41.02
CA MET YA 230 29.32 -104.76 40.66
C MET YA 230 28.46 -104.15 39.60
N THR YA 231 28.00 -102.93 39.81
CA THR YA 231 27.15 -102.25 38.83
C THR YA 231 27.98 -101.66 37.70
N VAL YA 232 27.55 -101.89 36.46
CA VAL YA 232 28.27 -101.40 35.30
C VAL YA 232 27.34 -100.50 34.49
N THR YA 233 27.79 -99.30 34.16
CA THR YA 233 26.99 -98.42 33.31
C THR YA 233 27.42 -98.53 31.85
N VAL YA 234 26.48 -98.84 30.98
CA VAL YA 234 26.82 -99.00 29.56
C VAL YA 234 26.19 -97.87 28.77
N ILE YA 235 26.95 -97.28 27.86
CA ILE YA 235 26.45 -96.12 27.12
C ILE YA 235 26.26 -96.49 25.66
N ARG YA 236 25.09 -96.20 25.10
CA ARG YA 236 24.79 -96.58 23.72
C ARG YA 236 24.10 -95.44 22.98
N GLY YA 237 24.15 -95.42 21.66
CA GLY YA 237 23.49 -94.40 20.87
C GLY YA 237 21.99 -94.44 21.05
N ASN YA 238 21.35 -93.32 20.72
CA ASN YA 238 19.92 -93.17 20.86
C ASN YA 238 19.30 -92.87 19.50
N GLY YA 239 18.14 -93.46 19.26
CA GLY YA 239 17.47 -93.32 17.98
C GLY YA 239 18.01 -94.28 16.94
N GLU YA 240 19.34 -94.33 16.80
CA GLU YA 240 19.97 -95.24 15.86
C GLU YA 240 19.79 -96.68 16.33
N GLY YA 241 19.45 -97.56 15.39
CA GLY YA 241 19.26 -98.97 15.70
C GLY YA 241 20.56 -99.72 15.92
N GLN ZA 25 73.10 -46.48 65.73
CA GLN ZA 25 72.72 -45.70 66.89
C GLN ZA 25 71.23 -45.45 66.86
N SER ZA 26 70.71 -44.79 67.89
CA SER ZA 26 69.29 -44.52 67.97
C SER ZA 26 69.19 -43.04 68.32
N PRO ZA 27 68.12 -42.37 67.87
CA PRO ZA 27 68.10 -40.94 68.15
C PRO ZA 27 68.05 -40.73 69.65
N ALA ZA 28 68.71 -39.68 70.14
CA ALA ZA 28 68.70 -39.39 71.57
C ALA ZA 28 67.36 -38.87 71.99
N THR ZA 29 66.74 -39.51 72.97
CA THR ZA 29 65.39 -39.13 73.36
C THR ZA 29 65.37 -38.23 74.55
N ILE ZA 30 64.69 -37.11 74.42
CA ILE ZA 30 64.64 -36.15 75.51
C ILE ZA 30 63.19 -35.83 75.89
N SER ZA 31 62.87 -35.92 77.18
CA SER ZA 31 61.50 -35.69 77.60
C SER ZA 31 61.39 -34.35 78.28
N LEU ZA 32 60.52 -33.48 77.78
CA LEU ZA 32 60.45 -32.13 78.30
C LEU ZA 32 59.03 -31.62 78.54
N PRO ZA 33 58.80 -30.90 79.65
CA PRO ZA 33 57.50 -30.29 79.93
C PRO ZA 33 57.34 -29.08 79.02
N GLN ZA 34 56.15 -28.53 78.81
CA GLN ZA 34 56.06 -27.39 77.89
C GLN ZA 34 56.91 -26.25 78.41
N GLY ZA 35 57.66 -25.61 77.53
CA GLY ZA 35 58.55 -24.54 77.93
C GLY ZA 35 59.85 -25.10 78.46
N GLY ZA 36 60.03 -26.41 78.34
CA GLY ZA 36 61.21 -27.05 78.88
C GLY ZA 36 62.47 -26.67 78.15
N GLN ZA 37 63.59 -26.65 78.86
CA GLN ZA 37 64.85 -26.24 78.25
C GLN ZA 37 65.93 -27.30 78.42
N PHE ZA 38 66.41 -27.86 77.31
CA PHE ZA 38 67.43 -28.91 77.38
C PHE ZA 38 68.72 -28.50 76.70
N ARG ZA 39 69.84 -28.69 77.39
CA ARG ZA 39 71.14 -28.37 76.80
C ARG ZA 39 71.70 -29.51 75.97
N LEU ZA 40 71.60 -29.40 74.65
CA LEU ZA 40 72.15 -30.43 73.76
C LEU ZA 40 73.14 -29.89 72.75
N SER ZA 41 74.28 -30.54 72.61
CA SER ZA 41 75.25 -30.13 71.61
C SER ZA 41 74.79 -30.45 70.20
N ILE ZA 42 75.10 -29.58 69.24
CA ILE ZA 42 74.77 -29.86 67.84
C ILE ZA 42 76.07 -29.88 67.05
N SER ZA 43 75.99 -29.85 65.73
CA SER ZA 43 77.22 -29.79 64.94
C SER ZA 43 77.33 -28.65 63.96
N ASN ZA 44 78.49 -27.99 63.91
CA ASN ZA 44 78.72 -26.93 62.95
C ASN ZA 44 78.91 -27.44 61.52
N THR ZA 45 79.70 -28.49 61.36
CA THR ZA 45 79.91 -29.09 60.04
C THR ZA 45 78.76 -29.79 59.33
N ASP ZA 46 77.92 -30.52 60.04
CA ASP ZA 46 76.88 -31.32 59.36
C ASP ZA 46 75.45 -31.05 59.77
N PRO ZA 47 74.48 -31.39 58.93
CA PRO ZA 47 73.08 -31.09 59.25
C PRO ZA 47 72.60 -31.81 60.49
N ASN ZA 48 71.69 -31.20 61.24
CA ASN ZA 48 71.23 -31.79 62.49
C ASN ZA 48 69.72 -31.88 62.43
N MET ZA 49 69.15 -32.86 63.13
CA MET ZA 49 67.71 -33.06 63.06
C MET ZA 49 67.06 -33.10 64.42
N ILE ZA 50 65.82 -32.62 64.51
CA ILE ZA 50 65.06 -32.64 65.75
C ILE ZA 50 63.69 -33.01 65.29
N PHE ZA 51 63.19 -34.14 65.76
CA PHE ZA 51 61.82 -34.54 65.42
C PHE ZA 51 61.01 -34.85 66.65
N ILE ZA 52 59.75 -34.47 66.64
CA ILE ZA 52 58.88 -34.82 67.76
C ILE ZA 52 57.93 -35.86 67.23
N PRO ZA 53 58.00 -37.08 67.76
CA PRO ZA 53 57.13 -38.09 67.19
C PRO ZA 53 55.66 -37.76 67.43
N GLY ZA 54 54.84 -37.92 66.41
CA GLY ZA 54 53.42 -37.62 66.53
C GLY ZA 54 53.15 -36.15 66.36
N ASP ZA 55 54.18 -35.36 66.08
CA ASP ZA 55 54.00 -33.92 65.99
C ASP ZA 55 54.75 -33.31 64.82
N LYS ZA 56 54.25 -32.21 64.30
CA LYS ZA 56 54.90 -31.56 63.19
C LYS ZA 56 55.43 -30.21 63.60
N VAL ZA 57 56.71 -29.96 63.38
CA VAL ZA 57 57.29 -28.70 63.72
C VAL ZA 57 56.66 -27.67 62.83
N THR ZA 58 56.11 -26.62 63.41
CA THR ZA 58 55.49 -25.56 62.63
C THR ZA 58 56.36 -24.32 62.59
N ALA ZA 59 57.24 -24.17 63.57
CA ALA ZA 59 58.09 -23.00 63.63
C ALA ZA 59 59.39 -23.20 64.35
N ILE ZA 60 60.42 -22.44 63.97
CA ILE ZA 60 61.70 -22.50 64.68
C ILE ZA 60 62.24 -21.10 64.77
N THR ZA 61 62.84 -20.75 65.91
CA THR ZA 61 63.40 -19.42 66.11
C THR ZA 61 64.76 -19.58 66.75
N ALA ZA 62 65.75 -18.82 66.32
CA ALA ZA 62 67.05 -18.87 66.98
C ALA ZA 62 67.66 -17.48 67.01
N PRO ZA 63 68.69 -17.24 67.85
CA PRO ZA 63 69.28 -15.90 67.76
C PRO ZA 63 69.70 -15.63 66.33
N GLY ZA 64 69.61 -14.39 65.86
CA GLY ZA 64 69.89 -14.13 64.45
C GLY ZA 64 71.28 -14.45 63.95
N GLY ZA 65 71.36 -15.14 62.81
CA GLY ZA 65 72.64 -15.49 62.23
C GLY ZA 65 73.19 -16.80 62.71
N MET ZA 66 72.63 -17.33 63.79
CA MET ZA 66 73.06 -18.61 64.31
C MET ZA 66 72.74 -19.84 63.44
N LEU ZA 67 71.55 -19.88 62.85
CA LEU ZA 67 71.16 -21.04 62.05
C LEU ZA 67 71.20 -20.75 60.57
N ALA ZA 68 72.11 -21.40 59.86
CA ALA ZA 68 72.26 -21.16 58.43
C ALA ZA 68 71.10 -21.57 57.54
N ASP ZA 69 70.55 -22.75 57.75
CA ASP ZA 69 69.45 -23.23 56.88
C ASP ZA 69 68.48 -24.09 57.64
N LYS ZA 70 67.19 -23.92 57.40
CA LYS ZA 70 66.15 -24.69 58.07
C LYS ZA 70 65.13 -25.26 57.11
N ARG ZA 71 64.98 -26.58 57.07
CA ARG ZA 71 64.01 -27.22 56.18
C ARG ZA 71 63.12 -28.23 56.92
N LEU ZA 72 61.88 -28.40 56.47
CA LEU ZA 72 60.99 -29.34 57.10
C LEU ZA 72 61.09 -30.72 56.47
N THR ZA 73 61.43 -31.71 57.27
CA THR ZA 73 61.54 -33.08 56.78
C THR ZA 73 60.21 -33.77 56.64
N ARG ZA 74 60.19 -34.91 55.97
CA ARG ZA 74 58.96 -35.68 55.83
C ARG ZA 74 58.52 -36.14 57.21
N ALA ZA 75 57.22 -36.14 57.45
CA ALA ZA 75 56.69 -36.48 58.76
C ALA ZA 75 57.21 -35.61 59.88
N GLY ZA 76 57.23 -34.29 59.65
CA GLY ZA 76 57.64 -33.38 60.70
C GLY ZA 76 59.13 -33.43 60.83
N GLY ZA 77 59.67 -32.79 61.83
CA GLY ZA 77 61.10 -32.76 61.99
C GLY ZA 77 61.67 -31.55 61.32
N VAL ZA 78 62.83 -31.10 61.79
CA VAL ZA 78 63.50 -29.98 61.17
C VAL ZA 78 64.92 -30.33 60.90
N LEU ZA 79 65.42 -29.95 59.73
CA LEU ZA 79 66.81 -30.18 59.44
C LEU ZA 79 67.44 -28.82 59.50
N PHE ZA 80 68.51 -28.69 60.27
CA PHE ZA 80 69.15 -27.40 60.46
C PHE ZA 80 70.66 -27.44 60.52
N THR ZA 81 71.32 -26.42 59.98
CA THR ZA 81 72.76 -26.36 59.97
C THR ZA 81 73.22 -25.07 60.63
N SER ZA 82 74.29 -25.14 61.41
CA SER ZA 82 74.80 -23.94 62.06
C SER ZA 82 76.25 -23.63 61.75
N VAL ZA 83 76.56 -22.40 61.38
CA VAL ZA 83 77.95 -22.01 61.18
C VAL ZA 83 78.48 -21.36 62.46
N ALA ZA 84 77.63 -21.25 63.47
CA ALA ZA 84 77.99 -20.57 64.71
C ALA ZA 84 78.99 -21.26 65.61
N THR ZA 85 79.67 -20.47 66.44
CA THR ZA 85 80.59 -21.04 67.41
C THR ZA 85 80.18 -20.73 68.86
N ARG ZA 86 79.00 -20.19 69.07
CA ARG ZA 86 78.56 -19.78 70.40
C ARG ZA 86 77.31 -20.52 70.82
N THR ZA 87 77.19 -20.84 72.11
CA THR ZA 87 75.99 -21.50 72.60
C THR ZA 87 74.81 -20.60 72.39
N PHE ZA 88 73.70 -21.15 71.91
CA PHE ZA 88 72.54 -20.34 71.60
C PHE ZA 88 71.25 -21.05 71.94
N THR ZA 89 70.15 -20.32 71.92
CA THR ZA 89 68.88 -20.91 72.32
C THR ZA 89 67.93 -20.98 71.17
N ILE ZA 90 67.45 -22.19 70.87
CA ILE ZA 90 66.49 -22.38 69.80
C ILE ZA 90 65.12 -22.68 70.37
N PHE ZA 91 64.07 -22.02 69.87
CA PHE ZA 91 62.73 -22.31 70.32
C PHE ZA 91 61.95 -22.99 69.23
N VAL ZA 92 61.44 -24.18 69.51
CA VAL ZA 92 60.71 -24.93 68.52
C VAL ZA 92 59.25 -25.06 68.88
N GLU ZA 93 58.37 -24.80 67.93
CA GLU ZA 93 56.95 -24.87 68.18
C GLU ZA 93 56.27 -25.92 67.34
N THR ZA 94 55.60 -26.84 67.99
CA THR ZA 94 54.90 -27.89 67.30
C THR ZA 94 53.47 -27.50 66.99
N ALA ZA 95 52.77 -28.29 66.19
CA ALA ZA 95 51.42 -27.95 65.76
C ALA ZA 95 50.34 -28.25 66.77
N ARG ZA 96 50.68 -29.00 67.81
CA ARG ZA 96 49.73 -29.32 68.86
C ARG ZA 96 49.84 -28.31 69.98
N GLY ZA 97 50.51 -27.20 69.72
CA GLY ZA 97 50.62 -26.14 70.71
C GLY ZA 97 51.74 -26.25 71.70
N GLN ZA 98 52.62 -27.21 71.52
CA GLN ZA 98 53.71 -27.40 72.45
C GLN ZA 98 54.90 -26.62 72.01
N THR ZA 99 55.57 -25.96 72.93
CA THR ZA 99 56.76 -25.23 72.60
C THR ZA 99 57.87 -25.70 73.51
N PHE ZA 100 59.03 -25.95 72.94
CA PHE ZA 100 60.16 -26.40 73.73
C PHE ZA 100 61.35 -25.54 73.39
N SER ZA 101 62.31 -25.50 74.29
CA SER ZA 101 63.49 -24.71 74.07
C SER ZA 101 64.70 -25.58 74.20
N VAL ZA 102 65.70 -25.29 73.40
CA VAL ZA 102 66.90 -26.08 73.41
C VAL ZA 102 68.08 -25.14 73.49
N VAL ZA 103 69.10 -25.46 74.28
CA VAL ZA 103 70.29 -24.63 74.28
C VAL ZA 103 71.28 -25.44 73.50
N ALA ZA 104 71.80 -24.91 72.39
CA ALA ZA 104 72.67 -25.67 71.53
C ALA ZA 104 74.09 -25.20 71.52
N THR ZA 105 75.04 -26.09 71.80
CA THR ZA 105 76.44 -25.72 71.73
C THR ZA 105 77.02 -26.35 70.50
N PRO ZA 106 77.52 -25.54 69.56
CA PRO ZA 106 78.00 -26.14 68.32
C PRO ZA 106 79.38 -26.75 68.44
N VAL ZA 107 79.55 -28.00 68.02
CA VAL ZA 107 80.84 -28.70 68.16
C VAL ZA 107 81.11 -29.54 66.92
N LYS ZA 108 82.38 -29.80 66.63
CA LYS ZA 108 82.75 -30.59 65.45
C LYS ZA 108 82.32 -32.05 65.55
N GLY ZA 109 81.75 -32.58 64.49
CA GLY ZA 109 81.34 -33.96 64.49
C GLY ZA 109 80.21 -34.33 63.57
N GLU ZA 110 79.66 -35.52 63.76
CA GLU ZA 110 78.54 -35.97 62.95
C GLU ZA 110 77.25 -35.24 63.30
N GLY ZA 111 76.35 -35.11 62.35
CA GLY ZA 111 75.09 -34.47 62.61
C GLY ZA 111 74.35 -35.26 63.65
N ARG ZA 112 73.82 -34.56 64.66
CA ARG ZA 112 73.15 -35.23 65.77
C ARG ZA 112 71.66 -35.17 65.65
N VAL ZA 113 70.99 -36.27 65.95
CA VAL ZA 113 69.53 -36.34 65.84
C VAL ZA 113 68.90 -36.57 67.19
N TYR ZA 114 67.89 -35.78 67.50
CA TYR ZA 114 67.25 -35.87 68.80
C TYR ZA 114 65.76 -36.13 68.70
N ARG ZA 115 65.24 -36.99 69.58
CA ARG ZA 115 63.83 -37.32 69.56
C ARG ZA 115 63.15 -36.60 70.70
N LEU ZA 116 62.21 -35.73 70.41
CA LEU ZA 116 61.61 -34.93 71.45
C LEU ZA 116 60.37 -35.56 71.99
N MET ZA 117 60.30 -35.69 73.31
CA MET ZA 117 59.16 -36.28 73.92
C MET ZA 117 58.50 -35.37 74.94
N SER ZA 118 57.24 -35.58 75.22
CA SER ZA 118 56.48 -34.79 76.17
C SER ZA 118 56.37 -35.56 77.49
N ALA ZA 119 56.74 -34.90 78.58
CA ALA ZA 119 56.76 -35.54 79.89
C ALA ZA 119 55.37 -36.00 80.31
N GLU ZA 120 54.37 -35.15 80.12
CA GLU ZA 120 52.99 -35.49 80.48
C GLU ZA 120 52.18 -35.74 79.21
N PRO ZA 121 51.67 -36.95 79.01
CA PRO ZA 121 50.78 -37.20 77.86
C PRO ZA 121 49.52 -36.37 77.99
N PRO ZA 122 49.16 -35.63 76.93
CA PRO ZA 122 47.99 -34.74 77.06
C PRO ZA 122 46.67 -35.48 77.15
N SER ZA 123 46.45 -36.48 76.30
CA SER ZA 123 45.20 -37.22 76.29
C SER ZA 123 45.49 -38.69 76.10
N ARG ZA 124 44.53 -39.53 76.50
CA ARG ZA 124 44.63 -40.98 76.34
C ARG ZA 124 43.61 -41.43 75.31
N PRO ZA 125 44.04 -41.71 74.05
CA PRO ZA 125 42.98 -42.16 73.14
C PRO ZA 125 42.47 -43.53 73.53
N GLU ZA 126 41.15 -43.71 73.54
CA GLU ZA 126 40.57 -44.98 73.93
C GLU ZA 126 40.91 -46.07 72.93
N THR ZA 127 41.08 -47.29 73.40
CA THR ZA 127 41.45 -48.39 72.53
C THR ZA 127 40.39 -48.72 71.51
N ARG ZA 128 40.81 -49.14 70.32
CA ARG ZA 128 39.86 -49.48 69.27
C ARG ZA 128 39.89 -50.96 68.90
N LYS ZA 129 38.82 -51.69 69.18
CA LYS ZA 129 38.76 -53.09 68.78
C LYS ZA 129 38.32 -53.12 67.33
N TRP ZA 130 39.22 -53.54 66.44
CA TRP ZA 130 38.92 -53.52 65.03
C TRP ZA 130 38.55 -54.90 64.56
N GLU ZA 131 38.78 -55.90 65.39
CA GLU ZA 131 38.53 -57.27 64.93
C GLU ZA 131 37.04 -57.51 64.74
N THR ZA 132 36.68 -58.19 63.66
CA THR ZA 132 35.30 -58.50 63.34
C THR ZA 132 35.14 -60.01 63.19
N ALA ZA 133 34.13 -60.56 63.85
CA ALA ZA 133 33.88 -61.99 63.78
C ALA ZA 133 33.17 -62.36 62.47
N GLN ZA 134 33.06 -63.66 62.22
CA GLN ZA 134 32.44 -64.11 60.98
C GLN ZA 134 30.95 -64.01 61.04
N ALA ZA 135 30.30 -63.95 59.88
CA ALA ZA 135 28.85 -63.80 59.85
C ALA ZA 135 28.10 -64.97 60.47
N TYR ZA 136 28.54 -66.20 60.22
CA TYR ZA 136 27.90 -67.35 60.82
C TYR ZA 136 28.03 -67.31 62.32
N GLU ZA 137 29.21 -66.97 62.82
CA GLU ZA 137 29.41 -66.97 64.25
C GLU ZA 137 28.57 -65.92 64.94
N LYS ZA 138 28.48 -64.75 64.34
CA LYS ZA 138 27.69 -63.69 64.93
C LYS ZA 138 26.23 -64.05 64.96
N LEU ZA 139 25.75 -64.72 63.92
CA LEU ZA 139 24.36 -65.13 63.85
C LEU ZA 139 23.98 -66.08 64.97
N LEU ZA 140 24.81 -67.07 65.22
CA LEU ZA 140 24.54 -67.99 66.32
C LEU ZA 140 24.60 -67.26 67.64
N ILE ZA 141 25.58 -66.39 67.83
CA ILE ZA 141 25.74 -65.67 69.08
C ILE ZA 141 24.55 -64.77 69.37
N SER ZA 142 24.06 -64.08 68.34
CA SER ZA 142 22.93 -63.19 68.55
C SER ZA 142 21.71 -63.95 68.97
N LEU ZA 143 21.45 -65.07 68.32
CA LEU ZA 143 20.30 -65.89 68.66
C LEU ZA 143 20.41 -66.46 70.05
N ASN ZA 144 21.59 -66.92 70.43
CA ASN ZA 144 21.75 -67.53 71.74
C ASN ZA 144 21.46 -66.49 72.78
N ARG ZA 145 21.93 -65.27 72.56
CA ARG ZA 145 21.65 -64.19 73.49
C ARG ZA 145 20.17 -63.85 73.55
N ALA ZA 146 19.49 -63.84 72.40
CA ALA ZA 146 18.07 -63.56 72.38
C ALA ZA 146 17.29 -64.61 73.14
N VAL ZA 147 17.62 -65.87 72.94
CA VAL ZA 147 16.94 -66.95 73.62
C VAL ZA 147 17.19 -66.87 75.11
N LEU ZA 148 18.40 -66.52 75.50
CA LEU ZA 148 18.74 -66.45 76.92
C LEU ZA 148 17.89 -65.39 77.60
N THR ZA 149 17.67 -64.25 76.95
CA THR ZA 149 16.81 -63.23 77.52
C THR ZA 149 15.36 -63.59 77.29
N GLY ZA 150 15.05 -64.17 76.13
CA GLY ZA 150 13.70 -64.60 75.84
C GLY ZA 150 12.95 -63.76 74.83
N ASP ZA 151 13.47 -62.59 74.50
CA ASP ZA 151 12.83 -61.80 73.44
C ASP ZA 151 12.96 -62.52 72.12
N ILE ZA 152 11.95 -62.41 71.27
CA ILE ZA 152 11.97 -63.15 70.02
C ILE ZA 152 12.30 -62.29 68.82
N PRO ZA 153 13.28 -62.72 68.02
CA PRO ZA 153 13.53 -61.96 66.80
C PRO ZA 153 12.40 -62.20 65.82
N ASP ZA 154 12.20 -61.29 64.88
CA ASP ZA 154 11.10 -61.45 63.93
C ASP ZA 154 11.28 -62.70 63.09
N GLY ZA 155 10.18 -63.36 62.78
CA GLY ZA 155 10.26 -64.60 62.01
C GLY ZA 155 10.44 -65.83 62.88
N TYR ZA 156 10.42 -65.66 64.19
CA TYR ZA 156 10.52 -66.82 65.08
C TYR ZA 156 9.18 -67.02 65.77
N GLY ZA 157 8.42 -68.03 65.35
CA GLY ZA 157 7.08 -68.20 65.88
C GLY ZA 157 6.81 -69.26 66.92
N GLU ZA 158 7.82 -70.00 67.35
CA GLU ZA 158 7.70 -71.05 68.37
C GLU ZA 158 7.29 -72.38 67.75
N VAL ZA 159 7.74 -73.50 68.32
CA VAL ZA 159 7.45 -74.80 67.74
C VAL ZA 159 7.66 -75.91 68.78
N LYS ZA 160 7.12 -77.10 68.53
CA LYS ZA 160 7.36 -78.22 69.42
C LYS ZA 160 8.82 -78.60 69.30
N PRO ZA 161 9.49 -78.87 70.44
CA PRO ZA 161 10.88 -79.33 70.35
C PRO ZA 161 10.98 -80.82 70.02
N LEU ZA 162 12.18 -81.28 69.63
CA LEU ZA 162 12.37 -82.70 69.34
C LEU ZA 162 12.93 -83.46 70.52
N SER ZA 163 13.44 -84.66 70.27
CA SER ZA 163 14.08 -85.44 71.33
C SER ZA 163 15.37 -85.87 70.70
N ASP ZA 164 15.51 -85.59 69.41
CA ASP ZA 164 16.71 -85.96 68.66
C ASP ZA 164 17.96 -85.24 69.12
N GLY ZA 165 17.83 -83.99 69.53
CA GLY ZA 165 19.01 -83.20 69.84
C GLY ZA 165 20.04 -83.58 70.86
N ILE ZA 166 19.67 -84.17 71.98
CA ILE ZA 166 20.67 -84.39 73.02
C ILE ZA 166 21.19 -85.80 73.33
N ARG ZA 167 22.51 -85.97 73.31
CA ARG ZA 167 23.12 -87.24 73.69
C ARG ZA 167 23.44 -87.09 75.15
N LEU ZA 168 23.27 -88.15 75.94
CA LEU ZA 168 23.45 -88.01 77.37
C LEU ZA 168 24.65 -88.78 77.84
N PRO ZA 169 25.52 -88.13 78.61
CA PRO ZA 169 26.69 -88.82 79.16
C PRO ZA 169 26.26 -89.94 80.07
N GLY ZA 170 25.21 -89.73 80.85
CA GLY ZA 170 24.68 -90.77 81.71
C GLY ZA 170 24.12 -90.17 82.98
N GLY ZA 171 23.00 -90.70 83.45
CA GLY ZA 171 22.37 -90.14 84.63
C GLY ZA 171 21.54 -88.92 84.30
N PHE ZA 172 21.39 -88.61 83.02
CA PHE ZA 172 20.67 -87.41 82.63
C PHE ZA 172 19.38 -87.74 81.90
N SER ZA 173 18.30 -87.08 82.28
CA SER ZA 173 17.03 -87.28 81.58
C SER ZA 173 16.61 -85.96 80.99
N VAL ZA 174 16.18 -85.95 79.74
CA VAL ZA 174 15.87 -84.69 79.08
C VAL ZA 174 14.39 -84.38 78.89
N THR ZA 175 13.95 -83.17 79.26
CA THR ZA 175 12.57 -82.79 79.00
C THR ZA 175 12.52 -81.47 78.22
N PRO ZA 176 11.85 -81.42 77.07
CA PRO ZA 176 11.80 -80.17 76.32
C PRO ZA 176 10.84 -79.17 76.95
N LEU ZA 177 11.27 -77.92 76.97
CA LEU ZA 177 10.48 -76.86 77.56
C LEU ZA 177 9.97 -75.96 76.46
N LYS ZA 178 10.86 -75.20 75.86
CA LYS ZA 178 10.43 -74.22 74.88
C LYS ZA 178 11.26 -74.33 73.61
N ALA ZA 179 10.71 -73.88 72.49
CA ALA ZA 179 11.46 -73.90 71.26
C ALA ZA 179 11.01 -72.88 70.24
N TRP ZA 180 11.96 -72.30 69.51
CA TRP ZA 180 11.64 -71.32 68.48
C TRP ZA 180 12.07 -71.88 67.13
N ALA ZA 181 11.32 -71.53 66.09
CA ALA ZA 181 11.65 -71.91 64.72
C ALA ZA 181 11.54 -70.70 63.83
N GLY ZA 182 12.55 -70.48 62.99
CA GLY ZA 182 12.57 -69.31 62.14
C GLY ZA 182 12.72 -69.65 60.67
N ASP ZA 183 13.33 -68.73 59.92
CA ASP ZA 183 13.51 -68.88 58.49
C ASP ZA 183 14.79 -69.62 58.12
N GLN ZA 184 15.82 -69.54 58.96
CA GLN ZA 184 17.12 -70.14 58.66
C GLN ZA 184 17.62 -71.07 59.75
N LEU ZA 185 17.37 -70.75 61.01
CA LEU ZA 185 17.92 -71.50 62.14
C LEU ZA 185 16.77 -71.96 63.03
N ARG ZA 186 17.11 -72.72 64.08
CA ARG ZA 186 16.12 -73.19 65.03
C ARG ZA 186 16.79 -73.36 66.39
N ALA ZA 187 16.06 -73.01 67.45
CA ALA ZA 187 16.57 -73.13 68.81
C ALA ZA 187 15.56 -73.85 69.68
N ASP ZA 188 16.07 -74.55 70.70
CA ASP ZA 188 15.21 -75.26 71.63
C ASP ZA 188 15.88 -75.33 73.00
N ARG ZA 189 15.08 -75.62 74.02
CA ARG ZA 189 15.54 -75.67 75.40
C ARG ZA 189 15.14 -76.99 76.02
N TYR ZA 190 16.10 -77.68 76.63
CA TYR ZA 190 15.84 -78.95 77.27
C TYR ZA 190 16.40 -78.83 78.65
N GLU ZA 191 15.71 -79.37 79.63
CA GLU ZA 191 16.25 -79.37 80.98
C GLU ZA 191 16.67 -80.76 81.32
N LEU ZA 192 17.92 -80.90 81.72
CA LEU ZA 192 18.44 -82.21 82.04
C LEU ZA 192 18.13 -82.47 83.47
N ARG ZA 193 17.91 -83.73 83.81
CA ARG ZA 193 17.71 -84.04 85.20
C ARG ZA 193 18.98 -84.12 85.96
N ASN ZA 194 18.83 -84.06 87.27
CA ASN ZA 194 19.96 -84.23 88.07
C ASN ZA 194 20.58 -85.58 87.83
N ALA ZA 195 21.89 -85.64 87.76
CA ALA ZA 195 22.58 -86.89 87.65
C ALA ZA 195 22.56 -87.61 88.98
N ASN ZA 196 22.90 -88.89 89.00
CA ASN ZA 196 22.93 -89.70 90.22
C ASN ZA 196 23.63 -89.15 91.44
N THR ZA 197 24.77 -89.74 91.81
CA THR ZA 197 25.58 -89.23 92.93
C THR ZA 197 27.04 -88.90 92.69
N TRP ZA 198 27.58 -89.30 91.54
CA TRP ZA 198 28.95 -88.95 91.23
C TRP ZA 198 28.91 -87.58 90.60
N GLY ZA 199 29.88 -86.73 90.92
CA GLY ZA 199 29.92 -85.43 90.28
C GLY ZA 199 30.16 -85.65 88.81
N VAL ZA 200 29.40 -84.97 87.98
CA VAL ZA 200 29.53 -85.17 86.54
C VAL ZA 200 30.01 -83.89 85.92
N ALA ZA 201 31.31 -83.82 85.60
CA ALA ZA 201 31.82 -82.65 84.91
C ALA ZA 201 31.06 -82.49 83.62
N LEU ZA 202 30.71 -81.26 83.27
CA LEU ZA 202 29.91 -81.05 82.09
C LEU ZA 202 30.76 -80.56 80.93
N ARG ZA 203 30.78 -81.31 79.85
CA ARG ZA 203 31.55 -80.92 78.69
C ARG ZA 203 30.62 -80.42 77.60
N GLU ZA 204 30.76 -79.20 77.14
CA GLU ZA 204 29.77 -78.72 76.17
C GLU ZA 204 29.77 -79.53 74.87
N GLN ZA 205 30.90 -80.17 74.53
CA GLN ZA 205 30.87 -80.98 73.32
C GLN ZA 205 30.50 -82.43 73.57
N ASP ZA 206 30.16 -82.79 74.81
CA ASP ZA 206 29.74 -84.15 75.14
C ASP ZA 206 28.23 -84.34 75.00
N PHE ZA 207 27.53 -83.33 74.50
CA PHE ZA 207 26.11 -83.46 74.21
C PHE ZA 207 25.85 -83.28 72.71
N TRP ZA 208 26.85 -83.56 71.89
CA TRP ZA 208 26.73 -83.33 70.45
C TRP ZA 208 25.93 -84.33 69.64
N LYS ZA 209 25.23 -83.84 68.63
CA LYS ZA 209 24.50 -84.72 67.74
C LYS ZA 209 24.64 -84.20 66.30
N PRO ZA 210 25.06 -85.04 65.31
CA PRO ZA 210 25.08 -84.53 63.92
C PRO ZA 210 23.89 -83.65 63.64
N GLY ZA 211 24.14 -82.54 62.94
CA GLY ZA 211 23.12 -81.59 62.58
C GLY ZA 211 23.02 -80.38 63.48
N VAL ZA 212 23.63 -80.41 64.67
CA VAL ZA 212 23.56 -79.27 65.61
C VAL ZA 212 24.61 -78.18 65.39
N ARG ZA 213 24.18 -76.94 65.20
CA ARG ZA 213 25.11 -75.86 64.97
C ARG ZA 213 25.88 -75.44 66.24
N ALA ZA 214 25.20 -75.02 67.31
CA ALA ZA 214 25.86 -74.66 68.56
C ALA ZA 214 25.15 -75.15 69.80
N VAL ZA 215 25.91 -75.56 70.82
CA VAL ZA 215 25.31 -75.98 72.08
C VAL ZA 215 25.89 -75.12 73.20
N MET ZA 216 25.03 -74.51 74.02
CA MET ZA 216 25.52 -73.73 75.14
C MET ZA 216 24.85 -74.08 76.46
N PHE ZA 217 25.58 -73.93 77.56
CA PHE ZA 217 25.03 -74.31 78.87
C PHE ZA 217 24.68 -73.08 79.69
N ASP ZA 218 23.50 -73.07 80.28
CA ASP ZA 218 23.11 -71.96 81.16
C ASP ZA 218 23.91 -72.01 82.45
N ASN ZA 219 24.04 -70.89 83.15
CA ASN ZA 219 24.86 -70.81 84.37
C ASN ZA 219 26.31 -71.07 83.99
N ASN ZA 220 27.08 -71.70 84.86
CA ASN ZA 220 28.46 -72.03 84.45
C ASN ZA 220 28.99 -73.45 84.44
N ALA ZA 221 28.13 -74.46 84.32
CA ALA ZA 221 28.66 -75.82 84.18
C ALA ZA 221 29.57 -76.12 85.34
N GLN ZA 222 30.84 -76.44 85.04
CA GLN ZA 222 31.82 -76.71 86.08
C GLN ZA 222 31.37 -77.80 87.02
N THR ZA 223 30.82 -78.88 86.46
CA THR ZA 223 30.39 -80.05 87.25
C THR ZA 223 29.04 -79.90 87.93
N LEU ZA 224 27.99 -80.49 87.35
CA LEU ZA 224 26.69 -80.49 88.01
C LEU ZA 224 26.96 -81.53 89.08
N MET ZA 225 26.49 -81.31 90.31
CA MET ZA 225 26.86 -82.23 91.40
C MET ZA 225 26.07 -83.53 91.55
N GLY ZA 226 25.91 -84.00 92.78
CA GLY ZA 226 25.10 -85.18 93.03
C GLY ZA 226 23.73 -84.88 92.50
N GLY ZA 227 23.55 -83.66 92.00
CA GLY ZA 227 22.30 -83.36 91.34
C GLY ZA 227 22.26 -81.97 90.76
N GLY ZA 228 21.08 -81.53 90.37
CA GLY ZA 228 20.92 -80.20 89.82
C GLY ZA 228 20.24 -80.28 88.49
N ARG ZA 229 19.24 -79.44 88.27
CA ARG ZA 229 18.58 -79.42 86.98
C ARG ZA 229 18.99 -78.18 86.20
N MET ZA 230 19.68 -78.35 85.09
CA MET ZA 230 20.21 -77.22 84.36
C MET ZA 230 19.65 -77.17 82.97
N THR ZA 231 19.11 -76.02 82.56
CA THR ZA 231 18.54 -75.88 81.23
C THR ZA 231 19.62 -75.66 80.19
N VAL ZA 232 19.54 -76.38 79.08
CA VAL ZA 232 20.53 -76.27 78.01
C VAL ZA 232 19.83 -75.88 76.73
N THR ZA 233 20.32 -74.85 76.06
CA THR ZA 233 19.75 -74.45 74.78
C THR ZA 233 20.55 -75.04 73.63
N VAL ZA 234 19.89 -75.78 72.75
CA VAL ZA 234 20.58 -76.41 71.63
C VAL ZA 234 20.17 -75.75 70.34
N ILE ZA 235 21.12 -75.45 69.48
CA ILE ZA 235 20.80 -74.73 68.25
C ILE ZA 235 21.02 -75.64 67.04
N ARG ZA 236 20.02 -75.73 66.17
CA ARG ZA 236 20.12 -76.64 65.02
C ARG ZA 236 19.61 -75.95 63.75
N GLY ZA 237 20.02 -76.43 62.58
CA GLY ZA 237 19.57 -75.88 61.32
C GLY ZA 237 18.06 -76.04 61.14
N ASN ZA 238 17.51 -75.20 60.26
CA ASN ZA 238 16.08 -75.19 59.99
C ASN ZA 238 15.84 -75.51 58.53
N GLY ZA 239 14.80 -76.29 58.27
CA GLY ZA 239 14.49 -76.73 56.92
C GLY ZA 239 15.31 -77.93 56.51
N GLU ZA 240 16.63 -77.85 56.71
CA GLU ZA 240 17.51 -78.97 56.38
C GLU ZA 240 17.25 -80.14 57.32
N GLY ZA 241 17.19 -81.34 56.76
CA GLY ZA 241 16.96 -82.54 57.55
C GLY ZA 241 18.18 -82.98 58.33
N ARG AB 176 63.71 10.75 70.66
CA ARG AB 176 62.60 9.91 71.10
C ARG AB 176 62.47 9.95 72.61
N PRO AB 177 61.64 10.86 73.13
CA PRO AB 177 61.51 10.99 74.57
C PRO AB 177 60.19 10.45 75.14
N GLY AB 178 60.27 9.57 76.13
CA GLY AB 178 59.07 9.06 76.76
C GLY AB 178 58.31 8.01 75.99
N MET AB 179 58.61 7.84 74.71
CA MET AB 179 57.86 6.88 73.90
C MET AB 179 58.15 5.45 74.35
N MET AB 180 57.07 4.68 74.40
CA MET AB 180 57.18 3.26 74.82
C MET AB 180 56.82 2.39 73.61
N ASP AB 181 57.38 1.18 73.56
CA ASP AB 181 57.08 0.25 72.45
C ASP AB 181 55.80 -0.49 72.79
N SER AB 182 54.70 -0.15 72.12
CA SER AB 182 53.39 -0.79 72.38
C SER AB 182 52.94 -1.55 71.14
N GLN AB 183 53.29 -2.84 71.04
CA GLN AB 183 52.93 -3.64 69.83
C GLN AB 183 51.61 -4.36 70.08
N GLU AB 184 50.55 -3.97 69.36
CA GLU AB 184 49.24 -4.68 69.48
C GLU AB 184 49.23 -5.83 68.48
N PHE AB 185 49.23 -7.07 68.96
CA PHE AB 185 49.30 -8.25 68.06
C PHE AB 185 47.89 -8.66 67.61
N SER AB 186 47.75 -9.03 66.34
CA SER AB 186 46.47 -9.50 65.80
C SER AB 186 46.34 -11.00 65.96
N ARG BB 176 42.47 44.47 73.39
CA ARG BB 176 41.31 43.73 73.86
C ARG BB 176 40.77 44.31 75.15
N PRO BB 177 39.82 45.24 75.06
CA PRO BB 177 39.30 45.89 76.26
C PRO BB 177 37.89 45.43 76.66
N GLY BB 178 37.73 45.01 77.92
CA GLY BB 178 36.43 44.62 78.40
C GLY BB 178 35.92 43.27 77.95
N MET BB 179 36.55 42.67 76.95
CA MET BB 179 36.07 41.39 76.43
C MET BB 179 36.27 40.28 77.46
N MET BB 180 35.23 39.46 77.57
CA MET BB 180 35.27 38.33 78.53
C MET BB 180 35.26 37.03 77.71
N ASP BB 181 35.85 35.97 78.27
CA ASP BB 181 35.87 34.66 77.59
C ASP BB 181 34.57 33.94 77.88
N SER BB 182 33.67 33.87 76.89
CA SER BB 182 32.36 33.21 77.07
C SER BB 182 32.27 31.98 76.16
N GLN BB 183 32.67 30.81 76.66
CA GLN BB 183 32.66 29.58 75.82
C GLN BB 183 31.34 28.84 76.03
N GLU BB 184 30.50 28.79 74.98
CA GLU BB 184 29.23 28.02 75.06
C GLU BB 184 29.51 26.59 74.62
N PHE BB 185 29.42 25.63 75.55
CA PHE BB 185 29.75 24.22 75.23
C PHE BB 185 28.52 23.49 74.66
N SER BB 186 28.73 22.65 73.64
CA SER BB 186 27.65 21.87 73.06
C SER BB 186 27.52 20.52 73.75
N ARG CB 176 20.40 73.76 57.54
CA ARG CB 176 19.17 73.10 57.97
C ARG CB 176 18.30 74.06 58.78
N PRO CB 177 17.38 74.75 58.09
CA PRO CB 177 16.55 75.73 58.78
C PRO CB 177 15.09 75.28 59.00
N GLY CB 178 14.62 75.35 60.24
CA GLY CB 178 13.24 75.01 60.53
C GLY CB 178 12.92 73.53 60.55
N MET CB 179 13.80 72.68 60.03
CA MET CB 179 13.50 71.26 59.96
C MET CB 179 13.45 70.66 61.36
N MET CB 180 12.44 69.80 61.54
CA MET CB 180 12.26 69.12 62.85
C MET CB 180 12.50 67.63 62.65
N ASP CB 181 12.94 66.94 63.70
CA ASP CB 181 13.18 65.48 63.61
C ASP CB 181 11.86 64.77 63.85
N SER CB 182 11.26 64.22 62.79
CA SER CB 182 9.97 63.51 62.91
C SER CB 182 10.16 62.03 62.56
N GLN CB 183 10.44 61.19 63.56
CA GLN CB 183 10.68 59.75 63.30
C GLN CB 183 9.38 58.98 63.46
N GLU CB 184 8.84 58.44 62.36
CA GLU CB 184 7.61 57.60 62.44
C GLU CB 184 8.04 56.15 62.69
N PHE CB 185 7.73 55.61 63.85
CA PHE CB 185 8.17 54.23 64.21
C PHE CB 185 7.16 53.20 63.71
N SER CB 186 7.65 52.07 63.18
CA SER CB 186 6.78 50.99 62.73
C SER CB 186 6.51 50.00 63.84
N ARG DB 176 2.56 91.90 26.74
CA ARG DB 176 1.28 91.31 27.10
C ARG DB 176 0.21 92.37 27.23
N PRO DB 177 -0.52 92.64 26.14
CA PRO DB 177 -1.53 93.69 26.17
C PRO DB 177 -2.98 93.18 26.21
N GLY DB 178 -3.76 93.64 27.17
CA GLY DB 178 -5.16 93.26 27.23
C GLY DB 178 -5.44 91.86 27.76
N MET DB 179 -4.43 91.01 27.84
CA MET DB 179 -4.67 89.64 28.28
C MET DB 179 -5.07 89.60 29.74
N MET DB 180 -6.07 88.75 30.01
CA MET DB 180 -6.57 88.60 31.39
C MET DB 180 -6.25 87.18 31.86
N ASP DB 181 -6.08 87.00 33.16
CA ASP DB 181 -5.79 85.66 33.72
C ASP DB 181 -7.10 84.93 33.91
N SER DB 182 -7.39 83.95 33.04
CA SER DB 182 -8.65 83.18 33.13
C SER DB 182 -8.34 81.71 33.45
N GLN DB 183 -8.31 81.35 34.73
CA GLN DB 183 -7.97 79.96 35.13
C GLN DB 183 -9.25 79.14 35.27
N GLU DB 184 -9.46 78.17 34.39
CA GLU DB 184 -10.65 77.27 34.49
C GLU DB 184 -10.26 76.08 35.38
N PHE DB 185 -10.86 75.99 36.57
CA PHE DB 185 -10.49 74.91 37.52
C PHE DB 185 -11.31 73.65 37.26
N SER DB 186 -10.67 72.48 37.35
CA SER DB 186 -11.35 71.20 37.16
C SER DB 186 -11.89 70.68 38.49
N ARG EB 176 -6.96 94.74 -11.96
CA ARG EB 176 -8.28 94.16 -11.70
C ARG EB 176 -9.38 95.06 -12.26
N PRO EB 177 -9.79 94.80 -13.50
CA PRO EB 177 -10.81 95.65 -14.12
C PRO EB 177 -12.20 95.00 -14.23
N GLY EB 178 -13.22 95.69 -13.73
CA GLY EB 178 -14.57 95.19 -13.86
C GLY EB 178 -14.95 94.07 -12.90
N MET EB 179 -13.97 93.45 -12.26
CA MET EB 179 -14.28 92.32 -11.38
C MET EB 179 -15.06 92.78 -10.16
N MET EB 180 -16.06 91.98 -9.82
CA MET EB 180 -16.92 92.29 -8.66
C MET EB 180 -16.69 91.20 -7.60
N ASP EB 181 -16.87 91.55 -6.33
CA ASP EB 181 -16.70 90.56 -5.23
C ASP EB 181 -18.00 89.79 -5.09
N SER EB 182 -18.02 88.53 -5.53
CA SER EB 182 -19.24 87.70 -5.44
C SER EB 182 -18.98 86.51 -4.51
N GLN EB 183 -19.29 86.67 -3.23
CA GLN EB 183 -19.03 85.58 -2.23
C GLN EB 183 -20.28 84.72 -2.08
N GLU EB 184 -20.22 83.46 -2.54
CA GLU EB 184 -21.37 82.53 -2.37
C GLU EB 184 -21.20 81.83 -1.02
N PHE EB 185 -22.09 82.11 -0.07
CA PHE EB 185 -21.96 81.53 1.30
C PHE EB 185 -22.64 80.16 1.37
N SER EB 186 -22.02 79.20 2.06
CA SER EB 186 -22.60 77.87 2.24
C SER EB 186 -23.45 77.82 3.50
N ARG FB 176 -5.99 81.62 -49.68
CA ARG FB 176 -7.31 81.03 -49.52
C ARG FB 176 -8.24 81.50 -50.64
N PRO FB 177 -8.31 80.74 -51.74
CA PRO FB 177 -9.14 81.16 -52.86
C PRO FB 177 -10.44 80.35 -53.02
N GLY FB 178 -11.57 81.04 -53.10
CA GLY FB 178 -12.83 80.36 -53.32
C GLY FB 178 -13.42 79.64 -52.12
N MET FB 179 -12.63 79.43 -51.07
CA MET FB 179 -13.13 78.69 -49.92
C MET FB 179 -14.22 79.47 -49.19
N MET FB 180 -15.26 78.73 -48.81
CA MET FB 180 -16.39 79.35 -48.10
C MET FB 180 -16.43 78.78 -46.68
N ASP FB 181 -16.94 79.55 -45.73
CA ASP FB 181 -17.05 79.07 -44.32
C ASP FB 181 -18.31 78.26 -44.20
N SER FB 182 -18.19 76.93 -44.10
CA SER FB 182 -19.36 76.04 -43.97
C SER FB 182 -19.34 75.33 -42.62
N GLN FB 183 -19.97 75.92 -41.61
CA GLN FB 183 -19.95 75.32 -40.23
C GLN FB 183 -21.18 74.44 -40.06
N GLU FB 184 -20.97 73.12 -39.96
CA GLU FB 184 -22.10 72.18 -39.69
C GLU FB 184 -22.28 72.06 -38.18
N PHE FB 185 -23.39 72.56 -37.65
CA PHE FB 185 -23.61 72.55 -36.18
C PHE FB 185 -24.25 71.24 -35.73
N SER FB 186 -23.81 70.70 -34.59
CA SER FB 186 -24.38 69.47 -34.05
C SER FB 186 -25.53 69.79 -33.10
N ARG GB 176 5.26 55.56 -77.80
CA ARG GB 176 3.96 54.90 -77.73
C ARG GB 176 3.34 54.80 -79.12
N PRO GB 177 3.59 53.68 -79.81
CA PRO GB 177 3.07 53.54 -81.17
C PRO GB 177 1.89 52.57 -81.30
N GLY GB 178 0.79 53.03 -81.90
CA GLY GB 178 -0.34 52.17 -82.11
C GLY GB 178 -1.21 51.88 -80.91
N MET GB 179 -0.72 52.19 -79.71
CA MET GB 179 -1.48 51.87 -78.51
C MET GB 179 -2.74 52.72 -78.42
N MET GB 180 -3.83 52.06 -78.04
CA MET GB 180 -5.13 52.74 -77.92
C MET GB 180 -5.52 52.74 -76.43
N ASP GB 181 -6.29 53.74 -76.02
CA ASP GB 181 -6.75 53.82 -74.60
C ASP GB 181 -7.99 52.96 -74.46
N SER GB 182 -7.85 51.79 -73.81
CA SER GB 182 -9.00 50.87 -73.63
C SER GB 182 -9.31 50.73 -72.14
N GLN GB 183 -10.21 51.57 -71.62
CA GLN GB 183 -10.54 51.54 -70.17
C GLN GB 183 -11.74 50.64 -69.94
N GLU GB 184 -11.53 49.49 -69.27
CA GLU GB 184 -12.67 48.59 -68.94
C GLU GB 184 -13.24 49.02 -67.59
N PHE GB 185 -14.46 49.54 -67.57
CA PHE GB 185 -15.07 50.06 -66.31
C PHE GB 185 -15.77 48.93 -65.55
N SER GB 186 -15.63 48.92 -64.22
CA SER GB 186 -16.29 47.93 -63.38
C SER GB 186 -17.66 48.42 -62.94
N ARG HB 176 24.21 22.53 -89.85
CA ARG HB 176 22.96 21.78 -89.84
C ARG HB 176 22.73 21.09 -91.18
N PRO HB 177 23.18 19.83 -91.29
CA PRO HB 177 23.04 19.13 -92.56
C PRO HB 177 21.96 18.03 -92.58
N GLY HB 178 21.05 18.09 -93.54
CA GLY HB 178 20.04 17.07 -93.66
C GLY HB 178 18.89 17.15 -92.67
N MET HB 179 19.03 17.94 -91.62
CA MET HB 179 17.99 18.00 -90.60
C MET HB 179 16.73 18.65 -91.16
N MET HB 180 15.60 18.05 -90.81
CA MET HB 180 14.29 18.57 -91.26
C MET HB 180 13.52 19.07 -90.04
N ASP HB 181 12.64 20.05 -90.25
CA ASP HB 181 11.83 20.59 -89.13
C ASP HB 181 10.62 19.70 -88.94
N SER HB 182 10.61 18.89 -87.89
CA SER HB 182 9.48 17.96 -87.63
C SER HB 182 8.79 18.35 -86.31
N GLN HB 183 7.76 19.21 -86.40
CA GLN HB 183 7.06 19.68 -85.17
C GLN HB 183 5.87 18.78 -84.89
N GLU HB 184 5.92 18.00 -83.80
CA GLU HB 184 4.76 17.15 -83.41
C GLU HB 184 3.84 17.99 -82.51
N PHE HB 185 2.65 18.31 -82.98
CA PHE HB 185 1.72 19.18 -82.21
C PHE HB 185 0.87 18.35 -81.25
N SER HB 186 0.66 18.84 -80.03
CA SER HB 186 -0.19 18.17 -79.05
C SER HB 186 -1.63 18.61 -79.17
N ARG IB 176 46.51 -9.92 -83.10
CA ARG IB 176 45.32 -10.76 -83.08
C ARG IB 176 45.47 -11.93 -84.05
N PRO IB 177 45.97 -13.07 -83.55
CA PRO IB 177 46.19 -14.21 -84.44
C PRO IB 177 45.18 -15.35 -84.26
N GLY IB 178 44.56 -15.78 -85.36
CA GLY IB 178 43.64 -16.90 -85.30
C GLY IB 178 42.27 -16.60 -84.71
N MET IB 179 42.10 -15.45 -84.06
CA MET IB 179 40.83 -15.15 -83.43
C MET IB 179 39.75 -14.91 -84.47
N MET IB 180 38.58 -15.48 -84.18
CA MET IB 180 37.43 -15.35 -85.10
C MET IB 180 36.35 -14.53 -84.39
N ASP IB 181 35.53 -13.82 -85.16
CA ASP IB 181 34.44 -13.00 -84.57
C ASP IB 181 33.24 -13.91 -84.34
N SER IB 182 32.98 -14.26 -83.08
CA SER IB 182 31.84 -15.15 -82.75
C SER IB 182 30.82 -14.40 -81.90
N GLN IB 183 29.83 -13.77 -82.54
CA GLN IB 183 28.82 -12.96 -81.80
C GLN IB 183 27.62 -13.84 -81.48
N GLU IB 184 27.40 -14.13 -80.19
CA GLU IB 184 26.20 -14.92 -79.79
C GLU IB 184 25.05 -13.93 -79.53
N PHE IB 185 24.02 -13.97 -80.36
CA PHE IB 185 22.90 -12.99 -80.23
C PHE IB 185 21.85 -13.51 -79.24
N SER IB 186 21.30 -12.62 -78.42
CA SER IB 186 20.25 -12.98 -77.47
C SER IB 186 18.88 -12.80 -78.09
N ARG JB 176 67.06 -34.35 -59.07
CA ARG JB 176 65.93 -35.27 -59.01
C ARG JB 176 66.36 -36.68 -59.37
N PRO JB 177 66.74 -37.48 -58.36
CA PRO JB 177 67.22 -38.83 -58.65
C PRO JB 177 66.23 -39.94 -58.27
N GLY JB 178 65.93 -40.82 -59.22
CA GLY JB 178 65.05 -41.93 -58.94
C GLY JB 178 63.57 -41.62 -58.87
N MET JB 179 63.21 -40.35 -58.77
CA MET JB 179 61.81 -40.00 -58.63
C MET JB 179 61.04 -40.31 -59.90
N MET JB 180 59.85 -40.87 -59.69
CA MET JB 180 58.97 -41.23 -60.83
C MET JB 180 57.73 -40.35 -60.77
N ASP JB 181 57.12 -40.09 -61.93
CA ASP JB 181 55.89 -39.27 -61.99
C ASP JB 181 54.71 -40.17 -61.70
N SER JB 182 54.12 -40.04 -60.50
CA SER JB 182 52.96 -40.88 -60.12
C SER JB 182 51.73 -40.00 -59.90
N GLN JB 183 50.93 -39.79 -60.95
CA GLN JB 183 49.74 -38.91 -60.85
C GLN JB 183 48.52 -39.75 -60.49
N GLU JB 184 47.98 -39.56 -59.29
CA GLU JB 184 46.73 -40.28 -58.90
C GLU JB 184 45.53 -39.42 -59.32
N PHE JB 185 44.76 -39.89 -60.29
CA PHE JB 185 43.62 -39.10 -60.82
C PHE JB 185 42.36 -39.34 -59.99
N SER JB 186 41.59 -38.28 -59.73
CA SER JB 186 40.34 -38.39 -58.99
C SER JB 186 39.17 -38.63 -59.93
N ARG KB 176 81.15 -45.15 -23.28
CA ARG KB 176 80.07 -46.11 -23.13
C ARG KB 176 80.61 -47.49 -22.79
N PRO KB 177 80.74 -47.80 -21.49
CA PRO KB 177 81.31 -49.09 -21.10
C PRO KB 177 80.28 -50.09 -20.56
N GLY KB 178 80.27 -51.30 -21.13
CA GLY KB 178 79.37 -52.32 -20.64
C GLY KB 178 77.92 -52.20 -21.04
N MET KB 179 77.52 -51.04 -21.55
CA MET KB 179 76.11 -50.83 -21.89
C MET KB 179 75.71 -51.71 -23.07
N MET KB 180 74.52 -52.29 -22.94
CA MET KB 180 74.00 -53.17 -24.01
C MET KB 180 72.75 -52.49 -24.60
N ASP KB 181 72.47 -52.76 -25.87
CA ASP KB 181 71.28 -52.18 -26.53
C ASP KB 181 70.08 -53.05 -26.21
N SER KB 182 69.20 -52.57 -25.32
CA SER KB 182 68.00 -53.35 -24.92
C SER KB 182 66.74 -52.61 -25.36
N GLN KB 183 66.24 -52.91 -26.57
CA GLN KB 183 65.04 -52.21 -27.10
C GLN KB 183 63.79 -53.00 -26.74
N GLU KB 184 62.94 -52.45 -25.86
CA GLU KB 184 61.66 -53.12 -25.52
C GLU KB 184 60.59 -52.64 -26.52
N PHE KB 185 60.11 -53.54 -27.37
CA PHE KB 185 59.14 -53.16 -28.42
C PHE KB 185 57.70 -53.22 -27.88
N SER KB 186 56.87 -52.24 -28.25
CA SER KB 186 55.47 -52.23 -27.84
C SER KB 186 54.60 -52.96 -28.86
N ARG LB 176 85.56 -39.86 16.07
CA ARG LB 176 84.49 -40.82 16.33
C ARG LB 176 84.97 -41.89 17.30
N PRO LB 177 84.74 -41.67 18.61
CA PRO LB 177 85.22 -42.63 19.60
C PRO LB 177 84.12 -43.49 20.24
N GLY LB 178 84.29 -44.81 20.21
CA GLY LB 178 83.33 -45.69 20.84
C GLY LB 178 82.02 -45.90 20.09
N MET LB 179 81.74 -45.07 19.09
CA MET LB 179 80.47 -45.20 18.38
C MET LB 179 80.42 -46.49 17.58
N MET LB 180 79.25 -47.13 17.65
CA MET LB 180 79.05 -48.40 16.92
C MET LB 180 78.00 -48.16 15.84
N ASP LB 181 78.07 -48.93 14.75
CA ASP LB 181 77.07 -48.79 13.66
C ASP LB 181 75.86 -49.62 14.01
N SER LB 182 74.76 -48.96 14.40
CA SER LB 182 73.52 -49.67 14.79
C SER LB 182 72.40 -49.32 13.80
N GLN LB 183 72.24 -50.11 12.74
CA GLN LB 183 71.21 -49.82 11.71
C GLN LB 183 69.93 -50.58 12.05
N GLU LB 184 68.86 -49.85 12.41
CA GLU LB 184 67.55 -50.50 12.68
C GLU LB 184 66.78 -50.57 11.36
N PHE LB 185 66.57 -51.77 10.85
CA PHE LB 185 65.89 -51.94 9.53
C PHE LB 185 64.37 -51.98 9.71
N SER LB 186 63.64 -51.33 8.80
CA SER LB 186 62.18 -51.35 8.83
C SER LB 186 61.63 -52.50 8.01
N ARG MB 176 79.26 -19.68 49.97
CA ARG MB 176 78.19 -20.61 50.34
C ARG MB 176 78.42 -21.17 51.73
N PRO MB 177 77.85 -20.50 52.76
CA PRO MB 177 78.08 -20.95 54.12
C PRO MB 177 76.87 -21.64 54.77
N GLY MB 178 77.07 -22.84 55.31
CA GLY MB 178 76.00 -23.53 55.99
C GLY MB 178 74.95 -24.18 55.11
N MET MB 179 74.91 -23.82 53.83
CA MET MB 179 73.88 -24.37 52.95
C MET MB 179 74.08 -25.86 52.74
N MET MB 180 72.96 -26.57 52.78
CA MET MB 180 72.98 -28.04 52.59
C MET MB 180 72.24 -28.35 51.29
N ASP MB 181 72.62 -29.46 50.64
CA ASP MB 181 71.95 -29.87 49.38
C ASP MB 181 70.70 -30.65 49.74
N SER MB 182 69.53 -30.04 49.57
CA SER MB 182 68.25 -30.70 49.91
C SER MB 182 67.42 -30.90 48.64
N GLN MB 183 67.57 -32.04 47.97
CA GLN MB 183 66.84 -32.29 46.69
C GLN MB 183 65.53 -33.02 47.00
N GLU MB 184 64.39 -32.35 46.78
CA GLU MB 184 63.07 -33.01 46.97
C GLU MB 184 62.68 -33.67 45.64
N PHE MB 185 62.64 -35.00 45.61
CA PHE MB 185 62.34 -35.73 44.35
C PHE MB 185 60.83 -35.89 44.16
N SER MB 186 60.35 -35.73 42.94
CA SER MB 186 58.93 -35.92 42.62
C SER MB 186 58.65 -37.36 42.23
N ARG NB 176 50.61 29.61 74.98
CA ARG NB 176 50.99 28.24 75.28
C ARG NB 176 50.94 27.83 76.76
N PRO NB 177 51.45 28.69 77.67
CA PRO NB 177 51.32 28.25 79.06
C PRO NB 177 49.88 28.17 79.53
N GLY NB 178 49.56 27.15 80.33
CA GLY NB 178 48.22 27.04 80.86
C GLY NB 178 47.31 26.09 80.11
N MET NB 179 47.75 25.66 78.92
CA MET NB 179 46.95 24.73 78.11
C MET NB 179 47.11 23.33 78.68
N MET NB 180 46.24 22.41 78.30
CA MET NB 180 46.28 21.06 78.90
C MET NB 180 46.05 20.02 77.82
N ASP NB 181 46.84 18.94 77.85
CA ASP NB 181 46.63 17.84 76.88
C ASP NB 181 45.59 16.88 77.44
N SER NB 182 44.70 16.41 76.57
CA SER NB 182 43.65 15.47 77.01
C SER NB 182 43.35 14.53 75.85
N GLN NB 183 43.29 13.22 76.10
CA GLN NB 183 42.93 12.28 75.00
C GLN NB 183 41.70 11.48 75.41
N GLU NB 184 40.79 11.30 74.46
CA GLU NB 184 39.56 10.52 74.73
C GLU NB 184 39.70 9.18 74.03
N PHE NB 185 39.52 8.09 74.76
CA PHE NB 185 39.73 6.75 74.15
C PHE NB 185 38.43 6.24 73.53
N SER NB 186 38.47 5.77 72.28
CA SER NB 186 37.32 5.27 71.55
C SER NB 186 36.71 4.06 72.25
N ARG OB 176 28.21 61.75 66.72
CA ARG OB 176 28.53 60.64 67.62
C ARG OB 176 28.11 60.82 69.08
N PRO OB 177 28.34 62.01 69.67
CA PRO OB 177 27.85 62.12 71.06
C PRO OB 177 26.34 62.03 71.17
N GLY OB 178 25.84 61.36 72.21
CA GLY OB 178 24.41 61.29 72.41
C GLY OB 178 23.76 60.02 71.90
N MET OB 179 24.51 59.24 71.12
CA MET OB 179 23.98 57.97 70.57
C MET OB 179 24.01 56.93 71.68
N MET OB 180 23.30 55.82 71.49
CA MET OB 180 23.22 54.81 72.57
C MET OB 180 23.31 53.42 71.96
N ASP OB 181 24.08 52.55 72.61
CA ASP OB 181 24.17 51.15 72.13
C ASP OB 181 23.04 50.34 72.76
N SER OB 182 22.43 49.47 71.98
CA SER OB 182 21.32 48.64 72.49
C SER OB 182 21.37 47.30 71.76
N GLN OB 183 21.28 46.18 72.48
CA GLN OB 183 21.25 44.87 71.80
C GLN OB 183 19.98 44.13 72.20
N GLU OB 184 19.36 43.48 71.21
CA GLU OB 184 18.11 42.72 71.47
C GLU OB 184 18.46 41.24 71.40
N PHE OB 185 18.13 40.49 72.45
CA PHE OB 185 18.53 39.06 72.49
C PHE OB 185 17.45 38.19 71.83
N SER OB 186 17.84 37.30 70.91
CA SER OB 186 16.93 36.42 70.19
C SER OB 186 16.19 35.50 71.15
N ARG PB 176 7.97 85.31 41.46
CA ARG PB 176 8.07 84.68 42.78
C ARG PB 176 7.27 85.33 43.90
N PRO PB 177 7.31 86.67 44.01
CA PRO PB 177 6.47 87.23 45.09
C PRO PB 177 4.98 87.00 44.87
N GLY PB 178 4.25 86.70 45.94
CA GLY PB 178 2.82 86.53 45.81
C GLY PB 178 2.36 85.09 45.71
N MET PB 179 3.31 84.19 45.50
CA MET PB 179 2.97 82.75 45.39
C MET PB 179 2.74 82.20 46.79
N MET PB 180 2.13 81.03 46.90
CA MET PB 180 1.79 80.50 48.24
C MET PB 180 2.08 79.00 48.27
N ASP PB 181 2.67 78.54 49.36
CA ASP PB 181 2.92 77.09 49.52
C ASP PB 181 1.69 76.44 50.14
N SER PB 182 1.33 75.27 49.64
CA SER PB 182 0.14 74.56 50.16
C SER PB 182 0.42 73.06 50.05
N GLN PB 183 0.17 72.29 51.12
CA GLN PB 183 0.35 70.82 51.03
C GLN PB 183 -0.96 70.13 51.37
N GLU PB 184 -1.28 69.10 50.61
CA GLU PB 184 -2.53 68.33 50.85
C GLU PB 184 -2.13 66.99 51.46
N PHE PB 185 -2.71 66.65 52.60
CA PHE PB 185 -2.30 65.40 53.29
C PHE PB 185 -3.15 64.23 52.80
N SER PB 186 -2.51 63.10 52.43
CA SER PB 186 -3.17 61.92 51.92
C SER PB 186 -4.12 61.34 52.97
N ARG QB 176 -5.47 94.90 4.99
CA ARG QB 176 -5.70 94.82 6.43
C ARG QB 176 -6.79 95.75 6.99
N PRO QB 177 -6.82 97.02 6.57
CA PRO QB 177 -7.92 97.83 7.11
C PRO QB 177 -9.29 97.34 6.65
N GLY QB 178 -10.27 97.38 7.54
CA GLY QB 178 -11.62 96.99 7.17
C GLY QB 178 -11.99 95.58 7.55
N MET QB 179 -11.01 94.79 7.94
CA MET QB 179 -11.27 93.38 8.32
C MET QB 179 -11.84 93.38 9.75
N MET QB 180 -12.42 92.26 10.15
CA MET QB 180 -13.10 92.24 11.47
C MET QB 180 -12.79 90.91 12.17
N ASP QB 181 -12.49 90.97 13.45
CA ASP QB 181 -12.26 89.73 14.22
C ASP QB 181 -13.59 89.20 14.73
N SER QB 182 -13.78 87.90 14.67
CA SER QB 182 -15.04 87.29 15.15
C SER QB 182 -14.71 85.90 15.71
N GLN QB 183 -15.21 85.57 16.90
CA GLN QB 183 -14.97 84.21 17.44
C GLN QB 183 -16.30 83.54 17.71
N GLU QB 184 -16.39 82.26 17.37
CA GLU QB 184 -17.63 81.49 17.60
C GLU QB 184 -17.38 80.54 18.75
N PHE QB 185 -18.23 80.58 19.77
CA PHE QB 185 -17.99 79.75 20.97
C PHE QB 185 -18.64 78.37 20.81
N SER QB 186 -17.90 77.29 21.07
CA SER QB 186 -18.37 75.92 20.93
C SER QB 186 -19.55 75.66 21.87
N ARG RB 176 -9.04 88.32 -34.34
CA ARG RB 176 -9.64 88.76 -33.07
C ARG RB 176 -10.86 89.68 -33.21
N PRO RB 177 -10.81 90.69 -34.10
CA PRO RB 177 -12.03 91.49 -34.19
C PRO RB 177 -13.22 90.70 -34.71
N GLY RB 178 -14.40 90.94 -34.17
CA GLY RB 178 -15.59 90.28 -34.66
C GLY RB 178 -16.01 89.07 -33.85
N MET RB 179 -15.14 88.61 -32.96
CA MET RB 179 -15.46 87.44 -32.12
C MET RB 179 -16.39 87.89 -31.00
N MET RB 180 -17.03 86.94 -30.33
CA MET RB 180 -18.03 87.33 -29.30
C MET RB 180 -17.88 86.41 -28.10
N ASP RB 181 -17.94 86.99 -26.90
CA ASP RB 181 -17.88 86.16 -25.68
C ASP RB 181 -19.29 85.71 -25.32
N SER RB 182 -19.42 84.46 -24.90
CA SER RB 182 -20.75 83.92 -24.54
C SER RB 182 -20.54 82.90 -23.42
N GLN RB 183 -21.33 82.98 -22.35
CA GLN RB 183 -21.21 81.96 -21.27
C GLN RB 183 -22.55 81.27 -21.07
N GLU RB 184 -22.51 79.96 -20.89
CA GLU RB 184 -23.75 79.18 -20.67
C GLU RB 184 -23.78 78.77 -19.21
N PHE RB 185 -24.88 79.09 -18.52
CA PHE RB 185 -24.94 78.81 -17.07
C PHE RB 185 -25.48 77.39 -16.83
N SER RB 186 -24.81 76.59 -15.99
CA SER RB 186 -25.20 75.23 -15.68
C SER RB 186 -26.57 75.18 -15.02
N ARG SB 176 -1.91 67.08 -67.51
CA ARG SB 176 -2.83 67.87 -66.71
C ARG SB 176 -3.99 68.51 -67.47
N PRO SB 177 -3.74 69.12 -68.65
CA PRO SB 177 -4.91 69.66 -69.34
C PRO SB 177 -5.90 68.58 -69.76
N GLY SB 178 -7.19 68.87 -69.65
CA GLY SB 178 -8.19 67.92 -70.10
C GLY SB 178 -8.78 67.06 -69.01
N MET SB 179 -8.16 67.08 -67.83
CA MET SB 179 -8.66 66.28 -66.69
C MET SB 179 -9.87 67.00 -66.09
N MET SB 180 -10.64 66.30 -65.28
CA MET SB 180 -11.88 66.91 -64.75
C MET SB 180 -12.04 66.53 -63.28
N ASP SB 181 -12.42 67.51 -62.46
CA ASP SB 181 -12.67 67.22 -61.02
C ASP SB 181 -14.11 66.75 -60.87
N SER SB 182 -14.32 65.76 -60.03
CA SER SB 182 -15.67 65.22 -59.80
C SER SB 182 -15.75 64.73 -58.36
N GLN SB 183 -16.79 65.10 -57.61
CA GLN SB 183 -16.94 64.59 -56.23
C GLN SB 183 -18.26 63.86 -56.09
N GLU SB 184 -18.23 62.73 -55.40
CA GLU SB 184 -19.47 61.93 -55.20
C GLU SB 184 -19.88 62.11 -53.74
N PHE SB 185 -21.12 62.51 -53.50
CA PHE SB 185 -21.56 62.79 -52.11
C PHE SB 185 -22.11 61.51 -51.47
N SER SB 186 -21.67 61.18 -50.25
CA SER SB 186 -22.08 59.99 -49.53
C SER SB 186 -23.59 60.03 -49.25
N ARG TB 176 14.29 36.04 -86.93
CA ARG TB 176 13.16 36.96 -86.75
C ARG TB 176 12.22 37.11 -87.95
N PRO TB 177 12.77 37.25 -89.18
CA PRO TB 177 11.80 37.34 -90.28
C PRO TB 177 10.99 36.07 -90.46
N GLY TB 178 9.70 36.21 -90.78
CA GLY TB 178 8.88 35.05 -91.04
C GLY TB 178 8.05 34.59 -89.86
N MET TB 179 8.33 35.13 -88.68
CA MET TB 179 7.57 34.75 -87.47
C MET TB 179 6.24 35.48 -87.51
N MET TB 180 5.29 35.05 -86.68
CA MET TB 180 3.94 35.66 -86.74
C MET TB 180 3.41 35.84 -85.32
N ASP TB 181 2.80 36.99 -85.07
CA ASP TB 181 2.19 37.23 -83.73
C ASP TB 181 0.77 36.68 -83.75
N SER TB 182 0.38 36.05 -82.66
CA SER TB 182 -0.98 35.48 -82.55
C SER TB 182 -1.42 35.56 -81.10
N GLN TB 183 -2.63 36.04 -80.83
CA GLN TB 183 -3.12 36.07 -79.43
C GLN TB 183 -4.42 35.28 -79.34
N GLU TB 184 -4.55 34.51 -78.26
CA GLU TB 184 -5.77 33.70 -78.05
C GLU TB 184 -6.56 34.35 -76.92
N PHE TB 185 -7.83 34.65 -77.17
CA PHE TB 185 -8.62 35.37 -76.14
C PHE TB 185 -9.29 34.37 -75.20
N SER TB 186 -9.17 34.57 -73.88
CA SER TB 186 -9.74 33.71 -72.86
C SER TB 186 -11.26 33.66 -72.97
N ARG UB 176 35.83 2.32 -88.16
CA ARG UB 176 34.67 3.08 -88.62
C ARG UB 176 34.08 2.65 -89.97
N PRO UB 177 34.92 2.40 -90.98
CA PRO UB 177 34.28 1.94 -92.22
C PRO UB 177 33.58 0.60 -92.08
N GLY UB 178 32.42 0.45 -92.70
CA GLY UB 178 31.73 -0.83 -92.67
C GLY UB 178 30.63 -0.91 -91.64
N MET UB 179 30.58 0.06 -90.73
CA MET UB 179 29.54 0.07 -89.69
C MET UB 179 28.23 0.57 -90.32
N MET UB 180 27.11 0.36 -89.64
CA MET UB 180 25.81 0.72 -90.24
C MET UB 180 24.92 1.35 -89.18
N ASP UB 181 24.23 2.44 -89.55
CA ASP UB 181 23.29 3.07 -88.61
C ASP UB 181 21.93 2.38 -88.73
N SER UB 182 21.29 2.16 -87.60
CA SER UB 182 19.96 1.50 -87.60
C SER UB 182 19.16 2.06 -86.44
N GLN UB 183 17.90 2.45 -86.68
CA GLN UB 183 17.06 2.94 -85.56
C GLN UB 183 15.80 2.10 -85.46
N GLU UB 184 15.42 1.76 -84.24
CA GLU UB 184 14.21 0.94 -84.01
C GLU UB 184 13.13 1.87 -83.45
N PHE UB 185 11.96 1.89 -84.08
CA PHE UB 185 10.91 2.84 -83.64
C PHE UB 185 10.04 2.18 -82.56
N SER UB 186 9.79 2.88 -81.45
CA SER UB 186 9.01 2.39 -80.33
C SER UB 186 7.57 2.11 -80.76
N ARG VB 176 57.79 -26.37 -70.89
CA ARG VB 176 56.77 -25.98 -71.88
C ARG VB 176 56.57 -26.96 -73.04
N PRO VB 177 57.66 -27.47 -73.65
CA PRO VB 177 57.38 -28.43 -74.73
C PRO VB 177 56.70 -29.70 -74.22
N GLY VB 178 55.75 -30.22 -74.99
CA GLY VB 178 55.11 -31.46 -74.62
C GLY VB 178 53.78 -31.30 -73.93
N MET VB 179 53.46 -30.07 -73.52
CA MET VB 179 52.18 -29.80 -72.84
C MET VB 179 51.08 -29.75 -73.90
N MET VB 180 49.82 -29.82 -73.47
CA MET VB 180 48.72 -29.89 -74.46
C MET VB 180 47.57 -29.02 -73.97
N ASP VB 181 46.98 -28.25 -74.88
CA ASP VB 181 45.80 -27.44 -74.52
C ASP VB 181 44.54 -28.29 -74.68
N SER VB 182 43.62 -28.15 -73.73
CA SER VB 182 42.37 -28.93 -73.78
C SER VB 182 41.26 -28.08 -73.16
N GLN VB 183 40.11 -27.96 -73.82
CA GLN VB 183 38.99 -27.20 -73.21
C GLN VB 183 37.78 -28.11 -73.08
N GLU VB 184 37.09 -28.00 -71.95
CA GLU VB 184 35.88 -28.82 -71.71
C GLU VB 184 34.67 -27.90 -71.83
N PHE VB 185 33.71 -28.27 -72.66
CA PHE VB 185 32.56 -27.37 -72.90
C PHE VB 185 31.44 -27.67 -71.89
N SER VB 186 30.89 -26.64 -71.23
CA SER VB 186 29.85 -26.78 -70.22
C SER VB 186 28.59 -27.38 -70.83
N ARG WB 176 75.13 -43.44 -39.10
CA ARG WB 176 74.40 -43.58 -40.37
C ARG WB 176 74.54 -44.94 -41.06
N PRO WB 177 75.76 -45.49 -41.14
CA PRO WB 177 75.80 -46.82 -41.79
C PRO WB 177 75.05 -47.88 -41.00
N GLY WB 178 74.35 -48.77 -41.70
CA GLY WB 178 73.66 -49.85 -41.03
C GLY WB 178 72.19 -49.60 -40.79
N MET WB 179 71.75 -48.37 -40.99
CA MET WB 179 70.33 -48.04 -40.79
C MET WB 179 69.55 -48.52 -42.00
N MET WB 180 68.22 -48.59 -41.88
CA MET WB 180 67.42 -49.16 -42.99
C MET WB 180 66.16 -48.33 -43.17
N ASP WB 181 65.81 -48.05 -44.42
CA ASP WB 181 64.56 -47.31 -44.70
C ASP WB 181 63.41 -48.31 -44.79
N SER WB 182 62.27 -47.95 -44.22
CA SER WB 182 61.09 -48.83 -44.25
C SER WB 182 59.84 -47.96 -44.29
N GLN WB 183 58.90 -48.25 -45.19
CA GLN WB 183 57.64 -47.47 -45.22
C GLN WB 183 56.46 -48.40 -45.03
N GLU WB 184 55.50 -47.97 -44.23
CA GLU WB 184 54.29 -48.79 -43.97
C GLU WB 184 53.13 -48.15 -44.72
N PHE WB 185 52.44 -48.91 -45.54
CA PHE WB 185 51.36 -48.32 -46.38
C PHE WB 185 50.03 -48.36 -45.62
N SER WB 186 49.30 -47.24 -45.56
CA SER WB 186 48.03 -47.12 -44.86
C SER WB 186 46.99 -48.06 -45.46
N ARG XB 176 83.89 -44.99 -0.07
CA ARG XB 176 83.52 -45.68 -1.30
C ARG XB 176 83.87 -47.17 -1.36
N PRO XB 177 85.09 -47.56 -0.92
CA PRO XB 177 85.33 -49.01 -0.97
C PRO XB 177 84.43 -49.79 -0.02
N GLY XB 178 83.96 -50.95 -0.45
CA GLY XB 178 83.15 -51.78 0.42
C GLY XB 178 81.66 -51.66 0.19
N MET XB 179 81.25 -50.66 -0.58
CA MET XB 179 79.82 -50.45 -0.87
C MET XB 179 79.40 -51.45 -1.94
N MET XB 180 78.10 -51.64 -2.11
CA MET XB 180 77.63 -52.68 -3.06
C MET XB 180 76.44 -52.14 -3.84
N ASP XB 181 76.43 -52.40 -5.15
CA ASP XB 181 75.27 -51.98 -5.97
C ASP XB 181 74.21 -53.08 -5.93
N SER XB 182 72.96 -52.67 -5.83
CA SER XB 182 71.85 -53.65 -5.78
C SER XB 182 70.63 -53.03 -6.46
N GLN XB 183 69.97 -53.76 -7.36
CA GLN XB 183 68.74 -53.21 -7.99
C GLN XB 183 67.58 -54.14 -7.72
N GLU XB 184 66.43 -53.57 -7.40
CA GLU XB 184 65.22 -54.38 -7.14
C GLU XB 184 64.28 -54.21 -8.33
N PHE XB 185 63.85 -55.31 -8.92
CA PHE XB 185 63.02 -55.22 -10.14
C PHE XB 185 61.54 -55.15 -9.76
N SER XB 186 60.79 -54.18 -10.32
CA SER XB 186 59.38 -53.97 -10.05
C SER XB 186 58.56 -55.20 -10.44
N ARG YB 176 82.05 -30.66 37.27
CA ARG YB 176 82.04 -31.81 36.37
C ARG YB 176 82.43 -33.15 36.98
N PRO YB 177 83.50 -33.19 37.81
CA PRO YB 177 83.78 -34.50 38.40
C PRO YB 177 82.68 -34.98 39.33
N GLY YB 178 82.37 -36.27 39.30
CA GLY YB 178 81.38 -36.81 40.21
C GLY YB 178 80.00 -36.97 39.61
N MET YB 179 79.79 -36.39 38.44
CA MET YB 179 78.48 -36.49 37.76
C MET YB 179 78.38 -37.87 37.12
N MET YB 180 77.18 -38.27 36.73
CA MET YB 180 77.00 -39.64 36.19
C MET YB 180 76.05 -39.59 35.01
N ASP YB 181 76.39 -40.31 33.94
CA ASP YB 181 75.48 -40.39 32.77
C ASP YB 181 74.48 -41.51 33.00
N SER YB 182 73.24 -41.27 32.64
CA SER YB 182 72.18 -42.29 32.81
C SER YB 182 71.17 -42.13 31.68
N GLN YB 183 70.79 -43.21 31.01
CA GLN YB 183 69.75 -43.10 29.95
C GLN YB 183 68.59 -44.01 30.28
N GLU YB 184 67.38 -43.51 30.07
CA GLU YB 184 66.16 -44.31 30.35
C GLU YB 184 65.57 -44.72 29.00
N PHE YB 185 65.34 -46.01 28.81
CA PHE YB 185 64.85 -46.49 27.50
C PHE YB 185 63.32 -46.46 27.46
N SER YB 186 62.73 -45.89 26.40
CA SER YB 186 61.29 -45.77 26.25
C SER YB 186 60.63 -47.14 26.18
N ARG ZB 176 70.04 -3.74 64.35
CA ARG ZB 176 70.30 -5.13 64.00
C ARG ZB 176 70.55 -6.08 65.17
N PRO ZB 177 71.36 -5.67 66.17
CA PRO ZB 177 71.51 -6.62 67.28
C PRO ZB 177 70.21 -6.85 68.04
N GLY ZB 178 69.96 -8.08 68.46
CA GLY ZB 178 68.77 -8.36 69.24
C GLY ZB 178 67.61 -8.91 68.46
N MET ZB 179 67.70 -8.84 67.13
CA MET ZB 179 66.62 -9.36 66.27
C MET ZB 179 66.73 -10.87 66.21
N MET ZB 180 65.68 -11.54 65.75
CA MET ZB 180 65.69 -13.02 65.77
C MET ZB 180 65.08 -13.55 64.48
N ASP ZB 181 65.71 -14.57 63.89
CA ASP ZB 181 65.15 -15.19 62.68
C ASP ZB 181 64.15 -16.27 63.09
N SER ZB 182 63.04 -16.34 62.38
CA SER ZB 182 62.00 -17.34 62.68
C SER ZB 182 61.32 -17.74 61.38
N GLN ZB 183 61.15 -19.04 61.13
CA GLN ZB 183 60.44 -19.47 59.90
C GLN ZB 183 59.25 -20.32 60.28
N GLU ZB 184 58.12 -20.10 59.62
CA GLU ZB 184 56.90 -20.89 59.89
C GLU ZB 184 56.70 -21.84 58.73
N PHE ZB 185 56.56 -23.13 59.01
CA PHE ZB 185 56.45 -24.12 57.93
C PHE ZB 185 54.98 -24.31 57.51
N SER ZB 186 54.67 -24.25 56.21
CA SER ZB 186 53.33 -24.38 55.69
C SER ZB 186 52.75 -25.76 56.03
#